data_8X02
#
_entry.id   8X02
#
_entity_poly.entity_id   1
_entity_poly.type   'polypeptide(L)'
_entity_poly.pdbx_seq_one_letter_code
;MLSRSRCVSRAFSRSLSAFQKGNCPLGRRSLPGISLCQGPGYPDSRKIVISNSSVLNVRFFRTTAVCKDDVITVKTPAFA
ESVTEGDVRWEKAVGDTVAEDEVVCEIETDKTSVQVPSPANGVIEALLVPDGGKVEGGTPLFTLRKTGAAPAKAKPAEAP
AAAAPKAEPAVSAVPPPPAASIPTQMPPVPSPPQPLTSKPVSAVKPTAAPPVAEPGAVKGLRAEHREKMNRMRQRIAQRL
KEAQNTCAMLTTFNEIDMSNIQDMRARHKEAFLKKHNLKLGFMSAFVKASAFALQEQPVVNAVIDDTTKEVVYRDYIDIS
VAVATPRGLVVPVIRNVETMNYADIERTISELGEKARKNELAIEDMDGGTFTISNGGVFGSLFGTPIINPPQSAILGMHA
IVDRPVAVGGKVEIRPMMYVALTYDHRLIDGREAVTFLRKIKAAVEDPRVLLLDL
;
_entity_poly.pdbx_strand_id   A,B,C,D,E,F,G,H,I,J,K,L,M,N,O,P,Q,R,S,T,U,V,W,X
#
# COMPACT_ATOMS: atom_id res chain seq x y z
N LEU A 221 -31.16 -66.68 -17.69
CA LEU A 221 -31.75 -67.25 -18.89
C LEU A 221 -30.80 -67.00 -20.06
N ARG A 222 -30.48 -68.06 -20.80
CA ARG A 222 -29.50 -68.03 -21.88
C ARG A 222 -30.23 -68.30 -23.19
N ALA A 223 -30.58 -67.24 -23.89
CA ALA A 223 -31.28 -67.33 -25.17
C ALA A 223 -30.43 -66.70 -26.26
N GLU A 224 -30.33 -67.39 -27.39
CA GLU A 224 -29.70 -66.85 -28.58
C GLU A 224 -30.47 -67.31 -29.81
N HIS A 225 -30.57 -66.45 -30.81
CA HIS A 225 -31.35 -66.75 -31.99
C HIS A 225 -30.63 -66.30 -33.23
N ARG A 226 -30.66 -67.15 -34.26
CA ARG A 226 -29.93 -66.91 -35.49
C ARG A 226 -30.80 -66.15 -36.48
N GLU A 227 -30.51 -64.87 -36.69
CA GLU A 227 -31.11 -64.13 -37.78
C GLU A 227 -30.09 -64.02 -38.91
N LYS A 228 -30.56 -64.18 -40.14
CA LYS A 228 -29.68 -64.25 -41.29
C LYS A 228 -29.36 -62.86 -41.81
N MET A 229 -28.30 -62.80 -42.62
CA MET A 229 -27.91 -61.58 -43.32
C MET A 229 -28.13 -61.75 -44.81
N ASN A 230 -28.65 -60.71 -45.45
CA ASN A 230 -29.06 -60.81 -46.84
C ASN A 230 -27.85 -60.77 -47.77
N ARG A 231 -28.13 -60.92 -49.07
CA ARG A 231 -27.08 -61.07 -50.07
C ARG A 231 -26.39 -59.74 -50.36
N MET A 232 -27.03 -58.63 -49.99
CA MET A 232 -26.39 -57.33 -50.11
C MET A 232 -25.31 -57.16 -49.07
N ARG A 233 -25.59 -57.61 -47.84
CA ARG A 233 -24.61 -57.52 -46.76
C ARG A 233 -23.48 -58.53 -46.98
N GLN A 234 -23.76 -59.59 -47.74
CA GLN A 234 -22.73 -60.53 -48.17
C GLN A 234 -21.61 -59.83 -48.96
N ARG A 235 -22.00 -58.96 -49.89
CA ARG A 235 -21.00 -58.36 -50.78
C ARG A 235 -20.26 -57.23 -50.09
N ILE A 236 -20.93 -56.52 -49.17
CA ILE A 236 -20.30 -55.42 -48.44
C ILE A 236 -19.18 -55.94 -47.56
N ALA A 237 -19.43 -57.04 -46.85
CA ALA A 237 -18.39 -57.69 -46.07
C ALA A 237 -17.35 -58.35 -46.97
N GLN A 238 -17.71 -58.67 -48.21
CA GLN A 238 -16.74 -59.26 -49.12
C GLN A 238 -15.79 -58.20 -49.68
N ARG A 239 -16.32 -57.04 -50.06
CA ARG A 239 -15.49 -55.95 -50.57
C ARG A 239 -14.58 -55.39 -49.48
N LEU A 240 -15.02 -55.48 -48.23
CA LEU A 240 -14.28 -54.90 -47.12
C LEU A 240 -12.99 -55.67 -46.85
N LYS A 241 -13.06 -57.01 -46.93
CA LYS A 241 -11.88 -57.82 -46.72
C LYS A 241 -10.95 -57.81 -47.93
N GLU A 242 -11.46 -57.51 -49.12
CA GLU A 242 -10.60 -57.37 -50.28
C GLU A 242 -9.78 -56.09 -50.21
N ALA A 243 -10.28 -55.08 -49.50
CA ALA A 243 -9.52 -53.84 -49.36
C ALA A 243 -8.33 -54.01 -48.44
N GLN A 244 -8.40 -54.96 -47.50
CA GLN A 244 -7.27 -55.18 -46.62
C GLN A 244 -6.26 -56.13 -47.24
N ASN A 245 -6.73 -57.11 -48.00
CA ASN A 245 -5.84 -58.11 -48.59
C ASN A 245 -5.15 -57.62 -49.85
N THR A 246 -5.51 -56.44 -50.36
CA THR A 246 -4.88 -55.90 -51.55
C THR A 246 -3.73 -54.96 -51.21
N CYS A 247 -4.02 -53.93 -50.41
CA CYS A 247 -3.08 -52.84 -50.17
C CYS A 247 -2.60 -52.85 -48.72
N ALA A 248 -1.34 -52.44 -48.54
CA ALA A 248 -0.70 -52.42 -47.23
C ALA A 248 -0.99 -51.07 -46.58
N MET A 249 -1.99 -51.04 -45.70
CA MET A 249 -2.45 -49.80 -45.11
C MET A 249 -1.66 -49.44 -43.87
N LEU A 250 -1.27 -48.18 -43.76
CA LEU A 250 -0.67 -47.61 -42.57
C LEU A 250 -1.45 -46.34 -42.23
N THR A 251 -1.15 -45.75 -41.09
CA THR A 251 -1.90 -44.58 -40.64
C THR A 251 -0.94 -43.58 -39.99
N THR A 252 -1.16 -42.29 -40.26
CA THR A 252 -0.36 -41.24 -39.66
C THR A 252 -1.29 -40.14 -39.16
N PHE A 253 -0.90 -39.46 -38.09
CA PHE A 253 -1.75 -38.50 -37.39
C PHE A 253 -1.09 -37.14 -37.33
N ASN A 254 -1.87 -36.11 -37.04
CA ASN A 254 -1.39 -34.75 -36.86
C ASN A 254 -2.48 -34.01 -36.07
N GLU A 255 -2.39 -32.68 -36.03
CA GLU A 255 -3.29 -31.91 -35.18
C GLU A 255 -3.45 -30.51 -35.72
N ILE A 256 -4.70 -30.10 -35.91
CA ILE A 256 -5.04 -28.84 -36.57
C ILE A 256 -5.67 -27.90 -35.55
N ASP A 257 -5.24 -26.64 -35.55
CA ASP A 257 -5.82 -25.59 -34.72
C ASP A 257 -6.92 -24.89 -35.51
N MET A 258 -8.15 -24.96 -35.01
CA MET A 258 -9.33 -24.53 -35.73
C MET A 258 -9.78 -23.13 -35.34
N SER A 259 -8.85 -22.22 -35.06
CA SER A 259 -9.26 -20.89 -34.59
C SER A 259 -9.57 -19.95 -35.75
N ASN A 260 -8.83 -20.04 -36.85
CA ASN A 260 -9.06 -19.13 -37.97
C ASN A 260 -10.28 -19.53 -38.78
N ILE A 261 -10.78 -20.75 -38.60
CA ILE A 261 -11.98 -21.16 -39.32
C ILE A 261 -13.22 -20.70 -38.57
N GLN A 262 -13.18 -20.71 -37.24
CA GLN A 262 -14.37 -20.39 -36.48
C GLN A 262 -14.69 -18.90 -36.50
N ASP A 263 -13.67 -18.03 -36.50
CA ASP A 263 -13.99 -16.60 -36.57
C ASP A 263 -14.30 -16.18 -38.00
N MET A 264 -13.87 -16.97 -38.99
CA MET A 264 -14.39 -16.79 -40.34
C MET A 264 -15.87 -17.11 -40.37
N ARG A 265 -16.29 -18.15 -39.65
CA ARG A 265 -17.69 -18.49 -39.53
C ARG A 265 -18.42 -17.60 -38.54
N ALA A 266 -17.70 -16.84 -37.71
CA ALA A 266 -18.39 -16.02 -36.74
C ALA A 266 -18.88 -14.71 -37.30
N ARG A 267 -18.17 -14.13 -38.25
CA ARG A 267 -18.52 -12.80 -38.77
C ARG A 267 -19.11 -12.87 -40.16
N HIS A 268 -18.82 -13.90 -40.95
CA HIS A 268 -19.35 -13.95 -42.30
C HIS A 268 -20.52 -14.89 -42.45
N LYS A 269 -21.06 -15.47 -41.39
CA LYS A 269 -22.16 -16.42 -41.56
C LYS A 269 -23.46 -15.72 -41.87
N GLU A 270 -23.58 -14.42 -41.58
CA GLU A 270 -24.83 -13.72 -41.79
C GLU A 270 -24.92 -13.18 -43.22
N ALA A 271 -23.82 -12.64 -43.74
CA ALA A 271 -23.79 -12.20 -45.13
C ALA A 271 -23.74 -13.37 -46.10
N PHE A 272 -23.37 -14.56 -45.62
CA PHE A 272 -23.37 -15.74 -46.49
C PHE A 272 -24.78 -16.26 -46.67
N LEU A 273 -25.59 -16.20 -45.62
CA LEU A 273 -26.96 -16.72 -45.67
C LEU A 273 -27.86 -15.79 -46.47
N LYS A 274 -27.63 -14.49 -46.34
CA LYS A 274 -28.46 -13.53 -47.08
C LYS A 274 -28.17 -13.58 -48.57
N LYS A 275 -26.92 -13.83 -48.95
CA LYS A 275 -26.53 -13.72 -50.35
C LYS A 275 -26.60 -15.05 -51.09
N HIS A 276 -26.48 -16.18 -50.40
CA HIS A 276 -26.47 -17.48 -51.05
C HIS A 276 -27.59 -18.42 -50.60
N ASN A 277 -28.25 -18.14 -49.47
CA ASN A 277 -29.21 -19.03 -48.81
C ASN A 277 -28.61 -20.41 -48.55
N LEU A 278 -27.48 -20.41 -47.85
CA LEU A 278 -26.79 -21.64 -47.47
C LEU A 278 -26.22 -21.46 -46.07
N LYS A 279 -25.80 -22.57 -45.48
CA LYS A 279 -25.15 -22.55 -44.18
C LYS A 279 -23.65 -22.69 -44.35
N LEU A 280 -22.89 -21.98 -43.53
CA LEU A 280 -21.43 -21.99 -43.60
C LEU A 280 -20.89 -22.98 -42.57
N GLY A 281 -20.31 -24.08 -43.05
CA GLY A 281 -19.85 -25.15 -42.19
C GLY A 281 -18.35 -25.38 -42.25
N PHE A 282 -17.93 -26.40 -41.50
CA PHE A 282 -16.52 -26.78 -41.46
C PHE A 282 -16.12 -27.58 -42.68
N MET A 283 -17.06 -28.33 -43.25
CA MET A 283 -16.78 -29.32 -44.29
C MET A 283 -16.19 -28.74 -45.56
N SER A 284 -16.64 -27.56 -45.98
CA SER A 284 -16.13 -26.96 -47.20
C SER A 284 -14.69 -26.45 -47.07
N ALA A 285 -14.19 -26.27 -45.85
CA ALA A 285 -12.80 -25.87 -45.66
C ALA A 285 -11.86 -27.06 -45.82
N PHE A 286 -12.34 -28.27 -45.54
CA PHE A 286 -11.53 -29.46 -45.67
C PHE A 286 -11.54 -30.01 -47.09
N VAL A 287 -12.61 -29.77 -47.83
CA VAL A 287 -12.67 -30.24 -49.21
C VAL A 287 -11.82 -29.38 -50.12
N LYS A 288 -11.84 -28.06 -49.91
CA LYS A 288 -11.02 -27.18 -50.72
C LYS A 288 -9.54 -27.28 -50.39
N ALA A 289 -9.19 -27.55 -49.13
CA ALA A 289 -7.80 -27.76 -48.78
C ALA A 289 -7.30 -29.12 -49.25
N SER A 290 -8.19 -30.07 -49.47
CA SER A 290 -7.77 -31.38 -49.96
C SER A 290 -7.47 -31.36 -51.44
N ALA A 291 -8.21 -30.56 -52.21
CA ALA A 291 -7.92 -30.43 -53.63
C ALA A 291 -6.65 -29.63 -53.86
N PHE A 292 -6.28 -28.79 -52.90
CA PHE A 292 -5.03 -28.04 -52.99
C PHE A 292 -3.83 -28.95 -52.80
N ALA A 293 -3.93 -29.90 -51.87
CA ALA A 293 -2.78 -30.75 -51.58
C ALA A 293 -2.62 -31.83 -52.63
N LEU A 294 -3.72 -32.26 -53.26
CA LEU A 294 -3.64 -33.34 -54.24
C LEU A 294 -3.06 -32.87 -55.56
N GLN A 295 -3.26 -31.60 -55.91
CA GLN A 295 -2.74 -31.12 -57.18
C GLN A 295 -1.27 -30.75 -57.06
N GLU A 296 -0.72 -30.78 -55.85
CA GLU A 296 0.71 -30.53 -55.69
C GLU A 296 1.50 -31.83 -55.71
N GLN A 297 0.99 -32.87 -55.05
CA GLN A 297 1.58 -34.21 -55.10
C GLN A 297 0.65 -35.13 -55.85
N PRO A 298 0.87 -35.39 -57.13
CA PRO A 298 -0.02 -36.27 -57.89
C PRO A 298 0.11 -37.75 -57.58
N VAL A 299 1.07 -38.16 -56.75
CA VAL A 299 1.27 -39.58 -56.50
C VAL A 299 0.19 -40.11 -55.55
N VAL A 300 -0.40 -39.22 -54.75
CA VAL A 300 -1.50 -39.63 -53.88
C VAL A 300 -2.77 -39.79 -54.71
N ASN A 301 -2.82 -39.13 -55.86
CA ASN A 301 -3.98 -39.22 -56.74
C ASN A 301 -3.95 -40.52 -57.54
N ALA A 302 -2.79 -41.16 -57.63
CA ALA A 302 -2.60 -42.37 -58.43
C ALA A 302 -3.30 -43.59 -57.85
N VAL A 303 -3.46 -44.64 -58.68
CA VAL A 303 -4.03 -45.92 -58.29
C VAL A 303 -3.23 -47.02 -58.97
N ILE A 304 -2.86 -48.06 -58.21
CA ILE A 304 -2.25 -49.26 -58.75
C ILE A 304 -3.35 -50.23 -59.15
N ASP A 305 -3.42 -50.54 -60.45
CA ASP A 305 -4.27 -51.62 -60.95
C ASP A 305 -3.41 -52.87 -61.10
N ASP A 306 -3.77 -53.92 -60.36
CA ASP A 306 -3.04 -55.18 -60.40
C ASP A 306 -3.46 -56.09 -61.54
N THR A 307 -4.29 -55.60 -62.47
CA THR A 307 -4.62 -56.39 -63.64
C THR A 307 -3.42 -56.48 -64.58
N THR A 308 -2.92 -55.33 -65.03
CA THR A 308 -1.71 -55.28 -65.83
C THR A 308 -0.49 -54.81 -65.05
N LYS A 309 -0.60 -54.75 -63.72
CA LYS A 309 0.44 -54.22 -62.82
C LYS A 309 0.84 -52.80 -63.19
N GLU A 310 -0.15 -51.91 -63.26
CA GLU A 310 0.00 -50.60 -63.84
C GLU A 310 -0.20 -49.52 -62.77
N VAL A 311 0.33 -48.33 -63.01
CA VAL A 311 0.18 -47.19 -62.12
C VAL A 311 -0.62 -46.14 -62.88
N VAL A 312 -1.88 -45.93 -62.48
CA VAL A 312 -2.80 -45.09 -63.23
C VAL A 312 -2.81 -43.71 -62.60
N TYR A 313 -2.15 -42.75 -63.24
CA TYR A 313 -2.26 -41.36 -62.82
C TYR A 313 -3.60 -40.81 -63.26
N ARG A 314 -4.02 -39.72 -62.62
CA ARG A 314 -5.21 -39.00 -63.03
C ARG A 314 -4.90 -37.52 -63.01
N ASP A 315 -5.65 -36.76 -63.81
CA ASP A 315 -5.50 -35.32 -63.87
C ASP A 315 -6.72 -34.58 -63.36
N TYR A 316 -7.76 -35.30 -62.94
CA TYR A 316 -8.94 -34.71 -62.34
C TYR A 316 -9.02 -35.11 -60.87
N ILE A 317 -9.75 -34.30 -60.10
CA ILE A 317 -9.87 -34.51 -58.67
C ILE A 317 -11.35 -34.64 -58.32
N ASP A 318 -11.75 -35.80 -57.83
CA ASP A 318 -13.13 -36.07 -57.44
C ASP A 318 -13.12 -36.57 -56.00
N ILE A 319 -13.49 -35.72 -55.06
CA ILE A 319 -13.45 -36.04 -53.64
C ILE A 319 -14.79 -36.60 -53.22
N SER A 320 -14.78 -37.82 -52.68
CA SER A 320 -15.97 -38.44 -52.14
C SER A 320 -16.19 -37.99 -50.72
N VAL A 321 -17.44 -37.67 -50.37
CA VAL A 321 -17.78 -37.14 -49.05
C VAL A 321 -18.78 -38.09 -48.42
N ALA A 322 -18.38 -38.72 -47.32
CA ALA A 322 -19.27 -39.60 -46.57
C ALA A 322 -20.16 -38.75 -45.68
N VAL A 323 -21.45 -38.68 -46.01
CA VAL A 323 -22.40 -37.90 -45.22
C VAL A 323 -23.43 -38.87 -44.63
N ALA A 324 -23.26 -39.13 -43.33
CA ALA A 324 -24.09 -40.10 -42.60
C ALA A 324 -25.45 -39.47 -42.34
N THR A 325 -26.46 -39.98 -43.04
CA THR A 325 -27.83 -39.50 -42.87
C THR A 325 -28.52 -40.43 -41.87
N PRO A 326 -29.83 -40.20 -41.59
CA PRO A 326 -30.51 -41.15 -40.70
C PRO A 326 -30.53 -42.59 -41.21
N ARG A 327 -30.71 -42.77 -42.51
CA ARG A 327 -30.77 -44.11 -43.08
C ARG A 327 -29.47 -44.89 -42.86
N GLY A 328 -28.33 -44.24 -43.04
CA GLY A 328 -27.05 -44.91 -42.87
C GLY A 328 -25.94 -44.15 -43.55
N LEU A 329 -24.85 -44.84 -43.90
CA LEU A 329 -23.78 -44.15 -44.62
C LEU A 329 -24.03 -44.15 -46.12
N VAL A 330 -23.76 -43.01 -46.75
CA VAL A 330 -23.71 -42.89 -48.20
C VAL A 330 -22.47 -42.09 -48.57
N VAL A 331 -21.89 -42.43 -49.71
CA VAL A 331 -20.64 -41.79 -50.15
C VAL A 331 -20.75 -41.19 -51.55
N PRO A 332 -21.44 -40.06 -51.74
CA PRO A 332 -21.50 -39.46 -53.07
C PRO A 332 -20.20 -38.73 -53.39
N VAL A 333 -20.09 -38.34 -54.65
CA VAL A 333 -18.85 -37.79 -55.21
C VAL A 333 -19.09 -36.35 -55.64
N ILE A 334 -18.18 -35.47 -55.25
CA ILE A 334 -18.13 -34.09 -55.75
C ILE A 334 -17.18 -34.07 -56.93
N ARG A 335 -17.67 -33.62 -58.08
CA ARG A 335 -16.92 -33.71 -59.33
C ARG A 335 -16.19 -32.41 -59.61
N ASN A 336 -14.92 -32.53 -60.01
CA ASN A 336 -14.07 -31.44 -60.53
C ASN A 336 -13.91 -30.31 -59.51
N VAL A 337 -13.21 -30.65 -58.43
CA VAL A 337 -13.07 -29.74 -57.29
C VAL A 337 -12.04 -28.66 -57.52
N GLU A 338 -11.28 -28.75 -58.62
CA GLU A 338 -10.14 -27.84 -58.86
C GLU A 338 -10.56 -26.40 -59.10
N THR A 339 -11.73 -26.17 -59.67
CA THR A 339 -12.13 -24.83 -60.08
C THR A 339 -13.09 -24.16 -59.12
N MET A 340 -13.50 -24.84 -58.04
CA MET A 340 -14.56 -24.34 -57.19
C MET A 340 -14.02 -23.40 -56.12
N ASN A 341 -14.94 -22.78 -55.40
CA ASN A 341 -14.66 -22.03 -54.19
C ASN A 341 -15.53 -22.58 -53.07
N TYR A 342 -15.58 -21.86 -51.94
CA TYR A 342 -16.42 -22.33 -50.84
C TYR A 342 -17.91 -22.23 -51.18
N ALA A 343 -18.29 -21.32 -52.07
CA ALA A 343 -19.70 -21.17 -52.42
C ALA A 343 -20.17 -22.30 -53.32
N ASP A 344 -19.29 -22.82 -54.17
CA ASP A 344 -19.68 -23.87 -55.10
C ASP A 344 -19.78 -25.22 -54.40
N ILE A 345 -18.87 -25.46 -53.45
CA ILE A 345 -18.83 -26.71 -52.68
C ILE A 345 -20.06 -26.79 -51.79
N GLU A 346 -20.47 -25.66 -51.22
CA GLU A 346 -21.61 -25.66 -50.31
C GLU A 346 -22.92 -25.89 -51.05
N ARG A 347 -23.01 -25.47 -52.31
CA ARG A 347 -24.20 -25.81 -53.09
C ARG A 347 -24.25 -27.29 -53.39
N THR A 348 -23.09 -27.88 -53.70
CA THR A 348 -23.06 -29.28 -54.11
C THR A 348 -23.39 -30.22 -52.97
N ILE A 349 -22.94 -29.90 -51.76
CA ILE A 349 -23.20 -30.78 -50.62
C ILE A 349 -24.65 -30.66 -50.17
N SER A 350 -25.20 -29.45 -50.24
CA SER A 350 -26.52 -29.20 -49.64
C SER A 350 -27.64 -29.85 -50.46
N GLU A 351 -27.62 -29.66 -51.78
CA GLU A 351 -28.71 -30.20 -52.59
C GLU A 351 -28.58 -31.71 -52.78
N LEU A 352 -27.35 -32.21 -52.81
CA LEU A 352 -27.15 -33.65 -52.89
C LEU A 352 -27.37 -34.32 -51.54
N GLY A 353 -27.23 -33.56 -50.45
CA GLY A 353 -27.63 -34.08 -49.15
C GLY A 353 -29.13 -34.30 -49.05
N GLU A 354 -29.91 -33.48 -49.75
CA GLU A 354 -31.35 -33.65 -49.76
C GLU A 354 -31.79 -34.80 -50.64
N LYS A 355 -30.98 -35.14 -51.64
CA LYS A 355 -31.32 -36.24 -52.54
C LYS A 355 -31.23 -37.59 -51.82
N ALA A 356 -30.11 -37.82 -51.13
CA ALA A 356 -29.92 -39.10 -50.44
C ALA A 356 -30.78 -39.21 -49.20
N ARG A 357 -31.29 -38.08 -48.70
CA ARG A 357 -32.13 -38.11 -47.51
C ARG A 357 -33.50 -38.69 -47.82
N LYS A 358 -34.08 -38.32 -48.96
CA LYS A 358 -35.37 -38.85 -49.37
C LYS A 358 -35.23 -40.00 -50.36
N ASN A 359 -34.01 -40.54 -50.52
CA ASN A 359 -33.70 -41.74 -51.30
C ASN A 359 -34.06 -41.58 -52.78
N GLU A 360 -33.43 -40.60 -53.43
CA GLU A 360 -33.44 -40.48 -54.89
C GLU A 360 -32.03 -40.47 -55.43
N LEU A 361 -31.09 -41.01 -54.66
CA LEU A 361 -29.67 -40.85 -54.95
C LEU A 361 -29.25 -41.97 -55.91
N ALA A 362 -28.76 -41.59 -57.08
CA ALA A 362 -28.50 -42.56 -58.14
C ALA A 362 -27.23 -43.35 -57.85
N ILE A 363 -27.02 -44.40 -58.65
CA ILE A 363 -25.84 -45.24 -58.50
C ILE A 363 -24.67 -44.65 -59.29
N GLU A 364 -24.98 -43.98 -60.41
CA GLU A 364 -23.95 -43.58 -61.36
C GLU A 364 -23.06 -42.48 -60.81
N ASP A 365 -23.54 -41.73 -59.82
CA ASP A 365 -22.74 -40.71 -59.16
C ASP A 365 -22.28 -41.12 -57.76
N MET A 366 -21.91 -42.39 -57.57
CA MET A 366 -21.33 -42.85 -56.33
C MET A 366 -19.97 -43.50 -56.53
N ASP A 367 -19.47 -43.54 -57.76
CA ASP A 367 -18.23 -44.23 -58.07
C ASP A 367 -17.31 -43.32 -58.85
N GLY A 368 -16.03 -43.69 -58.85
CA GLY A 368 -15.01 -42.94 -59.54
C GLY A 368 -14.29 -41.90 -58.71
N GLY A 369 -14.50 -41.89 -57.39
CA GLY A 369 -13.81 -40.95 -56.54
C GLY A 369 -12.33 -41.27 -56.45
N THR A 370 -11.53 -40.25 -56.14
CA THR A 370 -10.09 -40.38 -56.08
C THR A 370 -9.54 -40.13 -54.67
N PHE A 371 -10.38 -39.60 -53.78
CA PHE A 371 -9.97 -39.26 -52.42
C PHE A 371 -11.24 -39.15 -51.60
N THR A 372 -11.13 -39.36 -50.29
CA THR A 372 -12.33 -39.50 -49.47
C THR A 372 -12.15 -38.78 -48.14
N ILE A 373 -13.08 -37.92 -47.81
CA ILE A 373 -13.19 -37.32 -46.48
C ILE A 373 -14.18 -38.15 -45.68
N SER A 374 -13.89 -38.39 -44.41
CA SER A 374 -14.76 -39.18 -43.54
C SER A 374 -15.02 -38.40 -42.27
N ASN A 375 -16.20 -37.81 -42.18
CA ASN A 375 -16.61 -37.09 -40.98
C ASN A 375 -17.21 -38.11 -40.02
N GLY A 376 -16.36 -38.63 -39.13
CA GLY A 376 -16.84 -39.40 -37.99
C GLY A 376 -16.77 -38.56 -36.74
N GLY A 377 -16.71 -37.24 -36.92
CA GLY A 377 -16.50 -36.33 -35.82
C GLY A 377 -17.77 -35.64 -35.34
N VAL A 378 -18.91 -36.02 -35.90
CA VAL A 378 -20.18 -35.46 -35.47
C VAL A 378 -20.74 -36.27 -34.31
N PHE A 379 -20.00 -37.28 -33.87
CA PHE A 379 -20.38 -38.08 -32.73
C PHE A 379 -19.45 -37.96 -31.54
N GLY A 380 -18.22 -37.47 -31.75
CA GLY A 380 -17.36 -37.19 -30.62
C GLY A 380 -16.24 -38.18 -30.39
N SER A 381 -15.72 -38.77 -31.45
CA SER A 381 -14.52 -39.60 -31.29
C SER A 381 -13.28 -38.71 -31.19
N LEU A 382 -12.32 -39.15 -30.39
CA LEU A 382 -11.10 -38.37 -30.24
C LEU A 382 -10.21 -38.51 -31.48
N PHE A 383 -9.77 -39.73 -31.76
CA PHE A 383 -9.10 -40.06 -33.01
C PHE A 383 -9.26 -41.55 -33.27
N GLY A 384 -8.96 -41.98 -34.49
CA GLY A 384 -9.17 -43.37 -34.86
C GLY A 384 -8.64 -43.64 -36.24
N THR A 385 -8.76 -44.89 -36.66
CA THR A 385 -8.21 -45.34 -37.94
C THR A 385 -9.32 -45.59 -38.94
N PRO A 386 -9.34 -44.92 -40.07
CA PRO A 386 -10.35 -45.20 -41.09
C PRO A 386 -9.94 -46.34 -42.02
N ILE A 387 -10.81 -46.63 -42.99
CA ILE A 387 -10.64 -47.75 -43.92
C ILE A 387 -10.71 -47.21 -45.36
N ILE A 388 -9.83 -47.71 -46.22
CA ILE A 388 -9.73 -47.16 -47.57
C ILE A 388 -10.85 -47.67 -48.46
N ASN A 389 -11.56 -46.74 -49.09
CA ASN A 389 -12.46 -47.05 -50.19
C ASN A 389 -11.66 -47.66 -51.34
N PRO A 390 -11.93 -48.93 -51.69
CA PRO A 390 -10.92 -49.76 -52.41
C PRO A 390 -10.52 -49.30 -53.82
N PRO A 391 -11.29 -48.53 -54.58
CA PRO A 391 -10.68 -47.97 -55.80
C PRO A 391 -9.81 -46.73 -55.60
N GLN A 392 -9.38 -46.42 -54.38
CA GLN A 392 -8.62 -45.22 -54.10
C GLN A 392 -7.31 -45.61 -53.41
N SER A 393 -6.51 -44.60 -53.06
CA SER A 393 -5.21 -44.90 -52.46
C SER A 393 -5.05 -44.24 -51.10
N ALA A 394 -5.90 -43.27 -50.76
CA ALA A 394 -5.79 -42.60 -49.48
C ALA A 394 -7.17 -42.19 -48.99
N ILE A 395 -7.26 -41.87 -47.70
CA ILE A 395 -8.48 -41.38 -47.08
C ILE A 395 -8.13 -40.49 -45.89
N LEU A 396 -8.83 -39.37 -45.75
CA LEU A 396 -8.65 -38.44 -44.64
C LEU A 396 -9.79 -38.62 -43.65
N GLY A 397 -9.46 -38.71 -42.36
CA GLY A 397 -10.47 -38.83 -41.34
C GLY A 397 -10.43 -37.69 -40.35
N MET A 398 -11.45 -36.82 -40.39
CA MET A 398 -11.56 -35.74 -39.44
C MET A 398 -12.36 -36.19 -38.23
N HIS A 399 -12.18 -35.47 -37.12
CA HIS A 399 -12.71 -35.90 -35.82
C HIS A 399 -13.32 -34.74 -35.06
N ALA A 400 -13.57 -34.94 -33.77
CA ALA A 400 -14.29 -33.97 -32.95
C ALA A 400 -13.38 -32.83 -32.55
N ILE A 401 -13.99 -31.68 -32.28
CA ILE A 401 -13.29 -30.48 -31.87
C ILE A 401 -13.44 -30.32 -30.37
N VAL A 402 -12.31 -30.31 -29.66
CA VAL A 402 -12.30 -30.13 -28.21
C VAL A 402 -11.39 -28.96 -27.86
N ASP A 403 -11.64 -28.37 -26.70
CA ASP A 403 -10.79 -27.32 -26.17
C ASP A 403 -9.74 -27.95 -25.27
N ARG A 404 -8.48 -27.80 -25.64
CA ARG A 404 -7.38 -28.37 -24.90
C ARG A 404 -6.33 -27.30 -24.67
N PRO A 405 -5.57 -27.39 -23.57
CA PRO A 405 -4.52 -26.41 -23.34
C PRO A 405 -3.37 -26.57 -24.33
N VAL A 406 -2.89 -25.44 -24.84
CA VAL A 406 -1.95 -25.37 -25.95
C VAL A 406 -0.80 -24.46 -25.55
N ALA A 407 0.43 -24.88 -25.78
CA ALA A 407 1.60 -24.04 -25.55
C ALA A 407 1.86 -23.21 -26.79
N VAL A 408 1.45 -21.95 -26.78
CA VAL A 408 1.66 -21.04 -27.90
C VAL A 408 2.43 -19.81 -27.41
N GLY A 409 3.56 -19.53 -28.05
CA GLY A 409 4.41 -18.42 -27.68
C GLY A 409 5.04 -18.52 -26.32
N GLY A 410 5.19 -19.72 -25.77
CA GLY A 410 5.70 -19.89 -24.44
C GLY A 410 4.68 -19.72 -23.34
N LYS A 411 3.41 -19.60 -23.68
CA LYS A 411 2.34 -19.48 -22.70
C LYS A 411 1.28 -20.54 -22.97
N VAL A 412 0.46 -20.81 -21.97
CA VAL A 412 -0.50 -21.91 -22.01
C VAL A 412 -1.88 -21.30 -22.23
N GLU A 413 -2.34 -21.34 -23.47
CA GLU A 413 -3.68 -20.90 -23.83
C GLU A 413 -4.59 -22.10 -24.02
N ILE A 414 -5.86 -21.83 -24.27
CA ILE A 414 -6.87 -22.86 -24.56
C ILE A 414 -7.42 -22.58 -25.93
N ARG A 415 -7.26 -23.53 -26.85
CA ARG A 415 -7.67 -23.34 -28.23
C ARG A 415 -8.34 -24.60 -28.76
N PRO A 416 -9.38 -24.46 -29.59
CA PRO A 416 -10.09 -25.63 -30.12
C PRO A 416 -9.28 -26.34 -31.20
N MET A 417 -8.92 -27.61 -30.93
CA MET A 417 -8.06 -28.34 -31.84
C MET A 417 -8.67 -29.68 -32.21
N MET A 418 -8.31 -30.17 -33.39
CA MET A 418 -8.83 -31.39 -33.98
C MET A 418 -7.69 -32.34 -34.32
N TYR A 419 -7.85 -33.62 -34.01
CA TYR A 419 -6.94 -34.64 -34.52
C TYR A 419 -7.42 -35.11 -35.88
N VAL A 420 -6.49 -35.30 -36.80
CA VAL A 420 -6.81 -35.83 -38.11
C VAL A 420 -5.95 -37.06 -38.37
N ALA A 421 -6.41 -37.90 -39.29
CA ALA A 421 -5.74 -39.14 -39.62
C ALA A 421 -5.72 -39.32 -41.14
N LEU A 422 -4.71 -40.03 -41.62
CA LEU A 422 -4.56 -40.29 -43.04
C LEU A 422 -4.12 -41.74 -43.22
N THR A 423 -4.99 -42.55 -43.79
CA THR A 423 -4.68 -43.95 -44.08
C THR A 423 -4.27 -44.09 -45.53
N TYR A 424 -3.06 -44.58 -45.76
CA TYR A 424 -2.47 -44.56 -47.08
C TYR A 424 -1.96 -45.94 -47.47
N ASP A 425 -1.80 -46.14 -48.77
CA ASP A 425 -1.28 -47.38 -49.34
C ASP A 425 0.24 -47.28 -49.37
N HIS A 426 0.91 -48.20 -48.69
CA HIS A 426 2.36 -48.11 -48.60
C HIS A 426 3.02 -48.78 -49.79
N ARG A 427 2.26 -49.50 -50.62
CA ARG A 427 2.82 -50.02 -51.87
C ARG A 427 3.17 -48.89 -52.83
N LEU A 428 2.39 -47.81 -52.81
CA LEU A 428 2.51 -46.73 -53.76
C LEU A 428 3.05 -45.45 -53.15
N ILE A 429 2.53 -45.03 -52.02
CA ILE A 429 2.90 -43.77 -51.39
C ILE A 429 4.02 -44.03 -50.41
N ASP A 430 5.05 -43.18 -50.44
CA ASP A 430 6.20 -43.33 -49.57
C ASP A 430 5.82 -42.93 -48.15
N GLY A 431 6.66 -43.27 -47.18
CA GLY A 431 6.38 -42.93 -45.80
C GLY A 431 6.57 -41.46 -45.51
N ARG A 432 7.46 -40.80 -46.26
CA ARG A 432 7.67 -39.37 -46.10
C ARG A 432 6.71 -38.55 -46.94
N GLU A 433 6.09 -39.14 -47.95
CA GLU A 433 5.16 -38.38 -48.79
C GLU A 433 3.81 -38.26 -48.12
N ALA A 434 3.46 -39.22 -47.27
CA ALA A 434 2.20 -39.14 -46.53
C ALA A 434 2.28 -38.11 -45.42
N VAL A 435 3.46 -37.92 -44.84
CA VAL A 435 3.63 -36.92 -43.79
C VAL A 435 3.57 -35.52 -44.38
N THR A 436 4.21 -35.33 -45.54
CA THR A 436 4.21 -34.03 -46.19
C THR A 436 2.83 -33.67 -46.72
N PHE A 437 2.04 -34.69 -47.10
CA PHE A 437 0.69 -34.46 -47.58
C PHE A 437 -0.22 -33.94 -46.47
N LEU A 438 -0.20 -34.59 -45.32
CA LEU A 438 -1.06 -34.20 -44.21
C LEU A 438 -0.58 -32.91 -43.57
N ARG A 439 0.71 -32.60 -43.71
CA ARG A 439 1.22 -31.32 -43.21
C ARG A 439 0.77 -30.17 -44.09
N LYS A 440 0.45 -30.47 -45.36
CA LYS A 440 0.02 -29.43 -46.28
C LYS A 440 -1.46 -29.11 -46.11
N ILE A 441 -2.26 -30.12 -45.73
CA ILE A 441 -3.66 -29.89 -45.40
C ILE A 441 -3.78 -29.03 -44.15
N LYS A 442 -2.86 -29.23 -43.19
CA LYS A 442 -2.86 -28.45 -41.96
C LYS A 442 -2.58 -26.97 -42.23
N ALA A 443 -1.71 -26.66 -43.18
CA ALA A 443 -1.34 -25.28 -43.43
C ALA A 443 -2.46 -24.51 -44.11
N ALA A 444 -3.33 -25.21 -44.82
CA ALA A 444 -4.44 -24.57 -45.51
C ALA A 444 -5.72 -24.56 -44.69
N VAL A 445 -5.67 -25.04 -43.45
CA VAL A 445 -6.77 -24.88 -42.52
C VAL A 445 -6.38 -24.02 -41.31
N GLU A 446 -5.11 -24.05 -40.89
CA GLU A 446 -4.65 -23.11 -39.89
C GLU A 446 -4.52 -21.69 -40.45
N ASP A 447 -4.41 -21.55 -41.77
CA ASP A 447 -4.35 -20.25 -42.42
C ASP A 447 -4.89 -20.42 -43.83
N PRO A 448 -6.17 -20.12 -44.06
CA PRO A 448 -6.77 -20.38 -45.38
C PRO A 448 -6.40 -19.38 -46.45
N ARG A 449 -5.49 -18.44 -46.19
CA ARG A 449 -5.03 -17.52 -47.22
C ARG A 449 -3.91 -18.09 -48.06
N VAL A 450 -3.44 -19.30 -47.75
CA VAL A 450 -2.41 -19.95 -48.55
C VAL A 450 -2.99 -20.42 -49.88
N LEU A 451 -4.30 -20.63 -49.93
CA LEU A 451 -4.98 -21.02 -51.16
C LEU A 451 -4.91 -19.94 -52.23
N LEU A 452 -4.72 -18.69 -51.84
CA LEU A 452 -4.49 -17.59 -52.78
C LEU A 452 -3.02 -17.45 -53.15
N LEU A 453 -2.13 -17.85 -52.26
CA LEU A 453 -0.68 -17.81 -52.48
C LEU A 453 -0.25 -19.17 -53.05
N ASP A 454 1.03 -19.51 -53.03
CA ASP A 454 1.60 -20.85 -53.27
C ASP A 454 0.75 -22.07 -52.92
N LEU B 221 -41.36 -63.04 -6.78
CA LEU B 221 -41.71 -64.14 -5.88
C LEU B 221 -42.20 -63.56 -4.55
N ARG B 222 -43.37 -64.01 -4.11
CA ARG B 222 -44.03 -63.48 -2.92
C ARG B 222 -44.08 -64.58 -1.87
N ALA B 223 -43.10 -64.56 -0.96
CA ALA B 223 -43.02 -65.54 0.11
C ALA B 223 -43.12 -64.83 1.45
N GLU B 224 -43.91 -65.40 2.36
CA GLU B 224 -44.00 -64.94 3.73
C GLU B 224 -44.16 -66.15 4.63
N HIS B 225 -43.54 -66.09 5.81
CA HIS B 225 -43.57 -67.23 6.72
C HIS B 225 -43.78 -66.75 8.14
N ARG B 226 -44.62 -67.48 8.88
CA ARG B 226 -45.01 -67.09 10.22
C ARG B 226 -44.06 -67.73 11.23
N GLU B 227 -43.19 -66.93 11.83
CA GLU B 227 -42.42 -67.37 12.99
C GLU B 227 -43.06 -66.79 14.24
N LYS B 228 -43.13 -67.60 15.30
CA LYS B 228 -43.85 -67.22 16.50
C LYS B 228 -42.96 -66.42 17.43
N MET B 229 -43.59 -65.75 18.39
CA MET B 229 -42.90 -65.02 19.44
C MET B 229 -43.16 -65.71 20.78
N ASN B 230 -42.12 -65.81 21.59
CA ASN B 230 -42.20 -66.59 22.82
C ASN B 230 -42.97 -65.82 23.90
N ARG B 231 -43.14 -66.50 25.04
CA ARG B 231 -43.98 -65.98 26.11
C ARG B 231 -43.29 -64.84 26.86
N MET B 232 -41.97 -64.73 26.72
CA MET B 232 -41.25 -63.61 27.31
C MET B 232 -41.54 -62.33 26.53
N ARG B 233 -41.55 -62.44 25.20
CA ARG B 233 -41.84 -61.28 24.36
C ARG B 233 -43.31 -60.89 24.46
N GLN B 234 -44.16 -61.86 24.84
CA GLN B 234 -45.56 -61.56 25.14
C GLN B 234 -45.72 -60.54 26.26
N ARG B 235 -44.94 -60.69 27.33
CA ARG B 235 -45.11 -59.82 28.48
C ARG B 235 -44.45 -58.46 28.26
N ILE B 236 -43.37 -58.42 27.49
CA ILE B 236 -42.67 -57.16 27.20
C ILE B 236 -43.57 -56.23 26.40
N ALA B 237 -44.23 -56.79 25.38
CA ALA B 237 -45.21 -56.01 24.62
C ALA B 237 -46.45 -55.71 25.45
N GLN B 238 -46.72 -56.52 26.48
CA GLN B 238 -47.87 -56.25 27.33
C GLN B 238 -47.59 -55.10 28.30
N ARG B 239 -46.40 -55.10 28.91
CA ARG B 239 -46.03 -54.02 29.82
C ARG B 239 -45.87 -52.70 29.09
N LEU B 240 -45.53 -52.76 27.81
CA LEU B 240 -45.27 -51.55 27.04
C LEU B 240 -46.55 -50.79 26.76
N LYS B 241 -47.64 -51.51 26.46
CA LYS B 241 -48.92 -50.86 26.21
C LYS B 241 -49.59 -50.42 27.50
N GLU B 242 -49.26 -51.03 28.63
CA GLU B 242 -49.78 -50.57 29.91
C GLU B 242 -49.15 -49.25 30.33
N ALA B 243 -47.94 -48.98 29.86
CA ALA B 243 -47.29 -47.71 30.20
C ALA B 243 -47.92 -46.55 29.45
N GLN B 244 -48.52 -46.81 28.29
CA GLN B 244 -49.18 -45.73 27.57
C GLN B 244 -50.61 -45.53 28.05
N ASN B 245 -51.28 -46.60 28.42
CA ASN B 245 -52.68 -46.50 28.84
C ASN B 245 -52.84 -46.05 30.28
N THR B 246 -51.76 -45.92 31.03
CA THR B 246 -51.83 -45.47 32.42
C THR B 246 -51.61 -43.97 32.53
N CYS B 247 -50.48 -43.48 32.02
CA CYS B 247 -50.04 -42.12 32.24
C CYS B 247 -50.08 -41.31 30.95
N ALA B 248 -50.39 -40.02 31.08
CA ALA B 248 -50.50 -39.12 29.94
C ALA B 248 -49.13 -38.52 29.65
N MET B 249 -48.44 -39.09 28.67
CA MET B 249 -47.06 -38.71 28.41
C MET B 249 -47.00 -37.53 27.45
N LEU B 250 -46.14 -36.57 27.76
CA LEU B 250 -45.81 -35.47 26.88
C LEU B 250 -44.29 -35.40 26.79
N THR B 251 -43.76 -34.54 25.92
CA THR B 251 -42.33 -34.47 25.70
C THR B 251 -41.91 -33.02 25.52
N THR B 252 -40.77 -32.66 26.10
CA THR B 252 -40.23 -31.31 25.94
C THR B 252 -38.74 -31.42 25.63
N PHE B 253 -38.22 -30.46 24.87
CA PHE B 253 -36.86 -30.51 24.35
C PHE B 253 -36.08 -29.28 24.78
N ASN B 254 -34.76 -29.36 24.67
CA ASN B 254 -33.85 -28.25 24.95
C ASN B 254 -32.54 -28.56 24.25
N GLU B 255 -31.47 -27.85 24.59
CA GLU B 255 -30.23 -27.98 23.86
C GLU B 255 -29.05 -27.58 24.75
N ILE B 256 -28.07 -28.47 24.84
CA ILE B 256 -26.95 -28.33 25.76
C ILE B 256 -25.68 -28.11 24.97
N ASP B 257 -24.86 -27.15 25.39
CA ASP B 257 -23.55 -26.90 24.80
C ASP B 257 -22.50 -27.69 25.58
N MET B 258 -21.82 -28.60 24.88
CA MET B 258 -20.94 -29.58 25.51
C MET B 258 -19.49 -29.16 25.46
N SER B 259 -19.18 -27.87 25.60
CA SER B 259 -17.79 -27.44 25.46
C SER B 259 -17.01 -27.57 26.77
N ASN B 260 -17.67 -27.30 27.90
CA ASN B 260 -16.96 -27.36 29.18
C ASN B 260 -16.76 -28.80 29.66
N ILE B 261 -17.48 -29.75 29.06
CA ILE B 261 -17.29 -31.14 29.45
C ILE B 261 -16.13 -31.75 28.67
N GLN B 262 -15.95 -31.34 27.42
CA GLN B 262 -14.92 -31.97 26.60
C GLN B 262 -13.52 -31.51 26.98
N ASP B 263 -13.35 -30.26 27.38
CA ASP B 263 -12.02 -29.83 27.80
C ASP B 263 -11.71 -30.29 29.22
N MET B 264 -12.75 -30.60 30.00
CA MET B 264 -12.53 -31.31 31.25
C MET B 264 -12.02 -32.71 30.97
N ARG B 265 -12.55 -33.35 29.93
CA ARG B 265 -12.04 -34.65 29.52
C ARG B 265 -10.77 -34.55 28.70
N ALA B 266 -10.40 -33.35 28.24
CA ALA B 266 -9.19 -33.25 27.43
C ALA B 266 -7.93 -33.19 28.26
N ARG B 267 -7.97 -32.57 29.45
CA ARG B 267 -6.76 -32.38 30.24
C ARG B 267 -6.72 -33.29 31.45
N HIS B 268 -7.86 -33.77 31.95
CA HIS B 268 -7.83 -34.60 33.13
C HIS B 268 -8.01 -36.07 32.84
N LYS B 269 -8.02 -36.50 31.58
CA LYS B 269 -8.25 -37.92 31.31
C LYS B 269 -7.02 -38.76 31.59
N GLU B 270 -5.84 -38.14 31.66
CA GLU B 270 -4.62 -38.90 31.88
C GLU B 270 -4.35 -39.11 33.35
N ALA B 271 -4.57 -38.09 34.17
CA ALA B 271 -4.44 -38.24 35.61
C ALA B 271 -5.59 -39.02 36.21
N PHE B 272 -6.70 -39.16 35.49
CA PHE B 272 -7.81 -39.97 35.98
C PHE B 272 -7.52 -41.45 35.79
N LEU B 273 -6.87 -41.80 34.68
CA LEU B 273 -6.59 -43.20 34.38
C LEU B 273 -5.45 -43.72 35.24
N LYS B 274 -4.46 -42.87 35.53
CA LYS B 274 -3.35 -43.28 36.37
C LYS B 274 -3.78 -43.49 37.81
N LYS B 275 -4.72 -42.68 38.29
CA LYS B 275 -5.05 -42.70 39.70
C LYS B 275 -6.24 -43.62 40.03
N HIS B 276 -7.13 -43.85 39.08
CA HIS B 276 -8.31 -44.67 39.32
C HIS B 276 -8.42 -45.92 38.46
N ASN B 277 -7.66 -46.02 37.36
CA ASN B 277 -7.77 -47.06 36.35
C ASN B 277 -9.21 -47.15 35.82
N LEU B 278 -9.70 -46.02 35.32
CA LEU B 278 -11.03 -45.94 34.73
C LEU B 278 -10.97 -44.98 33.54
N LYS B 279 -12.02 -45.01 32.74
CA LYS B 279 -12.15 -44.10 31.61
C LYS B 279 -13.10 -42.97 31.96
N LEU B 280 -12.78 -41.76 31.50
CA LEU B 280 -13.58 -40.59 31.80
C LEU B 280 -14.53 -40.32 30.63
N GLY B 281 -15.83 -40.52 30.86
CA GLY B 281 -16.83 -40.41 29.82
C GLY B 281 -17.84 -39.29 30.05
N PHE B 282 -18.79 -39.22 29.12
CA PHE B 282 -19.84 -38.22 29.20
C PHE B 282 -20.93 -38.62 30.18
N MET B 283 -21.13 -39.92 30.37
CA MET B 283 -22.27 -40.47 31.12
C MET B 283 -22.30 -40.03 32.57
N SER B 284 -21.14 -39.97 33.23
CA SER B 284 -21.11 -39.58 34.64
C SER B 284 -21.44 -38.11 34.88
N ALA B 285 -21.37 -37.27 33.86
CA ALA B 285 -21.76 -35.88 34.01
C ALA B 285 -23.26 -35.72 33.97
N PHE B 286 -23.96 -36.62 33.29
CA PHE B 286 -25.41 -36.55 33.21
C PHE B 286 -26.08 -37.23 34.40
N VAL B 287 -25.43 -38.21 35.00
CA VAL B 287 -26.01 -38.88 36.16
C VAL B 287 -25.89 -38.00 37.40
N LYS B 288 -24.76 -37.32 37.56
CA LYS B 288 -24.58 -36.44 38.71
C LYS B 288 -25.42 -35.18 38.59
N ALA B 289 -25.62 -34.66 37.39
CA ALA B 289 -26.50 -33.51 37.20
C ALA B 289 -27.96 -33.88 37.33
N SER B 290 -28.30 -35.15 37.16
CA SER B 290 -29.69 -35.57 37.31
C SER B 290 -30.07 -35.71 38.78
N ALA B 291 -29.14 -36.16 39.61
CA ALA B 291 -29.40 -36.25 41.04
C ALA B 291 -29.45 -34.87 41.68
N PHE B 292 -28.80 -33.90 41.06
CA PHE B 292 -28.87 -32.52 41.55
C PHE B 292 -30.24 -31.91 41.30
N ALA B 293 -30.83 -32.19 40.14
CA ALA B 293 -32.10 -31.57 39.80
C ALA B 293 -33.26 -32.25 40.52
N LEU B 294 -33.12 -33.55 40.82
CA LEU B 294 -34.20 -34.28 41.46
C LEU B 294 -34.34 -33.93 42.93
N GLN B 295 -33.24 -33.59 43.59
CA GLN B 295 -33.32 -33.28 45.01
C GLN B 295 -33.77 -31.84 45.23
N GLU B 296 -33.90 -31.07 44.16
CA GLU B 296 -34.44 -29.72 44.30
C GLU B 296 -35.94 -29.70 44.07
N GLN B 297 -36.43 -30.44 43.08
CA GLN B 297 -37.86 -30.60 42.84
C GLN B 297 -38.25 -32.03 43.15
N PRO B 298 -38.77 -32.33 44.34
CA PRO B 298 -39.14 -33.71 44.67
C PRO B 298 -40.40 -34.24 43.98
N VAL B 299 -41.13 -33.40 43.23
CA VAL B 299 -42.37 -33.86 42.62
C VAL B 299 -42.08 -34.74 41.41
N VAL B 300 -40.90 -34.58 40.80
CA VAL B 300 -40.51 -35.45 39.70
C VAL B 300 -40.11 -36.81 40.24
N ASN B 301 -39.70 -36.84 41.50
CA ASN B 301 -39.29 -38.10 42.14
C ASN B 301 -40.50 -38.93 42.54
N ALA B 302 -41.68 -38.30 42.62
CA ALA B 302 -42.91 -38.94 43.06
C ALA B 302 -43.46 -39.96 42.08
N VAL B 303 -44.37 -40.83 42.54
CA VAL B 303 -45.06 -41.82 41.72
C VAL B 303 -46.52 -41.88 42.19
N ILE B 304 -47.45 -41.85 41.23
CA ILE B 304 -48.86 -42.08 41.50
C ILE B 304 -49.14 -43.58 41.44
N ASP B 305 -49.56 -44.15 42.57
CA ASP B 305 -50.08 -45.51 42.60
C ASP B 305 -51.60 -45.44 42.53
N ASP B 306 -52.16 -46.05 41.48
CA ASP B 306 -53.61 -46.06 41.28
C ASP B 306 -54.31 -47.18 42.04
N THR B 307 -53.61 -47.88 42.93
CA THR B 307 -54.27 -48.86 43.77
C THR B 307 -55.13 -48.17 44.83
N THR B 308 -54.52 -47.32 45.64
CA THR B 308 -55.25 -46.53 46.61
C THR B 308 -55.39 -45.07 46.19
N LYS B 309 -55.08 -44.75 44.93
CA LYS B 309 -55.07 -43.38 44.38
C LYS B 309 -54.15 -42.48 45.21
N GLU B 310 -52.90 -42.89 45.36
CA GLU B 310 -51.98 -42.28 46.30
C GLU B 310 -50.82 -41.63 45.55
N VAL B 311 -50.15 -40.68 46.20
CA VAL B 311 -48.98 -40.01 45.64
C VAL B 311 -47.80 -40.38 46.54
N VAL B 312 -46.89 -41.19 46.03
CA VAL B 312 -45.82 -41.77 46.83
C VAL B 312 -44.57 -40.93 46.61
N TYR B 313 -44.23 -40.11 47.60
CA TYR B 313 -42.95 -39.42 47.56
C TYR B 313 -41.84 -40.38 47.93
N ARG B 314 -40.61 -40.02 47.56
CA ARG B 314 -39.44 -40.77 47.97
C ARG B 314 -38.37 -39.79 48.41
N ASP B 315 -37.47 -40.27 49.27
CA ASP B 315 -36.36 -39.46 49.75
C ASP B 315 -35.01 -39.98 49.28
N TYR B 316 -34.98 -41.07 48.52
CA TYR B 316 -33.77 -41.60 47.94
C TYR B 316 -33.82 -41.46 46.42
N ILE B 317 -32.65 -41.44 45.79
CA ILE B 317 -32.53 -41.25 44.36
C ILE B 317 -31.79 -42.44 43.77
N ASP B 318 -32.46 -43.20 42.93
CA ASP B 318 -31.88 -44.36 42.25
C ASP B 318 -32.08 -44.20 40.76
N ILE B 319 -31.03 -43.83 40.04
CA ILE B 319 -31.09 -43.55 38.62
C ILE B 319 -30.78 -44.83 37.85
N SER B 320 -31.70 -45.25 37.00
CA SER B 320 -31.49 -46.40 36.14
C SER B 320 -30.78 -45.96 34.86
N VAL B 321 -29.79 -46.74 34.45
CA VAL B 321 -28.97 -46.41 33.29
C VAL B 321 -29.12 -47.51 32.27
N ALA B 322 -29.68 -47.19 31.11
CA ALA B 322 -29.82 -48.13 30.01
C ALA B 322 -28.49 -48.22 29.28
N VAL B 323 -27.80 -49.34 29.41
CA VAL B 323 -26.51 -49.54 28.73
C VAL B 323 -26.67 -50.69 27.73
N ALA B 324 -26.78 -50.32 26.45
CA ALA B 324 -27.02 -51.26 25.36
C ALA B 324 -25.73 -52.02 25.08
N THR B 325 -25.72 -53.30 25.46
CA THR B 325 -24.55 -54.16 25.21
C THR B 325 -24.80 -54.91 23.90
N PRO B 326 -23.87 -55.80 23.49
CA PRO B 326 -24.15 -56.57 22.27
C PRO B 326 -25.41 -57.42 22.35
N ARG B 327 -25.67 -58.03 23.51
CA ARG B 327 -26.84 -58.89 23.66
C ARG B 327 -28.15 -58.13 23.44
N GLY B 328 -28.25 -56.91 23.96
CA GLY B 328 -29.47 -56.13 23.81
C GLY B 328 -29.54 -55.02 24.84
N LEU B 329 -30.75 -54.54 25.16
CA LEU B 329 -30.87 -53.53 26.19
C LEU B 329 -30.97 -54.16 27.57
N VAL B 330 -30.26 -53.56 28.54
CA VAL B 330 -30.41 -53.86 29.95
C VAL B 330 -30.47 -52.55 30.72
N VAL B 331 -31.25 -52.55 31.80
CA VAL B 331 -31.46 -51.33 32.58
C VAL B 331 -31.12 -51.52 34.06
N PRO B 332 -29.84 -51.61 34.45
CA PRO B 332 -29.52 -51.73 35.86
C PRO B 332 -29.66 -50.40 36.58
N VAL B 333 -29.61 -50.46 37.90
CA VAL B 333 -29.89 -49.32 38.77
C VAL B 333 -28.63 -48.95 39.54
N ILE B 334 -28.33 -47.65 39.57
CA ILE B 334 -27.31 -47.09 40.43
C ILE B 334 -27.97 -46.61 41.71
N ARG B 335 -27.53 -47.13 42.85
CA ARG B 335 -28.19 -46.89 44.12
C ARG B 335 -27.55 -45.74 44.87
N ASN B 336 -28.39 -44.85 45.41
CA ASN B 336 -28.02 -43.77 46.34
C ASN B 336 -27.01 -42.80 45.70
N VAL B 337 -27.50 -42.09 44.70
CA VAL B 337 -26.64 -41.22 43.89
C VAL B 337 -26.34 -39.90 44.59
N GLU B 338 -26.99 -39.61 45.71
CA GLU B 338 -26.89 -38.30 46.36
C GLU B 338 -25.51 -38.01 46.94
N THR B 339 -24.78 -39.04 47.37
CA THR B 339 -23.52 -38.85 48.06
C THR B 339 -22.29 -39.05 47.19
N MET B 340 -22.47 -39.41 45.92
CA MET B 340 -21.35 -39.81 45.09
C MET B 340 -20.69 -38.60 44.42
N ASN B 341 -19.57 -38.87 43.76
CA ASN B 341 -18.91 -37.93 42.86
C ASN B 341 -18.72 -38.62 41.52
N TYR B 342 -17.93 -38.00 40.64
CA TYR B 342 -17.69 -38.61 39.34
C TYR B 342 -16.87 -39.90 39.46
N ALA B 343 -16.04 -40.01 40.49
CA ALA B 343 -15.22 -41.21 40.65
C ALA B 343 -16.05 -42.40 41.11
N ASP B 344 -17.08 -42.16 41.92
CA ASP B 344 -17.89 -43.25 42.44
C ASP B 344 -18.85 -43.78 41.38
N ILE B 345 -19.39 -42.89 40.55
CA ILE B 345 -20.32 -43.24 39.48
C ILE B 345 -19.59 -44.05 38.43
N GLU B 346 -18.34 -43.69 38.14
CA GLU B 346 -17.58 -44.37 37.10
C GLU B 346 -17.19 -45.78 37.53
N ARG B 347 -16.99 -46.01 38.82
CA ARG B 347 -16.75 -47.37 39.28
C ARG B 347 -18.00 -48.21 39.14
N THR B 348 -19.16 -47.63 39.44
CA THR B 348 -20.41 -48.40 39.47
C THR B 348 -20.83 -48.81 38.07
N ILE B 349 -20.62 -47.93 37.08
CA ILE B 349 -21.03 -48.26 35.72
C ILE B 349 -20.08 -49.27 35.09
N SER B 350 -18.78 -49.17 35.41
CA SER B 350 -17.78 -49.98 34.72
C SER B 350 -17.84 -51.44 35.13
N GLU B 351 -17.92 -51.72 36.44
CA GLU B 351 -17.90 -53.11 36.88
C GLU B 351 -19.25 -53.77 36.66
N LEU B 352 -20.33 -53.00 36.73
CA LEU B 352 -21.65 -53.56 36.44
C LEU B 352 -21.88 -53.68 34.94
N GLY B 353 -21.14 -52.91 34.15
CA GLY B 353 -21.16 -53.12 32.71
C GLY B 353 -20.53 -54.45 32.32
N GLU B 354 -19.53 -54.89 33.10
CA GLU B 354 -18.89 -56.17 32.82
C GLU B 354 -19.76 -57.33 33.27
N LYS B 355 -20.64 -57.10 34.25
CA LYS B 355 -21.50 -58.18 34.74
C LYS B 355 -22.55 -58.55 33.70
N ALA B 356 -23.24 -57.54 33.16
CA ALA B 356 -24.30 -57.81 32.18
C ALA B 356 -23.73 -58.22 30.83
N ARG B 357 -22.44 -57.96 30.60
CA ARG B 357 -21.82 -58.34 29.33
C ARG B 357 -21.63 -59.85 29.25
N LYS B 358 -21.18 -60.48 30.33
CA LYS B 358 -21.00 -61.92 30.38
C LYS B 358 -22.18 -62.63 31.02
N ASN B 359 -23.30 -61.92 31.20
CA ASN B 359 -24.60 -62.46 31.65
C ASN B 359 -24.49 -63.10 33.05
N GLU B 360 -24.13 -62.29 34.03
CA GLU B 360 -24.26 -62.65 35.45
C GLU B 360 -25.09 -61.61 36.18
N LEU B 361 -25.92 -60.87 35.45
CA LEU B 361 -26.59 -59.71 35.99
C LEU B 361 -27.89 -60.16 36.65
N ALA B 362 -28.02 -59.90 37.95
CA ALA B 362 -29.13 -60.45 38.72
C ALA B 362 -30.43 -59.70 38.42
N ILE B 363 -31.54 -60.26 38.91
CA ILE B 363 -32.84 -59.64 38.71
C ILE B 363 -33.10 -58.62 39.81
N GLU B 364 -32.56 -58.85 41.01
CA GLU B 364 -32.92 -58.07 42.19
C GLU B 364 -32.39 -56.64 42.12
N ASP B 365 -31.37 -56.41 41.31
CA ASP B 365 -30.84 -55.06 41.09
C ASP B 365 -31.22 -54.49 39.73
N MET B 366 -32.44 -54.75 39.25
CA MET B 366 -32.94 -54.14 38.04
C MET B 366 -34.24 -53.38 38.25
N ASP B 367 -34.73 -53.33 39.48
CA ASP B 367 -36.02 -52.73 39.78
C ASP B 367 -35.89 -51.73 40.92
N GLY B 368 -36.87 -50.85 41.01
CA GLY B 368 -36.90 -49.83 42.04
C GLY B 368 -36.30 -48.50 41.64
N GLY B 369 -35.97 -48.31 40.37
CA GLY B 369 -35.43 -47.04 39.93
C GLY B 369 -36.47 -45.94 39.99
N THR B 370 -36.00 -44.70 40.11
CA THR B 370 -36.87 -43.55 40.24
C THR B 370 -36.74 -42.58 39.06
N PHE B 371 -35.72 -42.76 38.23
CA PHE B 371 -35.44 -41.88 37.10
C PHE B 371 -34.54 -42.67 36.16
N THR B 372 -34.56 -42.30 34.88
CA THR B 372 -33.90 -43.13 33.87
C THR B 372 -33.20 -42.26 32.85
N ILE B 373 -31.92 -42.54 32.62
CA ILE B 373 -31.17 -41.96 31.52
C ILE B 373 -31.20 -42.97 30.38
N SER B 374 -31.36 -42.49 29.15
CA SER B 374 -31.41 -43.34 27.97
C SER B 374 -30.42 -42.83 26.94
N ASN B 375 -29.27 -43.50 26.84
CA ASN B 375 -28.28 -43.16 25.83
C ASN B 375 -28.65 -43.88 24.55
N GLY B 376 -29.40 -43.18 23.69
CA GLY B 376 -29.60 -43.63 22.34
C GLY B 376 -28.75 -42.82 21.38
N GLY B 377 -27.72 -42.18 21.93
CA GLY B 377 -26.90 -41.25 21.17
C GLY B 377 -25.58 -41.84 20.73
N VAL B 378 -25.37 -43.13 20.97
CA VAL B 378 -24.15 -43.79 20.52
C VAL B 378 -24.34 -44.33 19.11
N PHE B 379 -25.51 -44.07 18.53
CA PHE B 379 -25.78 -44.46 17.16
C PHE B 379 -25.99 -43.29 16.21
N GLY B 380 -26.29 -42.11 16.73
CA GLY B 380 -26.33 -40.93 15.88
C GLY B 380 -27.72 -40.42 15.56
N SER B 381 -28.66 -40.56 16.47
CA SER B 381 -29.96 -39.93 16.28
C SER B 381 -29.88 -38.45 16.63
N LEU B 382 -30.63 -37.64 15.90
CA LEU B 382 -30.62 -36.21 16.16
C LEU B 382 -31.40 -35.89 17.43
N PHE B 383 -32.69 -36.18 17.43
CA PHE B 383 -33.52 -36.14 18.63
C PHE B 383 -34.71 -37.07 18.43
N GLY B 384 -35.41 -37.37 19.51
CA GLY B 384 -36.51 -38.31 19.44
C GLY B 384 -37.24 -38.39 20.76
N THR B 385 -38.29 -39.20 20.79
CA THR B 385 -39.16 -39.33 21.95
C THR B 385 -38.92 -40.65 22.65
N PRO B 386 -38.53 -40.66 23.92
CA PRO B 386 -38.38 -41.92 24.65
C PRO B 386 -39.69 -42.38 25.28
N ILE B 387 -39.63 -43.52 25.97
CA ILE B 387 -40.79 -44.17 26.57
C ILE B 387 -40.53 -44.38 28.06
N ILE B 388 -41.55 -44.12 28.89
CA ILE B 388 -41.35 -44.15 30.33
C ILE B 388 -41.31 -45.59 30.86
N ASN B 389 -40.26 -45.89 31.61
CA ASN B 389 -40.22 -47.10 32.42
C ASN B 389 -41.33 -47.05 33.46
N PRO B 390 -42.30 -47.98 33.40
CA PRO B 390 -43.63 -47.75 34.01
C PRO B 390 -43.70 -47.59 35.52
N PRO B 391 -42.75 -48.06 36.35
CA PRO B 391 -42.80 -47.64 37.75
C PRO B 391 -42.22 -46.25 38.05
N GLN B 392 -41.99 -45.41 37.05
CA GLN B 392 -41.37 -44.11 37.23
C GLN B 392 -42.28 -43.03 36.68
N SER B 393 -41.83 -41.77 36.75
CA SER B 393 -42.68 -40.68 36.30
C SER B 393 -42.00 -39.85 35.21
N ALA B 394 -40.69 -39.99 35.04
CA ALA B 394 -39.99 -39.20 34.03
C ALA B 394 -38.83 -40.02 33.46
N ILE B 395 -38.31 -39.57 32.32
CA ILE B 395 -37.15 -40.18 31.68
C ILE B 395 -36.42 -39.13 30.85
N LEU B 396 -35.09 -39.13 30.93
CA LEU B 396 -34.25 -38.23 30.16
C LEU B 396 -33.63 -38.98 29.00
N GLY B 397 -33.69 -38.39 27.81
CA GLY B 397 -33.08 -39.00 26.64
C GLY B 397 -31.99 -38.15 26.03
N MET B 398 -30.75 -38.58 26.16
CA MET B 398 -29.62 -37.89 25.54
C MET B 398 -29.38 -38.43 24.14
N HIS B 399 -28.71 -37.62 23.32
CA HIS B 399 -28.58 -37.91 21.89
C HIS B 399 -27.17 -37.64 21.39
N ALA B 400 -27.00 -37.59 20.08
CA ALA B 400 -25.69 -37.48 19.47
C ALA B 400 -25.15 -36.06 19.55
N ILE B 401 -23.83 -35.94 19.52
CA ILE B 401 -23.15 -34.66 19.57
C ILE B 401 -22.70 -34.28 18.17
N VAL B 402 -23.18 -33.15 17.68
CA VAL B 402 -22.81 -32.65 16.36
C VAL B 402 -22.29 -31.24 16.50
N ASP B 403 -21.47 -30.83 15.52
CA ASP B 403 -20.97 -29.47 15.44
C ASP B 403 -21.91 -28.65 14.58
N ARG B 404 -22.53 -27.64 15.17
CA ARG B 404 -23.48 -26.79 14.48
C ARG B 404 -23.11 -25.34 14.72
N PRO B 405 -23.42 -24.45 13.77
CA PRO B 405 -23.14 -23.03 14.00
C PRO B 405 -24.05 -22.44 15.05
N VAL B 406 -23.44 -21.64 15.93
CA VAL B 406 -24.06 -21.13 17.15
C VAL B 406 -23.87 -19.63 17.21
N ALA B 407 -24.91 -18.88 17.51
CA ALA B 407 -24.80 -17.43 17.69
C ALA B 407 -24.46 -17.16 19.15
N VAL B 408 -23.19 -16.88 19.43
CA VAL B 408 -22.72 -16.58 20.78
C VAL B 408 -22.03 -15.22 20.78
N GLY B 409 -22.51 -14.32 21.64
CA GLY B 409 -21.98 -12.98 21.73
C GLY B 409 -22.19 -12.12 20.51
N GLY B 410 -23.18 -12.43 19.68
CA GLY B 410 -23.38 -11.71 18.44
C GLY B 410 -22.52 -12.17 17.30
N LYS B 411 -21.79 -13.27 17.45
CA LYS B 411 -20.96 -13.82 16.39
C LYS B 411 -21.32 -15.28 16.20
N VAL B 412 -20.95 -15.82 15.04
CA VAL B 412 -21.35 -17.15 14.61
C VAL B 412 -20.14 -18.07 14.78
N GLU B 413 -20.12 -18.81 15.88
CA GLU B 413 -19.10 -19.82 16.13
C GLU B 413 -19.64 -21.21 15.84
N ILE B 414 -18.77 -22.20 15.95
CA ILE B 414 -19.13 -23.60 15.77
C ILE B 414 -18.82 -24.32 17.07
N ARG B 415 -19.83 -24.90 17.70
CA ARG B 415 -19.66 -25.54 19.00
C ARG B 415 -20.45 -26.84 19.04
N PRO B 416 -19.90 -27.87 19.70
CA PRO B 416 -20.58 -29.18 19.78
C PRO B 416 -21.76 -29.14 20.71
N MET B 417 -22.96 -29.38 20.17
CA MET B 417 -24.18 -29.28 20.96
C MET B 417 -25.02 -30.54 20.84
N MET B 418 -25.79 -30.80 21.88
CA MET B 418 -26.62 -31.99 22.01
C MET B 418 -28.08 -31.59 22.24
N TYR B 419 -29.01 -32.26 21.57
CA TYR B 419 -30.42 -32.14 21.90
C TYR B 419 -30.77 -33.15 22.99
N VAL B 420 -31.57 -32.72 23.95
CA VAL B 420 -32.05 -33.62 25.00
C VAL B 420 -33.56 -33.57 25.03
N ALA B 421 -34.16 -34.62 25.60
CA ALA B 421 -35.60 -34.75 25.67
C ALA B 421 -36.00 -35.24 27.06
N LEU B 422 -37.20 -34.89 27.47
CA LEU B 422 -37.73 -35.27 28.77
C LEU B 422 -39.18 -35.67 28.60
N THR B 423 -39.48 -36.94 28.78
CA THR B 423 -40.86 -37.44 28.71
C THR B 423 -41.42 -37.56 30.11
N TYR B 424 -42.51 -36.87 30.38
CA TYR B 424 -43.01 -36.74 31.73
C TYR B 424 -44.49 -37.09 31.79
N ASP B 425 -44.95 -37.41 32.99
CA ASP B 425 -46.35 -37.74 33.26
C ASP B 425 -47.09 -36.45 33.55
N HIS B 426 -48.10 -36.15 32.75
CA HIS B 426 -48.79 -34.87 32.91
C HIS B 426 -49.89 -34.98 33.97
N ARG B 427 -50.20 -36.19 34.44
CA ARG B 427 -51.12 -36.32 35.56
C ARG B 427 -50.53 -35.76 36.84
N LEU B 428 -49.22 -35.88 37.00
CA LEU B 428 -48.53 -35.52 38.22
C LEU B 428 -47.67 -34.27 38.09
N ILE B 429 -46.86 -34.20 37.05
CA ILE B 429 -45.92 -33.11 36.87
C ILE B 429 -46.58 -32.02 36.03
N ASP B 430 -46.43 -30.78 36.47
CA ASP B 430 -47.03 -29.65 35.79
C ASP B 430 -46.28 -29.37 34.49
N GLY B 431 -46.86 -28.57 33.60
CA GLY B 431 -46.21 -28.25 32.34
C GLY B 431 -45.05 -27.30 32.51
N ARG B 432 -45.10 -26.46 33.54
CA ARG B 432 -44.00 -25.55 33.82
C ARG B 432 -42.93 -26.17 34.71
N GLU B 433 -43.25 -27.26 35.40
CA GLU B 433 -42.25 -27.89 36.26
C GLU B 433 -41.32 -28.78 35.45
N ALA B 434 -41.79 -29.29 34.31
CA ALA B 434 -40.94 -30.08 33.45
C ALA B 434 -39.96 -29.21 32.69
N VAL B 435 -40.35 -27.98 32.39
CA VAL B 435 -39.44 -27.06 31.69
C VAL B 435 -38.34 -26.60 32.64
N THR B 436 -38.70 -26.31 33.88
CA THR B 436 -37.72 -25.86 34.87
C THR B 436 -36.77 -26.98 35.25
N PHE B 437 -37.25 -28.23 35.20
CA PHE B 437 -36.41 -29.37 35.52
C PHE B 437 -35.31 -29.56 34.48
N LEU B 438 -35.70 -29.54 33.19
CA LEU B 438 -34.73 -29.75 32.12
C LEU B 438 -33.82 -28.56 31.95
N ARG B 439 -34.27 -27.37 32.37
CA ARG B 439 -33.41 -26.20 32.33
C ARG B 439 -32.35 -26.26 33.42
N LYS B 440 -32.62 -27.01 34.49
CA LYS B 440 -31.68 -27.13 35.58
C LYS B 440 -30.59 -28.17 35.28
N ILE B 441 -30.95 -29.20 34.52
CA ILE B 441 -29.96 -30.16 34.05
C ILE B 441 -28.98 -29.49 33.09
N LYS B 442 -29.48 -28.56 32.28
CA LYS B 442 -28.64 -27.84 31.33
C LYS B 442 -27.61 -26.96 32.03
N ALA B 443 -27.98 -26.35 33.16
CA ALA B 443 -27.07 -25.45 33.84
C ALA B 443 -25.93 -26.21 34.52
N ALA B 444 -26.15 -27.47 34.88
CA ALA B 444 -25.14 -28.27 35.53
C ALA B 444 -24.31 -29.10 34.55
N VAL B 445 -24.54 -28.94 33.24
CA VAL B 445 -23.67 -29.51 32.24
C VAL B 445 -22.98 -28.44 31.40
N GLU B 446 -23.63 -27.29 31.19
CA GLU B 446 -22.93 -26.17 30.59
C GLU B 446 -21.91 -25.54 31.52
N ASP B 447 -22.05 -25.74 32.82
CA ASP B 447 -21.13 -25.24 33.82
C ASP B 447 -21.19 -26.17 35.02
N PRO B 448 -20.30 -27.15 35.13
CA PRO B 448 -20.39 -28.13 36.21
C PRO B 448 -19.92 -27.65 37.57
N ARG B 449 -19.60 -26.36 37.72
CA ARG B 449 -19.24 -25.83 39.02
C ARG B 449 -20.45 -25.40 39.83
N VAL B 450 -21.65 -25.50 39.27
CA VAL B 450 -22.87 -25.19 40.01
C VAL B 450 -23.15 -26.27 41.05
N LEU B 451 -22.63 -27.47 40.83
CA LEU B 451 -22.78 -28.58 41.78
C LEU B 451 -22.10 -28.30 43.12
N LEU B 452 -21.10 -27.41 43.13
CA LEU B 452 -20.47 -26.95 44.36
C LEU B 452 -21.20 -25.78 44.97
N LEU B 453 -21.85 -24.98 44.16
CA LEU B 453 -22.63 -23.83 44.61
C LEU B 453 -24.09 -24.28 44.84
N ASP B 454 -25.05 -23.38 44.91
CA ASP B 454 -26.50 -23.62 44.86
C ASP B 454 -27.01 -24.81 44.05
N LEU C 221 -45.38 33.73 -50.41
CA LEU C 221 -45.21 34.77 -51.42
C LEU C 221 -43.97 34.45 -52.24
N ARG C 222 -44.13 34.44 -53.56
CA ARG C 222 -43.07 34.05 -54.50
C ARG C 222 -42.67 35.27 -55.31
N ALA C 223 -41.61 35.94 -54.88
CA ALA C 223 -41.10 37.12 -55.55
C ALA C 223 -39.68 36.86 -56.03
N GLU C 224 -39.39 37.26 -57.27
CA GLU C 224 -38.05 37.23 -57.81
C GLU C 224 -37.85 38.44 -58.69
N HIS C 225 -36.64 39.00 -58.67
CA HIS C 225 -36.37 40.21 -59.41
C HIS C 225 -35.01 40.12 -60.08
N ARG C 226 -34.95 40.58 -61.32
CA ARG C 226 -33.75 40.47 -62.14
C ARG C 226 -32.90 41.72 -61.96
N GLU C 227 -31.78 41.60 -61.25
CA GLU C 227 -30.77 42.64 -61.23
C GLU C 227 -29.62 42.24 -62.15
N LYS C 228 -29.11 43.19 -62.91
CA LYS C 228 -28.13 42.91 -63.94
C LYS C 228 -26.72 42.88 -63.36
N MET C 229 -25.81 42.30 -64.13
CA MET C 229 -24.38 42.29 -63.79
C MET C 229 -23.62 43.15 -64.80
N ASN C 230 -22.67 43.92 -64.30
CA ASN C 230 -21.99 44.90 -65.13
C ASN C 230 -20.96 44.23 -66.04
N ARG C 231 -20.33 45.06 -66.87
CA ARG C 231 -19.43 44.55 -67.92
C ARG C 231 -18.11 44.10 -67.34
N MET C 232 -17.79 44.54 -66.12
CA MET C 232 -16.60 44.07 -65.44
C MET C 232 -16.78 42.63 -64.97
N ARG C 233 -17.96 42.34 -64.42
CA ARG C 233 -18.26 40.98 -63.97
C ARG C 233 -18.44 40.03 -65.16
N GLN C 234 -18.78 40.59 -66.33
CA GLN C 234 -18.80 39.82 -67.56
C GLN C 234 -17.44 39.20 -67.89
N ARG C 235 -16.38 39.98 -67.74
CA ARG C 235 -15.06 39.49 -68.15
C ARG C 235 -14.46 38.56 -67.10
N ILE C 236 -14.78 38.78 -65.82
CA ILE C 236 -14.27 37.93 -64.74
C ILE C 236 -14.82 36.51 -64.88
N ALA C 237 -16.12 36.40 -65.16
CA ALA C 237 -16.71 35.10 -65.43
C ALA C 237 -16.24 34.54 -66.77
N GLN C 238 -15.79 35.40 -67.69
CA GLN C 238 -15.28 34.92 -68.96
C GLN C 238 -13.88 34.34 -68.81
N ARG C 239 -13.01 35.03 -68.06
CA ARG C 239 -11.66 34.53 -67.84
C ARG C 239 -11.65 33.26 -67.00
N LEU C 240 -12.67 33.10 -66.16
CA LEU C 240 -12.73 31.96 -65.26
C LEU C 240 -13.00 30.66 -66.00
N LYS C 241 -13.88 30.72 -67.00
CA LYS C 241 -14.19 29.55 -67.80
C LYS C 241 -13.10 29.24 -68.82
N GLU C 242 -12.30 30.24 -69.20
CA GLU C 242 -11.16 29.98 -70.07
C GLU C 242 -10.04 29.26 -69.34
N ALA C 243 -9.97 29.42 -68.03
CA ALA C 243 -8.95 28.72 -67.25
C ALA C 243 -9.26 27.24 -67.14
N GLN C 244 -10.53 26.85 -67.20
CA GLN C 244 -10.87 25.43 -67.13
C GLN C 244 -10.79 24.78 -68.50
N ASN C 245 -11.13 25.51 -69.56
CA ASN C 245 -11.15 24.94 -70.89
C ASN C 245 -9.77 24.90 -71.54
N THR C 246 -8.75 25.49 -70.91
CA THR C 246 -7.40 25.47 -71.45
C THR C 246 -6.58 24.31 -70.87
N CYS C 247 -6.48 24.24 -69.56
CA CYS C 247 -5.57 23.33 -68.89
C CYS C 247 -6.33 22.26 -68.11
N ALA C 248 -5.73 21.06 -68.06
CA ALA C 248 -6.34 19.91 -67.39
C ALA C 248 -5.93 19.92 -65.93
N MET C 249 -6.81 20.43 -65.08
CA MET C 249 -6.47 20.63 -63.68
C MET C 249 -6.76 19.38 -62.87
N LEU C 250 -5.82 19.03 -62.00
CA LEU C 250 -5.99 17.97 -61.01
C LEU C 250 -5.60 18.56 -59.65
N THR C 251 -5.81 17.80 -58.58
CA THR C 251 -5.55 18.31 -57.24
C THR C 251 -4.95 17.20 -56.39
N THR C 252 -3.96 17.56 -55.56
CA THR C 252 -3.35 16.61 -54.65
C THR C 252 -3.22 17.26 -53.28
N PHE C 253 -3.30 16.45 -52.22
CA PHE C 253 -3.38 16.94 -50.85
C PHE C 253 -2.24 16.36 -50.02
N ASN C 254 -1.99 16.96 -48.87
CA ASN C 254 -0.99 16.50 -47.91
C ASN C 254 -1.36 17.14 -46.57
N GLU C 255 -0.44 17.09 -45.61
CA GLU C 255 -0.76 17.54 -44.26
C GLU C 255 0.51 17.97 -43.54
N ILE C 256 0.49 19.18 -43.01
CA ILE C 256 1.66 19.82 -42.42
C ILE C 256 1.45 19.96 -40.92
N ASP C 257 2.47 19.62 -40.13
CA ASP C 257 2.46 19.81 -38.68
C ASP C 257 3.08 21.16 -38.36
N MET C 258 2.29 22.03 -37.74
CA MET C 258 2.64 23.44 -37.55
C MET C 258 3.21 23.71 -36.16
N SER C 259 3.98 22.79 -35.59
CA SER C 259 4.46 22.98 -34.23
C SER C 259 5.74 23.81 -34.18
N ASN C 260 6.64 23.62 -35.15
CA ASN C 260 7.90 24.35 -35.13
C ASN C 260 7.73 25.80 -35.58
N ILE C 261 6.60 26.12 -36.21
CA ILE C 261 6.38 27.50 -36.61
C ILE C 261 5.79 28.30 -35.46
N GLN C 262 4.96 27.66 -34.65
CA GLN C 262 4.28 28.41 -33.59
C GLN C 262 5.21 28.75 -32.43
N ASP C 263 6.16 27.87 -32.10
CA ASP C 263 7.09 28.21 -31.03
C ASP C 263 8.19 29.14 -31.52
N MET C 264 8.41 29.17 -32.84
CA MET C 264 9.22 30.24 -33.41
C MET C 264 8.53 31.58 -33.25
N ARG C 265 7.21 31.59 -33.43
CA ARG C 265 6.43 32.80 -33.19
C ARG C 265 6.16 33.03 -31.72
N ALA C 266 6.39 32.06 -30.86
CA ALA C 266 6.09 32.26 -29.45
C ALA C 266 7.21 33.00 -28.72
N ARG C 267 8.46 32.80 -29.10
CA ARG C 267 9.58 33.38 -28.37
C ARG C 267 10.23 34.53 -29.13
N HIS C 268 10.11 34.57 -30.45
CA HIS C 268 10.76 35.63 -31.19
C HIS C 268 9.81 36.73 -31.64
N LYS C 269 8.54 36.73 -31.22
CA LYS C 269 7.63 37.76 -31.70
C LYS C 269 7.87 39.10 -31.01
N GLU C 270 8.54 39.11 -29.87
CA GLU C 270 8.74 40.34 -29.14
C GLU C 270 9.99 41.07 -29.62
N ALA C 271 11.07 40.33 -29.86
CA ALA C 271 12.27 40.94 -30.44
C ALA C 271 12.10 41.28 -31.91
N PHE C 272 11.11 40.69 -32.57
CA PHE C 272 10.84 41.04 -33.97
C PHE C 272 10.12 42.38 -34.06
N LEU C 273 9.21 42.64 -33.12
CA LEU C 273 8.43 43.88 -33.15
C LEU C 273 9.27 45.06 -32.71
N LYS C 274 10.17 44.85 -31.75
CA LYS C 274 11.02 45.93 -31.29
C LYS C 274 12.04 46.34 -32.36
N LYS C 275 12.53 45.37 -33.14
CA LYS C 275 13.62 45.65 -34.04
C LYS C 275 13.16 46.00 -35.44
N HIS C 276 11.99 45.55 -35.86
CA HIS C 276 11.50 45.79 -37.21
C HIS C 276 10.19 46.56 -37.29
N ASN C 277 9.44 46.66 -36.19
CA ASN C 277 8.07 47.21 -36.14
C ASN C 277 7.16 46.51 -37.15
N LEU C 278 7.09 45.19 -37.03
CA LEU C 278 6.24 44.36 -37.87
C LEU C 278 5.67 43.24 -37.03
N LYS C 279 4.65 42.57 -37.58
CA LYS C 279 4.07 41.41 -36.92
C LYS C 279 4.58 40.13 -37.56
N LEU C 280 4.80 39.11 -36.75
CA LEU C 280 5.34 37.84 -37.23
C LEU C 280 4.19 36.86 -37.44
N GLY C 281 3.91 36.53 -38.70
CA GLY C 281 2.79 35.70 -39.07
C GLY C 281 3.18 34.38 -39.70
N PHE C 282 2.13 33.63 -40.08
CA PHE C 282 2.33 32.34 -40.73
C PHE C 282 2.68 32.49 -42.20
N MET C 283 2.21 33.57 -42.83
CA MET C 283 2.28 33.74 -44.28
C MET C 283 3.70 33.79 -44.82
N SER C 284 4.63 34.42 -44.11
CA SER C 284 6.01 34.52 -44.59
C SER C 284 6.75 33.19 -44.55
N ALA C 285 6.27 32.21 -43.79
CA ALA C 285 6.89 30.89 -43.79
C ALA C 285 6.50 30.08 -45.01
N PHE C 286 5.31 30.35 -45.56
CA PHE C 286 4.86 29.64 -46.75
C PHE C 286 5.38 30.26 -48.03
N VAL C 287 5.66 31.56 -48.02
CA VAL C 287 6.18 32.21 -49.21
C VAL C 287 7.64 31.86 -49.40
N LYS C 288 8.42 31.83 -48.32
CA LYS C 288 9.84 31.49 -48.42
C LYS C 288 10.04 30.02 -48.71
N ALA C 289 9.18 29.14 -48.20
CA ALA C 289 9.27 27.72 -48.54
C ALA C 289 8.80 27.43 -49.95
N SER C 290 7.99 28.32 -50.53
CA SER C 290 7.54 28.10 -51.90
C SER C 290 8.60 28.49 -52.91
N ALA C 291 9.39 29.52 -52.61
CA ALA C 291 10.49 29.89 -53.49
C ALA C 291 11.62 28.88 -53.41
N PHE C 292 11.71 28.16 -52.30
CA PHE C 292 12.71 27.10 -52.18
C PHE C 292 12.36 25.91 -53.06
N ALA C 293 11.08 25.55 -53.13
CA ALA C 293 10.69 24.37 -53.90
C ALA C 293 10.67 24.65 -55.38
N LEU C 294 10.41 25.90 -55.78
CA LEU C 294 10.31 26.22 -57.19
C LEU C 294 11.68 26.30 -57.86
N GLN C 295 12.71 26.69 -57.10
CA GLN C 295 14.04 26.79 -57.70
C GLN C 295 14.72 25.43 -57.77
N GLU C 296 14.11 24.40 -57.19
CA GLU C 296 14.66 23.06 -57.31
C GLU C 296 14.03 22.32 -58.50
N GLN C 297 12.73 22.45 -58.68
CA GLN C 297 12.04 21.90 -59.85
C GLN C 297 11.56 23.04 -60.73
N PRO C 298 12.29 23.40 -61.78
CA PRO C 298 11.85 24.51 -62.64
C PRO C 298 10.68 24.20 -63.56
N VAL C 299 10.18 22.97 -63.61
CA VAL C 299 9.11 22.64 -64.53
C VAL C 299 7.78 23.17 -64.01
N VAL C 300 7.68 23.37 -62.69
CA VAL C 300 6.47 23.97 -62.12
C VAL C 300 6.46 25.46 -62.40
N ASN C 301 7.64 26.03 -62.63
CA ASN C 301 7.74 27.45 -62.92
C ASN C 301 7.37 27.75 -64.37
N ALA C 302 7.37 26.73 -65.22
CA ALA C 302 7.11 26.87 -66.65
C ALA C 302 5.66 27.20 -66.98
N VAL C 303 5.42 27.67 -68.21
CA VAL C 303 4.09 27.98 -68.73
C VAL C 303 4.03 27.54 -70.18
N ILE C 304 2.95 26.83 -70.55
CA ILE C 304 2.68 26.48 -71.93
C ILE C 304 1.89 27.61 -72.57
N ASP C 305 2.48 28.25 -73.59
CA ASP C 305 1.77 29.19 -74.44
C ASP C 305 1.29 28.45 -75.68
N ASP C 306 -0.03 28.42 -75.89
CA ASP C 306 -0.63 27.74 -77.02
C ASP C 306 -0.68 28.59 -78.28
N THR C 307 -0.03 29.76 -78.27
CA THR C 307 0.07 30.55 -79.50
C THR C 307 1.02 29.89 -80.49
N THR C 308 2.27 29.67 -80.07
CA THR C 308 3.23 28.95 -80.89
C THR C 308 3.47 27.52 -80.42
N LYS C 309 2.62 27.03 -79.50
CA LYS C 309 2.76 25.71 -78.86
C LYS C 309 4.12 25.57 -78.17
N GLU C 310 4.43 26.51 -77.29
CA GLU C 310 5.77 26.67 -76.75
C GLU C 310 5.75 26.41 -75.24
N VAL C 311 6.91 26.08 -74.69
CA VAL C 311 7.08 25.86 -73.25
C VAL C 311 8.02 26.94 -72.74
N VAL C 312 7.48 27.90 -71.99
CA VAL C 312 8.23 29.09 -71.59
C VAL C 312 8.78 28.85 -70.19
N TYR C 313 10.08 28.58 -70.10
CA TYR C 313 10.72 28.53 -68.79
C TYR C 313 10.94 29.95 -68.28
N ARG C 314 11.14 30.07 -66.98
CA ARG C 314 11.49 31.34 -66.37
C ARG C 314 12.62 31.11 -65.38
N ASP C 315 13.40 32.15 -65.13
CA ASP C 315 14.48 32.09 -64.16
C ASP C 315 14.25 32.98 -62.95
N TYR C 316 13.13 33.71 -62.91
CA TYR C 316 12.76 34.52 -61.77
C TYR C 316 11.51 33.94 -61.12
N ILE C 317 11.32 34.27 -59.84
CA ILE C 317 10.23 33.73 -59.05
C ILE C 317 9.43 34.91 -58.51
N ASP C 318 8.17 35.02 -58.93
CA ASP C 318 7.26 36.07 -58.46
C ASP C 318 6.00 35.41 -57.93
N ILE C 319 5.87 35.35 -56.62
CA ILE C 319 4.76 34.68 -55.96
C ILE C 319 3.64 35.68 -55.73
N SER C 320 2.46 35.39 -56.26
CA SER C 320 1.29 36.21 -56.04
C SER C 320 0.60 35.79 -54.75
N VAL C 321 0.18 36.77 -53.95
CA VAL C 321 -0.41 36.50 -52.65
C VAL C 321 -1.81 37.09 -52.63
N ALA C 322 -2.81 36.23 -52.52
CA ALA C 322 -4.20 36.66 -52.43
C ALA C 322 -4.48 37.10 -51.00
N VAL C 323 -4.66 38.41 -50.79
CA VAL C 323 -4.95 38.94 -49.46
C VAL C 323 -6.35 39.56 -49.49
N ALA C 324 -7.30 38.83 -48.91
CA ALA C 324 -8.71 39.22 -48.91
C ALA C 324 -8.92 40.34 -47.91
N THR C 325 -9.14 41.54 -48.43
CA THR C 325 -9.39 42.71 -47.58
C THR C 325 -10.91 42.87 -47.42
N PRO C 326 -11.38 43.92 -46.72
CA PRO C 326 -12.83 44.09 -46.65
C PRO C 326 -13.50 44.30 -48.00
N ARG C 327 -12.86 45.03 -48.90
CA ARG C 327 -13.44 45.30 -50.21
C ARG C 327 -13.68 44.02 -51.01
N GLY C 328 -12.73 43.09 -50.97
CA GLY C 328 -12.87 41.85 -51.72
C GLY C 328 -11.53 41.17 -51.91
N LEU C 329 -11.41 40.33 -52.94
CA LEU C 329 -10.12 39.69 -53.21
C LEU C 329 -9.24 40.59 -54.07
N VAL C 330 -7.96 40.67 -53.72
CA VAL C 330 -6.94 41.27 -54.56
C VAL C 330 -5.72 40.35 -54.58
N VAL C 331 -5.03 40.31 -55.71
CA VAL C 331 -3.89 39.41 -55.87
C VAL C 331 -2.62 40.14 -56.29
N PRO C 332 -1.96 40.88 -55.39
CA PRO C 332 -0.70 41.53 -55.78
C PRO C 332 0.44 40.54 -55.83
N VAL C 333 1.56 41.01 -56.38
CA VAL C 333 2.71 40.17 -56.68
C VAL C 333 3.90 40.61 -55.84
N ILE C 334 4.58 39.65 -55.22
CA ILE C 334 5.85 39.87 -54.56
C ILE C 334 6.95 39.54 -55.56
N ARG C 335 7.83 40.50 -55.82
CA ARG C 335 8.82 40.38 -56.88
C ARG C 335 10.15 39.89 -56.33
N ASN C 336 10.75 38.92 -57.03
CA ASN C 336 12.12 38.43 -56.81
C ASN C 336 12.30 37.86 -55.39
N VAL C 337 11.61 36.75 -55.16
CA VAL C 337 11.56 36.15 -53.82
C VAL C 337 12.81 35.36 -53.49
N GLU C 338 13.71 35.15 -54.46
CA GLU C 338 14.85 34.28 -54.28
C GLU C 338 15.87 34.80 -53.27
N THR C 339 16.01 36.11 -53.13
CA THR C 339 17.05 36.69 -52.31
C THR C 339 16.57 37.15 -50.93
N MET C 340 15.29 37.02 -50.64
CA MET C 340 14.73 37.61 -49.44
C MET C 340 14.87 36.67 -48.24
N ASN C 341 14.52 37.20 -47.07
CA ASN C 341 14.37 36.44 -45.84
C ASN C 341 12.99 36.72 -45.29
N TYR C 342 12.74 36.29 -44.05
CA TYR C 342 11.42 36.54 -43.45
C TYR C 342 11.20 38.03 -43.17
N ALA C 343 12.28 38.78 -42.97
CA ALA C 343 12.12 40.20 -42.68
C ALA C 343 11.76 40.99 -43.93
N ASP C 344 12.25 40.56 -45.08
CA ASP C 344 11.98 41.28 -46.32
C ASP C 344 10.57 41.02 -46.82
N ILE C 345 10.10 39.78 -46.67
CA ILE C 345 8.76 39.38 -47.09
C ILE C 345 7.71 40.07 -46.24
N GLU C 346 7.99 40.22 -44.94
CA GLU C 346 7.03 40.85 -44.05
C GLU C 346 6.89 42.34 -44.30
N ARG C 347 7.96 42.99 -44.76
CA ARG C 347 7.83 44.39 -45.17
C ARG C 347 6.97 44.52 -46.41
N THR C 348 7.15 43.61 -47.36
CA THR C 348 6.47 43.71 -48.65
C THR C 348 4.97 43.48 -48.51
N ILE C 349 4.57 42.55 -47.65
CA ILE C 349 3.15 42.25 -47.49
C ILE C 349 2.46 43.36 -46.70
N SER C 350 3.14 43.92 -45.71
CA SER C 350 2.50 44.85 -44.78
C SER C 350 2.19 46.19 -45.45
N GLU C 351 3.17 46.77 -46.15
CA GLU C 351 2.94 48.08 -46.74
C GLU C 351 2.07 48.00 -47.98
N LEU C 352 2.15 46.90 -48.72
CA LEU C 352 1.28 46.71 -49.86
C LEU C 352 -0.12 46.28 -49.43
N GLY C 353 -0.25 45.71 -48.24
CA GLY C 353 -1.57 45.47 -47.69
C GLY C 353 -2.30 46.76 -47.35
N GLU C 354 -1.53 47.80 -46.98
CA GLU C 354 -2.14 49.09 -46.68
C GLU C 354 -2.52 49.83 -47.96
N LYS C 355 -1.84 49.54 -49.07
CA LYS C 355 -2.16 50.22 -50.32
C LYS C 355 -3.50 49.78 -50.87
N ALA C 356 -3.72 48.46 -50.93
CA ALA C 356 -4.97 47.94 -51.46
C ALA C 356 -6.14 48.15 -50.52
N ARG C 357 -5.85 48.43 -49.25
CA ARG C 357 -6.92 48.65 -48.27
C ARG C 357 -7.60 50.01 -48.50
N LYS C 358 -6.81 51.05 -48.78
CA LYS C 358 -7.34 52.37 -49.06
C LYS C 358 -7.46 52.64 -50.55
N ASN C 359 -7.32 51.60 -51.39
CA ASN C 359 -7.54 51.63 -52.84
C ASN C 359 -6.61 52.61 -53.55
N GLU C 360 -5.30 52.36 -53.44
CA GLU C 360 -4.30 53.03 -54.26
C GLU C 360 -3.45 51.99 -55.00
N LEU C 361 -3.99 50.79 -55.17
CA LEU C 361 -3.23 49.65 -55.64
C LEU C 361 -3.25 49.66 -57.17
N ALA C 362 -2.07 49.76 -57.77
CA ALA C 362 -1.98 49.95 -59.22
C ALA C 362 -2.28 48.67 -59.98
N ILE C 363 -2.43 48.80 -61.29
CA ILE C 363 -2.70 47.65 -62.14
C ILE C 363 -1.40 46.98 -62.55
N GLU C 364 -0.32 47.76 -62.69
CA GLU C 364 0.92 47.27 -63.28
C GLU C 364 1.63 46.26 -62.40
N ASP C 365 1.35 46.28 -61.09
CA ASP C 365 1.90 45.30 -60.16
C ASP C 365 0.88 44.26 -59.72
N MET C 366 0.01 43.81 -60.62
CA MET C 366 -0.91 42.73 -60.34
C MET C 366 -0.77 41.57 -61.31
N ASP C 367 0.16 41.66 -62.27
CA ASP C 367 0.29 40.67 -63.31
C ASP C 367 1.75 40.22 -63.42
N GLY C 368 1.92 39.06 -64.04
CA GLY C 368 3.23 38.47 -64.22
C GLY C 368 3.65 37.49 -63.15
N GLY C 369 2.75 37.10 -62.26
CA GLY C 369 3.09 36.13 -61.24
C GLY C 369 3.31 34.76 -61.84
N THR C 370 4.09 33.94 -61.13
CA THR C 370 4.45 32.61 -61.60
C THR C 370 3.91 31.51 -60.68
N PHE C 371 3.42 31.87 -59.51
CA PHE C 371 2.92 30.91 -58.53
C PHE C 371 2.04 31.70 -57.57
N THR C 372 1.10 31.02 -56.92
CA THR C 372 0.07 31.72 -56.16
C THR C 372 -0.22 31.00 -54.85
N ILE C 373 -0.15 31.72 -53.75
CA ILE C 373 -0.62 31.24 -52.47
C ILE C 373 -2.04 31.77 -52.27
N SER C 374 -2.92 30.92 -51.73
CA SER C 374 -4.32 31.30 -51.52
C SER C 374 -4.68 31.00 -50.06
N ASN C 375 -4.73 32.04 -49.24
CA ASN C 375 -5.14 31.89 -47.85
C ASN C 375 -6.66 31.97 -47.81
N GLY C 376 -7.30 30.81 -47.87
CA GLY C 376 -8.71 30.71 -47.57
C GLY C 376 -8.92 30.12 -46.20
N GLY C 377 -7.87 30.17 -45.38
CA GLY C 377 -7.87 29.54 -44.08
C GLY C 377 -8.12 30.48 -42.92
N VAL C 378 -8.43 31.74 -43.22
CA VAL C 378 -8.74 32.71 -42.18
C VAL C 378 -10.23 32.68 -41.89
N PHE C 379 -10.95 31.78 -42.54
CA PHE C 379 -12.37 31.60 -42.30
C PHE C 379 -12.73 30.24 -41.72
N GLY C 380 -11.85 29.25 -41.85
CA GLY C 380 -12.08 27.98 -41.19
C GLY C 380 -12.53 26.84 -42.07
N SER C 381 -12.09 26.82 -43.32
CA SER C 381 -12.35 25.66 -44.16
C SER C 381 -11.38 24.54 -43.81
N LEU C 382 -11.87 23.30 -43.90
CA LEU C 382 -11.01 22.16 -43.59
C LEU C 382 -10.02 21.91 -44.72
N PHE C 383 -10.54 21.61 -45.91
CA PHE C 383 -9.73 21.55 -47.12
C PHE C 383 -10.66 21.76 -48.32
N GLY C 384 -10.07 22.02 -49.48
CA GLY C 384 -10.86 22.32 -50.66
C GLY C 384 -9.98 22.45 -51.88
N THR C 385 -10.63 22.69 -53.01
CA THR C 385 -9.93 22.75 -54.29
C THR C 385 -9.85 24.19 -54.78
N PRO C 386 -8.66 24.73 -55.01
CA PRO C 386 -8.55 26.09 -55.57
C PRO C 386 -8.60 26.08 -57.10
N ILE C 387 -8.48 27.28 -57.67
CA ILE C 387 -8.60 27.50 -59.11
C ILE C 387 -7.33 28.22 -59.61
N ILE C 388 -6.82 27.80 -60.76
CA ILE C 388 -5.55 28.32 -61.24
C ILE C 388 -5.72 29.70 -61.85
N ASN C 389 -4.91 30.65 -61.38
CA ASN C 389 -4.73 31.93 -62.03
C ASN C 389 -4.15 31.69 -63.43
N PRO C 390 -4.88 32.05 -64.49
CA PRO C 390 -4.66 31.44 -65.84
C PRO C 390 -3.32 31.72 -66.51
N PRO C 391 -2.54 32.78 -66.20
CA PRO C 391 -1.17 32.79 -66.73
C PRO C 391 -0.15 31.96 -65.96
N GLN C 392 -0.57 31.04 -65.09
CA GLN C 392 0.34 30.26 -64.27
C GLN C 392 0.07 28.77 -64.49
N SER C 393 0.82 27.93 -63.77
CA SER C 393 0.67 26.50 -63.98
C SER C 393 0.30 25.77 -62.69
N ALA C 394 0.47 26.41 -61.54
CA ALA C 394 0.16 25.77 -60.27
C ALA C 394 -0.35 26.80 -59.27
N ILE C 395 -0.98 26.32 -58.20
CA ILE C 395 -1.45 27.16 -57.11
C ILE C 395 -1.48 26.34 -55.82
N LEU C 396 -1.03 26.95 -54.72
CA LEU C 396 -1.04 26.33 -53.41
C LEU C 396 -2.18 26.90 -52.59
N GLY C 397 -2.95 26.04 -51.94
CA GLY C 397 -4.02 26.48 -51.09
C GLY C 397 -3.86 26.05 -49.65
N MET C 398 -3.59 27.01 -48.77
CA MET C 398 -3.47 26.73 -47.35
C MET C 398 -4.84 26.89 -46.67
N HIS C 399 -4.99 26.27 -45.51
CA HIS C 399 -6.29 26.15 -44.87
C HIS C 399 -6.18 26.40 -43.36
N ALA C 400 -7.23 26.04 -42.63
CA ALA C 400 -7.32 26.36 -41.21
C ALA C 400 -6.49 25.40 -40.38
N ILE C 401 -6.07 25.87 -39.21
CA ILE C 401 -5.26 25.09 -38.28
C ILE C 401 -6.17 24.57 -37.18
N VAL C 402 -6.23 23.25 -37.04
CA VAL C 402 -7.03 22.60 -36.01
C VAL C 402 -6.14 21.67 -35.22
N ASP C 403 -6.56 21.41 -33.98
CA ASP C 403 -5.88 20.43 -33.13
C ASP C 403 -6.53 19.07 -33.31
N ARG C 404 -5.77 18.12 -33.79
CA ARG C 404 -6.27 16.78 -34.06
C ARG C 404 -5.32 15.78 -33.44
N PRO C 405 -5.82 14.60 -33.03
CA PRO C 405 -4.93 13.58 -32.48
C PRO C 405 -4.03 12.98 -33.55
N VAL C 406 -2.75 12.82 -33.18
CA VAL C 406 -1.68 12.46 -34.10
C VAL C 406 -0.92 11.29 -33.52
N ALA C 407 -0.64 10.28 -34.33
CA ALA C 407 0.18 9.15 -33.90
C ALA C 407 1.64 9.48 -34.17
N VAL C 408 2.37 9.89 -33.12
CA VAL C 408 3.78 10.22 -33.23
C VAL C 408 4.57 9.37 -32.26
N GLY C 409 5.56 8.64 -32.78
CA GLY C 409 6.38 7.75 -31.98
C GLY C 409 5.66 6.57 -31.37
N GLY C 410 4.53 6.17 -31.95
CA GLY C 410 3.74 5.11 -31.37
C GLY C 410 2.81 5.55 -30.26
N LYS C 411 2.66 6.84 -30.02
CA LYS C 411 1.77 7.37 -29.02
C LYS C 411 0.86 8.42 -29.66
N VAL C 412 -0.25 8.70 -28.98
CA VAL C 412 -1.31 9.53 -29.53
C VAL C 412 -1.22 10.89 -28.85
N GLU C 413 -0.61 11.86 -29.52
CA GLU C 413 -0.54 13.22 -29.04
C GLU C 413 -1.55 14.08 -29.77
N ILE C 414 -1.64 15.35 -29.37
CA ILE C 414 -2.50 16.34 -30.01
C ILE C 414 -1.62 17.46 -30.52
N ARG C 415 -1.63 17.69 -31.83
CA ARG C 415 -0.76 18.68 -32.44
C ARG C 415 -1.52 19.46 -33.49
N PRO C 416 -1.24 20.77 -33.62
CA PRO C 416 -1.95 21.60 -34.60
C PRO C 416 -1.48 21.33 -36.02
N MET C 417 -2.40 20.85 -36.87
CA MET C 417 -2.04 20.46 -38.22
C MET C 417 -2.93 21.13 -39.25
N MET C 418 -2.39 21.32 -40.44
CA MET C 418 -3.03 22.00 -41.54
C MET C 418 -3.08 21.09 -42.76
N TYR C 419 -4.22 21.06 -43.45
CA TYR C 419 -4.30 20.44 -44.77
C TYR C 419 -3.92 21.45 -45.83
N VAL C 420 -3.15 21.02 -46.81
CA VAL C 420 -2.79 21.87 -47.93
C VAL C 420 -3.17 21.18 -49.23
N ALA C 421 -3.32 21.98 -50.29
CA ALA C 421 -3.74 21.49 -51.58
C ALA C 421 -2.89 22.12 -52.67
N LEU C 422 -2.73 21.41 -53.78
CA LEU C 422 -1.95 21.89 -54.91
C LEU C 422 -2.69 21.53 -56.18
N THR C 423 -3.18 22.55 -56.89
CA THR C 423 -3.85 22.34 -58.16
C THR C 423 -2.89 22.62 -59.30
N TYR C 424 -2.67 21.62 -60.14
CA TYR C 424 -1.60 21.69 -61.12
C TYR C 424 -2.14 21.35 -62.51
N ASP C 425 -1.39 21.77 -63.52
CA ASP C 425 -1.71 21.52 -64.92
C ASP C 425 -1.11 20.17 -65.31
N HIS C 426 -1.96 19.24 -65.73
CA HIS C 426 -1.46 17.90 -66.03
C HIS C 426 -0.94 17.80 -67.46
N ARG C 427 -1.16 18.83 -68.28
CA ARG C 427 -0.53 18.88 -69.59
C ARG C 427 0.98 19.02 -69.48
N LEU C 428 1.45 19.74 -68.47
CA LEU C 428 2.85 20.09 -68.31
C LEU C 428 3.52 19.37 -67.17
N ILE C 429 2.91 19.36 -66.00
CA ILE C 429 3.50 18.79 -64.81
C ILE C 429 3.08 17.34 -64.68
N ASP C 430 4.03 16.46 -64.40
CA ASP C 430 3.78 15.04 -64.28
C ASP C 430 3.01 14.76 -62.99
N GLY C 431 2.43 13.57 -62.86
CA GLY C 431 1.70 13.23 -61.67
C GLY C 431 2.59 12.97 -60.47
N ARG C 432 3.82 12.52 -60.73
CA ARG C 432 4.78 12.31 -59.66
C ARG C 432 5.57 13.57 -59.31
N GLU C 433 5.59 14.56 -60.20
CA GLU C 433 6.34 15.77 -59.91
C GLU C 433 5.53 16.70 -59.02
N ALA C 434 4.20 16.60 -59.07
CA ALA C 434 3.37 17.41 -58.20
C ALA C 434 3.39 16.88 -56.77
N VAL C 435 3.55 15.57 -56.61
CA VAL C 435 3.62 14.99 -55.27
C VAL C 435 4.95 15.34 -54.62
N THR C 436 6.03 15.29 -55.39
CA THR C 436 7.36 15.62 -54.87
C THR C 436 7.48 17.10 -54.54
N PHE C 437 6.75 17.94 -55.29
CA PHE C 437 6.76 19.38 -55.05
C PHE C 437 6.11 19.72 -53.71
N LEU C 438 4.92 19.16 -53.46
CA LEU C 438 4.19 19.47 -52.24
C LEU C 438 4.84 18.79 -51.03
N ARG C 439 5.57 17.70 -51.26
CA ARG C 439 6.31 17.06 -50.18
C ARG C 439 7.52 17.90 -49.78
N LYS C 440 8.01 18.73 -50.69
CA LYS C 440 9.17 19.55 -50.39
C LYS C 440 8.78 20.82 -49.65
N ILE C 441 7.57 21.33 -49.90
CA ILE C 441 7.05 22.45 -49.13
C ILE C 441 6.80 22.03 -47.69
N LYS C 442 6.37 20.78 -47.49
CA LYS C 442 6.12 20.27 -46.15
C LYS C 442 7.40 20.17 -45.32
N ALA C 443 8.53 19.82 -45.96
CA ALA C 443 9.77 19.64 -45.22
C ALA C 443 10.34 20.98 -44.77
N ALA C 444 10.03 22.05 -45.48
CA ALA C 444 10.52 23.38 -45.13
C ALA C 444 9.57 24.15 -44.24
N VAL C 445 8.47 23.54 -43.82
CA VAL C 445 7.61 24.13 -42.80
C VAL C 445 7.57 23.27 -41.54
N GLU C 446 7.70 21.95 -41.66
CA GLU C 446 7.89 21.12 -40.48
C GLU C 446 9.25 21.29 -39.85
N ASP C 447 10.23 21.79 -40.60
CA ASP C 447 11.57 22.06 -40.09
C ASP C 447 12.17 23.16 -40.95
N PRO C 448 12.08 24.42 -40.52
CA PRO C 448 12.55 25.52 -41.35
C PRO C 448 14.06 25.71 -41.42
N ARG C 449 14.84 24.80 -40.84
CA ARG C 449 16.29 24.87 -40.95
C ARG C 449 16.81 24.22 -42.21
N VAL C 450 15.94 23.62 -43.02
CA VAL C 450 16.35 23.03 -44.28
C VAL C 450 16.68 24.11 -45.30
N LEU C 451 16.13 25.32 -45.10
CA LEU C 451 16.41 26.45 -45.97
C LEU C 451 17.86 26.90 -45.89
N LEU C 452 18.55 26.60 -44.79
CA LEU C 452 19.97 26.84 -44.65
C LEU C 452 20.80 25.69 -45.21
N LEU C 453 20.27 24.48 -45.18
CA LEU C 453 20.92 23.29 -45.71
C LEU C 453 20.50 23.11 -47.18
N ASP C 454 20.67 21.93 -47.78
CA ASP C 454 20.10 21.49 -49.06
C ASP C 454 18.74 22.05 -49.47
N LEU D 221 -18.81 -38.27 62.67
CA LEU D 221 -18.14 -39.24 63.51
C LEU D 221 -16.74 -38.73 63.83
N ARG D 222 -16.40 -38.72 65.13
CA ARG D 222 -15.15 -38.16 65.62
C ARG D 222 -14.31 -39.29 66.20
N ALA D 223 -13.40 -39.82 65.39
CA ALA D 223 -12.53 -40.91 65.79
C ALA D 223 -11.08 -40.45 65.72
N GLU D 224 -10.31 -40.77 66.76
CA GLU D 224 -8.88 -40.55 66.77
C GLU D 224 -8.20 -41.70 67.49
N HIS D 225 -7.03 -42.09 67.00
CA HIS D 225 -6.34 -43.24 67.57
C HIS D 225 -4.86 -42.96 67.69
N ARG D 226 -4.29 -43.37 68.82
CA ARG D 226 -2.90 -43.07 69.13
C ARG D 226 -2.01 -44.21 68.62
N GLU D 227 -1.26 -43.95 67.55
CA GLU D 227 -0.19 -44.85 67.14
C GLU D 227 1.14 -44.26 67.59
N LYS D 228 2.03 -45.12 68.08
CA LYS D 228 3.27 -44.68 68.69
C LYS D 228 4.35 -44.48 67.63
N MET D 229 5.39 -43.77 68.02
CA MET D 229 6.57 -43.57 67.19
C MET D 229 7.75 -44.30 67.83
N ASN D 230 8.55 -44.96 66.98
CA ASN D 230 9.62 -45.80 67.49
C ASN D 230 10.81 -44.98 67.97
N ARG D 231 11.81 -45.68 68.50
CA ARG D 231 12.94 -45.04 69.15
C ARG D 231 13.90 -44.43 68.13
N MET D 232 13.80 -44.86 66.88
CA MET D 232 14.60 -44.25 65.82
C MET D 232 14.05 -42.86 65.48
N ARG D 233 12.73 -42.73 65.42
CA ARG D 233 12.10 -41.44 65.14
C ARG D 233 12.25 -40.51 66.34
N GLN D 234 12.44 -41.07 67.53
CA GLN D 234 12.76 -40.28 68.72
C GLN D 234 14.04 -39.47 68.53
N ARG D 235 15.08 -40.11 67.98
CA ARG D 235 16.38 -39.44 67.89
C ARG D 235 16.42 -38.45 66.72
N ILE D 236 15.68 -38.75 65.64
CA ILE D 236 15.64 -37.87 64.47
C ILE D 236 15.00 -36.53 64.85
N ALA D 237 13.89 -36.59 65.58
CA ALA D 237 13.27 -35.37 66.09
C ALA D 237 14.12 -34.72 67.17
N GLN D 238 14.99 -35.49 67.83
CA GLN D 238 15.85 -34.90 68.85
C GLN D 238 17.01 -34.15 68.21
N ARG D 239 17.63 -34.74 67.18
CA ARG D 239 18.74 -34.06 66.48
C ARG D 239 18.25 -32.83 65.74
N LEU D 240 16.99 -32.82 65.34
CA LEU D 240 16.46 -31.73 64.54
C LEU D 240 16.30 -30.47 65.37
N LYS D 241 15.86 -30.62 66.63
CA LYS D 241 15.72 -29.47 67.51
C LYS D 241 17.05 -29.00 68.05
N GLU D 242 18.07 -29.87 68.09
CA GLU D 242 19.39 -29.44 68.51
C GLU D 242 20.06 -28.58 67.43
N ALA D 243 19.66 -28.77 66.17
CA ALA D 243 20.23 -27.97 65.10
C ALA D 243 19.70 -26.53 65.14
N GLN D 244 18.50 -26.33 65.68
CA GLN D 244 17.98 -24.97 65.77
C GLN D 244 18.47 -24.28 67.04
N ASN D 245 18.63 -25.02 68.13
CA ASN D 245 19.03 -24.42 69.39
C ASN D 245 20.53 -24.17 69.48
N THR D 246 21.31 -24.63 68.51
CA THR D 246 22.76 -24.43 68.51
C THR D 246 23.14 -23.18 67.71
N CYS D 247 22.75 -23.14 66.45
CA CYS D 247 23.22 -22.13 65.51
C CYS D 247 22.09 -21.18 65.10
N ALA D 248 22.45 -19.93 64.86
CA ALA D 248 21.49 -18.88 64.50
C ALA D 248 21.34 -18.88 62.98
N MET D 249 20.28 -19.53 62.50
CA MET D 249 20.10 -19.70 61.07
C MET D 249 19.38 -18.53 60.46
N LEU D 250 19.88 -18.07 59.31
CA LEU D 250 19.22 -17.08 58.48
C LEU D 250 19.16 -17.64 57.06
N THR D 251 18.47 -16.96 56.17
CA THR D 251 18.29 -17.45 54.81
C THR D 251 18.38 -16.29 53.82
N THR D 252 19.03 -16.54 52.68
CA THR D 252 19.13 -15.53 51.64
C THR D 252 18.84 -16.20 50.30
N PHE D 253 18.26 -15.44 49.37
CA PHE D 253 17.76 -15.96 48.11
C PHE D 253 18.42 -15.25 46.93
N ASN D 254 18.31 -15.85 45.76
CA ASN D 254 18.81 -15.29 44.51
C ASN D 254 18.07 -15.99 43.38
N GLU D 255 18.56 -15.85 42.16
CA GLU D 255 17.83 -16.38 41.00
C GLU D 255 18.79 -16.65 39.85
N ILE D 256 18.73 -17.87 39.33
CA ILE D 256 19.69 -18.35 38.34
C ILE D 256 18.96 -18.56 37.02
N ASP D 257 19.57 -18.11 35.92
CA ASP D 257 19.05 -18.33 34.57
C ASP D 257 19.69 -19.60 34.01
N MET D 258 18.84 -20.58 33.70
CA MET D 258 19.30 -21.93 33.36
C MET D 258 19.35 -22.16 31.85
N SER D 259 19.72 -21.15 31.07
CA SER D 259 19.69 -21.31 29.62
C SER D 259 20.96 -21.96 29.08
N ASN D 260 22.12 -21.63 29.66
CA ASN D 260 23.36 -22.19 29.16
C ASN D 260 23.57 -23.63 29.61
N ILE D 261 22.81 -24.09 30.59
CA ILE D 261 22.93 -25.47 31.02
C ILE D 261 22.08 -26.38 30.14
N GLN D 262 20.93 -25.88 29.70
CA GLN D 262 20.02 -26.74 28.95
C GLN D 262 20.49 -26.98 27.52
N ASP D 263 21.12 -25.99 26.89
CA ASP D 263 21.63 -26.23 25.54
C ASP D 263 22.95 -26.99 25.57
N MET D 264 23.64 -26.96 26.72
CA MET D 264 24.74 -27.90 26.92
C MET D 264 24.22 -29.32 26.99
N ARG D 265 23.08 -29.50 27.65
CA ARG D 265 22.44 -30.81 27.68
C ARG D 265 21.68 -31.11 26.40
N ALA D 266 21.46 -30.13 25.54
CA ALA D 266 20.69 -30.41 24.34
C ALA D 266 21.54 -31.01 23.23
N ARG D 267 22.80 -30.63 23.12
CA ARG D 267 23.64 -31.08 22.03
C ARG D 267 24.68 -32.11 22.46
N HIS D 268 25.06 -32.13 23.72
CA HIS D 268 26.07 -33.08 24.15
C HIS D 268 25.51 -34.28 24.89
N LYS D 269 24.20 -34.46 24.96
CA LYS D 269 23.67 -35.59 25.72
C LYS D 269 23.81 -36.91 24.97
N GLU D 270 24.01 -36.85 23.65
CA GLU D 270 24.10 -38.07 22.86
C GLU D 270 25.52 -38.61 22.83
N ALA D 271 26.50 -37.73 22.69
CA ALA D 271 27.90 -38.15 22.76
C ALA D 271 28.33 -38.47 24.18
N PHE D 272 27.58 -38.02 25.18
CA PHE D 272 27.89 -38.36 26.57
C PHE D 272 27.44 -39.77 26.89
N LEU D 273 26.30 -40.18 26.34
CA LEU D 273 25.75 -41.51 26.61
C LEU D 273 26.53 -42.58 25.87
N LYS D 274 26.97 -42.28 24.66
CA LYS D 274 27.74 -43.25 23.88
C LYS D 274 29.12 -43.48 24.49
N LYS D 275 29.72 -42.45 25.06
CA LYS D 275 31.10 -42.55 25.49
C LYS D 275 31.24 -42.92 26.96
N HIS D 276 30.23 -42.62 27.79
CA HIS D 276 30.32 -42.89 29.22
C HIS D 276 29.26 -43.82 29.75
N ASN D 277 28.17 -44.05 29.00
CA ASN D 277 26.97 -44.79 29.44
C ASN D 277 26.40 -44.19 30.74
N LEU D 278 26.12 -42.89 30.68
CA LEU D 278 25.53 -42.17 31.80
C LEU D 278 24.55 -41.15 31.26
N LYS D 279 23.73 -40.61 32.15
CA LYS D 279 22.79 -39.55 31.79
C LYS D 279 23.32 -38.21 32.23
N LEU D 280 23.09 -37.18 31.42
CA LEU D 280 23.59 -35.85 31.70
C LEU D 280 22.47 -35.02 32.35
N GLY D 281 22.65 -34.70 33.63
CA GLY D 281 21.63 -34.03 34.40
C GLY D 281 22.04 -32.64 34.88
N PHE D 282 21.13 -32.03 35.63
CA PHE D 282 21.37 -30.71 36.20
C PHE D 282 22.25 -30.78 37.44
N MET D 283 22.20 -31.89 38.16
CA MET D 283 22.81 -32.03 39.48
C MET D 283 24.33 -31.85 39.47
N SER D 284 25.00 -32.38 38.44
CA SER D 284 26.46 -32.27 38.39
C SER D 284 26.95 -30.86 38.11
N ALA D 285 26.10 -29.97 37.60
CA ALA D 285 26.49 -28.59 37.41
C ALA D 285 26.46 -27.80 38.71
N PHE D 286 25.63 -28.21 39.65
CA PHE D 286 25.54 -27.54 40.93
C PHE D 286 26.57 -28.05 41.92
N VAL D 287 27.00 -29.30 41.79
CA VAL D 287 28.01 -29.85 42.68
C VAL D 287 29.38 -29.30 42.33
N LYS D 288 29.68 -29.19 41.04
CA LYS D 288 30.97 -28.66 40.62
C LYS D 288 31.08 -27.16 40.86
N ALA D 289 29.99 -26.42 40.72
CA ALA D 289 30.00 -25.00 41.03
C ALA D 289 30.05 -24.74 42.53
N SER D 290 29.64 -25.71 43.35
CA SER D 290 29.69 -25.53 44.79
C SER D 290 31.09 -25.74 45.33
N ALA D 291 31.85 -26.67 44.73
CA ALA D 291 33.23 -26.86 45.14
C ALA D 291 34.11 -25.71 44.67
N PHE D 292 33.68 -25.00 43.64
CA PHE D 292 34.42 -23.82 43.18
C PHE D 292 34.26 -22.67 44.15
N ALA D 293 33.06 -22.48 44.70
CA ALA D 293 32.83 -21.35 45.58
C ALA D 293 33.39 -21.60 46.96
N LEU D 294 33.46 -22.86 47.39
CA LEU D 294 33.93 -23.16 48.74
C LEU D 294 35.45 -23.04 48.85
N GLN D 295 36.17 -23.30 47.77
CA GLN D 295 37.62 -23.20 47.84
C GLN D 295 38.09 -21.76 47.69
N GLU D 296 37.18 -20.84 47.40
CA GLU D 296 37.55 -19.44 47.34
C GLU D 296 37.31 -18.76 48.69
N GLN D 297 36.20 -19.06 49.34
CA GLN D 297 35.91 -18.57 50.69
C GLN D 297 35.95 -19.74 51.65
N PRO D 298 37.05 -19.98 52.36
CA PRO D 298 37.12 -21.11 53.28
C PRO D 298 36.34 -20.95 54.57
N VAL D 299 35.74 -19.79 54.83
CA VAL D 299 35.03 -19.58 56.10
C VAL D 299 33.69 -20.29 56.09
N VAL D 300 33.14 -20.55 54.90
CA VAL D 300 31.89 -21.31 54.80
C VAL D 300 32.19 -22.78 55.03
N ASN D 301 33.43 -23.19 54.78
CA ASN D 301 33.83 -24.57 54.98
C ASN D 301 34.06 -24.88 56.46
N ALA D 302 34.24 -23.85 57.28
CA ALA D 302 34.55 -23.98 58.69
C ALA D 302 33.37 -24.51 59.52
N VAL D 303 33.66 -24.97 60.74
CA VAL D 303 32.66 -25.44 61.70
C VAL D 303 33.09 -24.96 63.10
N ILE D 304 32.14 -24.41 63.84
CA ILE D 304 32.35 -24.06 65.24
C ILE D 304 32.01 -25.27 66.09
N ASP D 305 33.01 -25.79 66.81
CA ASP D 305 32.79 -26.81 67.84
C ASP D 305 32.71 -26.11 69.19
N ASP D 306 31.56 -26.25 69.85
CA ASP D 306 31.34 -25.62 71.15
C ASP D 306 31.87 -26.45 72.32
N THR D 307 32.62 -27.52 72.05
CA THR D 307 33.27 -28.25 73.13
C THR D 307 34.42 -27.44 73.72
N THR D 308 35.39 -27.06 72.88
CA THR D 308 36.47 -26.21 73.32
C THR D 308 36.33 -24.78 72.81
N LYS D 309 35.14 -24.42 72.29
CA LYS D 309 34.86 -23.12 71.67
C LYS D 309 35.84 -22.80 70.54
N GLU D 310 35.94 -23.72 69.58
CA GLU D 310 36.98 -23.71 68.58
C GLU D 310 36.37 -23.50 67.19
N VAL D 311 37.20 -23.03 66.26
CA VAL D 311 36.79 -22.82 64.87
C VAL D 311 37.62 -23.78 64.03
N VAL D 312 36.98 -24.81 63.49
CA VAL D 312 37.68 -25.91 62.82
C VAL D 312 37.64 -25.63 61.32
N TYR D 313 38.77 -25.19 60.76
CA TYR D 313 38.88 -25.09 59.32
C TYR D 313 39.08 -26.48 58.73
N ARG D 314 38.80 -26.61 57.44
CA ARG D 314 39.07 -27.84 56.71
C ARG D 314 39.71 -27.48 55.38
N ASP D 315 40.48 -28.42 54.83
CA ASP D 315 41.11 -28.23 53.54
C ASP D 315 40.57 -29.19 52.48
N TYR D 316 39.63 -30.04 52.83
CA TYR D 316 38.98 -30.93 51.88
C TYR D 316 37.51 -30.54 51.75
N ILE D 317 36.92 -30.92 50.62
CA ILE D 317 35.54 -30.57 50.30
C ILE D 317 34.76 -31.84 50.06
N ASP D 318 33.77 -32.11 50.91
CA ASP D 318 32.91 -33.29 50.79
C ASP D 318 31.47 -32.81 50.78
N ILE D 319 30.85 -32.81 49.60
CA ILE D 319 29.51 -32.31 49.42
C ILE D 319 28.52 -33.46 49.58
N SER D 320 27.59 -33.31 50.52
CA SER D 320 26.53 -34.29 50.72
C SER D 320 25.38 -34.00 49.79
N VAL D 321 24.84 -35.04 49.16
CA VAL D 321 23.77 -34.90 48.18
C VAL D 321 22.56 -35.67 48.67
N ALA D 322 21.49 -34.96 48.96
CA ALA D 322 20.23 -35.57 49.37
C ALA D 322 19.52 -36.08 48.12
N VAL D 323 19.44 -37.40 47.97
CA VAL D 323 18.76 -38.00 46.82
C VAL D 323 17.56 -38.80 47.35
N ALA D 324 16.37 -38.22 47.18
CA ALA D 324 15.13 -38.80 47.69
C ALA D 324 14.73 -39.97 46.80
N THR D 325 14.87 -41.18 47.33
CA THR D 325 14.49 -42.39 46.60
C THR D 325 13.05 -42.75 47.01
N PRO D 326 12.51 -43.87 46.50
CA PRO D 326 11.16 -44.25 46.96
C PRO D 326 11.07 -44.50 48.46
N ARG D 327 12.10 -45.11 49.05
CA ARG D 327 12.07 -45.43 50.47
C ARG D 327 11.98 -44.16 51.33
N GLY D 328 12.71 -43.12 50.97
CA GLY D 328 12.69 -41.89 51.75
C GLY D 328 13.90 -41.03 51.45
N LEU D 329 14.28 -40.16 52.39
CA LEU D 329 15.47 -39.35 52.18
C LEU D 329 16.72 -40.10 52.64
N VAL D 330 17.78 -40.00 51.84
CA VAL D 330 19.11 -40.45 52.23
C VAL D 330 20.11 -39.36 51.82
N VAL D 331 21.16 -39.22 52.62
CA VAL D 331 22.15 -38.16 52.38
C VAL D 331 23.57 -38.70 52.29
N PRO D 332 23.95 -39.37 51.19
CA PRO D 332 25.33 -39.84 51.08
C PRO D 332 26.28 -38.70 50.73
N VAL D 333 27.57 -39.00 50.81
CA VAL D 333 28.62 -38.00 50.69
C VAL D 333 29.46 -38.31 49.46
N ILE D 334 29.73 -37.28 48.66
CA ILE D 334 30.70 -37.34 47.57
C ILE D 334 32.03 -36.84 48.11
N ARG D 335 33.06 -37.67 48.00
CA ARG D 335 34.34 -37.39 48.63
C ARG D 335 35.30 -36.74 47.64
N ASN D 336 35.98 -35.68 48.09
CA ASN D 336 37.10 -35.01 47.40
C ASN D 336 36.67 -34.47 46.04
N VAL D 337 35.79 -33.46 46.10
CA VAL D 337 35.17 -32.91 44.89
C VAL D 337 36.10 -31.96 44.14
N GLU D 338 37.25 -31.61 44.72
CA GLU D 338 38.13 -30.59 44.16
C GLU D 338 38.76 -31.00 42.83
N THR D 339 39.01 -32.28 42.62
CA THR D 339 39.75 -32.75 41.46
C THR D 339 38.87 -33.30 40.34
N MET D 340 37.56 -33.35 40.54
CA MET D 340 36.68 -34.04 39.61
C MET D 340 36.24 -33.12 38.47
N ASN D 341 35.57 -33.73 37.50
CA ASN D 341 34.87 -33.01 36.44
C ASN D 341 33.43 -33.50 36.42
N TYR D 342 32.69 -33.14 35.37
CA TYR D 342 31.31 -33.58 35.28
C TYR D 342 31.20 -35.08 35.07
N ALA D 343 32.21 -35.71 34.46
CA ALA D 343 32.15 -37.13 34.22
C ALA D 343 32.38 -37.94 35.49
N ASP D 344 33.20 -37.40 36.41
CA ASP D 344 33.50 -38.13 37.63
C ASP D 344 32.35 -38.05 38.62
N ILE D 345 31.69 -36.89 38.68
CA ILE D 345 30.56 -36.65 39.57
C ILE D 345 29.38 -37.51 39.15
N GLU D 346 29.18 -37.65 37.84
CA GLU D 346 28.05 -38.42 37.34
C GLU D 346 28.22 -39.91 37.59
N ARG D 347 29.46 -40.40 37.62
CA ARG D 347 29.67 -41.80 37.99
C ARG D 347 29.36 -42.00 39.46
N THR D 348 29.75 -41.05 40.31
CA THR D 348 29.61 -41.22 41.75
C THR D 348 28.15 -41.20 42.17
N ILE D 349 27.34 -40.34 41.54
CA ILE D 349 25.94 -40.24 41.93
C ILE D 349 25.16 -41.45 41.42
N SER D 350 25.50 -41.94 40.23
CA SER D 350 24.68 -42.98 39.59
C SER D 350 24.83 -44.33 40.27
N GLU D 351 26.07 -44.75 40.57
CA GLU D 351 26.25 -46.08 41.16
C GLU D 351 25.90 -46.07 42.63
N LEU D 352 26.09 -44.95 43.31
CA LEU D 352 25.67 -44.85 44.71
C LEU D 352 24.17 -44.63 44.83
N GLY D 353 23.55 -44.11 43.78
CA GLY D 353 22.09 -44.07 43.76
C GLY D 353 21.48 -45.45 43.68
N GLU D 354 22.18 -46.38 43.03
CA GLU D 354 21.68 -47.75 42.94
C GLU D 354 21.90 -48.50 44.25
N LYS D 355 22.89 -48.09 45.04
CA LYS D 355 23.16 -48.78 46.31
C LYS D 355 22.07 -48.50 47.32
N ALA D 356 21.70 -47.23 47.49
CA ALA D 356 20.68 -46.87 48.46
C ALA D 356 19.29 -47.26 47.99
N ARG D 357 19.12 -47.53 46.70
CA ARG D 357 17.81 -47.92 46.19
C ARG D 357 17.46 -49.35 46.61
N LYS D 358 18.42 -50.26 46.56
CA LYS D 358 18.21 -51.64 46.98
C LYS D 358 18.69 -51.88 48.40
N ASN D 359 18.99 -50.81 49.15
CA ASN D 359 19.31 -50.84 50.58
C ASN D 359 20.57 -51.66 50.88
N GLU D 360 21.70 -51.24 50.30
CA GLU D 360 23.01 -51.74 50.68
C GLU D 360 23.92 -50.59 51.09
N LEU D 361 23.31 -49.47 51.47
CA LEU D 361 24.05 -48.23 51.66
C LEU D 361 24.60 -48.20 53.09
N ALA D 362 25.91 -48.12 53.22
CA ALA D 362 26.55 -48.27 54.51
C ALA D 362 26.38 -47.02 55.36
N ILE D 363 26.75 -47.14 56.64
CA ILE D 363 26.65 -46.00 57.56
C ILE D 363 27.91 -45.14 57.48
N GLU D 364 29.05 -45.78 57.19
CA GLU D 364 30.35 -45.12 57.30
C GLU D 364 30.55 -44.04 56.24
N ASP D 365 29.81 -44.13 55.13
CA ASP D 365 29.84 -43.11 54.09
C ASP D 365 28.60 -42.23 54.09
N MET D 366 28.07 -41.87 55.26
CA MET D 366 26.98 -40.93 55.36
C MET D 366 27.31 -39.75 56.24
N ASP D 367 28.52 -39.70 56.78
CA ASP D 367 28.90 -38.66 57.73
C ASP D 367 30.21 -38.01 57.31
N GLY D 368 30.44 -36.82 57.85
CA GLY D 368 31.63 -36.06 57.56
C GLY D 368 31.50 -35.07 56.44
N GLY D 369 30.29 -34.82 55.95
CA GLY D 369 30.09 -33.83 54.90
C GLY D 369 30.33 -32.42 55.41
N THR D 370 30.69 -31.54 54.49
CA THR D 370 31.01 -30.16 54.82
C THR D 370 30.04 -29.17 54.20
N PHE D 371 29.20 -29.62 53.28
CA PHE D 371 28.25 -28.76 52.57
C PHE D 371 27.19 -29.69 51.98
N THR D 372 26.00 -29.15 51.75
CA THR D 372 24.87 -30.01 51.39
C THR D 372 24.02 -29.36 50.30
N ILE D 373 23.78 -30.10 49.24
CA ILE D 373 22.81 -29.72 48.22
C ILE D 373 21.50 -30.43 48.54
N SER D 374 20.38 -29.74 48.40
CA SER D 374 19.07 -30.29 48.69
C SER D 374 18.15 -30.09 47.49
N ASN D 375 17.96 -31.14 46.72
CA ASN D 375 17.05 -31.09 45.57
C ASN D 375 15.64 -31.37 46.09
N GLY D 376 14.92 -30.31 46.41
CA GLY D 376 13.49 -30.41 46.66
C GLY D 376 12.73 -29.88 45.46
N GLY D 377 13.39 -29.82 44.32
CA GLY D 377 12.82 -29.22 43.13
C GLY D 377 12.30 -30.22 42.13
N VAL D 378 12.30 -31.50 42.49
CA VAL D 378 11.76 -32.53 41.60
C VAL D 378 10.28 -32.71 41.87
N PHE D 379 9.73 -31.90 42.78
CA PHE D 379 8.31 -31.91 43.08
C PHE D 379 7.60 -30.62 42.70
N GLY D 380 8.31 -29.52 42.52
CA GLY D 380 7.69 -28.32 42.03
C GLY D 380 7.45 -27.23 43.04
N SER D 381 8.30 -27.12 44.05
CA SER D 381 8.21 -25.98 44.95
C SER D 381 8.82 -24.75 44.30
N LEU D 382 8.24 -23.59 44.60
CA LEU D 382 8.77 -22.35 44.01
C LEU D 382 10.06 -21.94 44.71
N PHE D 383 9.98 -21.67 46.01
CA PHE D 383 11.15 -21.47 46.85
C PHE D 383 10.77 -21.78 48.29
N GLY D 384 11.77 -21.93 49.15
CA GLY D 384 11.52 -22.30 50.53
C GLY D 384 12.79 -22.28 51.34
N THR D 385 12.66 -22.59 52.63
CA THR D 385 13.77 -22.51 53.56
C THR D 385 14.22 -23.91 53.95
N PRO D 386 15.47 -24.28 53.72
CA PRO D 386 15.95 -25.59 54.15
C PRO D 386 16.47 -25.57 55.59
N ILE D 387 16.94 -26.72 56.06
CA ILE D 387 17.40 -26.92 57.43
C ILE D 387 18.84 -27.45 57.40
N ILE D 388 19.68 -26.93 58.30
CA ILE D 388 21.10 -27.26 58.28
C ILE D 388 21.34 -28.65 58.86
N ASN D 389 22.06 -29.48 58.10
CA ASN D 389 22.63 -30.71 58.61
C ASN D 389 23.65 -30.37 59.70
N PRO D 390 23.40 -30.78 60.95
CA PRO D 390 24.03 -30.12 62.13
C PRO D 390 25.55 -30.20 62.25
N PRO D 391 26.28 -31.15 61.66
CA PRO D 391 27.75 -30.96 61.66
C PRO D 391 28.30 -30.01 60.59
N GLN D 392 27.46 -29.19 59.96
CA GLN D 392 27.89 -28.31 58.88
C GLN D 392 27.52 -26.88 59.21
N SER D 393 27.82 -25.96 58.30
CA SER D 393 27.57 -24.56 58.58
C SER D 393 26.67 -23.92 57.54
N ALA D 394 26.50 -24.56 56.38
CA ALA D 394 25.65 -24.00 55.34
C ALA D 394 24.96 -25.11 54.57
N ILE D 395 23.92 -24.74 53.82
CA ILE D 395 23.20 -25.67 52.95
C ILE D 395 22.58 -24.90 51.79
N LEU D 396 22.68 -25.47 50.59
CA LEU D 396 22.11 -24.88 49.38
C LEU D 396 20.83 -25.63 49.03
N GLY D 397 19.77 -24.89 48.73
CA GLY D 397 18.53 -25.50 48.32
C GLY D 397 18.09 -25.09 46.92
N MET D 398 18.15 -26.01 45.98
CA MET D 398 17.70 -25.77 44.63
C MET D 398 16.22 -26.12 44.49
N HIS D 399 15.57 -25.55 43.49
CA HIS D 399 14.12 -25.64 43.37
C HIS D 399 13.70 -25.90 41.93
N ALA D 400 12.42 -25.71 41.63
CA ALA D 400 11.85 -26.06 40.35
C ALA D 400 12.19 -25.03 39.30
N ILE D 401 12.21 -25.47 38.04
CA ILE D 401 12.51 -24.62 36.90
C ILE D 401 11.21 -24.24 36.22
N VAL D 402 10.91 -22.95 36.15
CA VAL D 402 9.71 -22.44 35.50
C VAL D 402 10.11 -21.42 34.45
N ASP D 403 9.24 -21.24 33.47
CA ASP D 403 9.42 -20.21 32.44
C ASP D 403 8.71 -18.96 32.90
N ARG D 404 9.45 -17.88 33.08
CA ARG D 404 8.92 -16.62 33.56
C ARG D 404 9.42 -15.51 32.65
N PRO D 405 8.66 -14.43 32.49
CA PRO D 405 9.14 -13.32 31.68
C PRO D 405 10.27 -12.58 32.35
N VAL D 406 11.28 -12.25 31.55
CA VAL D 406 12.57 -11.73 32.01
C VAL D 406 12.90 -10.48 31.23
N ALA D 407 13.32 -9.42 31.91
CA ALA D 407 13.76 -8.21 31.24
C ALA D 407 15.25 -8.33 30.94
N VAL D 408 15.58 -8.66 29.70
CA VAL D 408 16.98 -8.80 29.27
C VAL D 408 17.23 -7.86 28.09
N GLY D 409 18.24 -6.99 28.24
CA GLY D 409 18.58 -6.03 27.22
C GLY D 409 17.53 -4.98 26.95
N GLY D 410 16.65 -4.71 27.91
CA GLY D 410 15.56 -3.78 27.68
C GLY D 410 14.36 -4.37 26.98
N LYS D 411 14.32 -5.69 26.78
CA LYS D 411 13.19 -6.36 26.16
C LYS D 411 12.73 -7.49 27.06
N VAL D 412 11.50 -7.94 26.85
CA VAL D 412 10.83 -8.89 27.72
C VAL D 412 10.85 -10.24 27.01
N GLU D 413 11.80 -11.10 27.39
CA GLU D 413 11.87 -12.46 26.87
C GLU D 413 11.32 -13.43 27.91
N ILE D 414 11.26 -14.70 27.53
CA ILE D 414 10.84 -15.78 28.41
C ILE D 414 11.99 -16.77 28.53
N ARG D 415 12.48 -16.96 29.76
CA ARG D 415 13.65 -17.80 29.98
C ARG D 415 13.44 -18.66 31.22
N PRO D 416 13.92 -19.91 31.20
CA PRO D 416 13.74 -20.81 32.35
C PRO D 416 14.65 -20.43 33.50
N MET D 417 14.06 -20.06 34.64
CA MET D 417 14.83 -19.59 35.78
C MET D 417 14.46 -20.35 37.04
N MET D 418 15.44 -20.43 37.95
CA MET D 418 15.34 -21.17 39.20
C MET D 418 15.62 -20.24 40.37
N TYR D 419 14.82 -20.35 41.43
CA TYR D 419 15.15 -19.70 42.70
C TYR D 419 16.03 -20.64 43.52
N VAL D 420 17.04 -20.08 44.16
CA VAL D 420 17.90 -20.84 45.05
C VAL D 420 17.92 -20.18 46.42
N ALA D 421 18.28 -20.96 47.43
CA ALA D 421 18.30 -20.49 48.80
C ALA D 421 19.57 -20.98 49.48
N LEU D 422 20.02 -20.23 50.47
CA LEU D 422 21.22 -20.57 51.23
C LEU D 422 20.97 -20.29 52.69
N THR D 423 20.91 -21.34 53.50
CA THR D 423 20.73 -21.20 54.94
C THR D 423 22.07 -21.30 55.63
N TYR D 424 22.45 -20.27 56.37
CA TYR D 424 23.80 -20.16 56.89
C TYR D 424 23.76 -19.86 58.38
N ASP D 425 24.88 -20.16 59.03
CA ASP D 425 25.07 -19.92 60.47
C ASP D 425 25.58 -18.49 60.63
N HIS D 426 24.83 -17.67 61.36
CA HIS D 426 25.21 -16.27 61.49
C HIS D 426 26.20 -16.07 62.62
N ARG D 427 26.44 -17.10 63.45
CA ARG D 427 27.51 -17.03 64.44
C ARG D 427 28.88 -16.96 63.78
N LEU D 428 29.04 -17.65 62.65
CA LEU D 428 30.32 -17.80 61.98
C LEU D 428 30.43 -17.03 60.68
N ILE D 429 29.44 -17.13 59.83
CA ILE D 429 29.46 -16.52 58.51
C ILE D 429 28.83 -15.14 58.60
N ASP D 430 29.49 -14.15 57.99
CA ASP D 430 29.01 -12.78 58.02
C ASP D 430 27.79 -12.64 57.11
N GLY D 431 27.05 -11.54 57.23
CA GLY D 431 25.89 -11.33 56.39
C GLY D 431 26.24 -10.98 54.96
N ARG D 432 27.41 -10.37 54.76
CA ARG D 432 27.87 -10.06 53.42
C ARG D 432 28.64 -11.20 52.78
N GLU D 433 29.13 -12.16 53.57
CA GLU D 433 29.87 -13.27 53.00
C GLU D 433 28.92 -14.32 52.44
N ALA D 434 27.70 -14.39 52.99
CA ALA D 434 26.72 -15.33 52.45
C ALA D 434 26.15 -14.84 51.13
N VAL D 435 26.07 -13.52 50.95
CA VAL D 435 25.57 -12.98 49.71
C VAL D 435 26.59 -13.17 48.60
N THR D 436 27.87 -12.95 48.92
CA THR D 436 28.94 -13.10 47.94
C THR D 436 29.13 -14.57 47.56
N PHE D 437 28.84 -15.48 48.49
CA PHE D 437 28.95 -16.91 48.22
C PHE D 437 27.90 -17.37 47.22
N LEU D 438 26.65 -16.98 47.43
CA LEU D 438 25.57 -17.41 46.55
C LEU D 438 25.63 -16.69 45.21
N ARG D 439 26.25 -15.51 45.19
CA ARG D 439 26.44 -14.80 43.93
C ARG D 439 27.52 -15.47 43.09
N LYS D 440 28.42 -16.20 43.73
CA LYS D 440 29.50 -16.87 43.01
C LYS D 440 29.02 -18.20 42.43
N ILE D 441 28.08 -18.87 43.09
CA ILE D 441 27.46 -20.06 42.54
C ILE D 441 26.66 -19.72 41.30
N LYS D 442 26.01 -18.54 41.30
CA LYS D 442 25.22 -18.11 40.16
C LYS D 442 26.08 -17.86 38.93
N ALA D 443 27.30 -17.34 39.12
CA ALA D 443 28.15 -17.01 37.98
C ALA D 443 28.70 -18.27 37.31
N ALA D 444 28.81 -19.37 38.06
CA ALA D 444 29.32 -20.62 37.53
C ALA D 444 28.22 -21.53 37.02
N VAL D 445 26.97 -21.09 37.05
CA VAL D 445 25.89 -21.81 36.40
C VAL D 445 25.27 -21.00 35.27
N GLU D 446 25.26 -19.67 35.37
CA GLU D 446 24.88 -18.85 34.23
C GLU D 446 25.93 -18.87 33.13
N ASP D 447 27.17 -19.20 33.45
CA ASP D 447 28.25 -19.29 32.49
C ASP D 447 29.27 -20.28 33.04
N PRO D 448 29.20 -21.55 32.63
CA PRO D 448 30.08 -22.57 33.22
C PRO D 448 31.52 -22.55 32.71
N ARG D 449 31.91 -21.56 31.91
CA ARG D 449 33.30 -21.43 31.47
C ARG D 449 34.15 -20.67 32.47
N VAL D 450 33.56 -20.18 33.57
CA VAL D 450 34.33 -19.50 34.60
C VAL D 450 35.14 -20.52 35.40
N LEU D 451 34.72 -21.78 35.38
CA LEU D 451 35.46 -22.86 36.06
C LEU D 451 36.82 -23.10 35.44
N LEU D 452 37.01 -22.74 34.17
CA LEU D 452 38.31 -22.78 33.53
C LEU D 452 39.12 -21.52 33.76
N LEU D 453 38.46 -20.39 33.97
CA LEU D 453 39.10 -19.11 34.25
C LEU D 453 39.21 -18.96 35.77
N ASP D 454 39.44 -17.76 36.30
CA ASP D 454 39.32 -17.36 37.71
C ASP D 454 38.30 -18.09 38.58
N LEU E 221 -74.93 1.82 10.94
CA LEU E 221 -75.84 2.70 11.67
C LEU E 221 -75.51 4.14 11.32
N ARG E 222 -76.53 4.89 10.92
CA ARG E 222 -76.39 6.27 10.44
C ARG E 222 -77.07 7.20 11.44
N ALA E 223 -76.29 7.76 12.35
CA ALA E 223 -76.80 8.67 13.35
C ALA E 223 -76.14 10.03 13.20
N GLU E 224 -76.93 11.09 13.27
CA GLU E 224 -76.43 12.45 13.29
C GLU E 224 -77.29 13.28 14.23
N HIS E 225 -76.67 14.20 14.94
CA HIS E 225 -77.39 14.99 15.94
C HIS E 225 -76.95 16.44 15.87
N ARG E 226 -77.92 17.34 15.96
CA ARG E 226 -77.68 18.76 15.81
C ARG E 226 -77.38 19.38 17.17
N GLU E 227 -76.13 19.74 17.43
CA GLU E 227 -75.80 20.56 18.58
C GLU E 227 -75.57 21.99 18.10
N LYS E 228 -76.06 22.96 18.87
CA LYS E 228 -76.06 24.35 18.47
C LYS E 228 -74.74 25.01 18.82
N MET E 229 -74.50 26.16 18.19
CA MET E 229 -73.35 27.00 18.49
C MET E 229 -73.83 28.29 19.14
N ASN E 230 -73.09 28.74 20.16
CA ASN E 230 -73.54 29.87 20.96
C ASN E 230 -73.30 31.18 20.22
N ARG E 231 -73.73 32.27 20.87
CA ARG E 231 -73.73 33.59 20.23
C ARG E 231 -72.32 34.17 20.17
N MET E 232 -71.40 33.63 20.98
CA MET E 232 -70.01 34.05 20.90
C MET E 232 -69.36 33.49 19.65
N ARG E 233 -69.66 32.23 19.33
CA ARG E 233 -69.10 31.60 18.13
C ARG E 233 -69.76 32.18 16.88
N GLN E 234 -70.96 32.74 17.03
CA GLN E 234 -71.61 33.48 15.94
C GLN E 234 -70.76 34.66 15.47
N ARG E 235 -70.21 35.42 16.41
CA ARG E 235 -69.49 36.64 16.04
C ARG E 235 -68.08 36.32 15.54
N ILE E 236 -67.48 35.24 16.06
CA ILE E 236 -66.13 34.86 15.62
C ILE E 236 -66.13 34.44 14.16
N ALA E 237 -67.13 33.64 13.78
CA ALA E 237 -67.30 33.28 12.38
C ALA E 237 -67.76 34.47 11.55
N GLN E 238 -68.37 35.48 12.18
CA GLN E 238 -68.78 36.66 11.44
C GLN E 238 -67.60 37.57 11.14
N ARG E 239 -66.72 37.78 12.14
CA ARG E 239 -65.54 38.61 11.94
C ARG E 239 -64.57 37.96 10.96
N LEU E 240 -64.58 36.63 10.90
CA LEU E 240 -63.64 35.90 10.06
C LEU E 240 -63.94 36.10 8.58
N LYS E 241 -65.22 36.10 8.23
CA LYS E 241 -65.61 36.31 6.84
C LYS E 241 -65.51 37.78 6.43
N GLU E 242 -65.57 38.70 7.39
CA GLU E 242 -65.38 40.10 7.07
C GLU E 242 -63.91 40.40 6.76
N ALA E 243 -62.99 39.60 7.30
CA ALA E 243 -61.58 39.81 7.01
C ALA E 243 -61.23 39.39 5.58
N GLN E 244 -61.99 38.45 5.01
CA GLN E 244 -61.72 38.05 3.63
C GLN E 244 -62.42 38.96 2.64
N ASN E 245 -63.61 39.46 2.98
CA ASN E 245 -64.37 40.29 2.07
C ASN E 245 -63.92 41.74 2.06
N THR E 246 -63.00 42.12 2.94
CA THR E 246 -62.50 43.49 2.98
C THR E 246 -61.22 43.63 2.17
N CYS E 247 -60.20 42.84 2.49
CA CYS E 247 -58.86 43.01 1.96
C CYS E 247 -58.49 41.85 1.04
N ALA E 248 -57.70 42.17 0.02
CA ALA E 248 -57.27 41.19 -0.98
C ALA E 248 -55.99 40.54 -0.50
N MET E 249 -56.12 39.35 0.08
CA MET E 249 -54.98 38.69 0.72
C MET E 249 -54.21 37.85 -0.29
N LEU E 250 -52.89 37.95 -0.24
CA LEU E 250 -51.98 37.10 -0.98
C LEU E 250 -50.97 36.55 0.01
N THR E 251 -50.13 35.62 -0.43
CA THR E 251 -49.18 34.97 0.46
C THR E 251 -47.84 34.78 -0.25
N THR E 252 -46.75 35.00 0.46
CA THR E 252 -45.42 34.78 -0.09
C THR E 252 -44.59 34.02 0.93
N PHE E 253 -43.65 33.20 0.45
CA PHE E 253 -42.89 32.28 1.29
C PHE E 253 -41.39 32.53 1.13
N ASN E 254 -40.62 32.01 2.08
CA ASN E 254 -39.17 32.08 2.06
C ASN E 254 -38.66 30.98 2.97
N GLU E 255 -37.38 31.03 3.34
CA GLU E 255 -36.79 29.94 4.10
C GLU E 255 -35.60 30.44 4.90
N ILE E 256 -35.62 30.15 6.20
CA ILE E 256 -34.64 30.70 7.14
C ILE E 256 -33.78 29.56 7.66
N ASP E 257 -32.46 29.78 7.72
CA ASP E 257 -31.52 28.83 8.30
C ASP E 257 -31.32 29.18 9.77
N MET E 258 -31.66 28.25 10.65
CA MET E 258 -31.73 28.49 12.09
C MET E 258 -30.48 28.02 12.82
N SER E 259 -29.30 28.15 12.22
CA SER E 259 -28.10 27.63 12.86
C SER E 259 -27.50 28.62 13.85
N ASN E 260 -27.54 29.92 13.53
CA ASN E 260 -26.93 30.90 14.43
C ASN E 260 -27.81 31.18 15.64
N ILE E 261 -29.07 30.78 15.61
CA ILE E 261 -29.93 30.98 16.76
C ILE E 261 -29.75 29.84 17.76
N GLN E 262 -29.52 28.62 17.27
CA GLN E 262 -29.45 27.48 18.16
C GLN E 262 -28.15 27.44 18.95
N ASP E 263 -27.04 27.86 18.35
CA ASP E 263 -25.80 27.87 19.12
C ASP E 263 -25.73 29.10 20.02
N MET E 264 -26.50 30.13 19.73
CA MET E 264 -26.71 31.20 20.70
C MET E 264 -27.46 30.66 21.91
N ARG E 265 -28.44 29.80 21.67
CA ARG E 265 -29.15 29.16 22.76
C ARG E 265 -28.38 28.00 23.35
N ALA E 266 -27.31 27.53 22.71
CA ALA E 266 -26.59 26.40 23.25
C ALA E 266 -25.60 26.80 24.32
N ARG E 267 -24.98 27.97 24.21
CA ARG E 267 -23.93 28.37 25.14
C ARG E 267 -24.40 29.44 26.11
N HIS E 268 -25.41 30.23 25.76
CA HIS E 268 -25.83 31.28 26.67
C HIS E 268 -27.09 30.95 27.44
N LYS E 269 -27.62 29.74 27.36
CA LYS E 269 -28.87 29.45 28.06
C LYS E 269 -28.66 29.28 29.56
N GLU E 270 -27.42 29.02 29.98
CA GLU E 270 -27.16 28.78 31.40
C GLU E 270 -26.92 30.08 32.14
N ALA E 271 -26.16 31.00 31.54
CA ALA E 271 -25.97 32.32 32.13
C ALA E 271 -27.22 33.19 32.02
N PHE E 272 -28.14 32.84 31.13
CA PHE E 272 -29.40 33.59 31.02
C PHE E 272 -30.34 33.21 32.15
N LEU E 273 -30.35 31.93 32.53
CA LEU E 273 -31.26 31.45 33.57
C LEU E 273 -30.78 31.89 34.94
N LYS E 274 -29.47 31.91 35.15
CA LYS E 274 -28.93 32.33 36.43
C LYS E 274 -29.14 33.81 36.67
N LYS E 275 -29.07 34.62 35.62
CA LYS E 275 -29.07 36.07 35.80
C LYS E 275 -30.47 36.67 35.66
N HIS E 276 -31.37 36.02 34.93
CA HIS E 276 -32.71 36.58 34.71
C HIS E 276 -33.84 35.70 35.22
N ASN E 277 -33.60 34.42 35.50
CA ASN E 277 -34.61 33.41 35.84
C ASN E 277 -35.69 33.34 34.75
N LEU E 278 -35.24 33.11 33.52
CA LEU E 278 -36.12 32.96 32.38
C LEU E 278 -35.55 31.89 31.46
N LYS E 279 -36.38 31.46 30.52
CA LYS E 279 -35.95 30.49 29.51
C LYS E 279 -35.67 31.21 28.20
N LEU E 280 -34.64 30.75 27.49
CA LEU E 280 -34.23 31.37 26.24
C LEU E 280 -34.82 30.58 25.08
N GLY E 281 -35.78 31.19 24.37
CA GLY E 281 -36.50 30.52 23.30
C GLY E 281 -36.28 31.13 21.93
N PHE E 282 -36.99 30.55 20.96
CA PHE E 282 -36.91 31.02 19.59
C PHE E 282 -37.76 32.26 19.37
N MET E 283 -38.83 32.41 20.14
CA MET E 283 -39.86 33.43 19.92
C MET E 283 -39.33 34.86 20.02
N SER E 284 -38.43 35.13 20.96
CA SER E 284 -37.91 36.47 21.12
C SER E 284 -36.99 36.91 19.99
N ALA E 285 -36.46 35.98 19.20
CA ALA E 285 -35.66 36.34 18.05
C ALA E 285 -36.51 36.79 16.88
N PHE E 286 -37.74 36.30 16.79
CA PHE E 286 -38.64 36.68 15.72
C PHE E 286 -39.39 37.97 16.03
N VAL E 287 -39.61 38.26 17.31
CA VAL E 287 -40.30 39.49 17.67
C VAL E 287 -39.38 40.69 17.51
N LYS E 288 -38.12 40.54 17.90
CA LYS E 288 -37.17 41.64 17.77
C LYS E 288 -36.78 41.88 16.31
N ALA E 289 -36.71 40.84 15.50
CA ALA E 289 -36.45 41.02 14.08
C ALA E 289 -37.64 41.58 13.34
N SER E 290 -38.85 41.42 13.89
CA SER E 290 -40.03 41.97 13.23
C SER E 290 -40.16 43.46 13.48
N ALA E 291 -39.77 43.93 14.66
CA ALA E 291 -39.78 45.36 14.93
C ALA E 291 -38.69 46.08 14.16
N PHE E 292 -37.63 45.36 13.79
CA PHE E 292 -36.58 45.95 12.99
C PHE E 292 -37.04 46.18 11.55
N ALA E 293 -37.80 45.24 11.00
CA ALA E 293 -38.22 45.37 9.61
C ALA E 293 -39.36 46.35 9.46
N LEU E 294 -40.19 46.51 10.49
CA LEU E 294 -41.35 47.40 10.39
C LEU E 294 -40.95 48.86 10.48
N GLN E 295 -39.88 49.16 11.22
CA GLN E 295 -39.47 50.56 11.34
C GLN E 295 -38.67 51.02 10.14
N GLU E 296 -38.33 50.10 9.23
CA GLU E 296 -37.64 50.48 8.01
C GLU E 296 -38.64 50.75 6.88
N GLN E 297 -39.66 49.90 6.76
CA GLN E 297 -40.74 50.11 5.81
C GLN E 297 -42.02 50.42 6.57
N PRO E 298 -42.40 51.68 6.73
CA PRO E 298 -43.62 52.01 7.47
C PRO E 298 -44.92 51.71 6.75
N VAL E 299 -44.89 51.29 5.49
CA VAL E 299 -46.13 51.06 4.76
C VAL E 299 -46.79 49.76 5.20
N VAL E 300 -46.00 48.83 5.74
CA VAL E 300 -46.57 47.60 6.28
C VAL E 300 -47.24 47.89 7.61
N ASN E 301 -46.80 48.96 8.27
CA ASN E 301 -47.38 49.35 9.56
C ASN E 301 -48.73 50.04 9.38
N ALA E 302 -49.00 50.52 8.17
CA ALA E 302 -50.21 51.28 7.85
C ALA E 302 -51.48 50.45 7.87
N VAL E 303 -52.64 51.11 7.94
CA VAL E 303 -53.96 50.48 7.88
C VAL E 303 -54.87 51.36 7.04
N ILE E 304 -55.60 50.74 6.10
CA ILE E 304 -56.64 51.43 5.34
C ILE E 304 -57.94 51.35 6.11
N ASP E 305 -58.47 52.50 6.53
CA ASP E 305 -59.82 52.60 7.07
C ASP E 305 -60.77 53.00 5.94
N ASP E 306 -61.74 52.14 5.66
CA ASP E 306 -62.72 52.40 4.61
C ASP E 306 -63.89 53.26 5.06
N THR E 307 -63.83 53.83 6.26
CA THR E 307 -64.86 54.77 6.68
C THR E 307 -64.73 56.09 5.93
N THR E 308 -63.58 56.73 6.02
CA THR E 308 -63.30 57.93 5.25
C THR E 308 -62.37 57.68 4.07
N LYS E 309 -62.12 56.41 3.72
CA LYS E 309 -61.18 55.98 2.68
C LYS E 309 -59.78 56.54 2.95
N GLU E 310 -59.25 56.27 4.14
CA GLU E 310 -58.06 56.92 4.64
C GLU E 310 -56.94 55.89 4.81
N VAL E 311 -55.70 56.38 4.83
CA VAL E 311 -54.53 55.53 5.05
C VAL E 311 -53.90 55.99 6.36
N VAL E 312 -54.01 55.16 7.40
CA VAL E 312 -53.62 55.54 8.75
C VAL E 312 -52.22 55.01 9.01
N TYR E 313 -51.22 55.90 8.97
CA TYR E 313 -49.89 55.53 9.39
C TYR E 313 -49.84 55.46 10.91
N ARG E 314 -48.83 54.75 11.42
CA ARG E 314 -48.58 54.71 12.85
C ARG E 314 -47.08 54.88 13.08
N ASP E 315 -46.72 55.37 14.25
CA ASP E 315 -45.33 55.55 14.63
C ASP E 315 -44.92 54.64 15.78
N TYR E 316 -45.83 53.84 16.31
CA TYR E 316 -45.54 52.86 17.34
C TYR E 316 -45.70 51.46 16.78
N ILE E 317 -45.03 50.50 17.42
CA ILE E 317 -45.02 49.11 16.98
C ILE E 317 -45.53 48.24 18.11
N ASP E 318 -46.67 47.59 17.91
CA ASP E 318 -47.26 46.69 18.90
C ASP E 318 -47.50 45.34 18.23
N ILE E 319 -46.64 44.37 18.53
CA ILE E 319 -46.70 43.06 17.90
C ILE E 319 -47.57 42.15 18.75
N SER E 320 -48.61 41.60 18.14
CA SER E 320 -49.47 40.63 18.81
C SER E 320 -48.88 39.23 18.66
N VAL E 321 -48.90 38.47 19.74
CA VAL E 321 -48.28 37.15 19.77
C VAL E 321 -49.37 36.13 20.12
N ALA E 322 -49.67 35.25 19.19
CA ALA E 322 -50.64 34.18 19.41
C ALA E 322 -49.95 33.07 20.18
N VAL E 323 -50.33 32.89 21.44
CA VAL E 323 -49.75 31.84 22.29
C VAL E 323 -50.87 30.85 22.65
N ALA E 324 -50.86 29.70 21.98
CA ALA E 324 -51.89 28.68 22.13
C ALA E 324 -51.67 27.95 23.45
N THR E 325 -52.55 28.21 24.41
CA THR E 325 -52.48 27.56 25.71
C THR E 325 -53.40 26.33 25.67
N PRO E 326 -53.54 25.60 26.80
CA PRO E 326 -54.48 24.47 26.77
C PRO E 326 -55.92 24.88 26.48
N ARG E 327 -56.36 26.01 27.02
CA ARG E 327 -57.73 26.46 26.82
C ARG E 327 -58.05 26.71 25.33
N GLY E 328 -57.12 27.32 24.61
CA GLY E 328 -57.34 27.61 23.21
C GLY E 328 -56.40 28.70 22.71
N LEU E 329 -56.78 29.40 21.65
CA LEU E 329 -55.94 30.49 21.17
C LEU E 329 -56.26 31.79 21.90
N VAL E 330 -55.21 32.52 22.27
CA VAL E 330 -55.31 33.89 22.76
C VAL E 330 -54.25 34.72 22.07
N VAL E 331 -54.59 35.99 21.83
CA VAL E 331 -53.68 36.89 21.10
C VAL E 331 -53.38 38.17 21.87
N PRO E 332 -52.56 38.13 22.92
CA PRO E 332 -52.23 39.37 23.62
C PRO E 332 -51.21 40.19 22.84
N VAL E 333 -51.01 41.42 23.30
CA VAL E 333 -50.22 42.41 22.59
C VAL E 333 -49.01 42.78 23.43
N ILE E 334 -47.84 42.81 22.79
CA ILE E 334 -46.62 43.35 23.38
C ILE E 334 -46.51 44.80 22.96
N ARG E 335 -46.42 45.70 23.93
CA ARG E 335 -46.48 47.13 23.67
C ARG E 335 -45.08 47.72 23.56
N ASN E 336 -44.88 48.57 22.53
CA ASN E 336 -43.69 49.41 22.34
C ASN E 336 -42.41 48.56 22.23
N VAL E 337 -42.35 47.81 21.13
CA VAL E 337 -41.27 46.84 20.93
C VAL E 337 -39.98 47.51 20.46
N GLU E 338 -40.01 48.79 20.13
CA GLU E 338 -38.87 49.48 19.52
C GLU E 338 -37.68 49.61 20.45
N THR E 339 -37.90 49.71 21.76
CA THR E 339 -36.83 50.00 22.71
C THR E 339 -36.33 48.77 23.45
N MET E 340 -36.91 47.60 23.21
CA MET E 340 -36.61 46.44 24.02
C MET E 340 -35.39 45.68 23.49
N ASN E 341 -34.97 44.69 24.27
CA ASN E 341 -33.98 43.72 23.87
C ASN E 341 -34.57 42.32 24.08
N TYR E 342 -33.73 41.29 23.98
CA TYR E 342 -34.23 39.94 24.19
C TYR E 342 -34.65 39.70 25.64
N ALA E 343 -34.04 40.42 26.58
CA ALA E 343 -34.39 40.22 27.98
C ALA E 343 -35.74 40.83 28.32
N ASP E 344 -36.10 41.94 27.66
CA ASP E 344 -37.36 42.60 27.96
C ASP E 344 -38.53 41.85 27.35
N ILE E 345 -38.35 41.31 26.16
CA ILE E 345 -39.38 40.56 25.45
C ILE E 345 -39.68 39.27 26.19
N GLU E 346 -38.64 38.63 26.74
CA GLU E 346 -38.83 37.36 27.44
C GLU E 346 -39.56 37.54 28.75
N ARG E 347 -39.40 38.69 29.41
CA ARG E 347 -40.19 38.97 30.60
C ARG E 347 -41.65 39.15 30.25
N THR E 348 -41.92 39.84 29.13
CA THR E 348 -43.29 40.20 28.78
C THR E 348 -44.08 38.96 28.37
N ILE E 349 -43.45 38.03 27.67
CA ILE E 349 -44.17 36.84 27.20
C ILE E 349 -44.41 35.88 28.37
N SER E 350 -43.45 35.79 29.30
CA SER E 350 -43.51 34.76 30.34
C SER E 350 -44.58 35.07 31.37
N GLU E 351 -44.63 36.30 31.87
CA GLU E 351 -45.59 36.63 32.92
C GLU E 351 -47.00 36.79 32.36
N LEU E 352 -47.11 37.25 31.12
CA LEU E 352 -48.42 37.34 30.49
C LEU E 352 -48.89 35.97 29.99
N GLY E 353 -47.96 35.05 29.76
CA GLY E 353 -48.35 33.68 29.50
C GLY E 353 -48.99 33.02 30.70
N GLU E 354 -48.56 33.41 31.90
CA GLU E 354 -49.14 32.87 33.12
C GLU E 354 -50.51 33.47 33.41
N LYS E 355 -50.76 34.69 32.91
CA LYS E 355 -52.04 35.34 33.15
C LYS E 355 -53.16 34.65 32.38
N ALA E 356 -52.94 34.43 31.08
CA ALA E 356 -53.96 33.81 30.26
C ALA E 356 -54.11 32.33 30.55
N ARG E 357 -53.12 31.73 31.21
CA ARG E 357 -53.21 30.31 31.53
C ARG E 357 -54.22 30.05 32.64
N LYS E 358 -54.23 30.91 33.66
CA LYS E 358 -55.18 30.78 34.76
C LYS E 358 -56.39 31.70 34.59
N ASN E 359 -56.55 32.28 33.39
CA ASN E 359 -57.71 33.07 32.97
C ASN E 359 -57.91 34.31 33.85
N GLU E 360 -56.91 35.20 33.84
CA GLU E 360 -57.05 36.54 34.39
C GLU E 360 -56.70 37.58 33.33
N LEU E 361 -56.79 37.19 32.07
CA LEU E 361 -56.28 38.00 30.98
C LEU E 361 -57.36 38.99 30.55
N ALA E 362 -57.04 40.28 30.65
CA ALA E 362 -58.05 41.31 30.44
C ALA E 362 -58.37 41.49 28.97
N ILE E 363 -59.43 42.26 28.71
CA ILE E 363 -59.84 42.53 27.33
C ILE E 363 -59.07 43.73 26.78
N GLU E 364 -58.72 44.67 27.64
CA GLU E 364 -58.19 45.97 27.21
C GLU E 364 -56.78 45.83 26.60
N ASP E 365 -56.07 44.77 26.93
CA ASP E 365 -54.77 44.49 26.36
C ASP E 365 -54.79 43.36 25.34
N MET E 366 -55.85 43.27 24.53
CA MET E 366 -55.90 42.31 23.44
C MET E 366 -56.13 42.98 22.09
N ASP E 367 -56.23 44.31 22.06
CA ASP E 367 -56.56 45.02 20.85
C ASP E 367 -55.56 46.14 20.60
N GLY E 368 -55.51 46.59 19.35
CA GLY E 368 -54.62 47.65 18.94
C GLY E 368 -53.30 47.19 18.38
N GLY E 369 -53.14 45.89 18.13
CA GLY E 369 -51.91 45.40 17.54
C GLY E 369 -51.75 45.85 16.10
N THR E 370 -50.50 45.92 15.66
CA THR E 370 -50.19 46.39 14.31
C THR E 370 -49.56 45.31 13.45
N PHE E 371 -49.17 44.18 14.05
CA PHE E 371 -48.50 43.10 13.34
C PHE E 371 -48.65 41.86 14.22
N THR E 372 -48.59 40.68 13.61
CA THR E 372 -48.94 39.47 14.33
C THR E 372 -48.00 38.34 13.97
N ILE E 373 -47.40 37.71 14.98
CA ILE E 373 -46.67 36.47 14.81
C ILE E 373 -47.61 35.33 15.14
N SER E 374 -47.55 34.25 14.36
CA SER E 374 -48.41 33.08 14.56
C SER E 374 -47.54 31.83 14.63
N ASN E 375 -47.31 31.33 15.84
CA ASN E 375 -46.57 30.10 16.03
C ASN E 375 -47.54 28.94 15.89
N GLY E 376 -47.64 28.42 14.67
CA GLY E 376 -48.32 27.16 14.44
C GLY E 376 -47.30 26.05 14.24
N GLY E 377 -46.08 26.30 14.69
CA GLY E 377 -44.98 25.39 14.43
C GLY E 377 -44.63 24.51 15.62
N VAL E 378 -45.42 24.59 16.68
CA VAL E 378 -45.20 23.74 17.84
C VAL E 378 -45.94 22.41 17.67
N PHE E 379 -46.59 22.24 16.53
CA PHE E 379 -47.28 21.00 16.20
C PHE E 379 -46.68 20.26 15.03
N GLY E 380 -45.89 20.92 14.19
CA GLY E 380 -45.20 20.23 13.14
C GLY E 380 -45.75 20.38 11.74
N SER E 381 -46.33 21.54 11.44
CA SER E 381 -46.72 21.80 10.06
C SER E 381 -45.50 22.21 9.25
N LEU E 382 -45.50 21.82 7.97
CA LEU E 382 -44.38 22.17 7.11
C LEU E 382 -44.45 23.64 6.71
N PHE E 383 -45.51 24.02 6.00
CA PHE E 383 -45.83 25.41 5.73
C PHE E 383 -47.32 25.52 5.46
N GLY E 384 -47.83 26.74 5.47
CA GLY E 384 -49.25 26.94 5.30
C GLY E 384 -49.57 28.42 5.22
N THR E 385 -50.87 28.71 5.03
CA THR E 385 -51.33 30.08 4.83
C THR E 385 -52.06 30.57 6.06
N PRO E 386 -51.62 31.66 6.70
CA PRO E 386 -52.36 32.21 7.84
C PRO E 386 -53.45 33.18 7.40
N ILE E 387 -54.14 33.73 8.40
CA ILE E 387 -55.30 34.61 8.19
C ILE E 387 -55.05 35.93 8.92
N ILE E 388 -55.39 37.05 8.27
CA ILE E 388 -55.07 38.35 8.82
C ILE E 388 -56.03 38.73 9.95
N ASN E 389 -55.47 39.09 11.10
CA ASN E 389 -56.21 39.77 12.16
C ASN E 389 -56.73 41.11 11.63
N PRO E 390 -58.06 41.27 11.55
CA PRO E 390 -58.66 42.29 10.63
C PRO E 390 -58.34 43.76 10.92
N PRO E 391 -57.97 44.21 12.11
CA PRO E 391 -57.45 45.59 12.19
C PRO E 391 -56.00 45.78 11.77
N GLN E 392 -55.38 44.83 11.08
CA GLN E 392 -53.98 44.90 10.71
C GLN E 392 -53.84 44.73 9.20
N SER E 393 -52.61 44.76 8.72
CA SER E 393 -52.39 44.68 7.28
C SER E 393 -51.50 43.50 6.89
N ALA E 394 -50.79 42.91 7.85
CA ALA E 394 -49.91 41.80 7.54
C ALA E 394 -49.86 40.83 8.73
N ILE E 395 -49.37 39.62 8.47
CA ILE E 395 -49.17 38.61 9.51
C ILE E 395 -48.04 37.68 9.10
N LEU E 396 -47.18 37.34 10.04
CA LEU E 396 -46.06 36.42 9.82
C LEU E 396 -46.42 35.06 10.43
N GLY E 397 -46.20 34.00 9.67
CA GLY E 397 -46.43 32.67 10.17
C GLY E 397 -45.18 31.80 10.19
N MET E 398 -44.69 31.50 11.38
CA MET E 398 -43.54 30.63 11.53
C MET E 398 -44.01 29.17 11.66
N HIS E 399 -43.09 28.25 11.37
CA HIS E 399 -43.45 26.84 11.25
C HIS E 399 -42.41 25.95 11.91
N ALA E 400 -42.46 24.65 11.63
CA ALA E 400 -41.64 23.67 12.32
C ALA E 400 -40.22 23.68 11.77
N ILE E 401 -39.28 23.25 12.60
CA ILE E 401 -37.87 23.19 12.25
C ILE E 401 -37.52 21.74 11.92
N VAL E 402 -37.06 21.51 10.70
CA VAL E 402 -36.65 20.19 10.26
C VAL E 402 -35.23 20.25 9.73
N ASP E 403 -34.56 19.11 9.76
CA ASP E 403 -33.22 18.98 9.18
C ASP E 403 -33.36 18.51 7.75
N ARG E 404 -32.90 19.33 6.81
CA ARG E 404 -33.00 19.04 5.39
C ARG E 404 -31.63 19.25 4.76
N PRO E 405 -31.31 18.52 3.70
CA PRO E 405 -30.04 18.74 3.02
C PRO E 405 -30.01 20.08 2.29
N VAL E 406 -28.89 20.77 2.43
CA VAL E 406 -28.72 22.16 2.00
C VAL E 406 -27.46 22.26 1.16
N ALA E 407 -27.53 22.92 0.01
CA ALA E 407 -26.35 23.18 -0.80
C ALA E 407 -25.69 24.46 -0.34
N VAL E 408 -24.63 24.35 0.45
CA VAL E 408 -23.90 25.51 0.95
C VAL E 408 -22.43 25.39 0.52
N GLY E 409 -21.94 26.42 -0.17
CA GLY E 409 -20.58 26.44 -0.66
C GLY E 409 -20.26 25.41 -1.71
N GLY E 410 -21.27 24.92 -2.42
CA GLY E 410 -21.04 23.86 -3.39
C GLY E 410 -21.01 22.46 -2.80
N LYS E 411 -21.33 22.31 -1.53
CA LYS E 411 -21.37 21.01 -0.88
C LYS E 411 -22.73 20.82 -0.21
N VAL E 412 -23.07 19.57 0.07
CA VAL E 412 -24.39 19.21 0.54
C VAL E 412 -24.27 18.91 2.04
N GLU E 413 -24.64 19.90 2.86
CA GLU E 413 -24.69 19.73 4.30
C GLU E 413 -26.13 19.52 4.76
N ILE E 414 -26.29 19.29 6.06
CA ILE E 414 -27.59 19.14 6.69
C ILE E 414 -27.73 20.23 7.74
N ARG E 415 -28.72 21.09 7.59
CA ARG E 415 -28.90 22.23 8.49
C ARG E 415 -30.36 22.42 8.82
N PRO E 416 -30.68 22.79 10.07
CA PRO E 416 -32.08 22.97 10.47
C PRO E 416 -32.68 24.24 9.89
N MET E 417 -33.72 24.08 9.06
CA MET E 417 -34.30 25.21 8.36
C MET E 417 -35.81 25.27 8.58
N MET E 418 -36.35 26.48 8.49
CA MET E 418 -37.75 26.78 8.75
C MET E 418 -38.35 27.48 7.53
N TYR E 419 -39.56 27.08 7.13
CA TYR E 419 -40.33 27.84 6.17
C TYR E 419 -41.13 28.90 6.89
N VAL E 420 -41.19 30.10 6.32
CA VAL E 420 -42.00 31.17 6.87
C VAL E 420 -42.94 31.68 5.79
N ALA E 421 -44.01 32.32 6.22
CA ALA E 421 -45.04 32.83 5.33
C ALA E 421 -45.45 34.23 5.76
N LEU E 422 -45.89 35.02 4.80
CA LEU E 422 -46.33 36.39 5.06
C LEU E 422 -47.59 36.66 4.25
N THR E 423 -48.71 36.83 4.94
CA THR E 423 -49.97 37.14 4.29
C THR E 423 -50.21 38.64 4.37
N TYR E 424 -50.36 39.28 3.22
CA TYR E 424 -50.38 40.73 3.18
C TYR E 424 -51.59 41.22 2.39
N ASP E 425 -51.94 42.48 2.62
CA ASP E 425 -53.05 43.14 1.94
C ASP E 425 -52.51 43.75 0.65
N HIS E 426 -53.07 43.32 -0.48
CA HIS E 426 -52.54 43.78 -1.76
C HIS E 426 -53.17 45.11 -2.18
N ARG E 427 -54.20 45.57 -1.46
CA ARG E 427 -54.73 46.91 -1.69
C ARG E 427 -53.71 47.97 -1.30
N LEU E 428 -52.93 47.72 -0.26
CA LEU E 428 -52.03 48.69 0.33
C LEU E 428 -50.57 48.38 0.06
N ILE E 429 -50.14 47.15 0.29
CA ILE E 429 -48.75 46.77 0.17
C ILE E 429 -48.50 46.26 -1.23
N ASP E 430 -47.40 46.72 -1.84
CA ASP E 430 -47.05 46.33 -3.19
C ASP E 430 -46.56 44.89 -3.20
N GLY E 431 -46.47 44.29 -4.39
CA GLY E 431 -46.01 42.93 -4.50
C GLY E 431 -44.52 42.79 -4.26
N ARG E 432 -43.76 43.84 -4.57
CA ARG E 432 -42.33 43.84 -4.33
C ARG E 432 -41.97 44.29 -2.93
N GLU E 433 -42.88 44.98 -2.23
CA GLU E 433 -42.58 45.42 -0.88
C GLU E 433 -42.76 44.30 0.12
N ALA E 434 -43.62 43.34 -0.19
CA ALA E 434 -43.80 42.20 0.70
C ALA E 434 -42.63 41.25 0.60
N VAL E 435 -42.01 41.15 -0.58
CA VAL E 435 -40.85 40.29 -0.74
C VAL E 435 -39.65 40.87 -0.01
N THR E 436 -39.47 42.19 -0.11
CA THR E 436 -38.34 42.86 0.54
C THR E 436 -38.51 42.84 2.06
N PHE E 437 -39.75 42.85 2.53
CA PHE E 437 -40.02 42.81 3.96
C PHE E 437 -39.62 41.46 4.56
N LEU E 438 -40.04 40.37 3.92
CA LEU E 438 -39.75 39.04 4.44
C LEU E 438 -38.29 38.68 4.24
N ARG E 439 -37.63 39.30 3.26
CA ARG E 439 -36.21 39.08 3.07
C ARG E 439 -35.40 39.78 4.14
N LYS E 440 -35.98 40.82 4.75
CA LYS E 440 -35.27 41.56 5.80
C LYS E 440 -35.39 40.86 7.15
N ILE E 441 -36.51 40.18 7.37
CA ILE E 441 -36.67 39.35 8.58
C ILE E 441 -35.69 38.19 8.53
N LYS E 442 -35.44 37.64 7.35
CA LYS E 442 -34.50 36.53 7.20
C LYS E 442 -33.08 36.94 7.54
N ALA E 443 -32.68 38.16 7.19
CA ALA E 443 -31.31 38.60 7.42
C ALA E 443 -31.03 38.83 8.90
N ALA E 444 -32.07 39.14 9.68
CA ALA E 444 -31.92 39.39 11.09
C ALA E 444 -32.15 38.15 11.94
N VAL E 445 -32.38 36.99 11.32
CA VAL E 445 -32.40 35.72 12.03
C VAL E 445 -31.28 34.80 11.56
N GLU E 446 -30.87 34.87 10.29
CA GLU E 446 -29.68 34.17 9.86
C GLU E 446 -28.40 34.79 10.42
N ASP E 447 -28.44 36.05 10.82
CA ASP E 447 -27.32 36.75 11.41
C ASP E 447 -27.87 37.84 12.32
N PRO E 448 -28.01 37.59 13.62
CA PRO E 448 -28.64 38.57 14.50
C PRO E 448 -27.77 39.75 14.89
N ARG E 449 -26.58 39.88 14.31
CA ARG E 449 -25.73 41.05 14.57
C ARG E 449 -26.07 42.22 13.67
N VAL E 450 -27.02 42.06 12.75
CA VAL E 450 -27.45 43.16 11.89
C VAL E 450 -28.28 44.15 12.69
N LEU E 451 -28.88 43.71 13.80
CA LEU E 451 -29.65 44.57 14.68
C LEU E 451 -28.79 45.63 15.35
N LEU E 452 -27.49 45.40 15.47
CA LEU E 452 -26.55 46.40 15.95
C LEU E 452 -26.04 47.29 14.83
N LEU E 453 -26.00 46.80 13.61
CA LEU E 453 -25.58 47.54 12.44
C LEU E 453 -26.81 48.18 11.79
N ASP E 454 -26.75 48.61 10.53
CA ASP E 454 -27.89 49.00 9.68
C ASP E 454 -29.23 48.30 9.88
N LEU F 221 17.84 39.73 -62.00
CA LEU F 221 17.99 39.42 -63.41
C LEU F 221 16.76 38.62 -63.87
N ARG F 222 16.13 39.06 -64.95
CA ARG F 222 14.89 38.50 -65.45
C ARG F 222 15.16 37.86 -66.81
N ALA F 223 15.41 36.56 -66.81
CA ALA F 223 15.69 35.81 -68.03
C ALA F 223 14.62 34.75 -68.22
N GLU F 224 14.13 34.62 -69.45
CA GLU F 224 13.22 33.56 -69.83
C GLU F 224 13.55 33.13 -71.25
N HIS F 225 13.43 31.83 -71.51
CA HIS F 225 13.81 31.31 -72.82
C HIS F 225 12.78 30.27 -73.26
N ARG F 226 12.43 30.33 -74.54
CA ARG F 226 11.39 29.49 -75.11
C ARG F 226 12.01 28.21 -75.66
N GLU F 227 11.80 27.09 -74.98
CA GLU F 227 12.12 25.78 -75.53
C GLU F 227 10.84 25.14 -76.01
N LYS F 228 10.90 24.48 -77.16
CA LYS F 228 9.71 23.95 -77.81
C LYS F 228 9.39 22.57 -77.28
N MET F 229 8.15 22.14 -77.54
CA MET F 229 7.69 20.79 -77.22
C MET F 229 7.46 20.02 -78.51
N ASN F 230 7.86 18.75 -78.53
CA ASN F 230 7.83 17.97 -79.74
C ASN F 230 6.40 17.51 -80.06
N ARG F 231 6.28 16.82 -81.21
CA ARG F 231 4.97 16.47 -81.74
C ARG F 231 4.36 15.30 -80.97
N MET F 232 5.18 14.57 -80.21
CA MET F 232 4.68 13.51 -79.36
C MET F 232 3.97 14.11 -78.15
N ARG F 233 4.56 15.16 -77.57
CA ARG F 233 3.95 15.83 -76.42
C ARG F 233 2.71 16.62 -76.85
N GLN F 234 2.65 16.99 -78.14
CA GLN F 234 1.45 17.59 -78.70
C GLN F 234 0.23 16.68 -78.57
N ARG F 235 0.40 15.39 -78.85
CA ARG F 235 -0.75 14.49 -78.88
C ARG F 235 -1.14 14.06 -77.46
N ILE F 236 -0.16 13.98 -76.56
CA ILE F 236 -0.43 13.59 -75.17
C ILE F 236 -1.29 14.64 -74.48
N ALA F 237 -0.94 15.92 -74.68
CA ALA F 237 -1.77 17.00 -74.17
C ALA F 237 -3.09 17.09 -74.93
N GLN F 238 -3.15 16.58 -76.15
CA GLN F 238 -4.40 16.60 -76.90
C GLN F 238 -5.36 15.53 -76.41
N ARG F 239 -4.85 14.32 -76.17
CA ARG F 239 -5.69 13.24 -75.66
C ARG F 239 -6.17 13.52 -74.24
N LEU F 240 -5.39 14.30 -73.49
CA LEU F 240 -5.71 14.57 -72.09
C LEU F 240 -6.93 15.47 -71.97
N LYS F 241 -7.02 16.47 -72.84
CA LYS F 241 -8.16 17.38 -72.82
C LYS F 241 -9.40 16.75 -73.44
N GLU F 242 -9.23 15.75 -74.30
CA GLU F 242 -10.39 15.03 -74.84
C GLU F 242 -11.01 14.13 -73.79
N ALA F 243 -10.23 13.69 -72.81
CA ALA F 243 -10.79 12.86 -71.74
C ALA F 243 -11.66 13.67 -70.80
N GLN F 244 -11.41 14.98 -70.67
CA GLN F 244 -12.25 15.79 -69.82
C GLN F 244 -13.49 16.29 -70.55
N ASN F 245 -13.37 16.56 -71.84
CA ASN F 245 -14.48 17.10 -72.61
C ASN F 245 -15.46 16.03 -73.06
N THR F 246 -15.15 14.76 -72.84
CA THR F 246 -16.05 13.67 -73.24
C THR F 246 -16.94 13.24 -72.08
N CYS F 247 -16.33 12.86 -70.96
CA CYS F 247 -17.04 12.23 -69.86
C CYS F 247 -17.08 13.14 -68.64
N ALA F 248 -18.18 13.05 -67.89
CA ALA F 248 -18.39 13.87 -66.70
C ALA F 248 -17.79 13.16 -65.49
N MET F 249 -16.58 13.56 -65.12
CA MET F 249 -15.85 12.85 -64.08
C MET F 249 -16.20 13.39 -62.70
N LEU F 250 -16.42 12.48 -61.75
CA LEU F 250 -16.57 12.80 -60.35
C LEU F 250 -15.61 11.92 -59.58
N THR F 251 -15.50 12.14 -58.27
CA THR F 251 -14.54 11.41 -57.47
C THR F 251 -15.15 11.08 -56.11
N THR F 252 -14.89 9.88 -55.61
CA THR F 252 -15.38 9.47 -54.29
C THR F 252 -14.23 8.80 -53.55
N PHE F 253 -14.21 8.92 -52.22
CA PHE F 253 -13.11 8.48 -51.39
C PHE F 253 -13.60 7.50 -50.33
N ASN F 254 -12.66 6.77 -49.74
CA ASN F 254 -12.92 5.83 -48.66
C ASN F 254 -11.59 5.61 -47.95
N GLU F 255 -11.52 4.58 -47.10
CA GLU F 255 -10.34 4.38 -46.27
C GLU F 255 -10.21 2.91 -45.90
N ILE F 256 -9.03 2.35 -46.16
CA ILE F 256 -8.78 0.92 -46.01
C ILE F 256 -7.79 0.71 -44.87
N ASP F 257 -8.07 -0.26 -44.00
CA ASP F 257 -7.17 -0.66 -42.93
C ASP F 257 -6.29 -1.79 -43.43
N MET F 258 -4.98 -1.56 -43.45
CA MET F 258 -4.02 -2.46 -44.09
C MET F 258 -3.34 -3.39 -43.10
N SER F 259 -4.05 -3.86 -42.08
CA SER F 259 -3.40 -4.68 -41.06
C SER F 259 -3.34 -6.14 -41.46
N ASN F 260 -4.39 -6.66 -42.11
CA ASN F 260 -4.40 -8.07 -42.48
C ASN F 260 -3.52 -8.35 -43.70
N ILE F 261 -3.12 -7.32 -44.42
CA ILE F 261 -2.23 -7.54 -45.55
C ILE F 261 -0.79 -7.59 -45.10
N GLN F 262 -0.44 -6.79 -44.09
CA GLN F 262 0.97 -6.71 -43.68
C GLN F 262 1.41 -7.94 -42.91
N ASP F 263 0.52 -8.53 -42.09
CA ASP F 263 0.94 -9.74 -41.39
C ASP F 263 0.86 -10.97 -42.30
N MET F 264 0.08 -10.87 -43.38
CA MET F 264 0.20 -11.87 -44.44
C MET F 264 1.56 -11.79 -45.10
N ARG F 265 2.06 -10.57 -45.29
CA ARG F 265 3.39 -10.39 -45.82
C ARG F 265 4.47 -10.57 -44.76
N ALA F 266 4.11 -10.61 -43.49
CA ALA F 266 5.14 -10.75 -42.46
C ALA F 266 5.56 -12.19 -42.26
N ARG F 267 4.66 -13.15 -42.42
CA ARG F 267 4.99 -14.55 -42.12
C ARG F 267 5.13 -15.38 -43.38
N HIS F 268 4.51 -14.99 -44.49
CA HIS F 268 4.61 -15.81 -45.68
C HIS F 268 5.58 -15.26 -46.72
N LYS F 269 6.36 -14.23 -46.41
CA LYS F 269 7.25 -13.67 -47.43
C LYS F 269 8.48 -14.55 -47.63
N GLU F 270 8.79 -15.42 -46.68
CA GLU F 270 9.99 -16.24 -46.79
C GLU F 270 9.71 -17.52 -47.57
N ALA F 271 8.57 -18.15 -47.31
CA ALA F 271 8.17 -19.32 -48.08
C ALA F 271 7.72 -18.96 -49.49
N PHE F 272 7.39 -17.69 -49.73
CA PHE F 272 7.02 -17.26 -51.07
C PHE F 272 8.25 -17.10 -51.95
N LEU F 273 9.34 -16.60 -51.36
CA LEU F 273 10.57 -16.35 -52.11
C LEU F 273 11.29 -17.66 -52.42
N LYS F 274 11.24 -18.60 -51.49
CA LYS F 274 11.89 -19.89 -51.70
C LYS F 274 11.18 -20.70 -52.77
N LYS F 275 9.86 -20.60 -52.84
CA LYS F 275 9.10 -21.48 -53.71
C LYS F 275 8.81 -20.87 -55.07
N HIS F 276 8.78 -19.54 -55.18
CA HIS F 276 8.45 -18.88 -56.44
C HIS F 276 9.54 -17.99 -56.99
N ASN F 277 10.54 -17.60 -56.17
CA ASN F 277 11.56 -16.60 -56.49
C ASN F 277 10.92 -15.28 -56.94
N LEU F 278 10.06 -14.75 -56.08
CA LEU F 278 9.39 -13.48 -56.31
C LEU F 278 9.27 -12.74 -55.00
N LYS F 279 8.94 -11.45 -55.09
CA LYS F 279 8.72 -10.64 -53.91
C LYS F 279 7.22 -10.46 -53.67
N LEU F 280 6.82 -10.47 -52.41
CA LEU F 280 5.41 -10.36 -52.05
C LEU F 280 5.09 -8.91 -51.71
N GLY F 281 4.30 -8.25 -52.55
CA GLY F 281 4.02 -6.84 -52.40
C GLY F 281 2.54 -6.55 -52.14
N PHE F 282 2.25 -5.25 -52.06
CA PHE F 282 0.89 -4.78 -51.83
C PHE F 282 0.08 -4.80 -53.11
N MET F 283 0.72 -4.65 -54.26
CA MET F 283 0.06 -4.44 -55.54
C MET F 283 -0.83 -5.60 -55.97
N SER F 284 -0.40 -6.84 -55.72
CA SER F 284 -1.20 -7.99 -56.12
C SER F 284 -2.46 -8.17 -55.31
N ALA F 285 -2.56 -7.55 -54.13
CA ALA F 285 -3.79 -7.61 -53.36
C ALA F 285 -4.85 -6.67 -53.90
N PHE F 286 -4.43 -5.58 -54.54
CA PHE F 286 -5.36 -4.63 -55.11
C PHE F 286 -5.83 -5.03 -56.50
N VAL F 287 -5.00 -5.77 -57.24
CA VAL F 287 -5.39 -6.21 -58.57
C VAL F 287 -6.39 -7.36 -58.48
N LYS F 288 -6.18 -8.29 -57.55
CA LYS F 288 -7.10 -9.40 -57.39
C LYS F 288 -8.43 -8.96 -56.77
N ALA F 289 -8.41 -7.98 -55.88
CA ALA F 289 -9.65 -7.45 -55.33
C ALA F 289 -10.40 -6.59 -56.33
N SER F 290 -9.71 -6.07 -57.34
CA SER F 290 -10.39 -5.26 -58.35
C SER F 290 -11.11 -6.12 -59.36
N ALA F 291 -10.55 -7.30 -59.68
CA ALA F 291 -11.24 -8.21 -60.59
C ALA F 291 -12.43 -8.87 -59.90
N PHE F 292 -12.40 -8.93 -58.57
CA PHE F 292 -13.54 -9.45 -57.83
C PHE F 292 -14.72 -8.49 -57.88
N ALA F 293 -14.45 -7.19 -57.77
CA ALA F 293 -15.54 -6.22 -57.72
C ALA F 293 -16.12 -5.96 -59.11
N LEU F 294 -15.30 -6.10 -60.15
CA LEU F 294 -15.76 -5.82 -61.50
C LEU F 294 -16.67 -6.91 -62.04
N GLN F 295 -16.46 -8.15 -61.62
CA GLN F 295 -17.28 -9.25 -62.13
C GLN F 295 -18.60 -9.33 -61.38
N GLU F 296 -18.77 -8.53 -60.33
CA GLU F 296 -20.05 -8.48 -59.64
C GLU F 296 -20.94 -7.38 -60.20
N GLN F 297 -20.36 -6.20 -60.47
CA GLN F 297 -21.07 -5.11 -61.12
C GLN F 297 -20.50 -4.90 -62.51
N PRO F 298 -21.12 -5.45 -63.56
CA PRO F 298 -20.58 -5.28 -64.91
C PRO F 298 -20.76 -3.90 -65.52
N VAL F 299 -21.47 -2.99 -64.85
CA VAL F 299 -21.72 -1.68 -65.46
C VAL F 299 -20.47 -0.80 -65.37
N VAL F 300 -19.58 -1.10 -64.42
CA VAL F 300 -18.32 -0.37 -64.33
C VAL F 300 -17.38 -0.86 -65.43
N ASN F 301 -17.61 -2.07 -65.90
CA ASN F 301 -16.78 -2.64 -66.96
C ASN F 301 -17.16 -2.07 -68.33
N ALA F 302 -18.36 -1.49 -68.43
CA ALA F 302 -18.90 -0.98 -69.69
C ALA F 302 -18.19 0.27 -70.20
N VAL F 303 -18.39 0.60 -71.48
CA VAL F 303 -17.85 1.80 -72.12
C VAL F 303 -18.92 2.36 -73.05
N ILE F 304 -19.15 3.66 -72.97
CA ILE F 304 -20.02 4.36 -73.91
C ILE F 304 -19.18 4.79 -75.11
N ASP F 305 -19.52 4.26 -76.29
CA ASP F 305 -18.98 4.74 -77.55
C ASP F 305 -19.95 5.74 -78.15
N ASP F 306 -19.50 6.98 -78.33
CA ASP F 306 -20.34 8.04 -78.89
C ASP F 306 -20.36 8.05 -80.42
N THR F 307 -19.80 7.03 -81.07
CA THR F 307 -19.92 6.92 -82.52
C THR F 307 -21.34 6.55 -82.91
N THR F 308 -21.83 5.42 -82.41
CA THR F 308 -23.21 5.03 -82.63
C THR F 308 -24.09 5.23 -81.41
N LYS F 309 -23.60 5.98 -80.41
CA LYS F 309 -24.26 6.19 -79.11
C LYS F 309 -24.61 4.87 -78.43
N GLU F 310 -23.60 4.03 -78.25
CA GLU F 310 -23.79 2.64 -77.85
C GLU F 310 -23.16 2.40 -76.47
N VAL F 311 -23.63 1.35 -75.80
CA VAL F 311 -23.10 0.96 -74.49
C VAL F 311 -22.46 -0.41 -74.68
N VAL F 312 -21.14 -0.47 -74.62
CA VAL F 312 -20.39 -1.67 -74.96
C VAL F 312 -20.06 -2.41 -73.67
N TYR F 313 -20.79 -3.49 -73.40
CA TYR F 313 -20.41 -4.35 -72.29
C TYR F 313 -19.21 -5.20 -72.68
N ARG F 314 -18.52 -5.73 -71.68
CA ARG F 314 -17.43 -6.67 -71.91
C ARG F 314 -17.58 -7.81 -70.93
N ASP F 315 -17.03 -8.97 -71.30
CA ASP F 315 -17.04 -10.13 -70.44
C ASP F 315 -15.65 -10.55 -69.98
N TYR F 316 -14.62 -9.83 -70.40
CA TYR F 316 -13.26 -10.06 -69.95
C TYR F 316 -12.78 -8.88 -69.12
N ILE F 317 -11.79 -9.14 -68.27
CA ILE F 317 -11.27 -8.13 -67.34
C ILE F 317 -9.78 -7.98 -67.61
N ASP F 318 -9.37 -6.80 -68.05
CA ASP F 318 -7.97 -6.48 -68.31
C ASP F 318 -7.61 -5.22 -67.53
N ILE F 319 -6.89 -5.40 -66.44
CA ILE F 319 -6.54 -4.29 -65.55
C ILE F 319 -5.20 -3.73 -65.96
N SER F 320 -5.18 -2.43 -66.27
CA SER F 320 -3.94 -1.74 -66.60
C SER F 320 -3.26 -1.27 -65.32
N VAL F 321 -1.95 -1.44 -65.24
CA VAL F 321 -1.18 -1.12 -64.04
C VAL F 321 -0.14 -0.09 -64.42
N ALA F 322 -0.25 1.10 -63.86
CA ALA F 322 0.72 2.18 -64.07
C ALA F 322 1.92 1.92 -63.18
N VAL F 323 3.05 1.55 -63.76
CA VAL F 323 4.26 1.29 -62.99
C VAL F 323 5.32 2.32 -63.41
N ALA F 324 5.52 3.31 -62.54
CA ALA F 324 6.42 4.43 -62.82
C ALA F 324 7.85 3.96 -62.65
N THR F 325 8.55 3.83 -63.79
CA THR F 325 9.96 3.42 -63.77
C THR F 325 10.82 4.69 -63.77
N PRO F 326 12.16 4.55 -63.82
CA PRO F 326 12.97 5.76 -63.91
C PRO F 326 12.70 6.60 -65.15
N ARG F 327 12.48 5.95 -66.29
CA ARG F 327 12.23 6.68 -67.53
C ARG F 327 10.98 7.57 -67.45
N GLY F 328 9.90 7.06 -66.85
CA GLY F 328 8.67 7.82 -66.75
C GLY F 328 7.49 6.92 -66.47
N LEU F 329 6.29 7.37 -66.83
CA LEU F 329 5.13 6.52 -66.64
C LEU F 329 4.92 5.60 -67.84
N VAL F 330 4.60 4.33 -67.55
CA VAL F 330 4.14 3.38 -68.56
C VAL F 330 2.93 2.65 -67.99
N VAL F 331 2.00 2.30 -68.88
CA VAL F 331 0.75 1.66 -68.46
C VAL F 331 0.50 0.33 -69.18
N PRO F 332 1.22 -0.75 -68.87
CA PRO F 332 0.94 -2.02 -69.52
C PRO F 332 -0.32 -2.67 -68.95
N VAL F 333 -0.76 -3.72 -69.63
CA VAL F 333 -2.04 -4.36 -69.34
C VAL F 333 -1.79 -5.79 -68.89
N ILE F 334 -2.47 -6.18 -67.81
CA ILE F 334 -2.51 -7.56 -67.36
C ILE F 334 -3.77 -8.19 -67.94
N ARG F 335 -3.60 -9.28 -68.68
CA ARG F 335 -4.69 -9.87 -69.45
C ARG F 335 -5.33 -11.01 -68.67
N ASN F 336 -6.67 -11.02 -68.67
CA ASN F 336 -7.52 -12.12 -68.17
C ASN F 336 -7.26 -12.39 -66.68
N VAL F 337 -7.65 -11.41 -65.86
CA VAL F 337 -7.34 -11.44 -64.44
C VAL F 337 -8.30 -12.34 -63.66
N GLU F 338 -9.35 -12.84 -64.31
CA GLU F 338 -10.40 -13.60 -63.62
C GLU F 338 -9.94 -14.94 -63.07
N THR F 339 -8.97 -15.58 -63.72
CA THR F 339 -8.57 -16.93 -63.35
C THR F 339 -7.31 -16.99 -62.51
N MET F 340 -6.67 -15.86 -62.22
CA MET F 340 -5.37 -15.86 -61.60
C MET F 340 -5.48 -15.92 -60.08
N ASN F 341 -4.32 -16.07 -59.44
CA ASN F 341 -4.16 -15.93 -58.00
C ASN F 341 -3.04 -14.92 -57.75
N TYR F 342 -2.59 -14.82 -56.50
CA TYR F 342 -1.52 -13.89 -56.19
C TYR F 342 -0.20 -14.31 -56.83
N ALA F 343 -0.01 -15.61 -57.07
CA ALA F 343 1.24 -16.07 -57.66
C ALA F 343 1.31 -15.75 -59.15
N ASP F 344 0.17 -15.76 -59.84
CA ASP F 344 0.16 -15.50 -61.27
C ASP F 344 0.33 -14.02 -61.56
N ILE F 345 -0.28 -13.17 -60.73
CA ILE F 345 -0.22 -11.72 -60.89
C ILE F 345 1.20 -11.24 -60.63
N GLU F 346 1.88 -11.85 -59.65
CA GLU F 346 3.23 -11.43 -59.30
C GLU F 346 4.24 -11.80 -60.38
N ARG F 347 3.99 -12.90 -61.10
CA ARG F 347 4.86 -13.21 -62.24
C ARG F 347 4.67 -12.21 -63.36
N THR F 348 3.42 -11.80 -63.59
CA THR F 348 3.12 -10.94 -64.73
C THR F 348 3.69 -9.53 -64.53
N ILE F 349 3.64 -9.03 -63.31
CA ILE F 349 4.14 -7.68 -63.04
C ILE F 349 5.66 -7.65 -63.06
N SER F 350 6.30 -8.71 -62.56
CA SER F 350 7.75 -8.69 -62.35
C SER F 350 8.50 -8.77 -63.68
N GLU F 351 8.11 -9.70 -64.56
CA GLU F 351 8.86 -9.85 -65.81
C GLU F 351 8.52 -8.75 -66.80
N LEU F 352 7.30 -8.24 -66.75
CA LEU F 352 6.94 -7.12 -67.60
C LEU F 352 7.48 -5.81 -67.06
N GLY F 353 7.75 -5.76 -65.75
CA GLY F 353 8.45 -4.61 -65.21
C GLY F 353 9.88 -4.53 -65.71
N GLU F 354 10.49 -5.68 -65.97
CA GLU F 354 11.86 -5.70 -66.49
C GLU F 354 11.89 -5.34 -67.97
N LYS F 355 10.79 -5.58 -68.69
CA LYS F 355 10.75 -5.25 -70.11
C LYS F 355 10.73 -3.76 -70.34
N ALA F 356 9.86 -3.04 -69.64
CA ALA F 356 9.74 -1.61 -69.82
C ALA F 356 10.92 -0.86 -69.20
N ARG F 357 11.67 -1.52 -68.32
CA ARG F 357 12.81 -0.88 -67.68
C ARG F 357 13.96 -0.73 -68.67
N LYS F 358 14.22 -1.75 -69.48
CA LYS F 358 15.27 -1.71 -70.48
C LYS F 358 14.73 -1.36 -71.86
N ASN F 359 13.47 -0.91 -71.94
CA ASN F 359 12.83 -0.38 -73.15
C ASN F 359 12.75 -1.42 -74.26
N GLU F 360 12.05 -2.52 -74.00
CA GLU F 360 11.65 -3.48 -75.01
C GLU F 360 10.14 -3.66 -74.99
N LEU F 361 9.43 -2.69 -74.46
CA LEU F 361 8.01 -2.85 -74.17
C LEU F 361 7.21 -2.48 -75.42
N ALA F 362 6.44 -3.43 -75.93
CA ALA F 362 5.79 -3.25 -77.22
C ALA F 362 4.58 -2.32 -77.10
N ILE F 363 4.05 -1.94 -78.26
CA ILE F 363 2.88 -1.06 -78.30
C ILE F 363 1.60 -1.87 -78.20
N GLU F 364 1.63 -3.11 -78.73
CA GLU F 364 0.42 -3.90 -78.90
C GLU F 364 -0.16 -4.37 -77.57
N ASP F 365 0.66 -4.42 -76.53
CA ASP F 365 0.20 -4.76 -75.19
C ASP F 365 0.13 -3.55 -74.26
N MET F 366 -0.29 -2.39 -74.76
CA MET F 366 -0.52 -1.23 -73.93
C MET F 366 -1.93 -0.69 -74.06
N ASP F 367 -2.78 -1.34 -74.86
CA ASP F 367 -4.11 -0.85 -75.13
C ASP F 367 -5.14 -1.95 -74.92
N GLY F 368 -6.39 -1.53 -74.74
CA GLY F 368 -7.49 -2.43 -74.52
C GLY F 368 -7.82 -2.69 -73.06
N GLY F 369 -7.22 -1.94 -72.14
CA GLY F 369 -7.55 -2.11 -70.74
C GLY F 369 -8.96 -1.65 -70.42
N THR F 370 -9.52 -2.22 -69.36
CA THR F 370 -10.89 -1.94 -68.95
C THR F 370 -10.96 -1.25 -67.59
N PHE F 371 -9.86 -1.21 -66.86
CA PHE F 371 -9.82 -0.65 -65.52
C PHE F 371 -8.34 -0.37 -65.22
N THR F 372 -8.09 0.58 -64.32
CA THR F 372 -6.72 1.06 -64.14
C THR F 372 -6.43 1.30 -62.67
N ILE F 373 -5.35 0.70 -62.19
CA ILE F 373 -4.81 1.01 -60.86
C ILE F 373 -3.70 2.03 -61.05
N SER F 374 -3.63 3.02 -60.16
CA SER F 374 -2.63 4.08 -60.24
C SER F 374 -1.92 4.18 -58.90
N ASN F 375 -0.72 3.63 -58.82
CA ASN F 375 0.09 3.74 -57.61
C ASN F 375 0.85 5.06 -57.68
N GLY F 376 0.25 6.09 -57.07
CA GLY F 376 0.96 7.32 -56.82
C GLY F 376 1.35 7.41 -55.36
N GLY F 377 1.36 6.25 -54.69
CA GLY F 377 1.59 6.21 -53.27
C GLY F 377 3.00 5.80 -52.88
N VAL F 378 3.88 5.67 -53.85
CA VAL F 378 5.28 5.34 -53.57
C VAL F 378 6.07 6.62 -53.35
N PHE F 379 5.39 7.77 -53.40
CA PHE F 379 6.01 9.05 -53.14
C PHE F 379 5.49 9.74 -51.90
N GLY F 380 4.32 9.36 -51.40
CA GLY F 380 3.84 9.89 -50.14
C GLY F 380 2.76 10.93 -50.22
N SER F 381 1.88 10.83 -51.21
CA SER F 381 0.71 11.70 -51.22
C SER F 381 -0.34 11.17 -50.26
N LEU F 382 -1.07 12.09 -49.65
CA LEU F 382 -2.11 11.68 -48.71
C LEU F 382 -3.33 11.14 -49.45
N PHE F 383 -3.96 12.00 -50.26
CA PHE F 383 -4.99 11.59 -51.20
C PHE F 383 -5.06 12.61 -52.32
N GLY F 384 -5.74 12.26 -53.40
CA GLY F 384 -5.80 13.13 -54.56
C GLY F 384 -6.74 12.57 -55.60
N THR F 385 -6.87 13.33 -56.70
CA THR F 385 -7.81 12.98 -57.75
C THR F 385 -7.08 12.48 -58.98
N PRO F 386 -7.33 11.26 -59.44
CA PRO F 386 -6.69 10.78 -60.67
C PRO F 386 -7.47 11.18 -61.91
N ILE F 387 -6.97 10.76 -63.07
CA ILE F 387 -7.51 11.11 -64.38
C ILE F 387 -7.81 9.83 -65.16
N ILE F 388 -8.97 9.79 -65.84
CA ILE F 388 -9.40 8.57 -66.50
C ILE F 388 -8.63 8.34 -67.80
N ASN F 389 -8.06 7.14 -67.93
CA ASN F 389 -7.57 6.65 -69.20
C ASN F 389 -8.73 6.54 -70.20
N PRO F 390 -8.70 7.32 -71.28
CA PRO F 390 -9.96 7.66 -72.02
C PRO F 390 -10.70 6.50 -72.69
N PRO F 391 -10.11 5.34 -73.02
CA PRO F 391 -11.00 4.23 -73.43
C PRO F 391 -11.65 3.45 -72.28
N GLN F 392 -11.66 3.98 -71.06
CA GLN F 392 -12.19 3.26 -69.90
C GLN F 392 -13.26 4.11 -69.23
N SER F 393 -13.82 3.59 -68.15
CA SER F 393 -14.91 4.32 -67.49
C SER F 393 -14.59 4.62 -66.03
N ALA F 394 -13.59 3.95 -65.45
CA ALA F 394 -13.25 4.18 -64.06
C ALA F 394 -11.75 4.02 -63.85
N ILE F 395 -11.26 4.51 -62.72
CA ILE F 395 -9.86 4.36 -62.33
C ILE F 395 -9.76 4.40 -60.81
N LEU F 396 -8.93 3.51 -60.25
CA LEU F 396 -8.68 3.45 -58.82
C LEU F 396 -7.33 4.07 -58.51
N GLY F 397 -7.28 4.93 -57.51
CA GLY F 397 -6.02 5.53 -57.10
C GLY F 397 -5.65 5.21 -55.67
N MET F 398 -4.62 4.40 -55.51
CA MET F 398 -4.11 4.07 -54.18
C MET F 398 -3.05 5.08 -53.76
N HIS F 399 -2.82 5.18 -52.46
CA HIS F 399 -1.97 6.24 -51.91
C HIS F 399 -1.06 5.71 -50.82
N ALA F 400 -0.46 6.60 -50.05
CA ALA F 400 0.56 6.24 -49.07
C ALA F 400 -0.07 5.66 -47.81
N ILE F 401 0.71 4.84 -47.12
CA ILE F 401 0.29 4.19 -45.89
C ILE F 401 0.88 4.93 -44.71
N VAL F 402 0.03 5.46 -43.84
CA VAL F 402 0.45 6.18 -42.66
C VAL F 402 -0.19 5.55 -41.43
N ASP F 403 0.45 5.74 -40.29
CA ASP F 403 -0.09 5.29 -39.01
C ASP F 403 -0.89 6.44 -38.40
N ARG F 404 -2.18 6.23 -38.21
CA ARG F 404 -3.07 7.23 -37.68
C ARG F 404 -3.89 6.63 -36.55
N PRO F 405 -4.29 7.41 -35.57
CA PRO F 405 -5.14 6.87 -34.50
C PRO F 405 -6.53 6.54 -35.00
N VAL F 406 -7.01 5.38 -34.57
CA VAL F 406 -8.24 4.76 -35.07
C VAL F 406 -9.12 4.38 -33.90
N ALA F 407 -10.40 4.71 -33.97
CA ALA F 407 -11.36 4.29 -32.95
C ALA F 407 -11.90 2.92 -33.32
N VAL F 408 -11.38 1.87 -32.68
CA VAL F 408 -11.82 0.51 -32.91
C VAL F 408 -12.27 -0.11 -31.59
N GLY F 409 -13.51 -0.60 -31.57
CA GLY F 409 -14.09 -1.19 -30.39
C GLY F 409 -14.30 -0.23 -29.23
N GLY F 410 -14.40 1.06 -29.50
CA GLY F 410 -14.51 2.04 -28.44
C GLY F 410 -13.20 2.45 -27.82
N LYS F 411 -12.08 2.04 -28.38
CA LYS F 411 -10.77 2.40 -27.89
C LYS F 411 -9.94 2.98 -29.04
N VAL F 412 -8.89 3.71 -28.68
CA VAL F 412 -8.11 4.47 -29.64
C VAL F 412 -6.80 3.72 -29.86
N GLU F 413 -6.74 2.96 -30.95
CA GLU F 413 -5.52 2.27 -31.35
C GLU F 413 -4.83 3.03 -32.48
N ILE F 414 -3.67 2.53 -32.88
CA ILE F 414 -2.91 3.08 -33.99
C ILE F 414 -2.75 1.99 -35.03
N ARG F 415 -3.27 2.22 -36.23
CA ARG F 415 -3.27 1.20 -37.28
C ARG F 415 -2.93 1.84 -38.62
N PRO F 416 -2.16 1.13 -39.46
CA PRO F 416 -1.76 1.68 -40.76
C PRO F 416 -2.92 1.69 -41.75
N MET F 417 -3.30 2.89 -42.20
CA MET F 417 -4.47 3.02 -43.06
C MET F 417 -4.13 3.82 -44.31
N MET F 418 -4.87 3.53 -45.38
CA MET F 418 -4.67 4.12 -46.70
C MET F 418 -5.95 4.78 -47.17
N TYR F 419 -5.84 5.98 -47.75
CA TYR F 419 -6.95 6.58 -48.47
C TYR F 419 -6.93 6.10 -49.91
N VAL F 420 -8.12 5.81 -50.44
CA VAL F 420 -8.25 5.42 -51.83
C VAL F 420 -9.26 6.34 -52.50
N ALA F 421 -9.18 6.41 -53.83
CA ALA F 421 -10.04 7.28 -54.62
C ALA F 421 -10.53 6.52 -55.84
N LEU F 422 -11.70 6.90 -56.33
CA LEU F 422 -12.29 6.28 -57.51
C LEU F 422 -12.90 7.38 -58.37
N THR F 423 -12.33 7.60 -59.55
CA THR F 423 -12.84 8.58 -60.48
C THR F 423 -13.68 7.87 -61.53
N TYR F 424 -14.94 8.25 -61.65
CA TYR F 424 -15.89 7.50 -62.46
C TYR F 424 -16.62 8.43 -63.41
N ASP F 425 -17.19 7.83 -64.45
CA ASP F 425 -17.96 8.54 -65.47
C ASP F 425 -19.41 8.60 -64.99
N HIS F 426 -19.93 9.81 -64.81
CA HIS F 426 -21.28 9.94 -64.27
C HIS F 426 -22.34 9.83 -65.36
N ARG F 427 -21.93 9.83 -66.63
CA ARG F 427 -22.86 9.56 -67.71
C ARG F 427 -23.37 8.12 -67.66
N LEU F 428 -22.53 7.19 -67.24
CA LEU F 428 -22.80 5.78 -67.27
C LEU F 428 -23.02 5.18 -65.90
N ILE F 429 -22.14 5.46 -64.96
CA ILE F 429 -22.18 4.86 -63.64
C ILE F 429 -22.98 5.77 -62.71
N ASP F 430 -23.89 5.17 -61.94
CA ASP F 430 -24.74 5.92 -61.03
C ASP F 430 -23.92 6.40 -59.84
N GLY F 431 -24.46 7.33 -59.07
CA GLY F 431 -23.76 7.85 -57.91
C GLY F 431 -23.71 6.87 -56.78
N ARG F 432 -24.70 5.99 -56.68
CA ARG F 432 -24.71 4.97 -55.65
C ARG F 432 -23.98 3.71 -56.07
N GLU F 433 -23.74 3.52 -57.37
CA GLU F 433 -23.03 2.32 -57.82
C GLU F 433 -21.53 2.49 -57.65
N ALA F 434 -21.05 3.73 -57.67
CA ALA F 434 -19.63 3.97 -57.45
C ALA F 434 -19.27 3.81 -55.98
N VAL F 435 -20.21 4.12 -55.09
CA VAL F 435 -19.96 3.97 -53.66
C VAL F 435 -19.93 2.50 -53.29
N THR F 436 -20.86 1.71 -53.86
CA THR F 436 -20.93 0.29 -53.56
C THR F 436 -19.73 -0.45 -54.16
N PHE F 437 -19.20 0.06 -55.27
CA PHE F 437 -18.03 -0.55 -55.91
C PHE F 437 -16.79 -0.40 -55.03
N LEU F 438 -16.54 0.82 -54.55
CA LEU F 438 -15.35 1.08 -53.75
C LEU F 438 -15.49 0.47 -52.35
N ARG F 439 -16.72 0.27 -51.89
CA ARG F 439 -16.93 -0.40 -50.61
C ARG F 439 -16.65 -1.89 -50.73
N LYS F 440 -16.75 -2.43 -51.94
CA LYS F 440 -16.51 -3.86 -52.14
C LYS F 440 -15.02 -4.15 -52.27
N ILE F 441 -14.26 -3.21 -52.81
CA ILE F 441 -12.80 -3.34 -52.84
C ILE F 441 -12.24 -3.30 -51.43
N LYS F 442 -12.85 -2.49 -50.56
CA LYS F 442 -12.40 -2.38 -49.18
C LYS F 442 -12.61 -3.68 -48.41
N ALA F 443 -13.68 -4.40 -48.69
CA ALA F 443 -13.97 -5.62 -47.95
C ALA F 443 -13.03 -6.75 -48.33
N ALA F 444 -12.47 -6.71 -49.53
CA ALA F 444 -11.55 -7.73 -50.00
C ALA F 444 -10.10 -7.38 -49.76
N VAL F 445 -9.83 -6.26 -49.09
CA VAL F 445 -8.49 -5.94 -48.63
C VAL F 445 -8.43 -5.87 -47.11
N GLU F 446 -9.51 -5.47 -46.43
CA GLU F 446 -9.56 -5.59 -44.99
C GLU F 446 -9.70 -7.04 -44.53
N ASP F 447 -10.17 -7.92 -45.39
CA ASP F 447 -10.30 -9.34 -45.09
C ASP F 447 -10.22 -10.09 -46.41
N PRO F 448 -9.05 -10.60 -46.79
CA PRO F 448 -8.89 -11.23 -48.11
C PRO F 448 -9.45 -12.63 -48.21
N ARG F 449 -10.15 -13.14 -47.19
CA ARG F 449 -10.80 -14.43 -47.27
C ARG F 449 -12.17 -14.37 -47.91
N VAL F 450 -12.65 -13.17 -48.26
CA VAL F 450 -13.94 -13.03 -48.93
C VAL F 450 -13.82 -13.49 -50.38
N LEU F 451 -12.60 -13.49 -50.93
CA LEU F 451 -12.36 -13.97 -52.29
C LEU F 451 -12.63 -15.46 -52.43
N LEU F 452 -12.58 -16.21 -51.34
CA LEU F 452 -12.96 -17.62 -51.31
C LEU F 452 -14.45 -17.80 -51.08
N LEU F 453 -15.08 -16.87 -50.39
CA LEU F 453 -16.51 -16.89 -50.11
C LEU F 453 -17.23 -16.10 -51.21
N ASP F 454 -18.48 -15.67 -51.02
CA ASP F 454 -19.22 -14.70 -51.83
C ASP F 454 -18.43 -13.60 -52.54
N LEU G 221 -31.02 62.40 29.50
CA LEU G 221 -31.19 62.92 30.85
C LEU G 221 -29.86 62.83 31.58
N ARG G 222 -29.44 63.95 32.17
CA ARG G 222 -28.12 64.07 32.82
C ARG G 222 -28.35 64.28 34.31
N ALA G 223 -28.29 63.20 35.07
CA ALA G 223 -28.47 63.23 36.52
C ALA G 223 -27.21 62.74 37.20
N GLU G 224 -26.79 63.46 38.24
CA GLU G 224 -25.70 63.05 39.09
C GLU G 224 -26.03 63.44 40.53
N HIS G 225 -25.63 62.59 41.47
CA HIS G 225 -25.97 62.82 42.86
C HIS G 225 -24.78 62.51 43.75
N ARG G 226 -24.54 63.37 44.74
CA ARG G 226 -23.38 63.27 45.61
C ARG G 226 -23.73 62.42 46.83
N GLU G 227 -23.22 61.19 46.89
CA GLU G 227 -23.27 60.41 48.11
C GLU G 227 -21.91 60.47 48.78
N LYS G 228 -21.91 60.59 50.10
CA LYS G 228 -20.68 60.81 50.85
C LYS G 228 -20.00 59.50 51.18
N MET G 229 -18.73 59.59 51.55
CA MET G 229 -17.95 58.45 52.02
C MET G 229 -17.63 58.63 53.50
N ASN G 230 -17.74 57.55 54.26
CA ASN G 230 -17.61 57.63 55.70
C ASN G 230 -16.15 57.77 56.12
N ARG G 231 -15.97 57.92 57.43
CA ARG G 231 -14.65 58.23 57.98
C ARG G 231 -13.74 57.01 57.97
N MET G 232 -14.32 55.82 57.84
CA MET G 232 -13.50 54.62 57.69
C MET G 232 -12.87 54.57 56.31
N ARG G 233 -13.64 54.93 55.28
CA ARG G 233 -13.12 54.94 53.92
C ARG G 233 -12.13 56.10 53.73
N GLN G 234 -12.25 57.13 54.57
CA GLN G 234 -11.27 58.21 54.60
C GLN G 234 -9.86 57.70 54.92
N ARG G 235 -9.74 56.80 55.91
CA ARG G 235 -8.43 56.36 56.35
C ARG G 235 -7.85 55.31 55.41
N ILE G 236 -8.72 54.51 54.79
CA ILE G 236 -8.26 53.47 53.85
C ILE G 236 -7.62 54.12 52.63
N ALA G 237 -8.26 55.15 52.10
CA ALA G 237 -7.67 55.91 51.00
C ALA G 237 -6.47 56.72 51.46
N GLN G 238 -6.38 57.02 52.76
CA GLN G 238 -5.23 57.75 53.26
C GLN G 238 -4.02 56.84 53.41
N ARG G 239 -4.22 55.63 53.93
CA ARG G 239 -3.11 54.69 54.07
C ARG G 239 -2.61 54.22 52.72
N LEU G 240 -3.48 54.22 51.71
CA LEU G 240 -3.13 53.71 50.39
C LEU G 240 -2.15 54.64 49.70
N LYS G 241 -2.35 55.95 49.82
CA LYS G 241 -1.45 56.91 49.21
C LYS G 241 -0.15 57.06 49.99
N GLU G 242 -0.15 56.71 51.28
CA GLU G 242 1.10 56.73 52.04
C GLU G 242 2.00 55.56 51.65
N ALA G 243 1.40 54.47 51.14
CA ALA G 243 2.21 53.33 50.72
C ALA G 243 2.95 53.64 49.41
N GLN G 244 2.41 54.54 48.60
CA GLN G 244 3.11 54.89 47.36
C GLN G 244 4.14 55.98 47.59
N ASN G 245 3.86 56.91 48.50
CA ASN G 245 4.76 58.02 48.74
C ASN G 245 5.92 57.67 49.65
N THR G 246 5.93 56.47 50.23
CA THR G 246 7.02 56.04 51.10
C THR G 246 8.07 55.25 50.33
N CYS G 247 7.65 54.17 49.67
CA CYS G 247 8.56 53.21 49.08
C CYS G 247 8.49 53.25 47.55
N ALA G 248 9.63 52.99 46.91
CA ALA G 248 9.73 53.02 45.46
C ALA G 248 9.41 51.64 44.92
N MET G 249 8.17 51.45 44.47
CA MET G 249 7.70 50.14 44.07
C MET G 249 8.02 49.86 42.62
N LEU G 250 8.50 48.65 42.35
CA LEU G 250 8.69 48.14 41.00
C LEU G 250 8.02 46.78 40.94
N THR G 251 7.95 46.19 39.75
CA THR G 251 7.24 44.92 39.58
C THR G 251 8.02 44.04 38.61
N THR G 252 8.08 42.75 38.91
CA THR G 252 8.74 41.79 38.02
C THR G 252 7.84 40.57 37.88
N PHE G 253 7.90 39.91 36.73
CA PHE G 253 6.98 38.84 36.37
C PHE G 253 7.76 37.57 36.03
N ASN G 254 7.06 36.45 36.03
CA ASN G 254 7.62 35.15 35.66
C ASN G 254 6.43 34.26 35.30
N GLU G 255 6.67 32.94 35.20
CA GLU G 255 5.63 32.05 34.73
C GLU G 255 5.86 30.65 35.25
N ILE G 256 4.83 30.08 35.88
CA ILE G 256 4.93 28.80 36.58
C ILE G 256 4.10 27.76 35.84
N ASP G 257 4.66 26.57 35.67
CA ASP G 257 3.95 25.43 35.08
C ASP G 257 3.33 24.62 36.20
N MET G 258 2.00 24.51 36.18
CA MET G 258 1.22 23.95 37.28
C MET G 258 0.86 22.50 37.05
N SER G 259 1.73 21.70 36.43
CA SER G 259 1.36 20.33 36.11
C SER G 259 1.61 19.39 37.28
N ASN G 260 2.70 19.60 38.03
CA ASN G 260 3.01 18.69 39.14
C ASN G 260 2.13 18.95 40.36
N ILE G 261 1.44 20.10 40.39
CA ILE G 261 0.56 20.36 41.51
C ILE G 261 -0.81 19.73 41.27
N GLN G 262 -1.25 19.70 40.00
CA GLN G 262 -2.60 19.21 39.73
C GLN G 262 -2.68 17.70 39.83
N ASP G 263 -1.64 16.96 39.43
CA ASP G 263 -1.71 15.51 39.58
C ASP G 263 -1.41 15.08 41.01
N MET G 264 -0.77 15.96 41.79
CA MET G 264 -0.72 15.74 43.23
C MET G 264 -2.11 15.87 43.82
N ARG G 265 -2.89 16.83 43.33
CA ARG G 265 -4.28 16.97 43.76
C ARG G 265 -5.19 15.98 43.06
N ALA G 266 -4.74 15.29 42.03
CA ALA G 266 -5.63 14.37 41.34
C ALA G 266 -5.70 13.01 42.01
N ARG G 267 -4.62 12.55 42.62
CA ARG G 267 -4.58 11.21 43.20
C ARG G 267 -4.62 11.24 44.72
N HIS G 268 -4.20 12.32 45.36
CA HIS G 268 -4.19 12.33 46.81
C HIS G 268 -5.34 13.13 47.42
N LYS G 269 -6.31 13.59 46.63
CA LYS G 269 -7.38 14.40 47.22
C LYS G 269 -8.39 13.54 47.98
N GLU G 270 -8.41 12.23 47.71
CA GLU G 270 -9.40 11.38 48.36
C GLU G 270 -8.89 10.87 49.70
N ALA G 271 -7.63 10.49 49.76
CA ALA G 271 -7.03 10.10 51.03
C ALA G 271 -6.77 11.29 51.95
N PHE G 272 -6.75 12.50 51.39
CA PHE G 272 -6.60 13.69 52.23
C PHE G 272 -7.90 14.04 52.93
N LEU G 273 -9.03 13.84 52.25
CA LEU G 273 -10.32 14.18 52.81
C LEU G 273 -10.75 13.16 53.86
N LYS G 274 -10.42 11.89 53.63
CA LYS G 274 -10.78 10.85 54.59
C LYS G 274 -9.96 10.98 55.88
N LYS G 275 -8.72 11.42 55.78
CA LYS G 275 -7.84 11.39 56.93
C LYS G 275 -7.81 12.71 57.68
N HIS G 276 -8.09 13.82 57.01
CA HIS G 276 -8.02 15.13 57.65
C HIS G 276 -9.33 15.91 57.66
N ASN G 277 -10.32 15.52 56.84
CA ASN G 277 -11.56 16.26 56.61
C ASN G 277 -11.28 17.69 56.19
N LEU G 278 -10.49 17.83 55.12
CA LEU G 278 -10.16 19.11 54.54
C LEU G 278 -10.11 18.98 53.02
N LYS G 279 -10.10 20.12 52.34
CA LYS G 279 -9.97 20.14 50.89
C LYS G 279 -8.54 20.50 50.50
N LEU G 280 -8.05 19.86 49.44
CA LEU G 280 -6.69 20.07 48.98
C LEU G 280 -6.70 21.09 47.85
N GLY G 281 -6.14 22.27 48.10
CA GLY G 281 -6.17 23.36 47.17
C GLY G 281 -4.80 23.80 46.67
N PHE G 282 -4.82 24.84 45.85
CA PHE G 282 -3.57 25.39 45.30
C PHE G 282 -2.87 26.28 46.30
N MET G 283 -3.63 26.92 47.20
CA MET G 283 -3.13 27.96 48.08
C MET G 283 -2.03 27.49 49.03
N SER G 284 -2.14 26.27 49.56
CA SER G 284 -1.14 25.77 50.49
C SER G 284 0.19 25.46 49.84
N ALA G 285 0.23 25.30 48.52
CA ALA G 285 1.50 25.10 47.83
C ALA G 285 2.27 26.39 47.65
N PHE G 286 1.56 27.52 47.59
CA PHE G 286 2.21 28.82 47.45
C PHE G 286 2.65 29.40 48.78
N VAL G 287 1.97 29.04 49.86
CA VAL G 287 2.34 29.54 51.18
C VAL G 287 3.58 28.82 51.69
N LYS G 288 3.67 27.51 51.47
CA LYS G 288 4.83 26.75 51.91
C LYS G 288 6.06 27.05 51.05
N ALA G 289 5.88 27.32 49.76
CA ALA G 289 7.00 27.70 48.93
C ALA G 289 7.46 29.13 49.20
N SER G 290 6.59 29.96 49.78
CA SER G 290 6.99 31.33 50.09
C SER G 290 7.81 31.38 51.37
N ALA G 291 7.52 30.52 52.33
CA ALA G 291 8.33 30.46 53.55
C ALA G 291 9.68 29.84 53.27
N PHE G 292 9.78 29.02 52.22
CA PHE G 292 11.06 28.45 51.84
C PHE G 292 11.98 29.50 51.24
N ALA G 293 11.42 30.41 50.42
CA ALA G 293 12.26 31.40 49.76
C ALA G 293 12.66 32.52 50.70
N LEU G 294 11.83 32.81 51.70
CA LEU G 294 12.11 33.93 52.60
C LEU G 294 13.19 33.57 53.60
N GLN G 295 13.29 32.30 53.98
CA GLN G 295 14.31 31.92 54.95
C GLN G 295 15.67 31.73 54.30
N GLU G 296 15.72 31.80 52.97
CA GLU G 296 17.01 31.74 52.29
C GLU G 296 17.58 33.14 52.05
N GLN G 297 16.73 34.08 51.65
CA GLN G 297 17.12 35.47 51.51
C GLN G 297 16.42 36.30 52.57
N PRO G 298 17.05 36.61 53.69
CA PRO G 298 16.40 37.39 54.74
C PRO G 298 16.21 38.86 54.44
N VAL G 299 16.73 39.38 53.33
CA VAL G 299 16.64 40.82 53.06
C VAL G 299 15.23 41.17 52.58
N VAL G 300 14.51 40.18 52.03
CA VAL G 300 13.12 40.42 51.64
C VAL G 300 12.24 40.44 52.88
N ASN G 301 12.70 39.80 53.95
CA ASN G 301 11.95 39.77 55.20
C ASN G 301 12.09 41.07 55.97
N ALA G 302 13.11 41.87 55.63
CA ALA G 302 13.42 43.12 56.33
C ALA G 302 12.41 44.23 56.08
N VAL G 303 12.42 45.26 56.93
CA VAL G 303 11.58 46.44 56.81
C VAL G 303 12.43 47.66 57.19
N ILE G 304 12.35 48.70 56.36
CA ILE G 304 12.96 49.99 56.67
C ILE G 304 11.97 50.82 57.47
N ASP G 305 12.33 51.16 58.71
CA ASP G 305 11.60 52.13 59.50
C ASP G 305 12.27 53.48 59.36
N ASP G 306 11.52 54.45 58.83
CA ASP G 306 12.06 55.80 58.62
C ASP G 306 11.96 56.69 59.87
N THR G 307 11.60 56.12 61.02
CA THR G 307 11.64 56.88 62.26
C THR G 307 13.06 57.15 62.69
N THR G 308 13.84 56.09 62.89
CA THR G 308 15.26 56.22 63.20
C THR G 308 16.16 55.89 62.02
N LYS G 309 15.58 55.78 60.81
CA LYS G 309 16.28 55.38 59.58
C LYS G 309 16.97 54.03 59.74
N GLU G 310 16.20 53.02 60.15
CA GLU G 310 16.72 51.75 60.60
C GLU G 310 16.28 50.64 59.65
N VAL G 311 17.02 49.53 59.66
CA VAL G 311 16.70 48.35 58.85
C VAL G 311 16.38 47.23 59.83
N VAL G 312 15.11 46.85 59.91
CA VAL G 312 14.64 45.92 60.94
C VAL G 312 14.58 44.53 60.32
N TYR G 313 15.55 43.68 60.66
CA TYR G 313 15.47 42.28 60.27
C TYR G 313 14.47 41.57 61.16
N ARG G 314 14.00 40.42 60.69
CA ARG G 314 13.14 39.55 61.49
C ARG G 314 13.62 38.12 61.33
N ASP G 315 13.32 37.30 62.33
CA ASP G 315 13.67 35.89 62.30
C ASP G 315 12.45 34.98 62.26
N TYR G 316 11.25 35.55 62.26
CA TYR G 316 10.01 34.80 62.12
C TYR G 316 9.35 35.15 60.80
N ILE G 317 8.50 34.23 60.32
CA ILE G 317 7.84 34.38 59.03
C ILE G 317 6.34 34.31 59.27
N ASP G 318 5.63 35.39 58.99
CA ASP G 318 4.19 35.47 59.12
C ASP G 318 3.60 35.93 57.80
N ILE G 319 3.03 35.01 57.04
CA ILE G 319 2.51 35.30 55.71
C ILE G 319 1.04 35.67 55.83
N SER G 320 0.69 36.86 55.35
CA SER G 320 -0.69 37.30 55.31
C SER G 320 -1.36 36.79 54.04
N VAL G 321 -2.58 36.31 54.18
CA VAL G 321 -3.31 35.70 53.07
C VAL G 321 -4.60 36.50 52.86
N ALA G 322 -4.71 37.14 51.71
CA ALA G 322 -5.92 37.89 51.35
C ALA G 322 -6.96 36.90 50.85
N VAL G 323 -8.02 36.68 51.62
CA VAL G 323 -9.08 35.75 51.22
C VAL G 323 -10.37 36.56 51.06
N ALA G 324 -10.72 36.81 49.80
CA ALA G 324 -11.89 37.64 49.45
C ALA G 324 -13.15 36.84 49.69
N THR G 325 -13.89 37.22 50.74
CA THR G 325 -15.16 36.56 51.06
C THR G 325 -16.28 37.37 50.41
N PRO G 326 -17.56 36.98 50.62
CA PRO G 326 -18.64 37.80 50.06
C PRO G 326 -18.64 39.23 50.58
N ARG G 327 -18.37 39.42 51.86
CA ARG G 327 -18.38 40.76 52.45
C ARG G 327 -17.37 41.69 51.79
N GLY G 328 -16.17 41.20 51.51
CA GLY G 328 -15.15 42.04 50.90
C GLY G 328 -13.76 41.44 51.10
N LEU G 329 -12.72 42.27 51.05
CA LEU G 329 -11.38 41.75 51.30
C LEU G 329 -11.07 41.76 52.79
N VAL G 330 -10.44 40.67 53.25
CA VAL G 330 -9.85 40.60 54.59
C VAL G 330 -8.47 39.98 54.45
N VAL G 331 -7.55 40.42 55.31
CA VAL G 331 -6.16 39.96 55.24
C VAL G 331 -5.67 39.39 56.57
N PRO G 332 -6.09 38.20 56.97
CA PRO G 332 -5.57 37.62 58.22
C PRO G 332 -4.17 37.08 58.03
N VAL G 333 -3.54 36.74 59.16
CA VAL G 333 -2.14 36.37 59.20
C VAL G 333 -2.01 34.92 59.65
N ILE G 334 -1.19 34.16 58.94
CA ILE G 334 -0.79 32.82 59.35
C ILE G 334 0.53 32.94 60.10
N ARG G 335 0.56 32.47 61.34
CA ARG G 335 1.69 32.68 62.22
C ARG G 335 2.64 31.50 62.19
N ASN G 336 3.95 31.80 62.11
CA ASN G 336 5.05 30.83 62.25
C ASN G 336 4.98 29.71 61.21
N VAL G 337 5.18 30.11 59.95
CA VAL G 337 5.01 29.20 58.82
C VAL G 337 6.19 28.27 58.64
N GLU G 338 7.29 28.49 59.37
CA GLU G 338 8.53 27.75 59.16
C GLU G 338 8.43 26.27 59.50
N THR G 339 7.59 25.91 60.47
CA THR G 339 7.54 24.53 60.96
C THR G 339 6.39 23.72 60.40
N MET G 340 5.54 24.31 59.57
CA MET G 340 4.31 23.65 59.15
C MET G 340 4.54 22.77 57.93
N ASN G 341 3.51 22.01 57.58
CA ASN G 341 3.43 21.27 56.34
C ASN G 341 2.13 21.66 55.64
N TYR G 342 1.77 20.93 54.59
CA TYR G 342 0.53 21.24 53.89
C TYR G 342 -0.70 20.97 54.75
N ALA G 343 -0.60 20.04 55.68
CA ALA G 343 -1.76 19.72 56.52
C ALA G 343 -2.01 20.80 57.56
N ASP G 344 -0.94 21.45 58.04
CA ASP G 344 -1.11 22.47 59.07
C ASP G 344 -1.63 23.77 58.49
N ILE G 345 -1.18 24.11 57.28
CA ILE G 345 -1.59 25.32 56.59
C ILE G 345 -3.05 25.22 56.20
N GLU G 346 -3.49 24.03 55.79
CA GLU G 346 -4.87 23.86 55.37
C GLU G 346 -5.85 23.94 56.54
N ARG G 347 -5.42 23.54 57.74
CA ARG G 347 -6.25 23.74 58.91
C ARG G 347 -6.39 25.22 59.23
N THR G 348 -5.30 25.96 59.12
CA THR G 348 -5.29 27.36 59.53
C THR G 348 -6.15 28.21 58.61
N ILE G 349 -6.12 27.93 57.31
CA ILE G 349 -6.90 28.73 56.36
C ILE G 349 -8.38 28.41 56.47
N SER G 350 -8.72 27.14 56.71
CA SER G 350 -10.12 26.71 56.64
C SER G 350 -10.92 27.22 57.82
N GLU G 351 -10.40 27.08 59.04
CA GLU G 351 -11.19 27.50 60.20
C GLU G 351 -11.18 29.01 60.36
N LEU G 352 -10.11 29.67 59.95
CA LEU G 352 -10.08 31.12 59.99
C LEU G 352 -10.87 31.72 58.83
N GLY G 353 -11.05 30.95 57.75
CA GLY G 353 -11.95 31.39 56.70
C GLY G 353 -13.39 31.41 57.16
N GLU G 354 -13.75 30.51 58.08
CA GLU G 354 -15.11 30.48 58.62
C GLU G 354 -15.32 31.60 59.62
N LYS G 355 -14.26 32.07 60.27
CA LYS G 355 -14.40 33.14 61.26
C LYS G 355 -14.75 34.46 60.58
N ALA G 356 -14.00 34.83 59.55
CA ALA G 356 -14.24 36.09 58.86
C ALA G 356 -15.50 36.05 58.02
N ARG G 357 -16.01 34.86 57.72
CA ARG G 357 -17.22 34.75 56.93
C ARG G 357 -18.45 35.16 57.72
N LYS G 358 -18.53 34.74 58.98
CA LYS G 358 -19.63 35.11 59.86
C LYS G 358 -19.28 36.29 60.75
N ASN G 359 -18.17 36.99 60.47
CA ASN G 359 -17.76 38.24 61.11
C ASN G 359 -17.53 38.07 62.62
N GLU G 360 -16.58 37.20 62.96
CA GLU G 360 -16.04 37.13 64.32
C GLU G 360 -14.54 37.31 64.30
N LEU G 361 -14.02 37.94 63.25
CA LEU G 361 -12.59 37.99 63.00
C LEU G 361 -12.00 39.17 63.76
N ALA G 362 -11.07 38.89 64.67
CA ALA G 362 -10.57 39.91 65.57
C ALA G 362 -9.61 40.86 64.86
N ILE G 363 -9.26 41.95 65.55
CA ILE G 363 -8.34 42.93 64.99
C ILE G 363 -6.90 42.52 65.29
N GLU G 364 -6.68 41.85 66.42
CA GLU G 364 -5.33 41.61 66.93
C GLU G 364 -4.56 40.60 66.06
N ASP G 365 -5.27 39.78 65.29
CA ASP G 365 -4.65 38.85 64.37
C ASP G 365 -4.79 39.29 62.91
N MET G 366 -4.68 40.59 62.63
CA MET G 366 -4.67 41.10 61.27
C MET G 366 -3.42 41.92 60.97
N ASP G 367 -2.52 42.05 61.93
CA ASP G 367 -1.36 42.91 61.78
C ASP G 367 -0.09 42.15 62.15
N GLY G 368 1.04 42.68 61.68
CA GLY G 368 2.33 42.08 61.94
C GLY G 368 2.82 41.13 60.87
N GLY G 369 2.13 41.06 59.73
CA GLY G 369 2.59 40.20 58.65
C GLY G 369 3.88 40.71 58.04
N THR G 370 4.63 39.79 57.45
CA THR G 370 5.92 40.10 56.85
C THR G 370 5.94 39.88 55.34
N PHE G 371 4.92 39.24 54.79
CA PHE G 371 4.84 38.92 53.38
C PHE G 371 3.37 38.62 53.08
N THR G 372 2.98 38.80 51.83
CA THR G 372 1.55 38.75 51.50
C THR G 372 1.32 38.03 50.19
N ILE G 373 0.45 37.05 50.20
CA ILE G 373 -0.05 36.41 48.99
C ILE G 373 -1.38 37.07 48.63
N SER G 374 -1.60 37.33 47.35
CA SER G 374 -2.82 37.98 46.88
C SER G 374 -3.43 37.13 45.77
N ASN G 375 -4.47 36.38 46.11
CA ASN G 375 -5.20 35.59 45.12
C ASN G 375 -6.23 36.50 44.48
N GLY G 376 -5.85 37.10 43.35
CA GLY G 376 -6.80 37.76 42.50
C GLY G 376 -7.09 36.91 41.28
N GLY G 377 -6.79 35.62 41.39
CA GLY G 377 -6.89 34.72 40.27
C GLY G 377 -8.13 33.85 40.27
N VAL G 378 -9.04 34.10 41.22
CA VAL G 378 -10.30 33.36 41.28
C VAL G 378 -11.34 34.07 40.43
N PHE G 379 -10.95 35.14 39.76
CA PHE G 379 -11.83 35.87 38.86
C PHE G 379 -11.38 35.82 37.41
N GLY G 380 -10.12 35.51 37.15
CA GLY G 380 -9.70 35.31 35.78
C GLY G 380 -8.88 36.44 35.17
N SER G 381 -8.08 37.12 35.97
CA SER G 381 -7.15 38.09 35.41
C SER G 381 -5.93 37.37 34.84
N LEU G 382 -5.39 37.91 33.76
CA LEU G 382 -4.22 37.29 33.15
C LEU G 382 -2.97 37.58 33.98
N PHE G 383 -2.62 38.86 34.11
CA PHE G 383 -1.59 39.31 35.03
C PHE G 383 -1.84 40.76 35.37
N GLY G 384 -1.18 41.26 36.40
CA GLY G 384 -1.41 42.62 36.84
C GLY G 384 -0.45 42.99 37.96
N THR G 385 -0.57 44.24 38.41
CA THR G 385 0.35 44.79 39.41
C THR G 385 -0.34 44.91 40.75
N PRO G 386 0.14 44.27 41.80
CA PRO G 386 -0.46 44.45 43.13
C PRO G 386 0.12 45.65 43.86
N ILE G 387 -0.37 45.86 45.09
CA ILE G 387 -0.02 47.01 45.92
C ILE G 387 0.51 46.51 47.27
N ILE G 388 1.59 47.14 47.75
CA ILE G 388 2.24 46.64 48.97
C ILE G 388 1.46 47.03 50.21
N ASN G 389 1.17 46.03 51.04
CA ASN G 389 0.70 46.25 52.40
C ASN G 389 1.78 46.99 53.20
N PRO G 390 1.50 48.22 53.64
CA PRO G 390 2.58 49.20 53.97
C PRO G 390 3.53 48.84 55.12
N PRO G 391 3.19 47.97 56.09
CA PRO G 391 4.28 47.53 56.99
C PRO G 391 5.17 46.42 56.46
N GLN G 392 5.15 46.13 55.15
CA GLN G 392 5.92 45.04 54.58
C GLN G 392 6.81 45.57 53.47
N SER G 393 7.56 44.68 52.83
CA SER G 393 8.49 45.13 51.80
C SER G 393 8.23 44.45 50.46
N ALA G 394 7.45 43.37 50.43
CA ALA G 394 7.17 42.68 49.19
C ALA G 394 5.77 42.09 49.22
N ILE G 395 5.26 41.72 48.05
CA ILE G 395 3.97 41.06 47.91
C ILE G 395 3.97 40.19 46.66
N LEU G 396 3.42 38.99 46.76
CA LEU G 396 3.30 38.07 45.64
C LEU G 396 1.86 38.07 45.14
N GLY G 397 1.69 38.17 43.83
CA GLY G 397 0.37 38.12 43.25
C GLY G 397 0.18 36.97 42.29
N MET G 398 -0.62 35.99 42.67
CA MET G 398 -0.94 34.87 41.82
C MET G 398 -2.17 35.18 40.99
N HIS G 399 -2.32 34.46 39.86
CA HIS G 399 -3.34 34.79 38.88
C HIS G 399 -4.03 33.53 38.35
N ALA G 400 -4.76 33.66 37.26
CA ALA G 400 -5.59 32.59 36.73
C ALA G 400 -4.75 31.56 36.00
N ILE G 401 -5.26 30.34 35.95
CA ILE G 401 -4.60 29.23 35.28
C ILE G 401 -5.28 29.00 33.94
N VAL G 402 -4.50 29.12 32.86
CA VAL G 402 -5.00 28.91 31.51
C VAL G 402 -4.13 27.87 30.82
N ASP G 403 -4.71 27.22 29.82
CA ASP G 403 -3.98 26.27 28.99
C ASP G 403 -3.44 27.01 27.79
N ARG G 404 -2.12 27.03 27.66
CA ARG G 404 -1.44 27.73 26.58
C ARG G 404 -0.43 26.80 25.96
N PRO G 405 -0.14 26.95 24.66
CA PRO G 405 0.87 26.12 24.04
C PRO G 405 2.27 26.45 24.53
N VAL G 406 3.05 25.40 24.81
CA VAL G 406 4.33 25.49 25.49
C VAL G 406 5.36 24.72 24.68
N ALA G 407 6.53 25.32 24.46
CA ALA G 407 7.63 24.63 23.79
C ALA G 407 8.44 23.88 24.83
N VAL G 408 8.22 22.57 24.94
CA VAL G 408 8.95 21.73 25.88
C VAL G 408 9.63 20.59 25.12
N GLY G 409 10.95 20.49 25.29
CA GLY G 409 11.74 19.48 24.61
C GLY G 409 11.80 19.62 23.11
N GLY G 410 11.58 20.82 22.58
CA GLY G 410 11.54 21.01 21.15
C GLY G 410 10.23 20.69 20.50
N LYS G 411 9.18 20.41 21.28
CA LYS G 411 7.86 20.12 20.76
C LYS G 411 6.84 21.04 21.43
N VAL G 412 5.69 21.18 20.81
CA VAL G 412 4.68 22.14 21.21
C VAL G 412 3.57 21.37 21.91
N GLU G 413 3.60 21.37 23.24
CA GLU G 413 2.54 20.78 24.05
C GLU G 413 1.62 21.86 24.60
N ILE G 414 0.58 21.43 25.29
CA ILE G 414 -0.38 22.32 25.94
C ILE G 414 -0.35 22.01 27.43
N ARG G 415 0.01 23.00 28.24
CA ARG G 415 0.17 22.80 29.67
C ARG G 415 -0.42 23.97 30.43
N PRO G 416 -1.06 23.72 31.58
CA PRO G 416 -1.67 24.80 32.37
C PRO G 416 -0.62 25.64 33.09
N MET G 417 -0.55 26.93 32.74
CA MET G 417 0.48 27.80 33.29
C MET G 417 -0.13 29.05 33.89
N MET G 418 0.58 29.61 34.86
CA MET G 418 0.16 30.77 35.63
C MET G 418 1.21 31.86 35.55
N TYR G 419 0.78 33.10 35.34
CA TYR G 419 1.67 34.26 35.51
C TYR G 419 1.66 34.69 36.96
N VAL G 420 2.83 35.03 37.48
CA VAL G 420 2.95 35.55 38.84
C VAL G 420 3.67 36.89 38.79
N ALA G 421 3.48 37.68 39.84
CA ALA G 421 4.04 39.02 39.93
C ALA G 421 4.60 39.22 41.32
N LEU G 422 5.61 40.07 41.43
CA LEU G 422 6.25 40.40 42.69
C LEU G 422 6.52 41.88 42.73
N THR G 423 5.82 42.60 43.61
CA THR G 423 6.03 44.02 43.79
C THR G 423 6.93 44.26 44.99
N TYR G 424 8.05 44.92 44.78
CA TYR G 424 9.09 45.00 45.79
C TYR G 424 9.51 46.44 46.00
N ASP G 425 10.12 46.69 47.15
CA ASP G 425 10.64 48.01 47.52
C ASP G 425 12.06 48.11 46.99
N HIS G 426 12.30 49.09 46.12
CA HIS G 426 13.62 49.19 45.50
C HIS G 426 14.59 49.98 46.38
N ARG G 427 14.10 50.60 47.45
CA ARG G 427 15.00 51.23 48.43
C ARG G 427 15.82 50.18 49.16
N LEU G 428 15.24 49.01 49.41
CA LEU G 428 15.84 47.97 50.22
C LEU G 428 16.29 46.76 49.42
N ILE G 429 15.44 46.25 48.56
CA ILE G 429 15.71 45.04 47.81
C ILE G 429 16.36 45.41 46.48
N ASP G 430 17.43 44.70 46.13
CA ASP G 430 18.15 44.98 44.90
C ASP G 430 17.34 44.50 43.70
N GLY G 431 17.70 44.92 42.50
CA GLY G 431 16.98 44.51 41.31
C GLY G 431 17.24 43.06 40.94
N ARG G 432 18.43 42.55 41.29
CA ARG G 432 18.75 41.16 41.03
C ARG G 432 18.29 40.24 42.14
N GLU G 433 18.01 40.78 43.33
CA GLU G 433 17.55 39.92 44.42
C GLU G 433 16.07 39.61 44.30
N ALA G 434 15.32 40.49 43.65
CA ALA G 434 13.90 40.23 43.44
C ALA G 434 13.70 39.19 42.35
N VAL G 435 14.60 39.14 41.37
CA VAL G 435 14.50 38.14 40.31
C VAL G 435 14.84 36.76 40.84
N THR G 436 15.88 36.68 41.68
CA THR G 436 16.30 35.41 42.26
C THR G 436 15.27 34.89 43.25
N PHE G 437 14.55 35.80 43.91
CA PHE G 437 13.51 35.42 44.86
C PHE G 437 12.34 34.75 44.15
N LEU G 438 11.84 35.38 43.08
CA LEU G 438 10.70 34.84 42.36
C LEU G 438 11.07 33.61 41.56
N ARG G 439 12.35 33.46 41.20
CA ARG G 439 12.80 32.27 40.52
C ARG G 439 12.87 31.09 41.48
N LYS G 440 12.99 31.37 42.77
CA LYS G 440 13.08 30.30 43.77
C LYS G 440 11.69 29.80 44.15
N ILE G 441 10.68 30.68 44.11
CA ILE G 441 9.30 30.26 44.31
C ILE G 441 8.85 29.37 43.17
N LYS G 442 9.32 29.64 41.96
CA LYS G 442 8.96 28.84 40.80
C LYS G 442 9.51 27.42 40.89
N ALA G 443 10.71 27.27 41.46
CA ALA G 443 11.32 25.94 41.53
C ALA G 443 10.63 25.05 42.54
N ALA G 444 10.01 25.65 43.55
CA ALA G 444 9.32 24.90 44.58
C ALA G 444 7.84 24.70 44.29
N VAL G 445 7.36 25.14 43.12
CA VAL G 445 6.03 24.81 42.66
C VAL G 445 6.06 23.98 41.38
N GLU G 446 7.07 24.18 40.53
CA GLU G 446 7.26 23.26 39.41
C GLU G 446 7.76 21.89 39.84
N ASP G 447 8.36 21.80 41.02
CA ASP G 447 8.84 20.54 41.57
C ASP G 447 8.83 20.68 43.08
N PRO G 448 7.78 20.22 43.76
CA PRO G 448 7.67 20.43 45.21
C PRO G 448 8.54 19.51 46.05
N ARG G 449 9.40 18.70 45.46
CA ARG G 449 10.32 17.87 46.22
C ARG G 449 11.59 18.61 46.60
N VAL G 450 11.76 19.86 46.17
CA VAL G 450 12.91 20.66 46.55
C VAL G 450 12.80 21.08 48.01
N LEU G 451 11.58 21.12 48.54
CA LEU G 451 11.36 21.45 49.94
C LEU G 451 11.96 20.42 50.89
N LEU G 452 12.16 19.19 50.44
CA LEU G 452 12.85 18.16 51.19
C LEU G 452 14.36 18.23 51.00
N LEU G 453 14.81 18.71 49.85
CA LEU G 453 16.22 18.87 49.53
C LEU G 453 16.65 20.28 49.93
N ASP G 454 17.78 20.80 49.44
CA ASP G 454 18.22 22.20 49.49
C ASP G 454 17.15 23.29 49.50
N LEU H 221 31.72 -61.30 -31.17
CA LEU H 221 31.36 -62.71 -31.26
C LEU H 221 29.91 -62.81 -31.71
N ARG H 222 29.66 -63.61 -32.75
CA ARG H 222 28.35 -63.75 -33.38
C ARG H 222 27.85 -65.16 -33.15
N ALA H 223 27.04 -65.33 -32.12
CA ALA H 223 26.47 -66.63 -31.77
C ALA H 223 24.96 -66.56 -31.87
N GLU H 224 24.36 -67.58 -32.48
CA GLU H 224 22.92 -67.74 -32.51
C GLU H 224 22.59 -69.23 -32.39
N HIS H 225 21.51 -69.54 -31.69
CA HIS H 225 21.15 -70.92 -31.45
C HIS H 225 19.65 -71.11 -31.61
N ARG H 226 19.28 -72.21 -32.25
CA ARG H 226 17.89 -72.48 -32.57
C ARG H 226 17.25 -73.30 -31.45
N GLU H 227 16.38 -72.66 -30.66
CA GLU H 227 15.53 -73.39 -29.73
C GLU H 227 14.14 -73.50 -30.34
N LYS H 228 13.52 -74.66 -30.18
CA LYS H 228 12.26 -74.95 -30.84
C LYS H 228 11.08 -74.44 -30.01
N MET H 229 9.93 -74.34 -30.65
CA MET H 229 8.68 -73.99 -30.00
C MET H 229 7.74 -75.20 -30.01
N ASN H 230 7.06 -75.44 -28.90
CA ASN H 230 6.26 -76.63 -28.75
C ASN H 230 4.96 -76.54 -29.52
N ARG H 231 4.20 -77.63 -29.48
CA ARG H 231 2.99 -77.75 -30.30
C ARG H 231 1.85 -76.92 -29.73
N MET H 232 1.95 -76.52 -28.47
CA MET H 232 0.96 -75.62 -27.89
C MET H 232 1.14 -74.22 -28.44
N ARG H 233 2.40 -73.77 -28.56
CA ARG H 233 2.67 -72.44 -29.10
C ARG H 233 2.39 -72.42 -30.61
N GLN H 234 2.43 -73.58 -31.26
CA GLN H 234 2.02 -73.70 -32.65
C GLN H 234 0.57 -73.26 -32.87
N ARG H 235 -0.32 -73.68 -31.97
CA ARG H 235 -1.75 -73.42 -32.18
C ARG H 235 -2.10 -71.99 -31.77
N ILE H 236 -1.39 -71.44 -30.78
CA ILE H 236 -1.64 -70.07 -30.33
C ILE H 236 -1.31 -69.07 -31.42
N ALA H 237 -0.17 -69.27 -32.08
CA ALA H 237 0.18 -68.45 -33.24
C ALA H 237 -0.71 -68.75 -34.43
N GLN H 238 -1.32 -69.94 -34.48
CA GLN H 238 -2.22 -70.26 -35.57
C GLN H 238 -3.57 -69.57 -35.39
N ARG H 239 -4.11 -69.59 -34.16
CA ARG H 239 -5.39 -68.93 -33.89
C ARG H 239 -5.26 -67.42 -34.02
N LEU H 240 -4.07 -66.89 -33.78
CA LEU H 240 -3.86 -65.45 -33.79
C LEU H 240 -3.95 -64.88 -35.21
N LYS H 241 -3.39 -65.61 -36.18
CA LYS H 241 -3.46 -65.16 -37.55
C LYS H 241 -4.83 -65.42 -38.17
N GLU H 242 -5.60 -66.37 -37.65
CA GLU H 242 -6.96 -66.57 -38.12
C GLU H 242 -7.88 -65.44 -37.67
N ALA H 243 -7.54 -64.79 -36.57
CA ALA H 243 -8.36 -63.67 -36.10
C ALA H 243 -8.19 -62.44 -36.98
N GLN H 244 -7.03 -62.31 -37.63
CA GLN H 244 -6.83 -61.16 -38.52
C GLN H 244 -7.38 -61.44 -39.91
N ASN H 245 -7.28 -62.68 -40.37
CA ASN H 245 -7.72 -63.03 -41.72
C ASN H 245 -9.22 -63.23 -41.82
N THR H 246 -9.94 -63.22 -40.70
CA THR H 246 -11.40 -63.40 -40.72
C THR H 246 -12.11 -62.05 -40.74
N CYS H 247 -11.83 -61.20 -39.75
CA CYS H 247 -12.60 -59.99 -39.52
C CYS H 247 -11.75 -58.75 -39.81
N ALA H 248 -12.42 -57.71 -40.30
CA ALA H 248 -11.76 -56.45 -40.66
C ALA H 248 -11.72 -55.55 -39.44
N MET H 249 -10.59 -55.53 -38.75
CA MET H 249 -10.47 -54.83 -37.48
C MET H 249 -10.09 -53.38 -37.70
N LEU H 250 -10.76 -52.49 -36.98
CA LEU H 250 -10.42 -51.08 -36.90
C LEU H 250 -10.34 -50.71 -35.44
N THR H 251 -9.90 -49.49 -35.13
CA THR H 251 -9.70 -49.08 -33.75
C THR H 251 -10.13 -47.63 -33.59
N THR H 252 -10.80 -47.33 -32.47
CA THR H 252 -11.20 -45.97 -32.17
C THR H 252 -10.86 -45.66 -30.72
N PHE H 253 -10.56 -44.40 -30.42
CA PHE H 253 -10.03 -43.99 -29.13
C PHE H 253 -10.92 -42.90 -28.53
N ASN H 254 -10.77 -42.69 -27.22
CA ASN H 254 -11.47 -41.65 -26.48
C ASN H 254 -10.68 -41.40 -25.21
N GLU H 255 -11.27 -40.71 -24.24
CA GLU H 255 -10.53 -40.30 -23.06
C GLU H 255 -11.49 -40.09 -21.89
N ILE H 256 -11.19 -40.75 -20.78
CA ILE H 256 -12.06 -40.79 -19.62
C ILE H 256 -11.41 -40.04 -18.47
N ASP H 257 -12.18 -39.20 -17.78
CA ASP H 257 -11.74 -38.49 -16.59
C ASP H 257 -12.09 -39.32 -15.36
N MET H 258 -11.07 -39.73 -14.61
CA MET H 258 -11.21 -40.70 -13.53
C MET H 258 -11.31 -40.04 -12.17
N SER H 259 -11.97 -38.89 -12.06
CA SER H 259 -12.02 -38.19 -10.78
C SER H 259 -13.13 -38.70 -9.88
N ASN H 260 -14.29 -39.03 -10.45
CA ASN H 260 -15.41 -39.48 -9.64
C ASN H 260 -15.24 -40.92 -9.17
N ILE H 261 -14.33 -41.66 -9.78
CA ILE H 261 -14.08 -43.03 -9.34
C ILE H 261 -13.11 -43.04 -8.17
N GLN H 262 -12.14 -42.14 -8.17
CA GLN H 262 -11.11 -42.17 -7.13
C GLN H 262 -11.62 -41.68 -5.79
N ASP H 263 -12.51 -40.67 -5.79
CA ASP H 263 -13.05 -40.23 -4.50
C ASP H 263 -14.15 -41.15 -4.01
N MET H 264 -14.74 -41.94 -4.91
CA MET H 264 -15.58 -43.05 -4.47
C MET H 264 -14.74 -44.09 -3.76
N ARG H 265 -13.53 -44.34 -4.27
CA ARG H 265 -12.61 -45.23 -3.61
C ARG H 265 -11.89 -44.58 -2.45
N ALA H 266 -11.97 -43.26 -2.31
CA ALA H 266 -11.25 -42.62 -1.22
C ALA H 266 -12.01 -42.66 0.09
N ARG H 267 -13.33 -42.60 0.05
CA ARG H 267 -14.13 -42.53 1.28
C ARG H 267 -14.85 -43.84 1.58
N HIS H 268 -15.12 -44.67 0.58
CA HIS H 268 -15.85 -45.89 0.84
C HIS H 268 -14.98 -47.12 0.88
N LYS H 269 -13.65 -47.00 0.82
CA LYS H 269 -12.82 -48.20 0.80
C LYS H 269 -12.71 -48.85 2.18
N GLU H 270 -13.01 -48.10 3.24
CA GLU H 270 -12.87 -48.65 4.58
C GLU H 270 -14.12 -49.38 5.02
N ALA H 271 -15.29 -48.83 4.71
CA ALA H 271 -16.54 -49.53 4.99
C ALA H 271 -16.77 -50.69 4.04
N PHE H 272 -16.09 -50.72 2.90
CA PHE H 272 -16.21 -51.85 1.98
C PHE H 272 -15.42 -53.04 2.49
N LEU H 273 -14.25 -52.79 3.08
CA LEU H 273 -13.38 -53.86 3.57
C LEU H 273 -13.94 -54.48 4.84
N LYS H 274 -14.54 -53.64 5.70
CA LYS H 274 -15.11 -54.16 6.94
C LYS H 274 -16.34 -55.00 6.68
N LYS H 275 -17.13 -54.65 5.67
CA LYS H 275 -18.41 -55.30 5.48
C LYS H 275 -18.35 -56.46 4.49
N HIS H 276 -17.40 -56.45 3.56
CA HIS H 276 -17.31 -57.50 2.55
C HIS H 276 -16.01 -58.29 2.56
N ASN H 277 -14.96 -57.80 3.23
CA ASN H 277 -13.59 -58.34 3.20
C ASN H 277 -13.10 -58.47 1.75
N LEU H 278 -13.12 -57.34 1.04
CA LEU H 278 -12.64 -57.27 -0.33
C LEU H 278 -11.96 -55.93 -0.53
N LYS H 279 -11.23 -55.81 -1.64
CA LYS H 279 -10.59 -54.57 -2.00
C LYS H 279 -11.40 -53.87 -3.09
N LEU H 280 -11.47 -52.55 -3.02
CA LEU H 280 -12.24 -51.76 -3.97
C LEU H 280 -11.31 -51.23 -5.04
N GLY H 281 -11.46 -51.73 -6.28
CA GLY H 281 -10.57 -51.40 -7.36
C GLY H 281 -11.26 -50.67 -8.52
N PHE H 282 -10.46 -50.41 -9.55
CA PHE H 282 -10.96 -49.74 -10.74
C PHE H 282 -11.70 -50.69 -11.65
N MET H 283 -11.34 -51.97 -11.63
CA MET H 283 -11.81 -52.97 -12.59
C MET H 283 -13.32 -53.18 -12.55
N SER H 284 -13.92 -53.17 -11.37
CA SER H 284 -15.36 -53.40 -11.28
C SER H 284 -16.20 -52.24 -11.81
N ALA H 285 -15.62 -51.06 -11.96
CA ALA H 285 -16.34 -49.94 -12.56
C ALA H 285 -16.40 -50.06 -14.06
N PHE H 286 -15.42 -50.71 -14.67
CA PHE H 286 -15.40 -50.89 -16.12
C PHE H 286 -16.21 -52.10 -16.56
N VAL H 287 -16.33 -53.10 -15.71
CA VAL H 287 -17.12 -54.28 -16.05
C VAL H 287 -18.61 -53.97 -15.97
N LYS H 288 -19.02 -53.23 -14.96
CA LYS H 288 -20.43 -52.87 -14.82
C LYS H 288 -20.86 -51.85 -15.86
N ALA H 289 -19.98 -50.93 -16.25
CA ALA H 289 -20.31 -49.98 -17.30
C ALA H 289 -20.30 -50.64 -18.67
N SER H 290 -19.61 -51.77 -18.83
CA SER H 290 -19.60 -52.46 -20.11
C SER H 290 -20.88 -53.25 -20.32
N ALA H 291 -21.44 -53.82 -19.25
CA ALA H 291 -22.71 -54.53 -19.38
C ALA H 291 -23.86 -53.56 -19.59
N PHE H 292 -23.69 -52.32 -19.16
CA PHE H 292 -24.70 -51.31 -19.40
C PHE H 292 -24.75 -50.90 -20.86
N ALA H 293 -23.59 -50.79 -21.51
CA ALA H 293 -23.57 -50.33 -22.89
C ALA H 293 -23.96 -51.45 -23.85
N LEU H 294 -23.69 -52.70 -23.47
CA LEU H 294 -23.99 -53.82 -24.38
C LEU H 294 -25.47 -54.13 -24.42
N GLN H 295 -26.19 -53.89 -23.33
CA GLN H 295 -27.62 -54.20 -23.34
C GLN H 295 -28.42 -53.08 -23.99
N GLU H 296 -27.77 -51.98 -24.34
CA GLU H 296 -28.46 -50.93 -25.07
C GLU H 296 -28.29 -51.09 -26.57
N GLN H 297 -27.09 -51.44 -27.03
CA GLN H 297 -26.84 -51.76 -28.42
C GLN H 297 -26.52 -53.24 -28.55
N PRO H 298 -27.49 -54.08 -28.92
CA PRO H 298 -27.21 -55.52 -29.03
C PRO H 298 -26.40 -55.93 -30.23
N VAL H 299 -26.07 -55.02 -31.16
CA VAL H 299 -25.35 -55.41 -32.36
C VAL H 299 -23.87 -55.65 -32.05
N VAL H 300 -23.37 -55.04 -30.97
CA VAL H 300 -22.00 -55.30 -30.55
C VAL H 300 -21.92 -56.67 -29.87
N ASN H 301 -23.04 -57.14 -29.36
CA ASN H 301 -23.10 -58.44 -28.71
C ASN H 301 -23.13 -59.57 -29.72
N ALA H 302 -23.48 -59.26 -30.97
CA ALA H 302 -23.64 -60.24 -32.03
C ALA H 302 -22.33 -60.85 -32.51
N VAL H 303 -22.41 -61.98 -33.22
CA VAL H 303 -21.26 -62.66 -33.82
C VAL H 303 -21.68 -63.17 -35.20
N ILE H 304 -20.84 -62.93 -36.20
CA ILE H 304 -21.02 -63.50 -37.52
C ILE H 304 -20.35 -64.86 -37.56
N ASP H 305 -21.14 -65.91 -37.78
CA ASP H 305 -20.61 -67.25 -38.07
C ASP H 305 -20.60 -67.44 -39.58
N ASP H 306 -19.40 -67.65 -40.14
CA ASP H 306 -19.24 -67.85 -41.57
C ASP H 306 -19.48 -69.28 -42.02
N THR H 307 -19.97 -70.15 -41.14
CA THR H 307 -20.35 -71.49 -41.56
C THR H 307 -21.61 -71.46 -42.41
N THR H 308 -22.69 -70.92 -41.87
CA THR H 308 -23.91 -70.72 -42.63
C THR H 308 -24.15 -69.28 -43.05
N LYS H 309 -23.12 -68.42 -42.90
CA LYS H 309 -23.19 -66.98 -43.15
C LYS H 309 -24.30 -66.33 -42.33
N GLU H 310 -24.25 -66.53 -41.02
CA GLU H 310 -25.35 -66.20 -40.13
C GLU H 310 -24.91 -65.10 -39.16
N VAL H 311 -25.89 -64.39 -38.59
CA VAL H 311 -25.65 -63.35 -37.60
C VAL H 311 -26.28 -63.83 -36.30
N VAL H 312 -25.46 -64.19 -35.32
CA VAL H 312 -25.93 -64.83 -34.10
C VAL H 312 -26.07 -63.77 -33.02
N TYR H 313 -27.30 -63.36 -32.74
CA TYR H 313 -27.54 -62.49 -31.60
C TYR H 313 -27.45 -63.30 -30.31
N ARG H 314 -27.25 -62.60 -29.20
CA ARG H 314 -27.29 -63.23 -27.88
C ARG H 314 -28.09 -62.34 -26.95
N ASP H 315 -28.65 -62.95 -25.92
CA ASP H 315 -29.40 -62.22 -24.91
C ASP H 315 -28.73 -62.24 -23.54
N TYR H 316 -27.60 -62.91 -23.41
CA TYR H 316 -26.83 -62.92 -22.18
C TYR H 316 -25.50 -62.19 -22.39
N ILE H 317 -24.92 -61.71 -21.31
CA ILE H 317 -23.69 -60.93 -21.35
C ILE H 317 -22.66 -61.62 -20.48
N ASP H 318 -21.57 -62.08 -21.10
CA ASP H 318 -20.48 -62.74 -20.41
C ASP H 318 -19.18 -62.02 -20.76
N ILE H 319 -18.68 -61.21 -19.85
CA ILE H 319 -17.49 -60.39 -20.08
C ILE H 319 -16.27 -61.16 -19.64
N SER H 320 -15.33 -61.36 -20.56
CA SER H 320 -14.06 -62.01 -20.25
C SER H 320 -13.08 -60.96 -19.73
N VAL H 321 -12.35 -61.32 -18.67
CA VAL H 321 -11.44 -60.39 -18.02
C VAL H 321 -10.03 -61.00 -18.08
N ALA H 322 -9.13 -60.34 -18.80
CA ALA H 322 -7.74 -60.77 -18.88
C ALA H 322 -7.02 -60.30 -17.63
N VAL H 323 -6.66 -61.23 -16.76
CA VAL H 323 -5.94 -60.91 -15.52
C VAL H 323 -4.56 -61.55 -15.59
N ALA H 324 -3.55 -60.72 -15.86
CA ALA H 324 -2.17 -61.17 -16.05
C ALA H 324 -1.57 -61.50 -14.69
N THR H 325 -1.38 -62.79 -14.43
CA THR H 325 -0.78 -63.25 -13.18
C THR H 325 0.71 -63.43 -13.41
N PRO H 326 1.47 -63.90 -12.40
CA PRO H 326 2.90 -64.14 -12.66
C PRO H 326 3.15 -65.17 -13.76
N ARG H 327 2.35 -66.23 -13.81
CA ARG H 327 2.54 -67.27 -14.81
C ARG H 327 2.41 -66.74 -16.24
N GLY H 328 1.43 -65.88 -16.48
CA GLY H 328 1.23 -65.35 -17.82
C GLY H 328 -0.18 -64.79 -17.97
N LEU H 329 -0.68 -64.71 -19.20
CA LEU H 329 -2.04 -64.24 -19.40
C LEU H 329 -3.04 -65.39 -19.27
N VAL H 330 -4.15 -65.10 -18.59
CA VAL H 330 -5.31 -65.98 -18.55
C VAL H 330 -6.56 -65.13 -18.75
N VAL H 331 -7.55 -65.71 -19.41
CA VAL H 331 -8.78 -64.97 -19.74
C VAL H 331 -10.03 -65.68 -19.25
N PRO H 332 -10.33 -65.68 -17.95
CA PRO H 332 -11.57 -66.31 -17.49
C PRO H 332 -12.77 -65.43 -17.77
N VAL H 333 -13.95 -66.02 -17.57
CA VAL H 333 -15.21 -65.40 -17.96
C VAL H 333 -16.06 -65.14 -16.73
N ILE H 334 -16.61 -63.94 -16.63
CA ILE H 334 -17.61 -63.60 -15.63
C ILE H 334 -18.98 -63.82 -16.25
N ARG H 335 -19.80 -64.66 -15.62
CA ARG H 335 -21.07 -65.09 -16.19
C ARG H 335 -22.21 -64.24 -15.69
N ASN H 336 -23.09 -63.82 -16.61
CA ASN H 336 -24.38 -63.16 -16.33
C ASN H 336 -24.18 -61.85 -15.56
N VAL H 337 -23.57 -60.89 -16.24
CA VAL H 337 -23.18 -59.63 -15.61
C VAL H 337 -24.36 -58.67 -15.46
N GLU H 338 -25.52 -59.00 -16.05
CA GLU H 338 -26.65 -58.07 -16.09
C GLU H 338 -27.27 -57.79 -14.73
N THR H 339 -27.22 -58.75 -13.81
CA THR H 339 -27.91 -58.63 -12.53
C THR H 339 -27.01 -58.23 -11.38
N MET H 340 -25.72 -58.07 -11.61
CA MET H 340 -24.77 -57.88 -10.52
C MET H 340 -24.65 -56.41 -10.13
N ASN H 341 -23.93 -56.18 -9.04
CA ASN H 341 -23.49 -54.86 -8.63
C ASN H 341 -21.99 -54.89 -8.45
N TYR H 342 -21.43 -53.83 -7.85
CA TYR H 342 -19.99 -53.81 -7.63
C TYR H 342 -19.55 -54.86 -6.61
N ALA H 343 -20.43 -55.23 -5.68
CA ALA H 343 -20.06 -56.21 -4.67
C ALA H 343 -20.00 -57.61 -5.25
N ASP H 344 -20.85 -57.92 -6.24
CA ASP H 344 -20.88 -59.25 -6.81
C ASP H 344 -19.71 -59.47 -7.76
N ILE H 345 -19.35 -58.44 -8.52
CA ILE H 345 -18.24 -58.49 -9.47
C ILE H 345 -16.92 -58.65 -8.71
N GLU H 346 -16.79 -57.98 -7.57
CA GLU H 346 -15.55 -58.04 -6.81
C GLU H 346 -15.35 -59.40 -6.17
N ARG H 347 -16.44 -60.09 -5.82
CA ARG H 347 -16.29 -61.46 -5.32
C ARG H 347 -15.82 -62.38 -6.43
N THR H 348 -16.36 -62.20 -7.63
CA THR H 348 -16.08 -63.11 -8.73
C THR H 348 -14.65 -62.99 -9.20
N ILE H 349 -14.11 -61.78 -9.23
CA ILE H 349 -12.74 -61.58 -9.71
C ILE H 349 -11.73 -62.06 -8.66
N SER H 350 -12.04 -61.87 -7.38
CA SER H 350 -11.06 -62.13 -6.33
C SER H 350 -10.83 -63.62 -6.12
N GLU H 351 -11.91 -64.40 -6.03
CA GLU H 351 -11.73 -65.82 -5.74
C GLU H 351 -11.28 -66.58 -6.98
N LEU H 352 -11.68 -66.12 -8.16
CA LEU H 352 -11.20 -66.74 -9.40
C LEU H 352 -9.79 -66.29 -9.74
N GLY H 353 -9.38 -65.13 -9.21
CA GLY H 353 -7.98 -64.74 -9.32
C GLY H 353 -7.07 -65.65 -8.53
N GLU H 354 -7.57 -66.18 -7.41
CA GLU H 354 -6.79 -67.10 -6.60
C GLU H 354 -6.72 -68.49 -7.22
N LYS H 355 -7.72 -68.84 -8.03
CA LYS H 355 -7.72 -70.15 -8.68
C LYS H 355 -6.65 -70.26 -9.74
N ALA H 356 -6.59 -69.26 -10.63
CA ALA H 356 -5.61 -69.30 -11.71
C ALA H 356 -4.19 -69.02 -11.20
N ARG H 357 -4.07 -68.45 -10.00
CA ARG H 357 -2.75 -68.17 -9.45
C ARG H 357 -2.04 -69.44 -9.02
N LYS H 358 -2.76 -70.36 -8.39
CA LYS H 358 -2.20 -71.64 -7.97
C LYS H 358 -2.50 -72.76 -8.96
N ASN H 359 -2.99 -72.40 -10.16
CA ASN H 359 -3.20 -73.31 -11.30
C ASN H 359 -4.20 -74.42 -10.98
N GLU H 360 -5.43 -74.03 -10.66
CA GLU H 360 -6.56 -74.94 -10.60
C GLU H 360 -7.68 -74.47 -11.52
N LEU H 361 -7.33 -73.67 -12.51
CA LEU H 361 -8.32 -72.97 -13.31
C LEU H 361 -8.75 -73.88 -14.46
N ALA H 362 -10.04 -74.20 -14.51
CA ALA H 362 -10.53 -75.20 -15.45
C ALA H 362 -10.59 -74.65 -16.86
N ILE H 363 -10.83 -75.55 -17.82
CA ILE H 363 -10.92 -75.16 -19.22
C ILE H 363 -12.35 -74.73 -19.55
N GLU H 364 -13.34 -75.33 -18.86
CA GLU H 364 -14.74 -75.17 -19.23
C GLU H 364 -15.26 -73.77 -18.96
N ASP H 365 -14.60 -73.04 -18.06
CA ASP H 365 -14.96 -71.66 -17.78
C ASP H 365 -13.96 -70.67 -18.36
N MET H 366 -13.43 -70.92 -19.56
CA MET H 366 -12.59 -69.98 -20.26
C MET H 366 -13.13 -69.63 -21.64
N ASP H 367 -14.28 -70.17 -22.01
CA ASP H 367 -14.82 -69.98 -23.35
C ASP H 367 -16.27 -69.53 -23.28
N GLY H 368 -16.73 -68.95 -24.38
CA GLY H 368 -18.09 -68.46 -24.48
C GLY H 368 -18.26 -67.00 -24.13
N GLY H 369 -17.19 -66.26 -23.96
CA GLY H 369 -17.31 -64.84 -23.67
C GLY H 369 -17.84 -64.07 -24.87
N THR H 370 -18.45 -62.93 -24.59
CA THR H 370 -19.07 -62.10 -25.62
C THR H 370 -18.40 -60.75 -25.74
N PHE H 371 -17.54 -60.38 -24.80
CA PHE H 371 -16.88 -59.09 -24.76
C PHE H 371 -15.68 -59.23 -23.84
N THR H 372 -14.67 -58.39 -24.04
CA THR H 372 -13.40 -58.60 -23.35
C THR H 372 -12.81 -57.28 -22.88
N ILE H 373 -12.48 -57.20 -21.61
CA ILE H 373 -11.70 -56.11 -21.07
C ILE H 373 -10.25 -56.54 -21.03
N SER H 374 -9.33 -55.64 -21.37
CA SER H 374 -7.90 -55.94 -21.40
C SER H 374 -7.15 -54.88 -20.60
N ASN H 375 -6.77 -55.23 -19.38
CA ASN H 375 -5.98 -54.33 -18.54
C ASN H 375 -4.52 -54.53 -18.91
N GLY H 376 -4.05 -53.69 -19.83
CA GLY H 376 -2.63 -53.57 -20.08
C GLY H 376 -2.09 -52.31 -19.46
N GLY H 377 -2.83 -51.77 -18.50
CA GLY H 377 -2.51 -50.48 -17.91
C GLY H 377 -1.85 -50.59 -16.57
N VAL H 378 -1.53 -51.80 -16.13
CA VAL H 378 -0.82 -51.98 -14.86
C VAL H 378 0.69 -51.94 -15.09
N PHE H 379 1.08 -51.68 -16.33
CA PHE H 379 2.48 -51.53 -16.67
C PHE H 379 2.85 -50.13 -17.15
N GLY H 380 1.89 -49.33 -17.57
CA GLY H 380 2.16 -47.95 -17.89
C GLY H 380 2.24 -47.61 -19.36
N SER H 381 1.44 -48.28 -20.18
CA SER H 381 1.33 -47.87 -21.58
C SER H 381 0.41 -46.67 -21.69
N LEU H 382 0.71 -45.79 -22.64
CA LEU H 382 -0.13 -44.62 -22.82
C LEU H 382 -1.42 -44.99 -23.53
N PHE H 383 -1.32 -45.49 -24.76
CA PHE H 383 -2.44 -46.08 -25.48
C PHE H 383 -1.88 -47.05 -26.51
N GLY H 384 -2.76 -47.88 -27.05
CA GLY H 384 -2.32 -48.90 -27.99
C GLY H 384 -3.50 -49.64 -28.57
N THR H 385 -3.20 -50.59 -29.47
CA THR H 385 -4.23 -51.32 -30.20
C THR H 385 -4.30 -52.74 -29.69
N PRO H 386 -5.45 -53.20 -29.19
CA PRO H 386 -5.59 -54.60 -28.78
C PRO H 386 -5.99 -55.50 -29.94
N ILE H 387 -6.14 -56.80 -29.62
CA ILE H 387 -6.44 -57.84 -30.60
C ILE H 387 -7.71 -58.57 -30.19
N ILE H 388 -8.58 -58.87 -31.15
CA ILE H 388 -9.88 -59.45 -30.83
C ILE H 388 -9.76 -60.94 -30.51
N ASN H 389 -10.30 -61.33 -29.36
CA ASN H 389 -10.53 -62.73 -29.04
C ASN H 389 -11.52 -63.30 -30.06
N PRO H 390 -11.09 -64.29 -30.86
CA PRO H 390 -11.76 -64.58 -32.16
C PRO H 390 -13.21 -65.07 -32.10
N PRO H 391 -13.74 -65.65 -31.03
CA PRO H 391 -15.21 -65.84 -31.02
C PRO H 391 -16.03 -64.62 -30.63
N GLN H 392 -15.47 -63.42 -30.65
CA GLN H 392 -16.17 -62.21 -30.22
C GLN H 392 -16.13 -61.18 -31.34
N SER H 393 -16.70 -60.01 -31.09
CA SER H 393 -16.76 -59.01 -32.14
C SER H 393 -16.12 -57.69 -31.71
N ALA H 394 -15.88 -57.50 -30.41
CA ALA H 394 -15.27 -56.27 -29.94
C ALA H 394 -14.40 -56.56 -28.73
N ILE H 395 -13.53 -55.60 -28.39
CA ILE H 395 -12.68 -55.67 -27.21
C ILE H 395 -12.36 -54.25 -26.74
N LEU H 396 -12.40 -54.04 -25.42
CA LEU H 396 -12.07 -52.77 -24.80
C LEU H 396 -10.68 -52.86 -24.18
N GLY H 397 -9.85 -51.86 -24.44
CA GLY H 397 -8.53 -51.82 -23.85
C GLY H 397 -8.31 -50.61 -22.97
N MET H 398 -8.22 -50.82 -21.67
CA MET H 398 -7.94 -49.74 -20.73
C MET H 398 -6.43 -49.61 -20.53
N HIS H 399 -6.01 -48.43 -20.08
CA HIS H 399 -4.58 -48.09 -20.03
C HIS H 399 -4.22 -47.38 -18.74
N ALA H 400 -3.05 -46.78 -18.70
CA ALA H 400 -2.52 -46.19 -17.48
C ALA H 400 -3.17 -44.85 -17.18
N ILE H 401 -3.17 -44.49 -15.90
CA ILE H 401 -3.74 -43.24 -15.43
C ILE H 401 -2.61 -42.26 -15.17
N VAL H 402 -2.65 -41.13 -15.87
CA VAL H 402 -1.65 -40.08 -15.71
C VAL H 402 -2.35 -38.77 -15.40
N ASP H 403 -1.62 -37.87 -14.76
CA ASP H 403 -2.11 -36.53 -14.49
C ASP H 403 -1.67 -35.62 -15.63
N ARG H 404 -2.64 -35.06 -16.33
CA ARG H 404 -2.38 -34.19 -17.47
C ARG H 404 -3.20 -32.93 -17.32
N PRO H 405 -2.72 -31.80 -17.85
CA PRO H 405 -3.50 -30.57 -17.78
C PRO H 405 -4.73 -30.63 -18.67
N VAL H 406 -5.85 -30.15 -18.13
CA VAL H 406 -7.18 -30.31 -18.71
C VAL H 406 -7.85 -28.95 -18.75
N ALA H 407 -8.46 -28.59 -19.88
CA ALA H 407 -9.23 -27.36 -19.97
C ALA H 407 -10.65 -27.64 -19.55
N VAL H 408 -11.00 -27.28 -18.32
CA VAL H 408 -12.34 -27.47 -17.79
C VAL H 408 -12.90 -26.12 -17.33
N GLY H 409 -14.06 -25.75 -17.87
CA GLY H 409 -14.70 -24.49 -17.55
C GLY H 409 -13.94 -23.27 -18.00
N GLY H 410 -13.08 -23.39 -19.01
CA GLY H 410 -12.26 -22.29 -19.43
C GLY H 410 -11.01 -22.07 -18.61
N LYS H 411 -10.68 -22.98 -17.70
CA LYS H 411 -9.48 -22.90 -16.90
C LYS H 411 -8.70 -24.19 -17.03
N VAL H 412 -7.41 -24.13 -16.69
CA VAL H 412 -6.49 -25.22 -16.91
C VAL H 412 -6.24 -25.90 -15.57
N GLU H 413 -6.92 -27.01 -15.32
CA GLU H 413 -6.72 -27.81 -14.13
C GLU H 413 -5.88 -29.03 -14.47
N ILE H 414 -5.55 -29.82 -13.45
CA ILE H 414 -4.82 -31.07 -13.58
C ILE H 414 -5.70 -32.18 -13.04
N ARG H 415 -6.04 -33.14 -13.90
CA ARG H 415 -6.96 -34.21 -13.52
C ARG H 415 -6.47 -35.53 -14.07
N PRO H 416 -6.63 -36.62 -13.31
CA PRO H 416 -6.16 -37.94 -13.75
C PRO H 416 -7.05 -38.52 -14.85
N MET H 417 -6.48 -38.73 -16.03
CA MET H 417 -7.25 -39.18 -17.18
C MET H 417 -6.63 -40.40 -17.81
N MET H 418 -7.49 -41.21 -18.44
CA MET H 418 -7.13 -42.49 -19.05
C MET H 418 -7.52 -42.49 -20.52
N TYR H 419 -6.65 -42.98 -21.39
CA TYR H 419 -7.03 -43.27 -22.77
C TYR H 419 -7.59 -44.67 -22.85
N VAL H 420 -8.66 -44.83 -23.62
CA VAL H 420 -9.25 -46.14 -23.85
C VAL H 420 -9.33 -46.39 -25.34
N ALA H 421 -9.41 -47.66 -25.71
CA ALA H 421 -9.45 -48.09 -27.10
C ALA H 421 -10.51 -49.15 -27.28
N LEU H 422 -11.06 -49.22 -28.49
CA LEU H 422 -12.08 -50.20 -28.83
C LEU H 422 -11.79 -50.75 -30.21
N THR H 423 -11.44 -52.02 -30.28
CA THR H 423 -11.17 -52.68 -31.56
C THR H 423 -12.41 -53.47 -31.96
N TYR H 424 -12.96 -53.15 -33.13
CA TYR H 424 -14.26 -53.69 -33.52
C TYR H 424 -14.18 -54.29 -34.91
N ASP H 425 -15.15 -55.15 -35.20
CA ASP H 425 -15.28 -55.82 -36.49
C ASP H 425 -16.10 -54.91 -37.40
N HIS H 426 -15.51 -54.49 -38.52
CA HIS H 426 -16.20 -53.54 -39.39
C HIS H 426 -17.13 -54.27 -40.36
N ARG H 427 -17.06 -55.60 -40.43
CA ARG H 427 -18.04 -56.35 -41.21
C ARG H 427 -19.43 -56.25 -40.60
N LEU H 428 -19.51 -56.19 -39.28
CA LEU H 428 -20.76 -56.24 -38.55
C LEU H 428 -21.14 -54.91 -37.91
N ILE H 429 -20.21 -54.28 -37.23
CA ILE H 429 -20.48 -53.05 -36.48
C ILE H 429 -20.19 -51.86 -37.39
N ASP H 430 -21.10 -50.90 -37.40
CA ASP H 430 -20.95 -49.71 -38.24
C ASP H 430 -19.88 -48.80 -37.66
N GLY H 431 -19.41 -47.84 -38.43
CA GLY H 431 -18.39 -46.92 -37.96
C GLY H 431 -18.92 -45.92 -36.95
N ARG H 432 -20.21 -45.59 -37.05
CA ARG H 432 -20.83 -44.69 -36.09
C ARG H 432 -21.35 -45.41 -34.86
N GLU H 433 -21.53 -46.73 -34.93
CA GLU H 433 -22.04 -47.46 -33.78
C GLU H 433 -20.92 -47.76 -32.79
N ALA H 434 -19.69 -47.84 -33.28
CA ALA H 434 -18.55 -48.04 -32.39
C ALA H 434 -18.21 -46.77 -31.63
N VAL H 435 -18.45 -45.61 -32.24
CA VAL H 435 -18.18 -44.36 -31.55
C VAL H 435 -19.22 -44.11 -30.46
N THR H 436 -20.48 -44.42 -30.75
CA THR H 436 -21.55 -44.24 -29.78
C THR H 436 -21.41 -45.23 -28.63
N PHE H 437 -20.86 -46.41 -28.90
CA PHE H 437 -20.66 -47.42 -27.86
C PHE H 437 -19.61 -46.96 -26.85
N LEU H 438 -18.46 -46.49 -27.34
CA LEU H 438 -17.38 -46.08 -26.46
C LEU H 438 -17.71 -44.76 -25.76
N ARG H 439 -18.59 -43.96 -26.36
CA ARG H 439 -19.03 -42.72 -25.72
C ARG H 439 -19.98 -43.03 -24.57
N LYS H 440 -20.64 -44.19 -24.61
CA LYS H 440 -21.58 -44.56 -23.56
C LYS H 440 -20.85 -45.18 -22.37
N ILE H 441 -19.73 -45.85 -22.61
CA ILE H 441 -18.89 -46.33 -21.52
C ILE H 441 -18.28 -45.17 -20.76
N LYS H 442 -17.94 -44.09 -21.48
CA LYS H 442 -17.35 -42.92 -20.84
C LYS H 442 -18.34 -42.22 -19.91
N ALA H 443 -19.62 -42.21 -20.27
CA ALA H 443 -20.61 -41.52 -19.45
C ALA H 443 -20.89 -42.25 -18.16
N ALA H 444 -20.70 -43.56 -18.14
CA ALA H 444 -20.93 -44.37 -16.95
C ALA H 444 -19.69 -44.55 -16.10
N VAL H 445 -18.58 -43.92 -16.47
CA VAL H 445 -17.41 -43.88 -15.61
C VAL H 445 -17.09 -42.45 -15.18
N GLU H 446 -17.37 -41.45 -16.02
CA GLU H 446 -17.29 -40.07 -15.57
C GLU H 446 -18.38 -39.70 -14.59
N ASP H 447 -19.48 -40.44 -14.58
CA ASP H 447 -20.58 -40.23 -13.65
C ASP H 447 -21.28 -41.56 -13.46
N PRO H 448 -20.97 -42.32 -12.42
CA PRO H 448 -21.53 -43.65 -12.26
C PRO H 448 -22.98 -43.68 -11.75
N ARG H 449 -23.64 -42.53 -11.62
CA ARG H 449 -25.04 -42.52 -11.23
C ARG H 449 -25.97 -42.69 -12.41
N VAL H 450 -25.43 -42.77 -13.64
CA VAL H 450 -26.26 -43.01 -14.81
C VAL H 450 -26.76 -44.45 -14.83
N LEU H 451 -26.05 -45.35 -14.14
CA LEU H 451 -26.47 -46.74 -14.03
C LEU H 451 -27.78 -46.92 -13.28
N LEU H 452 -28.14 -45.94 -12.44
CA LEU H 452 -29.44 -45.93 -11.78
C LEU H 452 -30.50 -45.25 -12.62
N LEU H 453 -30.10 -44.32 -13.48
CA LEU H 453 -31.00 -43.61 -14.39
C LEU H 453 -31.05 -44.38 -15.72
N ASP H 454 -31.51 -43.78 -16.81
CA ASP H 454 -31.38 -44.25 -18.20
C ASP H 454 -30.15 -45.07 -18.58
N LEU I 221 -11.80 -16.55 -72.96
CA LEU I 221 -12.85 -16.24 -73.93
C LEU I 221 -13.13 -14.73 -73.88
N ARG I 222 -13.10 -14.08 -75.03
CA ARG I 222 -13.23 -12.63 -75.15
C ARG I 222 -14.53 -12.33 -75.89
N ALA I 223 -15.58 -12.07 -75.13
CA ALA I 223 -16.89 -11.74 -75.69
C ALA I 223 -17.29 -10.34 -75.26
N GLU I 224 -17.81 -9.58 -76.21
CA GLU I 224 -18.39 -8.28 -75.94
C GLU I 224 -19.61 -8.08 -76.83
N HIS I 225 -20.63 -7.42 -76.30
CA HIS I 225 -21.87 -7.26 -77.05
C HIS I 225 -22.41 -5.85 -76.86
N ARG I 226 -22.89 -5.27 -77.95
CA ARG I 226 -23.34 -3.88 -77.96
C ARG I 226 -24.83 -3.84 -77.64
N GLU I 227 -25.18 -3.39 -76.44
CA GLU I 227 -26.57 -3.06 -76.14
C GLU I 227 -26.73 -1.54 -76.19
N LYS I 228 -27.84 -1.08 -76.76
CA LYS I 228 -28.05 0.33 -77.02
C LYS I 228 -28.63 1.02 -75.79
N MET I 229 -28.54 2.34 -75.80
CA MET I 229 -29.14 3.19 -74.77
C MET I 229 -30.27 3.99 -75.39
N ASN I 230 -31.38 4.10 -74.66
CA ASN I 230 -32.57 4.72 -75.20
C ASN I 230 -32.46 6.24 -75.25
N ARG I 231 -33.50 6.87 -75.78
CA ARG I 231 -33.47 8.31 -76.05
C ARG I 231 -33.64 9.10 -74.77
N MET I 232 -34.14 8.47 -73.71
CA MET I 232 -34.22 9.13 -72.41
C MET I 232 -32.83 9.26 -71.79
N ARG I 233 -32.02 8.20 -71.91
CA ARG I 233 -30.67 8.24 -71.38
C ARG I 233 -29.78 9.14 -72.22
N GLN I 234 -30.17 9.37 -73.49
CA GLN I 234 -29.49 10.35 -74.34
C GLN I 234 -29.55 11.74 -73.74
N ARG I 235 -30.70 12.15 -73.23
CA ARG I 235 -30.87 13.51 -72.76
C ARG I 235 -30.25 13.70 -71.37
N ILE I 236 -30.27 12.64 -70.55
CA ILE I 236 -29.70 12.72 -69.21
C ILE I 236 -28.19 12.93 -69.28
N ALA I 237 -27.52 12.19 -70.16
CA ALA I 237 -26.11 12.41 -70.40
C ALA I 237 -25.86 13.73 -71.11
N GLN I 238 -26.86 14.25 -71.82
CA GLN I 238 -26.68 15.55 -72.48
C GLN I 238 -26.78 16.69 -71.49
N ARG I 239 -27.76 16.63 -70.58
CA ARG I 239 -27.90 17.69 -69.57
C ARG I 239 -26.73 17.67 -68.59
N LEU I 240 -26.12 16.51 -68.40
CA LEU I 240 -25.03 16.38 -67.43
C LEU I 240 -23.78 17.10 -67.89
N LYS I 241 -23.47 17.01 -69.18
CA LYS I 241 -22.31 17.68 -69.72
C LYS I 241 -22.55 19.18 -69.90
N GLU I 242 -23.80 19.61 -70.03
CA GLU I 242 -24.09 21.03 -70.09
C GLU I 242 -23.92 21.70 -68.73
N ALA I 243 -24.05 20.93 -67.64
CA ALA I 243 -23.86 21.50 -66.32
C ALA I 243 -22.38 21.76 -66.03
N GLN I 244 -21.49 21.01 -66.69
CA GLN I 244 -20.07 21.26 -66.48
C GLN I 244 -19.55 22.36 -67.40
N ASN I 245 -20.09 22.44 -68.62
CA ASN I 245 -19.61 23.41 -69.58
C ASN I 245 -20.20 24.80 -69.37
N THR I 246 -21.15 24.96 -68.45
CA THR I 246 -21.74 26.26 -68.17
C THR I 246 -21.05 26.95 -67.01
N CYS I 247 -20.99 26.29 -65.86
CA CYS I 247 -20.56 26.91 -64.62
C CYS I 247 -19.23 26.32 -64.14
N ALA I 248 -18.43 27.17 -63.51
CA ALA I 248 -17.10 26.78 -63.02
C ALA I 248 -17.25 26.23 -61.61
N MET I 249 -17.29 24.91 -61.50
CA MET I 249 -17.57 24.27 -60.23
C MET I 249 -16.29 24.07 -59.42
N LEU I 250 -16.36 24.38 -58.13
CA LEU I 250 -15.32 24.08 -57.17
C LEU I 250 -15.97 23.37 -56.00
N THR I 251 -15.17 22.88 -55.06
CA THR I 251 -15.70 22.11 -53.94
C THR I 251 -14.94 22.48 -52.67
N THR I 252 -15.67 22.58 -51.56
CA THR I 252 -15.05 22.86 -50.26
C THR I 252 -15.66 21.91 -49.23
N PHE I 253 -14.86 21.55 -48.23
CA PHE I 253 -15.23 20.52 -47.26
C PHE I 253 -15.16 21.08 -45.84
N ASN I 254 -15.79 20.38 -44.91
CA ASN I 254 -15.78 20.72 -43.49
C ASN I 254 -16.15 19.45 -42.74
N GLU I 255 -16.48 19.58 -41.46
CA GLU I 255 -16.71 18.41 -40.62
C GLU I 255 -17.62 18.75 -39.46
N ILE I 256 -18.69 17.97 -39.32
CA ILE I 256 -19.76 18.25 -38.36
C ILE I 256 -19.75 17.17 -37.28
N ASP I 257 -19.87 17.59 -36.03
CA ASP I 257 -19.98 16.68 -34.89
C ASP I 257 -21.46 16.43 -34.61
N MET I 258 -21.88 15.17 -34.72
CA MET I 258 -23.29 14.80 -34.69
C MET I 258 -23.73 14.31 -33.33
N SER I 259 -23.23 14.89 -32.24
CA SER I 259 -23.57 14.37 -30.93
C SER I 259 -24.87 14.97 -30.40
N ASN I 260 -25.13 16.25 -30.67
CA ASN I 260 -26.34 16.88 -30.16
C ASN I 260 -27.57 16.48 -30.95
N ILE I 261 -27.38 15.89 -32.13
CA ILE I 261 -28.54 15.45 -32.91
C ILE I 261 -28.96 14.06 -32.45
N GLN I 262 -28.00 13.21 -32.08
CA GLN I 262 -28.34 11.83 -31.75
C GLN I 262 -29.02 11.72 -30.39
N ASP I 263 -28.64 12.54 -29.41
CA ASP I 263 -29.32 12.46 -28.13
C ASP I 263 -30.65 13.21 -28.17
N MET I 264 -30.82 14.12 -29.13
CA MET I 264 -32.15 14.64 -29.42
C MET I 264 -33.04 13.53 -29.96
N ARG I 265 -32.48 12.66 -30.81
CA ARG I 265 -33.22 11.52 -31.30
C ARG I 265 -33.26 10.38 -30.29
N ALA I 266 -32.46 10.43 -29.24
CA ALA I 266 -32.47 9.33 -28.30
C ALA I 266 -33.59 9.43 -27.28
N ARG I 267 -33.97 10.64 -26.88
CA ARG I 267 -34.96 10.81 -25.83
C ARG I 267 -36.31 11.28 -26.37
N HIS I 268 -36.34 11.95 -27.52
CA HIS I 268 -37.61 12.44 -28.02
C HIS I 268 -38.19 11.60 -29.14
N LYS I 269 -37.62 10.45 -29.47
CA LYS I 269 -38.15 9.66 -30.59
C LYS I 269 -39.44 8.95 -30.21
N GLU I 270 -39.70 8.77 -28.91
CA GLU I 270 -40.87 8.03 -28.50
C GLU I 270 -42.09 8.94 -28.40
N ALA I 271 -41.92 10.14 -27.87
CA ALA I 271 -43.00 11.11 -27.84
C ALA I 271 -43.28 11.71 -29.20
N PHE I 272 -42.34 11.59 -30.14
CA PHE I 272 -42.58 12.07 -31.50
C PHE I 272 -43.46 11.10 -32.27
N LEU I 273 -43.27 9.80 -32.04
CA LEU I 273 -44.03 8.78 -32.76
C LEU I 273 -45.45 8.70 -32.23
N LYS I 274 -45.63 8.88 -30.92
CA LYS I 274 -46.96 8.82 -30.35
C LYS I 274 -47.81 10.02 -30.77
N LYS I 275 -47.18 11.18 -30.93
CA LYS I 275 -47.95 12.40 -31.16
C LYS I 275 -48.10 12.74 -32.63
N HIS I 276 -47.18 12.29 -33.48
CA HIS I 276 -47.23 12.63 -34.90
C HIS I 276 -47.35 11.43 -35.83
N ASN I 277 -47.07 10.22 -35.36
CA ASN I 277 -46.96 8.99 -36.16
C ASN I 277 -45.97 9.17 -37.30
N LEU I 278 -44.74 9.55 -36.94
CA LEU I 278 -43.66 9.73 -37.89
C LEU I 278 -42.37 9.25 -37.24
N LYS I 279 -41.34 9.08 -38.07
CA LYS I 279 -40.01 8.71 -37.58
C LYS I 279 -39.12 9.94 -37.54
N LEU I 280 -38.27 10.01 -36.52
CA LEU I 280 -37.38 11.15 -36.33
C LEU I 280 -36.02 10.81 -36.89
N GLY I 281 -35.63 11.46 -37.99
CA GLY I 281 -34.40 11.16 -38.69
C GLY I 281 -33.40 12.31 -38.70
N PHE I 282 -32.29 12.05 -39.39
CA PHE I 282 -31.24 13.05 -39.52
C PHE I 282 -31.57 14.10 -40.57
N MET I 283 -32.35 13.71 -41.58
CA MET I 283 -32.59 14.53 -42.76
C MET I 283 -33.26 15.86 -42.47
N SER I 284 -34.22 15.88 -41.54
CA SER I 284 -34.92 17.12 -41.23
C SER I 284 -34.06 18.14 -40.50
N ALA I 285 -32.95 17.72 -39.91
CA ALA I 285 -32.04 18.67 -39.28
C ALA I 285 -31.17 19.38 -40.30
N PHE I 286 -30.92 18.75 -41.43
CA PHE I 286 -30.11 19.37 -42.47
C PHE I 286 -30.94 20.25 -43.39
N VAL I 287 -32.23 19.95 -43.54
CA VAL I 287 -33.08 20.78 -44.39
C VAL I 287 -33.42 22.09 -43.69
N LYS I 288 -33.69 22.03 -42.39
CA LYS I 288 -34.01 23.24 -41.65
C LYS I 288 -32.78 24.12 -41.43
N ALA I 289 -31.61 23.53 -41.27
CA ALA I 289 -30.39 24.32 -41.17
C ALA I 289 -29.97 24.91 -42.50
N SER I 290 -30.42 24.32 -43.61
CA SER I 290 -30.07 24.86 -44.92
C SER I 290 -30.91 26.07 -45.27
N ALA I 291 -32.18 26.08 -44.84
CA ALA I 291 -33.03 27.25 -45.06
C ALA I 291 -32.61 28.40 -44.17
N PHE I 292 -31.96 28.10 -43.06
CA PHE I 292 -31.45 29.15 -42.18
C PHE I 292 -30.26 29.86 -42.80
N ALA I 293 -29.37 29.10 -43.46
CA ALA I 293 -28.17 29.70 -44.01
C ALA I 293 -28.46 30.44 -45.31
N LEU I 294 -29.48 30.01 -46.05
CA LEU I 294 -29.78 30.63 -47.35
C LEU I 294 -30.46 31.97 -47.17
N GLN I 295 -31.23 32.14 -46.10
CA GLN I 295 -31.93 33.41 -45.93
C GLN I 295 -31.01 34.46 -45.31
N GLU I 296 -29.80 34.07 -44.92
CA GLU I 296 -28.84 35.04 -44.41
C GLU I 296 -27.94 35.55 -45.54
N GLN I 297 -27.50 34.65 -46.42
CA GLN I 297 -26.73 35.03 -47.60
C GLN I 297 -27.57 34.76 -48.84
N PRO I 298 -28.24 35.76 -49.40
CA PRO I 298 -29.08 35.53 -50.58
C PRO I 298 -28.33 35.31 -51.88
N VAL I 299 -27.00 35.45 -51.90
CA VAL I 299 -26.25 35.32 -53.15
C VAL I 299 -26.12 33.85 -53.54
N VAL I 300 -26.22 32.94 -52.57
CA VAL I 300 -26.21 31.53 -52.88
C VAL I 300 -27.56 31.11 -53.46
N ASN I 301 -28.59 31.88 -53.15
CA ASN I 301 -29.93 31.59 -53.66
C ASN I 301 -30.07 32.04 -55.12
N ALA I 302 -29.18 32.92 -55.58
CA ALA I 302 -29.23 33.50 -56.91
C ALA I 302 -28.91 32.52 -58.03
N VAL I 303 -29.27 32.86 -59.26
CA VAL I 303 -28.97 32.08 -60.45
C VAL I 303 -28.59 33.05 -61.58
N ILE I 304 -27.49 32.74 -62.28
CA ILE I 304 -27.11 33.47 -63.48
C ILE I 304 -27.80 32.85 -64.68
N ASP I 305 -28.66 33.62 -65.34
CA ASP I 305 -29.22 33.24 -66.64
C ASP I 305 -28.38 33.88 -67.73
N ASP I 306 -27.78 33.05 -68.58
CA ASP I 306 -26.94 33.52 -69.67
C ASP I 306 -27.73 33.89 -70.92
N THR I 307 -29.06 33.92 -70.84
CA THR I 307 -29.85 34.40 -71.97
C THR I 307 -29.71 35.91 -72.12
N THR I 308 -30.04 36.66 -71.09
CA THR I 308 -29.84 38.10 -71.08
C THR I 308 -28.65 38.54 -70.23
N LYS I 309 -27.81 37.58 -69.82
CA LYS I 309 -26.67 37.80 -68.92
C LYS I 309 -27.11 38.44 -67.61
N GLU I 310 -28.07 37.82 -66.94
CA GLU I 310 -28.78 38.42 -65.82
C GLU I 310 -28.50 37.63 -64.54
N VAL I 311 -28.70 38.28 -63.40
CA VAL I 311 -28.53 37.65 -62.09
C VAL I 311 -29.90 37.64 -61.42
N VAL I 312 -30.49 36.46 -61.31
CA VAL I 312 -31.87 36.33 -60.87
C VAL I 312 -31.86 36.01 -59.38
N TYR I 313 -32.19 36.99 -58.55
CA TYR I 313 -32.39 36.73 -57.14
C TYR I 313 -33.74 36.06 -56.93
N ARG I 314 -33.90 35.41 -55.79
CA ARG I 314 -35.18 34.84 -55.40
C ARG I 314 -35.42 35.18 -53.94
N ASP I 315 -36.70 35.19 -53.56
CA ASP I 315 -37.09 35.46 -52.18
C ASP I 315 -37.75 34.25 -51.53
N TYR I 316 -37.91 33.15 -52.24
CA TYR I 316 -38.44 31.91 -51.70
C TYR I 316 -37.35 30.85 -51.69
N ILE I 317 -37.52 29.86 -50.82
CA ILE I 317 -36.53 28.81 -50.63
C ILE I 317 -37.22 27.47 -50.88
N ASP I 318 -36.77 26.76 -51.92
CA ASP I 318 -37.30 25.44 -52.27
C ASP I 318 -36.14 24.47 -52.35
N ILE I 319 -35.99 23.63 -51.32
CA ILE I 319 -34.88 22.71 -51.22
C ILE I 319 -35.28 21.38 -51.85
N SER I 320 -34.51 20.94 -52.84
CA SER I 320 -34.73 19.65 -53.47
C SER I 320 -34.00 18.57 -52.68
N VAL I 321 -34.68 17.44 -52.47
CA VAL I 321 -34.14 16.35 -51.66
C VAL I 321 -34.05 15.12 -52.53
N ALA I 322 -32.83 14.65 -52.77
CA ALA I 322 -32.60 13.42 -53.53
C ALA I 322 -32.84 12.23 -52.61
N VAL I 323 -33.92 11.49 -52.83
CA VAL I 323 -34.24 10.32 -52.02
C VAL I 323 -34.17 9.08 -52.92
N ALA I 324 -33.08 8.33 -52.78
CA ALA I 324 -32.81 7.16 -53.63
C ALA I 324 -33.69 6.01 -53.17
N THR I 325 -34.70 5.69 -53.99
CA THR I 325 -35.61 4.59 -53.71
C THR I 325 -35.07 3.34 -54.41
N PRO I 326 -35.78 2.19 -54.33
CA PRO I 326 -35.31 1.02 -55.07
C PRO I 326 -35.24 1.25 -56.58
N ARG I 327 -36.20 1.97 -57.14
CA ARG I 327 -36.23 2.19 -58.58
C ARG I 327 -35.00 2.96 -59.07
N GLY I 328 -34.58 3.97 -58.32
CA GLY I 328 -33.42 4.76 -58.72
C GLY I 328 -33.42 6.11 -58.01
N LEU I 329 -32.74 7.10 -58.59
CA LEU I 329 -32.76 8.42 -57.98
C LEU I 329 -33.97 9.23 -58.45
N VAL I 330 -34.58 9.93 -57.49
CA VAL I 330 -35.61 10.93 -57.77
C VAL I 330 -35.31 12.17 -56.93
N VAL I 331 -35.63 13.34 -57.48
CA VAL I 331 -35.31 14.59 -56.81
C VAL I 331 -36.55 15.48 -56.64
N PRO I 332 -37.47 15.17 -55.74
CA PRO I 332 -38.62 16.06 -55.54
C PRO I 332 -38.25 17.30 -54.75
N VAL I 333 -39.17 18.25 -54.71
CA VAL I 333 -38.92 19.56 -54.16
C VAL I 333 -39.83 19.78 -52.94
N ILE I 334 -39.23 20.27 -51.86
CA ILE I 334 -39.97 20.74 -50.69
C ILE I 334 -40.19 22.23 -50.84
N ARG I 335 -41.45 22.66 -50.82
CA ARG I 335 -41.81 24.04 -51.13
C ARG I 335 -41.94 24.87 -49.86
N ASN I 336 -41.35 26.08 -49.90
CA ASN I 336 -41.51 27.12 -48.88
C ASN I 336 -41.04 26.66 -47.50
N VAL I 337 -39.72 26.45 -47.41
CA VAL I 337 -39.12 25.85 -46.22
C VAL I 337 -38.95 26.87 -45.10
N GLU I 338 -39.19 28.15 -45.37
CA GLU I 338 -38.90 29.22 -44.41
C GLU I 338 -39.79 29.18 -43.18
N THR I 339 -41.02 28.70 -43.29
CA THR I 339 -41.98 28.77 -42.20
C THR I 339 -42.14 27.46 -41.45
N MET I 340 -41.44 26.41 -41.85
CA MET I 340 -41.68 25.09 -41.29
C MET I 340 -40.88 24.85 -40.02
N ASN I 341 -41.16 23.73 -39.37
CA ASN I 341 -40.37 23.20 -38.28
C ASN I 341 -39.99 21.76 -38.62
N TYR I 342 -39.46 21.03 -37.64
CA TYR I 342 -39.10 19.65 -37.90
C TYR I 342 -40.31 18.77 -38.13
N ALA I 343 -41.47 19.14 -37.57
CA ALA I 343 -42.66 18.32 -37.75
C ALA I 343 -43.24 18.48 -39.15
N ASP I 344 -43.11 19.68 -39.73
CA ASP I 344 -43.68 19.91 -41.06
C ASP I 344 -42.83 19.28 -42.15
N ILE I 345 -41.52 19.31 -41.98
CA ILE I 345 -40.57 18.74 -42.94
C ILE I 345 -40.72 17.22 -42.95
N GLU I 346 -40.93 16.63 -41.79
CA GLU I 346 -41.04 15.18 -41.71
C GLU I 346 -42.33 14.66 -42.34
N ARG I 347 -43.39 15.46 -42.30
CA ARG I 347 -44.61 15.06 -43.02
C ARG I 347 -44.38 15.11 -44.51
N THR I 348 -43.67 16.14 -44.99
CA THR I 348 -43.52 16.35 -46.42
C THR I 348 -42.64 15.26 -47.04
N ILE I 349 -41.60 14.83 -46.34
CA ILE I 349 -40.70 13.81 -46.89
C ILE I 349 -41.37 12.44 -46.87
N SER I 350 -42.15 12.16 -45.82
CA SER I 350 -42.67 10.80 -45.62
C SER I 350 -43.75 10.46 -46.63
N GLU I 351 -44.72 11.36 -46.83
CA GLU I 351 -45.82 11.03 -47.74
C GLU I 351 -45.40 11.16 -49.19
N LEU I 352 -44.47 12.05 -49.49
CA LEU I 352 -43.95 12.14 -50.84
C LEU I 352 -42.95 11.04 -51.14
N GLY I 353 -42.34 10.47 -50.10
CA GLY I 353 -41.53 9.29 -50.29
C GLY I 353 -42.36 8.08 -50.69
N GLU I 354 -43.60 8.04 -50.23
CA GLU I 354 -44.49 6.94 -50.60
C GLU I 354 -45.02 7.11 -52.01
N LYS I 355 -45.10 8.35 -52.50
CA LYS I 355 -45.61 8.60 -53.84
C LYS I 355 -44.63 8.11 -54.90
N ALA I 356 -43.36 8.47 -54.77
CA ALA I 356 -42.36 8.07 -55.75
C ALA I 356 -42.01 6.59 -55.63
N ARG I 357 -42.34 5.96 -54.50
CA ARG I 357 -42.05 4.54 -54.33
C ARG I 357 -42.98 3.68 -55.18
N LYS I 358 -44.25 4.02 -55.24
CA LYS I 358 -45.21 3.29 -56.05
C LYS I 358 -45.46 3.97 -57.39
N ASN I 359 -44.62 4.94 -57.76
CA ASN I 359 -44.59 5.61 -59.07
C ASN I 359 -45.90 6.32 -59.39
N GLU I 360 -46.25 7.30 -58.55
CA GLU I 360 -47.30 8.25 -58.85
C GLU I 360 -46.77 9.68 -58.77
N LEU I 361 -45.47 9.83 -58.92
CA LEU I 361 -44.80 11.10 -58.63
C LEU I 361 -44.84 11.95 -59.90
N ALA I 362 -45.47 13.13 -59.79
CA ALA I 362 -45.72 13.95 -60.96
C ALA I 362 -44.46 14.65 -61.44
N ILE I 363 -44.57 15.24 -62.63
CA ILE I 363 -43.43 15.97 -63.19
C ILE I 363 -43.41 17.40 -62.69
N GLU I 364 -44.60 17.97 -62.41
CA GLU I 364 -44.73 19.40 -62.13
C GLU I 364 -44.10 19.79 -60.79
N ASP I 365 -43.95 18.82 -59.88
CA ASP I 365 -43.29 19.06 -58.61
C ASP I 365 -41.89 18.46 -58.55
N MET I 366 -41.13 18.51 -59.64
CA MET I 366 -39.75 18.09 -59.65
C MET I 366 -38.80 19.19 -60.11
N ASP I 367 -39.33 20.37 -60.40
CA ASP I 367 -38.53 21.45 -60.96
C ASP I 367 -38.76 22.73 -60.18
N GLY I 368 -37.81 23.65 -60.33
CA GLY I 368 -37.87 24.93 -59.65
C GLY I 368 -37.14 24.98 -58.33
N GLY I 369 -36.37 23.95 -57.99
CA GLY I 369 -35.61 23.99 -56.75
C GLY I 369 -34.49 25.00 -56.81
N THR I 370 -34.08 25.47 -55.62
CA THR I 370 -33.06 26.50 -55.51
C THR I 370 -31.81 26.00 -54.80
N PHE I 371 -31.88 24.83 -54.18
CA PHE I 371 -30.78 24.27 -53.41
C PHE I 371 -31.06 22.77 -53.27
N THR I 372 -30.01 21.98 -53.08
CA THR I 372 -30.17 20.53 -53.17
C THR I 372 -29.35 19.84 -52.10
N ILE I 373 -30.00 18.98 -51.32
CA ILE I 373 -29.32 18.07 -50.41
C ILE I 373 -29.16 16.74 -51.12
N SER I 374 -28.00 16.10 -50.96
CA SER I 374 -27.71 14.83 -51.60
C SER I 374 -27.24 13.84 -50.54
N ASN I 375 -28.13 12.94 -50.13
CA ASN I 375 -27.77 11.90 -49.18
C ASN I 375 -27.17 10.74 -49.97
N GLY I 376 -25.85 10.75 -50.09
CA GLY I 376 -25.13 9.59 -50.57
C GLY I 376 -24.47 8.87 -49.41
N GLY I 377 -24.96 9.13 -48.20
CA GLY I 377 -24.33 8.62 -47.00
C GLY I 377 -25.04 7.43 -46.41
N VAL I 378 -26.05 6.90 -47.10
CA VAL I 378 -26.74 5.71 -46.64
C VAL I 378 -26.05 4.47 -47.17
N PHE I 379 -24.95 4.66 -47.90
CA PHE I 379 -24.15 3.56 -48.39
C PHE I 379 -22.77 3.49 -47.80
N GLY I 380 -22.26 4.56 -47.21
CA GLY I 380 -21.01 4.50 -46.50
C GLY I 380 -19.81 5.10 -47.20
N SER I 381 -20.03 6.15 -47.98
CA SER I 381 -18.89 6.88 -48.53
C SER I 381 -18.30 7.79 -47.48
N LEU I 382 -16.98 7.97 -47.54
CA LEU I 382 -16.33 8.83 -46.56
C LEU I 382 -16.58 10.29 -46.90
N PHE I 383 -16.10 10.73 -48.07
CA PHE I 383 -16.44 12.03 -48.64
C PHE I 383 -16.26 11.96 -50.14
N GLY I 384 -16.79 12.96 -50.84
CA GLY I 384 -16.75 12.95 -52.29
C GLY I 384 -17.29 14.25 -52.85
N THR I 385 -17.27 14.34 -54.18
CA THR I 385 -17.66 15.56 -54.87
C THR I 385 -19.00 15.37 -55.56
N PRO I 386 -20.02 16.16 -55.25
CA PRO I 386 -21.30 16.04 -55.95
C PRO I 386 -21.32 16.89 -57.22
N ILE I 387 -22.47 16.85 -57.90
CA ILE I 387 -22.66 17.51 -59.20
C ILE I 387 -23.87 18.44 -59.10
N ILE I 388 -23.76 19.65 -59.67
CA ILE I 388 -24.81 20.65 -59.52
C ILE I 388 -25.99 20.35 -60.42
N ASN I 389 -27.18 20.31 -59.82
CA ASN I 389 -28.43 20.35 -60.56
C ASN I 389 -28.52 21.67 -61.34
N PRO I 390 -28.54 21.60 -62.68
CA PRO I 390 -28.14 22.77 -63.51
C PRO I 390 -29.00 24.02 -63.41
N PRO I 391 -30.28 24.01 -63.00
CA PRO I 391 -30.91 25.31 -62.72
C PRO I 391 -30.59 25.93 -61.36
N GLN I 392 -29.55 25.46 -60.66
CA GLN I 392 -29.23 25.94 -59.32
C GLN I 392 -27.79 26.42 -59.30
N SER I 393 -27.33 26.87 -58.14
CA SER I 393 -25.99 27.42 -58.05
C SER I 393 -25.13 26.70 -57.02
N ALA I 394 -25.75 25.90 -56.13
CA ALA I 394 -24.99 25.19 -55.12
C ALA I 394 -25.67 23.86 -54.80
N ILE I 395 -24.92 22.97 -54.15
CA ILE I 395 -25.43 21.68 -53.70
C ILE I 395 -24.66 21.22 -52.48
N LEU I 396 -25.35 20.69 -51.49
CA LEU I 396 -24.76 20.16 -50.27
C LEU I 396 -24.75 18.64 -50.33
N GLY I 397 -23.61 18.04 -50.02
CA GLY I 397 -23.51 16.60 -49.99
C GLY I 397 -23.15 16.05 -48.63
N MET I 398 -24.10 15.39 -47.98
CA MET I 398 -23.86 14.75 -46.70
C MET I 398 -23.38 13.32 -46.90
N HIS I 399 -22.71 12.78 -45.89
CA HIS I 399 -22.03 11.49 -46.02
C HIS I 399 -22.24 10.63 -44.80
N ALA I 400 -21.45 9.57 -44.67
CA ALA I 400 -21.64 8.57 -43.64
C ALA I 400 -21.12 9.06 -42.30
N ILE I 401 -21.68 8.51 -41.23
CA ILE I 401 -21.31 8.85 -39.86
C ILE I 401 -20.42 7.76 -39.32
N VAL I 402 -19.20 8.13 -38.93
CA VAL I 402 -18.23 7.20 -38.37
C VAL I 402 -17.76 7.74 -37.02
N ASP I 403 -17.30 6.83 -36.18
CA ASP I 403 -16.70 7.18 -34.90
C ASP I 403 -15.21 7.33 -35.08
N ARG I 404 -14.70 8.53 -34.85
CA ARG I 404 -13.28 8.82 -35.02
C ARG I 404 -12.78 9.53 -33.78
N PRO I 405 -11.50 9.36 -33.45
CA PRO I 405 -10.96 10.07 -32.29
C PRO I 405 -10.84 11.57 -32.55
N VAL I 406 -11.24 12.35 -31.54
CA VAL I 406 -11.42 13.79 -31.64
C VAL I 406 -10.69 14.45 -30.49
N ALA I 407 -9.92 15.51 -30.77
CA ALA I 407 -9.27 16.27 -29.73
C ALA I 407 -10.22 17.36 -29.26
N VAL I 408 -10.86 17.13 -28.12
CA VAL I 408 -11.79 18.10 -27.53
C VAL I 408 -11.33 18.44 -26.11
N GLY I 409 -11.13 19.73 -25.85
CA GLY I 409 -10.67 20.20 -24.56
C GLY I 409 -9.28 19.77 -24.19
N GLY I 410 -8.44 19.43 -25.15
CA GLY I 410 -7.12 18.91 -24.86
C GLY I 410 -7.06 17.44 -24.54
N LYS I 411 -8.17 16.72 -24.72
CA LYS I 411 -8.22 15.28 -24.49
C LYS I 411 -8.76 14.60 -25.74
N VAL I 412 -8.51 13.30 -25.84
CA VAL I 412 -8.81 12.53 -27.04
C VAL I 412 -10.05 11.69 -26.74
N GLU I 413 -11.20 12.16 -27.19
CA GLU I 413 -12.45 11.43 -27.07
C GLU I 413 -12.81 10.79 -28.41
N ILE I 414 -13.89 10.02 -28.42
CA ILE I 414 -14.41 9.38 -29.62
C ILE I 414 -15.82 9.90 -29.84
N ARG I 415 -16.06 10.55 -30.96
CA ARG I 415 -17.35 11.18 -31.23
C ARG I 415 -17.76 10.94 -32.67
N PRO I 416 -19.06 10.71 -32.93
CA PRO I 416 -19.53 10.45 -34.30
C PRO I 416 -19.53 11.71 -35.15
N MET I 417 -18.72 11.71 -36.21
CA MET I 417 -18.57 12.90 -37.03
C MET I 417 -18.81 12.59 -38.50
N MET I 418 -19.26 13.61 -39.24
CA MET I 418 -19.62 13.51 -40.64
C MET I 418 -18.82 14.53 -41.45
N TYR I 419 -18.31 14.10 -42.61
CA TYR I 419 -17.77 15.04 -43.57
C TYR I 419 -18.88 15.55 -44.48
N VAL I 420 -18.86 16.84 -44.77
CA VAL I 420 -19.82 17.42 -45.69
C VAL I 420 -19.07 18.14 -46.80
N ALA I 421 -19.74 18.34 -47.92
CA ALA I 421 -19.16 18.98 -49.09
C ALA I 421 -20.15 19.97 -49.67
N LEU I 422 -19.61 21.00 -50.34
CA LEU I 422 -20.42 22.03 -50.96
C LEU I 422 -19.82 22.37 -52.31
N THR I 423 -20.53 22.04 -53.38
CA THR I 423 -20.09 22.35 -54.72
C THR I 423 -20.79 23.61 -55.20
N TYR I 424 -20.02 24.63 -55.55
CA TYR I 424 -20.57 25.95 -55.81
C TYR I 424 -20.09 26.47 -57.14
N ASP I 425 -20.82 27.44 -57.67
CA ASP I 425 -20.50 28.11 -58.92
C ASP I 425 -19.58 29.28 -58.61
N HIS I 426 -18.37 29.25 -59.19
CA HIS I 426 -17.40 30.28 -58.87
C HIS I 426 -17.59 31.53 -59.73
N ARG I 427 -18.45 31.45 -60.75
CA ARG I 427 -18.80 32.65 -61.51
C ARG I 427 -19.60 33.63 -60.65
N LEU I 428 -20.41 33.11 -59.75
CA LEU I 428 -21.33 33.91 -58.96
C LEU I 428 -20.94 34.02 -57.50
N ILE I 429 -20.63 32.91 -56.87
CA ILE I 429 -20.35 32.85 -55.45
C ILE I 429 -18.85 33.03 -55.24
N ASP I 430 -18.48 33.88 -54.30
CA ASP I 430 -17.08 34.16 -54.01
C ASP I 430 -16.46 32.97 -53.29
N GLY I 431 -15.13 32.92 -53.22
CA GLY I 431 -14.45 31.83 -52.55
C GLY I 431 -14.58 31.89 -51.05
N ARG I 432 -14.74 33.09 -50.51
CA ARG I 432 -14.93 33.25 -49.07
C ARG I 432 -16.39 33.15 -48.67
N GLU I 433 -17.32 33.32 -49.61
CA GLU I 433 -18.73 33.23 -49.25
C GLU I 433 -19.18 31.78 -49.17
N ALA I 434 -18.50 30.89 -49.89
CA ALA I 434 -18.84 29.48 -49.80
C ALA I 434 -18.33 28.88 -48.50
N VAL I 435 -17.22 29.39 -47.98
CA VAL I 435 -16.69 28.89 -46.72
C VAL I 435 -17.57 29.34 -45.57
N THR I 436 -18.02 30.59 -45.61
CA THR I 436 -18.88 31.12 -44.56
C THR I 436 -20.26 30.46 -44.57
N PHE I 437 -20.71 30.06 -45.76
CA PHE I 437 -22.00 29.38 -45.89
C PHE I 437 -21.97 28.01 -45.22
N LEU I 438 -20.95 27.22 -45.52
CA LEU I 438 -20.86 25.87 -44.97
C LEU I 438 -20.49 25.90 -43.50
N ARG I 439 -19.86 26.97 -43.04
CA ARG I 439 -19.57 27.11 -41.61
C ARG I 439 -20.84 27.46 -40.84
N LYS I 440 -21.83 28.02 -41.52
CA LYS I 440 -23.07 28.39 -40.85
C LYS I 440 -24.02 27.20 -40.74
N ILE I 441 -23.95 26.28 -41.71
CA ILE I 441 -24.70 25.02 -41.61
C ILE I 441 -24.16 24.19 -40.47
N LYS I 442 -22.85 24.23 -40.24
CA LYS I 442 -22.24 23.47 -39.16
C LYS I 442 -22.68 23.96 -37.79
N ALA I 443 -22.88 25.26 -37.63
CA ALA I 443 -23.25 25.81 -36.34
C ALA I 443 -24.68 25.47 -35.97
N ALA I 444 -25.53 25.24 -36.96
CA ALA I 444 -26.93 24.91 -36.72
C ALA I 444 -27.18 23.41 -36.67
N VAL I 445 -26.14 22.60 -36.78
CA VAL I 445 -26.26 21.17 -36.53
C VAL I 445 -25.42 20.74 -35.32
N GLU I 446 -24.30 21.39 -35.05
CA GLU I 446 -23.60 21.16 -33.80
C GLU I 446 -24.34 21.72 -32.59
N ASP I 447 -25.23 22.68 -32.80
CA ASP I 447 -26.04 23.26 -31.75
C ASP I 447 -27.32 23.77 -32.39
N PRO I 448 -28.41 22.99 -32.37
CA PRO I 448 -29.63 23.39 -33.06
C PRO I 448 -30.46 24.45 -32.36
N ARG I 449 -29.97 25.03 -31.26
CA ARG I 449 -30.68 26.12 -30.59
C ARG I 449 -30.36 27.47 -31.20
N VAL I 450 -29.46 27.53 -32.19
CA VAL I 450 -29.15 28.78 -32.86
C VAL I 450 -30.31 29.19 -33.77
N LEU I 451 -31.13 28.23 -34.18
CA LEU I 451 -32.31 28.50 -35.00
C LEU I 451 -33.34 29.34 -34.27
N LEU I 452 -33.34 29.32 -32.94
CA LEU I 452 -34.18 30.19 -32.13
C LEU I 452 -33.53 31.55 -31.88
N LEU I 453 -32.20 31.60 -31.87
CA LEU I 453 -31.44 32.82 -31.68
C LEU I 453 -31.14 33.43 -33.06
N ASP I 454 -30.18 34.34 -33.18
CA ASP I 454 -29.57 34.83 -34.43
C ASP I 454 -29.50 33.87 -35.63
N LEU J 221 -11.87 -31.11 -67.99
CA LEU J 221 -11.13 -32.04 -68.84
C LEU J 221 -10.71 -33.23 -67.99
N ARG J 222 -11.01 -34.44 -68.48
CA ARG J 222 -10.77 -35.69 -67.75
C ARG J 222 -9.74 -36.49 -68.50
N ALA J 223 -8.48 -36.36 -68.08
CA ALA J 223 -7.37 -37.08 -68.69
C ALA J 223 -6.72 -37.98 -67.67
N GLU J 224 -6.42 -39.21 -68.07
CA GLU J 224 -5.66 -40.16 -67.27
C GLU J 224 -4.76 -40.96 -68.18
N HIS J 225 -3.57 -41.27 -67.70
CA HIS J 225 -2.60 -41.98 -68.52
C HIS J 225 -1.89 -43.04 -67.70
N ARG J 226 -1.70 -44.20 -68.31
CA ARG J 226 -1.14 -45.35 -67.63
C ARG J 226 0.39 -45.36 -67.81
N GLU J 227 1.12 -45.04 -66.75
CA GLU J 227 2.56 -45.27 -66.73
C GLU J 227 2.85 -46.53 -65.92
N LYS J 228 3.78 -47.34 -66.41
CA LYS J 228 4.04 -48.65 -65.83
C LYS J 228 5.02 -48.53 -64.67
N MET J 229 5.06 -49.58 -63.86
CA MET J 229 6.01 -49.71 -62.77
C MET J 229 6.99 -50.83 -63.09
N ASN J 230 8.27 -50.60 -62.79
CA ASN J 230 9.31 -51.53 -63.20
C ASN J 230 9.33 -52.76 -62.29
N ARG J 231 10.23 -53.69 -62.64
CA ARG J 231 10.26 -54.99 -61.98
C ARG J 231 10.88 -54.90 -60.59
N MET J 232 11.60 -53.81 -60.32
CA MET J 232 12.12 -53.57 -58.98
C MET J 232 11.01 -53.17 -58.04
N ARG J 233 10.10 -52.31 -58.50
CA ARG J 233 8.97 -51.89 -57.69
C ARG J 233 7.96 -53.03 -57.53
N GLN J 234 7.97 -53.98 -58.46
CA GLN J 234 7.19 -55.21 -58.30
C GLN J 234 7.56 -55.98 -57.05
N ARG J 235 8.85 -56.12 -56.77
CA ARG J 235 9.28 -56.94 -55.65
C ARG J 235 9.13 -56.21 -54.32
N ILE J 236 9.28 -54.88 -54.34
CA ILE J 236 9.15 -54.09 -53.12
C ILE J 236 7.71 -54.15 -52.60
N ALA J 237 6.74 -54.01 -53.51
CA ALA J 237 5.35 -54.18 -53.14
C ALA J 237 5.03 -55.64 -52.81
N GLN J 238 5.82 -56.58 -53.33
CA GLN J 238 5.58 -57.98 -53.02
C GLN J 238 6.08 -58.33 -51.61
N ARG J 239 7.28 -57.84 -51.25
CA ARG J 239 7.82 -58.09 -49.92
C ARG J 239 6.99 -57.39 -48.85
N LEU J 240 6.34 -56.29 -49.20
CA LEU J 240 5.60 -55.49 -48.24
C LEU J 240 4.34 -56.21 -47.79
N LYS J 241 3.66 -56.87 -48.72
CA LYS J 241 2.46 -57.62 -48.38
C LYS J 241 2.78 -58.94 -47.70
N GLU J 242 3.97 -59.49 -47.91
CA GLU J 242 4.38 -60.69 -47.20
C GLU J 242 4.68 -60.40 -45.73
N ALA J 243 5.06 -59.16 -45.42
CA ALA J 243 5.31 -58.80 -44.03
C ALA J 243 4.02 -58.70 -43.23
N GLN J 244 2.90 -58.40 -43.89
CA GLN J 244 1.64 -58.33 -43.17
C GLN J 244 0.98 -59.70 -43.05
N ASN J 245 1.14 -60.53 -44.08
CA ASN J 245 0.50 -61.85 -44.09
C ASN J 245 1.26 -62.89 -43.28
N THR J 246 2.45 -62.56 -42.78
CA THR J 246 3.22 -63.49 -41.98
C THR J 246 2.98 -63.29 -40.48
N CYS J 247 3.20 -62.07 -39.99
CA CYS J 247 3.22 -61.79 -38.57
C CYS J 247 2.03 -60.91 -38.17
N ALA J 248 1.54 -61.13 -36.97
CA ALA J 248 0.38 -60.39 -36.44
C ALA J 248 0.90 -59.14 -35.75
N MET J 249 0.84 -58.01 -36.46
CA MET J 249 1.41 -56.78 -35.96
C MET J 249 0.42 -56.01 -35.10
N LEU J 250 0.90 -55.51 -33.97
CA LEU J 250 0.15 -54.59 -33.12
C LEU J 250 1.06 -53.40 -32.86
N THR J 251 0.52 -52.37 -32.21
CA THR J 251 1.27 -51.14 -31.98
C THR J 251 0.98 -50.60 -30.59
N THR J 252 2.00 -50.11 -29.91
CA THR J 252 1.82 -49.50 -28.59
C THR J 252 2.60 -48.19 -28.56
N PHE J 253 2.12 -47.23 -27.78
CA PHE J 253 2.65 -45.87 -27.77
C PHE J 253 3.07 -45.47 -26.35
N ASN J 254 3.86 -44.42 -26.27
CA ASN J 254 4.31 -43.85 -24.99
C ASN J 254 4.76 -42.42 -25.29
N GLU J 255 5.46 -41.80 -24.35
CA GLU J 255 5.81 -40.39 -24.49
C GLU J 255 7.06 -40.07 -23.69
N ILE J 256 8.04 -39.47 -24.35
CA ILE J 256 9.36 -39.24 -23.79
C ILE J 256 9.56 -37.74 -23.61
N ASP J 257 10.09 -37.34 -22.46
CA ASP J 257 10.45 -35.94 -22.17
C ASP J 257 11.91 -35.74 -22.55
N MET J 258 12.14 -34.83 -23.50
CA MET J 258 13.46 -34.66 -24.13
C MET J 258 14.24 -33.51 -23.52
N SER J 259 14.13 -33.28 -22.22
CA SER J 259 14.80 -32.12 -21.63
C SER J 259 16.25 -32.42 -21.27
N ASN J 260 16.54 -33.63 -20.80
CA ASN J 260 17.91 -33.95 -20.39
C ASN J 260 18.80 -34.22 -21.59
N ILE J 261 18.22 -34.44 -22.77
CA ILE J 261 19.05 -34.65 -23.95
C ILE J 261 19.44 -33.32 -24.56
N GLN J 262 18.56 -32.32 -24.50
CA GLN J 262 18.84 -31.06 -25.16
C GLN J 262 19.88 -30.24 -24.42
N ASP J 263 19.88 -30.28 -23.08
CA ASP J 263 20.91 -29.53 -22.36
C ASP J 263 22.23 -30.28 -22.34
N MET J 264 22.20 -31.58 -22.58
CA MET J 264 23.43 -32.30 -22.88
C MET J 264 24.01 -31.83 -24.20
N ARG J 265 23.13 -31.59 -25.19
CA ARG J 265 23.57 -31.03 -26.45
C ARG J 265 23.80 -29.54 -26.39
N ALA J 266 23.35 -28.87 -25.34
CA ALA J 266 23.53 -27.42 -25.27
C ALA J 266 24.91 -27.03 -24.79
N ARG J 267 25.51 -27.80 -23.88
CA ARG J 267 26.78 -27.41 -23.28
C ARG J 267 27.95 -28.24 -23.81
N HIS J 268 27.70 -29.46 -24.29
CA HIS J 268 28.80 -30.27 -24.75
C HIS J 268 28.94 -30.33 -26.25
N LYS J 269 28.19 -29.54 -27.02
CA LYS J 269 28.29 -29.64 -28.47
C LYS J 269 29.54 -28.97 -29.00
N GLU J 270 30.16 -28.08 -28.20
CA GLU J 270 31.33 -27.37 -28.69
C GLU J 270 32.61 -28.16 -28.43
N ALA J 271 32.71 -28.78 -27.26
CA ALA J 271 33.84 -29.65 -26.98
C ALA J 271 33.77 -30.97 -27.74
N PHE J 272 32.59 -31.33 -28.24
CA PHE J 272 32.47 -32.54 -29.04
C PHE J 272 32.98 -32.31 -30.45
N LEU J 273 32.73 -31.12 -30.99
CA LEU J 273 33.14 -30.81 -32.35
C LEU J 273 34.65 -30.57 -32.44
N LYS J 274 35.22 -29.96 -31.40
CA LYS J 274 36.65 -29.70 -31.39
C LYS J 274 37.45 -31.00 -31.25
N LYS J 275 36.91 -31.96 -30.49
CA LYS J 275 37.69 -33.14 -30.16
C LYS J 275 37.44 -34.30 -31.11
N HIS J 276 36.27 -34.36 -31.75
CA HIS J 276 35.93 -35.47 -32.63
C HIS J 276 35.65 -35.08 -34.07
N ASN J 277 35.41 -33.80 -34.35
CA ASN J 277 34.94 -33.29 -35.65
C ASN J 277 33.68 -34.01 -36.10
N LEU J 278 32.66 -33.98 -35.24
CA LEU J 278 31.37 -34.56 -35.53
C LEU J 278 30.28 -33.66 -34.95
N LYS J 279 29.05 -33.92 -35.36
CA LYS J 279 27.90 -33.20 -34.84
C LYS J 279 27.17 -34.06 -33.80
N LEU J 280 26.69 -33.43 -32.75
CA LEU J 280 26.01 -34.14 -31.67
C LEU J 280 24.50 -34.07 -31.90
N GLY J 281 23.88 -35.20 -32.22
CA GLY J 281 22.47 -35.24 -32.56
C GLY J 281 21.64 -36.06 -31.59
N PHE J 282 20.35 -36.16 -31.93
CA PHE J 282 19.41 -36.93 -31.12
C PHE J 282 19.52 -38.42 -31.39
N MET J 283 19.93 -38.79 -32.60
CA MET J 283 19.88 -40.17 -33.08
C MET J 283 20.75 -41.12 -32.27
N SER J 284 21.92 -40.69 -31.84
CA SER J 284 22.81 -41.57 -31.08
C SER J 284 22.31 -41.87 -29.67
N ALA J 285 21.39 -41.07 -29.15
CA ALA J 285 20.80 -41.36 -27.84
C ALA J 285 19.75 -42.45 -27.93
N PHE J 286 19.10 -42.59 -29.08
CA PHE J 286 18.09 -43.61 -29.26
C PHE J 286 18.69 -44.95 -29.68
N VAL J 287 19.84 -44.93 -30.33
CA VAL J 287 20.49 -46.18 -30.73
C VAL J 287 21.15 -46.84 -29.53
N LYS J 288 21.79 -46.06 -28.67
CA LYS J 288 22.43 -46.61 -27.49
C LYS J 288 21.41 -47.07 -26.45
N ALA J 289 20.28 -46.39 -26.33
CA ALA J 289 19.24 -46.83 -25.42
C ALA J 289 18.49 -48.04 -25.96
N SER J 290 18.54 -48.27 -27.27
CA SER J 290 17.87 -49.45 -27.83
C SER J 290 18.70 -50.71 -27.62
N ALA J 291 20.02 -50.59 -27.67
CA ALA J 291 20.88 -51.74 -27.40
C ALA J 291 20.86 -52.10 -25.92
N PHE J 292 20.54 -51.12 -25.07
CA PHE J 292 20.42 -51.40 -23.64
C PHE J 292 19.17 -52.21 -23.34
N ALA J 293 18.07 -51.90 -24.02
CA ALA J 293 16.82 -52.59 -23.72
C ALA J 293 16.78 -53.98 -24.34
N LEU J 294 17.49 -54.18 -25.46
CA LEU J 294 17.45 -55.46 -26.14
C LEU J 294 18.29 -56.51 -25.42
N GLN J 295 19.36 -56.09 -24.75
CA GLN J 295 20.19 -57.07 -24.06
C GLN J 295 19.61 -57.45 -22.71
N GLU J 296 18.53 -56.78 -22.29
CA GLU J 296 17.86 -57.16 -21.06
C GLU J 296 16.73 -58.15 -21.33
N GLN J 297 15.95 -57.90 -22.39
CA GLN J 297 14.91 -58.83 -22.83
C GLN J 297 15.32 -59.44 -24.16
N PRO J 298 15.90 -60.64 -24.19
CA PRO J 298 16.32 -61.23 -25.46
C PRO J 298 15.19 -61.75 -26.34
N VAL J 299 13.93 -61.73 -25.88
CA VAL J 299 12.85 -62.30 -26.67
C VAL J 299 12.47 -61.35 -27.80
N VAL J 300 12.75 -60.05 -27.63
CA VAL J 300 12.51 -59.10 -28.71
C VAL J 300 13.58 -59.25 -29.79
N ASN J 301 14.73 -59.79 -29.40
CA ASN J 301 15.82 -60.00 -30.35
C ASN J 301 15.57 -61.23 -31.21
N ALA J 302 14.68 -62.11 -30.78
CA ALA J 302 14.39 -63.38 -31.45
C ALA J 302 13.66 -63.21 -32.77
N VAL J 303 13.67 -64.27 -33.60
CA VAL J 303 12.95 -64.32 -34.87
C VAL J 303 12.35 -65.71 -35.02
N ILE J 304 11.08 -65.77 -35.42
CA ILE J 304 10.42 -67.03 -35.76
C ILE J 304 10.67 -67.31 -37.24
N ASP J 305 11.36 -68.40 -37.54
CA ASP J 305 11.47 -68.92 -38.89
C ASP J 305 10.42 -69.99 -39.08
N ASP J 306 9.51 -69.78 -40.03
CA ASP J 306 8.44 -70.72 -40.32
C ASP J 306 8.86 -71.83 -41.28
N THR J 307 10.14 -71.94 -41.60
CA THR J 307 10.61 -73.08 -42.39
C THR J 307 10.58 -74.36 -41.56
N THR J 308 11.28 -74.38 -40.44
CA THR J 308 11.22 -75.50 -39.52
C THR J 308 10.40 -75.23 -38.28
N LYS J 309 9.62 -74.13 -38.28
CA LYS J 309 8.82 -73.66 -37.14
C LYS J 309 9.70 -73.45 -35.91
N GLU J 310 10.74 -72.65 -36.06
CA GLU J 310 11.81 -72.53 -35.09
C GLU J 310 11.84 -71.12 -34.50
N VAL J 311 12.43 -70.98 -33.32
CA VAL J 311 12.59 -69.69 -32.67
C VAL J 311 14.09 -69.42 -32.58
N VAL J 312 14.57 -68.47 -33.36
CA VAL J 312 16.00 -68.24 -33.52
C VAL J 312 16.41 -67.10 -32.59
N TYR J 313 17.06 -67.44 -31.48
CA TYR J 313 17.64 -66.42 -30.64
C TYR J 313 18.92 -65.89 -31.28
N ARG J 314 19.34 -64.70 -30.85
CA ARG J 314 20.62 -64.15 -31.27
C ARG J 314 21.32 -63.58 -30.06
N ASP J 315 22.64 -63.50 -30.13
CA ASP J 315 23.44 -62.93 -29.07
C ASP J 315 24.15 -61.65 -29.48
N TYR J 316 23.98 -61.22 -30.72
CA TYR J 316 24.51 -59.96 -31.20
C TYR J 316 23.38 -58.99 -31.50
N ILE J 317 23.70 -57.70 -31.49
CA ILE J 317 22.71 -56.64 -31.68
C ILE J 317 23.16 -55.80 -32.86
N ASP J 318 22.36 -55.79 -33.92
CA ASP J 318 22.64 -55.01 -35.12
C ASP J 318 21.41 -54.15 -35.42
N ILE J 319 21.49 -52.86 -35.10
CA ILE J 319 20.37 -51.95 -35.25
C ILE J 319 20.43 -51.29 -36.62
N SER J 320 19.37 -51.46 -37.40
CA SER J 320 19.26 -50.82 -38.70
C SER J 320 18.69 -49.42 -38.53
N VAL J 321 19.28 -48.46 -39.24
CA VAL J 321 18.90 -47.05 -39.12
C VAL J 321 18.44 -46.57 -40.48
N ALA J 322 17.17 -46.22 -40.58
CA ALA J 322 16.61 -45.66 -41.80
C ALA J 322 16.98 -44.18 -41.89
N VAL J 323 17.87 -43.84 -42.82
CA VAL J 323 18.29 -42.45 -42.99
C VAL J 323 17.84 -41.99 -44.39
N ALA J 324 16.77 -41.19 -44.41
CA ALA J 324 16.15 -40.73 -45.65
C ALA J 324 17.02 -39.64 -46.25
N THR J 325 17.69 -39.97 -47.35
CA THR J 325 18.53 -39.00 -48.05
C THR J 325 17.68 -38.36 -49.17
N PRO J 326 18.29 -37.48 -49.99
CA PRO J 326 17.49 -36.94 -51.10
C PRO J 326 17.00 -38.00 -52.08
N ARG J 327 17.82 -39.00 -52.38
CA ARG J 327 17.44 -40.04 -53.32
C ARG J 327 16.20 -40.81 -52.86
N GLY J 328 16.12 -41.14 -51.57
CA GLY J 328 14.99 -41.90 -51.07
C GLY J 328 15.32 -42.55 -49.73
N LEU J 329 14.61 -43.63 -49.38
CA LEU J 329 14.93 -44.32 -48.15
C LEU J 329 16.03 -45.36 -48.38
N VAL J 330 16.97 -45.41 -47.44
CA VAL J 330 17.96 -46.48 -47.35
C VAL J 330 18.04 -46.94 -45.90
N VAL J 331 18.29 -48.24 -45.71
CA VAL J 331 18.32 -48.81 -44.37
C VAL J 331 19.64 -49.55 -44.08
N PRO J 332 20.76 -48.86 -43.86
CA PRO J 332 21.99 -49.57 -43.53
C PRO J 332 21.98 -50.05 -42.09
N VAL J 333 22.97 -50.88 -41.77
CA VAL J 333 23.03 -51.58 -40.49
C VAL J 333 24.26 -51.13 -39.73
N ILE J 334 24.07 -50.82 -38.45
CA ILE J 334 25.17 -50.58 -37.52
C ILE J 334 25.48 -51.89 -36.81
N ARG J 335 26.72 -52.34 -36.91
CA ARG J 335 27.11 -53.66 -36.44
C ARG J 335 27.69 -53.59 -35.03
N ASN J 336 27.24 -54.51 -34.17
CA ASN J 336 27.79 -54.77 -32.83
C ASN J 336 27.70 -53.52 -31.94
N VAL J 337 26.46 -53.17 -31.61
CA VAL J 337 26.18 -51.93 -30.88
C VAL J 337 26.46 -52.06 -29.39
N GLU J 338 26.73 -53.28 -28.90
CA GLU J 338 26.85 -53.53 -27.47
C GLU J 338 28.05 -52.85 -26.83
N THR J 339 29.14 -52.67 -27.57
CA THR J 339 30.38 -52.17 -26.99
C THR J 339 30.62 -50.70 -27.24
N MET J 340 29.74 -50.02 -27.97
CA MET J 340 30.00 -48.66 -28.40
C MET J 340 29.59 -47.64 -27.35
N ASN J 341 29.94 -46.38 -27.62
CA ASN J 341 29.46 -45.23 -26.87
C ASN J 341 28.86 -44.25 -27.87
N TYR J 342 28.57 -43.04 -27.41
CA TYR J 342 28.01 -42.03 -28.32
C TYR J 342 29.02 -41.60 -29.37
N ALA J 343 30.31 -41.68 -29.07
CA ALA J 343 31.32 -41.25 -30.04
C ALA J 343 31.48 -42.26 -31.16
N ASP J 344 31.29 -43.55 -30.86
CA ASP J 344 31.46 -44.58 -31.88
C ASP J 344 30.28 -44.64 -32.83
N ILE J 345 29.07 -44.43 -32.29
CA ILE J 345 27.84 -44.45 -33.07
C ILE J 345 27.82 -43.26 -34.02
N GLU J 346 28.31 -42.11 -33.57
CA GLU J 346 28.29 -40.92 -34.39
C GLU J 346 29.28 -41.01 -35.55
N ARG J 347 30.38 -41.73 -35.37
CA ARG J 347 31.28 -41.97 -36.49
C ARG J 347 30.63 -42.86 -37.52
N THR J 348 29.91 -43.89 -37.06
CA THR J 348 29.36 -44.89 -37.96
C THR J 348 28.25 -44.30 -38.82
N ILE J 349 27.42 -43.43 -38.24
CA ILE J 349 26.30 -42.86 -38.98
C ILE J 349 26.81 -41.82 -39.98
N SER J 350 27.83 -41.05 -39.60
CA SER J 350 28.24 -39.90 -40.41
C SER J 350 28.95 -40.33 -41.69
N GLU J 351 29.89 -41.27 -41.59
CA GLU J 351 30.64 -41.65 -42.78
C GLU J 351 29.82 -42.57 -43.68
N LEU J 352 28.94 -43.37 -43.10
CA LEU J 352 28.05 -44.19 -43.90
C LEU J 352 26.90 -43.38 -44.48
N GLY J 353 26.58 -42.25 -43.85
CA GLY J 353 25.64 -41.34 -44.46
C GLY J 353 26.18 -40.71 -45.72
N GLU J 354 27.51 -40.51 -45.77
CA GLU J 354 28.12 -39.94 -46.96
C GLU J 354 28.23 -40.98 -48.07
N LYS J 355 28.28 -42.27 -47.73
CA LYS J 355 28.39 -43.31 -48.74
C LYS J 355 27.10 -43.44 -49.54
N ALA J 356 25.97 -43.52 -48.84
CA ALA J 356 24.69 -43.68 -49.52
C ALA J 356 24.24 -42.40 -50.20
N ARG J 357 24.83 -41.26 -49.83
CA ARG J 357 24.46 -40.00 -50.45
C ARG J 357 25.00 -39.90 -51.88
N LYS J 358 26.24 -40.33 -52.10
CA LYS J 358 26.84 -40.33 -53.42
C LYS J 358 26.74 -41.69 -54.10
N ASN J 359 25.93 -42.60 -53.55
CA ASN J 359 25.58 -43.90 -54.13
C ASN J 359 26.80 -44.80 -54.32
N GLU J 360 27.48 -45.12 -53.23
CA GLU J 360 28.49 -46.17 -53.19
C GLU J 360 28.15 -47.21 -52.13
N LEU J 361 26.88 -47.28 -51.76
CA LEU J 361 26.45 -48.05 -50.61
C LEU J 361 26.21 -49.50 -51.06
N ALA J 362 26.95 -50.43 -50.47
CA ALA J 362 26.93 -51.80 -50.94
C ALA J 362 25.66 -52.52 -50.51
N ILE J 363 25.46 -53.72 -51.07
CA ILE J 363 24.29 -54.51 -50.73
C ILE J 363 24.56 -55.37 -49.50
N GLU J 364 25.83 -55.76 -49.31
CA GLU J 364 26.17 -56.75 -48.29
C GLU J 364 26.02 -56.21 -46.87
N ASP J 365 26.04 -54.89 -46.72
CA ASP J 365 25.81 -54.25 -45.43
C ASP J 365 24.44 -53.60 -45.33
N MET J 366 23.41 -54.20 -45.89
CA MET J 366 22.04 -53.73 -45.74
C MET J 366 21.12 -54.79 -45.15
N ASP J 367 21.65 -55.96 -44.83
CA ASP J 367 20.83 -57.08 -44.37
C ASP J 367 21.41 -57.66 -43.09
N GLY J 368 20.56 -58.39 -42.37
CA GLY J 368 20.93 -59.01 -41.14
C GLY J 368 20.64 -58.20 -39.90
N GLY J 369 19.90 -57.10 -40.02
CA GLY J 369 19.55 -56.32 -38.84
C GLY J 369 18.57 -57.05 -37.95
N THR J 370 18.58 -56.69 -36.68
CA THR J 370 17.74 -57.34 -35.67
C THR J 370 16.72 -56.39 -35.07
N PHE J 371 16.85 -55.09 -35.33
CA PHE J 371 15.97 -54.07 -34.76
C PHE J 371 16.14 -52.84 -35.63
N THR J 372 15.12 -51.98 -35.65
CA THR J 372 15.10 -50.88 -36.61
C THR J 372 14.57 -49.62 -35.97
N ILE J 373 15.33 -48.53 -36.09
CA ILE J 373 14.87 -47.20 -35.75
C ILE J 373 14.37 -46.54 -37.01
N SER J 374 13.26 -45.82 -36.93
CA SER J 374 12.66 -45.14 -38.08
C SER J 374 12.43 -43.68 -37.75
N ASN J 375 13.31 -42.81 -38.23
CA ASN J 375 13.14 -41.37 -38.03
C ASN J 375 12.23 -40.86 -39.13
N GLY J 376 10.95 -40.80 -38.82
CA GLY J 376 10.00 -40.09 -39.66
C GLY J 376 9.64 -38.77 -39.02
N GLY J 377 10.49 -38.31 -38.10
CA GLY J 377 10.21 -37.12 -37.32
C GLY J 377 10.93 -35.89 -37.79
N VAL J 378 11.63 -35.99 -38.92
CA VAL J 378 12.31 -34.83 -39.48
C VAL J 378 11.37 -34.07 -40.42
N PHE J 379 10.13 -34.55 -40.52
CA PHE J 379 9.12 -33.88 -41.32
C PHE J 379 7.96 -33.33 -40.50
N GLY J 380 7.77 -33.80 -39.27
CA GLY J 380 6.78 -33.19 -38.41
C GLY J 380 5.50 -33.97 -38.22
N SER J 381 5.57 -35.29 -38.25
CA SER J 381 4.40 -36.09 -37.90
C SER J 381 4.24 -36.14 -36.38
N LEU J 382 2.99 -36.17 -35.93
CA LEU J 382 2.75 -36.22 -34.50
C LEU J 382 3.02 -37.61 -33.96
N PHE J 383 2.27 -38.61 -34.44
CA PHE J 383 2.56 -40.02 -34.20
C PHE J 383 1.94 -40.83 -35.31
N GLY J 384 2.33 -42.10 -35.40
CA GLY J 384 1.86 -42.95 -36.48
C GLY J 384 2.34 -44.37 -36.29
N THR J 385 1.94 -45.23 -37.22
CA THR J 385 2.22 -46.65 -37.14
C THR J 385 3.27 -47.05 -38.16
N PRO J 386 4.41 -47.59 -37.76
CA PRO J 386 5.41 -48.05 -38.73
C PRO J 386 5.14 -49.48 -39.19
N ILE J 387 6.01 -49.97 -40.06
CA ILE J 387 5.89 -51.28 -40.69
C ILE J 387 7.16 -52.09 -40.43
N ILE J 388 7.00 -53.38 -40.11
CA ILE J 388 8.14 -54.20 -39.71
C ILE J 388 8.96 -54.61 -40.91
N ASN J 389 10.27 -54.35 -40.84
CA ASN J 389 11.25 -54.94 -41.74
C ASN J 389 11.23 -56.46 -41.57
N PRO J 390 10.85 -57.20 -42.62
CA PRO J 390 10.34 -58.59 -42.44
C PRO J 390 11.31 -59.63 -41.87
N PRO J 391 12.64 -59.50 -41.95
CA PRO J 391 13.45 -60.44 -41.15
C PRO J 391 13.60 -60.09 -39.67
N GLN J 392 12.79 -59.20 -39.12
CA GLN J 392 12.92 -58.76 -37.73
C GLN J 392 11.60 -58.99 -37.01
N SER J 393 11.57 -58.61 -35.74
CA SER J 393 10.37 -58.86 -34.95
C SER J 393 9.79 -57.58 -34.36
N ALA J 394 10.56 -56.49 -34.34
CA ALA J 394 10.07 -55.24 -33.78
C ALA J 394 10.67 -54.06 -34.53
N ILE J 395 10.07 -52.89 -34.35
CA ILE J 395 10.57 -51.64 -34.93
C ILE J 395 10.13 -50.47 -34.05
N LEU J 396 11.04 -49.53 -33.83
CA LEU J 396 10.78 -48.33 -33.05
C LEU J 396 10.60 -47.15 -34.00
N GLY J 397 9.55 -46.37 -33.78
CA GLY J 397 9.32 -45.19 -34.59
C GLY J 397 9.34 -43.90 -33.78
N MET J 398 10.36 -43.09 -33.98
CA MET J 398 10.45 -41.80 -33.32
C MET J 398 9.78 -40.73 -34.18
N HIS J 399 9.40 -39.62 -33.54
CA HIS J 399 8.58 -38.61 -34.20
C HIS J 399 9.05 -37.20 -33.86
N ALA J 400 8.24 -36.21 -34.15
CA ALA J 400 8.62 -34.81 -34.03
C ALA J 400 8.58 -34.36 -32.58
N ILE J 401 9.38 -33.35 -32.27
CA ILE J 401 9.47 -32.78 -30.94
C ILE J 401 8.68 -31.49 -30.91
N VAL J 402 7.66 -31.43 -30.04
CA VAL J 402 6.82 -30.25 -29.89
C VAL J 402 6.82 -29.84 -28.43
N ASP J 403 6.55 -28.57 -28.19
CA ASP J 403 6.39 -28.03 -26.85
C ASP J 403 4.93 -28.11 -26.46
N ARG J 404 4.63 -28.88 -25.42
CA ARG J 404 3.26 -29.08 -24.96
C ARG J 404 3.22 -28.85 -23.46
N PRO J 405 2.08 -28.39 -22.93
CA PRO J 405 1.98 -28.21 -21.48
C PRO J 405 1.94 -29.55 -20.75
N VAL J 406 2.70 -29.62 -19.66
CA VAL J 406 3.00 -30.85 -18.93
C VAL J 406 2.70 -30.63 -17.45
N ALA J 407 1.99 -31.56 -16.83
CA ALA J 407 1.75 -31.49 -15.39
C ALA J 407 2.90 -32.18 -14.67
N VAL J 408 3.83 -31.38 -14.14
CA VAL J 408 4.98 -31.90 -13.41
C VAL J 408 5.00 -31.29 -12.01
N GLY J 409 5.01 -32.14 -10.99
CA GLY J 409 5.00 -31.71 -9.61
C GLY J 409 3.75 -30.99 -9.17
N GLY J 410 2.63 -31.21 -9.85
CA GLY J 410 1.41 -30.50 -9.54
C GLY J 410 1.31 -29.13 -10.17
N LYS J 411 2.23 -28.77 -11.04
CA LYS J 411 2.21 -27.49 -11.75
C LYS J 411 2.29 -27.73 -13.24
N VAL J 412 1.88 -26.73 -14.02
CA VAL J 412 1.74 -26.86 -15.46
C VAL J 412 2.92 -26.14 -16.10
N GLU J 413 3.94 -26.89 -16.49
CA GLU J 413 5.08 -26.36 -17.21
C GLU J 413 4.95 -26.67 -18.69
N ILE J 414 5.91 -26.18 -19.48
CA ILE J 414 5.99 -26.44 -20.91
C ILE J 414 7.32 -27.11 -21.18
N ARG J 415 7.28 -28.33 -21.71
CA ARG J 415 8.49 -29.12 -21.92
C ARG J 415 8.42 -29.82 -23.27
N PRO J 416 9.55 -29.93 -23.97
CA PRO J 416 9.57 -30.58 -25.29
C PRO J 416 9.45 -32.09 -25.18
N MET J 417 8.37 -32.64 -25.74
CA MET J 417 8.10 -34.06 -25.61
C MET J 417 7.86 -34.70 -26.97
N MET J 418 8.17 -35.99 -27.04
CA MET J 418 8.09 -36.79 -28.26
C MET J 418 7.19 -38.00 -28.04
N TYR J 419 6.32 -38.29 -29.01
CA TYR J 419 5.61 -39.56 -29.01
C TYR J 419 6.45 -40.61 -29.71
N VAL J 420 6.47 -41.82 -29.16
CA VAL J 420 7.17 -42.93 -29.79
C VAL J 420 6.20 -44.09 -29.97
N ALA J 421 6.53 -44.98 -30.89
CA ALA J 421 5.69 -46.11 -31.23
C ALA J 421 6.55 -47.35 -31.35
N LEU J 422 5.95 -48.51 -31.09
CA LEU J 422 6.64 -49.79 -31.18
C LEU J 422 5.70 -50.79 -31.82
N THR J 423 6.03 -51.24 -33.03
CA THR J 423 5.25 -52.25 -33.72
C THR J 423 5.89 -53.60 -33.54
N TYR J 424 5.16 -54.55 -32.97
CA TYR J 424 5.74 -55.80 -32.54
C TYR J 424 4.93 -56.97 -33.09
N ASP J 425 5.58 -58.13 -33.13
CA ASP J 425 4.96 -59.38 -33.58
C ASP J 425 4.29 -60.03 -32.38
N HIS J 426 2.98 -60.23 -32.47
CA HIS J 426 2.26 -60.76 -31.33
C HIS J 426 2.30 -62.29 -31.30
N ARG J 427 2.80 -62.92 -32.37
CA ARG J 427 3.03 -64.36 -32.32
C ARG J 427 4.13 -64.72 -31.33
N LEU J 428 5.13 -63.86 -31.20
CA LEU J 428 6.32 -64.12 -30.41
C LEU J 428 6.39 -63.30 -29.15
N ILE J 429 6.17 -62.00 -29.24
CA ILE J 429 6.32 -61.09 -28.11
C ILE J 429 4.97 -60.96 -27.42
N ASP J 430 4.98 -61.05 -26.09
CA ASP J 430 3.76 -60.95 -25.30
C ASP J 430 3.27 -59.51 -25.29
N GLY J 431 2.02 -59.30 -24.86
CA GLY J 431 1.47 -57.97 -24.81
C GLY J 431 2.04 -57.13 -23.69
N ARG J 432 2.47 -57.80 -22.61
CA ARG J 432 3.09 -57.09 -21.50
C ARG J 432 4.58 -56.92 -21.68
N GLU J 433 5.20 -57.69 -22.57
CA GLU J 433 6.64 -57.56 -22.78
C GLU J 433 6.95 -56.40 -23.70
N ALA J 434 6.01 -56.04 -24.57
CA ALA J 434 6.22 -54.90 -25.44
C ALA J 434 6.05 -53.59 -24.68
N VAL J 435 5.20 -53.59 -23.65
CA VAL J 435 5.02 -52.38 -22.85
C VAL J 435 6.25 -52.15 -21.97
N THR J 436 6.79 -53.23 -21.40
CA THR J 436 7.97 -53.11 -20.55
C THR J 436 9.21 -52.74 -21.35
N PHE J 437 9.25 -53.16 -22.62
CA PHE J 437 10.36 -52.83 -23.49
C PHE J 437 10.40 -51.33 -23.79
N LEU J 438 9.26 -50.77 -24.19
CA LEU J 438 9.21 -49.36 -24.55
C LEU J 438 9.30 -48.47 -23.32
N ARG J 439 8.93 -48.99 -22.15
CA ARG J 439 9.10 -48.24 -20.91
C ARG J 439 10.56 -48.18 -20.51
N LYS J 440 11.36 -49.14 -20.97
CA LYS J 440 12.78 -49.16 -20.62
C LYS J 440 13.58 -48.23 -21.52
N ILE J 441 13.14 -48.06 -22.77
CA ILE J 441 13.76 -47.08 -23.66
C ILE J 441 13.52 -45.67 -23.14
N LYS J 442 12.34 -45.44 -22.57
CA LYS J 442 12.00 -44.13 -22.03
C LYS J 442 12.88 -43.76 -20.84
N ALA J 443 13.23 -44.74 -20.01
CA ALA J 443 14.03 -44.44 -18.81
C ALA J 443 15.46 -44.09 -19.17
N ALA J 444 15.96 -44.58 -20.30
CA ALA J 444 17.33 -44.32 -20.73
C ALA J 444 17.43 -43.12 -21.65
N VAL J 445 16.33 -42.42 -21.90
CA VAL J 445 16.37 -41.14 -22.60
C VAL J 445 15.89 -40.00 -21.71
N GLU J 446 14.97 -40.25 -20.77
CA GLU J 446 14.65 -39.25 -19.77
C GLU J 446 15.76 -39.06 -18.77
N ASP J 447 16.64 -40.04 -18.61
CA ASP J 447 17.79 -39.97 -17.71
C ASP J 447 18.86 -40.88 -18.27
N PRO J 448 19.82 -40.35 -19.03
CA PRO J 448 20.82 -41.21 -19.69
C PRO J 448 21.92 -41.73 -18.77
N ARG J 449 21.84 -41.48 -17.45
CA ARG J 449 22.81 -42.04 -16.53
C ARG J 449 22.47 -43.44 -16.08
N VAL J 450 21.32 -43.98 -16.52
CA VAL J 450 20.95 -45.36 -16.20
C VAL J 450 21.83 -46.33 -16.98
N LEU J 451 22.39 -45.89 -18.10
CA LEU J 451 23.29 -46.72 -18.90
C LEU J 451 24.58 -47.06 -18.16
N LEU J 452 24.97 -46.25 -17.17
CA LEU J 452 26.09 -46.56 -16.30
C LEU J 452 25.68 -47.43 -15.12
N LEU J 453 24.44 -47.32 -14.68
CA LEU J 453 23.88 -48.11 -13.59
C LEU J 453 23.25 -49.38 -14.17
N ASP J 454 22.39 -50.09 -13.45
CA ASP J 454 21.50 -51.16 -13.92
C ASP J 454 20.97 -51.09 -15.35
N LEU K 221 32.50 65.80 18.86
CA LEU K 221 32.01 67.15 19.10
C LEU K 221 30.82 67.07 20.06
N ARG K 222 30.87 67.86 21.14
CA ARG K 222 29.88 67.84 22.20
C ARG K 222 29.15 69.16 22.22
N ALA K 223 27.99 69.20 21.56
CA ALA K 223 27.17 70.39 21.47
C ALA K 223 25.82 70.13 22.12
N GLU K 224 25.35 71.07 22.92
CA GLU K 224 24.02 71.05 23.49
C GLU K 224 23.48 72.46 23.54
N HIS K 225 22.18 72.61 23.29
CA HIS K 225 21.58 73.93 23.23
C HIS K 225 20.23 73.92 23.93
N ARG K 226 19.98 74.98 24.70
CA ARG K 226 18.77 75.07 25.52
C ARG K 226 17.67 75.76 24.73
N GLU K 227 16.67 74.99 24.29
CA GLU K 227 15.44 75.57 23.77
C GLU K 227 14.37 75.51 24.84
N LYS K 228 13.59 76.58 24.95
CA LYS K 228 12.63 76.70 26.04
C LYS K 228 11.31 76.03 25.67
N MET K 229 10.50 75.79 26.71
CA MET K 229 9.15 75.26 26.54
C MET K 229 8.14 76.33 26.93
N ASN K 230 7.08 76.44 26.14
CA ASN K 230 6.13 77.53 26.33
C ASN K 230 5.21 77.27 27.53
N ARG K 231 4.34 78.25 27.80
CA ARG K 231 3.53 78.24 29.00
C ARG K 231 2.38 77.24 28.88
N MET K 232 2.06 76.83 27.66
CA MET K 232 1.06 75.79 27.46
C MET K 232 1.61 74.43 27.88
N ARG K 233 2.87 74.16 27.51
CA ARG K 233 3.50 72.91 27.89
C ARG K 233 3.81 72.88 29.38
N GLN K 234 3.92 74.05 29.99
CA GLN K 234 4.03 74.15 31.45
C GLN K 234 2.84 73.53 32.16
N ARG K 235 1.63 73.81 31.68
CA ARG K 235 0.44 73.35 32.38
C ARG K 235 0.16 71.88 32.10
N ILE K 236 0.52 71.40 30.91
CA ILE K 236 0.30 70.00 30.54
C ILE K 236 1.15 69.09 31.42
N ALA K 237 2.42 69.46 31.61
CA ALA K 237 3.26 68.72 32.53
C ALA K 237 2.84 68.92 33.98
N GLN K 238 2.14 70.03 34.27
CA GLN K 238 1.66 70.25 35.63
C GLN K 238 0.45 69.38 35.94
N ARG K 239 -0.50 69.30 35.00
CA ARG K 239 -1.68 68.46 35.21
C ARG K 239 -1.32 66.99 35.24
N LEU K 240 -0.24 66.62 34.56
CA LEU K 240 0.15 65.22 34.46
C LEU K 240 0.66 64.69 35.79
N LYS K 241 1.43 65.51 36.51
CA LYS K 241 1.94 65.10 37.81
C LYS K 241 0.88 65.18 38.90
N GLU K 242 -0.15 66.00 38.70
CA GLU K 242 -1.26 66.03 39.65
C GLU K 242 -2.12 64.77 39.55
N ALA K 243 -2.14 64.14 38.38
CA ALA K 243 -2.91 62.92 38.22
C ALA K 243 -2.26 61.74 38.94
N GLN K 244 -0.93 61.78 39.12
CA GLN K 244 -0.28 60.70 39.84
C GLN K 244 -0.30 60.94 41.35
N ASN K 245 -0.22 62.19 41.77
CA ASN K 245 -0.17 62.51 43.18
C ASN K 245 -1.54 62.52 43.84
N THR K 246 -2.61 62.38 43.06
CA THR K 246 -3.97 62.36 43.62
C THR K 246 -4.44 60.93 43.86
N CYS K 247 -4.43 60.11 42.82
CA CYS K 247 -5.05 58.79 42.86
C CYS K 247 -4.01 57.69 42.79
N ALA K 248 -4.30 56.58 43.46
CA ALA K 248 -3.39 55.44 43.52
C ALA K 248 -3.69 54.51 42.35
N MET K 249 -2.90 54.63 41.29
CA MET K 249 -3.16 53.91 40.06
C MET K 249 -2.53 52.53 40.07
N LEU K 250 -3.30 51.54 39.64
CA LEU K 250 -2.82 50.19 39.41
C LEU K 250 -3.24 49.80 38.00
N THR K 251 -2.78 48.64 37.53
CA THR K 251 -3.05 48.22 36.16
C THR K 251 -3.31 46.72 36.13
N THR K 252 -4.29 46.31 35.32
CA THR K 252 -4.59 44.89 35.17
C THR K 252 -4.76 44.60 33.68
N PHE K 253 -4.43 43.39 33.26
CA PHE K 253 -4.37 43.01 31.85
C PHE K 253 -5.27 41.81 31.59
N ASN K 254 -5.56 41.58 30.33
CA ASN K 254 -6.35 40.44 29.86
C ASN K 254 -6.05 40.27 28.38
N GLU K 255 -6.86 39.47 27.69
CA GLU K 255 -6.56 39.14 26.31
C GLU K 255 -7.84 38.77 25.57
N ILE K 256 -8.06 39.42 24.43
CA ILE K 256 -9.30 39.32 23.67
C ILE K 256 -9.02 38.63 22.35
N ASP K 257 -9.87 37.68 21.97
CA ASP K 257 -9.80 37.01 20.68
C ASP K 257 -10.68 37.76 19.70
N MET K 258 -10.08 38.28 18.63
CA MET K 258 -10.74 39.19 17.70
C MET K 258 -11.25 38.49 16.46
N SER K 259 -11.74 37.25 16.57
CA SER K 259 -12.15 36.53 15.38
C SER K 259 -13.57 36.86 14.97
N ASN K 260 -14.47 37.05 15.93
CA ASN K 260 -15.87 37.32 15.59
C ASN K 260 -16.08 38.75 15.14
N ILE K 261 -15.11 39.62 15.38
CA ILE K 261 -15.24 41.00 14.92
C ILE K 261 -14.77 41.11 13.47
N GLN K 262 -13.75 40.34 13.09
CA GLN K 262 -13.19 40.50 11.76
C GLN K 262 -14.09 39.90 10.69
N ASP K 263 -14.77 38.78 10.98
CA ASP K 263 -15.68 38.24 9.97
C ASP K 263 -17.00 38.99 9.94
N MET K 264 -17.32 39.71 11.02
CA MET K 264 -18.39 40.69 10.94
C MET K 264 -18.02 41.81 9.99
N ARG K 265 -16.75 42.23 10.03
CA ARG K 265 -16.27 43.24 9.11
C ARG K 265 -15.95 42.66 7.74
N ALA K 266 -15.89 41.33 7.61
CA ALA K 266 -15.54 40.77 6.32
C ALA K 266 -16.73 40.67 5.38
N ARG K 267 -17.93 40.43 5.90
CA ARG K 267 -19.10 40.22 5.05
C ARG K 267 -20.05 41.41 5.07
N HIS K 268 -20.05 42.22 6.12
CA HIS K 268 -20.99 43.33 6.17
C HIS K 268 -20.35 44.67 5.84
N LYS K 269 -19.09 44.72 5.41
CA LYS K 269 -18.48 46.03 5.15
C LYS K 269 -18.97 46.64 3.85
N GLU K 270 -19.54 45.83 2.96
CA GLU K 270 -19.97 46.35 1.67
C GLU K 270 -21.39 46.91 1.74
N ALA K 271 -22.27 46.22 2.44
CA ALA K 271 -23.62 46.73 2.66
C ALA K 271 -23.65 47.88 3.66
N PHE K 272 -22.60 48.03 4.46
CA PHE K 272 -22.53 49.15 5.39
C PHE K 272 -22.14 50.43 4.65
N LEU K 273 -21.25 50.32 3.67
CA LEU K 273 -20.78 51.49 2.94
C LEU K 273 -21.84 51.99 1.97
N LYS K 274 -22.59 51.07 1.37
CA LYS K 274 -23.64 51.46 0.44
C LYS K 274 -24.80 52.15 1.15
N LYS K 275 -25.10 51.72 2.37
CA LYS K 275 -26.30 52.19 3.04
C LYS K 275 -26.04 53.38 3.96
N HIS K 276 -24.82 53.53 4.47
CA HIS K 276 -24.50 54.59 5.41
C HIS K 276 -23.42 55.55 4.94
N ASN K 277 -22.63 55.18 3.92
CA ASN K 277 -21.43 55.91 3.47
C ASN K 277 -20.46 56.13 4.62
N LEU K 278 -20.07 55.05 5.27
CA LEU K 278 -19.12 55.06 6.37
C LEU K 278 -18.24 53.84 6.27
N LYS K 279 -17.15 53.85 7.03
CA LYS K 279 -16.26 52.71 7.10
C LYS K 279 -16.50 51.94 8.39
N LEU K 280 -16.43 50.62 8.31
CA LEU K 280 -16.67 49.76 9.47
C LEU K 280 -15.35 49.38 10.12
N GLY K 281 -15.10 49.89 11.32
CA GLY K 281 -13.84 49.71 12.00
C GLY K 281 -13.96 48.93 13.31
N PHE K 282 -12.81 48.80 13.96
CA PHE K 282 -12.74 48.10 15.24
C PHE K 282 -13.22 48.97 16.38
N MET K 283 -13.06 50.29 16.26
CA MET K 283 -13.28 51.24 17.35
C MET K 283 -14.71 51.24 17.87
N SER K 284 -15.70 51.12 17.00
CA SER K 284 -17.09 51.15 17.45
C SER K 284 -17.51 49.91 18.22
N ALA K 285 -16.75 48.82 18.12
CA ALA K 285 -17.05 47.63 18.91
C ALA K 285 -16.57 47.78 20.34
N PHE K 286 -15.53 48.57 20.56
CA PHE K 286 -15.00 48.79 21.90
C PHE K 286 -15.75 49.89 22.64
N VAL K 287 -16.31 50.85 21.91
CA VAL K 287 -17.06 51.92 22.56
C VAL K 287 -18.43 51.41 23.02
N LYS K 288 -19.08 50.59 22.21
CA LYS K 288 -20.38 50.05 22.58
C LYS K 288 -20.26 48.99 23.68
N ALA K 289 -19.18 48.22 23.70
CA ALA K 289 -18.97 47.27 24.78
C ALA K 289 -18.55 47.95 26.07
N SER K 290 -18.01 49.17 25.99
CA SER K 290 -17.62 49.88 27.19
C SER K 290 -18.82 50.51 27.88
N ALA K 291 -19.81 50.97 27.10
CA ALA K 291 -21.02 51.51 27.70
C ALA K 291 -21.87 50.39 28.30
N PHE K 292 -21.71 49.17 27.81
CA PHE K 292 -22.42 48.04 28.37
C PHE K 292 -21.88 47.68 29.74
N ALA K 293 -20.56 47.74 29.92
CA ALA K 293 -19.96 47.33 31.18
C ALA K 293 -20.12 48.39 32.25
N LEU K 294 -20.18 49.67 31.83
CA LEU K 294 -20.27 50.76 32.80
C LEU K 294 -21.66 50.86 33.41
N GLN K 295 -22.70 50.50 32.65
CA GLN K 295 -24.05 50.62 33.18
C GLN K 295 -24.40 49.43 34.06
N GLU K 296 -23.52 48.43 34.12
CA GLU K 296 -23.75 47.31 35.02
C GLU K 296 -23.06 47.54 36.37
N GLN K 297 -21.84 48.05 36.34
CA GLN K 297 -21.13 48.43 37.56
C GLN K 297 -20.99 49.94 37.60
N PRO K 298 -21.86 50.67 38.32
CA PRO K 298 -21.77 52.12 38.36
C PRO K 298 -20.62 52.68 39.19
N VAL K 299 -19.86 51.84 39.90
CA VAL K 299 -18.81 52.36 40.77
C VAL K 299 -17.60 52.79 39.94
N VAL K 300 -17.45 52.23 38.74
CA VAL K 300 -16.37 52.66 37.85
C VAL K 300 -16.73 54.00 37.23
N ASN K 301 -18.03 54.30 37.17
CA ASN K 301 -18.49 55.57 36.62
C ASN K 301 -18.30 56.71 37.61
N ALA K 302 -18.12 56.39 38.89
CA ALA K 302 -18.01 57.36 39.96
C ALA K 302 -16.70 58.16 39.93
N VAL K 303 -16.67 59.29 40.66
CA VAL K 303 -15.48 60.13 40.81
C VAL K 303 -15.43 60.62 42.25
N ILE K 304 -14.26 60.51 42.87
CA ILE K 304 -14.01 61.09 44.18
C ILE K 304 -13.56 62.54 44.01
N ASP K 305 -14.35 63.48 44.53
CA ASP K 305 -13.94 64.87 44.64
C ASP K 305 -13.39 65.10 46.04
N ASP K 306 -12.12 65.49 46.13
CA ASP K 306 -11.47 65.74 47.40
C ASP K 306 -11.72 67.14 47.95
N THR K 307 -12.62 67.91 47.33
CA THR K 307 -12.99 69.20 47.88
C THR K 307 -13.82 69.02 49.15
N THR K 308 -14.95 68.32 49.03
CA THR K 308 -15.77 68.00 50.17
C THR K 308 -15.64 66.55 50.61
N LYS K 309 -14.63 65.83 50.08
CA LYS K 309 -14.42 64.39 50.31
C LYS K 309 -15.65 63.57 49.93
N GLU K 310 -16.11 63.75 48.69
CA GLU K 310 -17.40 63.25 48.26
C GLU K 310 -17.21 62.20 47.17
N VAL K 311 -18.22 61.36 46.98
CA VAL K 311 -18.22 60.33 45.95
C VAL K 311 -19.36 60.67 44.99
N VAL K 312 -19.00 61.12 43.78
CA VAL K 312 -19.98 61.67 42.84
C VAL K 312 -20.35 60.56 41.86
N TYR K 313 -21.54 59.98 42.03
CA TYR K 313 -22.05 59.06 41.04
C TYR K 313 -22.55 59.84 39.83
N ARG K 314 -22.69 59.15 38.70
CA ARG K 314 -23.28 59.73 37.52
C ARG K 314 -24.24 58.71 36.92
N ASP K 315 -25.22 59.22 36.17
CA ASP K 315 -26.19 58.36 35.50
C ASP K 315 -26.08 58.45 33.99
N TYR K 316 -25.16 59.25 33.46
CA TYR K 316 -24.90 59.33 32.04
C TYR K 316 -23.51 58.79 31.74
N ILE K 317 -23.32 58.37 30.49
CA ILE K 317 -22.07 57.75 30.06
C ILE K 317 -21.52 58.56 28.89
N ASP K 318 -20.37 59.18 29.09
CA ASP K 318 -19.70 59.96 28.04
C ASP K 318 -18.28 59.43 27.89
N ILE K 319 -18.04 58.67 26.83
CA ILE K 319 -16.76 58.03 26.59
C ILE K 319 -15.89 58.94 25.75
N SER K 320 -14.72 59.29 26.26
CA SER K 320 -13.75 60.09 25.52
C SER K 320 -12.90 59.18 24.66
N VAL K 321 -12.66 59.59 23.42
CA VAL K 321 -11.92 58.78 22.45
C VAL K 321 -10.70 59.57 22.01
N ALA K 322 -9.53 59.06 22.33
CA ALA K 322 -8.27 59.67 21.91
C ALA K 322 -8.00 59.27 20.46
N VAL K 323 -8.10 60.22 19.54
CA VAL K 323 -7.87 59.96 18.12
C VAL K 323 -6.65 60.79 17.69
N ALA K 324 -5.52 60.11 17.56
CA ALA K 324 -4.24 60.74 17.24
C ALA K 324 -4.23 61.11 15.76
N THR K 325 -4.32 62.41 15.49
CA THR K 325 -4.29 62.91 14.11
C THR K 325 -2.85 63.30 13.78
N PRO K 326 -2.58 63.84 12.57
CA PRO K 326 -1.21 64.28 12.30
C PRO K 326 -0.71 65.36 13.25
N ARG K 327 -1.57 66.30 13.63
CA ARG K 327 -1.17 67.39 14.50
C ARG K 327 -0.69 66.88 15.87
N GLY K 328 -1.40 65.90 16.44
CA GLY K 328 -1.02 65.38 17.74
C GLY K 328 -2.18 64.64 18.38
N LEU K 329 -2.18 64.53 19.71
CA LEU K 329 -3.30 63.89 20.38
C LEU K 329 -4.42 64.89 20.66
N VAL K 330 -5.65 64.44 20.42
CA VAL K 330 -6.86 65.16 20.84
C VAL K 330 -7.81 64.15 21.46
N VAL K 331 -8.56 64.60 22.45
CA VAL K 331 -9.47 63.72 23.20
C VAL K 331 -10.91 64.25 23.21
N PRO K 332 -11.65 64.17 22.11
CA PRO K 332 -13.05 64.62 22.15
C PRO K 332 -13.93 63.59 22.83
N VAL K 333 -15.16 64.01 23.10
CA VAL K 333 -16.11 63.24 23.91
C VAL K 333 -17.30 62.84 23.05
N ILE K 334 -17.68 61.58 23.15
CA ILE K 334 -18.93 61.08 22.58
C ILE K 334 -19.99 61.12 23.66
N ARG K 335 -21.09 61.83 23.40
CA ARG K 335 -22.09 62.10 24.40
C ARG K 335 -23.23 61.08 24.33
N ASN K 336 -23.64 60.59 25.50
CA ASN K 336 -24.83 59.75 25.70
C ASN K 336 -24.77 58.46 24.88
N VAL K 337 -23.82 57.60 25.26
CA VAL K 337 -23.53 56.39 24.50
C VAL K 337 -24.54 55.28 24.77
N GLU K 338 -25.44 55.46 25.75
CA GLU K 338 -26.33 54.39 26.19
C GLU K 338 -27.37 54.00 25.14
N THR K 339 -27.79 54.93 24.28
CA THR K 339 -28.88 54.69 23.36
C THR K 339 -28.42 54.38 21.94
N MET K 340 -27.12 54.40 21.67
CA MET K 340 -26.63 54.31 20.32
C MET K 340 -26.46 52.86 19.87
N ASN K 341 -26.16 52.71 18.59
CA ASN K 341 -25.74 51.43 18.00
C ASN K 341 -24.42 51.66 17.29
N TYR K 342 -23.99 50.69 16.50
CA TYR K 342 -22.74 50.85 15.76
C TYR K 342 -22.85 51.91 14.68
N ALA K 343 -24.05 52.15 14.16
CA ALA K 343 -24.21 53.14 13.10
C ALA K 343 -24.13 54.55 13.65
N ASP K 344 -24.59 54.76 14.89
CA ASP K 344 -24.59 56.10 15.47
C ASP K 344 -23.20 56.49 15.93
N ILE K 345 -22.44 55.54 16.47
CA ILE K 345 -21.09 55.77 16.94
C ILE K 345 -20.17 56.08 15.77
N GLU K 346 -20.38 55.40 14.65
CA GLU K 346 -19.53 55.60 13.49
C GLU K 346 -19.76 56.97 12.84
N ARG K 347 -20.98 57.49 12.93
CA ARG K 347 -21.20 58.86 12.46
C ARG K 347 -20.49 59.86 13.34
N THR K 348 -20.52 59.64 14.65
CA THR K 348 -19.99 60.61 15.59
C THR K 348 -18.47 60.70 15.50
N ILE K 349 -17.80 59.57 15.30
CA ILE K 349 -16.34 59.57 15.22
C ILE K 349 -15.87 60.16 13.90
N SER K 350 -16.60 59.88 12.81
CA SER K 350 -16.12 60.24 11.48
C SER K 350 -16.18 61.75 11.24
N GLU K 351 -17.31 62.38 11.57
CA GLU K 351 -17.44 63.80 11.29
C GLU K 351 -16.66 64.65 12.28
N LEU K 352 -16.55 64.17 13.52
CA LEU K 352 -15.74 64.87 14.50
C LEU K 352 -14.25 64.62 14.28
N GLY K 353 -13.91 63.52 13.62
CA GLY K 353 -12.54 63.33 13.21
C GLY K 353 -12.11 64.33 12.14
N GLU K 354 -13.05 64.76 11.32
CA GLU K 354 -12.75 65.75 10.29
C GLU K 354 -12.64 67.15 10.89
N LYS K 355 -13.31 67.39 12.02
CA LYS K 355 -13.26 68.70 12.65
C LYS K 355 -11.89 68.98 13.24
N ALA K 356 -11.37 68.03 14.02
CA ALA K 356 -10.08 68.22 14.66
C ALA K 356 -8.93 68.12 13.67
N ARG K 357 -9.18 67.54 12.49
CA ARG K 357 -8.13 67.43 11.49
C ARG K 357 -7.80 68.77 10.86
N LYS K 358 -8.83 69.57 10.56
CA LYS K 358 -8.63 70.89 10.00
C LYS K 358 -8.69 71.99 11.06
N ASN K 359 -8.65 71.61 12.34
CA ASN K 359 -8.55 72.50 13.51
C ASN K 359 -9.74 73.46 13.59
N GLU K 360 -10.93 72.90 13.75
CA GLU K 360 -12.12 73.66 14.12
C GLU K 360 -12.76 73.07 15.37
N LEU K 361 -11.96 72.34 16.16
CA LEU K 361 -12.48 71.54 17.25
C LEU K 361 -12.57 72.41 18.49
N ALA K 362 -13.79 72.56 19.03
CA ALA K 362 -14.03 73.51 20.10
C ALA K 362 -13.49 72.99 21.43
N ILE K 363 -13.47 73.87 22.42
CA ILE K 363 -13.01 73.51 23.75
C ILE K 363 -14.14 72.90 24.56
N GLU K 364 -15.37 73.35 24.30
CA GLU K 364 -16.51 73.02 25.16
C GLU K 364 -16.91 71.55 25.06
N ASP K 365 -16.54 70.89 23.97
CA ASP K 365 -16.77 69.46 23.79
C ASP K 365 -15.51 68.63 23.95
N MET K 366 -14.63 68.99 24.88
CA MET K 366 -13.46 68.18 25.20
C MET K 366 -13.40 67.80 26.66
N ASP K 367 -14.40 68.19 27.45
CA ASP K 367 -14.37 67.96 28.89
C ASP K 367 -15.68 67.33 29.34
N GLY K 368 -15.63 66.72 30.52
CA GLY K 368 -16.77 66.06 31.10
C GLY K 368 -16.87 64.58 30.81
N GLY K 369 -15.83 63.98 30.24
CA GLY K 369 -15.86 62.56 29.98
C GLY K 369 -15.80 61.75 31.26
N THR K 370 -16.32 60.53 31.20
CA THR K 370 -16.39 59.66 32.36
C THR K 370 -15.55 58.40 32.20
N PHE K 371 -15.06 58.13 30.99
CA PHE K 371 -14.29 56.94 30.68
C PHE K 371 -13.55 57.22 29.39
N THR K 372 -12.43 56.52 29.18
CA THR K 372 -11.55 56.89 28.08
C THR K 372 -11.00 55.65 27.40
N ILE K 373 -11.15 55.58 26.09
CA ILE K 373 -10.48 54.58 25.27
C ILE K 373 -9.22 55.21 24.71
N SER K 374 -8.13 54.45 24.68
CA SER K 374 -6.84 54.94 24.19
C SER K 374 -6.31 53.97 23.14
N ASN K 375 -6.45 54.34 21.87
CA ASN K 375 -5.91 53.52 20.78
C ASN K 375 -4.45 53.92 20.59
N GLY K 376 -3.57 53.18 21.25
CA GLY K 376 -2.16 53.26 20.96
C GLY K 376 -1.72 52.06 20.16
N GLY K 377 -2.69 51.41 19.52
CA GLY K 377 -2.43 50.16 18.83
C GLY K 377 -2.33 50.31 17.33
N VAL K 378 -2.36 51.55 16.83
CA VAL K 378 -2.20 51.79 15.41
C VAL K 378 -0.72 51.95 15.06
N PHE K 379 0.14 51.78 16.07
CA PHE K 379 1.57 51.82 15.86
C PHE K 379 2.27 50.51 16.14
N GLY K 380 1.65 49.59 16.87
CA GLY K 380 2.21 48.28 17.02
C GLY K 380 2.85 47.98 18.36
N SER K 381 2.34 48.57 19.43
CA SER K 381 2.80 48.18 20.76
C SER K 381 2.15 46.88 21.18
N LEU K 382 2.90 46.07 21.92
CA LEU K 382 2.36 44.79 22.37
C LEU K 382 1.37 45.00 23.52
N PHE K 383 1.85 45.56 24.63
CA PHE K 383 1.00 46.01 25.72
C PHE K 383 1.76 47.07 26.51
N GLY K 384 1.05 47.80 27.36
CA GLY K 384 1.67 48.89 28.09
C GLY K 384 0.68 49.48 29.08
N THR K 385 1.17 50.47 29.83
CA THR K 385 0.39 51.08 30.90
C THR K 385 -0.06 52.47 30.50
N PRO K 386 -1.36 52.75 30.46
CA PRO K 386 -1.82 54.10 30.16
C PRO K 386 -1.89 54.99 31.40
N ILE K 387 -2.32 56.23 31.21
CA ILE K 387 -2.37 57.25 32.25
C ILE K 387 -3.79 57.81 32.35
N ILE K 388 -4.28 58.00 33.58
CA ILE K 388 -5.67 58.39 33.76
C ILE K 388 -5.87 59.88 33.46
N ASN K 389 -6.84 60.16 32.60
CA ASN K 389 -7.37 61.50 32.43
C ASN K 389 -7.98 61.98 33.75
N PRO K 390 -7.42 63.03 34.36
CA PRO K 390 -7.61 63.25 35.82
C PRO K 390 -9.03 63.54 36.32
N PRO K 391 -9.98 64.03 35.52
CA PRO K 391 -11.37 64.02 36.06
C PRO K 391 -12.10 62.69 35.98
N GLN K 392 -11.42 61.57 35.75
CA GLN K 392 -12.05 60.27 35.58
C GLN K 392 -11.47 59.29 36.58
N SER K 393 -11.93 58.05 36.53
CA SER K 393 -11.47 57.06 37.50
C SER K 393 -10.86 55.84 36.84
N ALA K 394 -11.09 55.65 35.54
CA ALA K 394 -10.54 54.50 34.83
C ALA K 394 -10.22 54.87 33.40
N ILE K 395 -9.42 54.02 32.74
CA ILE K 395 -9.07 54.18 31.33
C ILE K 395 -8.76 52.81 30.74
N LEU K 396 -9.26 52.56 29.53
CA LEU K 396 -9.01 51.33 28.80
C LEU K 396 -7.97 51.58 27.72
N GLY K 397 -6.98 50.71 27.63
CA GLY K 397 -5.98 50.83 26.59
C GLY K 397 -5.92 49.64 25.67
N MET K 398 -6.35 49.82 24.42
CA MET K 398 -6.29 48.77 23.42
C MET K 398 -4.96 48.84 22.68
N HIS K 399 -4.57 47.71 22.07
CA HIS K 399 -3.24 47.57 21.50
C HIS K 399 -3.29 46.88 20.15
N ALA K 400 -2.15 46.43 19.66
CA ALA K 400 -2.01 45.89 18.32
C ALA K 400 -2.55 44.48 18.24
N ILE K 401 -2.98 44.08 17.04
CA ILE K 401 -3.51 42.75 16.78
C ILE K 401 -2.44 41.92 16.10
N VAL K 402 -2.05 40.82 16.74
CA VAL K 402 -1.05 39.91 16.20
C VAL K 402 -1.63 38.51 16.14
N ASP K 403 -1.08 37.70 15.25
CA ASP K 403 -1.45 36.30 15.15
C ASP K 403 -0.51 35.48 16.03
N ARG K 404 -1.06 34.81 17.02
CA ARG K 404 -0.29 34.03 17.97
C ARG K 404 -0.93 32.66 18.09
N PRO K 405 -0.14 31.62 18.37
CA PRO K 405 -0.72 30.30 18.57
C PRO K 405 -1.53 30.22 19.85
N VAL K 406 -2.70 29.58 19.74
CA VAL K 406 -3.73 29.57 20.78
C VAL K 406 -4.15 28.14 21.02
N ALA K 407 -4.25 27.73 22.29
CA ALA K 407 -4.75 26.41 22.63
C ALA K 407 -6.26 26.48 22.77
N VAL K 408 -6.98 26.04 21.75
CA VAL K 408 -8.44 26.05 21.75
C VAL K 408 -8.94 24.62 21.50
N GLY K 409 -9.77 24.12 22.41
CA GLY K 409 -10.29 22.77 22.31
C GLY K 409 -9.27 21.67 22.44
N GLY K 410 -8.13 21.93 23.05
CA GLY K 410 -7.07 20.96 23.11
C GLY K 410 -6.18 20.89 21.89
N LYS K 411 -6.34 21.82 20.95
CA LYS K 411 -5.52 21.87 19.75
C LYS K 411 -4.92 23.26 19.62
N VAL K 412 -3.86 23.36 18.83
CA VAL K 412 -3.07 24.58 18.73
C VAL K 412 -3.42 25.24 17.39
N GLU K 413 -4.29 26.24 17.45
CA GLU K 413 -4.64 27.04 16.29
C GLU K 413 -3.91 28.37 16.32
N ILE K 414 -4.10 29.15 15.27
CA ILE K 414 -3.55 30.50 15.16
C ILE K 414 -4.70 31.48 15.01
N ARG K 415 -4.83 32.40 15.95
CA ARG K 415 -5.95 33.32 15.97
C ARG K 415 -5.48 34.72 16.33
N PRO K 416 -6.05 35.76 15.71
CA PRO K 416 -5.63 37.14 15.99
C PRO K 416 -6.13 37.62 17.35
N MET K 417 -5.19 37.93 18.24
CA MET K 417 -5.55 38.30 19.60
C MET K 417 -4.91 39.62 19.99
N MET K 418 -5.58 40.32 20.91
CA MET K 418 -5.19 41.65 21.37
C MET K 418 -5.02 41.64 22.89
N TYR K 419 -3.95 42.26 23.39
CA TYR K 419 -3.84 42.53 24.82
C TYR K 419 -4.52 43.85 25.14
N VAL K 420 -5.24 43.88 26.25
CA VAL K 420 -5.87 45.11 26.71
C VAL K 420 -5.43 45.39 28.14
N ALA K 421 -5.55 46.65 28.54
CA ALA K 421 -5.12 47.10 29.85
C ALA K 421 -6.17 48.02 30.44
N LEU K 422 -6.25 48.05 31.77
CA LEU K 422 -7.20 48.88 32.48
C LEU K 422 -6.50 49.50 33.67
N THR K 423 -6.31 50.81 33.64
CA THR K 423 -5.69 51.54 34.75
C THR K 423 -6.79 52.16 35.60
N TYR K 424 -6.82 51.81 36.87
CA TYR K 424 -7.94 52.17 37.72
C TYR K 424 -7.45 52.82 39.01
N ASP K 425 -8.34 53.55 39.65
CA ASP K 425 -8.08 54.22 40.92
C ASP K 425 -8.38 53.23 42.04
N HIS K 426 -7.37 52.93 42.86
CA HIS K 426 -7.56 51.93 43.90
C HIS K 426 -8.15 52.54 45.16
N ARG K 427 -8.23 53.87 45.23
CA ARG K 427 -8.95 54.51 46.34
C ARG K 427 -10.44 54.20 46.28
N LEU K 428 -10.99 54.10 45.07
CA LEU K 428 -12.42 53.96 44.85
C LEU K 428 -12.82 52.57 44.37
N ILE K 429 -12.14 52.05 43.37
CA ILE K 429 -12.49 50.78 42.76
C ILE K 429 -11.73 49.67 43.46
N ASP K 430 -12.44 48.59 43.78
CA ASP K 430 -11.84 47.46 44.48
C ASP K 430 -10.95 46.68 43.52
N GLY K 431 -10.09 45.81 44.05
CA GLY K 431 -9.21 45.03 43.21
C GLY K 431 -9.94 43.94 42.44
N ARG K 432 -11.04 43.45 42.99
CA ARG K 432 -11.84 42.45 42.31
C ARG K 432 -12.87 43.06 41.38
N GLU K 433 -13.19 44.34 41.55
CA GLU K 433 -14.18 44.97 40.67
C GLU K 433 -13.55 45.38 39.35
N ALA K 434 -12.24 45.64 39.36
CA ALA K 434 -11.55 45.98 38.11
C ALA K 434 -11.35 44.75 37.25
N VAL K 435 -11.19 43.58 37.87
CA VAL K 435 -11.02 42.35 37.11
C VAL K 435 -12.34 41.94 36.47
N THR K 436 -13.44 42.09 37.21
CA THR K 436 -14.76 41.74 36.69
C THR K 436 -15.20 42.70 35.60
N PHE K 437 -14.74 43.96 35.68
CA PHE K 437 -15.07 44.95 34.66
C PHE K 437 -14.41 44.61 33.33
N LEU K 438 -13.11 44.31 33.36
CA LEU K 438 -12.39 44.03 32.12
C LEU K 438 -12.77 42.66 31.57
N ARG K 439 -13.25 41.76 32.42
CA ARG K 439 -13.73 40.47 31.96
C ARG K 439 -15.07 40.61 31.24
N LYS K 440 -15.81 41.67 31.56
CA LYS K 440 -17.11 41.89 30.93
C LYS K 440 -16.96 42.55 29.57
N ILE K 441 -15.94 43.38 29.40
CA ILE K 441 -15.63 43.96 28.09
C ILE K 441 -15.19 42.86 27.13
N LYS K 442 -14.46 41.86 27.64
CA LYS K 442 -14.01 40.76 26.81
C LYS K 442 -15.16 39.92 26.29
N ALA K 443 -16.21 39.73 27.10
CA ALA K 443 -17.32 38.89 26.68
C ALA K 443 -18.16 39.55 25.60
N ALA K 444 -18.16 40.88 25.54
CA ALA K 444 -18.93 41.61 24.55
C ALA K 444 -18.12 41.94 23.31
N VAL K 445 -16.87 41.47 23.22
CA VAL K 445 -16.10 41.56 21.98
C VAL K 445 -15.77 40.18 21.44
N GLU K 446 -15.60 39.17 22.30
CA GLU K 446 -15.49 37.81 21.82
C GLU K 446 -16.82 37.27 21.29
N ASP K 447 -17.93 37.85 21.70
CA ASP K 447 -19.25 37.46 21.24
C ASP K 447 -20.15 38.68 21.35
N PRO K 448 -20.34 39.45 20.29
CA PRO K 448 -21.10 40.70 20.39
C PRO K 448 -22.62 40.52 20.44
N ARG K 449 -23.13 39.29 20.54
CA ARG K 449 -24.55 39.08 20.69
C ARG K 449 -25.00 39.15 22.14
N VAL K 450 -24.07 39.35 23.07
CA VAL K 450 -24.44 39.49 24.48
C VAL K 450 -25.08 40.86 24.72
N LEU K 451 -24.80 41.83 23.84
CA LEU K 451 -25.40 43.15 23.92
C LEU K 451 -26.91 43.12 23.70
N LEU K 452 -27.43 42.09 23.02
CA LEU K 452 -28.86 41.87 22.89
C LEU K 452 -29.43 41.09 24.05
N LEU K 453 -28.63 40.24 24.68
CA LEU K 453 -29.02 39.45 25.84
C LEU K 453 -28.68 40.24 27.11
N ASP K 454 -28.62 39.61 28.29
CA ASP K 454 -28.05 40.13 29.54
C ASP K 454 -26.89 41.12 29.46
N LEU L 221 73.05 12.52 -15.54
CA LEU L 221 73.78 13.00 -16.70
C LEU L 221 73.10 14.28 -17.22
N ARG L 222 73.89 15.34 -17.39
CA ARG L 222 73.40 16.66 -17.76
C ARG L 222 73.93 16.99 -19.15
N ALA L 223 73.11 16.74 -20.17
CA ALA L 223 73.45 17.01 -21.55
C ALA L 223 72.48 18.02 -22.13
N GLU L 224 73.02 19.00 -22.85
CA GLU L 224 72.22 19.95 -23.61
C GLU L 224 72.95 20.27 -24.91
N HIS L 225 72.17 20.45 -25.97
CA HIS L 225 72.76 20.69 -27.28
C HIS L 225 72.00 21.77 -28.02
N ARG L 226 72.73 22.65 -28.68
CA ARG L 226 72.16 23.80 -29.34
C ARG L 226 71.84 23.45 -30.79
N GLU L 227 70.55 23.30 -31.10
CA GLU L 227 70.11 23.23 -32.49
C GLU L 227 69.53 24.58 -32.89
N LYS L 228 69.85 25.01 -34.11
CA LYS L 228 69.49 26.34 -34.56
C LYS L 228 68.08 26.37 -35.13
N MET L 229 67.54 27.57 -35.25
CA MET L 229 66.25 27.80 -35.89
C MET L 229 66.46 28.57 -37.19
N ASN L 230 65.72 28.17 -38.22
CA ASN L 230 65.95 28.72 -39.55
C ASN L 230 65.36 30.12 -39.68
N ARG L 231 65.58 30.72 -40.84
CA ARG L 231 65.22 32.12 -41.07
C ARG L 231 63.71 32.29 -41.25
N MET L 232 63.02 31.20 -41.54
CA MET L 232 61.56 31.25 -41.62
C MET L 232 60.96 31.36 -40.21
N ARG L 233 61.52 30.60 -39.26
CA ARG L 233 61.04 30.67 -37.88
C ARG L 233 61.45 31.99 -37.23
N GLN L 234 62.50 32.63 -37.75
CA GLN L 234 62.88 33.97 -37.33
C GLN L 234 61.75 34.98 -37.55
N ARG L 235 61.11 34.92 -38.72
CA ARG L 235 60.10 35.92 -39.05
C ARG L 235 58.78 35.63 -38.35
N ILE L 236 58.47 34.35 -38.12
CA ILE L 236 57.22 33.97 -37.45
C ILE L 236 57.22 34.48 -36.01
N ALA L 237 58.35 34.29 -35.32
CA ALA L 237 58.49 34.84 -33.98
C ALA L 237 58.59 36.36 -34.00
N GLN L 238 59.01 36.93 -35.13
CA GLN L 238 59.08 38.39 -35.23
C GLN L 238 57.70 39.00 -35.42
N ARG L 239 56.87 38.40 -36.28
CA ARG L 239 55.52 38.90 -36.51
C ARG L 239 54.66 38.71 -35.27
N LEU L 240 54.97 37.71 -34.45
CA LEU L 240 54.16 37.39 -33.29
C LEU L 240 54.30 38.45 -32.21
N LYS L 241 55.51 38.94 -32.01
CA LYS L 241 55.75 39.98 -31.02
C LYS L 241 55.29 41.35 -31.51
N GLU L 242 55.21 41.56 -32.83
CA GLU L 242 54.66 42.81 -33.34
C GLU L 242 53.16 42.88 -33.15
N ALA L 243 52.49 41.73 -33.07
CA ALA L 243 51.04 41.73 -32.84
C ALA L 243 50.70 42.12 -31.41
N GLN L 244 51.62 41.88 -30.47
CA GLN L 244 51.35 42.29 -29.09
C GLN L 244 51.74 43.73 -28.84
N ASN L 245 52.81 44.20 -29.49
CA ASN L 245 53.29 45.55 -29.26
C ASN L 245 52.51 46.59 -30.04
N THR L 246 51.59 46.19 -30.92
CA THR L 246 50.80 47.14 -31.69
C THR L 246 49.46 47.42 -31.01
N CYS L 247 48.69 46.36 -30.75
CA CYS L 247 47.30 46.50 -30.31
C CYS L 247 47.14 46.02 -28.87
N ALA L 248 46.22 46.67 -28.15
CA ALA L 248 45.96 46.36 -26.75
C ALA L 248 44.91 45.27 -26.68
N MET L 249 45.34 44.03 -26.50
CA MET L 249 44.45 42.89 -26.56
C MET L 249 43.82 42.62 -25.20
N LEU L 250 42.52 42.36 -25.20
CA LEU L 250 41.78 41.90 -24.04
C LEU L 250 41.00 40.67 -24.47
N THR L 251 40.36 39.98 -23.52
CA THR L 251 39.65 38.75 -23.82
C THR L 251 38.36 38.70 -23.02
N THR L 252 37.30 38.22 -23.65
CA THR L 252 36.01 38.04 -22.97
C THR L 252 35.45 36.68 -23.31
N PHE L 253 34.70 36.08 -22.40
CA PHE L 253 34.24 34.71 -22.51
C PHE L 253 32.72 34.65 -22.41
N ASN L 254 32.16 33.52 -22.83
CA ASN L 254 30.72 33.26 -22.75
C ASN L 254 30.55 31.75 -22.84
N GLU L 255 29.33 31.28 -23.08
CA GLU L 255 29.06 29.85 -23.03
C GLU L 255 27.85 29.52 -23.89
N ILE L 256 28.02 28.57 -24.80
CA ILE L 256 27.02 28.24 -25.80
C ILE L 256 26.49 26.84 -25.53
N ASP L 257 25.16 26.68 -25.60
CA ASP L 257 24.50 25.39 -25.47
C ASP L 257 24.33 24.79 -26.85
N MET L 258 24.95 23.63 -27.08
CA MET L 258 25.06 23.02 -28.41
C MET L 258 24.01 21.95 -28.64
N SER L 259 22.79 22.12 -28.14
CA SER L 259 21.79 21.06 -28.28
C SER L 259 21.06 21.15 -29.61
N ASN L 260 20.77 22.37 -30.09
CA ASN L 260 20.02 22.50 -31.33
C ASN L 260 20.89 22.23 -32.56
N ILE L 261 22.21 22.23 -32.38
CA ILE L 261 23.08 21.93 -33.51
C ILE L 261 23.24 20.42 -33.67
N GLN L 262 23.26 19.68 -32.56
CA GLN L 262 23.53 18.25 -32.65
C GLN L 262 22.33 17.48 -33.18
N ASP L 263 21.11 17.89 -32.83
CA ASP L 263 19.96 17.18 -33.39
C ASP L 263 19.66 17.62 -34.81
N MET L 264 20.16 18.79 -35.21
CA MET L 264 20.18 19.13 -36.63
C MET L 264 21.12 18.20 -37.37
N ARG L 265 22.26 17.88 -36.76
CA ARG L 265 23.18 16.91 -37.34
C ARG L 265 22.73 15.48 -37.12
N ALA L 266 21.76 15.24 -36.25
CA ALA L 266 21.36 13.86 -36.00
C ALA L 266 20.38 13.34 -37.03
N ARG L 267 19.51 14.19 -37.56
CA ARG L 267 18.46 13.74 -38.47
C ARG L 267 18.74 14.14 -39.91
N HIS L 268 19.51 15.19 -40.15
CA HIS L 268 19.74 15.61 -41.51
C HIS L 268 21.10 15.21 -42.05
N LYS L 269 21.89 14.40 -41.34
CA LYS L 269 23.22 14.07 -41.85
C LYS L 269 23.16 13.04 -42.96
N GLU L 270 22.05 12.31 -43.07
CA GLU L 270 21.96 11.26 -44.08
C GLU L 270 21.48 11.81 -45.41
N ALA L 271 20.48 12.71 -45.38
CA ALA L 271 20.04 13.37 -46.59
C ALA L 271 21.03 14.41 -47.09
N PHE L 272 21.95 14.85 -46.23
CA PHE L 272 22.98 15.79 -46.66
C PHE L 272 24.08 15.07 -47.44
N LEU L 273 24.40 13.85 -47.03
CA LEU L 273 25.46 13.09 -47.68
C LEU L 273 25.00 12.54 -49.02
N LYS L 274 23.74 12.14 -49.10
CA LYS L 274 23.21 11.61 -50.36
C LYS L 274 23.08 12.71 -51.41
N LYS L 275 22.76 13.92 -50.99
CA LYS L 275 22.44 14.97 -51.95
C LYS L 275 23.65 15.85 -52.29
N HIS L 276 24.62 15.96 -51.39
CA HIS L 276 25.78 16.82 -51.62
C HIS L 276 27.11 16.11 -51.63
N ASN L 277 27.19 14.88 -51.12
CA ASN L 277 28.43 14.12 -50.90
C ASN L 277 29.41 14.93 -50.05
N LEU L 278 28.94 15.34 -48.87
CA LEU L 278 29.74 16.09 -47.91
C LEU L 278 29.39 15.63 -46.51
N LYS L 279 30.22 16.00 -45.55
CA LYS L 279 29.95 15.71 -44.15
C LYS L 279 29.42 16.95 -43.46
N LEU L 280 28.47 16.75 -42.55
CA LEU L 280 27.84 17.86 -41.83
C LEU L 280 28.52 18.03 -40.48
N GLY L 281 29.25 19.13 -40.30
CA GLY L 281 30.03 19.36 -39.11
C GLY L 281 29.58 20.58 -38.31
N PHE L 282 30.33 20.84 -37.24
CA PHE L 282 30.05 21.98 -36.38
C PHE L 282 30.57 23.27 -36.96
N MET L 283 31.63 23.20 -37.77
CA MET L 283 32.37 24.36 -38.22
C MET L 283 31.53 25.32 -39.08
N SER L 284 30.67 24.79 -39.93
CA SER L 284 29.87 25.65 -40.80
C SER L 284 28.79 26.42 -40.05
N ALA L 285 28.44 26.01 -38.83
CA ALA L 285 27.48 26.76 -38.03
C ALA L 285 28.13 27.98 -37.39
N PHE L 286 29.43 27.91 -37.14
CA PHE L 286 30.14 29.03 -36.53
C PHE L 286 30.59 30.05 -37.57
N VAL L 287 30.83 29.61 -38.80
CA VAL L 287 31.25 30.53 -39.85
C VAL L 287 30.06 31.36 -40.32
N LYS L 288 28.90 30.74 -40.47
CA LYS L 288 27.71 31.46 -40.91
C LYS L 288 27.17 32.39 -39.82
N ALA L 289 27.29 32.00 -38.56
CA ALA L 289 26.89 32.90 -37.48
C ALA L 289 27.87 34.04 -37.27
N SER L 290 29.12 33.88 -37.72
CA SER L 290 30.09 34.95 -37.58
C SER L 290 29.89 36.02 -38.64
N ALA L 291 29.48 35.63 -39.85
CA ALA L 291 29.18 36.62 -40.89
C ALA L 291 27.90 37.36 -40.57
N PHE L 292 27.02 36.76 -39.79
CA PHE L 292 25.80 37.44 -39.38
C PHE L 292 26.09 38.54 -38.38
N ALA L 293 27.01 38.29 -37.45
CA ALA L 293 27.29 39.27 -36.40
C ALA L 293 28.15 40.40 -36.92
N LEU L 294 29.00 40.13 -37.92
CA LEU L 294 29.91 41.16 -38.43
C LEU L 294 29.18 42.17 -39.30
N GLN L 295 28.13 41.75 -39.99
CA GLN L 295 27.43 42.68 -40.86
C GLN L 295 26.44 43.54 -40.07
N GLU L 296 26.28 43.25 -38.78
CA GLU L 296 25.43 44.10 -37.95
C GLU L 296 26.26 45.17 -37.24
N GLN L 297 27.43 44.81 -36.73
CA GLN L 297 28.36 45.77 -36.15
C GLN L 297 29.59 45.87 -37.05
N PRO L 298 29.68 46.87 -37.92
CA PRO L 298 30.83 46.99 -38.81
C PRO L 298 32.11 47.46 -38.15
N VAL L 299 32.09 47.83 -36.86
CA VAL L 299 33.30 48.36 -36.23
C VAL L 299 34.27 47.22 -35.90
N VAL L 300 33.75 45.99 -35.76
CA VAL L 300 34.63 44.84 -35.54
C VAL L 300 35.30 44.47 -36.86
N ASN L 301 34.69 44.85 -37.98
CA ASN L 301 35.25 44.55 -39.29
C ASN L 301 36.38 45.52 -39.63
N ALA L 302 36.45 46.66 -38.93
CA ALA L 302 37.43 47.71 -39.21
C ALA L 302 38.85 47.33 -38.82
N VAL L 303 39.83 48.09 -39.34
CA VAL L 303 41.25 47.92 -39.03
C VAL L 303 41.87 49.31 -38.91
N ILE L 304 42.65 49.52 -37.85
CA ILE L 304 43.45 50.73 -37.69
C ILE L 304 44.79 50.53 -38.37
N ASP L 305 45.06 51.34 -39.40
CA ASP L 305 46.38 51.41 -40.01
C ASP L 305 47.13 52.58 -39.38
N ASP L 306 48.25 52.30 -38.73
CA ASP L 306 49.06 53.32 -38.08
C ASP L 306 50.04 54.01 -39.03
N THR L 307 49.93 53.76 -40.33
CA THR L 307 50.75 54.51 -41.29
C THR L 307 50.27 55.95 -41.40
N THR L 308 49.00 56.14 -41.76
CA THR L 308 48.41 57.46 -41.78
C THR L 308 47.47 57.72 -40.61
N LYS L 309 47.50 56.85 -39.59
CA LYS L 309 46.60 56.88 -38.43
C LYS L 309 45.14 56.86 -38.85
N GLU L 310 44.78 55.85 -39.64
CA GLU L 310 43.51 55.81 -40.33
C GLU L 310 42.67 54.64 -39.80
N VAL L 311 41.36 54.71 -40.00
CA VAL L 311 40.43 53.66 -39.62
C VAL L 311 39.80 53.13 -40.91
N VAL L 312 40.18 51.91 -41.29
CA VAL L 312 39.82 51.36 -42.59
C VAL L 312 38.59 50.48 -42.41
N TYR L 313 37.43 50.96 -42.80
CA TYR L 313 36.24 50.12 -42.84
C TYR L 313 36.31 49.19 -44.04
N ARG L 314 35.54 48.11 -43.99
CA ARG L 314 35.41 47.22 -45.12
C ARG L 314 33.93 46.88 -45.28
N ASP L 315 33.56 46.52 -46.51
CA ASP L 315 32.19 46.12 -46.81
C ASP L 315 32.09 44.66 -47.22
N TYR L 316 33.19 43.93 -47.25
CA TYR L 316 33.21 42.51 -47.53
C TYR L 316 33.65 41.75 -46.30
N ILE L 317 33.27 40.47 -46.23
CA ILE L 317 33.55 39.64 -45.07
C ILE L 317 34.32 38.41 -45.55
N ASP L 318 35.56 38.28 -45.11
CA ASP L 318 36.42 37.15 -45.44
C ASP L 318 36.91 36.51 -44.15
N ILE L 319 36.33 35.38 -43.78
CA ILE L 319 36.64 34.70 -42.53
C ILE L 319 37.75 33.70 -42.77
N SER L 320 38.86 33.85 -42.03
CA SER L 320 39.96 32.90 -42.10
C SER L 320 39.69 31.75 -41.15
N VAL L 321 39.97 30.53 -41.61
CA VAL L 321 39.68 29.33 -40.83
C VAL L 321 40.99 28.59 -40.63
N ALA L 322 41.42 28.48 -39.38
CA ALA L 322 42.62 27.73 -39.02
C ALA L 322 42.26 26.25 -38.98
N VAL L 323 42.77 25.48 -39.94
CA VAL L 323 42.50 24.05 -40.00
C VAL L 323 43.84 23.31 -39.82
N ALA L 324 44.05 22.78 -38.62
CA ALA L 324 45.30 22.12 -38.23
C ALA L 324 45.35 20.75 -38.89
N THR L 325 46.22 20.62 -39.90
CA THR L 325 46.40 19.34 -40.58
C THR L 325 47.57 18.60 -39.93
N PRO L 326 47.95 17.42 -40.44
CA PRO L 326 49.12 16.77 -39.85
C PRO L 326 50.40 17.59 -39.95
N ARG L 327 50.61 18.28 -41.06
CA ARG L 327 51.82 19.06 -41.25
C ARG L 327 51.97 20.17 -40.21
N GLY L 328 50.87 20.85 -39.89
CA GLY L 328 50.92 21.93 -38.92
C GLY L 328 49.72 22.84 -39.06
N LEU L 329 49.85 24.10 -38.61
CA LEU L 329 48.74 25.04 -38.78
C LEU L 329 48.81 25.72 -40.14
N VAL L 330 47.64 25.85 -40.77
CA VAL L 330 47.47 26.67 -41.97
C VAL L 330 46.19 27.50 -41.79
N VAL L 331 46.20 28.71 -42.34
CA VAL L 331 45.08 29.62 -42.17
C VAL L 331 44.54 30.13 -43.51
N PRO L 332 43.83 29.32 -44.29
CA PRO L 332 43.26 29.82 -45.54
C PRO L 332 42.04 30.67 -45.29
N VAL L 333 41.59 31.34 -46.35
CA VAL L 333 40.54 32.34 -46.27
C VAL L 333 39.34 31.88 -47.07
N ILE L 334 38.16 32.00 -46.48
CA ILE L 334 36.89 31.80 -47.18
C ILE L 334 36.41 33.17 -47.65
N ARG L 335 36.19 33.31 -48.95
CA ARG L 335 35.90 34.60 -49.55
C ARG L 335 34.39 34.82 -49.69
N ASN L 336 33.94 36.02 -49.32
CA ASN L 336 32.57 36.52 -49.54
C ASN L 336 31.52 35.62 -48.88
N VAL L 337 31.56 35.63 -47.54
CA VAL L 337 30.72 34.73 -46.75
C VAL L 337 29.28 35.22 -46.65
N GLU L 338 28.99 36.44 -47.11
CA GLU L 338 27.68 37.06 -46.91
C GLU L 338 26.56 36.36 -47.67
N THR L 339 26.84 35.76 -48.81
CA THR L 339 25.81 35.20 -49.67
C THR L 339 25.66 33.69 -49.55
N MET L 340 26.48 33.03 -48.74
CA MET L 340 26.51 31.58 -48.72
C MET L 340 25.47 31.01 -47.77
N ASN L 341 25.33 29.69 -47.82
CA ASN L 341 24.58 28.91 -46.85
C ASN L 341 25.49 27.83 -46.29
N TYR L 342 24.91 26.88 -45.56
CA TYR L 342 25.72 25.80 -44.99
C TYR L 342 26.28 24.89 -46.09
N ALA L 343 25.60 24.78 -47.23
CA ALA L 343 26.08 23.92 -48.29
C ALA L 343 27.27 24.52 -49.01
N ASP L 344 27.32 25.84 -49.12
CA ASP L 344 28.41 26.48 -49.84
C ASP L 344 29.68 26.51 -49.00
N ILE L 345 29.53 26.72 -47.70
CA ILE L 345 30.66 26.77 -46.77
C ILE L 345 31.30 25.39 -46.67
N GLU L 346 30.47 24.34 -46.68
CA GLU L 346 31.00 22.98 -46.54
C GLU L 346 31.77 22.55 -47.79
N ARG L 347 31.39 23.06 -48.96
CA ARG L 347 32.18 22.77 -50.15
C ARG L 347 33.54 23.46 -50.07
N THR L 348 33.55 24.70 -49.58
CA THR L 348 34.77 25.49 -49.59
C THR L 348 35.80 24.93 -48.61
N ILE L 349 35.35 24.45 -47.46
CA ILE L 349 36.29 23.92 -46.46
C ILE L 349 36.83 22.57 -46.89
N SER L 350 35.99 21.75 -47.53
CA SER L 350 36.36 20.36 -47.80
C SER L 350 37.41 20.26 -48.90
N GLU L 351 37.20 20.97 -50.02
CA GLU L 351 38.14 20.85 -51.13
C GLU L 351 39.42 21.62 -50.87
N LEU L 352 39.33 22.72 -50.12
CA LEU L 352 40.53 23.44 -49.75
C LEU L 352 41.27 22.76 -48.60
N GLY L 353 40.57 21.94 -47.82
CA GLY L 353 41.25 21.10 -46.85
C GLY L 353 42.10 20.04 -47.51
N GLU L 354 41.69 19.57 -48.70
CA GLU L 354 42.46 18.58 -49.42
C GLU L 354 43.66 19.21 -50.10
N LYS L 355 43.59 20.51 -50.42
CA LYS L 355 44.71 21.18 -51.07
C LYS L 355 45.89 21.34 -50.13
N ALA L 356 45.63 21.85 -48.93
CA ALA L 356 46.72 22.07 -47.97
C ALA L 356 47.22 20.75 -47.38
N ARG L 357 46.45 19.67 -47.51
CA ARG L 357 46.89 18.40 -46.98
C ARG L 357 48.00 17.80 -47.82
N LYS L 358 47.89 17.89 -49.14
CA LYS L 358 48.92 17.39 -50.04
C LYS L 358 49.86 18.50 -50.51
N ASN L 359 49.80 19.68 -49.87
CA ASN L 359 50.72 20.80 -50.06
C ASN L 359 50.68 21.34 -51.50
N GLU L 360 49.52 21.81 -51.92
CA GLU L 360 49.37 22.59 -53.14
C GLU L 360 48.72 23.93 -52.84
N LEU L 361 48.81 24.37 -51.58
CA LEU L 361 48.04 25.51 -51.10
C LEU L 361 48.83 26.78 -51.40
N ALA L 362 48.24 27.67 -52.19
CA ALA L 362 48.96 28.84 -52.67
C ALA L 362 49.12 29.89 -51.59
N ILE L 363 49.95 30.88 -51.88
CA ILE L 363 50.19 31.97 -50.94
C ILE L 363 49.14 33.06 -51.10
N GLU L 364 48.63 33.24 -52.33
CA GLU L 364 47.79 34.38 -52.66
C GLU L 364 46.42 34.29 -51.98
N ASP L 365 45.99 33.09 -51.60
CA ASP L 365 44.74 32.91 -50.88
C ASP L 365 44.96 32.59 -49.40
N MET L 366 45.94 33.22 -48.77
CA MET L 366 46.14 33.10 -47.33
C MET L 366 46.12 34.44 -46.63
N ASP L 367 45.90 35.53 -47.35
CA ASP L 367 45.97 36.87 -46.79
C ASP L 367 44.72 37.65 -47.14
N GLY L 368 44.49 38.71 -46.37
CA GLY L 368 43.33 39.56 -46.57
C GLY L 368 42.12 39.21 -45.74
N GLY L 369 42.25 38.30 -44.79
CA GLY L 369 41.12 37.96 -43.94
C GLY L 369 40.77 39.10 -43.01
N THR L 370 39.51 39.11 -42.59
CA THR L 370 38.99 40.18 -41.73
C THR L 370 38.57 39.67 -40.36
N PHE L 371 38.50 38.35 -40.19
CA PHE L 371 38.05 37.73 -38.94
C PHE L 371 38.55 36.29 -38.97
N THR L 372 38.72 35.70 -37.80
CA THR L 372 39.38 34.40 -37.73
C THR L 372 38.71 33.49 -36.72
N ILE L 373 38.35 32.30 -37.15
CA ILE L 373 37.90 31.24 -36.26
C ILE L 373 39.11 30.35 -35.95
N SER L 374 39.24 29.93 -34.70
CA SER L 374 40.36 29.09 -34.26
C SER L 374 39.82 27.87 -33.54
N ASN L 375 39.80 26.74 -34.25
CA ASN L 375 39.37 25.48 -33.64
C ASN L 375 40.58 24.88 -32.94
N GLY L 376 40.70 25.16 -31.65
CA GLY L 376 41.63 24.45 -30.81
C GLY L 376 40.89 23.46 -29.94
N GLY L 377 39.68 23.13 -30.35
CA GLY L 377 38.80 22.29 -29.55
C GLY L 377 38.75 20.85 -30.00
N VAL L 378 39.57 20.48 -30.97
CA VAL L 378 39.64 19.10 -31.42
C VAL L 378 40.66 18.33 -30.59
N PHE L 379 41.24 18.99 -29.61
CA PHE L 379 42.18 18.34 -28.69
C PHE L 379 41.68 18.29 -27.25
N GLY L 380 40.71 19.12 -26.89
CA GLY L 380 40.11 18.99 -25.58
C GLY L 380 40.52 20.03 -24.56
N SER L 381 40.78 21.25 -25.01
CA SER L 381 41.00 22.33 -24.06
C SER L 381 39.67 22.84 -23.53
N LEU L 382 39.67 23.25 -22.26
CA LEU L 382 38.44 23.75 -21.67
C LEU L 382 38.14 25.16 -22.18
N PHE L 383 39.03 26.11 -21.89
CA PHE L 383 38.99 27.44 -22.47
C PHE L 383 40.40 28.01 -22.43
N GLY L 384 40.61 29.10 -23.16
CA GLY L 384 41.94 29.69 -23.25
C GLY L 384 41.90 30.97 -24.04
N THR L 385 43.07 31.60 -24.15
CA THR L 385 43.19 32.90 -24.79
C THR L 385 43.87 32.76 -26.14
N PRO L 386 43.24 33.16 -27.24
CA PRO L 386 43.91 33.12 -28.54
C PRO L 386 44.71 34.38 -28.81
N ILE L 387 45.34 34.42 -29.99
CA ILE L 387 46.23 35.50 -30.41
C ILE L 387 45.74 36.07 -31.73
N ILE L 388 45.77 37.40 -31.86
CA ILE L 388 45.19 38.05 -33.03
C ILE L 388 46.13 37.93 -34.23
N ASN L 389 45.57 37.44 -35.34
CA ASN L 389 46.21 37.55 -36.64
C ASN L 389 46.38 39.03 -37.01
N PRO L 390 47.61 39.51 -37.15
CA PRO L 390 47.90 40.96 -37.01
C PRO L 390 47.28 41.89 -38.05
N PRO L 391 46.89 41.48 -39.26
CA PRO L 391 46.07 42.42 -40.07
C PRO L 391 44.59 42.48 -39.72
N GLN L 392 44.16 41.96 -38.57
CA GLN L 392 42.76 41.91 -38.21
C GLN L 392 42.55 42.60 -36.87
N SER L 393 41.31 42.61 -36.38
CA SER L 393 41.03 43.31 -35.15
C SER L 393 40.41 42.39 -34.10
N ALA L 394 39.93 41.22 -34.50
CA ALA L 394 39.30 40.31 -33.55
C ALA L 394 39.56 38.87 -33.98
N ILE L 395 39.35 37.94 -33.05
CA ILE L 395 39.47 36.51 -33.31
C ILE L 395 38.55 35.74 -32.35
N LEU L 396 37.86 34.74 -32.87
CA LEU L 396 36.98 33.88 -32.09
C LEU L 396 37.67 32.54 -31.84
N GLY L 397 37.65 32.08 -30.60
CA GLY L 397 38.22 30.80 -30.27
C GLY L 397 37.22 29.82 -29.71
N MET L 398 36.89 28.79 -30.48
CA MET L 398 35.99 27.74 -30.03
C MET L 398 36.78 26.64 -29.35
N HIS L 399 36.09 25.86 -28.51
CA HIS L 399 36.75 24.89 -27.65
C HIS L 399 36.01 23.56 -27.61
N ALA L 400 36.33 22.72 -26.65
CA ALA L 400 35.80 21.36 -26.58
C ALA L 400 34.39 21.36 -26.04
N ILE L 401 33.64 20.33 -26.41
CA ILE L 401 32.25 20.15 -25.98
C ILE L 401 32.22 19.11 -24.87
N VAL L 402 31.74 19.51 -23.70
CA VAL L 402 31.63 18.62 -22.56
C VAL L 402 30.19 18.64 -22.05
N ASP L 403 29.80 17.57 -21.38
CA ASP L 403 28.50 17.49 -20.74
C ASP L 403 28.63 17.96 -19.30
N ARG L 404 27.93 19.03 -18.97
CA ARG L 404 27.99 19.63 -17.65
C ARG L 404 26.57 19.83 -17.15
N PRO L 405 26.36 19.79 -15.84
CA PRO L 405 25.01 20.05 -15.32
C PRO L 405 24.63 21.52 -15.47
N VAL L 406 23.38 21.73 -15.89
CA VAL L 406 22.87 23.03 -16.31
C VAL L 406 21.56 23.29 -15.59
N ALA L 407 21.41 24.49 -15.02
CA ALA L 407 20.14 24.88 -14.41
C ALA L 407 19.24 25.48 -15.47
N VAL L 408 18.29 24.71 -15.97
CA VAL L 408 17.35 25.17 -16.98
C VAL L 408 15.92 24.98 -16.46
N GLY L 409 15.16 26.07 -16.45
CA GLY L 409 13.79 26.05 -15.95
C GLY L 409 13.65 25.76 -14.49
N GLY L 410 14.68 26.00 -13.69
CA GLY L 410 14.65 25.66 -12.28
C GLY L 410 14.98 24.22 -11.97
N LYS L 411 15.42 23.44 -12.95
CA LYS L 411 15.81 22.06 -12.76
C LYS L 411 17.21 21.85 -13.30
N VAL L 412 17.85 20.78 -12.85
CA VAL L 412 19.25 20.52 -13.13
C VAL L 412 19.31 19.42 -14.18
N GLU L 413 19.50 19.81 -15.44
CA GLU L 413 19.70 18.88 -16.54
C GLU L 413 21.16 18.79 -16.90
N ILE L 414 21.47 17.91 -17.84
CA ILE L 414 22.82 17.73 -18.37
C ILE L 414 22.77 18.02 -19.86
N ARG L 415 23.53 19.02 -20.29
CA ARG L 415 23.49 19.45 -21.69
C ARG L 415 24.91 19.75 -22.18
N PRO L 416 25.20 19.42 -23.44
CA PRO L 416 26.56 19.65 -23.99
C PRO L 416 26.81 21.12 -24.25
N MET L 417 27.79 21.70 -23.56
CA MET L 417 28.04 23.12 -23.68
C MET L 417 29.51 23.40 -23.99
N MET L 418 29.74 24.53 -24.66
CA MET L 418 31.05 24.95 -25.12
C MET L 418 31.39 26.33 -24.58
N TYR L 419 32.62 26.51 -24.11
CA TYR L 419 33.13 27.84 -23.81
C TYR L 419 33.72 28.45 -25.06
N VAL L 420 33.45 29.74 -25.27
CA VAL L 420 34.03 30.46 -26.39
C VAL L 420 34.75 31.69 -25.86
N ALA L 421 35.68 32.20 -26.67
CA ALA L 421 36.49 33.34 -26.30
C ALA L 421 36.59 34.31 -27.47
N LEU L 422 36.78 35.58 -27.16
CA LEU L 422 36.90 36.62 -28.18
C LEU L 422 38.01 37.57 -27.76
N THR L 423 39.10 37.58 -28.50
CA THR L 423 40.20 38.49 -28.25
C THR L 423 40.09 39.68 -29.18
N TYR L 424 40.01 40.88 -28.61
CA TYR L 424 39.69 42.06 -29.39
C TYR L 424 40.70 43.16 -29.11
N ASP L 425 40.76 44.11 -30.04
CA ASP L 425 41.63 45.28 -29.94
C ASP L 425 40.88 46.36 -29.18
N HIS L 426 41.43 46.79 -28.05
CA HIS L 426 40.72 47.77 -27.23
C HIS L 426 40.99 49.19 -27.69
N ARG L 427 41.94 49.38 -28.61
CA ARG L 427 42.13 50.70 -29.21
C ARG L 427 40.93 51.09 -30.07
N LEU L 428 40.31 50.11 -30.72
CA LEU L 428 39.24 50.34 -31.68
C LEU L 428 37.88 49.91 -31.18
N ILE L 429 37.77 48.71 -30.65
CA ILE L 429 36.50 48.14 -30.23
C ILE L 429 36.26 48.49 -28.77
N ASP L 430 35.06 48.94 -28.45
CA ASP L 430 34.70 49.33 -27.09
C ASP L 430 34.55 48.08 -26.23
N GLY L 431 34.53 48.25 -24.91
CA GLY L 431 34.39 47.12 -24.02
C GLY L 431 32.99 46.55 -24.02
N ARG L 432 32.00 47.38 -24.30
CA ARG L 432 30.62 46.91 -24.39
C ARG L 432 30.27 46.39 -25.78
N GLU L 433 31.04 46.75 -26.80
CA GLU L 433 30.74 46.26 -28.14
C GLU L 433 31.25 44.86 -28.35
N ALA L 434 32.29 44.47 -27.61
CA ALA L 434 32.79 43.11 -27.70
C ALA L 434 31.87 42.13 -26.99
N VAL L 435 31.19 42.59 -25.94
CA VAL L 435 30.25 41.72 -25.22
C VAL L 435 29.01 41.50 -26.06
N THR L 436 28.52 42.55 -26.71
CA THR L 436 27.33 42.45 -27.54
C THR L 436 27.60 41.61 -28.79
N PHE L 437 28.84 41.65 -29.28
CA PHE L 437 29.22 40.87 -30.45
C PHE L 437 29.18 39.37 -30.15
N LEU L 438 29.79 38.96 -29.04
CA LEU L 438 29.85 37.55 -28.69
C LEU L 438 28.50 37.04 -28.21
N ARG L 439 27.66 37.94 -27.71
CA ARG L 439 26.30 37.55 -27.32
C ARG L 439 25.44 37.30 -28.55
N LYS L 440 25.81 37.91 -29.68
CA LYS L 440 25.03 37.74 -30.90
C LYS L 440 25.40 36.45 -31.63
N ILE L 441 26.67 36.04 -31.50
CA ILE L 441 27.08 34.74 -32.03
C ILE L 441 26.40 33.61 -31.27
N LYS L 442 26.20 33.80 -29.97
CA LYS L 442 25.54 32.79 -29.15
C LYS L 442 24.09 32.59 -29.54
N ALA L 443 23.40 33.67 -29.93
CA ALA L 443 21.98 33.56 -30.26
C ALA L 443 21.77 32.85 -31.59
N ALA L 444 22.75 32.89 -32.48
CA ALA L 444 22.65 32.24 -33.77
C ALA L 444 23.23 30.84 -33.78
N VAL L 445 23.67 30.34 -32.63
CA VAL L 445 24.05 28.94 -32.50
C VAL L 445 23.13 28.21 -31.51
N GLU L 446 22.62 28.89 -30.48
CA GLU L 446 21.60 28.30 -29.64
C GLU L 446 20.26 28.19 -30.35
N ASP L 447 20.04 28.97 -31.40
CA ASP L 447 18.82 28.92 -32.20
C ASP L 447 19.17 29.40 -33.59
N PRO L 448 19.46 28.49 -34.54
CA PRO L 448 19.91 28.92 -35.86
C PRO L 448 18.81 29.43 -36.78
N ARG L 449 17.58 29.59 -36.30
CA ARG L 449 16.52 30.17 -37.10
C ARG L 449 16.52 31.69 -37.06
N VAL L 450 17.40 32.29 -36.27
CA VAL L 450 17.50 33.75 -36.23
C VAL L 450 18.15 34.27 -37.51
N LEU L 451 18.90 33.43 -38.21
CA LEU L 451 19.51 33.79 -39.48
C LEU L 451 18.49 34.07 -40.57
N LEU L 452 17.29 33.51 -40.44
CA LEU L 452 16.17 33.81 -41.33
C LEU L 452 15.39 35.03 -40.88
N LEU L 453 15.38 35.32 -39.59
CA LEU L 453 14.71 36.48 -39.02
C LEU L 453 15.72 37.63 -38.94
N ASP L 454 15.48 38.68 -38.15
CA ASP L 454 16.42 39.72 -37.74
C ASP L 454 17.90 39.36 -37.61
N LEU M 221 54.28 -36.42 38.26
CA LEU M 221 54.94 -37.71 38.12
C LEU M 221 55.38 -37.89 36.67
N ARG M 222 56.65 -38.22 36.47
CA ARG M 222 57.26 -38.33 35.15
C ARG M 222 57.64 -39.78 34.90
N ALA M 223 56.76 -40.50 34.23
CA ALA M 223 56.97 -41.91 33.90
C ALA M 223 57.01 -42.08 32.39
N GLU M 224 57.97 -42.86 31.92
CA GLU M 224 58.05 -43.26 30.52
C GLU M 224 58.56 -44.70 30.45
N HIS M 225 58.02 -45.45 29.50
CA HIS M 225 58.37 -46.86 29.40
C HIS M 225 58.58 -47.24 27.95
N ARG M 226 59.61 -48.04 27.69
CA ARG M 226 60.00 -48.40 26.34
C ARG M 226 59.31 -49.69 25.94
N GLU M 227 58.32 -49.61 25.06
CA GLU M 227 57.76 -50.80 24.42
C GLU M 227 58.33 -50.90 23.01
N LYS M 228 58.67 -52.12 22.61
CA LYS M 228 59.37 -52.33 21.35
C LYS M 228 58.39 -52.44 20.19
N MET M 229 58.91 -52.30 18.98
CA MET M 229 58.15 -52.49 17.76
C MET M 229 58.66 -53.73 17.04
N ASN M 230 57.72 -54.52 16.50
CA ASN M 230 58.08 -55.80 15.93
C ASN M 230 58.72 -55.64 14.56
N ARG M 231 59.12 -56.77 13.98
CA ARG M 231 59.90 -56.78 12.74
C ARG M 231 59.03 -56.46 11.54
N MET M 232 57.71 -56.60 11.69
CA MET M 232 56.80 -56.22 10.63
C MET M 232 56.72 -54.70 10.53
N ARG M 233 56.66 -54.03 11.67
CA ARG M 233 56.61 -52.57 11.68
C ARG M 233 57.96 -51.98 11.27
N GLN M 234 59.03 -52.76 11.44
CA GLN M 234 60.34 -52.37 10.93
C GLN M 234 60.34 -52.15 9.41
N ARG M 235 59.69 -53.06 8.69
CA ARG M 235 59.75 -52.99 7.23
C ARG M 235 58.78 -51.95 6.69
N ILE M 236 57.65 -51.73 7.38
CA ILE M 236 56.66 -50.73 6.95
C ILE M 236 57.26 -49.33 7.03
N ALA M 237 57.95 -49.03 8.12
CA ALA M 237 58.67 -47.77 8.23
C ALA M 237 59.86 -47.72 7.29
N GLN M 238 60.39 -48.87 6.87
CA GLN M 238 61.50 -48.88 5.94
C GLN M 238 61.03 -48.59 4.52
N ARG M 239 59.92 -49.20 4.11
CA ARG M 239 59.38 -48.94 2.78
C ARG M 239 58.87 -47.52 2.64
N LEU M 240 58.45 -46.93 3.75
CA LEU M 240 57.87 -45.60 3.72
C LEU M 240 58.92 -44.53 3.41
N LYS M 241 60.11 -44.68 3.99
CA LYS M 241 61.18 -43.74 3.74
C LYS M 241 61.83 -43.96 2.37
N GLU M 242 61.72 -45.17 1.82
CA GLU M 242 62.23 -45.41 0.47
C GLU M 242 61.33 -44.75 -0.58
N ALA M 243 60.06 -44.54 -0.26
CA ALA M 243 59.16 -43.89 -1.20
C ALA M 243 59.45 -42.39 -1.30
N GLN M 244 60.00 -41.80 -0.24
CA GLN M 244 60.34 -40.38 -0.31
C GLN M 244 61.71 -40.17 -0.92
N ASN M 245 62.65 -41.07 -0.68
CA ASN M 245 64.01 -40.91 -1.18
C ASN M 245 64.16 -41.33 -2.63
N THR M 246 63.14 -41.91 -3.24
CA THR M 246 63.20 -42.32 -4.63
C THR M 246 62.64 -41.25 -5.56
N CYS M 247 61.41 -40.84 -5.33
CA CYS M 247 60.68 -39.99 -6.25
C CYS M 247 60.44 -38.61 -5.66
N ALA M 248 60.44 -37.59 -6.53
CA ALA M 248 60.26 -36.20 -6.11
C ALA M 248 58.77 -35.89 -6.11
N MET M 249 58.16 -35.94 -4.93
CA MET M 249 56.71 -35.81 -4.82
C MET M 249 56.31 -34.35 -4.69
N LEU M 250 55.28 -33.97 -5.43
CA LEU M 250 54.63 -32.68 -5.32
C LEU M 250 53.14 -32.92 -5.16
N THR M 251 52.37 -31.87 -4.91
CA THR M 251 50.95 -32.03 -4.65
C THR M 251 50.19 -30.88 -5.30
N THR M 252 49.04 -31.18 -5.89
CA THR M 252 48.19 -30.16 -6.49
C THR M 252 46.75 -30.41 -6.06
N PHE M 253 45.96 -29.34 -5.94
CA PHE M 253 44.62 -29.41 -5.38
C PHE M 253 43.60 -28.85 -6.37
N ASN M 254 42.33 -29.16 -6.14
CA ASN M 254 41.22 -28.65 -6.94
C ASN M 254 39.96 -28.81 -6.08
N GLU M 255 38.79 -28.68 -6.69
CA GLU M 255 37.56 -28.66 -5.92
C GLU M 255 36.39 -29.12 -6.79
N ILE M 256 35.65 -30.11 -6.29
CA ILE M 256 34.61 -30.78 -7.05
C ILE M 256 33.27 -30.46 -6.42
N ASP M 257 32.27 -30.13 -7.24
CA ASP M 257 30.90 -29.89 -6.82
C ASP M 257 30.13 -31.20 -6.92
N MET M 258 29.63 -31.69 -5.78
CA MET M 258 29.04 -33.02 -5.68
C MET M 258 27.53 -33.00 -5.77
N SER M 259 26.94 -32.13 -6.59
CA SER M 259 25.48 -32.04 -6.62
C SER M 259 24.87 -33.06 -7.56
N ASN M 260 25.51 -33.34 -8.69
CA ASN M 260 24.94 -34.28 -9.65
C ASN M 260 25.11 -35.72 -9.21
N ILE M 261 25.99 -35.97 -8.24
CA ILE M 261 26.15 -37.34 -7.75
C ILE M 261 25.12 -37.64 -6.68
N GLN M 262 24.75 -36.65 -5.88
CA GLN M 262 23.85 -36.91 -4.77
C GLN M 262 22.41 -37.11 -5.23
N ASP M 263 21.98 -36.37 -6.27
CA ASP M 263 20.62 -36.59 -6.75
C ASP M 263 20.54 -37.83 -7.64
N MET M 264 21.67 -38.27 -8.17
CA MET M 264 21.72 -39.60 -8.77
C MET M 264 21.52 -40.66 -7.72
N ARG M 265 22.10 -40.46 -6.54
CA ARG M 265 21.89 -41.36 -5.43
C ARG M 265 20.57 -41.12 -4.72
N ALA M 266 19.89 -40.01 -5.00
CA ALA M 266 18.65 -39.74 -4.30
C ALA M 266 17.47 -40.46 -4.92
N ARG M 267 17.45 -40.63 -6.25
CA ARG M 267 16.30 -41.20 -6.92
C ARG M 267 16.56 -42.63 -7.39
N HIS M 268 17.80 -43.01 -7.61
CA HIS M 268 18.05 -44.35 -8.12
C HIS M 268 18.56 -45.32 -7.05
N LYS M 269 18.58 -44.93 -5.78
CA LYS M 269 19.11 -45.85 -4.76
C LYS M 269 18.13 -46.96 -4.43
N GLU M 270 16.85 -46.78 -4.76
CA GLU M 270 15.85 -47.79 -4.41
C GLU M 270 15.74 -48.86 -5.47
N ALA M 271 15.78 -48.45 -6.75
CA ALA M 271 15.79 -49.42 -7.83
C ALA M 271 17.14 -50.12 -7.96
N PHE M 272 18.20 -49.56 -7.39
CA PHE M 272 19.50 -50.22 -7.40
C PHE M 272 19.55 -51.34 -6.39
N LEU M 273 18.92 -51.14 -5.23
CA LEU M 273 18.94 -52.14 -4.16
C LEU M 273 18.03 -53.32 -4.50
N LYS M 274 16.89 -53.03 -5.14
CA LYS M 274 15.97 -54.09 -5.51
C LYS M 274 16.54 -54.98 -6.60
N LYS M 275 17.30 -54.39 -7.53
CA LYS M 275 17.73 -55.13 -8.71
C LYS M 275 19.10 -55.76 -8.55
N HIS M 276 19.96 -55.21 -7.69
CA HIS M 276 21.31 -55.71 -7.53
C HIS M 276 21.65 -56.18 -6.12
N ASN M 277 20.85 -55.82 -5.11
CA ASN M 277 21.13 -56.04 -3.68
C ASN M 277 22.50 -55.47 -3.29
N LEU M 278 22.69 -54.19 -3.57
CA LEU M 278 23.91 -53.48 -3.23
C LEU M 278 23.54 -52.07 -2.80
N LYS M 279 24.52 -51.38 -2.20
CA LYS M 279 24.34 -50.00 -1.80
C LYS M 279 25.02 -49.09 -2.80
N LEU M 280 24.41 -47.94 -3.08
CA LEU M 280 24.94 -46.99 -4.06
C LEU M 280 25.71 -45.91 -3.32
N GLY M 281 27.03 -45.88 -3.49
CA GLY M 281 27.89 -44.97 -2.77
C GLY M 281 28.62 -43.99 -3.67
N PHE M 282 29.47 -43.19 -3.01
CA PHE M 282 30.27 -42.20 -3.72
C PHE M 282 31.49 -42.82 -4.39
N MET M 283 32.00 -43.91 -3.82
CA MET M 283 33.28 -44.50 -4.20
C MET M 283 33.31 -44.98 -5.66
N SER M 284 32.23 -45.56 -6.15
CA SER M 284 32.21 -46.06 -7.51
C SER M 284 32.20 -44.96 -8.57
N ALA M 285 31.86 -43.74 -8.20
CA ALA M 285 31.93 -42.63 -9.14
C ALA M 285 33.34 -42.12 -9.32
N PHE M 286 34.18 -42.29 -8.30
CA PHE M 286 35.57 -41.86 -8.38
C PHE M 286 36.47 -42.90 -9.02
N VAL M 287 36.11 -44.18 -8.91
CA VAL M 287 36.90 -45.24 -9.52
C VAL M 287 36.67 -45.27 -11.03
N LYS M 288 35.43 -45.08 -11.46
CA LYS M 288 35.14 -45.08 -12.89
C LYS M 288 35.65 -43.82 -13.57
N ALA M 289 35.64 -42.68 -12.89
CA ALA M 289 36.20 -41.47 -13.46
C ALA M 289 37.72 -41.49 -13.47
N SER M 290 38.34 -42.32 -12.63
CA SER M 290 39.79 -42.41 -12.62
C SER M 290 40.30 -43.27 -13.76
N ALA M 291 39.55 -44.31 -14.13
CA ALA M 291 39.95 -45.13 -15.27
C ALA M 291 39.71 -44.39 -16.58
N PHE M 292 38.81 -43.42 -16.57
CA PHE M 292 38.59 -42.61 -17.76
C PHE M 292 39.76 -41.65 -17.99
N ALA M 293 40.31 -41.08 -16.94
CA ALA M 293 41.37 -40.11 -17.10
C ALA M 293 42.71 -40.79 -17.39
N LEU M 294 42.90 -42.01 -16.90
CA LEU M 294 44.17 -42.70 -17.08
C LEU M 294 44.33 -43.23 -18.50
N GLN M 295 43.23 -43.59 -19.15
CA GLN M 295 43.33 -44.13 -20.51
C GLN M 295 43.45 -43.01 -21.53
N GLU M 296 43.32 -41.76 -21.10
CA GLU M 296 43.54 -40.65 -22.01
C GLU M 296 44.98 -40.15 -21.96
N GLN M 297 45.55 -40.07 -20.76
CA GLN M 297 46.96 -39.73 -20.59
C GLN M 297 47.70 -40.95 -20.05
N PRO M 298 48.36 -41.73 -20.89
CA PRO M 298 49.06 -42.92 -20.41
C PRO M 298 50.35 -42.66 -19.64
N VAL M 299 50.81 -41.40 -19.55
CA VAL M 299 52.08 -41.13 -18.88
C VAL M 299 51.92 -41.20 -17.37
N VAL M 300 50.69 -41.01 -16.87
CA VAL M 300 50.42 -41.16 -15.45
C VAL M 300 50.39 -42.64 -15.09
N ASN M 301 50.10 -43.48 -16.08
CA ASN M 301 50.04 -44.92 -15.85
C ASN M 301 51.45 -45.52 -15.80
N ALA M 302 52.44 -44.80 -16.31
CA ALA M 302 53.81 -45.27 -16.41
C ALA M 302 54.52 -45.39 -15.06
N VAL M 303 55.63 -46.12 -15.02
CA VAL M 303 56.48 -46.28 -13.84
C VAL M 303 57.94 -46.26 -14.29
N ILE M 304 58.75 -45.47 -13.58
CA ILE M 304 60.20 -45.48 -13.79
C ILE M 304 60.81 -46.56 -12.92
N ASP M 305 61.44 -47.57 -13.54
CA ASP M 305 62.26 -48.54 -12.84
C ASP M 305 63.71 -48.09 -12.93
N ASP M 306 64.32 -47.85 -11.77
CA ASP M 306 65.71 -47.41 -11.71
C ASP M 306 66.71 -48.55 -11.75
N THR M 307 66.27 -49.78 -12.02
CA THR M 307 67.20 -50.88 -12.20
C THR M 307 67.94 -50.73 -13.53
N THR M 308 67.21 -50.66 -14.64
CA THR M 308 67.80 -50.41 -15.93
C THR M 308 67.57 -48.99 -16.43
N LYS M 309 67.10 -48.09 -15.55
CA LYS M 309 66.73 -46.71 -15.88
C LYS M 309 65.70 -46.66 -17.00
N GLU M 310 64.59 -47.36 -16.79
CA GLU M 310 63.62 -47.63 -17.84
C GLU M 310 62.29 -46.97 -17.50
N VAL M 311 61.47 -46.74 -18.53
CA VAL M 311 60.13 -46.16 -18.36
C VAL M 311 59.13 -47.24 -18.81
N VAL M 312 58.42 -47.81 -17.85
CA VAL M 312 57.57 -48.97 -18.10
C VAL M 312 56.14 -48.47 -18.31
N TYR M 313 55.69 -48.46 -19.56
CA TYR M 313 54.29 -48.18 -19.83
C TYR M 313 53.46 -49.42 -19.50
N ARG M 314 52.17 -49.21 -19.31
CA ARG M 314 51.22 -50.31 -19.13
C ARG M 314 50.00 -50.03 -19.98
N ASP M 315 49.30 -51.11 -20.34
CA ASP M 315 48.07 -50.99 -21.10
C ASP M 315 46.85 -51.45 -20.33
N TYR M 316 47.02 -51.88 -19.09
CA TYR M 316 45.92 -52.26 -18.22
C TYR M 316 45.83 -51.27 -17.06
N ILE M 317 44.64 -51.18 -16.47
CA ILE M 317 44.37 -50.24 -15.39
C ILE M 317 43.89 -51.02 -14.18
N ASP M 318 44.66 -50.99 -13.10
CA ASP M 318 44.32 -51.65 -11.85
C ASP M 318 44.37 -50.63 -10.73
N ILE M 319 43.20 -50.18 -10.28
CA ILE M 319 43.10 -49.14 -9.27
C ILE M 319 43.03 -49.79 -7.89
N SER M 320 43.96 -49.42 -7.03
CA SER M 320 43.96 -49.89 -5.65
C SER M 320 43.08 -48.99 -4.80
N VAL M 321 42.28 -49.59 -3.94
CA VAL M 321 41.32 -48.87 -3.12
C VAL M 321 41.64 -49.12 -1.67
N ALA M 322 42.03 -48.07 -0.94
CA ALA M 322 42.30 -48.18 0.49
C ALA M 322 40.98 -48.13 1.23
N VAL M 323 40.58 -49.26 1.82
CA VAL M 323 39.33 -49.33 2.57
C VAL M 323 39.68 -49.63 4.04
N ALA M 324 39.60 -48.59 4.87
CA ALA M 324 39.98 -48.66 6.29
C ALA M 324 38.88 -49.40 7.04
N THR M 325 39.19 -50.62 7.45
CA THR M 325 38.26 -51.43 8.23
C THR M 325 38.56 -51.22 9.72
N PRO M 326 37.85 -51.92 10.63
CA PRO M 326 38.21 -51.76 12.04
C PRO M 326 39.64 -52.19 12.36
N ARG M 327 40.11 -53.27 11.74
CA ARG M 327 41.45 -53.76 12.01
C ARG M 327 42.53 -52.73 11.66
N GLY M 328 42.38 -52.05 10.54
CA GLY M 328 43.38 -51.06 10.13
C GLY M 328 43.26 -50.75 8.65
N LEU M 329 44.34 -50.28 8.04
CA LEU M 329 44.30 -50.02 6.60
C LEU M 329 44.65 -51.28 5.82
N VAL M 330 43.89 -51.52 4.75
CA VAL M 330 44.21 -52.53 3.74
C VAL M 330 44.02 -51.92 2.36
N VAL M 331 44.85 -52.34 1.41
CA VAL M 331 44.82 -51.78 0.07
C VAL M 331 44.64 -52.84 -1.01
N PRO M 332 43.46 -53.42 -1.18
CA PRO M 332 43.28 -54.40 -2.26
C PRO M 332 43.16 -53.72 -3.62
N VAL M 333 43.21 -54.54 -4.65
CA VAL M 333 43.28 -54.07 -6.03
C VAL M 333 42.04 -54.50 -6.78
N ILE M 334 41.45 -53.56 -7.51
CA ILE M 334 40.38 -53.84 -8.46
C ILE M 334 41.01 -54.03 -9.83
N ARG M 335 40.78 -55.18 -10.44
CA ARG M 335 41.46 -55.58 -11.67
C ARG M 335 40.62 -55.23 -12.89
N ASN M 336 41.27 -54.65 -13.90
CA ASN M 336 40.73 -54.41 -15.24
C ASN M 336 39.49 -53.52 -15.21
N VAL M 337 39.71 -52.26 -14.82
CA VAL M 337 38.62 -51.32 -14.58
C VAL M 337 38.07 -50.74 -15.88
N GLU M 338 38.72 -51.00 -17.02
CA GLU M 338 38.37 -50.36 -18.28
C GLU M 338 37.00 -50.78 -18.81
N THR M 339 36.56 -52.00 -18.53
CA THR M 339 35.35 -52.53 -19.12
C THR M 339 34.14 -52.48 -18.20
N MET M 340 34.30 -52.01 -16.96
CA MET M 340 33.25 -52.11 -15.98
C MET M 340 32.29 -50.93 -16.06
N ASN M 341 31.22 -51.03 -15.28
CA ASN M 341 30.29 -49.93 -15.04
C ASN M 341 30.16 -49.76 -13.53
N TYR M 342 29.19 -48.96 -13.10
CA TYR M 342 28.99 -48.76 -11.66
C TYR M 342 28.51 -50.03 -10.98
N ALA M 343 27.81 -50.91 -11.70
CA ALA M 343 27.31 -52.13 -11.08
C ALA M 343 28.43 -53.14 -10.84
N ASP M 344 29.42 -53.16 -11.72
CA ASP M 344 30.51 -54.13 -11.59
C ASP M 344 31.48 -53.73 -10.49
N ILE M 345 31.74 -52.43 -10.36
CA ILE M 345 32.64 -51.89 -9.35
C ILE M 345 32.05 -52.09 -7.96
N GLU M 346 30.73 -51.93 -7.85
CA GLU M 346 30.09 -52.07 -6.55
C GLU M 346 30.06 -53.51 -6.07
N ARG M 347 30.01 -54.47 -6.99
CA ARG M 347 30.14 -55.87 -6.58
C ARG M 347 31.53 -56.15 -6.08
N THR M 348 32.54 -55.60 -6.75
CA THR M 348 33.93 -55.92 -6.43
C THR M 348 34.32 -55.36 -5.07
N ILE M 349 33.85 -54.16 -4.75
CA ILE M 349 34.22 -53.54 -3.47
C ILE M 349 33.49 -54.22 -2.32
N SER M 350 32.24 -54.62 -2.53
CA SER M 350 31.40 -55.10 -1.43
C SER M 350 31.84 -56.48 -0.95
N GLU M 351 32.06 -57.41 -1.87
CA GLU M 351 32.41 -58.76 -1.44
C GLU M 351 33.85 -58.86 -0.98
N LEU M 352 34.73 -58.04 -1.56
CA LEU M 352 36.11 -58.00 -1.11
C LEU M 352 36.25 -57.21 0.18
N GLY M 353 35.29 -56.30 0.45
CA GLY M 353 35.26 -55.66 1.74
C GLY M 353 34.93 -56.62 2.86
N GLU M 354 34.13 -57.65 2.55
CA GLU M 354 33.77 -58.65 3.55
C GLU M 354 34.92 -59.62 3.77
N LYS M 355 35.80 -59.80 2.78
CA LYS M 355 36.92 -60.72 2.93
C LYS M 355 37.95 -60.18 3.90
N ALA M 356 38.35 -58.92 3.73
CA ALA M 356 39.35 -58.33 4.61
C ALA M 356 38.80 -58.02 5.98
N ARG M 357 37.48 -57.99 6.13
CA ARG M 357 36.87 -57.71 7.42
C ARG M 357 37.03 -58.90 8.37
N LYS M 358 36.83 -60.11 7.86
CA LYS M 358 36.98 -61.32 8.66
C LYS M 358 38.34 -61.97 8.45
N ASN M 359 39.28 -61.26 7.81
CA ASN M 359 40.69 -61.64 7.65
C ASN M 359 40.84 -62.96 6.87
N GLU M 360 40.38 -62.96 5.63
CA GLU M 360 40.68 -64.01 4.67
C GLU M 360 41.30 -63.42 3.41
N LEU M 361 41.88 -62.23 3.53
CA LEU M 361 42.30 -61.47 2.38
C LEU M 361 43.72 -61.89 2.01
N ALA M 362 43.87 -62.39 0.78
CA ALA M 362 45.14 -63.00 0.38
C ALA M 362 46.20 -61.94 0.10
N ILE M 363 47.43 -62.40 -0.07
CA ILE M 363 48.54 -61.50 -0.36
C ILE M 363 48.64 -61.25 -1.85
N GLU M 364 48.26 -62.24 -2.67
CA GLU M 364 48.51 -62.21 -4.11
C GLU M 364 47.67 -61.16 -4.82
N ASP M 365 46.55 -60.75 -4.22
CA ASP M 365 45.72 -59.69 -4.76
C ASP M 365 45.85 -58.38 -3.99
N MET M 366 47.05 -58.03 -3.54
CA MET M 366 47.32 -56.75 -2.92
C MET M 366 48.41 -55.97 -3.62
N ASP M 367 48.96 -56.52 -4.71
CA ASP M 367 50.09 -55.90 -5.38
C ASP M 367 49.82 -55.79 -6.87
N GLY M 368 50.58 -54.92 -7.52
CA GLY M 368 50.44 -54.69 -8.95
C GLY M 368 49.52 -53.55 -9.33
N GLY M 369 49.06 -52.76 -8.37
CA GLY M 369 48.22 -51.63 -8.69
C GLY M 369 48.98 -50.55 -9.43
N THR M 370 48.24 -49.76 -10.20
CA THR M 370 48.82 -48.71 -11.03
C THR M 370 48.38 -47.31 -10.60
N PHE M 371 47.37 -47.22 -9.74
CA PHE M 371 46.82 -45.95 -9.29
C PHE M 371 46.06 -46.24 -8.01
N THR M 372 45.91 -45.22 -7.16
CA THR M 372 45.38 -45.46 -5.82
C THR M 372 44.42 -44.36 -5.41
N ILE M 373 43.23 -44.75 -4.98
CA ILE M 373 42.29 -43.83 -4.35
C ILE M 373 42.46 -43.98 -2.85
N SER M 374 42.41 -42.86 -2.12
CA SER M 374 42.59 -42.86 -0.67
C SER M 374 41.43 -42.10 -0.04
N ASN M 375 40.47 -42.84 0.50
CA ASN M 375 39.35 -42.23 1.21
C ASN M 375 39.79 -41.98 2.64
N GLY M 376 40.28 -40.77 2.90
CA GLY M 376 40.48 -40.31 4.25
C GLY M 376 39.39 -39.33 4.63
N GLY M 377 38.29 -39.37 3.90
CA GLY M 377 37.23 -38.40 4.06
C GLY M 377 36.04 -38.92 4.85
N VAL M 378 36.16 -40.12 5.40
CA VAL M 378 35.09 -40.67 6.23
C VAL M 378 35.31 -40.26 7.69
N PHE M 379 36.34 -39.45 7.92
CA PHE M 379 36.60 -38.92 9.26
C PHE M 379 36.46 -37.41 9.34
N GLY M 380 36.50 -36.70 8.23
CA GLY M 380 36.22 -35.28 8.26
C GLY M 380 37.42 -34.36 8.13
N SER M 381 38.44 -34.78 7.39
CA SER M 381 39.53 -33.87 7.09
C SER M 381 39.13 -32.92 5.97
N LEU M 382 39.63 -31.69 6.06
CA LEU M 382 39.29 -30.71 5.02
C LEU M 382 40.07 -30.99 3.74
N PHE M 383 41.39 -30.93 3.82
CA PHE M 383 42.27 -31.38 2.75
C PHE M 383 43.63 -31.72 3.35
N GLY M 384 44.46 -32.41 2.58
CA GLY M 384 45.74 -32.86 3.10
C GLY M 384 46.55 -33.50 2.00
N THR M 385 47.77 -33.92 2.37
CA THR M 385 48.72 -34.47 1.41
C THR M 385 48.85 -35.97 1.60
N PRO M 386 48.57 -36.78 0.60
CA PRO M 386 48.76 -38.23 0.73
C PRO M 386 50.20 -38.65 0.37
N ILE M 387 50.45 -39.96 0.46
CA ILE M 387 51.76 -40.55 0.25
C ILE M 387 51.67 -41.62 -0.84
N ILE M 388 52.66 -41.65 -1.74
CA ILE M 388 52.59 -42.53 -2.90
C ILE M 388 52.92 -43.97 -2.50
N ASN M 389 52.03 -44.89 -2.87
CA ASN M 389 52.32 -46.31 -2.85
C ASN M 389 53.47 -46.59 -3.82
N PRO M 390 54.61 -47.07 -3.30
CA PRO M 390 55.91 -46.93 -4.04
C PRO M 390 56.04 -47.65 -5.38
N PRO M 391 55.29 -48.71 -5.72
CA PRO M 391 55.34 -49.15 -7.12
C PRO M 391 54.47 -48.37 -8.09
N GLN M 392 53.99 -47.19 -7.74
CA GLN M 392 53.10 -46.41 -8.58
C GLN M 392 53.68 -45.02 -8.80
N SER M 393 52.96 -44.18 -9.54
CA SER M 393 53.49 -42.86 -9.86
C SER M 393 52.57 -41.74 -9.39
N ALA M 394 51.32 -42.06 -9.06
CA ALA M 394 50.38 -41.04 -8.63
C ALA M 394 49.40 -41.62 -7.61
N ILE M 395 48.72 -40.74 -6.89
CA ILE M 395 47.69 -41.13 -5.93
C ILE M 395 46.67 -40.01 -5.80
N LEU M 396 45.39 -40.36 -5.76
CA LEU M 396 44.30 -39.40 -5.59
C LEU M 396 43.79 -39.48 -4.15
N GLY M 397 43.63 -38.32 -3.51
CA GLY M 397 43.09 -38.29 -2.17
C GLY M 397 41.80 -37.52 -2.07
N MET M 398 40.69 -38.22 -1.83
CA MET M 398 39.40 -37.59 -1.65
C MET M 398 39.19 -37.27 -0.17
N HIS M 399 38.28 -36.33 0.10
CA HIS M 399 38.13 -35.77 1.44
C HIS M 399 36.66 -35.61 1.80
N ALA M 400 36.39 -34.85 2.86
CA ALA M 400 35.04 -34.73 3.41
C ALA M 400 34.21 -33.78 2.57
N ILE M 401 32.90 -33.97 2.63
CA ILE M 401 31.94 -33.15 1.90
C ILE M 401 31.31 -32.18 2.87
N VAL M 402 31.47 -30.88 2.60
CA VAL M 402 30.92 -29.82 3.44
C VAL M 402 30.08 -28.91 2.56
N ASP M 403 29.12 -28.23 3.19
CA ASP M 403 28.32 -27.22 2.52
C ASP M 403 28.98 -25.87 2.69
N ARG M 404 29.38 -25.26 1.58
CA ARG M 404 30.06 -23.97 1.60
C ARG M 404 29.38 -23.05 0.62
N PRO M 405 29.40 -21.74 0.86
CA PRO M 405 28.81 -20.81 -0.10
C PRO M 405 29.64 -20.72 -1.38
N VAL M 406 28.92 -20.73 -2.51
CA VAL M 406 29.50 -20.87 -3.85
C VAL M 406 28.95 -19.76 -4.73
N ALA M 407 29.83 -19.10 -5.48
CA ALA M 407 29.39 -18.09 -6.44
C ALA M 407 29.10 -18.78 -7.76
N VAL M 408 27.83 -19.02 -8.05
CA VAL M 408 27.41 -19.65 -9.29
C VAL M 408 26.42 -18.73 -10.02
N GLY M 409 26.74 -18.40 -11.27
CA GLY M 409 25.91 -17.51 -12.07
C GLY M 409 25.83 -16.10 -11.56
N GLY M 410 26.80 -15.64 -10.79
CA GLY M 410 26.74 -14.33 -10.19
C GLY M 410 25.93 -14.23 -8.93
N LYS M 411 25.49 -15.36 -8.37
CA LYS M 411 24.73 -15.40 -7.13
C LYS M 411 25.41 -16.36 -6.17
N VAL M 412 25.09 -16.21 -4.89
CA VAL M 412 25.76 -16.92 -3.82
C VAL M 412 24.81 -18.02 -3.34
N GLU M 413 25.04 -19.24 -3.82
CA GLU M 413 24.30 -20.41 -3.38
C GLU M 413 25.13 -21.22 -2.39
N ILE M 414 24.52 -22.27 -1.86
CA ILE M 414 25.19 -23.20 -0.95
C ILE M 414 25.15 -24.58 -1.58
N ARG M 415 26.31 -25.15 -1.85
CA ARG M 415 26.40 -26.43 -2.53
C ARG M 415 27.45 -27.30 -1.89
N PRO M 416 27.22 -28.62 -1.81
CA PRO M 416 28.18 -29.53 -1.18
C PRO M 416 29.40 -29.77 -2.05
N MET M 417 30.57 -29.37 -1.55
CA MET M 417 31.78 -29.45 -2.36
C MET M 417 32.89 -30.18 -1.60
N MET M 418 33.78 -30.80 -2.37
CA MET M 418 34.87 -31.62 -1.87
C MET M 418 36.20 -31.10 -2.40
N TYR M 419 37.20 -31.03 -1.52
CA TYR M 419 38.57 -30.79 -1.97
C TYR M 419 39.23 -32.13 -2.32
N VAL M 420 39.98 -32.15 -3.41
CA VAL M 420 40.73 -33.35 -3.80
C VAL M 420 42.18 -32.97 -3.97
N ALA M 421 43.05 -33.98 -3.88
CA ALA M 421 44.48 -33.79 -3.96
C ALA M 421 45.07 -34.87 -4.85
N LEU M 422 46.19 -34.55 -5.49
CA LEU M 422 46.89 -35.47 -6.37
C LEU M 422 48.38 -35.34 -6.12
N THR M 423 48.99 -36.39 -5.56
CA THR M 423 50.42 -36.41 -5.33
C THR M 423 51.10 -37.19 -6.45
N TYR M 424 52.02 -36.53 -7.14
CA TYR M 424 52.57 -37.09 -8.36
C TYR M 424 54.10 -37.04 -8.32
N ASP M 425 54.70 -37.88 -9.16
CA ASP M 425 56.15 -37.97 -9.30
C ASP M 425 56.59 -36.93 -10.33
N HIS M 426 57.45 -36.01 -9.91
CA HIS M 426 57.83 -34.93 -10.83
C HIS M 426 59.00 -35.35 -11.71
N ARG M 427 59.62 -36.50 -11.43
CA ARG M 427 60.63 -37.04 -12.34
C ARG M 427 60.01 -37.45 -13.66
N LEU M 428 58.78 -37.94 -13.63
CA LEU M 428 58.11 -38.51 -14.79
C LEU M 428 56.98 -37.65 -15.32
N ILE M 429 56.11 -37.19 -14.45
CA ILE M 429 54.93 -36.45 -14.85
C ILE M 429 55.25 -34.97 -14.83
N ASP M 430 54.85 -34.26 -15.88
CA ASP M 430 55.12 -32.84 -16.02
C ASP M 430 54.23 -32.06 -15.05
N GLY M 431 54.54 -30.79 -14.81
CA GLY M 431 53.74 -29.98 -13.92
C GLY M 431 52.41 -29.59 -14.50
N ARG M 432 52.34 -29.49 -15.83
CA ARG M 432 51.08 -29.19 -16.50
C ARG M 432 50.25 -30.44 -16.79
N GLU M 433 50.86 -31.62 -16.77
CA GLU M 433 50.10 -32.84 -17.03
C GLU M 433 49.35 -33.29 -15.80
N ALA M 434 49.85 -32.94 -14.62
CA ALA M 434 49.14 -33.28 -13.40
C ALA M 434 47.92 -32.39 -13.19
N VAL M 435 47.99 -31.15 -13.67
CA VAL M 435 46.85 -30.24 -13.55
C VAL M 435 45.75 -30.66 -14.50
N THR M 436 46.12 -31.06 -15.73
CA THR M 436 45.14 -31.49 -16.72
C THR M 436 44.50 -32.82 -16.32
N PHE M 437 45.26 -33.66 -15.62
CA PHE M 437 44.74 -34.94 -15.15
C PHE M 437 43.64 -34.76 -14.12
N LEU M 438 43.92 -33.92 -13.11
CA LEU M 438 42.95 -33.71 -12.03
C LEU M 438 41.76 -32.87 -12.51
N ARG M 439 41.96 -32.08 -13.55
CA ARG M 439 40.85 -31.32 -14.11
C ARG M 439 39.92 -32.23 -14.90
N LYS M 440 40.44 -33.37 -15.36
CA LYS M 440 39.62 -34.31 -16.13
C LYS M 440 38.80 -35.20 -15.22
N ILE M 441 39.32 -35.51 -14.04
CA ILE M 441 38.55 -36.23 -13.03
C ILE M 441 37.38 -35.38 -12.55
N LYS M 442 37.59 -34.07 -12.45
CA LYS M 442 36.53 -33.16 -12.01
C LYS M 442 35.38 -33.11 -13.01
N ALA M 443 35.68 -33.18 -14.30
CA ALA M 443 34.63 -33.07 -15.32
C ALA M 443 33.76 -34.30 -15.36
N ALA M 444 34.28 -35.45 -14.94
CA ALA M 444 33.54 -36.70 -14.95
C ALA M 444 32.86 -36.99 -13.62
N VAL M 445 32.95 -36.07 -12.66
CA VAL M 445 32.17 -36.15 -11.44
C VAL M 445 31.19 -34.99 -11.31
N GLU M 446 31.53 -33.81 -11.83
CA GLU M 446 30.55 -32.73 -11.93
C GLU M 446 29.49 -33.01 -12.98
N ASP M 447 29.77 -33.87 -13.94
CA ASP M 447 28.81 -34.26 -14.97
C ASP M 447 29.19 -35.66 -15.43
N PRO M 448 28.56 -36.70 -14.91
CA PRO M 448 28.96 -38.07 -15.23
C PRO M 448 28.50 -38.57 -16.59
N ARG M 449 27.88 -37.71 -17.42
CA ARG M 449 27.51 -38.11 -18.77
C ARG M 449 28.64 -37.95 -19.76
N VAL M 450 29.80 -37.45 -19.33
CA VAL M 450 30.95 -37.32 -20.21
C VAL M 450 31.55 -38.70 -20.47
N LEU M 451 31.31 -39.66 -19.57
CA LEU M 451 31.79 -41.03 -19.74
C LEU M 451 31.15 -41.72 -20.94
N LEU M 452 29.98 -41.27 -21.37
CA LEU M 452 29.35 -41.75 -22.59
C LEU M 452 29.82 -41.00 -23.82
N LEU M 453 30.22 -39.74 -23.66
CA LEU M 453 30.75 -38.91 -24.73
C LEU M 453 32.27 -39.06 -24.78
N ASP M 454 33.02 -38.16 -25.42
CA ASP M 454 34.47 -37.99 -25.34
C ASP M 454 35.18 -38.36 -24.03
N LEU N 221 -30.12 -43.89 53.86
CA LEU N 221 -31.42 -43.96 54.52
C LEU N 221 -32.51 -43.95 53.45
N ARG N 222 -33.42 -44.91 53.51
CA ARG N 222 -34.46 -45.11 52.52
C ARG N 222 -35.82 -44.85 53.17
N ALA N 223 -36.31 -43.63 53.00
CA ALA N 223 -37.59 -43.22 53.56
C ALA N 223 -38.53 -42.83 52.43
N GLU N 224 -39.78 -43.30 52.52
CA GLU N 224 -40.84 -42.89 51.61
C GLU N 224 -42.13 -42.79 52.39
N HIS N 225 -42.96 -41.82 52.03
CA HIS N 225 -44.19 -41.57 52.78
C HIS N 225 -45.33 -41.27 51.81
N ARG N 226 -46.49 -41.85 52.10
CA ARG N 226 -47.64 -41.74 51.21
C ARG N 226 -48.48 -40.54 51.62
N GLU N 227 -48.45 -39.48 50.82
CA GLU N 227 -49.40 -38.38 50.97
C GLU N 227 -50.47 -38.53 49.89
N LYS N 228 -51.72 -38.29 50.27
CA LYS N 228 -52.85 -38.53 49.39
C LYS N 228 -53.10 -37.34 48.48
N MET N 229 -53.87 -37.58 47.43
CA MET N 229 -54.33 -36.55 46.51
C MET N 229 -55.83 -36.37 46.65
N ASN N 230 -56.27 -35.12 46.65
CA ASN N 230 -57.66 -34.82 46.92
C ASN N 230 -58.55 -35.13 45.73
N ARG N 231 -59.86 -34.93 45.92
CA ARG N 231 -60.85 -35.35 44.95
C ARG N 231 -60.88 -34.40 43.75
N MET N 232 -60.33 -33.20 43.91
CA MET N 232 -60.20 -32.28 42.79
C MET N 232 -59.12 -32.75 41.83
N ARG N 233 -58.00 -33.22 42.39
CA ARG N 233 -56.91 -33.73 41.55
C ARG N 233 -57.29 -35.06 40.92
N GLN N 234 -58.24 -35.77 41.54
CA GLN N 234 -58.82 -36.98 40.93
C GLN N 234 -59.45 -36.69 39.57
N ARG N 235 -60.21 -35.60 39.48
CA ARG N 235 -60.96 -35.34 38.25
C ARG N 235 -60.06 -34.74 37.18
N ILE N 236 -59.03 -33.98 37.59
CA ILE N 236 -58.11 -33.37 36.63
C ILE N 236 -57.32 -34.44 35.90
N ALA N 237 -56.83 -35.43 36.64
CA ALA N 237 -56.17 -36.57 36.03
C ALA N 237 -57.15 -37.45 35.26
N GLN N 238 -58.43 -37.39 35.61
CA GLN N 238 -59.43 -38.17 34.88
C GLN N 238 -59.76 -37.53 33.54
N ARG N 239 -59.94 -36.20 33.53
CA ARG N 239 -60.22 -35.51 32.27
C ARG N 239 -59.03 -35.55 31.32
N LEU N 240 -57.83 -35.66 31.88
CA LEU N 240 -56.62 -35.62 31.07
C LEU N 240 -56.47 -36.89 30.24
N LYS N 241 -56.81 -38.04 30.82
CA LYS N 241 -56.73 -39.30 30.10
C LYS N 241 -57.90 -39.48 29.15
N GLU N 242 -59.02 -38.80 29.38
CA GLU N 242 -60.12 -38.85 28.44
C GLU N 242 -59.80 -38.05 27.17
N ALA N 243 -58.93 -37.06 27.27
CA ALA N 243 -58.56 -36.28 26.10
C ALA N 243 -57.65 -37.08 25.18
N GLN N 244 -56.90 -38.04 25.70
CA GLN N 244 -56.06 -38.86 24.84
C GLN N 244 -56.83 -40.04 24.26
N ASN N 245 -57.77 -40.60 25.01
CA ASN N 245 -58.52 -41.75 24.56
C ASN N 245 -59.66 -41.41 23.62
N THR N 246 -59.95 -40.12 23.42
CA THR N 246 -61.02 -39.70 22.52
C THR N 246 -60.47 -39.39 21.13
N CYS N 247 -59.52 -38.49 21.04
CA CYS N 247 -59.07 -37.94 19.77
C CYS N 247 -57.64 -38.38 19.46
N ALA N 248 -57.36 -38.57 18.16
CA ALA N 248 -56.05 -39.02 17.70
C ALA N 248 -55.17 -37.80 17.47
N MET N 249 -54.32 -37.50 18.44
CA MET N 249 -53.53 -36.29 18.42
C MET N 249 -52.22 -36.50 17.67
N LEU N 250 -51.88 -35.55 16.80
CA LEU N 250 -50.60 -35.48 16.14
C LEU N 250 -50.04 -34.08 16.36
N THR N 251 -48.80 -33.85 15.95
CA THR N 251 -48.15 -32.57 16.19
C THR N 251 -47.32 -32.18 14.99
N THR N 252 -47.36 -30.89 14.64
CA THR N 252 -46.55 -30.38 13.53
C THR N 252 -45.87 -29.08 13.98
N PHE N 253 -44.69 -28.80 13.45
CA PHE N 253 -43.85 -27.72 13.90
C PHE N 253 -43.52 -26.78 12.73
N ASN N 254 -43.06 -25.59 13.07
CA ASN N 254 -42.62 -24.58 12.09
C ASN N 254 -41.73 -23.60 12.84
N GLU N 255 -41.44 -22.46 12.23
CA GLU N 255 -40.48 -21.54 12.81
C GLU N 255 -40.76 -20.12 12.34
N ILE N 256 -40.89 -19.20 13.29
CA ILE N 256 -41.30 -17.82 13.03
C ILE N 256 -40.14 -16.89 13.31
N ASP N 257 -39.91 -15.94 12.42
CA ASP N 257 -38.91 -14.90 12.59
C ASP N 257 -39.57 -13.69 13.24
N MET N 258 -39.10 -13.31 14.43
CA MET N 258 -39.75 -12.32 15.27
C MET N 258 -39.12 -10.94 15.15
N SER N 259 -38.67 -10.55 13.96
CA SER N 259 -37.97 -9.28 13.82
C SER N 259 -38.94 -8.12 13.63
N ASN N 260 -40.02 -8.33 12.89
CA ASN N 260 -40.96 -7.23 12.63
C ASN N 260 -41.85 -6.96 13.82
N ILE N 261 -41.90 -7.88 14.79
CA ILE N 261 -42.71 -7.63 15.98
C ILE N 261 -41.90 -6.82 16.99
N GLN N 262 -40.60 -7.06 17.07
CA GLN N 262 -39.81 -6.40 18.11
C GLN N 262 -39.56 -4.93 17.79
N ASP N 263 -39.37 -4.57 16.51
CA ASP N 263 -39.19 -3.17 16.21
C ASP N 263 -40.52 -2.42 16.18
N MET N 264 -41.63 -3.15 16.03
CA MET N 264 -42.94 -2.55 16.31
C MET N 264 -43.05 -2.21 17.79
N ARG N 265 -42.54 -3.09 18.65
CA ARG N 265 -42.52 -2.82 20.06
C ARG N 265 -41.39 -1.89 20.46
N ALA N 266 -40.43 -1.64 19.57
CA ALA N 266 -39.32 -0.78 19.96
C ALA N 266 -39.64 0.69 19.82
N ARG N 267 -40.46 1.07 18.85
CA ARG N 267 -40.73 2.48 18.59
C ARG N 267 -42.11 2.90 19.03
N HIS N 268 -43.07 1.97 19.11
CA HIS N 268 -44.42 2.36 19.48
C HIS N 268 -44.77 2.03 20.92
N LYS N 269 -43.83 1.58 21.74
CA LYS N 269 -44.19 1.20 23.11
C LYS N 269 -44.39 2.43 23.99
N GLU N 270 -43.87 3.59 23.59
CA GLU N 270 -43.97 4.77 24.42
C GLU N 270 -45.26 5.52 24.16
N ALA N 271 -45.66 5.64 22.90
CA ALA N 271 -46.94 6.24 22.57
C ALA N 271 -48.11 5.32 22.90
N PHE N 272 -47.87 4.03 23.09
CA PHE N 272 -48.93 3.12 23.48
C PHE N 272 -49.23 3.25 24.97
N LEU N 273 -48.20 3.48 25.78
CA LEU N 273 -48.37 3.59 27.23
C LEU N 273 -48.99 4.93 27.60
N LYS N 274 -48.62 5.99 26.87
CA LYS N 274 -49.18 7.31 27.17
C LYS N 274 -50.65 7.38 26.79
N LYS N 275 -51.05 6.68 25.73
CA LYS N 275 -52.40 6.85 25.21
C LYS N 275 -53.38 5.82 25.74
N HIS N 276 -52.90 4.64 26.14
CA HIS N 276 -53.78 3.58 26.61
C HIS N 276 -53.53 3.13 28.04
N ASN N 277 -52.38 3.47 28.64
CA ASN N 277 -51.91 2.97 29.93
C ASN N 277 -51.90 1.45 29.96
N LEU N 278 -51.19 0.85 29.00
CA LEU N 278 -51.03 -0.58 28.90
C LEU N 278 -49.62 -0.89 28.44
N LYS N 279 -49.23 -2.15 28.56
CA LYS N 279 -47.94 -2.61 28.08
C LYS N 279 -48.11 -3.34 26.76
N LEU N 280 -47.15 -3.15 25.86
CA LEU N 280 -47.21 -3.76 24.52
C LEU N 280 -46.38 -5.02 24.52
N GLY N 281 -47.03 -6.18 24.41
CA GLY N 281 -46.39 -7.46 24.50
C GLY N 281 -46.46 -8.29 23.23
N PHE N 282 -45.90 -9.50 23.32
CA PHE N 282 -45.92 -10.42 22.19
C PHE N 282 -47.25 -11.12 22.05
N MET N 283 -47.97 -11.31 23.16
CA MET N 283 -49.16 -12.14 23.22
C MET N 283 -50.30 -11.65 22.31
N SER N 284 -50.50 -10.35 22.22
CA SER N 284 -51.58 -9.83 21.38
C SER N 284 -51.33 -9.98 19.90
N ALA N 285 -50.09 -10.23 19.48
CA ALA N 285 -49.82 -10.48 18.07
C ALA N 285 -50.18 -11.91 17.68
N PHE N 286 -50.13 -12.83 18.63
CA PHE N 286 -50.47 -14.22 18.36
C PHE N 286 -51.96 -14.48 18.47
N VAL N 287 -52.67 -13.70 19.28
CA VAL N 287 -54.10 -13.88 19.41
C VAL N 287 -54.83 -13.32 18.20
N LYS N 288 -54.38 -12.16 17.69
CA LYS N 288 -55.00 -11.57 16.51
C LYS N 288 -54.67 -12.34 15.25
N ALA N 289 -53.48 -12.91 15.16
CA ALA N 289 -53.15 -13.75 14.00
C ALA N 289 -53.84 -15.10 14.05
N SER N 290 -54.27 -15.54 15.24
CA SER N 290 -54.97 -16.81 15.34
C SER N 290 -56.42 -16.68 14.92
N ALA N 291 -57.04 -15.54 15.20
CA ALA N 291 -58.41 -15.31 14.75
C ALA N 291 -58.46 -15.08 13.25
N PHE N 292 -57.36 -14.64 12.67
CA PHE N 292 -57.30 -14.47 11.23
C PHE N 292 -57.26 -15.81 10.51
N ALA N 293 -56.51 -16.78 11.07
CA ALA N 293 -56.37 -18.06 10.40
C ALA N 293 -57.60 -18.93 10.60
N LEU N 294 -58.32 -18.75 11.71
CA LEU N 294 -59.48 -19.60 11.99
C LEU N 294 -60.67 -19.20 11.15
N GLN N 295 -60.79 -17.93 10.79
CA GLN N 295 -61.95 -17.51 10.00
C GLN N 295 -61.73 -17.80 8.53
N GLU N 296 -60.55 -18.25 8.15
CA GLU N 296 -60.31 -18.65 6.77
C GLU N 296 -60.57 -20.14 6.57
N GLN N 297 -60.11 -20.97 7.52
CA GLN N 297 -60.40 -22.40 7.51
C GLN N 297 -61.32 -22.72 8.67
N PRO N 298 -62.63 -22.84 8.45
CA PRO N 298 -63.55 -23.13 9.56
C PRO N 298 -63.51 -24.56 10.07
N VAL N 299 -62.76 -25.45 9.44
CA VAL N 299 -62.77 -26.86 9.86
C VAL N 299 -61.95 -27.03 11.13
N VAL N 300 -61.01 -26.12 11.39
CA VAL N 300 -60.25 -26.17 12.64
C VAL N 300 -61.12 -25.66 13.78
N ASN N 301 -62.12 -24.84 13.44
CA ASN N 301 -63.03 -24.32 14.45
C ASN N 301 -64.05 -25.35 14.89
N ALA N 302 -64.23 -26.40 14.09
CA ALA N 302 -65.24 -27.43 14.33
C ALA N 302 -64.91 -28.34 15.51
N VAL N 303 -65.92 -29.07 16.00
CA VAL N 303 -65.79 -30.04 17.09
C VAL N 303 -66.65 -31.25 16.75
N ILE N 304 -66.07 -32.44 16.89
CA ILE N 304 -66.82 -33.69 16.77
C ILE N 304 -67.42 -34.03 18.13
N ASP N 305 -68.74 -34.07 18.22
CA ASP N 305 -69.44 -34.61 19.37
C ASP N 305 -69.81 -36.06 19.09
N ASP N 306 -69.29 -36.97 19.91
CA ASP N 306 -69.54 -38.39 19.75
C ASP N 306 -70.84 -38.85 20.41
N THR N 307 -71.68 -37.93 20.88
CA THR N 307 -72.98 -38.31 21.39
C THR N 307 -73.91 -38.72 20.25
N THR N 308 -74.12 -37.83 19.28
CA THR N 308 -74.88 -38.16 18.10
C THR N 308 -74.01 -38.37 16.87
N LYS N 309 -72.69 -38.49 17.06
CA LYS N 309 -71.69 -38.61 15.98
C LYS N 309 -71.79 -37.43 15.00
N GLU N 310 -71.72 -36.22 15.54
CA GLU N 310 -72.03 -35.00 14.82
C GLU N 310 -70.78 -34.14 14.66
N VAL N 311 -70.80 -33.25 13.67
CA VAL N 311 -69.71 -32.31 13.43
C VAL N 311 -70.28 -30.91 13.66
N VAL N 312 -69.87 -30.27 14.75
CA VAL N 312 -70.47 -29.02 15.19
C VAL N 312 -69.59 -27.87 14.68
N TYR N 313 -70.04 -27.19 13.64
CA TYR N 313 -69.37 -25.97 13.22
C TYR N 313 -69.72 -24.84 14.17
N ARG N 314 -68.89 -23.80 14.17
CA ARG N 314 -69.18 -22.58 14.92
C ARG N 314 -68.89 -21.39 14.04
N ASP N 315 -69.55 -20.28 14.34
CA ASP N 315 -69.33 -19.03 13.62
C ASP N 315 -68.72 -17.94 14.47
N TYR N 316 -68.46 -18.23 15.74
CA TYR N 316 -67.77 -17.31 16.63
C TYR N 316 -66.42 -17.87 17.01
N ILE N 317 -65.51 -16.97 17.40
CA ILE N 317 -64.14 -17.33 17.73
C ILE N 317 -63.85 -16.89 19.15
N ASP N 318 -63.59 -17.84 20.04
CA ASP N 318 -63.27 -17.58 21.44
C ASP N 318 -61.95 -18.26 21.76
N ILE N 319 -60.87 -17.49 21.84
CA ILE N 319 -59.54 -18.03 22.05
C ILE N 319 -59.25 -18.04 23.55
N SER N 320 -58.94 -19.22 24.08
CA SER N 320 -58.55 -19.36 25.47
C SER N 320 -57.07 -19.11 25.62
N VAL N 321 -56.69 -18.36 26.64
CA VAL N 321 -55.31 -17.96 26.87
C VAL N 321 -54.87 -18.49 28.21
N ALA N 322 -53.90 -19.40 28.22
CA ALA N 322 -53.34 -19.94 29.44
C ALA N 322 -52.33 -18.94 29.99
N VAL N 323 -52.66 -18.31 31.10
CA VAL N 323 -51.75 -17.33 31.73
C VAL N 323 -51.35 -17.88 33.10
N ALA N 324 -50.13 -18.38 33.18
CA ALA N 324 -49.60 -19.02 34.38
C ALA N 324 -49.25 -17.94 35.40
N THR N 325 -50.06 -17.85 36.45
CA THR N 325 -49.81 -16.88 37.52
C THR N 325 -49.01 -17.59 38.62
N PRO N 326 -48.72 -16.89 39.74
CA PRO N 326 -48.02 -17.60 40.82
C PRO N 326 -48.80 -18.80 41.37
N ARG N 327 -50.11 -18.67 41.50
CA ARG N 327 -50.92 -19.76 42.04
C ARG N 327 -50.83 -21.04 41.20
N GLY N 328 -50.86 -20.90 39.89
CA GLY N 328 -50.80 -22.05 39.01
C GLY N 328 -51.31 -21.72 37.62
N LEU N 329 -51.77 -22.74 36.88
CA LEU N 329 -52.33 -22.46 35.57
C LEU N 329 -53.81 -22.11 35.65
N VAL N 330 -54.21 -21.09 34.89
CA VAL N 330 -55.61 -20.77 34.67
C VAL N 330 -55.82 -20.51 33.18
N VAL N 331 -56.98 -20.87 32.68
CA VAL N 331 -57.28 -20.75 31.25
C VAL N 331 -58.54 -19.94 30.98
N PRO N 332 -58.54 -18.62 31.14
CA PRO N 332 -59.73 -17.84 30.82
C PRO N 332 -59.89 -17.67 29.32
N VAL N 333 -61.06 -17.16 28.94
CA VAL N 333 -61.48 -17.10 27.55
C VAL N 333 -61.65 -15.64 27.14
N ILE N 334 -61.09 -15.29 25.99
CA ILE N 334 -61.33 -14.00 25.34
C ILE N 334 -62.47 -14.19 24.36
N ARG N 335 -63.52 -13.39 24.51
CA ARG N 335 -64.76 -13.58 23.76
C ARG N 335 -64.78 -12.67 22.54
N ASN N 336 -65.18 -13.24 21.40
CA ASN N 336 -65.48 -12.54 20.15
C ASN N 336 -64.25 -11.76 19.63
N VAL N 337 -63.24 -12.53 19.22
CA VAL N 337 -61.96 -11.95 18.84
C VAL N 337 -61.98 -11.38 17.43
N GLU N 338 -63.06 -11.60 16.67
CA GLU N 338 -63.10 -11.23 15.26
C GLU N 338 -63.09 -9.73 15.02
N THR N 339 -63.63 -8.94 15.94
CA THR N 339 -63.79 -7.51 15.74
C THR N 339 -62.73 -6.66 16.42
N MET N 340 -61.81 -7.27 17.17
CA MET N 340 -60.90 -6.52 18.00
C MET N 340 -59.66 -6.08 17.22
N ASN N 341 -58.85 -5.26 17.87
CA ASN N 341 -57.52 -4.90 17.42
C ASN N 341 -56.54 -5.20 18.55
N TYR N 342 -55.30 -4.72 18.41
CA TYR N 342 -54.31 -4.96 19.46
C TYR N 342 -54.66 -4.21 20.74
N ALA N 343 -55.36 -3.09 20.63
CA ALA N 343 -55.70 -2.32 21.82
C ALA N 343 -56.80 -2.99 22.63
N ASP N 344 -57.72 -3.68 21.96
CA ASP N 344 -58.83 -4.32 22.65
C ASP N 344 -58.39 -5.60 23.35
N ILE N 345 -57.49 -6.35 22.71
CA ILE N 345 -56.96 -7.60 23.25
C ILE N 345 -56.12 -7.30 24.49
N GLU N 346 -55.36 -6.21 24.45
CA GLU N 346 -54.48 -5.88 25.57
C GLU N 346 -55.27 -5.43 26.80
N ARG N 347 -56.43 -4.81 26.59
CA ARG N 347 -57.28 -4.49 27.73
C ARG N 347 -57.85 -5.76 28.36
N THR N 348 -58.24 -6.71 27.52
CA THR N 348 -58.92 -7.91 28.01
C THR N 348 -57.96 -8.79 28.81
N ILE N 349 -56.72 -8.90 28.37
CA ILE N 349 -55.76 -9.76 29.06
C ILE N 349 -55.31 -9.11 30.38
N SER N 350 -55.16 -7.79 30.39
CA SER N 350 -54.56 -7.12 31.54
C SER N 350 -55.49 -7.10 32.75
N GLU N 351 -56.76 -6.73 32.53
CA GLU N 351 -57.67 -6.63 33.67
C GLU N 351 -58.13 -8.00 34.14
N LEU N 352 -58.23 -8.96 33.23
CA LEU N 352 -58.58 -10.32 33.62
C LEU N 352 -57.37 -11.04 34.21
N GLY N 353 -56.16 -10.60 33.89
CA GLY N 353 -54.99 -11.11 34.57
C GLY N 353 -54.96 -10.69 36.03
N GLU N 354 -55.51 -9.53 36.34
CA GLU N 354 -55.56 -9.07 37.73
C GLU N 354 -56.65 -9.79 38.51
N LYS N 355 -57.69 -10.27 37.81
CA LYS N 355 -58.77 -10.96 38.51
C LYS N 355 -58.32 -12.31 39.03
N ALA N 356 -57.67 -13.10 38.17
CA ALA N 356 -57.22 -14.44 38.57
C ALA N 356 -56.03 -14.38 39.50
N ARG N 357 -55.33 -13.24 39.56
CA ARG N 357 -54.19 -13.10 40.44
C ARG N 357 -54.63 -13.01 41.90
N LYS N 358 -55.67 -12.25 42.18
CA LYS N 358 -56.21 -12.13 43.53
C LYS N 358 -57.39 -13.06 43.78
N ASN N 359 -57.62 -14.02 42.87
CA ASN N 359 -58.61 -15.10 43.01
C ASN N 359 -60.03 -14.56 43.13
N GLU N 360 -60.49 -13.85 42.11
CA GLU N 360 -61.90 -13.50 41.94
C GLU N 360 -62.40 -13.98 40.59
N LEU N 361 -61.73 -14.98 40.03
CA LEU N 361 -61.97 -15.39 38.65
C LEU N 361 -63.10 -16.41 38.63
N ALA N 362 -64.18 -16.07 37.93
CA ALA N 362 -65.39 -16.89 37.99
C ALA N 362 -65.24 -18.17 37.18
N ILE N 363 -66.21 -19.07 37.34
CA ILE N 363 -66.20 -20.33 36.63
C ILE N 363 -66.85 -20.17 35.25
N GLU N 364 -67.83 -19.26 35.16
CA GLU N 364 -68.67 -19.16 33.97
C GLU N 364 -67.92 -18.63 32.76
N ASP N 365 -66.81 -17.93 32.99
CA ASP N 365 -65.96 -17.46 31.91
C ASP N 365 -64.67 -18.25 31.78
N MET N 366 -64.71 -19.57 31.98
CA MET N 366 -63.56 -20.42 31.75
C MET N 366 -63.86 -21.53 30.76
N ASP N 367 -65.06 -21.58 30.21
CA ASP N 367 -65.47 -22.66 29.33
C ASP N 367 -66.07 -22.11 28.05
N GLY N 368 -66.11 -22.96 27.03
CA GLY N 368 -66.63 -22.60 25.74
C GLY N 368 -65.61 -22.11 24.75
N GLY N 369 -64.32 -22.22 25.06
CA GLY N 369 -63.29 -21.81 24.12
C GLY N 369 -63.24 -22.73 22.91
N THR N 370 -62.75 -22.19 21.80
CA THR N 370 -62.68 -22.91 20.54
C THR N 370 -61.25 -23.14 20.08
N PHE N 371 -60.29 -22.47 20.70
CA PHE N 371 -58.88 -22.56 20.31
C PHE N 371 -58.08 -22.07 21.50
N THR N 372 -56.82 -22.51 21.60
CA THR N 372 -56.06 -22.26 22.82
C THR N 372 -54.62 -21.91 22.49
N ILE N 373 -54.15 -20.79 23.03
CA ILE N 373 -52.74 -20.44 22.99
C ILE N 373 -52.12 -20.89 24.31
N SER N 374 -50.91 -21.45 24.25
CA SER N 374 -50.22 -21.93 25.44
C SER N 374 -48.82 -21.32 25.49
N ASN N 375 -48.65 -20.30 26.32
CA ASN N 375 -47.34 -19.69 26.52
C ASN N 375 -46.59 -20.52 27.55
N GLY N 376 -45.80 -21.47 27.08
CA GLY N 376 -44.84 -22.14 27.92
C GLY N 376 -43.45 -21.63 27.63
N GLY N 377 -43.37 -20.45 27.02
CA GLY N 377 -42.12 -19.89 26.57
C GLY N 377 -41.56 -18.82 27.48
N VAL N 378 -42.19 -18.60 28.63
CA VAL N 378 -41.68 -17.64 29.60
C VAL N 378 -40.70 -18.32 30.54
N PHE N 379 -40.45 -19.60 30.30
CA PHE N 379 -39.47 -20.35 31.10
C PHE N 379 -38.27 -20.82 30.29
N GLY N 380 -38.36 -20.85 28.97
CA GLY N 380 -37.19 -21.14 28.17
C GLY N 380 -37.12 -22.53 27.57
N SER N 381 -38.27 -23.11 27.24
CA SER N 381 -38.25 -24.37 26.50
C SER N 381 -37.97 -24.10 25.03
N LEU N 382 -37.25 -25.03 24.40
CA LEU N 382 -36.93 -24.87 22.99
C LEU N 382 -38.17 -25.15 22.13
N PHE N 383 -38.67 -26.39 22.19
CA PHE N 383 -39.94 -26.76 21.61
C PHE N 383 -40.47 -27.98 22.33
N GLY N 384 -41.74 -28.30 22.13
CA GLY N 384 -42.36 -29.40 22.84
C GLY N 384 -43.77 -29.62 22.34
N THR N 385 -44.41 -30.64 22.93
CA THR N 385 -45.74 -31.07 22.49
C THR N 385 -46.78 -30.67 23.51
N PRO N 386 -47.78 -29.87 23.16
CA PRO N 386 -48.85 -29.53 24.10
C PRO N 386 -49.97 -30.58 24.09
N ILE N 387 -50.98 -30.33 24.92
CA ILE N 387 -52.10 -31.24 25.14
C ILE N 387 -53.41 -30.50 24.86
N ILE N 388 -54.34 -31.17 24.17
CA ILE N 388 -55.57 -30.50 23.74
C ILE N 388 -56.55 -30.36 24.90
N ASN N 389 -57.01 -29.12 25.11
CA ASN N 389 -58.16 -28.85 25.94
C ASN N 389 -59.39 -29.56 25.36
N PRO N 390 -59.97 -30.51 26.08
CA PRO N 390 -60.82 -31.56 25.44
C PRO N 390 -62.11 -31.10 24.76
N PRO N 391 -62.73 -29.95 25.08
CA PRO N 391 -63.82 -29.50 24.19
C PRO N 391 -63.38 -28.79 22.92
N GLN N 392 -62.12 -28.89 22.51
CA GLN N 392 -61.60 -28.19 21.34
C GLN N 392 -60.97 -29.18 20.39
N SER N 393 -60.44 -28.68 19.28
CA SER N 393 -59.89 -29.57 18.27
C SER N 393 -58.42 -29.27 17.98
N ALA N 394 -57.93 -28.11 18.39
CA ALA N 394 -56.54 -27.74 18.13
C ALA N 394 -56.00 -26.89 19.27
N ILE N 395 -54.67 -26.77 19.33
CA ILE N 395 -54.00 -25.92 20.31
C ILE N 395 -52.66 -25.48 19.73
N LEU N 396 -52.33 -24.20 19.93
CA LEU N 396 -51.06 -23.63 19.48
C LEU N 396 -50.14 -23.47 20.69
N GLY N 397 -48.90 -23.90 20.54
CA GLY N 397 -47.92 -23.75 21.60
C GLY N 397 -46.73 -22.90 21.20
N MET N 398 -46.64 -21.70 21.76
CA MET N 398 -45.50 -20.83 21.52
C MET N 398 -44.40 -21.10 22.52
N HIS N 399 -43.18 -20.71 22.17
CA HIS N 399 -41.99 -21.08 22.95
C HIS N 399 -41.03 -19.92 23.10
N ALA N 400 -39.81 -20.20 23.52
CA ALA N 400 -38.84 -19.16 23.86
C ALA N 400 -38.22 -18.58 22.60
N ILE N 401 -37.76 -17.34 22.72
CA ILE N 401 -37.12 -16.62 21.63
C ILE N 401 -35.61 -16.66 21.83
N VAL N 402 -34.90 -17.23 20.87
CA VAL N 402 -33.45 -17.31 20.92
C VAL N 402 -32.87 -16.71 19.65
N ASP N 403 -31.62 -16.26 19.74
CA ASP N 403 -30.90 -15.75 18.59
C ASP N 403 -30.11 -16.89 17.97
N ARG N 404 -30.42 -17.22 16.73
CA ARG N 404 -29.79 -18.32 16.03
C ARG N 404 -29.34 -17.83 14.66
N PRO N 405 -28.27 -18.40 14.11
CA PRO N 405 -27.85 -18.00 12.77
C PRO N 405 -28.83 -18.47 11.70
N VAL N 406 -29.11 -17.57 10.77
CA VAL N 406 -30.18 -17.71 9.78
C VAL N 406 -29.60 -17.44 8.40
N ALA N 407 -29.89 -18.30 7.43
CA ALA N 407 -29.48 -18.06 6.04
C ALA N 407 -30.55 -17.24 5.35
N VAL N 408 -30.32 -15.94 5.22
CA VAL N 408 -31.24 -15.03 4.56
C VAL N 408 -30.52 -14.33 3.41
N GLY N 409 -31.09 -14.44 2.21
CA GLY N 409 -30.51 -13.86 1.02
C GLY N 409 -29.17 -14.43 0.61
N GLY N 410 -28.86 -15.66 1.01
CA GLY N 410 -27.57 -16.23 0.73
C GLY N 410 -26.47 -15.83 1.69
N LYS N 411 -26.80 -15.14 2.78
CA LYS N 411 -25.83 -14.75 3.79
C LYS N 411 -26.32 -15.21 5.15
N VAL N 412 -25.39 -15.28 6.10
CA VAL N 412 -25.65 -15.86 7.41
C VAL N 412 -25.77 -14.70 8.40
N GLU N 413 -27.01 -14.34 8.72
CA GLU N 413 -27.30 -13.34 9.73
C GLU N 413 -27.73 -14.01 11.03
N ILE N 414 -27.94 -13.19 12.05
CA ILE N 414 -28.42 -13.65 13.35
C ILE N 414 -29.74 -12.95 13.62
N ARG N 415 -30.81 -13.72 13.78
CA ARG N 415 -32.14 -13.16 13.95
C ARG N 415 -32.91 -13.92 15.02
N PRO N 416 -33.71 -13.23 15.84
CA PRO N 416 -34.46 -13.90 16.91
C PRO N 416 -35.63 -14.71 16.36
N MET N 417 -35.60 -16.02 16.57
CA MET N 417 -36.62 -16.89 16.01
C MET N 417 -37.24 -17.77 17.07
N MET N 418 -38.48 -18.17 16.84
CA MET N 418 -39.29 -18.95 17.75
C MET N 418 -39.78 -20.22 17.06
N TYR N 419 -39.72 -21.35 17.76
CA TYR N 419 -40.39 -22.56 17.30
C TYR N 419 -41.82 -22.56 17.81
N VAL N 420 -42.75 -22.97 16.96
CA VAL N 420 -44.14 -23.10 17.35
C VAL N 420 -44.61 -24.52 17.04
N ALA N 421 -45.67 -24.93 17.71
CA ALA N 421 -46.22 -26.27 17.59
C ALA N 421 -47.73 -26.20 17.49
N LEU N 422 -48.32 -27.17 16.82
CA LEU N 422 -49.77 -27.24 16.66
C LEU N 422 -50.21 -28.69 16.84
N THR N 423 -50.94 -28.96 17.91
CA THR N 423 -51.46 -30.29 18.16
C THR N 423 -52.90 -30.36 17.71
N TYR N 424 -53.20 -31.27 16.80
CA TYR N 424 -54.50 -31.26 16.14
C TYR N 424 -55.12 -32.66 16.19
N ASP N 425 -56.43 -32.69 16.01
CA ASP N 425 -57.21 -33.93 15.99
C ASP N 425 -57.20 -34.46 14.57
N HIS N 426 -56.68 -35.68 14.39
CA HIS N 426 -56.56 -36.22 13.04
C HIS N 426 -57.84 -36.90 12.60
N ARG N 427 -58.81 -37.09 13.51
CA ARG N 427 -60.12 -37.59 13.10
C ARG N 427 -60.85 -36.56 12.24
N LEU N 428 -60.64 -35.29 12.51
CA LEU N 428 -61.38 -34.21 11.88
C LEU N 428 -60.53 -33.39 10.91
N ILE N 429 -59.36 -32.98 11.33
CA ILE N 429 -58.50 -32.10 10.54
C ILE N 429 -57.56 -32.96 9.71
N ASP N 430 -57.43 -32.62 8.43
CA ASP N 430 -56.58 -33.37 7.52
C ASP N 430 -55.11 -33.08 7.82
N GLY N 431 -54.21 -33.90 7.30
CA GLY N 431 -52.79 -33.70 7.54
C GLY N 431 -52.24 -32.51 6.79
N ARG N 432 -52.84 -32.18 5.65
CA ARG N 432 -52.42 -31.01 4.89
C ARG N 432 -53.11 -29.73 5.35
N GLU N 433 -54.22 -29.84 6.07
CA GLU N 433 -54.91 -28.64 6.52
C GLU N 433 -54.26 -28.08 7.77
N ALA N 434 -53.60 -28.94 8.55
CA ALA N 434 -52.88 -28.45 9.73
C ALA N 434 -51.60 -27.74 9.34
N VAL N 435 -50.98 -28.16 8.24
CA VAL N 435 -49.76 -27.50 7.78
C VAL N 435 -50.08 -26.13 7.21
N THR N 436 -51.17 -26.03 6.46
CA THR N 436 -51.58 -24.76 5.85
C THR N 436 -52.05 -23.79 6.93
N PHE N 437 -52.62 -24.31 8.01
CA PHE N 437 -53.08 -23.46 9.11
C PHE N 437 -51.91 -22.80 9.82
N LEU N 438 -50.89 -23.58 10.18
CA LEU N 438 -49.74 -23.05 10.90
C LEU N 438 -48.86 -22.19 9.99
N ARG N 439 -48.92 -22.42 8.69
CA ARG N 439 -48.19 -21.59 7.76
C ARG N 439 -48.85 -20.23 7.61
N LYS N 440 -50.15 -20.16 7.90
CA LYS N 440 -50.88 -18.89 7.79
C LYS N 440 -50.68 -18.02 9.03
N ILE N 441 -50.50 -18.65 10.20
CA ILE N 441 -50.16 -17.92 11.41
C ILE N 441 -48.77 -17.31 11.27
N LYS N 442 -47.86 -18.01 10.61
CA LYS N 442 -46.50 -17.51 10.41
C LYS N 442 -46.48 -16.26 9.52
N ALA N 443 -47.35 -16.20 8.51
CA ALA N 443 -47.34 -15.07 7.60
C ALA N 443 -47.87 -13.81 8.26
N ALA N 444 -48.73 -13.95 9.26
CA ALA N 444 -49.31 -12.82 9.96
C ALA N 444 -48.51 -12.41 11.18
N VAL N 445 -47.38 -13.06 11.45
CA VAL N 445 -46.45 -12.60 12.47
C VAL N 445 -45.10 -12.19 11.87
N GLU N 446 -44.68 -12.82 10.77
CA GLU N 446 -43.51 -12.32 10.05
C GLU N 446 -43.79 -11.03 9.32
N ASP N 447 -45.06 -10.73 9.04
CA ASP N 447 -45.47 -9.49 8.39
C ASP N 447 -46.89 -9.18 8.82
N PRO N 448 -47.09 -8.35 9.85
CA PRO N 448 -48.43 -8.12 10.38
C PRO N 448 -49.30 -7.20 9.54
N ARG N 449 -48.86 -6.79 8.36
CA ARG N 449 -49.69 -5.98 7.47
C ARG N 449 -50.60 -6.83 6.61
N VAL N 450 -50.51 -8.15 6.69
CA VAL N 450 -51.40 -9.03 5.94
C VAL N 450 -52.80 -9.00 6.55
N LEU N 451 -52.91 -8.63 7.82
CA LEU N 451 -54.20 -8.50 8.49
C LEU N 451 -55.06 -7.40 7.89
N LEU N 452 -54.44 -6.41 7.24
CA LEU N 452 -55.15 -5.38 6.50
C LEU N 452 -55.47 -5.80 5.08
N LEU N 453 -54.65 -6.67 4.50
CA LEU N 453 -54.85 -7.21 3.16
C LEU N 453 -55.65 -8.50 3.27
N ASP N 454 -55.67 -9.36 2.24
CA ASP N 454 -56.15 -10.74 2.25
C ASP N 454 -56.04 -11.54 3.54
N LEU O 221 74.65 -2.40 -12.65
CA LEU O 221 75.81 -2.76 -11.86
C LEU O 221 75.54 -4.09 -11.17
N ARG O 222 76.47 -5.03 -11.32
CA ARG O 222 76.33 -6.40 -10.82
C ARG O 222 77.37 -6.62 -9.73
N ALA O 223 76.95 -6.45 -8.49
CA ALA O 223 77.81 -6.64 -7.33
C ALA O 223 77.27 -7.76 -6.46
N GLU O 224 78.15 -8.64 -6.00
CA GLU O 224 77.81 -9.67 -5.04
C GLU O 224 78.99 -9.85 -4.10
N HIS O 225 78.70 -10.11 -2.83
CA HIS O 225 79.75 -10.23 -1.83
C HIS O 225 79.46 -11.38 -0.90
N ARG O 226 80.51 -12.14 -0.57
CA ARG O 226 80.37 -13.35 0.22
C ARG O 226 80.55 -13.00 1.70
N GLU O 227 79.46 -13.02 2.47
CA GLU O 227 79.55 -12.97 3.92
C GLU O 227 79.35 -14.37 4.48
N LYS O 228 80.15 -14.72 5.48
CA LYS O 228 80.15 -16.08 5.99
C LYS O 228 79.07 -16.28 7.04
N MET O 229 78.77 -17.54 7.32
CA MET O 229 77.85 -17.92 8.38
C MET O 229 78.62 -18.62 9.49
N ASN O 230 78.26 -18.29 10.73
CA ASN O 230 79.03 -18.77 11.87
C ASN O 230 78.72 -20.24 12.17
N ARG O 231 79.43 -20.77 13.17
CA ARG O 231 79.36 -22.20 13.47
C ARG O 231 78.07 -22.56 14.18
N MET O 232 77.39 -21.56 14.74
CA MET O 232 76.07 -21.80 15.33
C MET O 232 75.03 -22.03 14.25
N ARG O 233 75.09 -21.24 13.18
CA ARG O 233 74.16 -21.40 12.08
C ARG O 233 74.48 -22.67 11.28
N GLN O 234 75.71 -23.14 11.37
CA GLN O 234 76.08 -24.44 10.81
C GLN O 234 75.26 -25.58 11.40
N ARG O 235 75.08 -25.58 12.72
CA ARG O 235 74.41 -26.70 13.37
C ARG O 235 72.89 -26.60 13.21
N ILE O 236 72.36 -25.38 13.15
CA ILE O 236 70.92 -25.18 12.99
C ILE O 236 70.46 -25.71 11.64
N ALA O 237 71.21 -25.40 10.59
CA ALA O 237 70.93 -25.97 9.27
C ALA O 237 71.23 -27.46 9.22
N GLN O 238 72.10 -27.95 10.10
CA GLN O 238 72.40 -29.38 10.13
C GLN O 238 71.27 -30.15 10.81
N ARG O 239 70.75 -29.65 11.92
CA ARG O 239 69.64 -30.31 12.61
C ARG O 239 68.37 -30.27 11.78
N LEU O 240 68.23 -29.26 10.94
CA LEU O 240 67.02 -29.07 10.15
C LEU O 240 66.89 -30.14 9.08
N LYS O 241 68.01 -30.47 8.43
CA LYS O 241 67.99 -31.50 7.40
C LYS O 241 67.92 -32.91 7.99
N GLU O 242 68.36 -33.08 9.23
CA GLU O 242 68.21 -34.38 9.89
C GLU O 242 66.76 -34.65 10.26
N ALA O 243 65.97 -33.60 10.45
CA ALA O 243 64.56 -33.80 10.78
C ALA O 243 63.77 -34.28 9.56
N GLN O 244 64.24 -33.93 8.35
CA GLN O 244 63.54 -34.40 7.16
C GLN O 244 64.00 -35.79 6.75
N ASN O 245 65.28 -36.09 6.95
CA ASN O 245 65.82 -37.38 6.53
C ASN O 245 65.52 -38.50 7.52
N THR O 246 64.95 -38.20 8.67
CA THR O 246 64.61 -39.22 9.66
C THR O 246 63.18 -39.68 9.51
N CYS O 247 62.22 -38.76 9.58
CA CYS O 247 60.81 -39.08 9.68
C CYS O 247 60.06 -38.66 8.40
N ALA O 248 59.05 -39.44 8.06
CA ALA O 248 58.25 -39.21 6.84
C ALA O 248 57.10 -38.27 7.20
N MET O 249 57.29 -36.99 6.91
CA MET O 249 56.33 -35.98 7.32
C MET O 249 55.22 -35.81 6.30
N LEU O 250 53.99 -35.74 6.78
CA LEU O 250 52.82 -35.41 5.99
C LEU O 250 52.10 -34.27 6.69
N THR O 251 51.07 -33.72 6.06
CA THR O 251 50.37 -32.57 6.62
C THR O 251 48.88 -32.71 6.36
N THR O 252 48.07 -32.36 7.35
CA THR O 252 46.61 -32.38 7.20
C THR O 252 46.04 -31.08 7.75
N PHE O 253 44.94 -30.61 7.19
CA PHE O 253 44.37 -29.31 7.49
C PHE O 253 42.92 -29.46 7.96
N ASN O 254 42.42 -28.41 8.58
CA ASN O 254 41.02 -28.33 9.04
C ASN O 254 40.71 -26.85 9.22
N GLU O 255 39.60 -26.55 9.90
CA GLU O 255 39.15 -25.16 10.00
C GLU O 255 38.31 -24.98 11.25
N ILE O 256 38.68 -23.99 12.05
CA ILE O 256 38.07 -23.77 13.36
C ILE O 256 37.30 -22.46 13.34
N ASP O 257 36.08 -22.47 13.89
CA ASP O 257 35.25 -21.28 14.05
C ASP O 257 35.53 -20.67 15.41
N MET O 258 36.03 -19.44 15.42
CA MET O 258 36.54 -18.79 16.63
C MET O 258 35.51 -17.85 17.26
N SER O 259 34.23 -18.20 17.23
CA SER O 259 33.23 -17.28 17.76
C SER O 259 33.04 -17.42 19.26
N ASN O 260 33.12 -18.65 19.78
CA ASN O 260 32.90 -18.85 21.21
C ASN O 260 34.11 -18.45 22.04
N ILE O 261 35.26 -18.27 21.39
CA ILE O 261 36.44 -17.83 22.13
C ILE O 261 36.44 -16.31 22.25
N GLN O 262 35.96 -15.61 21.23
CA GLN O 262 36.05 -14.15 21.25
C GLN O 262 35.04 -13.53 22.20
N ASP O 263 33.84 -14.11 22.32
CA ASP O 263 32.89 -13.54 23.28
C ASP O 263 33.20 -13.98 24.70
N MET O 264 33.96 -15.07 24.86
CA MET O 264 34.55 -15.36 26.16
C MET O 264 35.56 -14.30 26.53
N ARG O 265 36.33 -13.84 25.56
CA ARG O 265 37.27 -12.75 25.79
C ARG O 265 36.60 -11.39 25.77
N ALA O 266 35.34 -11.31 25.33
CA ALA O 266 34.70 -10.00 25.27
C ALA O 266 34.11 -9.59 26.60
N ARG O 267 33.61 -10.54 27.40
CA ARG O 267 32.92 -10.19 28.63
C ARG O 267 33.76 -10.52 29.86
N HIS O 268 34.70 -11.46 29.78
CA HIS O 268 35.46 -11.81 30.96
C HIS O 268 36.86 -11.22 30.97
N LYS O 269 37.22 -10.34 30.03
CA LYS O 269 38.59 -9.81 30.02
C LYS O 269 38.80 -8.77 31.11
N GLU O 270 37.72 -8.19 31.63
CA GLU O 270 37.87 -7.14 32.63
C GLU O 270 37.99 -7.72 34.04
N ALA O 271 37.18 -8.73 34.34
CA ALA O 271 37.31 -9.42 35.62
C ALA O 271 38.54 -10.31 35.69
N PHE O 272 39.13 -10.65 34.54
CA PHE O 272 40.36 -11.43 34.55
C PHE O 272 41.55 -10.55 34.89
N LEU O 273 41.55 -9.31 34.41
CA LEU O 273 42.67 -8.40 34.65
C LEU O 273 42.66 -7.88 36.08
N LYS O 274 41.47 -7.64 36.63
CA LYS O 274 41.37 -7.17 38.00
C LYS O 274 41.79 -8.24 39.00
N LYS O 275 41.50 -9.50 38.71
CA LYS O 275 41.69 -10.55 39.69
C LYS O 275 43.05 -11.25 39.54
N HIS O 276 43.63 -11.26 38.34
CA HIS O 276 44.88 -11.95 38.11
C HIS O 276 46.03 -11.08 37.65
N ASN O 277 45.75 -9.85 37.18
CA ASN O 277 46.71 -8.95 36.53
C ASN O 277 47.41 -9.65 35.36
N LEU O 278 46.60 -10.15 34.43
CA LEU O 278 47.09 -10.80 33.22
C LEU O 278 46.18 -10.42 32.07
N LYS O 279 46.64 -10.72 30.86
CA LYS O 279 45.85 -10.49 29.66
C LYS O 279 45.26 -11.81 29.19
N LEU O 280 44.03 -11.77 28.69
CA LEU O 280 43.33 -12.97 28.23
C LEU O 280 43.49 -13.08 26.72
N GLY O 281 44.25 -14.08 26.26
CA GLY O 281 44.55 -14.24 24.86
C GLY O 281 44.01 -15.52 24.25
N PHE O 282 44.34 -15.70 22.97
CA PHE O 282 43.91 -16.88 22.24
C PHE O 282 44.78 -18.09 22.56
N MET O 283 46.03 -17.86 22.92
CA MET O 283 47.04 -18.90 23.06
C MET O 283 46.71 -19.94 24.13
N SER O 284 46.15 -19.50 25.26
CA SER O 284 45.85 -20.44 26.32
C SER O 284 44.68 -21.37 26.02
N ALA O 285 43.86 -21.03 25.01
CA ALA O 285 42.79 -21.93 24.60
C ALA O 285 43.30 -23.07 23.75
N PHE O 286 44.40 -22.84 23.02
CA PHE O 286 44.98 -23.87 22.18
C PHE O 286 45.91 -24.79 22.95
N VAL O 287 46.52 -24.30 24.02
CA VAL O 287 47.41 -25.13 24.82
C VAL O 287 46.61 -26.09 25.68
N LYS O 288 45.51 -25.62 26.26
CA LYS O 288 44.67 -26.49 27.08
C LYS O 288 43.90 -27.49 26.25
N ALA O 289 43.50 -27.14 25.03
CA ALA O 289 42.84 -28.10 24.16
C ALA O 289 43.82 -29.10 23.57
N SER O 290 45.11 -28.78 23.54
CA SER O 290 46.10 -29.71 23.02
C SER O 290 46.44 -30.77 24.06
N ALA O 291 46.45 -30.41 25.34
CA ALA O 291 46.69 -31.40 26.39
C ALA O 291 45.50 -32.31 26.56
N PHE O 292 44.31 -31.85 26.17
CA PHE O 292 43.13 -32.70 26.22
C PHE O 292 43.18 -33.77 25.14
N ALA O 293 43.65 -33.42 23.94
CA ALA O 293 43.65 -34.39 22.85
C ALA O 293 44.79 -35.38 22.99
N LEU O 294 45.90 -34.98 23.61
CA LEU O 294 47.05 -35.86 23.73
C LEU O 294 46.85 -36.94 24.78
N GLN O 295 46.06 -36.65 25.82
CA GLN O 295 45.86 -37.65 26.86
C GLN O 295 44.78 -38.64 26.47
N GLU O 296 44.12 -38.41 25.34
CA GLU O 296 43.14 -39.37 24.85
C GLU O 296 43.79 -40.35 23.86
N GLN O 297 44.63 -39.85 22.97
CA GLN O 297 45.40 -40.69 22.07
C GLN O 297 46.88 -40.61 22.45
N PRO O 298 47.41 -41.57 23.21
CA PRO O 298 48.82 -41.51 23.60
C PRO O 298 49.81 -41.82 22.50
N VAL O 299 49.37 -42.23 21.31
CA VAL O 299 50.32 -42.61 20.26
C VAL O 299 50.94 -41.37 19.63
N VAL O 300 50.25 -40.23 19.72
CA VAL O 300 50.84 -38.97 19.23
C VAL O 300 51.89 -38.49 20.21
N ASN O 301 51.78 -38.91 21.47
CA ASN O 301 52.74 -38.51 22.49
C ASN O 301 54.04 -39.31 22.37
N ALA O 302 54.00 -40.44 21.67
CA ALA O 302 55.13 -41.35 21.53
C ALA O 302 56.25 -40.80 20.67
N VAL O 303 57.44 -41.41 20.77
CA VAL O 303 58.61 -41.07 19.97
C VAL O 303 59.32 -42.36 19.59
N ILE O 304 59.69 -42.49 18.31
CA ILE O 304 60.52 -43.59 17.84
C ILE O 304 61.97 -43.20 18.00
N ASP O 305 62.71 -43.93 18.83
CA ASP O 305 64.16 -43.82 18.90
C ASP O 305 64.77 -44.90 18.02
N ASP O 306 65.54 -44.48 17.02
CA ASP O 306 66.17 -45.40 16.09
C ASP O 306 67.50 -45.94 16.59
N THR O 307 67.86 -45.69 17.86
CA THR O 307 69.05 -46.28 18.42
C THR O 307 68.85 -47.77 18.67
N THR O 308 67.83 -48.12 19.46
CA THR O 308 67.47 -49.51 19.67
C THR O 308 66.22 -49.92 18.91
N LYS O 309 65.75 -49.08 17.97
CA LYS O 309 64.51 -49.26 17.22
C LYS O 309 63.31 -49.41 18.15
N GLU O 310 63.13 -48.45 19.04
CA GLU O 310 62.21 -48.54 20.15
C GLU O 310 61.09 -47.51 20.00
N VAL O 311 59.97 -47.76 20.67
CA VAL O 311 58.83 -46.84 20.67
C VAL O 311 58.67 -46.36 22.11
N VAL O 312 58.98 -45.10 22.36
CA VAL O 312 59.05 -44.57 23.72
C VAL O 312 57.74 -43.85 24.01
N TYR O 313 56.87 -44.48 24.80
CA TYR O 313 55.69 -43.81 25.28
C TYR O 313 56.07 -42.85 26.40
N ARG O 314 55.20 -41.88 26.66
CA ARG O 314 55.37 -40.98 27.79
C ARG O 314 54.03 -40.83 28.49
N ASP O 315 54.09 -40.49 29.77
CA ASP O 315 52.88 -40.27 30.57
C ASP O 315 52.74 -38.82 31.02
N TYR O 316 53.69 -37.96 30.67
CA TYR O 316 53.60 -36.54 30.96
C TYR O 316 53.47 -35.76 29.65
N ILE O 317 52.92 -34.56 29.77
CA ILE O 317 52.65 -33.71 28.61
C ILE O 317 53.37 -32.39 28.81
N ASP O 318 54.33 -32.10 27.94
CA ASP O 318 55.09 -30.85 27.97
C ASP O 318 54.99 -30.20 26.60
N ILE O 319 54.17 -29.16 26.50
CA ILE O 319 53.92 -28.49 25.23
C ILE O 319 54.89 -27.33 25.07
N SER O 320 55.65 -27.36 23.99
CA SER O 320 56.57 -26.27 23.66
C SER O 320 55.84 -25.19 22.90
N VAL O 321 56.09 -23.94 23.26
CA VAL O 321 55.38 -22.80 22.68
C VAL O 321 56.42 -21.90 22.03
N ALA O 322 56.34 -21.76 20.71
CA ALA O 322 57.22 -20.87 19.96
C ALA O 322 56.69 -19.45 20.08
N VAL O 323 57.40 -18.60 20.81
CA VAL O 323 56.99 -17.21 20.99
C VAL O 323 58.06 -16.32 20.36
N ALA O 324 57.74 -15.79 19.17
CA ALA O 324 58.67 -14.99 18.38
C ALA O 324 58.77 -13.60 19.00
N THR O 325 59.92 -13.33 19.62
CA THR O 325 60.17 -12.02 20.24
C THR O 325 60.90 -11.15 19.21
N PRO O 326 61.29 -9.92 19.57
CA PRO O 326 62.07 -9.13 18.62
C PRO O 326 63.40 -9.77 18.22
N ARG O 327 64.08 -10.40 19.17
CA ARG O 327 65.38 -11.02 18.88
C ARG O 327 65.27 -12.12 17.82
N GLY O 328 64.23 -12.95 17.91
CA GLY O 328 64.07 -14.04 16.96
C GLY O 328 63.13 -15.10 17.51
N LEU O 329 63.25 -16.33 17.01
CA LEU O 329 62.42 -17.40 17.55
C LEU O 329 63.06 -18.04 18.78
N VAL O 330 62.24 -18.31 19.79
CA VAL O 330 62.63 -19.12 20.94
C VAL O 330 61.49 -20.10 21.22
N VAL O 331 61.87 -21.29 21.69
CA VAL O 331 60.88 -22.34 21.94
C VAL O 331 60.95 -22.88 23.36
N PRO O 332 60.47 -22.15 24.38
CA PRO O 332 60.48 -22.69 25.73
C PRO O 332 59.36 -23.71 25.93
N VAL O 333 59.44 -24.40 27.06
CA VAL O 333 58.56 -25.54 27.34
C VAL O 333 57.70 -25.21 28.55
N ILE O 334 56.41 -25.49 28.42
CA ILE O 334 55.47 -25.46 29.55
C ILE O 334 55.37 -26.87 30.11
N ARG O 335 55.66 -27.00 31.40
CA ARG O 335 55.79 -28.30 32.03
C ARG O 335 54.49 -28.71 32.72
N ASN O 336 54.08 -29.97 32.51
CA ASN O 336 52.98 -30.64 33.21
C ASN O 336 51.65 -29.90 33.00
N VAL O 337 51.18 -29.94 31.74
CA VAL O 337 50.01 -29.17 31.34
C VAL O 337 48.71 -29.85 31.76
N GLU O 338 48.77 -31.09 32.25
CA GLU O 338 47.57 -31.88 32.53
C GLU O 338 46.72 -31.32 33.67
N THR O 339 47.33 -30.65 34.64
CA THR O 339 46.62 -30.22 35.83
C THR O 339 46.23 -28.74 35.82
N MET O 340 46.60 -28.01 34.78
CA MET O 340 46.44 -26.56 34.78
C MET O 340 45.05 -26.15 34.29
N ASN O 341 44.78 -24.86 34.42
CA ASN O 341 43.63 -24.21 33.82
C ASN O 341 44.11 -23.04 32.99
N TYR O 342 43.18 -22.19 32.55
CA TYR O 342 43.59 -21.04 31.75
C TYR O 342 44.38 -20.03 32.58
N ALA O 343 44.15 -19.98 33.89
CA ALA O 343 44.87 -19.03 34.73
C ALA O 343 46.32 -19.45 34.95
N ASP O 344 46.57 -20.75 35.00
CA ASP O 344 47.93 -21.24 35.26
C ASP O 344 48.79 -21.11 34.01
N ILE O 345 48.21 -21.37 32.84
CA ILE O 345 48.91 -21.29 31.57
C ILE O 345 49.29 -19.85 31.27
N GLU O 346 48.39 -18.91 31.61
CA GLU O 346 48.65 -17.51 31.32
C GLU O 346 49.76 -16.94 32.21
N ARG O 347 49.90 -17.46 33.43
CA ARG O 347 51.04 -17.05 34.25
C ARG O 347 52.34 -17.55 33.67
N THR O 348 52.33 -18.79 33.17
CA THR O 348 53.56 -19.41 32.70
C THR O 348 54.09 -18.75 31.44
N ILE O 349 53.19 -18.36 30.54
CA ILE O 349 53.61 -17.75 29.28
C ILE O 349 54.09 -16.31 29.53
N SER O 350 53.44 -15.59 30.44
CA SER O 350 53.70 -14.17 30.59
C SER O 350 55.06 -13.90 31.24
N GLU O 351 55.36 -14.60 32.34
CA GLU O 351 56.62 -14.33 33.02
C GLU O 351 57.80 -14.94 32.30
N LEU O 352 57.60 -16.05 31.60
CA LEU O 352 58.67 -16.63 30.80
C LEU O 352 58.83 -15.87 29.48
N GLY O 353 57.79 -15.18 29.04
CA GLY O 353 57.95 -14.28 27.90
C GLY O 353 58.84 -13.11 28.23
N GLU O 354 58.83 -12.67 29.50
CA GLU O 354 59.68 -11.56 29.91
C GLU O 354 61.12 -12.01 30.09
N LYS O 355 61.34 -13.30 30.37
CA LYS O 355 62.70 -13.81 30.56
C LYS O 355 63.46 -13.83 29.25
N ALA O 356 62.85 -14.39 28.21
CA ALA O 356 63.52 -14.49 26.92
C ALA O 356 63.60 -13.14 26.21
N ARG O 357 62.80 -12.17 26.64
CA ARG O 357 62.83 -10.85 26.02
C ARG O 357 64.10 -10.10 26.40
N LYS O 358 64.49 -10.18 27.68
CA LYS O 358 65.70 -9.52 28.15
C LYS O 358 66.88 -10.48 28.22
N ASN O 359 66.74 -11.67 27.61
CA ASN O 359 67.81 -12.67 27.42
C ASN O 359 68.38 -13.16 28.76
N GLU O 360 67.52 -13.77 29.57
CA GLU O 360 67.94 -14.54 30.74
C GLU O 360 67.39 -15.96 30.65
N LEU O 361 67.08 -16.41 29.45
CA LEU O 361 66.34 -17.65 29.26
C LEU O 361 67.35 -18.80 29.21
N ALA O 362 67.20 -19.74 30.14
CA ALA O 362 68.21 -20.78 30.30
C ALA O 362 68.10 -21.83 29.21
N ILE O 363 69.10 -22.71 29.16
CA ILE O 363 69.12 -23.78 28.16
C ILE O 363 68.35 -24.99 28.67
N GLU O 364 68.36 -25.20 29.99
CA GLU O 364 67.84 -26.43 30.58
C GLU O 364 66.33 -26.55 30.47
N ASP O 365 65.64 -25.42 30.29
CA ASP O 365 64.20 -25.42 30.08
C ASP O 365 63.82 -25.12 28.64
N MET O 366 64.57 -25.63 27.66
CA MET O 366 64.21 -25.52 26.26
C MET O 366 64.11 -26.87 25.57
N ASP O 367 64.32 -27.95 26.31
CA ASP O 367 64.35 -29.29 25.72
C ASP O 367 63.43 -30.23 26.49
N GLY O 368 63.08 -31.33 25.84
CA GLY O 368 62.21 -32.32 26.42
C GLY O 368 60.74 -32.15 26.11
N GLY O 369 60.39 -31.24 25.20
CA GLY O 369 59.00 -31.09 24.83
C GLY O 369 58.47 -32.28 24.06
N THR O 370 57.16 -32.48 24.12
CA THR O 370 56.51 -33.61 23.50
C THR O 370 55.55 -33.19 22.38
N PHE O 371 55.24 -31.91 22.28
CA PHE O 371 54.30 -31.38 21.31
C PHE O 371 54.57 -29.89 21.19
N THR O 372 54.22 -29.32 20.05
CA THR O 372 54.64 -27.94 19.78
C THR O 372 53.53 -27.16 19.10
N ILE O 373 53.20 -26.01 19.66
CA ILE O 373 52.33 -25.04 19.02
C ILE O 373 53.21 -24.01 18.32
N SER O 374 52.81 -23.61 17.11
CA SER O 374 53.57 -22.64 16.32
C SER O 374 52.65 -21.51 15.89
N ASN O 375 52.73 -20.39 16.57
CA ASN O 375 51.96 -19.21 16.20
C ASN O 375 52.73 -18.47 15.12
N GLY O 376 52.41 -18.77 13.87
CA GLY O 376 52.88 -17.97 12.75
C GLY O 376 51.74 -17.10 12.24
N GLY O 377 50.72 -16.91 13.08
CA GLY O 377 49.52 -16.22 12.68
C GLY O 377 49.44 -14.80 13.15
N VAL O 378 50.51 -14.30 13.76
CA VAL O 378 50.56 -12.90 14.20
C VAL O 378 51.08 -12.03 13.07
N PHE O 379 51.35 -12.64 11.92
CA PHE O 379 51.79 -11.89 10.75
C PHE O 379 50.80 -11.94 9.60
N GLY O 380 49.88 -12.90 9.58
CA GLY O 380 48.83 -12.89 8.58
C GLY O 380 48.97 -13.89 7.47
N SER O 381 49.54 -15.06 7.75
CA SER O 381 49.54 -16.12 6.76
C SER O 381 48.18 -16.81 6.74
N LEU O 382 47.77 -17.25 5.55
CA LEU O 382 46.49 -17.92 5.45
C LEU O 382 46.58 -19.33 5.99
N PHE O 383 47.42 -20.17 5.37
CA PHE O 383 47.78 -21.48 5.90
C PHE O 383 49.13 -21.87 5.33
N GLY O 384 49.73 -22.90 5.90
CA GLY O 384 51.07 -23.30 5.48
C GLY O 384 51.49 -24.56 6.21
N THR O 385 52.70 -25.03 5.86
CA THR O 385 53.21 -26.29 6.38
C THR O 385 54.32 -26.03 7.39
N PRO O 386 54.19 -26.47 8.64
CA PRO O 386 55.28 -26.31 9.60
C PRO O 386 56.29 -27.46 9.52
N ILE O 387 57.29 -27.38 10.40
CA ILE O 387 58.41 -28.32 10.43
C ILE O 387 58.53 -28.92 11.83
N ILE O 388 58.77 -30.23 11.91
CA ILE O 388 58.75 -30.91 13.19
C ILE O 388 60.03 -30.65 13.96
N ASN O 389 59.87 -30.21 15.22
CA ASN O 389 60.95 -30.19 16.18
C ASN O 389 61.42 -31.62 16.43
N PRO O 390 62.68 -31.93 16.08
CA PRO O 390 63.09 -33.34 15.83
C PRO O 390 63.02 -34.32 16.99
N PRO O 391 63.04 -33.94 18.27
CA PRO O 391 62.72 -34.95 19.29
C PRO O 391 61.23 -35.21 19.52
N GLN O 392 60.36 -34.79 18.62
CA GLN O 392 58.91 -34.93 18.80
C GLN O 392 58.32 -35.67 17.60
N SER O 393 57.01 -35.86 17.61
CA SER O 393 56.38 -36.62 16.55
C SER O 393 55.31 -35.82 15.81
N ALA O 394 54.85 -34.71 16.40
CA ALA O 394 53.81 -33.92 15.77
C ALA O 394 54.01 -32.44 16.10
N ILE O 395 53.35 -31.57 15.34
CA ILE O 395 53.37 -30.13 15.58
C ILE O 395 52.09 -29.52 15.04
N LEU O 396 51.51 -28.60 15.81
CA LEU O 396 50.29 -27.89 15.41
C LEU O 396 50.67 -26.48 14.97
N GLY O 397 50.13 -26.05 13.83
CA GLY O 397 50.37 -24.72 13.35
C GLY O 397 49.11 -23.89 13.22
N MET O 398 48.95 -22.89 14.08
CA MET O 398 47.82 -21.99 14.02
C MET O 398 48.15 -20.80 13.12
N HIS O 399 47.10 -20.14 12.62
CA HIS O 399 47.27 -19.12 11.59
C HIS O 399 46.40 -17.91 11.87
N ALA O 400 46.23 -17.04 10.88
CA ALA O 400 45.55 -15.78 11.04
C ALA O 400 44.04 -15.97 11.06
N ILE O 401 43.35 -15.04 11.70
CA ILE O 401 41.90 -15.05 11.82
C ILE O 401 41.32 -14.06 10.82
N VAL O 402 40.51 -14.54 9.89
CA VAL O 402 39.86 -13.71 8.89
C VAL O 402 38.37 -13.93 8.95
N ASP O 403 37.62 -12.94 8.50
CA ASP O 403 36.17 -13.04 8.38
C ASP O 403 35.83 -13.53 6.98
N ARG O 404 35.21 -14.69 6.90
CA ARG O 404 34.85 -15.30 5.63
C ARG O 404 33.39 -15.71 5.69
N PRO O 405 32.70 -15.73 4.54
CA PRO O 405 31.31 -16.19 4.54
C PRO O 405 31.20 -17.68 4.78
N VAL O 406 30.25 -18.05 5.64
CA VAL O 406 30.09 -19.39 6.18
C VAL O 406 28.66 -19.85 5.98
N ALA O 407 28.46 -21.06 5.49
CA ALA O 407 27.12 -21.62 5.37
C ALA O 407 26.77 -22.33 6.67
N VAL O 408 25.97 -21.66 7.51
CA VAL O 408 25.53 -22.22 8.78
C VAL O 408 24.00 -22.23 8.82
N GLY O 409 23.43 -23.42 9.06
CA GLY O 409 21.99 -23.58 9.10
C GLY O 409 21.28 -23.34 7.80
N GLY O 410 21.98 -23.47 6.67
CA GLY O 410 21.38 -23.17 5.39
C GLY O 410 21.38 -21.72 5.01
N LYS O 411 22.05 -20.86 5.78
CA LYS O 411 22.15 -19.45 5.49
C LYS O 411 23.62 -19.04 5.48
N VAL O 412 23.89 -17.90 4.85
CA VAL O 412 25.26 -17.46 4.61
C VAL O 412 25.56 -16.33 5.60
N GLU O 413 26.24 -16.66 6.68
CA GLU O 413 26.70 -15.69 7.66
C GLU O 413 28.17 -15.39 7.46
N ILE O 414 28.69 -14.45 8.25
CA ILE O 414 30.10 -14.09 8.24
C ILE O 414 30.65 -14.34 9.64
N ARG O 415 31.63 -15.22 9.75
CA ARG O 415 32.16 -15.63 11.04
C ARG O 415 33.68 -15.72 10.98
N PRO O 416 34.38 -15.32 12.05
CA PRO O 416 35.85 -15.36 12.05
C PRO O 416 36.37 -16.78 12.18
N MET O 417 37.11 -17.24 11.16
CA MET O 417 37.57 -18.62 11.13
C MET O 417 39.06 -18.68 10.88
N MET O 418 39.67 -19.75 11.39
CA MET O 418 41.11 -19.99 11.34
C MET O 418 41.40 -21.33 10.66
N TYR O 419 42.38 -21.35 9.78
CA TYR O 419 42.91 -22.62 9.28
C TYR O 419 44.00 -23.12 10.21
N VAL O 420 44.00 -24.42 10.47
CA VAL O 420 45.04 -25.03 11.29
C VAL O 420 45.67 -26.17 10.50
N ALA O 421 46.88 -26.54 10.89
CA ALA O 421 47.65 -27.57 10.22
C ALA O 421 48.29 -28.47 11.25
N LEU O 422 48.52 -29.73 10.87
CA LEU O 422 49.14 -30.71 11.75
C LEU O 422 50.13 -31.52 10.92
N THR O 423 51.42 -31.36 11.22
CA THR O 423 52.46 -32.13 10.55
C THR O 423 52.86 -33.30 11.43
N TYR O 424 52.73 -34.51 10.90
CA TYR O 424 52.87 -35.70 11.72
C TYR O 424 53.84 -36.68 11.06
N ASP O 425 54.37 -37.58 11.87
CA ASP O 425 55.29 -38.63 11.43
C ASP O 425 54.46 -39.82 10.97
N HIS O 426 54.61 -40.20 9.71
CA HIS O 426 53.78 -41.28 9.19
C HIS O 426 54.39 -42.64 9.48
N ARG O 427 55.63 -42.69 9.99
CA ARG O 427 56.19 -43.95 10.45
C ARG O 427 55.45 -44.47 11.68
N LEU O 428 54.99 -43.57 12.52
CA LEU O 428 54.40 -43.91 13.80
C LEU O 428 52.89 -43.68 13.86
N ILE O 429 52.44 -42.52 13.42
CA ILE O 429 51.04 -42.13 13.52
C ILE O 429 50.34 -42.54 12.24
N ASP O 430 49.17 -43.16 12.37
CA ASP O 430 48.40 -43.62 11.23
C ASP O 430 47.77 -42.43 10.51
N GLY O 431 47.29 -42.63 9.29
CA GLY O 431 46.69 -41.56 8.53
C GLY O 431 45.33 -41.16 9.06
N ARG O 432 44.62 -42.12 9.67
CA ARG O 432 43.33 -41.82 10.27
C ARG O 432 43.44 -41.33 11.71
N GLU O 433 44.58 -41.55 12.36
CA GLU O 433 44.73 -41.08 13.73
C GLU O 433 45.09 -39.61 13.77
N ALA O 434 45.72 -39.11 12.71
CA ALA O 434 46.04 -37.69 12.66
C ALA O 434 44.80 -36.86 12.36
N VAL O 435 43.86 -37.43 11.60
CA VAL O 435 42.62 -36.71 11.30
C VAL O 435 41.74 -36.63 12.54
N THR O 436 41.67 -37.72 13.30
CA THR O 436 40.86 -37.76 14.52
C THR O 436 41.47 -36.88 15.60
N PHE O 437 42.79 -36.72 15.60
CA PHE O 437 43.46 -35.87 16.57
C PHE O 437 43.12 -34.40 16.33
N LEU O 438 43.23 -33.94 15.09
CA LEU O 438 42.97 -32.55 14.78
C LEU O 438 41.48 -32.23 14.84
N ARG O 439 40.63 -33.24 14.66
CA ARG O 439 39.20 -33.04 14.81
C ARG O 439 38.82 -32.88 16.27
N LYS O 440 39.64 -33.41 17.17
CA LYS O 440 39.35 -33.31 18.60
C LYS O 440 39.80 -31.97 19.17
N ILE O 441 40.86 -31.40 18.60
CA ILE O 441 41.28 -30.04 18.97
C ILE O 441 40.21 -29.04 18.54
N LYS O 442 39.58 -29.27 17.39
CA LYS O 442 38.54 -28.37 16.91
C LYS O 442 37.31 -28.38 17.81
N ALA O 443 36.96 -29.51 18.39
CA ALA O 443 35.77 -29.59 19.23
C ALA O 443 35.96 -28.87 20.55
N ALA O 444 37.20 -28.76 21.01
CA ALA O 444 37.50 -28.11 22.28
C ALA O 444 37.85 -26.64 22.11
N VAL O 445 37.77 -26.11 20.89
CA VAL O 445 37.88 -24.67 20.66
C VAL O 445 36.58 -24.10 20.09
N GLU O 446 35.83 -24.87 19.30
CA GLU O 446 34.50 -24.45 18.92
C GLU O 446 33.51 -24.48 20.08
N ASP O 447 33.79 -25.26 21.11
CA ASP O 447 32.95 -25.34 22.29
C ASP O 447 33.85 -25.75 23.45
N PRO O 448 34.34 -24.79 24.24
CA PRO O 448 35.30 -25.12 25.31
C PRO O 448 34.70 -25.74 26.55
N ARG O 449 33.40 -26.08 26.55
CA ARG O 449 32.80 -26.77 27.67
C ARG O 449 32.98 -28.28 27.59
N VAL O 450 33.59 -28.78 26.53
CA VAL O 450 33.85 -30.21 26.41
C VAL O 450 34.98 -30.61 27.35
N LEU O 451 35.83 -29.66 27.75
CA LEU O 451 36.91 -29.91 28.69
C LEU O 451 36.39 -30.27 30.08
N LEU O 452 35.16 -29.89 30.41
CA LEU O 452 34.51 -30.31 31.64
C LEU O 452 33.79 -31.64 31.48
N LEU O 453 33.34 -31.96 30.27
CA LEU O 453 32.66 -33.21 29.96
C LEU O 453 33.71 -34.22 29.49
N ASP O 454 33.33 -35.31 28.82
CA ASP O 454 34.19 -36.24 28.07
C ASP O 454 35.47 -35.68 27.42
N LEU P 221 44.40 -35.49 50.20
CA LEU P 221 45.00 -35.12 51.47
C LEU P 221 43.94 -34.47 52.35
N ARG P 222 43.82 -34.98 53.58
CA ARG P 222 42.78 -34.55 54.53
C ARG P 222 43.44 -33.86 55.71
N ALA P 223 43.50 -32.53 55.64
CA ALA P 223 44.10 -31.73 56.70
C ALA P 223 43.05 -30.80 57.28
N GLU P 224 43.03 -30.71 58.61
CA GLU P 224 42.19 -29.76 59.32
C GLU P 224 42.97 -29.25 60.53
N HIS P 225 42.77 -27.97 60.85
CA HIS P 225 43.53 -27.37 61.94
C HIS P 225 42.62 -26.47 62.76
N ARG P 226 42.77 -26.54 64.07
CA ARG P 226 41.91 -25.82 64.99
C ARG P 226 42.51 -24.46 65.31
N GLU P 227 41.93 -23.40 64.77
CA GLU P 227 42.26 -22.04 65.20
C GLU P 227 41.15 -21.55 66.14
N LYS P 228 41.56 -20.88 67.20
CA LYS P 228 40.63 -20.49 68.25
C LYS P 228 39.95 -19.17 67.91
N MET P 229 38.85 -18.90 68.61
CA MET P 229 38.14 -17.63 68.51
C MET P 229 38.29 -16.87 69.82
N ASN P 230 38.50 -15.55 69.71
CA ASN P 230 38.81 -14.75 70.88
C ASN P 230 37.56 -14.47 71.71
N ARG P 231 37.78 -13.78 72.83
CA ARG P 231 36.72 -13.58 73.81
C ARG P 231 35.71 -12.52 73.35
N MET P 232 36.11 -11.71 72.36
CA MET P 232 35.18 -10.76 71.77
C MET P 232 34.17 -11.48 70.90
N ARG P 233 34.64 -12.45 70.11
CA ARG P 233 33.74 -13.23 69.26
C ARG P 233 32.87 -14.16 70.10
N GLN P 234 33.33 -14.49 71.30
CA GLN P 234 32.50 -15.24 72.26
C GLN P 234 31.21 -14.49 72.60
N ARG P 235 31.31 -13.19 72.83
CA ARG P 235 30.13 -12.45 73.29
C ARG P 235 29.21 -12.11 72.13
N ILE P 236 29.77 -11.92 70.93
CA ILE P 236 28.96 -11.61 69.75
C ILE P 236 28.06 -12.79 69.40
N ALA P 237 28.61 -13.99 69.43
CA ALA P 237 27.80 -15.19 69.23
C ALA P 237 26.88 -15.44 70.42
N GLN P 238 27.21 -14.91 71.59
CA GLN P 238 26.33 -15.07 72.75
C GLN P 238 25.12 -14.14 72.67
N ARG P 239 25.35 -12.88 72.28
CA ARG P 239 24.24 -11.94 72.14
C ARG P 239 23.32 -12.32 70.99
N LEU P 240 23.86 -13.00 69.99
CA LEU P 240 23.10 -13.35 68.80
C LEU P 240 22.05 -14.41 69.12
N LYS P 241 22.41 -15.40 69.94
CA LYS P 241 21.48 -16.43 70.31
C LYS P 241 20.47 -15.96 71.36
N GLU P 242 20.82 -14.92 72.12
CA GLU P 242 19.86 -14.35 73.06
C GLU P 242 18.76 -13.57 72.34
N ALA P 243 19.07 -13.06 71.14
CA ALA P 243 18.07 -12.33 70.38
C ALA P 243 17.02 -13.27 69.79
N GLN P 244 17.37 -14.54 69.56
CA GLN P 244 16.38 -15.47 69.05
C GLN P 244 15.58 -16.11 70.18
N ASN P 245 16.21 -16.34 71.33
CA ASN P 245 15.53 -17.00 72.43
C ASN P 245 14.65 -16.05 73.24
N THR P 246 14.70 -14.75 72.96
CA THR P 246 13.88 -13.78 73.67
C THR P 246 12.57 -13.50 72.93
N CYS P 247 12.66 -13.08 71.68
CA CYS P 247 11.53 -12.58 70.93
C CYS P 247 11.17 -13.51 69.79
N ALA P 248 9.87 -13.59 69.49
CA ALA P 248 9.34 -14.46 68.44
C ALA P 248 9.36 -13.70 67.13
N MET P 249 10.38 -13.95 66.33
CA MET P 249 10.60 -13.19 65.10
C MET P 249 9.83 -13.81 63.94
N LEU P 250 9.18 -12.96 63.16
CA LEU P 250 8.55 -13.33 61.90
C LEU P 250 9.03 -12.35 60.85
N THR P 251 8.70 -12.59 59.59
CA THR P 251 9.19 -11.76 58.50
C THR P 251 8.08 -11.56 57.47
N THR P 252 7.99 -10.34 56.95
CA THR P 252 7.01 -10.04 55.90
C THR P 252 7.70 -9.24 54.81
N PHE P 253 7.25 -9.39 53.57
CA PHE P 253 7.90 -8.84 52.40
C PHE P 253 6.94 -7.96 51.61
N ASN P 254 7.49 -7.14 50.74
CA ASN P 254 6.72 -6.26 49.84
C ASN P 254 7.66 -5.88 48.70
N GLU P 255 7.28 -4.88 47.91
CA GLU P 255 8.03 -4.55 46.72
C GLU P 255 7.83 -3.09 46.35
N ILE P 256 8.93 -2.37 46.18
CA ILE P 256 8.92 -0.92 45.98
C ILE P 256 9.39 -0.62 44.56
N ASP P 257 8.69 0.28 43.88
CA ASP P 257 9.07 0.77 42.56
C ASP P 257 9.92 2.02 42.73
N MET P 258 11.17 1.96 42.26
CA MET P 258 12.16 2.99 42.52
C MET P 258 12.31 3.98 41.38
N SER P 259 11.21 4.33 40.70
CA SER P 259 11.33 5.20 39.53
C SER P 259 11.34 6.67 39.92
N ASN P 260 10.55 7.05 40.92
CA ASN P 260 10.49 8.46 41.30
C ASN P 260 11.71 8.90 42.11
N ILE P 261 12.48 7.94 42.62
CA ILE P 261 13.67 8.31 43.36
C ILE P 261 14.84 8.53 42.40
N GLN P 262 14.90 7.76 41.31
CA GLN P 262 16.04 7.84 40.42
C GLN P 262 16.01 9.10 39.56
N ASP P 263 14.83 9.55 39.14
CA ASP P 263 14.79 10.80 38.37
C ASP P 263 14.88 12.01 39.27
N MET P 264 14.58 11.85 40.56
CA MET P 264 14.94 12.88 41.52
C MET P 264 16.45 12.99 41.63
N ARG P 265 17.14 11.86 41.61
CA ARG P 265 18.59 11.86 41.61
C ARG P 265 19.17 12.15 40.24
N ALA P 266 18.36 12.13 39.18
CA ALA P 266 18.91 12.36 37.86
C ALA P 266 19.04 13.84 37.54
N ARG P 267 18.15 14.68 38.03
CA ARG P 267 18.14 16.09 37.68
C ARG P 267 18.64 16.97 38.82
N HIS P 268 18.53 16.53 40.07
CA HIS P 268 18.94 17.39 41.17
C HIS P 268 20.29 17.00 41.75
N LYS P 269 21.03 16.07 41.16
CA LYS P 269 22.30 15.67 41.76
C LYS P 269 23.39 16.70 41.53
N GLU P 270 23.22 17.58 40.54
CA GLU P 270 24.25 18.56 40.23
C GLU P 270 24.11 19.81 41.08
N ALA P 271 22.89 20.28 41.27
CA ALA P 271 22.65 21.40 42.16
C ALA P 271 22.79 21.02 43.63
N PHE P 272 22.74 19.73 43.95
CA PHE P 272 22.94 19.29 45.32
C PHE P 272 24.42 19.31 45.67
N LEU P 273 25.27 18.95 44.72
CA LEU P 273 26.71 18.88 44.97
C LEU P 273 27.32 20.28 45.02
N LYS P 274 26.81 21.19 44.19
CA LYS P 274 27.33 22.55 44.19
C LYS P 274 26.95 23.29 45.46
N LYS P 275 25.76 23.01 46.00
CA LYS P 275 25.26 23.81 47.11
C LYS P 275 25.59 23.21 48.47
N HIS P 276 25.77 21.89 48.55
CA HIS P 276 26.03 21.23 49.83
C HIS P 276 27.35 20.49 49.92
N ASN P 277 28.01 20.22 48.79
CA ASN P 277 29.20 19.37 48.68
C ASN P 277 28.95 18.00 49.30
N LEU P 278 27.90 17.33 48.81
CA LEU P 278 27.54 15.99 49.24
C LEU P 278 27.06 15.21 48.04
N LYS P 279 26.95 13.90 48.21
CA LYS P 279 26.42 13.03 47.18
C LYS P 279 24.98 12.65 47.51
N LEU P 280 24.14 12.57 46.48
CA LEU P 280 22.72 12.27 46.67
C LEU P 280 22.50 10.78 46.42
N GLY P 281 22.17 10.05 47.48
CA GLY P 281 22.03 8.61 47.42
C GLY P 281 20.62 8.11 47.71
N PHE P 282 20.50 6.78 47.70
CA PHE P 282 19.22 6.15 47.99
C PHE P 282 18.93 6.10 49.48
N MET P 283 19.97 6.06 50.30
CA MET P 283 19.85 5.80 51.73
C MET P 283 19.04 6.85 52.48
N SER P 284 19.18 8.12 52.12
CA SER P 284 18.45 9.17 52.82
C SER P 284 16.95 9.16 52.53
N ALA P 285 16.51 8.50 51.46
CA ALA P 285 15.09 8.38 51.18
C ALA P 285 14.44 7.32 52.05
N PHE P 286 15.20 6.32 52.47
CA PHE P 286 14.67 5.27 53.32
C PHE P 286 14.71 5.65 54.79
N VAL P 287 15.64 6.51 55.19
CA VAL P 287 15.71 6.92 56.58
C VAL P 287 14.60 7.93 56.90
N LYS P 288 14.34 8.85 55.97
CA LYS P 288 13.28 9.83 56.19
C LYS P 288 11.89 9.20 56.09
N ALA P 289 11.71 8.21 55.23
CA ALA P 289 10.43 7.52 55.17
C ALA P 289 10.22 6.58 56.35
N SER P 290 11.30 6.17 57.02
CA SER P 290 11.15 5.31 58.19
C SER P 290 10.74 6.11 59.42
N ALA P 291 11.22 7.35 59.54
CA ALA P 291 10.80 8.20 60.65
C ALA P 291 9.37 8.67 60.47
N PHE P 292 8.89 8.70 59.23
CA PHE P 292 7.50 9.05 58.97
C PHE P 292 6.56 7.95 59.41
N ALA P 293 6.94 6.69 59.18
CA ALA P 293 6.04 5.59 59.52
C ALA P 293 6.05 5.29 61.01
N LEU P 294 7.17 5.57 61.69
CA LEU P 294 7.27 5.26 63.11
C LEU P 294 6.49 6.24 63.96
N GLN P 295 6.38 7.49 63.51
CA GLN P 295 5.67 8.47 64.32
C GLN P 295 4.16 8.35 64.11
N GLU P 296 3.73 7.52 63.17
CA GLU P 296 2.30 7.29 63.01
C GLU P 296 1.83 6.09 63.82
N GLN P 297 2.61 5.01 63.83
CA GLN P 297 2.34 3.86 64.68
C GLN P 297 3.40 3.76 65.76
N PRO P 298 3.14 4.25 66.97
CA PRO P 298 4.16 4.18 68.02
C PRO P 298 4.39 2.82 68.62
N VAL P 299 3.62 1.80 68.26
CA VAL P 299 3.79 0.48 68.87
C VAL P 299 5.01 -0.22 68.31
N VAL P 300 5.44 0.16 67.11
CA VAL P 300 6.68 -0.41 66.55
C VAL P 300 7.88 0.23 67.24
N ASN P 301 7.69 1.42 67.79
CA ASN P 301 8.77 2.12 68.48
C ASN P 301 8.98 1.55 69.88
N ALA P 302 7.99 0.82 70.40
CA ALA P 302 8.02 0.27 71.75
C ALA P 302 9.02 -0.86 71.94
N VAL P 303 9.36 -1.17 73.20
CA VAL P 303 10.25 -2.27 73.56
C VAL P 303 9.67 -2.94 74.82
N ILE P 304 9.60 -4.27 74.79
CA ILE P 304 9.24 -5.05 75.97
C ILE P 304 10.50 -5.33 76.77
N ASP P 305 10.55 -4.82 78.00
CA ASP P 305 11.58 -5.20 78.97
C ASP P 305 11.03 -6.30 79.86
N ASP P 306 11.68 -7.47 79.83
CA ASP P 306 11.25 -8.60 80.63
C ASP P 306 11.79 -8.58 82.06
N THR P 307 12.42 -7.48 82.48
CA THR P 307 12.82 -7.35 83.87
C THR P 307 11.61 -7.16 84.78
N THR P 308 10.83 -6.12 84.52
CA THR P 308 9.58 -5.90 85.24
C THR P 308 8.35 -6.26 84.42
N LYS P 309 8.53 -6.94 83.29
CA LYS P 309 7.47 -7.29 82.33
C LYS P 309 6.73 -6.03 81.85
N GLU P 310 7.49 -5.07 81.33
CA GLU P 310 6.99 -3.73 81.06
C GLU P 310 7.01 -3.46 79.55
N VAL P 311 6.21 -2.50 79.12
CA VAL P 311 6.16 -2.08 77.72
C VAL P 311 6.64 -0.63 77.69
N VAL P 312 7.83 -0.40 77.16
CA VAL P 312 8.49 0.90 77.23
C VAL P 312 8.22 1.64 75.92
N TYR P 313 7.31 2.61 75.95
CA TYR P 313 7.14 3.49 74.80
C TYR P 313 8.28 4.49 74.75
N ARG P 314 8.47 5.08 73.58
CA ARG P 314 9.44 6.16 73.42
C ARG P 314 8.80 7.25 72.58
N ASP P 315 9.29 8.48 72.76
CA ASP P 315 8.80 9.61 71.99
C ASP P 315 9.86 10.19 71.06
N TYR P 316 11.06 9.63 71.06
CA TYR P 316 12.12 10.01 70.14
C TYR P 316 12.41 8.88 69.16
N ILE P 317 12.98 9.24 68.02
CA ILE P 317 13.25 8.29 66.95
C ILE P 317 14.74 8.35 66.64
N ASP P 318 15.44 7.24 66.87
CA ASP P 318 16.86 7.12 66.60
C ASP P 318 17.08 5.90 65.72
N ILE P 319 17.32 6.13 64.43
CA ILE P 319 17.45 5.06 63.45
C ILE P 319 18.91 4.68 63.34
N SER P 320 19.22 3.41 63.58
CA SER P 320 20.57 2.90 63.41
C SER P 320 20.79 2.48 61.97
N VAL P 321 21.94 2.83 61.42
CA VAL P 321 22.26 2.57 60.02
C VAL P 321 23.50 1.70 59.96
N ALA P 322 23.33 0.48 59.46
CA ALA P 322 24.45 -0.45 59.27
C ALA P 322 25.19 -0.05 58.00
N VAL P 323 26.40 0.47 58.14
CA VAL P 323 27.21 0.87 56.99
C VAL P 323 28.47 -0.01 56.97
N ALA P 324 28.46 -0.99 56.06
CA ALA P 324 29.55 -1.98 55.97
C ALA P 324 30.74 -1.31 55.30
N THR P 325 31.79 -1.08 56.09
CA THR P 325 33.02 -0.48 55.57
C THR P 325 33.99 -1.62 55.24
N PRO P 326 35.22 -1.31 54.79
CA PRO P 326 36.16 -2.40 54.55
C PRO P 326 36.47 -3.24 55.79
N ARG P 327 36.59 -2.60 56.95
CA ARG P 327 36.92 -3.32 58.17
C ARG P 327 35.85 -4.36 58.53
N GLY P 328 34.58 -4.01 58.38
CA GLY P 328 33.51 -4.94 58.72
C GLY P 328 32.20 -4.20 58.92
N LEU P 329 31.28 -4.79 59.68
CA LEU P 329 30.02 -4.10 59.95
C LEU P 329 30.15 -3.19 61.17
N VAL P 330 29.58 -1.98 61.04
CA VAL P 330 29.40 -1.08 62.16
C VAL P 330 27.98 -0.52 62.11
N VAL P 331 27.40 -0.27 63.28
CA VAL P 331 26.02 0.19 63.36
C VAL P 331 25.88 1.49 64.15
N PRO P 332 26.29 2.64 63.61
CA PRO P 332 26.10 3.89 64.36
C PRO P 332 24.65 4.35 64.30
N VAL P 333 24.35 5.35 65.12
CA VAL P 333 22.99 5.81 65.35
C VAL P 333 22.85 7.25 64.86
N ILE P 334 21.79 7.51 64.11
CA ILE P 334 21.39 8.87 63.75
C ILE P 334 20.37 9.34 64.76
N ARG P 335 20.66 10.46 65.41
CA ARG P 335 19.87 10.94 66.54
C ARG P 335 18.83 11.96 66.08
N ASN P 336 17.59 11.80 66.57
CA ASN P 336 16.49 12.75 66.43
C ASN P 336 16.15 13.03 64.96
N VAL P 337 15.62 11.97 64.32
CA VAL P 337 15.37 12.01 62.88
C VAL P 337 14.09 12.76 62.53
N GLU P 338 13.29 13.13 63.53
CA GLU P 338 11.97 13.72 63.29
C GLU P 338 12.02 15.10 62.65
N THR P 339 13.07 15.88 62.90
CA THR P 339 13.11 17.26 62.44
C THR P 339 13.97 17.46 61.20
N MET P 340 14.60 16.42 60.68
CA MET P 340 15.57 16.57 59.62
C MET P 340 14.91 16.56 58.24
N ASN P 341 15.72 16.86 57.24
CA ASN P 341 15.36 16.69 55.84
C ASN P 341 16.43 15.84 55.17
N TYR P 342 16.39 15.77 53.84
CA TYR P 342 17.40 14.97 53.14
C TYR P 342 18.79 15.58 53.26
N ALA P 343 18.88 16.90 53.43
CA ALA P 343 20.19 17.53 53.54
C ALA P 343 20.84 17.26 54.89
N ASP P 344 20.03 17.14 55.94
CA ASP P 344 20.59 16.93 57.28
C ASP P 344 21.04 15.49 57.45
N ILE P 345 20.30 14.54 56.90
CA ILE P 345 20.60 13.11 56.97
C ILE P 345 21.88 12.82 56.20
N GLU P 346 22.06 13.49 55.06
CA GLU P 346 23.24 13.23 54.23
C GLU P 346 24.51 13.77 54.88
N ARG P 347 24.40 14.84 55.66
CA ARG P 347 25.58 15.30 56.41
C ARG P 347 25.94 14.30 57.49
N THR P 348 24.93 13.74 58.16
CA THR P 348 25.19 12.88 59.31
C THR P 348 25.82 11.57 58.87
N ILE P 349 25.39 11.02 57.75
CA ILE P 349 25.93 9.74 57.29
C ILE P 349 27.35 9.92 56.74
N SER P 350 27.61 11.04 56.07
CA SER P 350 28.87 11.21 55.36
C SER P 350 30.04 11.42 56.31
N GLU P 351 29.89 12.30 57.29
CA GLU P 351 31.01 12.59 58.18
C GLU P 351 31.21 11.48 59.20
N LEU P 352 30.13 10.81 59.59
CA LEU P 352 30.26 9.67 60.49
C LEU P 352 30.73 8.43 59.75
N GLY P 353 30.50 8.38 58.44
CA GLY P 353 31.10 7.32 57.66
C GLY P 353 32.61 7.44 57.59
N GLU P 354 33.12 8.67 57.64
CA GLU P 354 34.57 8.88 57.62
C GLU P 354 35.19 8.56 58.98
N LYS P 355 34.40 8.68 60.05
CA LYS P 355 34.93 8.39 61.38
C LYS P 355 35.21 6.91 61.57
N ALA P 356 34.22 6.07 61.23
CA ALA P 356 34.38 4.63 61.41
C ALA P 356 35.33 4.04 60.38
N ARG P 357 35.60 4.76 59.29
CA ARG P 357 36.52 4.25 58.28
C ARG P 357 37.95 4.29 58.77
N LYS P 358 38.35 5.36 59.44
CA LYS P 358 39.69 5.47 59.99
C LYS P 358 39.76 5.10 61.47
N ASN P 359 38.68 4.48 61.99
CA ASN P 359 38.59 3.90 63.34
C ASN P 359 38.80 4.96 64.43
N GLU P 360 37.91 5.96 64.46
CA GLU P 360 37.79 6.88 65.58
C GLU P 360 36.37 6.87 66.11
N LEU P 361 35.64 5.80 65.85
CA LEU P 361 34.20 5.76 66.11
C LEU P 361 33.98 5.32 67.55
N ALA P 362 33.34 6.18 68.34
CA ALA P 362 33.22 5.95 69.77
C ALA P 362 32.19 4.87 70.08
N ILE P 363 32.18 4.45 71.35
CA ILE P 363 31.23 3.43 71.78
C ILE P 363 29.90 4.06 72.19
N GLU P 364 29.96 5.30 72.70
CA GLU P 364 28.80 5.93 73.32
C GLU P 364 27.72 6.29 72.30
N ASP P 365 28.09 6.42 71.03
CA ASP P 365 27.13 6.67 69.96
C ASP P 365 26.89 5.43 69.09
N MET P 366 26.83 4.25 69.69
CA MET P 366 26.47 3.02 68.98
C MET P 366 25.29 2.32 69.60
N ASP P 367 24.72 2.88 70.67
CA ASP P 367 23.65 2.21 71.40
C ASP P 367 22.48 3.17 71.60
N GLY P 368 21.33 2.58 71.89
CA GLY P 368 20.12 3.34 72.10
C GLY P 368 19.24 3.51 70.88
N GLY P 369 19.54 2.82 69.78
CA GLY P 369 18.72 2.91 68.60
C GLY P 369 17.36 2.26 68.82
N THR P 370 16.38 2.72 68.04
CA THR P 370 15.02 2.25 68.16
C THR P 370 14.53 1.52 66.91
N PHE P 371 15.28 1.61 65.81
CA PHE P 371 14.92 1.01 64.54
C PHE P 371 16.19 0.93 63.72
N THR P 372 16.22 0.00 62.76
CA THR P 372 17.48 -0.31 62.09
C THR P 372 17.24 -0.54 60.60
N ILE P 373 17.98 0.17 59.77
CA ILE P 373 18.04 -0.09 58.35
C ILE P 373 19.25 -0.97 58.08
N SER P 374 19.12 -1.96 57.21
CA SER P 374 20.21 -2.87 56.89
C SER P 374 20.39 -2.92 55.38
N ASN P 375 21.40 -2.22 54.88
CA ASN P 375 21.72 -2.25 53.46
C ASN P 375 22.61 -3.47 53.21
N GLY P 376 21.98 -4.58 52.85
CA GLY P 376 22.70 -5.71 52.32
C GLY P 376 22.53 -5.78 50.81
N GLY P 377 22.15 -4.66 50.22
CA GLY P 377 21.82 -4.62 48.81
C GLY P 377 22.93 -4.05 47.94
N VAL P 378 24.09 -3.77 48.53
CA VAL P 378 25.22 -3.27 47.77
C VAL P 378 26.04 -4.44 47.24
N PHE P 379 25.59 -5.66 47.51
CA PHE P 379 26.23 -6.86 47.00
C PHE P 379 25.38 -7.65 46.03
N GLY P 380 24.07 -7.43 46.00
CA GLY P 380 23.24 -8.05 44.98
C GLY P 380 22.41 -9.22 45.44
N SER P 381 21.94 -9.22 46.68
CA SER P 381 21.00 -10.23 47.11
C SER P 381 19.60 -9.87 46.61
N LEU P 382 18.82 -10.90 46.28
CA LEU P 382 17.47 -10.64 45.80
C LEU P 382 16.56 -10.26 46.96
N PHE P 383 16.38 -11.16 47.91
CA PHE P 383 15.71 -10.86 49.17
C PHE P 383 16.20 -11.86 50.21
N GLY P 384 15.91 -11.57 51.48
CA GLY P 384 16.40 -12.41 52.56
C GLY P 384 15.85 -11.95 53.89
N THR P 385 16.23 -12.68 54.93
CA THR P 385 15.69 -12.44 56.27
C THR P 385 16.75 -11.82 57.15
N PRO P 386 16.53 -10.62 57.70
CA PRO P 386 17.50 -10.03 58.62
C PRO P 386 17.29 -10.50 60.06
N ILE P 387 18.13 -9.98 60.96
CA ILE P 387 18.16 -10.36 62.37
C ILE P 387 18.00 -9.12 63.23
N ILE P 388 17.18 -9.21 64.29
CA ILE P 388 16.86 -8.03 65.09
C ILE P 388 18.01 -7.68 66.02
N ASN P 389 18.43 -6.41 65.96
CA ASN P 389 19.29 -5.83 66.98
C ASN P 389 18.56 -5.85 68.32
N PRO P 390 19.08 -6.58 69.31
CA PRO P 390 18.25 -7.05 70.45
C PRO P 390 17.65 -5.99 71.37
N PRO P 391 18.16 -4.76 71.49
CA PRO P 391 17.35 -3.77 72.21
C PRO P 391 16.24 -3.11 71.41
N GLN P 392 15.85 -3.65 70.26
CA GLN P 392 14.84 -3.05 69.41
C GLN P 392 13.73 -4.04 69.15
N SER P 393 12.73 -3.64 68.36
CA SER P 393 11.59 -4.51 68.13
C SER P 393 11.38 -4.81 66.64
N ALA P 394 12.01 -4.04 65.76
CA ALA P 394 11.85 -4.26 64.33
C ALA P 394 13.13 -3.90 63.60
N ILE P 395 13.24 -4.36 62.35
CA ILE P 395 14.36 -4.04 61.48
C ILE P 395 13.90 -4.10 60.02
N LEU P 396 14.34 -3.14 59.22
CA LEU P 396 14.03 -3.07 57.80
C LEU P 396 15.25 -3.52 57.00
N GLY P 397 15.04 -4.40 56.04
CA GLY P 397 16.14 -4.84 55.19
C GLY P 397 15.92 -4.51 53.73
N MET P 398 16.70 -3.57 53.20
CA MET P 398 16.63 -3.22 51.80
C MET P 398 17.60 -4.09 51.00
N HIS P 399 17.34 -4.20 49.69
CA HIS P 399 18.05 -5.15 48.85
C HIS P 399 18.43 -4.54 47.51
N ALA P 400 18.81 -5.36 46.55
CA ALA P 400 19.35 -4.90 45.28
C ALA P 400 18.24 -4.44 44.36
N ILE P 401 18.58 -3.54 43.45
CA ILE P 401 17.66 -2.99 42.47
C ILE P 401 17.88 -3.68 41.14
N VAL P 402 16.84 -4.33 40.62
CA VAL P 402 16.89 -5.02 39.35
C VAL P 402 15.77 -4.52 38.47
N ASP P 403 15.97 -4.64 37.17
CA ASP P 403 14.93 -4.31 36.18
C ASP P 403 14.14 -5.57 35.89
N ARG P 404 12.86 -5.53 36.19
CA ARG P 404 11.96 -6.66 36.00
C ARG P 404 10.72 -6.19 35.26
N PRO P 405 10.09 -7.06 34.47
CA PRO P 405 8.85 -6.66 33.80
C PRO P 405 7.70 -6.50 34.78
N VAL P 406 6.94 -5.42 34.59
CA VAL P 406 5.93 -4.95 35.53
C VAL P 406 4.63 -4.72 34.76
N ALA P 407 3.51 -5.22 35.29
CA ALA P 407 2.21 -4.95 34.69
C ALA P 407 1.67 -3.66 35.27
N VAL P 408 1.78 -2.57 34.50
CA VAL P 408 1.28 -1.26 34.92
C VAL P 408 0.29 -0.75 33.87
N GLY P 409 -0.93 -0.42 34.32
CA GLY P 409 -1.97 0.05 33.44
C GLY P 409 -2.46 -0.96 32.42
N GLY P 410 -2.28 -2.24 32.68
CA GLY P 410 -2.64 -3.26 31.71
C GLY P 410 -1.61 -3.50 30.65
N LYS P 411 -0.42 -2.93 30.76
CA LYS P 411 0.67 -3.13 29.82
C LYS P 411 1.91 -3.57 30.57
N VAL P 412 2.84 -4.18 29.84
CA VAL P 412 4.02 -4.80 30.44
C VAL P 412 5.20 -3.87 30.17
N GLU P 413 5.57 -3.09 31.17
CA GLU P 413 6.74 -2.23 31.12
C GLU P 413 7.88 -2.86 31.90
N ILE P 414 9.04 -2.21 31.86
CA ILE P 414 10.22 -2.62 32.60
C ILE P 414 10.60 -1.49 33.54
N ARG P 415 10.59 -1.75 34.84
CA ARG P 415 10.85 -0.73 35.83
C ARG P 415 11.73 -1.27 36.94
N PRO P 416 12.65 -0.44 37.46
CA PRO P 416 13.57 -0.90 38.52
C PRO P 416 12.87 -1.04 39.85
N MET P 417 12.83 -2.26 40.39
CA MET P 417 12.09 -2.53 41.61
C MET P 417 12.97 -3.23 42.63
N MET P 418 12.64 -3.02 43.90
CA MET P 418 13.39 -3.54 45.05
C MET P 418 12.46 -4.35 45.95
N TYR P 419 12.93 -5.50 46.41
CA TYR P 419 12.26 -6.23 47.47
C TYR P 419 12.73 -5.72 48.81
N VAL P 420 11.80 -5.56 49.75
CA VAL P 420 12.14 -5.16 51.10
C VAL P 420 11.57 -6.18 52.08
N ALA P 421 12.14 -6.21 53.27
CA ALA P 421 11.75 -7.16 54.31
C ALA P 421 11.65 -6.44 55.64
N LEU P 422 10.80 -6.96 56.52
CA LEU P 422 10.60 -6.39 57.84
C LEU P 422 10.50 -7.53 58.84
N THR P 423 11.49 -7.65 59.72
CA THR P 423 11.48 -8.66 60.76
C THR P 423 11.01 -8.03 62.06
N TYR P 424 9.93 -8.58 62.61
CA TYR P 424 9.27 -7.93 63.73
C TYR P 424 9.05 -8.92 64.86
N ASP P 425 8.84 -8.37 66.05
CA ASP P 425 8.58 -9.15 67.27
C ASP P 425 7.08 -9.40 67.35
N HIS P 426 6.70 -10.69 67.35
CA HIS P 426 5.28 -11.00 67.33
C HIS P 426 4.69 -11.01 68.74
N ARG P 427 5.54 -10.92 69.77
CA ARG P 427 5.02 -10.75 71.13
C ARG P 427 4.35 -9.39 71.30
N LEU P 428 4.87 -8.37 70.62
CA LEU P 428 4.42 -7.00 70.78
C LEU P 428 3.64 -6.46 69.60
N ILE P 429 4.15 -6.66 68.40
CA ILE P 429 3.55 -6.11 67.19
C ILE P 429 2.59 -7.13 66.62
N ASP P 430 1.40 -6.68 66.23
CA ASP P 430 0.38 -7.55 65.68
C ASP P 430 0.76 -7.96 64.27
N GLY P 431 0.09 -8.98 63.73
CA GLY P 431 0.40 -9.43 62.38
C GLY P 431 -0.11 -8.48 61.32
N ARG P 432 -1.18 -7.75 61.62
CA ARG P 432 -1.70 -6.76 60.70
C ARG P 432 -1.03 -5.40 60.85
N GLU P 433 -0.35 -5.15 61.97
CA GLU P 433 0.30 -3.86 62.15
C GLU P 433 1.64 -3.83 61.44
N ALA P 434 2.26 -5.00 61.26
CA ALA P 434 3.51 -5.06 60.53
C ALA P 434 3.29 -4.90 59.03
N VAL P 435 2.14 -5.35 58.53
CA VAL P 435 1.83 -5.20 57.12
C VAL P 435 1.52 -3.75 56.80
N THR P 436 0.77 -3.08 57.69
CA THR P 436 0.42 -1.68 57.48
C THR P 436 1.64 -0.78 57.61
N PHE P 437 2.61 -1.18 58.44
CA PHE P 437 3.83 -0.42 58.61
C PHE P 437 4.68 -0.42 57.34
N LEU P 438 4.90 -1.61 56.77
CA LEU P 438 5.72 -1.72 55.57
C LEU P 438 5.00 -1.18 54.35
N ARG P 439 3.68 -1.15 54.38
CA ARG P 439 2.92 -0.56 53.28
C ARG P 439 3.03 0.96 53.32
N LYS P 440 3.31 1.52 54.49
CA LYS P 440 3.42 2.97 54.62
C LYS P 440 4.80 3.46 54.20
N ILE P 441 5.83 2.63 54.41
CA ILE P 441 7.16 2.95 53.90
C ILE P 441 7.17 2.94 52.39
N LYS P 442 6.39 2.03 51.78
CA LYS P 442 6.32 1.96 50.33
C LYS P 442 5.68 3.20 49.71
N ALA P 443 4.69 3.78 50.39
CA ALA P 443 3.99 4.93 49.84
C ALA P 443 4.85 6.19 49.87
N ALA P 444 5.81 6.24 50.79
CA ALA P 444 6.70 7.39 50.91
C ALA P 444 7.99 7.23 50.14
N VAL P 445 8.14 6.13 49.40
CA VAL P 445 9.25 5.98 48.47
C VAL P 445 8.75 5.89 47.03
N GLU P 446 7.57 5.32 46.79
CA GLU P 446 6.98 5.39 45.47
C GLU P 446 6.49 6.80 45.13
N ASP P 447 6.25 7.63 46.12
CA ASP P 447 5.83 9.02 45.93
C ASP P 447 6.30 9.81 47.14
N PRO P 448 7.45 10.48 47.07
CA PRO P 448 7.99 11.15 48.25
C PRO P 448 7.33 12.48 48.59
N ARG P 449 6.25 12.86 47.90
CA ARG P 449 5.51 14.07 48.25
C ARG P 449 4.49 13.84 49.35
N VAL P 450 4.34 12.59 49.81
CA VAL P 450 3.41 12.30 50.91
C VAL P 450 3.99 12.82 52.22
N LEU P 451 5.31 12.99 52.28
CA LEU P 451 5.97 13.54 53.48
C LEU P 451 5.58 14.98 53.74
N LEU P 452 5.12 15.71 52.72
CA LEU P 452 4.58 17.04 52.88
C LEU P 452 3.10 17.03 53.21
N LEU P 453 2.38 16.00 52.77
CA LEU P 453 0.96 15.83 53.04
C LEU P 453 0.82 14.98 54.30
N ASP P 454 -0.35 14.39 54.57
CA ASP P 454 -0.61 13.34 55.58
C ASP P 454 0.52 12.37 55.93
N LEU Q 221 31.16 42.30 -54.55
CA LEU Q 221 31.65 43.67 -54.64
C LEU Q 221 32.55 43.94 -53.43
N ARG Q 222 33.76 44.46 -53.71
CA ARG Q 222 34.79 44.67 -52.70
C ARG Q 222 35.03 46.16 -52.57
N ALA Q 223 34.38 46.78 -51.59
CA ALA Q 223 34.50 48.21 -51.35
C ALA Q 223 35.06 48.44 -49.95
N GLU Q 224 36.02 49.34 -49.84
CA GLU Q 224 36.55 49.78 -48.55
C GLU Q 224 36.85 51.27 -48.64
N HIS Q 225 36.61 51.98 -47.55
CA HIS Q 225 36.78 53.42 -47.54
C HIS Q 225 37.45 53.86 -46.25
N ARG Q 226 38.40 54.79 -46.37
CA ARG Q 226 39.20 55.24 -45.25
C ARG Q 226 38.53 56.43 -44.60
N GLU Q 227 37.95 56.25 -43.41
CA GLU Q 227 37.52 57.36 -42.58
C GLU Q 227 38.54 57.58 -41.48
N LYS Q 228 38.85 58.84 -41.20
CA LYS Q 228 39.92 59.18 -40.27
C LYS Q 228 39.42 59.19 -38.84
N MET Q 229 40.36 59.14 -37.91
CA MET Q 229 40.09 59.25 -36.49
C MET Q 229 40.66 60.57 -35.97
N ASN Q 230 39.89 61.24 -35.11
CA ASN Q 230 40.25 62.58 -34.67
C ASN Q 230 41.38 62.53 -33.63
N ARG Q 231 41.80 63.72 -33.22
CA ARG Q 231 42.97 63.86 -32.36
C ARG Q 231 42.65 63.46 -30.92
N MET Q 232 41.36 63.43 -30.57
CA MET Q 232 40.96 62.95 -29.26
C MET Q 232 41.13 61.44 -29.18
N ARG Q 233 40.74 60.74 -30.24
CA ARG Q 233 40.89 59.28 -30.27
C ARG Q 233 42.36 58.89 -30.40
N GLN Q 234 43.19 59.80 -30.93
CA GLN Q 234 44.64 59.60 -30.94
C GLN Q 234 45.20 59.43 -29.54
N ARG Q 235 44.76 60.26 -28.59
CA ARG Q 235 45.35 60.23 -27.26
C ARG Q 235 44.79 59.08 -26.43
N ILE Q 236 43.54 58.70 -26.67
CA ILE Q 236 42.92 57.59 -25.93
C ILE Q 236 43.63 56.28 -26.25
N ALA Q 237 43.91 56.05 -27.53
CA ALA Q 237 44.69 54.89 -27.94
C ALA Q 237 46.14 55.02 -27.49
N GLN Q 238 46.62 56.24 -27.27
CA GLN Q 238 47.99 56.43 -26.82
C GLN Q 238 48.12 56.11 -25.33
N ARG Q 239 47.16 56.58 -24.52
CA ARG Q 239 47.19 56.29 -23.09
C ARG Q 239 46.96 54.81 -22.81
N LEU Q 240 46.24 54.14 -23.71
CA LEU Q 240 45.89 52.73 -23.50
C LEU Q 240 47.11 51.84 -23.63
N LYS Q 241 47.98 52.13 -24.59
CA LYS Q 241 49.19 51.35 -24.77
C LYS Q 241 50.25 51.69 -23.74
N GLU Q 242 50.21 52.88 -23.16
CA GLU Q 242 51.12 53.22 -22.08
C GLU Q 242 50.78 52.48 -20.80
N ALA Q 243 49.52 52.09 -20.63
CA ALA Q 243 49.11 51.35 -19.45
C ALA Q 243 49.61 49.92 -19.49
N GLN Q 244 49.82 49.36 -20.69
CA GLN Q 244 50.34 48.01 -20.79
C GLN Q 244 51.86 47.99 -20.73
N ASN Q 245 52.52 49.01 -21.28
CA ASN Q 245 53.96 49.04 -21.33
C ASN Q 245 54.59 49.52 -20.02
N THR Q 246 53.79 49.97 -19.05
CA THR Q 246 54.30 50.43 -17.77
C THR Q 246 54.28 49.30 -16.73
N CYS Q 247 53.11 48.73 -16.50
CA CYS Q 247 52.89 47.81 -15.40
C CYS Q 247 52.62 46.39 -15.90
N ALA Q 248 53.08 45.41 -15.12
CA ALA Q 248 52.94 44.00 -15.48
C ALA Q 248 51.62 43.49 -14.94
N MET Q 249 50.62 43.44 -15.81
CA MET Q 249 49.26 43.11 -15.39
C MET Q 249 49.04 41.60 -15.40
N LEU Q 250 48.41 41.10 -14.34
CA LEU Q 250 47.94 39.73 -14.24
C LEU Q 250 46.49 39.78 -13.83
N THR Q 251 45.82 38.63 -13.83
CA THR Q 251 44.39 38.59 -13.53
C THR Q 251 44.08 37.36 -12.68
N THR Q 252 43.20 37.52 -11.70
CA THR Q 252 42.78 36.41 -10.86
C THR Q 252 41.26 36.46 -10.72
N PHE Q 253 40.64 35.30 -10.57
CA PHE Q 253 39.19 35.16 -10.60
C PHE Q 253 38.69 34.50 -9.32
N ASN Q 254 37.40 34.64 -9.07
CA ASN Q 254 36.73 34.01 -7.93
C ASN Q 254 35.24 33.97 -8.26
N GLU Q 255 34.40 33.70 -7.26
CA GLU Q 255 32.99 33.50 -7.52
C GLU Q 255 32.16 33.82 -6.29
N ILE Q 256 31.17 34.69 -6.46
CA ILE Q 256 30.40 35.23 -5.35
C ILE Q 256 28.96 34.71 -5.45
N ASP Q 257 28.40 34.28 -4.32
CA ASP Q 257 27.01 33.85 -4.23
C ASP Q 257 26.16 35.05 -3.81
N MET Q 258 25.23 35.44 -4.67
CA MET Q 258 24.48 36.67 -4.53
C MET Q 258 23.11 36.46 -3.89
N SER Q 259 22.99 35.54 -2.94
CA SER Q 259 21.68 35.25 -2.38
C SER Q 259 21.31 36.20 -1.25
N ASN Q 260 22.28 36.59 -0.41
CA ASN Q 260 21.97 37.47 0.70
C ASN Q 260 21.78 38.91 0.27
N ILE Q 261 22.21 39.26 -0.95
CA ILE Q 261 21.99 40.61 -1.43
C ILE Q 261 20.61 40.75 -2.02
N GLN Q 262 20.11 39.70 -2.68
CA GLN Q 262 18.83 39.82 -3.37
C GLN Q 262 17.65 39.82 -2.41
N ASP Q 263 17.73 39.06 -1.30
CA ASP Q 263 16.62 39.12 -0.35
C ASP Q 263 16.72 40.35 0.54
N MET Q 264 17.89 40.96 0.64
CA MET Q 264 17.99 42.29 1.21
C MET Q 264 17.27 43.29 0.32
N ARG Q 265 17.41 43.13 -0.99
CA ARG Q 265 16.68 43.97 -1.93
C ARG Q 265 15.24 43.54 -2.11
N ALA Q 266 14.87 42.35 -1.63
CA ALA Q 266 13.49 41.91 -1.83
C ALA Q 266 12.53 42.47 -0.79
N ARG Q 267 12.99 42.68 0.44
CA ARG Q 267 12.10 43.10 1.51
C ARG Q 267 12.31 44.56 1.89
N HIS Q 268 13.50 45.12 1.65
CA HIS Q 268 13.74 46.49 2.06
C HIS Q 268 13.68 47.48 0.91
N LYS Q 269 13.28 47.08 -0.30
CA LYS Q 269 13.28 48.03 -1.41
C LYS Q 269 12.10 48.99 -1.32
N GLU Q 270 11.06 48.66 -0.56
CA GLU Q 270 9.89 49.51 -0.50
C GLU Q 270 10.03 50.58 0.57
N ALA Q 271 10.59 50.22 1.72
CA ALA Q 271 10.87 51.20 2.75
C ALA Q 271 12.06 52.08 2.40
N PHE Q 272 12.90 51.65 1.46
CA PHE Q 272 14.02 52.48 1.02
C PHE Q 272 13.55 53.58 0.08
N LEU Q 273 12.57 53.27 -0.77
CA LEU Q 273 12.06 54.24 -1.74
C LEU Q 273 11.18 55.28 -1.06
N LYS Q 274 10.42 54.86 -0.05
CA LYS Q 274 9.56 55.80 0.66
C LYS Q 274 10.37 56.78 1.49
N LYS Q 275 11.48 56.32 2.05
CA LYS Q 275 12.21 57.14 3.01
C LYS Q 275 13.34 57.95 2.36
N HIS Q 276 13.89 57.49 1.24
CA HIS Q 276 15.00 58.17 0.61
C HIS Q 276 14.74 58.65 -0.81
N ASN Q 277 13.69 58.14 -1.47
CA ASN Q 277 13.38 58.37 -2.89
C ASN Q 277 14.58 57.99 -3.77
N LEU Q 278 15.02 56.74 -3.61
CA LEU Q 278 16.12 56.19 -4.39
C LEU Q 278 15.82 54.74 -4.70
N LYS Q 279 16.57 54.17 -5.63
CA LYS Q 279 16.45 52.76 -5.97
C LYS Q 279 17.58 51.98 -5.31
N LEU Q 280 17.26 50.77 -4.86
CA LEU Q 280 18.23 49.92 -4.17
C LEU Q 280 18.82 48.93 -5.16
N GLY Q 281 20.10 49.09 -5.49
CA GLY Q 281 20.75 48.29 -6.50
C GLY Q 281 21.89 47.44 -5.97
N PHE Q 282 22.53 46.74 -6.90
CA PHE Q 282 23.65 45.87 -6.56
C PHE Q 282 24.94 46.67 -6.37
N MET Q 283 25.06 47.81 -7.06
CA MET Q 283 26.30 48.57 -7.16
C MET Q 283 26.80 49.08 -5.80
N SER Q 284 25.90 49.53 -4.93
CA SER Q 284 26.32 50.06 -3.64
C SER Q 284 26.85 49.00 -2.69
N ALA Q 285 26.55 47.73 -2.94
CA ALA Q 285 27.12 46.67 -2.11
C ALA Q 285 28.55 46.36 -2.48
N PHE Q 286 28.92 46.61 -3.74
CA PHE Q 286 30.29 46.36 -4.18
C PHE Q 286 31.21 47.53 -3.88
N VAL Q 287 30.67 48.75 -3.82
CA VAL Q 287 31.48 49.92 -3.51
C VAL Q 287 31.83 49.95 -2.04
N LYS Q 288 30.86 49.63 -1.17
CA LYS Q 288 31.11 49.62 0.26
C LYS Q 288 32.00 48.45 0.68
N ALA Q 289 31.89 47.30 0.01
CA ALA Q 289 32.78 46.19 0.31
C ALA Q 289 34.19 46.42 -0.24
N SER Q 290 34.33 47.30 -1.23
CA SER Q 290 35.66 47.58 -1.77
C SER Q 290 36.43 48.53 -0.87
N ALA Q 291 35.74 49.48 -0.23
CA ALA Q 291 36.41 50.37 0.71
C ALA Q 291 36.77 49.64 1.99
N PHE Q 292 36.07 48.55 2.29
CA PHE Q 292 36.41 47.74 3.45
C PHE Q 292 37.70 46.97 3.23
N ALA Q 293 37.89 46.44 2.02
CA ALA Q 293 39.07 45.63 1.77
C ALA Q 293 40.31 46.48 1.56
N LEU Q 294 40.14 47.71 1.07
CA LEU Q 294 41.29 48.56 0.79
C LEU Q 294 41.89 49.15 2.07
N GLN Q 295 41.05 49.37 3.08
CA GLN Q 295 41.57 49.95 4.32
C GLN Q 295 42.23 48.89 5.20
N GLU Q 296 42.11 47.63 4.81
CA GLU Q 296 42.79 46.58 5.55
C GLU Q 296 44.16 46.28 4.96
N GLN Q 297 44.25 46.23 3.63
CA GLN Q 297 45.53 46.09 2.95
C GLN Q 297 45.85 47.37 2.21
N PRO Q 298 46.67 48.26 2.78
CA PRO Q 298 46.98 49.52 2.09
C PRO Q 298 47.92 49.40 0.91
N VAL Q 299 48.48 48.23 0.62
CA VAL Q 299 49.44 48.12 -0.47
C VAL Q 299 48.72 48.13 -1.82
N VAL Q 300 47.44 47.75 -1.84
CA VAL Q 300 46.65 47.84 -3.06
C VAL Q 300 46.28 49.28 -3.34
N ASN Q 301 46.28 50.10 -2.29
CA ASN Q 301 45.95 51.51 -2.44
C ASN Q 301 47.14 52.31 -2.99
N ALA Q 302 48.34 51.73 -2.90
CA ALA Q 302 49.58 52.39 -3.30
C ALA Q 302 49.72 52.56 -4.81
N VAL Q 303 50.64 53.44 -5.24
CA VAL Q 303 50.96 53.67 -6.64
C VAL Q 303 52.47 53.85 -6.76
N ILE Q 304 53.06 53.18 -7.74
CA ILE Q 304 54.47 53.38 -8.07
C ILE Q 304 54.57 54.51 -9.08
N ASP Q 305 55.25 55.60 -8.70
CA ASP Q 305 55.61 56.66 -9.63
C ASP Q 305 57.04 56.41 -10.09
N ASP Q 306 57.21 56.22 -11.40
CA ASP Q 306 58.53 55.96 -11.98
C ASP Q 306 59.31 57.24 -12.28
N THR Q 307 58.83 58.40 -11.83
CA THR Q 307 59.62 59.62 -11.96
C THR Q 307 60.80 59.61 -11.02
N THR Q 308 60.54 59.47 -9.72
CA THR Q 308 61.61 59.33 -8.74
C THR Q 308 61.76 57.91 -8.23
N LYS Q 309 61.13 56.94 -8.90
CA LYS Q 309 61.08 55.52 -8.49
C LYS Q 309 60.55 55.36 -7.07
N GLU Q 310 59.36 55.90 -6.83
CA GLU Q 310 58.82 56.06 -5.50
C GLU Q 310 57.55 55.22 -5.34
N VAL Q 311 57.21 54.92 -4.10
CA VAL Q 311 56.00 54.17 -3.76
C VAL Q 311 55.10 55.11 -2.97
N VAL Q 312 54.00 55.55 -3.58
CA VAL Q 312 53.16 56.59 -3.00
C VAL Q 312 51.99 55.91 -2.30
N TYR Q 313 52.03 55.87 -0.98
CA TYR Q 313 50.89 55.41 -0.21
C TYR Q 313 49.84 56.52 -0.19
N ARG Q 314 48.60 56.13 0.10
CA ARG Q 314 47.53 57.09 0.31
C ARG Q 314 46.73 56.68 1.54
N ASP Q 315 46.08 57.66 2.16
CA ASP Q 315 45.25 57.41 3.32
C ASP Q 315 43.78 57.68 3.06
N TYR Q 316 43.42 58.09 1.85
CA TYR Q 316 42.04 58.30 1.45
C TYR Q 316 41.67 57.29 0.38
N ILE Q 317 40.37 57.02 0.26
CA ILE Q 317 39.85 56.02 -0.67
C ILE Q 317 38.86 56.70 -1.59
N ASP Q 318 39.18 56.74 -2.88
CA ASP Q 318 38.31 57.32 -3.90
C ASP Q 318 38.09 56.29 -4.98
N ILE Q 319 36.90 55.68 -4.99
CA ILE Q 319 36.58 54.60 -5.92
C ILE Q 319 35.93 55.20 -7.16
N SER Q 320 36.52 54.94 -8.32
CA SER Q 320 35.95 55.37 -9.58
C SER Q 320 34.95 54.35 -10.07
N VAL Q 321 33.81 54.81 -10.56
CA VAL Q 321 32.72 53.93 -10.99
C VAL Q 321 32.45 54.21 -12.46
N ALA Q 322 32.69 53.20 -13.29
CA ALA Q 322 32.41 53.30 -14.72
C ALA Q 322 30.91 53.06 -14.94
N VAL Q 323 30.18 54.11 -15.31
CA VAL Q 323 28.75 54.00 -15.55
C VAL Q 323 28.49 54.31 -17.04
N ALA Q 324 28.26 53.24 -17.80
CA ALA Q 324 28.08 53.33 -19.25
C ALA Q 324 26.69 53.90 -19.54
N THR Q 325 26.65 55.14 -20.00
CA THR Q 325 25.40 55.79 -20.36
C THR Q 325 25.17 55.58 -21.87
N PRO Q 326 24.09 56.15 -22.43
CA PRO Q 326 23.92 56.02 -23.88
C PRO Q 326 25.06 56.63 -24.69
N ARG Q 327 25.58 57.77 -24.26
CA ARG Q 327 26.65 58.43 -24.99
C ARG Q 327 27.91 57.57 -25.09
N GLY Q 328 28.27 56.89 -24.00
CA GLY Q 328 29.47 56.06 -24.01
C GLY Q 328 29.94 55.78 -22.60
N LEU Q 329 31.23 55.47 -22.44
CA LEU Q 329 31.75 55.25 -21.10
C LEU Q 329 32.19 56.57 -20.45
N VAL Q 330 31.86 56.72 -19.18
CA VAL Q 330 32.39 57.79 -18.34
C VAL Q 330 32.79 57.19 -17.00
N VAL Q 331 33.85 57.75 -16.42
CA VAL Q 331 34.39 57.21 -15.17
C VAL Q 331 34.49 58.27 -14.07
N PRO Q 332 33.37 58.70 -13.46
CA PRO Q 332 33.48 59.67 -12.38
C PRO Q 332 33.96 59.01 -11.09
N VAL Q 333 34.27 59.86 -10.11
CA VAL Q 333 34.91 59.43 -8.88
C VAL Q 333 33.98 59.71 -7.71
N ILE Q 334 33.83 58.72 -6.83
CA ILE Q 334 33.15 58.88 -5.55
C ILE Q 334 34.21 59.19 -4.50
N ARG Q 335 34.07 60.32 -3.82
CA ARG Q 335 35.09 60.82 -2.92
C ARG Q 335 34.81 60.41 -1.48
N ASN Q 336 35.86 59.93 -0.80
CA ASN Q 336 35.89 59.66 0.65
C ASN Q 336 34.84 58.61 1.04
N VAL Q 337 35.08 57.39 0.56
CA VAL Q 337 34.12 56.30 0.72
C VAL Q 337 34.16 55.68 2.11
N GLU Q 338 35.15 56.06 2.94
CA GLU Q 338 35.36 55.41 4.23
C GLU Q 338 34.24 55.65 5.24
N THR Q 339 33.57 56.80 5.16
CA THR Q 339 32.60 57.19 6.17
C THR Q 339 31.16 56.95 5.75
N MET Q 340 30.92 56.47 4.54
CA MET Q 340 29.57 56.40 4.00
C MET Q 340 28.87 55.11 4.40
N ASN Q 341 27.58 55.05 4.08
CA ASN Q 341 26.79 53.83 4.16
C ASN Q 341 26.14 53.60 2.80
N TYR Q 342 25.19 52.67 2.74
CA TYR Q 342 24.52 52.41 1.46
C TYR Q 342 23.65 53.59 1.03
N ALA Q 343 23.16 54.37 1.98
CA ALA Q 343 22.30 55.50 1.63
C ALA Q 343 23.11 56.64 1.02
N ASP Q 344 24.35 56.82 1.48
CA ASP Q 344 25.16 57.93 0.99
C ASP Q 344 25.71 57.63 -0.41
N ILE Q 345 26.08 56.38 -0.65
CA ILE Q 345 26.62 55.94 -1.94
C ILE Q 345 25.54 56.03 -3.01
N GLU Q 346 24.30 55.68 -2.64
CA GLU Q 346 23.21 55.70 -3.61
C GLU Q 346 22.82 57.12 -4.01
N ARG Q 347 22.99 58.08 -3.10
CA ARG Q 347 22.76 59.47 -3.49
C ARG Q 347 23.82 59.93 -4.46
N THR Q 348 25.07 59.54 -4.23
CA THR Q 348 26.19 60.03 -5.03
C THR Q 348 26.13 59.50 -6.45
N ILE Q 349 25.74 58.23 -6.61
CA ILE Q 349 25.69 57.65 -7.95
C ILE Q 349 24.50 58.18 -8.74
N SER Q 350 23.37 58.42 -8.07
CA SER Q 350 22.14 58.75 -8.77
C SER Q 350 22.18 60.16 -9.34
N GLU Q 351 22.60 61.15 -8.54
CA GLU Q 351 22.58 62.52 -9.03
C GLU Q 351 23.73 62.79 -9.99
N LEU Q 352 24.86 62.11 -9.79
CA LEU Q 352 25.97 62.26 -10.72
C LEU Q 352 25.73 61.44 -11.99
N GLY Q 353 24.88 60.42 -11.92
CA GLY Q 353 24.46 59.74 -13.12
C GLY Q 353 23.62 60.63 -14.01
N GLU Q 354 22.86 61.55 -13.40
CA GLU Q 354 22.04 62.47 -14.18
C GLU Q 354 22.88 63.57 -14.79
N LYS Q 355 24.03 63.89 -14.17
CA LYS Q 355 24.88 64.95 -14.70
C LYS Q 355 25.54 64.53 -16.00
N ALA Q 356 26.14 63.34 -16.02
CA ALA Q 356 26.82 62.86 -17.21
C ALA Q 356 25.85 62.45 -18.30
N ARG Q 357 24.59 62.23 -17.95
CA ARG Q 357 23.59 61.85 -18.95
C ARG Q 357 23.23 63.02 -19.84
N LYS Q 358 23.06 64.21 -19.27
CA LYS Q 358 22.76 65.40 -20.03
C LYS Q 358 24.00 66.24 -20.32
N ASN Q 359 25.19 65.68 -20.09
CA ASN Q 359 26.50 66.25 -20.44
C ASN Q 359 26.75 67.59 -19.75
N GLU Q 360 26.77 67.57 -18.41
CA GLU Q 360 27.27 68.67 -17.61
C GLU Q 360 28.38 68.21 -16.69
N LEU Q 361 29.01 67.10 -17.04
CA LEU Q 361 29.93 66.42 -16.15
C LEU Q 361 31.32 67.04 -16.30
N ALA Q 362 31.85 67.59 -15.21
CA ALA Q 362 33.07 68.37 -15.28
C ALA Q 362 34.30 67.46 -15.43
N ILE Q 363 35.43 68.09 -15.72
CA ILE Q 363 36.68 67.36 -15.88
C ILE Q 363 37.36 67.15 -14.53
N GLU Q 364 37.16 68.11 -13.61
CA GLU Q 364 37.93 68.15 -12.36
C GLU Q 364 37.55 67.02 -11.42
N ASP Q 365 36.36 66.44 -11.59
CA ASP Q 365 35.93 65.29 -10.81
C ASP Q 365 35.95 64.00 -11.60
N MET Q 366 36.94 63.80 -12.47
CA MET Q 366 37.12 62.54 -13.17
C MET Q 366 38.49 61.94 -12.93
N ASP Q 367 39.33 62.58 -12.12
CA ASP Q 367 40.70 62.14 -11.92
C ASP Q 367 41.00 62.04 -10.43
N GLY Q 368 42.06 61.29 -10.12
CA GLY Q 368 42.48 61.08 -8.77
C GLY Q 368 41.92 59.84 -8.10
N GLY Q 369 41.26 58.96 -8.85
CA GLY Q 369 40.75 57.74 -8.26
C GLY Q 369 41.86 56.79 -7.88
N THR Q 370 41.57 55.92 -6.92
CA THR Q 370 42.55 54.99 -6.40
C THR Q 370 42.17 53.53 -6.67
N PHE Q 371 40.94 53.29 -7.10
CA PHE Q 371 40.43 51.94 -7.34
C PHE Q 371 39.23 52.09 -8.25
N THR Q 372 38.92 51.04 -9.00
CA THR Q 372 37.91 51.18 -10.05
C THR Q 372 37.02 49.95 -10.12
N ILE Q 373 35.72 50.17 -10.06
CA ILE Q 373 34.74 49.12 -10.34
C ILE Q 373 34.32 49.25 -11.79
N SER Q 374 34.17 48.11 -12.48
CA SER Q 374 33.80 48.11 -13.89
C SER Q 374 32.60 47.18 -14.08
N ASN Q 375 31.42 47.77 -14.21
CA ASN Q 375 30.21 46.99 -14.47
C ASN Q 375 30.12 46.77 -15.97
N GLY Q 376 30.65 45.64 -16.42
CA GLY Q 376 30.40 45.17 -17.76
C GLY Q 376 29.39 44.04 -17.74
N GLY Q 377 28.63 43.95 -16.65
CA GLY Q 377 27.72 42.86 -16.44
C GLY Q 377 26.28 43.19 -16.74
N VAL Q 378 26.02 44.37 -17.25
CA VAL Q 378 24.66 44.77 -17.63
C VAL Q 378 24.38 44.34 -19.06
N PHE Q 379 25.35 43.67 -19.69
CA PHE Q 379 25.17 43.15 -21.03
C PHE Q 379 25.22 41.64 -21.10
N GLY Q 380 25.76 40.96 -20.10
CA GLY Q 380 25.67 39.52 -20.06
C GLY Q 380 26.94 38.77 -20.40
N SER Q 381 28.10 39.34 -20.07
CA SER Q 381 29.33 38.60 -20.22
C SER Q 381 29.50 37.63 -19.06
N LEU Q 382 30.09 36.47 -19.35
CA LEU Q 382 30.30 35.48 -18.29
C LEU Q 382 31.44 35.90 -17.38
N PHE Q 383 32.64 36.01 -17.93
CA PHE Q 383 33.79 36.60 -17.25
C PHE Q 383 34.76 37.11 -18.31
N GLY Q 384 35.72 37.91 -17.87
CA GLY Q 384 36.66 38.51 -18.81
C GLY Q 384 37.72 39.30 -18.07
N THR Q 385 38.65 39.86 -18.84
CA THR Q 385 39.80 40.55 -18.29
C THR Q 385 39.65 42.05 -18.48
N PRO Q 386 39.65 42.85 -17.41
CA PRO Q 386 39.60 44.31 -17.57
C PRO Q 386 40.98 44.92 -17.76
N ILE Q 387 41.00 46.25 -17.89
CA ILE Q 387 42.22 47.01 -18.17
C ILE Q 387 42.39 48.09 -17.09
N ILE Q 388 43.63 48.27 -16.62
CA ILE Q 388 43.86 49.17 -15.50
C ILE Q 388 43.84 50.62 -15.95
N ASN Q 389 43.03 51.42 -15.25
CA ASN Q 389 43.10 52.87 -15.34
C ASN Q 389 44.47 53.34 -14.85
N PRO Q 390 45.28 53.95 -15.73
CA PRO Q 390 46.75 53.99 -15.53
C PRO Q 390 47.27 54.76 -14.31
N PRO Q 391 46.56 55.72 -13.70
CA PRO Q 391 47.07 56.20 -12.40
C PRO Q 391 46.73 55.33 -11.20
N GLN Q 392 46.32 54.09 -11.39
CA GLN Q 392 45.90 53.22 -10.29
C GLN Q 392 46.71 51.92 -10.34
N SER Q 393 46.42 51.02 -9.41
CA SER Q 393 47.20 49.79 -9.34
C SER Q 393 46.33 48.55 -9.46
N ALA Q 394 45.02 48.68 -9.30
CA ALA Q 394 44.13 47.54 -9.39
C ALA Q 394 42.78 47.96 -9.96
N ILE Q 395 42.00 46.98 -10.41
CA ILE Q 395 40.65 47.21 -10.91
C ILE Q 395 39.81 45.94 -10.69
N LEU Q 396 38.57 46.12 -10.25
CA LEU Q 396 37.64 45.03 -10.04
C LEU Q 396 36.63 45.01 -11.18
N GLY Q 397 36.40 43.82 -11.75
CA GLY Q 397 35.42 43.68 -12.80
C GLY Q 397 34.29 42.74 -12.44
N MET Q 398 33.09 43.28 -12.24
CA MET Q 398 31.93 42.48 -11.96
C MET Q 398 31.23 42.10 -13.25
N HIS Q 399 30.43 41.04 -13.20
CA HIS Q 399 29.86 40.44 -14.40
C HIS Q 399 28.40 40.07 -14.21
N ALA Q 400 27.86 39.26 -15.11
CA ALA Q 400 26.44 38.94 -15.13
C ALA Q 400 26.11 37.90 -14.07
N ILE Q 401 24.85 37.93 -13.64
CA ILE Q 401 24.34 36.99 -12.64
C ILE Q 401 23.54 35.92 -13.34
N VAL Q 402 23.96 34.67 -13.18
CA VAL Q 402 23.28 33.53 -13.77
C VAL Q 402 22.96 32.52 -12.67
N ASP Q 403 21.94 31.71 -12.92
CA ASP Q 403 21.57 30.63 -12.03
C ASP Q 403 22.30 29.37 -12.47
N ARG Q 404 23.15 28.84 -11.60
CA ARG Q 404 23.94 27.66 -11.90
C ARG Q 404 23.81 26.68 -10.75
N PRO Q 405 23.92 25.38 -11.03
CA PRO Q 405 23.85 24.41 -9.94
C PRO Q 405 25.08 24.46 -9.05
N VAL Q 406 24.84 24.40 -7.74
CA VAL Q 406 25.83 24.66 -6.72
C VAL Q 406 25.82 23.50 -5.72
N ALA Q 407 26.97 22.97 -5.35
CA ALA Q 407 27.06 21.95 -4.33
C ALA Q 407 27.19 22.63 -2.98
N VAL Q 408 26.09 22.69 -2.24
CA VAL Q 408 26.07 23.31 -0.90
C VAL Q 408 25.55 22.28 0.10
N GLY Q 409 26.35 22.02 1.14
CA GLY Q 409 26.00 21.05 2.16
C GLY Q 409 25.93 19.62 1.69
N GLY Q 410 26.60 19.28 0.60
CA GLY Q 410 26.50 17.96 0.03
C GLY Q 410 25.30 17.73 -0.85
N LYS Q 411 24.54 18.77 -1.17
CA LYS Q 411 23.39 18.67 -2.04
C LYS Q 411 23.52 19.69 -3.17
N VAL Q 412 22.78 19.46 -4.25
CA VAL Q 412 22.91 20.24 -5.47
C VAL Q 412 21.72 21.19 -5.53
N GLU Q 413 21.94 22.44 -5.15
CA GLU Q 413 20.94 23.48 -5.26
C GLU Q 413 21.24 24.37 -6.46
N ILE Q 414 20.34 25.32 -6.71
CA ILE Q 414 20.50 26.31 -7.77
C ILE Q 414 20.50 27.69 -7.13
N ARG Q 415 21.60 28.42 -7.29
CA ARG Q 415 21.76 29.71 -6.65
C ARG Q 415 22.38 30.70 -7.61
N PRO Q 416 21.95 31.97 -7.57
CA PRO Q 416 22.49 32.98 -8.49
C PRO Q 416 23.90 33.40 -8.12
N MET Q 417 24.85 33.16 -9.02
CA MET Q 417 26.26 33.41 -8.71
C MET Q 417 26.89 34.27 -9.80
N MET Q 418 27.91 35.03 -9.39
CA MET Q 418 28.63 35.97 -10.24
C MET Q 418 30.11 35.64 -10.25
N TYR Q 419 30.73 35.69 -11.43
CA TYR Q 419 32.19 35.65 -11.52
C TYR Q 419 32.74 37.06 -11.41
N VAL Q 420 33.82 37.22 -10.66
CA VAL Q 420 34.49 38.50 -10.54
C VAL Q 420 35.95 38.34 -10.94
N ALA Q 421 36.57 39.44 -11.30
CA ALA Q 421 37.95 39.46 -11.76
C ALA Q 421 38.69 40.62 -11.11
N LEU Q 422 39.99 40.46 -10.95
CA LEU Q 422 40.83 41.50 -10.36
C LEU Q 422 42.13 41.57 -11.14
N THR Q 423 42.35 42.67 -11.84
CA THR Q 423 43.57 42.88 -12.60
C THR Q 423 44.50 43.76 -11.79
N TYR Q 424 45.70 43.26 -11.49
CA TYR Q 424 46.59 43.91 -10.54
C TYR Q 424 47.97 44.07 -11.14
N ASP Q 425 48.72 45.00 -10.55
CA ASP Q 425 50.10 45.29 -10.96
C ASP Q 425 51.02 44.35 -10.19
N HIS Q 426 51.77 43.53 -10.91
CA HIS Q 426 52.60 42.54 -10.24
C HIS Q 426 53.95 43.13 -9.83
N ARG Q 427 54.27 44.35 -10.29
CA ARG Q 427 55.46 45.04 -9.79
C ARG Q 427 55.32 45.40 -8.32
N LEU Q 428 54.12 45.72 -7.89
CA LEU Q 428 53.85 46.22 -6.55
C LEU Q 428 53.12 45.24 -5.67
N ILE Q 429 52.05 44.64 -6.17
CA ILE Q 429 51.20 43.76 -5.39
C ILE Q 429 51.70 42.33 -5.56
N ASP Q 430 51.81 41.61 -4.45
CA ASP Q 430 52.29 40.22 -4.47
C ASP Q 430 51.22 39.32 -5.06
N GLY Q 431 51.58 38.10 -5.43
CA GLY Q 431 50.64 37.16 -5.99
C GLY Q 431 49.68 36.61 -4.96
N ARG Q 432 50.12 36.54 -3.70
CA ARG Q 432 49.24 36.09 -2.63
C ARG Q 432 48.42 37.22 -2.02
N GLU Q 433 48.81 38.47 -2.24
CA GLU Q 433 48.06 39.58 -1.68
C GLU Q 433 46.85 39.90 -2.54
N ALA Q 434 46.92 39.59 -3.84
CA ALA Q 434 45.77 39.80 -4.70
C ALA Q 434 44.69 38.76 -4.46
N VAL Q 435 45.10 37.55 -4.09
CA VAL Q 435 44.13 36.50 -3.80
C VAL Q 435 43.40 36.79 -2.50
N THR Q 436 44.14 37.26 -1.49
CA THR Q 436 43.55 37.57 -0.19
C THR Q 436 42.64 38.80 -0.29
N PHE Q 437 42.96 39.71 -1.20
CA PHE Q 437 42.14 40.91 -1.41
C PHE Q 437 40.77 40.55 -1.98
N LEU Q 438 40.76 39.74 -3.04
CA LEU Q 438 39.51 39.37 -3.69
C LEU Q 438 38.71 38.39 -2.84
N ARG Q 439 39.38 37.66 -1.96
CA ARG Q 439 38.66 36.78 -1.05
C ARG Q 439 37.97 37.57 0.05
N LYS Q 440 38.46 38.78 0.32
CA LYS Q 440 37.87 39.61 1.36
C LYS Q 440 36.66 40.37 0.84
N ILE Q 441 36.66 40.71 -0.46
CA ILE Q 441 35.48 41.30 -1.09
C ILE Q 441 34.35 40.29 -1.13
N LYS Q 442 34.68 39.01 -1.34
CA LYS Q 442 33.66 37.97 -1.38
C LYS Q 442 32.98 37.78 -0.03
N ALA Q 443 33.72 37.93 1.07
CA ALA Q 443 33.14 37.70 2.39
C ALA Q 443 32.18 38.81 2.79
N ALA Q 444 32.37 40.00 2.24
CA ALA Q 444 31.52 41.14 2.54
C ALA Q 444 30.37 41.31 1.56
N VAL Q 445 30.23 40.39 0.61
CA VAL Q 445 29.04 40.33 -0.23
C VAL Q 445 28.25 39.05 -0.02
N GLU Q 446 28.92 37.94 0.31
CA GLU Q 446 28.18 36.75 0.73
C GLU Q 446 27.55 36.91 2.10
N ASP Q 447 28.05 37.82 2.91
CA ASP Q 447 27.50 38.10 4.23
C ASP Q 447 27.82 39.55 4.57
N PRO Q 448 26.92 40.49 4.32
CA PRO Q 448 27.23 41.90 4.53
C PRO Q 448 27.22 42.37 5.97
N ARG Q 449 27.09 41.47 6.94
CA ARG Q 449 27.17 41.84 8.34
C ARG Q 449 28.60 41.86 8.84
N VAL Q 450 29.57 41.49 8.01
CA VAL Q 450 30.98 41.55 8.40
C VAL Q 450 31.45 43.01 8.46
N LEU Q 451 30.77 43.90 7.74
CA LEU Q 451 31.09 45.32 7.76
C LEU Q 451 30.85 45.95 9.12
N LEU Q 452 29.98 45.36 9.94
CA LEU Q 452 29.79 45.78 11.32
C LEU Q 452 30.78 45.13 12.27
N LEU Q 453 31.25 43.94 11.94
CA LEU Q 453 32.24 43.21 12.72
C LEU Q 453 33.64 43.57 12.21
N ASP Q 454 34.68 42.79 12.51
CA ASP Q 454 36.01 42.81 11.90
C ASP Q 454 36.13 43.23 10.44
N LEU R 221 -53.31 38.13 -37.94
CA LEU R 221 -54.76 38.02 -38.07
C LEU R 221 -55.36 37.88 -36.68
N ARG R 222 -56.35 38.73 -36.38
CA ARG R 222 -56.98 38.81 -35.06
C ARG R 222 -58.42 38.35 -35.18
N ALA R 223 -58.66 37.08 -34.87
CA ALA R 223 -59.99 36.50 -34.93
C ALA R 223 -60.39 36.02 -33.54
N GLU R 224 -61.63 36.31 -33.16
CA GLU R 224 -62.21 35.79 -31.93
C GLU R 224 -63.69 35.49 -32.19
N HIS R 225 -64.19 34.43 -31.57
CA HIS R 225 -65.56 34.01 -31.82
C HIS R 225 -66.21 33.58 -30.51
N ARG R 226 -67.46 33.99 -30.34
CA ARG R 226 -68.18 33.76 -29.10
C ARG R 226 -68.94 32.44 -29.19
N GLU R 227 -68.48 31.41 -28.48
CA GLU R 227 -69.26 30.21 -28.30
C GLU R 227 -69.88 30.23 -26.91
N LYS R 228 -71.13 29.82 -26.81
CA LYS R 228 -71.88 29.93 -25.57
C LYS R 228 -71.63 28.74 -24.66
N MET R 229 -71.98 28.92 -23.39
CA MET R 229 -71.91 27.84 -22.40
C MET R 229 -73.33 27.47 -21.98
N ASN R 230 -73.57 26.17 -21.84
CA ASN R 230 -74.92 25.68 -21.60
C ASN R 230 -75.34 25.91 -20.15
N ARG R 231 -76.59 25.53 -19.86
CA ARG R 231 -77.20 25.84 -18.58
C ARG R 231 -76.67 24.92 -17.48
N MET R 232 -76.05 23.80 -17.86
CA MET R 232 -75.40 22.93 -16.89
C MET R 232 -74.12 23.57 -16.38
N ARG R 233 -73.35 24.17 -17.30
CA ARG R 233 -72.11 24.84 -16.90
C ARG R 233 -72.40 26.13 -16.14
N GLN R 234 -73.60 26.69 -16.35
CA GLN R 234 -74.07 27.82 -15.55
C GLN R 234 -74.11 27.49 -14.06
N ARG R 235 -74.64 26.32 -13.72
CA ARG R 235 -74.84 25.99 -12.32
C ARG R 235 -73.53 25.54 -11.66
N ILE R 236 -72.64 24.90 -12.43
CA ILE R 236 -71.36 24.44 -11.90
C ILE R 236 -70.51 25.64 -11.48
N ALA R 237 -70.46 26.67 -12.33
CA ALA R 237 -69.77 27.89 -11.97
C ALA R 237 -70.51 28.65 -10.88
N GLN R 238 -71.82 28.41 -10.73
CA GLN R 238 -72.56 29.08 -9.67
C GLN R 238 -72.30 28.44 -8.32
N ARG R 239 -72.27 27.10 -8.27
CA ARG R 239 -71.99 26.40 -7.02
C ARG R 239 -70.55 26.63 -6.57
N LEU R 240 -69.65 26.88 -7.53
CA LEU R 240 -68.24 27.03 -7.22
C LEU R 240 -67.97 28.32 -6.47
N LYS R 241 -68.64 29.40 -6.87
CA LYS R 241 -68.47 30.68 -6.20
C LYS R 241 -69.22 30.73 -4.87
N GLU R 242 -70.25 29.90 -4.69
CA GLU R 242 -70.93 29.83 -3.40
C GLU R 242 -70.07 29.12 -2.37
N ALA R 243 -69.17 28.24 -2.81
CA ALA R 243 -68.28 27.55 -1.88
C ALA R 243 -67.23 28.49 -1.32
N GLN R 244 -66.86 29.53 -2.07
CA GLN R 244 -65.88 30.47 -1.55
C GLN R 244 -66.52 31.54 -0.70
N ASN R 245 -67.74 31.95 -1.04
CA ASN R 245 -68.41 33.03 -0.31
C ASN R 245 -69.07 32.55 0.97
N THR R 246 -69.09 31.24 1.22
CA THR R 246 -69.69 30.70 2.44
C THR R 246 -68.65 30.51 3.54
N CYS R 247 -67.60 29.73 3.24
CA CYS R 247 -66.65 29.29 4.24
C CYS R 247 -65.28 29.92 4.02
N ALA R 248 -64.58 30.17 5.12
CA ALA R 248 -63.27 30.80 5.09
C ALA R 248 -62.20 29.73 4.95
N MET R 249 -61.74 29.52 3.72
CA MET R 249 -60.84 28.42 3.43
C MET R 249 -59.39 28.82 3.65
N LEU R 250 -58.63 27.94 4.30
CA LEU R 250 -57.20 28.07 4.45
C LEU R 250 -56.58 26.75 4.00
N THR R 251 -55.26 26.70 3.92
CA THR R 251 -54.59 25.50 3.42
C THR R 251 -53.32 25.26 4.24
N THR R 252 -53.05 23.98 4.54
CA THR R 252 -51.83 23.62 5.25
C THR R 252 -51.21 22.41 4.55
N PHE R 253 -49.89 22.30 4.62
CA PHE R 253 -49.13 21.33 3.86
C PHE R 253 -48.28 20.47 4.80
N ASN R 254 -47.83 19.34 4.29
CA ASN R 254 -46.92 18.43 5.02
C ASN R 254 -46.25 17.56 3.96
N GLU R 255 -45.61 16.48 4.40
CA GLU R 255 -44.82 15.68 3.48
C GLU R 255 -44.71 14.24 3.98
N ILE R 256 -45.05 13.29 3.12
CA ILE R 256 -45.16 11.88 3.49
C ILE R 256 -44.07 11.10 2.77
N ASP R 257 -43.40 10.21 3.50
CA ASP R 257 -42.40 9.31 2.94
C ASP R 257 -43.09 8.00 2.56
N MET R 258 -43.05 7.67 1.26
CA MET R 258 -43.82 6.57 0.70
C MET R 258 -43.01 5.30 0.55
N SER R 259 -42.11 5.01 1.48
CA SER R 259 -41.25 3.84 1.31
C SER R 259 -41.92 2.56 1.83
N ASN R 260 -42.67 2.65 2.92
CA ASN R 260 -43.29 1.45 3.47
C ASN R 260 -44.52 1.02 2.68
N ILE R 261 -45.04 1.89 1.83
CA ILE R 261 -46.18 1.52 1.01
C ILE R 261 -45.71 0.80 -0.25
N GLN R 262 -44.57 1.21 -0.80
CA GLN R 262 -44.13 0.63 -2.06
C GLN R 262 -43.59 -0.78 -1.90
N ASP R 263 -42.91 -1.08 -0.78
CA ASP R 263 -42.44 -2.45 -0.60
C ASP R 263 -43.55 -3.36 -0.12
N MET R 264 -44.62 -2.78 0.45
CA MET R 264 -45.84 -3.55 0.66
C MET R 264 -46.45 -3.93 -0.68
N ARG R 265 -46.41 -3.02 -1.64
CA ARG R 265 -46.88 -3.32 -2.99
C ARG R 265 -45.85 -4.11 -3.79
N ALA R 266 -44.61 -4.21 -3.32
CA ALA R 266 -43.62 -4.92 -4.11
C ALA R 266 -43.68 -6.42 -3.90
N ARG R 267 -44.01 -6.88 -2.70
CA ARG R 267 -43.97 -8.30 -2.40
C ARG R 267 -45.37 -8.92 -2.31
N HIS R 268 -46.39 -8.12 -2.01
CA HIS R 268 -47.72 -8.70 -1.87
C HIS R 268 -48.62 -8.46 -3.07
N LYS R 269 -48.12 -7.90 -4.18
CA LYS R 269 -49.00 -7.62 -5.30
C LYS R 269 -49.35 -8.88 -6.07
N GLU R 270 -48.56 -9.94 -5.92
CA GLU R 270 -48.81 -11.16 -6.69
C GLU R 270 -49.80 -12.06 -5.99
N ALA R 271 -49.69 -12.20 -4.67
CA ALA R 271 -50.67 -12.95 -3.91
C ALA R 271 -51.98 -12.21 -3.77
N PHE R 272 -52.00 -10.90 -3.99
CA PHE R 272 -53.24 -10.15 -3.95
C PHE R 272 -54.05 -10.36 -5.23
N LEU R 273 -53.36 -10.46 -6.36
CA LEU R 273 -54.04 -10.64 -7.65
C LEU R 273 -54.57 -12.06 -7.80
N LYS R 274 -53.83 -13.04 -7.30
CA LYS R 274 -54.27 -14.42 -7.39
C LYS R 274 -55.48 -14.68 -6.50
N LYS R 275 -55.55 -14.03 -5.35
CA LYS R 275 -56.58 -14.36 -4.37
C LYS R 275 -57.81 -13.47 -4.49
N HIS R 276 -57.67 -12.25 -5.01
CA HIS R 276 -58.80 -11.32 -5.09
C HIS R 276 -59.15 -10.89 -6.51
N ASN R 277 -58.26 -11.08 -7.49
CA ASN R 277 -58.37 -10.57 -8.85
C ASN R 277 -58.58 -9.05 -8.84
N LEU R 278 -57.65 -8.35 -8.20
CA LEU R 278 -57.66 -6.90 -8.13
C LEU R 278 -56.23 -6.40 -8.21
N LYS R 279 -56.09 -5.10 -8.43
CA LYS R 279 -54.78 -4.46 -8.44
C LYS R 279 -54.54 -3.73 -7.14
N LEU R 280 -53.31 -3.76 -6.65
CA LEU R 280 -52.96 -3.14 -5.39
C LEU R 280 -52.36 -1.77 -5.65
N GLY R 281 -53.08 -0.71 -5.28
CA GLY R 281 -52.67 0.65 -5.57
C GLY R 281 -52.39 1.49 -4.34
N PHE R 282 -52.07 2.76 -4.60
CA PHE R 282 -51.79 3.69 -3.52
C PHE R 282 -53.06 4.22 -2.88
N MET R 283 -54.15 4.28 -3.64
CA MET R 283 -55.39 4.94 -3.24
C MET R 283 -56.02 4.34 -2.00
N SER R 284 -56.00 3.02 -1.86
CA SER R 284 -56.63 2.38 -0.71
C SER R 284 -55.88 2.62 0.59
N ALA R 285 -54.61 3.02 0.52
CA ALA R 285 -53.89 3.35 1.74
C ALA R 285 -54.25 4.72 2.28
N PHE R 286 -54.69 5.62 1.39
CA PHE R 286 -55.07 6.96 1.81
C PHE R 286 -56.52 7.01 2.26
N VAL R 287 -57.37 6.13 1.74
CA VAL R 287 -58.77 6.11 2.16
C VAL R 287 -58.91 5.49 3.54
N LYS R 288 -58.16 4.43 3.81
CA LYS R 288 -58.23 3.79 5.11
C LYS R 288 -57.56 4.63 6.20
N ALA R 289 -56.51 5.36 5.86
CA ALA R 289 -55.89 6.25 6.83
C ALA R 289 -56.72 7.50 7.07
N SER R 290 -57.60 7.85 6.13
CA SER R 290 -58.46 9.01 6.33
C SER R 290 -59.63 8.70 7.25
N ALA R 291 -60.15 7.47 7.19
CA ALA R 291 -61.21 7.07 8.10
C ALA R 291 -60.68 6.88 9.52
N PHE R 292 -59.38 6.60 9.64
CA PHE R 292 -58.78 6.48 10.95
C PHE R 292 -58.66 7.84 11.63
N ALA R 293 -58.31 8.88 10.88
CA ALA R 293 -58.10 10.19 11.47
C ALA R 293 -59.42 10.88 11.76
N LEU R 294 -60.46 10.59 10.99
CA LEU R 294 -61.74 11.26 11.17
C LEU R 294 -62.49 10.74 12.39
N GLN R 295 -62.30 9.46 12.72
CA GLN R 295 -63.02 8.92 13.88
C GLN R 295 -62.32 9.28 15.18
N GLU R 296 -61.14 9.89 15.10
CA GLU R 296 -60.48 10.35 16.31
C GLU R 296 -60.83 11.80 16.62
N GLN R 297 -60.87 12.65 15.60
CA GLN R 297 -61.32 14.02 15.74
C GLN R 297 -62.64 14.20 15.01
N PRO R 298 -63.78 14.13 15.70
CA PRO R 298 -65.07 14.28 15.01
C PRO R 298 -65.41 15.69 14.56
N VAL R 299 -64.62 16.70 14.90
CA VAL R 299 -64.97 18.07 14.54
C VAL R 299 -64.70 18.32 13.05
N VAL R 300 -63.80 17.54 12.45
CA VAL R 300 -63.57 17.65 11.02
C VAL R 300 -64.72 17.01 10.26
N ASN R 301 -65.41 16.08 10.93
CA ASN R 301 -66.54 15.40 10.30
C ASN R 301 -67.78 16.28 10.30
N ALA R 302 -67.80 17.32 11.14
CA ALA R 302 -68.95 18.21 11.31
C ALA R 302 -69.20 19.10 10.11
N VAL R 303 -70.41 19.69 10.04
CA VAL R 303 -70.80 20.64 9.01
C VAL R 303 -71.63 21.74 9.67
N ILE R 304 -71.33 23.00 9.35
CA ILE R 304 -72.13 24.13 9.77
C ILE R 304 -73.22 24.36 8.73
N ASP R 305 -74.48 24.22 9.15
CA ASP R 305 -75.63 24.62 8.34
C ASP R 305 -76.05 26.03 8.77
N ASP R 306 -75.99 26.98 7.83
CA ASP R 306 -76.35 28.36 8.11
C ASP R 306 -77.85 28.63 7.99
N THR R 307 -78.66 27.58 7.84
CA THR R 307 -80.11 27.77 7.86
C THR R 307 -80.59 28.09 9.26
N THR R 308 -80.32 27.20 10.21
CA THR R 308 -80.63 27.47 11.61
C THR R 308 -79.41 27.81 12.45
N LYS R 309 -78.28 28.11 11.79
CA LYS R 309 -76.98 28.37 12.42
C LYS R 309 -76.56 27.23 13.33
N GLU R 310 -76.52 26.02 12.77
CA GLU R 310 -76.39 24.80 13.54
C GLU R 310 -75.06 24.10 13.21
N VAL R 311 -74.60 23.24 14.10
CA VAL R 311 -73.39 22.46 13.91
C VAL R 311 -73.80 21.00 13.87
N VAL R 312 -73.74 20.39 12.68
CA VAL R 312 -74.29 19.06 12.47
C VAL R 312 -73.14 18.06 12.58
N TYR R 313 -73.08 17.34 13.70
CA TYR R 313 -72.15 16.23 13.82
C TYR R 313 -72.67 15.05 13.04
N ARG R 314 -71.78 14.12 12.71
CA ARG R 314 -72.16 12.87 12.08
C ARG R 314 -71.41 11.74 12.77
N ASP R 315 -71.97 10.54 12.70
CA ASP R 315 -71.34 9.35 13.27
C ASP R 315 -70.95 8.34 12.21
N TYR R 316 -71.21 8.62 10.95
CA TYR R 316 -70.79 7.77 9.84
C TYR R 316 -69.74 8.49 9.00
N ILE R 317 -68.94 7.73 8.29
CA ILE R 317 -67.85 8.26 7.49
C ILE R 317 -68.05 7.81 6.05
N ASP R 318 -68.26 8.77 5.15
CA ASP R 318 -68.44 8.52 3.73
C ASP R 318 -67.44 9.36 2.96
N ILE R 319 -66.37 8.74 2.48
CA ILE R 319 -65.29 9.43 1.79
C ILE R 319 -65.58 9.45 0.31
N SER R 320 -65.63 10.65 -0.28
CA SER R 320 -65.81 10.80 -1.70
C SER R 320 -64.46 10.74 -2.40
N VAL R 321 -64.40 10.02 -3.51
CA VAL R 321 -63.15 9.80 -4.22
C VAL R 321 -63.31 10.35 -5.64
N ALA R 322 -62.54 11.39 -5.96
CA ALA R 322 -62.55 11.97 -7.30
C ALA R 322 -61.68 11.10 -8.20
N VAL R 323 -62.31 10.38 -9.13
CA VAL R 323 -61.58 9.53 -10.07
C VAL R 323 -61.79 10.08 -11.48
N ALA R 324 -60.75 10.75 -11.99
CA ALA R 324 -60.80 11.42 -13.29
C ALA R 324 -60.70 10.37 -14.39
N THR R 325 -61.82 10.15 -15.08
CA THR R 325 -61.87 9.19 -16.19
C THR R 325 -61.62 9.97 -17.48
N PRO R 326 -61.67 9.29 -18.65
CA PRO R 326 -61.52 10.06 -19.90
C PRO R 326 -62.60 11.13 -20.09
N ARG R 327 -63.83 10.83 -19.73
CA ARG R 327 -64.93 11.78 -19.91
C ARG R 327 -64.70 13.07 -19.13
N GLY R 328 -64.22 12.97 -17.89
CA GLY R 328 -64.00 14.15 -17.08
C GLY R 328 -63.91 13.79 -15.61
N LEU R 329 -64.20 14.74 -14.72
CA LEU R 329 -64.19 14.43 -13.30
C LEU R 329 -65.55 13.89 -12.85
N VAL R 330 -65.50 12.85 -12.02
CA VAL R 330 -66.67 12.35 -11.30
C VAL R 330 -66.27 12.10 -9.86
N VAL R 331 -67.22 12.32 -8.96
CA VAL R 331 -66.95 12.20 -7.52
C VAL R 331 -67.90 11.24 -6.82
N PRO R 332 -67.77 9.92 -7.00
CA PRO R 332 -68.67 9.00 -6.29
C PRO R 332 -68.24 8.85 -4.84
N VAL R 333 -69.11 8.20 -4.07
CA VAL R 333 -68.97 8.12 -2.62
C VAL R 333 -68.78 6.66 -2.22
N ILE R 334 -67.80 6.42 -1.36
CA ILE R 334 -67.61 5.13 -0.71
C ILE R 334 -68.32 5.19 0.64
N ARG R 335 -69.25 4.26 0.86
CA ARG R 335 -70.13 4.30 2.01
C ARG R 335 -69.58 3.43 3.14
N ASN R 336 -69.61 3.97 4.36
CA ASN R 336 -69.32 3.26 5.62
C ASN R 336 -67.91 2.67 5.63
N VAL R 337 -66.93 3.57 5.65
CA VAL R 337 -65.54 3.19 5.52
C VAL R 337 -64.96 2.65 6.83
N GLU R 338 -65.70 2.75 7.94
CA GLU R 338 -65.18 2.40 9.25
C GLU R 338 -64.88 0.92 9.43
N THR R 339 -65.61 0.05 8.75
CA THR R 339 -65.49 -1.39 8.97
C THR R 339 -64.65 -2.11 7.92
N MET R 340 -64.16 -1.40 6.91
CA MET R 340 -63.53 -2.05 5.78
C MET R 340 -62.04 -2.29 6.03
N ASN R 341 -61.43 -3.01 5.11
CA ASN R 341 -59.99 -3.19 5.04
C ASN R 341 -59.54 -2.79 3.63
N TYR R 342 -58.28 -3.09 3.30
CA TYR R 342 -57.79 -2.75 1.97
C TYR R 342 -58.48 -3.57 0.88
N ALA R 343 -58.94 -4.78 1.22
CA ALA R 343 -59.59 -5.61 0.21
C ALA R 343 -60.99 -5.12 -0.11
N ASP R 344 -61.68 -4.54 0.86
CA ASP R 344 -63.04 -4.08 0.64
C ASP R 344 -63.06 -2.76 -0.14
N ILE R 345 -62.11 -1.88 0.14
CA ILE R 345 -61.98 -0.60 -0.52
C ILE R 345 -61.62 -0.80 -1.99
N GLU R 346 -60.75 -1.78 -2.26
CA GLU R 346 -60.31 -2.02 -3.63
C GLU R 346 -61.43 -2.60 -4.49
N ARG R 347 -62.34 -3.37 -3.89
CA ARG R 347 -63.50 -3.82 -4.65
C ARG R 347 -64.42 -2.66 -4.99
N THR R 348 -64.60 -1.74 -4.04
CA THR R 348 -65.56 -0.66 -4.22
C THR R 348 -65.10 0.32 -5.29
N ILE R 349 -63.79 0.60 -5.34
CA ILE R 349 -63.29 1.55 -6.32
C ILE R 349 -63.27 0.95 -7.72
N SER R 350 -62.97 -0.35 -7.81
CA SER R 350 -62.74 -0.96 -9.13
C SER R 350 -64.04 -1.13 -9.89
N GLU R 351 -65.08 -1.66 -9.25
CA GLU R 351 -66.32 -1.90 -9.98
C GLU R 351 -67.10 -0.63 -10.21
N LEU R 352 -66.98 0.34 -9.30
CA LEU R 352 -67.63 1.63 -9.51
C LEU R 352 -66.83 2.49 -10.48
N GLY R 353 -65.54 2.21 -10.63
CA GLY R 353 -64.78 2.85 -11.68
C GLY R 353 -65.23 2.42 -13.06
N GLU R 354 -65.70 1.17 -13.18
CA GLU R 354 -66.19 0.68 -14.46
C GLU R 354 -67.58 1.23 -14.77
N LYS R 355 -68.34 1.59 -13.73
CA LYS R 355 -69.69 2.11 -13.96
C LYS R 355 -69.64 3.51 -14.58
N ALA R 356 -68.83 4.39 -13.99
CA ALA R 356 -68.74 5.76 -14.50
C ALA R 356 -67.98 5.84 -15.81
N ARG R 357 -67.22 4.79 -16.14
CA ARG R 357 -66.46 4.79 -17.39
C ARG R 357 -67.38 4.60 -18.59
N LYS R 358 -68.36 3.71 -18.48
CA LYS R 358 -69.32 3.48 -19.54
C LYS R 358 -70.62 4.24 -19.32
N ASN R 359 -70.63 5.17 -18.36
CA ASN R 359 -71.73 6.11 -18.10
C ASN R 359 -73.03 5.39 -17.71
N GLU R 360 -72.97 4.65 -16.60
CA GLU R 360 -74.16 4.13 -15.94
C GLU R 360 -74.20 4.58 -14.49
N LEU R 361 -73.50 5.67 -14.19
CA LEU R 361 -73.27 6.07 -12.81
C LEU R 361 -74.44 6.93 -12.35
N ALA R 362 -75.14 6.48 -11.31
CA ALA R 362 -76.37 7.12 -10.90
C ALA R 362 -76.11 8.43 -10.17
N ILE R 363 -77.18 9.19 -9.95
CA ILE R 363 -77.08 10.47 -9.25
C ILE R 363 -77.15 10.25 -7.74
N GLU R 364 -77.89 9.22 -7.31
CA GLU R 364 -78.23 9.05 -5.90
C GLU R 364 -77.02 8.66 -5.07
N ASP R 365 -75.99 8.10 -5.70
CA ASP R 365 -74.74 7.76 -5.02
C ASP R 365 -73.61 8.72 -5.36
N MET R 366 -73.90 10.02 -5.49
CA MET R 366 -72.87 11.03 -5.68
C MET R 366 -72.93 12.12 -4.63
N ASP R 367 -73.84 12.01 -3.68
CA ASP R 367 -74.04 13.06 -2.68
C ASP R 367 -74.04 12.46 -1.28
N GLY R 368 -73.82 13.33 -0.30
CA GLY R 368 -73.78 12.94 1.09
C GLY R 368 -72.40 12.61 1.62
N GLY R 369 -71.36 12.89 0.86
CA GLY R 369 -70.01 12.64 1.35
C GLY R 369 -69.64 13.59 2.47
N THR R 370 -68.70 13.14 3.32
CA THR R 370 -68.28 13.90 4.47
C THR R 370 -66.81 14.33 4.39
N PHE R 371 -66.06 13.78 3.44
CA PHE R 371 -64.65 14.05 3.28
C PHE R 371 -64.27 13.64 1.87
N THR R 372 -63.21 14.24 1.33
CA THR R 372 -62.93 14.08 -0.09
C THR R 372 -61.44 13.92 -0.32
N ILE R 373 -61.04 12.87 -1.02
CA ILE R 373 -59.69 12.70 -1.51
C ILE R 373 -59.67 13.19 -2.95
N SER R 374 -58.60 13.91 -3.33
CA SER R 374 -58.47 14.45 -4.68
C SER R 374 -57.12 14.03 -5.25
N ASN R 375 -57.13 13.03 -6.11
CA ASN R 375 -55.92 12.59 -6.79
C ASN R 375 -55.72 13.47 -8.01
N GLY R 376 -54.94 14.54 -7.84
CA GLY R 376 -54.46 15.30 -8.96
C GLY R 376 -53.00 14.99 -9.21
N GLY R 377 -52.56 13.84 -8.69
CA GLY R 377 -51.16 13.47 -8.74
C GLY R 377 -50.83 12.47 -9.83
N VAL R 378 -51.80 12.13 -10.67
CA VAL R 378 -51.57 11.22 -11.78
C VAL R 378 -51.10 12.00 -13.00
N PHE R 379 -50.95 13.31 -12.85
CA PHE R 379 -50.44 14.16 -13.91
C PHE R 379 -49.10 14.80 -13.60
N GLY R 380 -48.70 14.86 -12.34
CA GLY R 380 -47.38 15.32 -12.01
C GLY R 380 -47.27 16.72 -11.45
N SER R 381 -48.29 17.15 -10.70
CA SER R 381 -48.16 18.42 -10.00
C SER R 381 -47.33 18.24 -8.74
N LEU R 382 -46.56 19.27 -8.40
CA LEU R 382 -45.73 19.17 -7.20
C LEU R 382 -46.58 19.32 -5.94
N PHE R 383 -47.22 20.48 -5.79
CA PHE R 383 -48.24 20.70 -4.77
C PHE R 383 -49.16 21.82 -5.22
N GLY R 384 -50.29 21.96 -4.55
CA GLY R 384 -51.28 22.95 -4.96
C GLY R 384 -52.41 23.01 -3.98
N THR R 385 -53.35 23.92 -4.25
CA THR R 385 -54.47 24.18 -3.35
C THR R 385 -55.75 23.62 -3.93
N PRO R 386 -56.44 22.70 -3.25
CA PRO R 386 -57.73 22.20 -3.75
C PRO R 386 -58.89 23.09 -3.31
N ILE R 387 -60.10 22.68 -3.71
CA ILE R 387 -61.33 23.44 -3.47
C ILE R 387 -62.33 22.54 -2.76
N ILE R 388 -63.03 23.10 -1.76
CA ILE R 388 -63.90 22.29 -0.92
C ILE R 388 -65.21 21.98 -1.64
N ASN R 389 -65.55 20.69 -1.69
CA ASN R 389 -66.89 20.24 -2.06
C ASN R 389 -67.90 20.80 -1.04
N PRO R 390 -68.82 21.65 -1.47
CA PRO R 390 -69.51 22.59 -0.54
C PRO R 390 -70.38 21.98 0.54
N PRO R 391 -70.91 20.75 0.45
CA PRO R 391 -71.54 20.19 1.67
C PRO R 391 -70.57 19.58 2.68
N GLN R 392 -69.27 19.84 2.59
CA GLN R 392 -68.27 19.24 3.46
C GLN R 392 -67.48 20.34 4.16
N SER R 393 -66.50 19.94 4.97
CA SER R 393 -65.75 20.93 5.72
C SER R 393 -64.26 20.84 5.45
N ALA R 394 -63.80 19.73 4.86
CA ALA R 394 -62.37 19.57 4.59
C ALA R 394 -62.19 18.77 3.31
N ILE R 395 -60.97 18.82 2.75
CA ILE R 395 -60.58 18.05 1.58
C ILE R 395 -59.09 17.79 1.62
N LEU R 396 -58.69 16.56 1.28
CA LEU R 396 -57.29 16.17 1.21
C LEU R 396 -56.85 16.11 -0.25
N GLY R 397 -55.71 16.70 -0.55
CA GLY R 397 -55.18 16.65 -1.90
C GLY R 397 -53.83 15.97 -1.98
N MET R 398 -53.79 14.80 -2.58
CA MET R 398 -52.54 14.08 -2.78
C MET R 398 -51.93 14.47 -4.13
N HIS R 399 -50.62 14.25 -4.25
CA HIS R 399 -49.87 14.76 -5.40
C HIS R 399 -48.88 13.73 -5.92
N ALA R 400 -47.95 14.15 -6.76
CA ALA R 400 -47.05 13.26 -7.45
C ALA R 400 -45.93 12.80 -6.53
N ILE R 401 -45.38 11.62 -6.83
CA ILE R 401 -44.30 11.02 -6.07
C ILE R 401 -43.00 11.25 -6.82
N VAL R 402 -42.05 11.93 -6.17
CA VAL R 402 -40.75 12.22 -6.74
C VAL R 402 -39.68 11.71 -5.79
N ASP R 403 -38.51 11.44 -6.35
CA ASP R 403 -37.35 11.06 -5.55
C ASP R 403 -36.55 12.31 -5.24
N ARG R 404 -36.43 12.63 -3.97
CA ARG R 404 -35.72 13.82 -3.51
C ARG R 404 -34.75 13.43 -2.42
N PRO R 405 -33.64 14.14 -2.29
CA PRO R 405 -32.70 13.85 -1.20
C PRO R 405 -33.27 14.20 0.16
N VAL R 406 -33.07 13.30 1.11
CA VAL R 406 -33.71 13.33 2.42
C VAL R 406 -32.64 13.17 3.49
N ALA R 407 -32.67 14.00 4.52
CA ALA R 407 -31.75 13.86 5.64
C ALA R 407 -32.37 12.93 6.67
N VAL R 408 -31.93 11.67 6.66
CA VAL R 408 -32.42 10.67 7.60
C VAL R 408 -31.24 10.09 8.39
N GLY R 409 -31.33 10.17 9.72
CA GLY R 409 -30.28 9.68 10.59
C GLY R 409 -28.98 10.44 10.50
N GLY R 410 -29.01 11.69 10.04
CA GLY R 410 -27.79 12.44 9.84
C GLY R 410 -27.08 12.16 8.54
N LYS R 411 -27.69 11.40 7.63
CA LYS R 411 -27.12 11.11 6.33
C LYS R 411 -28.12 11.47 5.25
N VAL R 412 -27.63 11.64 4.03
CA VAL R 412 -28.42 12.14 2.92
C VAL R 412 -28.75 10.97 2.02
N GLU R 413 -29.96 10.44 2.16
CA GLU R 413 -30.46 9.37 1.30
C GLU R 413 -31.42 9.94 0.27
N ILE R 414 -31.89 9.08 -0.63
CA ILE R 414 -32.87 9.44 -1.65
C ILE R 414 -34.09 8.56 -1.44
N ARG R 415 -35.23 9.18 -1.16
CA ARG R 415 -36.44 8.44 -0.86
C ARG R 415 -37.64 9.07 -1.55
N PRO R 416 -38.59 8.26 -2.03
CA PRO R 416 -39.77 8.79 -2.73
C PRO R 416 -40.75 9.46 -1.77
N MET R 417 -40.97 10.76 -1.94
CA MET R 417 -41.81 11.50 -1.03
C MET R 417 -42.89 12.27 -1.77
N MET R 418 -44.01 12.50 -1.08
CA MET R 418 -45.19 13.14 -1.61
C MET R 418 -45.55 14.36 -0.76
N TYR R 419 -45.90 15.47 -1.40
CA TYR R 419 -46.51 16.59 -0.70
C TYR R 419 -48.02 16.39 -0.65
N VAL R 420 -48.61 16.69 0.50
CA VAL R 420 -50.06 16.63 0.65
C VAL R 420 -50.56 17.98 1.14
N ALA R 421 -51.84 18.22 0.91
CA ALA R 421 -52.48 19.48 1.27
C ALA R 421 -53.83 19.20 1.91
N LEU R 422 -54.25 20.12 2.77
CA LEU R 422 -55.53 20.00 3.45
C LEU R 422 -56.19 21.36 3.49
N THR R 423 -57.29 21.52 2.76
CA THR R 423 -58.05 22.76 2.75
C THR R 423 -59.22 22.64 3.71
N TYR R 424 -59.28 23.52 4.69
CA TYR R 424 -60.24 23.37 5.78
C TYR R 424 -61.01 24.67 5.99
N ASP R 425 -62.15 24.53 6.64
CA ASP R 425 -63.02 25.65 6.98
C ASP R 425 -62.56 26.23 8.31
N HIS R 426 -62.19 27.51 8.31
CA HIS R 426 -61.65 28.09 9.54
C HIS R 426 -62.75 28.61 10.44
N ARG R 427 -64.00 28.64 9.95
CA ARG R 427 -65.13 28.97 10.82
C ARG R 427 -65.35 27.88 11.87
N LEU R 428 -65.09 26.64 11.50
CA LEU R 428 -65.39 25.48 12.34
C LEU R 428 -64.16 24.82 12.91
N ILE R 429 -63.17 24.55 12.07
CA ILE R 429 -61.98 23.82 12.47
C ILE R 429 -60.92 24.82 12.92
N ASP R 430 -60.28 24.53 14.05
CA ASP R 430 -59.26 25.41 14.61
C ASP R 430 -57.99 25.31 13.78
N GLY R 431 -57.07 26.24 13.96
CA GLY R 431 -55.83 26.23 13.21
C GLY R 431 -54.89 25.14 13.66
N ARG R 432 -54.98 24.76 14.94
CA ARG R 432 -54.15 23.68 15.46
C ARG R 432 -54.78 22.31 15.26
N GLU R 433 -56.09 22.26 15.00
CA GLU R 433 -56.73 20.96 14.80
C GLU R 433 -56.51 20.46 13.39
N ALA R 434 -56.30 21.38 12.44
CA ALA R 434 -56.02 20.97 11.08
C ALA R 434 -54.60 20.44 10.95
N VAL R 435 -53.68 20.97 11.76
CA VAL R 435 -52.30 20.49 11.71
C VAL R 435 -52.20 19.11 12.32
N THR R 436 -52.92 18.88 13.43
CA THR R 436 -52.91 17.58 14.10
C THR R 436 -53.60 16.53 13.26
N PHE R 437 -54.60 16.94 12.47
CA PHE R 437 -55.31 16.01 11.60
C PHE R 437 -54.41 15.49 10.48
N LEU R 438 -53.71 16.39 9.80
CA LEU R 438 -52.84 15.99 8.70
C LEU R 438 -51.59 15.29 9.19
N ARG R 439 -51.19 15.54 10.44
CA ARG R 439 -50.06 14.84 11.02
C ARG R 439 -50.45 13.40 11.36
N LYS R 440 -51.74 13.15 11.56
CA LYS R 440 -52.20 11.81 11.90
C LYS R 440 -52.35 10.94 10.66
N ILE R 441 -52.70 11.56 9.52
CA ILE R 441 -52.73 10.85 8.25
C ILE R 441 -51.32 10.43 7.85
N LYS R 442 -50.33 11.26 8.15
CA LYS R 442 -48.95 10.95 7.82
C LYS R 442 -48.43 9.74 8.61
N ALA R 443 -48.86 9.60 9.86
CA ALA R 443 -48.36 8.49 10.69
C ALA R 443 -48.93 7.16 10.24
N ALA R 444 -50.10 7.16 9.62
CA ALA R 444 -50.74 5.94 9.16
C ALA R 444 -50.41 5.61 7.71
N VAL R 445 -49.54 6.40 7.07
CA VAL R 445 -49.00 6.04 5.77
C VAL R 445 -47.48 5.83 5.82
N GLU R 446 -46.78 6.53 6.70
CA GLU R 446 -45.37 6.21 6.94
C GLU R 446 -45.20 4.91 7.68
N ASP R 447 -46.21 4.45 8.40
CA ASP R 447 -46.19 3.19 9.12
C ASP R 447 -47.62 2.69 9.23
N PRO R 448 -48.06 1.81 8.33
CA PRO R 448 -49.46 1.39 8.33
C PRO R 448 -49.83 0.39 9.40
N ARG R 449 -48.94 0.06 10.33
CA ARG R 449 -49.27 -0.82 11.44
C ARG R 449 -49.91 -0.08 12.60
N VAL R 450 -50.03 1.24 12.52
CA VAL R 450 -50.69 2.01 13.56
C VAL R 450 -52.19 1.78 13.52
N LEU R 451 -52.72 1.36 12.36
CA LEU R 451 -54.14 1.06 12.22
C LEU R 451 -54.56 -0.15 13.06
N LEU R 452 -53.62 -1.02 13.41
CA LEU R 452 -53.88 -2.12 14.34
C LEU R 452 -53.70 -1.70 15.78
N LEU R 453 -52.85 -0.71 16.04
CA LEU R 453 -52.60 -0.18 17.37
C LEU R 453 -53.55 1.00 17.60
N ASP R 454 -53.30 1.87 18.58
CA ASP R 454 -53.93 3.19 18.79
C ASP R 454 -54.41 3.96 17.56
N LEU S 221 13.71 16.63 72.70
CA LEU S 221 13.15 16.20 73.98
C LEU S 221 13.08 14.67 73.99
N ARG S 222 13.61 14.07 75.04
CA ARG S 222 13.73 12.61 75.16
C ARG S 222 12.85 12.16 76.31
N ALA S 223 11.63 11.73 75.98
CA ALA S 223 10.67 11.26 76.97
C ALA S 223 10.32 9.80 76.69
N GLU S 224 10.30 8.99 77.73
CA GLU S 224 9.84 7.62 77.66
C GLU S 224 9.08 7.29 78.93
N HIS S 225 8.02 6.48 78.80
CA HIS S 225 7.19 6.18 79.94
C HIS S 225 6.80 4.71 79.92
N ARG S 226 6.84 4.09 81.09
CA ARG S 226 6.62 2.65 81.22
C ARG S 226 5.14 2.40 81.48
N GLU S 227 4.42 1.88 80.49
CA GLU S 227 3.08 1.36 80.70
C GLU S 227 3.15 -0.16 80.76
N LYS S 228 2.40 -0.74 81.69
CA LYS S 228 2.49 -2.17 81.96
C LYS S 228 1.60 -2.96 81.03
N MET S 229 1.86 -4.26 80.95
CA MET S 229 1.04 -5.20 80.20
C MET S 229 0.33 -6.14 81.17
N ASN S 230 -0.94 -6.41 80.89
CA ASN S 230 -1.76 -7.16 81.82
C ASN S 230 -1.44 -8.65 81.77
N ARG S 231 -2.12 -9.40 82.64
CA ARG S 231 -1.80 -10.82 82.83
C ARG S 231 -2.32 -11.67 81.67
N MET S 232 -3.25 -11.12 80.90
CA MET S 232 -3.72 -11.82 79.70
C MET S 232 -2.65 -11.77 78.62
N ARG S 233 -2.01 -10.62 78.45
CA ARG S 233 -0.95 -10.47 77.46
C ARG S 233 0.31 -11.23 77.90
N GLN S 234 0.44 -11.47 79.21
CA GLN S 234 1.50 -12.34 79.72
C GLN S 234 1.42 -13.76 79.15
N ARG S 235 0.20 -14.31 79.08
CA ARG S 235 0.07 -15.71 78.67
C ARG S 235 0.15 -15.83 77.15
N ILE S 236 -0.31 -14.81 76.41
CA ILE S 236 -0.27 -14.84 74.95
C ILE S 236 1.18 -14.85 74.46
N ALA S 237 2.01 -14.00 75.06
CA ALA S 237 3.44 -14.03 74.76
C ALA S 237 4.11 -15.29 75.28
N GLN S 238 3.52 -15.93 76.29
CA GLN S 238 4.09 -17.16 76.81
C GLN S 238 3.79 -18.34 75.89
N ARG S 239 2.55 -18.43 75.41
CA ARG S 239 2.18 -19.51 74.49
C ARG S 239 2.89 -19.36 73.15
N LEU S 240 3.24 -18.14 72.79
CA LEU S 240 3.85 -17.89 71.48
C LEU S 240 5.27 -18.42 71.43
N LYS S 241 6.03 -18.26 72.53
CA LYS S 241 7.39 -18.76 72.58
C LYS S 241 7.43 -20.28 72.79
N GLU S 242 6.37 -20.86 73.36
CA GLU S 242 6.31 -22.31 73.47
C GLU S 242 6.07 -22.98 72.13
N ALA S 243 5.44 -22.25 71.20
CA ALA S 243 5.21 -22.82 69.88
C ALA S 243 6.50 -22.89 69.06
N GLN S 244 7.47 -22.01 69.35
CA GLN S 244 8.73 -22.08 68.63
C GLN S 244 9.68 -23.07 69.27
N ASN S 245 9.65 -23.20 70.60
CA ASN S 245 10.57 -24.08 71.29
C ASN S 245 10.13 -25.53 71.27
N THR S 246 8.94 -25.84 70.76
CA THR S 246 8.47 -27.21 70.69
C THR S 246 8.77 -27.84 69.33
N CYS S 247 8.31 -27.20 68.26
CA CYS S 247 8.34 -27.79 66.93
C CYS S 247 9.31 -27.03 66.02
N ALA S 248 9.93 -27.77 65.11
CA ALA S 248 10.92 -27.22 64.18
C ALA S 248 10.19 -26.74 62.94
N MET S 249 9.93 -25.43 62.89
CA MET S 249 9.11 -24.86 61.82
C MET S 249 9.97 -24.51 60.60
N LEU S 250 9.47 -24.87 59.42
CA LEU S 250 10.04 -24.44 58.16
C LEU S 250 8.92 -23.86 57.33
N THR S 251 9.24 -23.29 56.17
CA THR S 251 8.24 -22.62 55.35
C THR S 251 8.53 -22.91 53.89
N THR S 252 7.46 -23.13 53.11
CA THR S 252 7.59 -23.36 51.67
C THR S 252 6.53 -22.52 50.96
N PHE S 253 6.83 -22.08 49.75
CA PHE S 253 6.01 -21.13 49.01
C PHE S 253 5.62 -21.71 47.66
N ASN S 254 4.60 -21.12 47.05
CA ASN S 254 4.14 -21.49 45.71
C ASN S 254 3.35 -20.30 45.18
N GLU S 255 2.59 -20.49 44.11
CA GLU S 255 1.93 -19.38 43.45
C GLU S 255 0.70 -19.87 42.70
N ILE S 256 -0.45 -19.24 42.98
CA ILE S 256 -1.73 -19.68 42.47
C ILE S 256 -2.26 -18.64 41.50
N ASP S 257 -2.79 -19.10 40.36
CA ASP S 257 -3.43 -18.24 39.37
C ASP S 257 -4.93 -18.19 39.66
N MET S 258 -5.43 -17.00 39.96
CA MET S 258 -6.79 -16.81 40.47
C MET S 258 -7.77 -16.42 39.37
N SER S 259 -7.63 -16.95 38.16
CA SER S 259 -8.49 -16.52 37.07
C SER S 259 -9.82 -17.29 37.05
N ASN S 260 -9.77 -18.59 37.37
CA ASN S 260 -11.00 -19.38 37.31
C ASN S 260 -11.90 -19.14 38.51
N ILE S 261 -11.37 -18.50 39.56
CA ILE S 261 -12.20 -18.20 40.70
C ILE S 261 -12.95 -16.89 40.49
N GLN S 262 -12.30 -15.93 39.81
CA GLN S 262 -12.93 -14.62 39.67
C GLN S 262 -14.06 -14.62 38.66
N ASP S 263 -13.96 -15.42 37.59
CA ASP S 263 -15.07 -15.46 36.64
C ASP S 263 -16.19 -16.37 37.15
N MET S 264 -15.87 -17.27 38.09
CA MET S 264 -16.92 -17.96 38.81
C MET S 264 -17.68 -16.97 39.69
N ARG S 265 -16.97 -16.02 40.29
CA ARG S 265 -17.62 -14.97 41.06
C ARG S 265 -18.17 -13.88 40.17
N ALA S 266 -17.83 -13.83 38.89
CA ALA S 266 -18.32 -12.77 38.05
C ALA S 266 -19.72 -13.04 37.51
N ARG S 267 -20.06 -14.29 37.25
CA ARG S 267 -21.34 -14.62 36.63
C ARG S 267 -22.31 -15.26 37.62
N HIS S 268 -21.82 -15.89 38.68
CA HIS S 268 -22.74 -16.54 39.60
C HIS S 268 -22.97 -15.76 40.87
N LYS S 269 -22.48 -14.53 41.00
CA LYS S 269 -22.67 -13.81 42.26
C LYS S 269 -24.08 -13.27 42.40
N GLU S 270 -24.82 -13.16 41.30
CA GLU S 270 -26.16 -12.60 41.37
C GLU S 270 -27.20 -13.66 41.69
N ALA S 271 -27.07 -14.85 41.10
CA ALA S 271 -27.95 -15.95 41.44
C ALA S 271 -27.62 -16.55 42.80
N PHE S 272 -26.43 -16.29 43.33
CA PHE S 272 -26.09 -16.76 44.66
C PHE S 272 -26.74 -15.89 45.73
N LEU S 273 -26.82 -14.59 45.49
CA LEU S 273 -27.40 -13.67 46.46
C LEU S 273 -28.91 -13.79 46.49
N LYS S 274 -29.53 -14.02 45.34
CA LYS S 274 -30.98 -14.16 45.30
C LYS S 274 -31.44 -15.45 45.97
N LYS S 275 -30.65 -16.51 45.85
CA LYS S 275 -31.11 -17.81 46.30
C LYS S 275 -30.66 -18.14 47.72
N HIS S 276 -29.55 -17.55 48.19
CA HIS S 276 -29.04 -17.86 49.52
C HIS S 276 -28.96 -16.67 50.46
N ASN S 277 -29.04 -15.44 49.95
CA ASN S 277 -28.82 -14.19 50.70
C ASN S 277 -27.45 -14.22 51.39
N LEU S 278 -26.41 -14.43 50.59
CA LEU S 278 -25.03 -14.44 51.07
C LEU S 278 -24.15 -13.81 50.00
N LYS S 279 -22.93 -13.49 50.40
CA LYS S 279 -21.93 -12.96 49.47
C LYS S 279 -20.96 -14.05 49.07
N LEU S 280 -20.55 -14.04 47.81
CA LEU S 280 -19.64 -15.05 47.27
C LEU S 280 -18.22 -14.51 47.30
N GLY S 281 -17.38 -15.08 48.16
CA GLY S 281 -16.04 -14.61 48.37
C GLY S 281 -14.97 -15.61 47.98
N PHE S 282 -13.71 -15.19 48.22
CA PHE S 282 -12.57 -16.04 47.92
C PHE S 282 -12.35 -17.09 48.99
N MET S 283 -12.75 -16.80 50.22
CA MET S 283 -12.42 -17.61 51.40
C MET S 283 -12.97 -19.02 51.33
N SER S 284 -14.19 -19.20 50.81
CA SER S 284 -14.78 -20.53 50.75
C SER S 284 -14.13 -21.44 49.72
N ALA S 285 -13.38 -20.89 48.78
CA ALA S 285 -12.66 -21.72 47.83
C ALA S 285 -11.38 -22.29 48.44
N PHE S 286 -10.82 -21.60 49.42
CA PHE S 286 -9.60 -22.08 50.07
C PHE S 286 -9.91 -23.04 51.20
N VAL S 287 -11.07 -22.92 51.82
CA VAL S 287 -11.45 -23.83 52.90
C VAL S 287 -11.84 -25.19 52.34
N LYS S 288 -12.59 -25.21 51.23
CA LYS S 288 -12.99 -26.45 50.63
C LYS S 288 -11.82 -27.17 49.95
N ALA S 289 -10.87 -26.44 49.39
CA ALA S 289 -9.69 -27.06 48.82
C ALA S 289 -8.73 -27.55 49.88
N SER S 290 -8.81 -27.00 51.10
CA SER S 290 -7.94 -27.46 52.18
C SER S 290 -8.43 -28.77 52.78
N ALA S 291 -9.76 -28.95 52.84
CA ALA S 291 -10.29 -30.22 53.32
C ALA S 291 -10.08 -31.33 52.31
N PHE S 292 -9.94 -30.97 51.04
CA PHE S 292 -9.66 -31.96 50.02
C PHE S 292 -8.23 -32.48 50.14
N ALA S 293 -7.28 -31.60 50.44
CA ALA S 293 -5.88 -32.02 50.50
C ALA S 293 -5.58 -32.77 51.79
N LEU S 294 -6.30 -32.46 52.87
CA LEU S 294 -6.02 -33.08 54.16
C LEU S 294 -6.53 -34.50 54.21
N GLN S 295 -7.61 -34.81 53.50
CA GLN S 295 -8.16 -36.16 53.55
C GLN S 295 -7.39 -37.09 52.61
N GLU S 296 -6.48 -36.55 51.82
CA GLU S 296 -5.65 -37.39 50.97
C GLU S 296 -4.34 -37.75 51.66
N GLN S 297 -3.72 -36.78 52.34
CA GLN S 297 -2.54 -37.04 53.15
C GLN S 297 -2.89 -36.85 54.62
N PRO S 298 -3.17 -37.92 55.36
CA PRO S 298 -3.53 -37.77 56.77
C PRO S 298 -2.39 -37.43 57.71
N VAL S 299 -1.15 -37.39 57.22
CA VAL S 299 -0.02 -37.14 58.12
C VAL S 299 0.06 -35.65 58.48
N VAL S 300 -0.51 -34.79 57.64
CA VAL S 300 -0.58 -33.36 57.96
C VAL S 300 -1.65 -33.13 59.01
N ASN S 301 -2.62 -34.04 59.08
CA ASN S 301 -3.70 -33.92 60.05
C ASN S 301 -3.23 -34.35 61.44
N ALA S 302 -2.13 -35.09 61.52
CA ALA S 302 -1.62 -35.64 62.76
C ALA S 302 -1.03 -34.59 63.70
N VAL S 303 -0.86 -34.96 64.98
CA VAL S 303 -0.25 -34.12 66.01
C VAL S 303 0.63 -35.00 66.88
N ILE S 304 1.86 -34.54 67.14
CA ILE S 304 2.76 -35.19 68.09
C ILE S 304 2.48 -34.63 69.47
N ASP S 305 2.04 -35.49 70.39
CA ASP S 305 1.95 -35.16 71.81
C ASP S 305 3.20 -35.66 72.50
N ASP S 306 3.97 -34.74 73.09
CA ASP S 306 5.20 -35.08 73.78
C ASP S 306 4.98 -35.52 75.22
N THR S 307 3.73 -35.73 75.64
CA THR S 307 3.48 -36.28 76.96
C THR S 307 3.87 -37.76 77.02
N THR S 308 3.27 -38.56 76.14
CA THR S 308 3.66 -39.97 76.03
C THR S 308 4.49 -40.25 74.79
N LYS S 309 5.00 -39.20 74.12
CA LYS S 309 5.73 -39.29 72.86
C LYS S 309 4.93 -40.02 71.79
N GLU S 310 3.72 -39.54 71.53
CA GLU S 310 2.74 -40.25 70.74
C GLU S 310 2.42 -39.46 69.47
N VAL S 311 1.90 -40.16 68.46
CA VAL S 311 1.50 -39.55 67.20
C VAL S 311 -0.01 -39.73 67.09
N VAL S 312 -0.76 -38.64 67.23
CA VAL S 312 -2.21 -38.70 67.34
C VAL S 312 -2.79 -38.42 65.96
N TYR S 313 -3.26 -39.46 65.28
CA TYR S 313 -4.01 -39.27 64.04
C TYR S 313 -5.42 -38.79 64.37
N ARG S 314 -6.06 -38.18 63.38
CA ARG S 314 -7.46 -37.80 63.51
C ARG S 314 -8.18 -38.19 62.23
N ASP S 315 -9.49 -38.40 62.35
CA ASP S 315 -10.32 -38.73 61.20
C ASP S 315 -11.33 -37.65 60.87
N TYR S 316 -11.36 -36.56 61.63
CA TYR S 316 -12.21 -35.42 61.36
C TYR S 316 -11.36 -34.22 60.98
N ILE S 317 -11.96 -33.28 60.26
CA ILE S 317 -11.26 -32.11 59.75
C ILE S 317 -11.97 -30.87 60.27
N ASP S 318 -11.29 -30.09 61.09
CA ASP S 318 -11.82 -28.84 61.65
C ASP S 318 -10.84 -27.72 61.32
N ILE S 319 -11.19 -26.90 60.34
CA ILE S 319 -10.33 -25.83 59.87
C ILE S 319 -10.64 -24.56 60.63
N SER S 320 -9.63 -24.00 61.29
CA SER S 320 -9.77 -22.73 61.99
C SER S 320 -9.54 -21.58 61.01
N VAL S 321 -10.38 -20.56 61.10
CA VAL S 321 -10.33 -19.43 60.18
C VAL S 321 -10.09 -18.17 60.99
N ALA S 322 -8.95 -17.53 60.78
CA ALA S 322 -8.62 -16.28 61.43
C ALA S 322 -9.33 -15.14 60.70
N VAL S 323 -10.34 -14.56 61.33
CA VAL S 323 -11.08 -13.45 60.72
C VAL S 323 -10.85 -12.20 61.58
N ALA S 324 -9.99 -11.31 61.06
CA ALA S 324 -9.60 -10.09 61.78
C ALA S 324 -10.74 -9.08 61.71
N THR S 325 -11.39 -8.88 62.85
CA THR S 325 -12.48 -7.92 62.95
C THR S 325 -11.89 -6.59 63.45
N PRO S 326 -12.74 -5.56 63.66
CA PRO S 326 -12.18 -4.33 64.21
C PRO S 326 -11.53 -4.50 65.58
N ARG S 327 -12.11 -5.31 66.44
CA ARG S 327 -11.58 -5.52 67.79
C ARG S 327 -10.16 -6.10 67.76
N GLY S 328 -9.92 -7.07 66.88
CA GLY S 328 -8.61 -7.69 66.81
C GLY S 328 -8.68 -9.04 66.10
N LEU S 329 -7.71 -9.92 66.37
CA LEU S 329 -7.77 -11.24 65.78
C LEU S 329 -8.61 -12.19 66.62
N VAL S 330 -9.44 -12.99 65.95
CA VAL S 330 -10.15 -14.11 66.55
C VAL S 330 -10.02 -15.31 65.62
N VAL S 331 -9.96 -16.50 66.22
CA VAL S 331 -9.76 -17.72 65.44
C VAL S 331 -10.83 -18.78 65.72
N PRO S 332 -12.06 -18.61 65.22
CA PRO S 332 -13.06 -19.64 65.45
C PRO S 332 -12.84 -20.83 64.53
N VAL S 333 -13.59 -21.90 64.81
CA VAL S 333 -13.39 -23.20 64.16
C VAL S 333 -14.64 -23.55 63.36
N ILE S 334 -14.42 -23.98 62.12
CA ILE S 334 -15.47 -24.57 61.30
C ILE S 334 -15.42 -26.08 61.48
N ARG S 335 -16.53 -26.67 61.91
CA ARG S 335 -16.57 -28.08 62.29
C ARG S 335 -17.03 -28.95 61.13
N ASN S 336 -16.33 -30.07 60.92
CA ASN S 336 -16.71 -31.15 60.00
C ASN S 336 -16.84 -30.65 58.56
N VAL S 337 -15.70 -30.26 58.00
CA VAL S 337 -15.66 -29.63 56.69
C VAL S 337 -15.78 -30.64 55.55
N GLU S 338 -15.73 -31.94 55.85
CA GLU S 338 -15.67 -32.98 54.82
C GLU S 338 -16.95 -33.09 54.00
N THR S 339 -18.11 -32.77 54.58
CA THR S 339 -19.38 -32.98 53.92
C THR S 339 -19.98 -31.73 53.30
N MET S 340 -19.34 -30.58 53.46
CA MET S 340 -19.93 -29.32 53.07
C MET S 340 -19.69 -29.01 51.59
N ASN S 341 -20.34 -27.95 51.13
CA ASN S 341 -20.08 -27.34 49.84
C ASN S 341 -19.80 -25.87 50.06
N TYR S 342 -19.77 -25.09 48.97
CA TYR S 342 -19.52 -23.65 49.12
C TYR S 342 -20.67 -22.95 49.81
N ALA S 343 -21.89 -23.48 49.70
CA ALA S 343 -23.03 -22.83 50.33
C ALA S 343 -23.03 -23.04 51.84
N ASP S 344 -22.54 -24.18 52.30
CA ASP S 344 -22.54 -24.47 53.73
C ASP S 344 -21.45 -23.70 54.45
N ILE S 345 -20.29 -23.56 53.81
CA ILE S 345 -19.14 -22.84 54.37
C ILE S 345 -19.47 -21.37 54.49
N GLU S 346 -20.18 -20.82 53.49
CA GLU S 346 -20.51 -19.40 53.50
C GLU S 346 -21.52 -19.05 54.56
N ARG S 347 -22.42 -19.99 54.91
CA ARG S 347 -23.31 -19.74 56.03
C ARG S 347 -22.55 -19.72 57.34
N THR S 348 -21.59 -20.63 57.49
CA THR S 348 -20.89 -20.78 58.75
C THR S 348 -20.00 -19.58 59.05
N ILE S 349 -19.35 -19.03 58.02
CA ILE S 349 -18.47 -17.90 58.23
C ILE S 349 -19.26 -16.62 58.49
N SER S 350 -20.40 -16.46 57.82
CA SER S 350 -21.13 -15.20 57.87
C SER S 350 -21.80 -14.98 59.21
N GLU S 351 -22.51 -15.99 59.73
CA GLU S 351 -23.23 -15.80 60.98
C GLU S 351 -22.29 -15.83 62.17
N LEU S 352 -21.21 -16.59 62.08
CA LEU S 352 -20.21 -16.59 63.15
C LEU S 352 -19.32 -15.35 63.08
N GLY S 353 -19.23 -14.73 61.90
CA GLY S 353 -18.57 -13.44 61.82
C GLY S 353 -19.34 -12.36 62.54
N GLU S 354 -20.67 -12.48 62.57
CA GLU S 354 -21.49 -11.50 63.27
C GLU S 354 -21.44 -11.72 64.78
N LYS S 355 -21.17 -12.95 65.21
CA LYS S 355 -21.11 -13.23 66.64
C LYS S 355 -19.88 -12.58 67.29
N ALA S 356 -18.71 -12.77 66.68
CA ALA S 356 -17.48 -12.22 67.24
C ALA S 356 -17.40 -10.71 67.04
N ARG S 357 -18.21 -10.16 66.13
CA ARG S 357 -18.19 -8.72 65.91
C ARG S 357 -18.84 -7.97 67.06
N LYS S 358 -19.95 -8.47 67.57
CA LYS S 358 -20.63 -7.87 68.70
C LYS S 358 -20.28 -8.53 70.03
N ASN S 359 -19.23 -9.38 70.02
CA ASN S 359 -18.64 -10.00 71.22
C ASN S 359 -19.64 -10.89 71.97
N GLU S 360 -20.14 -11.92 71.30
CA GLU S 360 -20.87 -13.00 71.93
C GLU S 360 -20.22 -14.34 71.62
N LEU S 361 -18.94 -14.32 71.27
CA LEU S 361 -18.27 -15.48 70.73
C LEU S 361 -17.74 -16.31 71.89
N ALA S 362 -18.19 -17.55 71.99
CA ALA S 362 -17.89 -18.38 73.15
C ALA S 362 -16.46 -18.90 73.11
N ILE S 363 -16.03 -19.48 74.23
CA ILE S 363 -14.69 -20.03 74.33
C ILE S 363 -14.66 -21.46 73.81
N GLU S 364 -15.78 -22.18 73.97
CA GLU S 364 -15.81 -23.62 73.72
C GLU S 364 -15.68 -23.95 72.23
N ASP S 365 -16.01 -23.00 71.36
CA ASP S 365 -15.83 -23.17 69.93
C ASP S 365 -14.65 -22.38 69.38
N MET S 366 -13.55 -22.32 70.11
CA MET S 366 -12.31 -21.71 69.62
C MET S 366 -11.14 -22.66 69.66
N ASP S 367 -11.36 -23.90 70.10
CA ASP S 367 -10.27 -24.85 70.29
C ASP S 367 -10.59 -26.17 69.61
N GLY S 368 -9.55 -26.95 69.38
CA GLY S 368 -9.69 -28.23 68.73
C GLY S 368 -9.49 -28.23 67.24
N GLY S 369 -9.04 -27.11 66.67
CA GLY S 369 -8.80 -27.07 65.23
C GLY S 369 -7.62 -27.93 64.84
N THR S 370 -7.61 -28.37 63.58
CA THR S 370 -6.58 -29.25 63.08
C THR S 370 -5.75 -28.60 61.96
N PHE S 371 -6.20 -27.47 61.45
CA PHE S 371 -5.55 -26.77 60.35
C PHE S 371 -6.06 -25.34 60.37
N THR S 372 -5.27 -24.41 59.83
CA THR S 372 -5.57 -23.00 60.01
C THR S 372 -5.30 -22.23 58.73
N ILE S 373 -6.29 -21.48 58.27
CA ILE S 373 -6.13 -20.52 57.20
C ILE S 373 -5.89 -19.15 57.84
N SER S 374 -4.97 -18.38 57.27
CA SER S 374 -4.64 -17.05 57.80
C SER S 374 -4.73 -16.03 56.68
N ASN S 375 -5.82 -15.28 56.64
CA ASN S 375 -5.97 -14.21 55.66
C ASN S 375 -5.28 -12.97 56.21
N GLY S 376 -4.02 -12.80 55.82
CA GLY S 376 -3.34 -11.54 56.04
C GLY S 376 -3.24 -10.77 54.75
N GLY S 377 -4.10 -11.12 53.79
CA GLY S 377 -4.04 -10.56 52.47
C GLY S 377 -5.06 -9.48 52.20
N VAL S 378 -5.81 -9.09 53.23
CA VAL S 378 -6.78 -8.01 53.10
C VAL S 378 -6.11 -6.68 53.37
N PHE S 379 -4.80 -6.70 53.63
CA PHE S 379 -4.03 -5.49 53.84
C PHE S 379 -2.98 -5.24 52.78
N GLY S 380 -2.59 -6.26 52.02
CA GLY S 380 -1.71 -6.04 50.89
C GLY S 380 -0.28 -6.47 51.09
N SER S 381 -0.04 -7.51 51.86
CA SER S 381 1.30 -8.07 51.94
C SER S 381 1.58 -8.92 50.71
N LEU S 382 2.84 -8.91 50.27
CA LEU S 382 3.19 -9.71 49.10
C LEU S 382 3.28 -11.19 49.47
N PHE S 383 4.20 -11.53 50.37
CA PHE S 383 4.27 -12.85 50.98
C PHE S 383 4.99 -12.72 52.32
N GLY S 384 4.89 -13.76 53.13
CA GLY S 384 5.46 -13.71 54.47
C GLY S 384 5.33 -15.06 55.15
N THR S 385 5.85 -15.12 56.37
CA THR S 385 5.92 -16.36 57.12
C THR S 385 4.90 -16.33 58.26
N PRO S 386 3.96 -17.26 58.32
CA PRO S 386 3.02 -17.31 59.45
C PRO S 386 3.59 -18.13 60.62
N ILE S 387 2.78 -18.22 61.68
CA ILE S 387 3.16 -18.88 62.93
C ILE S 387 2.13 -19.96 63.26
N ILE S 388 2.61 -21.12 63.71
CA ILE S 388 1.72 -22.26 63.92
C ILE S 388 0.92 -22.10 65.21
N ASN S 389 -0.40 -22.24 65.10
CA ASN S 389 -1.27 -22.42 66.23
C ASN S 389 -0.89 -23.72 66.95
N PRO S 390 -0.43 -23.63 68.20
CA PRO S 390 0.40 -24.72 68.81
C PRO S 390 -0.26 -26.07 69.00
N PRO S 391 -1.58 -26.24 69.08
CA PRO S 391 -2.10 -27.63 69.01
C PRO S 391 -2.22 -28.21 67.62
N GLN S 392 -1.59 -27.64 66.60
CA GLN S 392 -1.72 -28.09 65.22
C GLN S 392 -0.33 -28.39 64.65
N SER S 393 -0.29 -28.80 63.39
CA SER S 393 0.99 -29.17 62.80
C SER S 393 1.30 -28.35 61.55
N ALA S 394 0.30 -27.67 60.98
CA ALA S 394 0.53 -26.88 59.78
C ALA S 394 -0.38 -25.67 59.77
N ILE S 395 -0.05 -24.70 58.91
CA ILE S 395 -0.86 -23.50 58.72
C ILE S 395 -0.65 -22.97 57.31
N LEU S 396 -1.74 -22.56 56.66
CA LEU S 396 -1.70 -21.98 55.32
C LEU S 396 -1.87 -20.48 55.43
N GLY S 397 -1.01 -19.73 54.73
CA GLY S 397 -1.13 -18.29 54.71
C GLY S 397 -1.38 -17.73 53.32
N MET S 398 -2.57 -17.21 53.09
CA MET S 398 -2.91 -16.58 51.83
C MET S 398 -2.57 -15.09 51.89
N HIS S 399 -2.41 -14.48 50.71
CA HIS S 399 -1.90 -13.12 50.62
C HIS S 399 -2.66 -12.31 49.58
N ALA S 400 -2.12 -11.17 49.20
CA ALA S 400 -2.81 -10.22 48.34
C ALA S 400 -2.76 -10.67 46.89
N ILE S 401 -3.74 -10.23 46.12
CA ILE S 401 -3.86 -10.55 44.71
C ILE S 401 -3.38 -9.36 43.90
N VAL S 402 -2.35 -9.57 43.09
CA VAL S 402 -1.79 -8.53 42.24
C VAL S 402 -1.78 -9.03 40.79
N ASP S 403 -1.79 -8.08 39.87
CA ASP S 403 -1.66 -8.40 38.45
C ASP S 403 -0.20 -8.33 38.07
N ARG S 404 0.35 -9.45 37.62
CA ARG S 404 1.75 -9.56 37.26
C ARG S 404 1.85 -10.21 35.90
N PRO S 405 2.88 -9.89 35.12
CA PRO S 405 3.05 -10.55 33.83
C PRO S 405 3.44 -12.00 33.98
N VAL S 406 2.81 -12.85 33.17
CA VAL S 406 2.86 -14.31 33.29
C VAL S 406 3.21 -14.89 31.93
N ALA S 407 4.16 -15.82 31.88
CA ALA S 407 4.48 -16.52 30.64
C ALA S 407 3.57 -17.73 30.53
N VAL S 408 2.53 -17.62 29.71
CA VAL S 408 1.59 -18.72 29.48
C VAL S 408 1.53 -19.02 27.98
N GLY S 409 1.79 -20.28 27.64
CA GLY S 409 1.79 -20.71 26.25
C GLY S 409 2.89 -20.11 25.40
N GLY S 410 3.97 -19.64 26.00
CA GLY S 410 5.01 -18.96 25.25
C GLY S 410 4.74 -17.49 24.98
N LYS S 411 3.71 -16.92 25.58
CA LYS S 411 3.38 -15.51 25.42
C LYS S 411 3.25 -14.88 26.80
N VAL S 412 3.35 -13.56 26.84
CA VAL S 412 3.41 -12.81 28.08
C VAL S 412 2.05 -12.15 28.29
N GLU S 413 1.22 -12.76 29.12
CA GLU S 413 -0.07 -12.20 29.49
C GLU S 413 0.01 -11.58 30.88
N ILE S 414 -1.09 -10.96 31.30
CA ILE S 414 -1.21 -10.38 32.63
C ILE S 414 -2.37 -11.08 33.34
N ARG S 415 -2.09 -11.73 34.46
CA ARG S 415 -3.09 -12.51 35.17
C ARG S 415 -2.96 -12.30 36.66
N PRO S 416 -4.09 -12.24 37.38
CA PRO S 416 -4.05 -12.02 38.83
C PRO S 416 -3.57 -13.25 39.59
N MET S 417 -2.44 -13.12 40.28
CA MET S 417 -1.84 -14.25 40.95
C MET S 417 -1.57 -13.94 42.42
N MET S 418 -1.57 -15.00 43.23
CA MET S 418 -1.40 -14.92 44.67
C MET S 418 -0.24 -15.79 45.11
N TYR S 419 0.60 -15.29 46.01
CA TYR S 419 1.60 -16.12 46.68
C TYR S 419 0.96 -16.75 47.92
N VAL S 420 1.26 -18.02 48.15
CA VAL S 420 0.80 -18.71 49.34
C VAL S 420 1.98 -19.30 50.07
N ALA S 421 1.81 -19.57 51.36
CA ALA S 421 2.85 -20.08 52.21
C ALA S 421 2.29 -21.19 53.08
N LEU S 422 3.17 -22.11 53.47
CA LEU S 422 2.79 -23.24 54.32
C LEU S 422 3.88 -23.46 55.34
N THR S 423 3.57 -23.20 56.61
CA THR S 423 4.52 -23.43 57.69
C THR S 423 4.22 -24.75 58.35
N TYR S 424 5.19 -25.65 58.37
CA TYR S 424 4.94 -27.02 58.77
C TYR S 424 5.96 -27.46 59.82
N ASP S 425 5.60 -28.50 60.55
CA ASP S 425 6.45 -29.10 61.59
C ASP S 425 7.34 -30.13 60.92
N HIS S 426 8.66 -29.93 61.01
CA HIS S 426 9.57 -30.84 60.32
C HIS S 426 9.88 -32.07 61.16
N ARG S 427 9.46 -32.09 62.43
CA ARG S 427 9.57 -33.30 63.22
C ARG S 427 8.66 -34.40 62.69
N LEU S 428 7.50 -34.02 62.18
CA LEU S 428 6.46 -34.95 61.76
C LEU S 428 6.30 -35.03 60.26
N ILE S 429 6.21 -33.90 59.58
CA ILE S 429 5.94 -33.85 58.16
C ILE S 429 7.27 -33.82 57.41
N ASP S 430 7.37 -34.64 56.37
CA ASP S 430 8.60 -34.74 55.58
C ASP S 430 8.75 -33.49 54.72
N GLY S 431 9.94 -33.27 54.17
CA GLY S 431 10.16 -32.11 53.33
C GLY S 431 9.50 -32.22 51.98
N ARG S 432 9.32 -33.45 51.49
CA ARG S 432 8.63 -33.66 50.23
C ARG S 432 7.13 -33.77 50.39
N GLU S 433 6.65 -34.03 51.60
CA GLU S 433 5.20 -34.14 51.80
C GLU S 433 4.57 -32.77 51.92
N ALA S 434 5.33 -31.78 52.37
CA ALA S 434 4.81 -30.43 52.45
C ALA S 434 4.72 -29.79 51.07
N VAL S 435 5.62 -30.17 50.16
CA VAL S 435 5.57 -29.63 48.82
C VAL S 435 4.40 -30.21 48.05
N THR S 436 4.16 -31.52 48.22
CA THR S 436 3.05 -32.19 47.54
C THR S 436 1.71 -31.71 48.08
N PHE S 437 1.67 -31.34 49.37
CA PHE S 437 0.44 -30.84 49.98
C PHE S 437 0.04 -29.50 49.39
N LEU S 438 0.99 -28.56 49.31
CA LEU S 438 0.69 -27.23 48.81
C LEU S 438 0.48 -27.25 47.30
N ARG S 439 1.05 -28.24 46.61
CA ARG S 439 0.81 -28.37 45.18
C ARG S 439 -0.60 -28.89 44.91
N LYS S 440 -1.19 -29.58 45.89
CA LYS S 440 -2.53 -30.12 45.72
C LYS S 440 -3.60 -29.06 46.00
N ILE S 441 -3.30 -28.13 46.90
CA ILE S 441 -4.19 -26.99 47.12
C ILE S 441 -4.23 -26.11 45.88
N LYS S 442 -3.10 -25.97 45.19
CA LYS S 442 -3.04 -25.16 43.98
C LYS S 442 -3.89 -25.74 42.85
N ALA S 443 -3.96 -27.07 42.75
CA ALA S 443 -4.70 -27.68 41.66
C ALA S 443 -6.20 -27.55 41.85
N ALA S 444 -6.64 -27.41 43.09
CA ALA S 444 -8.06 -27.28 43.40
C ALA S 444 -8.51 -25.83 43.49
N VAL S 445 -7.62 -24.88 43.22
CA VAL S 445 -8.00 -23.48 43.08
C VAL S 445 -7.75 -22.97 41.66
N GLU S 446 -6.73 -23.48 40.98
CA GLU S 446 -6.57 -23.18 39.56
C GLU S 446 -7.63 -23.86 38.70
N ASP S 447 -8.24 -24.93 39.19
CA ASP S 447 -9.30 -25.63 38.50
C ASP S 447 -10.17 -26.30 39.54
N PRO S 448 -11.28 -25.67 39.94
CA PRO S 448 -12.10 -26.22 41.03
C PRO S 448 -12.98 -27.39 40.65
N ARG S 449 -12.86 -27.93 39.43
CA ARG S 449 -13.61 -29.11 39.05
C ARG S 449 -12.91 -30.39 39.46
N VAL S 450 -11.72 -30.31 40.04
CA VAL S 450 -11.01 -31.49 40.52
C VAL S 450 -11.69 -32.04 41.78
N LEU S 451 -12.42 -31.18 42.49
CA LEU S 451 -13.16 -31.60 43.67
C LEU S 451 -14.28 -32.58 43.35
N LEU S 452 -14.77 -32.58 42.11
CA LEU S 452 -15.72 -33.58 41.65
C LEU S 452 -15.04 -34.84 41.14
N LEU S 453 -13.82 -34.71 40.64
CA LEU S 453 -13.03 -35.83 40.14
C LEU S 453 -12.16 -36.36 41.30
N ASP S 454 -11.11 -37.13 41.03
CA ASP S 454 -10.03 -37.50 41.96
C ASP S 454 -9.64 -36.52 43.06
N LEU T 221 -72.77 -12.03 17.32
CA LEU T 221 -73.77 -13.03 16.95
C LEU T 221 -73.14 -14.41 17.12
N ARG T 222 -73.84 -15.29 17.84
CA ARG T 222 -73.34 -16.62 18.20
C ARG T 222 -74.22 -17.66 17.52
N ALA T 223 -73.76 -18.12 16.36
CA ALA T 223 -74.48 -19.13 15.58
C ALA T 223 -73.62 -20.38 15.45
N GLU T 224 -74.24 -21.54 15.65
CA GLU T 224 -73.60 -22.82 15.41
C GLU T 224 -74.64 -23.77 14.83
N HIS T 225 -74.21 -24.63 13.92
CA HIS T 225 -75.13 -25.52 13.24
C HIS T 225 -74.51 -26.90 13.10
N ARG T 226 -75.32 -27.93 13.34
CA ARG T 226 -74.85 -29.31 13.36
C ARG T 226 -75.00 -29.90 11.97
N GLU T 227 -73.89 -30.10 11.27
CA GLU T 227 -73.89 -30.91 10.05
C GLU T 227 -73.33 -32.27 10.38
N LYS T 228 -73.93 -33.31 9.81
CA LYS T 228 -73.59 -34.68 10.16
C LYS T 228 -72.42 -35.18 9.32
N MET T 229 -71.82 -36.26 9.79
CA MET T 229 -70.75 -36.95 9.05
C MET T 229 -71.26 -38.31 8.59
N ASN T 230 -70.91 -38.67 7.37
CA ASN T 230 -71.46 -39.88 6.77
C ASN T 230 -70.79 -41.13 7.32
N ARG T 231 -71.28 -42.29 6.85
CA ARG T 231 -70.87 -43.57 7.41
C ARG T 231 -69.48 -43.95 6.93
N MET T 232 -69.00 -43.32 5.86
CA MET T 232 -67.64 -43.55 5.41
C MET T 232 -66.65 -42.87 6.35
N ARG T 233 -66.97 -41.66 6.79
CA ARG T 233 -66.11 -40.94 7.71
C ARG T 233 -66.17 -41.57 9.11
N GLN T 234 -67.26 -42.28 9.40
CA GLN T 234 -67.36 -43.07 10.62
C GLN T 234 -66.24 -44.12 10.72
N ARG T 235 -65.98 -44.82 9.61
CA ARG T 235 -65.02 -45.92 9.67
C ARG T 235 -63.58 -45.41 9.63
N ILE T 236 -63.36 -44.28 8.95
CA ILE T 236 -62.01 -43.70 8.86
C ILE T 236 -61.54 -43.26 10.23
N ALA T 237 -62.42 -42.58 10.98
CA ALA T 237 -62.11 -42.21 12.36
C ALA T 237 -62.07 -43.43 13.26
N GLN T 238 -62.73 -44.53 12.88
CA GLN T 238 -62.68 -45.73 13.69
C GLN T 238 -61.36 -46.48 13.50
N ARG T 239 -60.90 -46.58 12.25
CA ARG T 239 -59.62 -47.25 11.97
C ARG T 239 -58.45 -46.45 12.54
N LEU T 240 -58.61 -45.14 12.64
CA LEU T 240 -57.53 -44.27 13.09
C LEU T 240 -57.24 -44.47 14.57
N LYS T 241 -58.29 -44.63 15.38
CA LYS T 241 -58.11 -44.85 16.80
C LYS T 241 -57.67 -46.29 17.10
N GLU T 242 -57.97 -47.23 16.22
CA GLU T 242 -57.48 -48.59 16.40
C GLU T 242 -55.97 -48.69 16.15
N ALA T 243 -55.43 -47.78 15.34
CA ALA T 243 -54.00 -47.79 15.07
C ALA T 243 -53.22 -47.29 16.28
N GLN T 244 -53.82 -46.45 17.12
CA GLN T 244 -53.12 -45.98 18.31
C GLN T 244 -53.28 -46.96 19.46
N ASN T 245 -54.44 -47.61 19.57
CA ASN T 245 -54.69 -48.51 20.68
C ASN T 245 -54.07 -49.89 20.48
N THR T 246 -53.50 -50.17 19.31
CA THR T 246 -52.87 -51.45 19.06
C THR T 246 -51.37 -51.42 19.33
N CYS T 247 -50.67 -50.50 18.68
CA CYS T 247 -49.22 -50.47 18.69
C CYS T 247 -48.68 -49.25 19.43
N ALA T 248 -47.54 -49.44 20.08
CA ALA T 248 -46.91 -48.38 20.87
C ALA T 248 -45.99 -47.58 19.97
N MET T 249 -46.48 -46.44 19.51
CA MET T 249 -45.76 -45.65 18.52
C MET T 249 -44.79 -44.69 19.19
N LEU T 250 -43.59 -44.62 18.66
CA LEU T 250 -42.59 -43.63 19.03
C LEU T 250 -42.10 -42.97 17.76
N THR T 251 -41.27 -41.93 17.88
CA THR T 251 -40.82 -41.19 16.72
C THR T 251 -39.36 -40.79 16.91
N THR T 252 -38.58 -40.89 15.82
CA THR T 252 -37.18 -40.48 15.86
C THR T 252 -36.89 -39.64 14.63
N PHE T 253 -35.97 -38.69 14.74
CA PHE T 253 -35.70 -37.70 13.71
C PHE T 253 -34.23 -37.75 13.30
N ASN T 254 -33.94 -37.16 12.15
CA ASN T 254 -32.57 -37.03 11.64
C ASN T 254 -32.60 -35.89 10.62
N GLU T 255 -31.55 -35.77 9.80
CA GLU T 255 -31.42 -34.63 8.91
C GLU T 255 -30.56 -34.99 7.73
N ILE T 256 -31.09 -34.75 6.52
CA ILE T 256 -30.46 -35.18 5.28
C ILE T 256 -30.02 -33.95 4.50
N ASP T 257 -28.80 -33.99 3.96
CA ASP T 257 -28.26 -32.95 3.10
C ASP T 257 -28.57 -33.30 1.65
N MET T 258 -29.34 -32.45 0.98
CA MET T 258 -29.90 -32.73 -0.33
C MET T 258 -29.09 -32.12 -1.46
N SER T 259 -27.75 -32.08 -1.33
CA SER T 259 -26.96 -31.41 -2.36
C SER T 259 -26.64 -32.34 -3.53
N ASN T 260 -26.39 -33.62 -3.26
CA ASN T 260 -26.03 -34.54 -4.34
C ASN T 260 -27.24 -34.96 -5.15
N ILE T 261 -28.45 -34.72 -4.63
CA ILE T 261 -29.63 -35.07 -5.41
C ILE T 261 -29.98 -33.95 -6.36
N GLN T 262 -29.75 -32.70 -5.95
CA GLN T 262 -30.18 -31.58 -6.79
C GLN T 262 -29.28 -31.38 -8.00
N ASP T 263 -27.96 -31.63 -7.86
CA ASP T 263 -27.11 -31.50 -9.04
C ASP T 263 -27.21 -32.72 -9.94
N MET T 264 -27.68 -33.85 -9.39
CA MET T 264 -28.09 -34.95 -10.25
C MET T 264 -29.29 -34.56 -11.08
N ARG T 265 -30.22 -33.82 -10.48
CA ARG T 265 -31.37 -33.31 -11.22
C ARG T 265 -31.02 -32.08 -12.02
N ALA T 266 -29.87 -31.46 -11.80
CA ALA T 266 -29.55 -30.25 -12.54
C ALA T 266 -28.98 -30.54 -13.91
N ARG T 267 -28.22 -31.62 -14.06
CA ARG T 267 -27.54 -31.89 -15.33
C ARG T 267 -28.19 -33.04 -16.09
N HIS T 268 -28.88 -33.95 -15.41
CA HIS T 268 -29.46 -35.08 -16.13
C HIS T 268 -30.95 -34.93 -16.36
N LYS T 269 -31.58 -33.79 -16.08
CA LYS T 269 -33.02 -33.69 -16.25
C LYS T 269 -33.39 -33.53 -17.72
N GLU T 270 -32.44 -33.12 -18.56
CA GLU T 270 -32.76 -32.88 -19.97
C GLU T 270 -32.64 -34.16 -20.78
N ALA T 271 -31.60 -34.95 -20.53
CA ALA T 271 -31.47 -36.25 -21.17
C ALA T 271 -32.45 -37.27 -20.63
N PHE T 272 -33.03 -37.03 -19.46
CA PHE T 272 -34.03 -37.94 -18.93
C PHE T 272 -35.37 -37.72 -19.61
N LEU T 273 -35.70 -36.46 -19.92
CA LEU T 273 -36.97 -36.13 -20.55
C LEU T 273 -36.99 -36.53 -22.02
N LYS T 274 -35.84 -36.38 -22.69
CA LYS T 274 -35.77 -36.76 -24.10
C LYS T 274 -35.85 -38.27 -24.28
N LYS T 275 -35.29 -39.03 -23.35
CA LYS T 275 -35.17 -40.47 -23.54
C LYS T 275 -36.33 -41.25 -22.92
N HIS T 276 -36.98 -40.71 -21.89
CA HIS T 276 -38.04 -41.42 -21.22
C HIS T 276 -39.40 -40.73 -21.25
N ASN T 277 -39.44 -39.43 -21.57
CA ASN T 277 -40.63 -38.58 -21.48
C ASN T 277 -41.23 -38.62 -20.07
N LEU T 278 -40.40 -38.31 -19.09
CA LEU T 278 -40.81 -38.25 -17.69
C LEU T 278 -40.09 -37.09 -17.02
N LYS T 279 -40.56 -36.73 -15.83
CA LYS T 279 -39.93 -35.70 -15.03
C LYS T 279 -39.09 -36.35 -13.93
N LEU T 280 -37.94 -35.74 -13.65
CA LEU T 280 -37.02 -36.27 -12.64
C LEU T 280 -37.25 -35.54 -11.32
N GLY T 281 -37.78 -36.24 -10.32
CA GLY T 281 -38.15 -35.65 -9.06
C GLY T 281 -37.36 -36.19 -7.88
N PHE T 282 -37.73 -35.69 -6.70
CA PHE T 282 -37.10 -36.11 -5.46
C PHE T 282 -37.63 -37.46 -4.98
N MET T 283 -38.88 -37.76 -5.31
CA MET T 283 -39.60 -38.90 -4.76
C MET T 283 -38.97 -40.25 -5.07
N SER T 284 -38.44 -40.42 -6.29
CA SER T 284 -37.85 -41.69 -6.67
C SER T 284 -36.53 -41.97 -5.97
N ALA T 285 -35.88 -40.95 -5.40
CA ALA T 285 -34.66 -41.18 -4.64
C ALA T 285 -34.96 -41.71 -3.25
N PHE T 286 -36.13 -41.38 -2.70
CA PHE T 286 -36.51 -41.85 -1.38
C PHE T 286 -37.14 -43.23 -1.42
N VAL T 287 -37.78 -43.58 -2.54
CA VAL T 287 -38.39 -44.90 -2.66
C VAL T 287 -37.32 -45.97 -2.88
N LYS T 288 -36.32 -45.67 -3.71
CA LYS T 288 -35.25 -46.62 -3.96
C LYS T 288 -34.32 -46.78 -2.75
N ALA T 289 -34.10 -45.71 -1.98
CA ALA T 289 -33.31 -45.82 -0.77
C ALA T 289 -34.06 -46.51 0.34
N SER T 290 -35.40 -46.53 0.29
CA SER T 290 -36.17 -47.21 1.30
C SER T 290 -36.18 -48.72 1.09
N ALA T 291 -36.19 -49.16 -0.17
CA ALA T 291 -36.12 -50.59 -0.45
C ALA T 291 -34.73 -51.13 -0.16
N PHE T 292 -33.72 -50.27 -0.19
CA PHE T 292 -32.37 -50.69 0.17
C PHE T 292 -32.24 -50.95 1.65
N ALA T 293 -32.86 -50.11 2.47
CA ALA T 293 -32.72 -50.25 3.91
C ALA T 293 -33.58 -51.38 4.46
N LEU T 294 -34.71 -51.67 3.79
CA LEU T 294 -35.62 -52.69 4.29
C LEU T 294 -35.09 -54.10 4.02
N GLN T 295 -34.33 -54.28 2.94
CA GLN T 295 -33.83 -55.61 2.63
C GLN T 295 -32.57 -55.92 3.43
N GLU T 296 -32.06 -54.94 4.18
CA GLU T 296 -30.93 -55.21 5.06
C GLU T 296 -31.39 -55.57 6.46
N GLN T 297 -32.40 -54.86 6.98
CA GLN T 297 -33.01 -55.19 8.25
C GLN T 297 -34.43 -55.68 8.01
N PRO T 298 -34.67 -57.00 7.97
CA PRO T 298 -36.01 -57.50 7.72
C PRO T 298 -36.99 -57.36 8.87
N VAL T 299 -36.56 -56.90 10.05
CA VAL T 299 -37.45 -56.83 11.19
C VAL T 299 -38.39 -55.63 11.05
N VAL T 300 -38.00 -54.62 10.29
CA VAL T 300 -38.88 -53.49 10.02
C VAL T 300 -39.95 -53.90 9.02
N ASN T 301 -39.65 -54.92 8.22
CA ASN T 301 -40.60 -55.41 7.23
C ASN T 301 -41.68 -56.27 7.88
N ALA T 302 -41.43 -56.77 9.09
CA ALA T 302 -42.32 -57.67 9.81
C ALA T 302 -43.60 -57.01 10.28
N VAL T 303 -44.61 -57.82 10.63
CA VAL T 303 -45.88 -57.36 11.19
C VAL T 303 -46.30 -58.34 12.28
N ILE T 304 -46.72 -57.80 13.43
CA ILE T 304 -47.30 -58.60 14.50
C ILE T 304 -48.80 -58.71 14.26
N ASP T 305 -49.27 -59.94 14.05
CA ASP T 305 -50.70 -60.24 14.03
C ASP T 305 -51.11 -60.73 15.41
N ASP T 306 -52.01 -60.00 16.07
CA ASP T 306 -52.48 -60.35 17.40
C ASP T 306 -53.62 -61.37 17.38
N THR T 307 -53.93 -61.96 16.23
CA THR T 307 -54.91 -63.04 16.19
C THR T 307 -54.34 -64.31 16.81
N THR T 308 -53.22 -64.80 16.28
CA THR T 308 -52.53 -65.93 16.87
C THR T 308 -51.27 -65.53 17.63
N LYS T 309 -51.09 -64.23 17.89
CA LYS T 309 -49.89 -63.66 18.52
C LYS T 309 -48.62 -64.03 17.75
N GLU T 310 -48.62 -63.72 16.46
CA GLU T 310 -47.61 -64.21 15.53
C GLU T 310 -46.79 -63.05 14.98
N VAL T 311 -45.59 -63.37 14.50
CA VAL T 311 -44.70 -62.38 13.89
C VAL T 311 -44.54 -62.78 12.42
N VAL T 312 -45.14 -62.00 11.53
CA VAL T 312 -45.23 -62.36 10.11
C VAL T 312 -44.10 -61.66 9.38
N TYR T 313 -43.06 -62.40 9.02
CA TYR T 313 -42.03 -61.86 8.15
C TYR T 313 -42.54 -61.82 6.71
N ARG T 314 -41.90 -61.01 5.89
CA ARG T 314 -42.20 -60.97 4.47
C ARG T 314 -40.88 -60.95 3.71
N ASP T 315 -40.92 -61.42 2.47
CA ASP T 315 -39.76 -61.41 1.59
C ASP T 315 -39.93 -60.48 0.40
N TYR T 316 -41.06 -59.83 0.27
CA TYR T 316 -41.30 -58.85 -0.78
C TYR T 316 -41.43 -57.46 -0.17
N ILE T 317 -41.18 -56.44 -0.98
CA ILE T 317 -41.19 -55.05 -0.52
C ILE T 317 -42.19 -54.29 -1.38
N ASP T 318 -43.25 -53.79 -0.75
CA ASP T 318 -44.28 -53.00 -1.43
C ASP T 318 -44.43 -51.68 -0.69
N ILE T 319 -43.89 -50.61 -1.24
CA ILE T 319 -43.88 -49.30 -0.61
C ILE T 319 -45.11 -48.53 -1.05
N SER T 320 -45.92 -48.11 -0.09
CA SER T 320 -47.09 -47.28 -0.37
C SER T 320 -46.67 -45.82 -0.42
N VAL T 321 -47.19 -45.09 -1.40
CA VAL T 321 -46.81 -43.70 -1.61
C VAL T 321 -48.07 -42.85 -1.51
N ALA T 322 -48.12 -41.98 -0.50
CA ALA T 322 -49.24 -41.06 -0.33
C ALA T 322 -49.04 -39.88 -1.28
N VAL T 323 -49.88 -39.79 -2.30
CA VAL T 323 -49.80 -38.70 -3.27
C VAL T 323 -51.08 -37.87 -3.17
N ALA T 324 -50.98 -36.71 -2.52
CA ALA T 324 -52.12 -35.85 -2.26
C ALA T 324 -52.50 -35.13 -3.55
N THR T 325 -53.63 -35.52 -4.12
CA THR T 325 -54.13 -34.89 -5.34
C THR T 325 -55.13 -33.81 -4.93
N PRO T 326 -55.76 -33.12 -5.91
CA PRO T 326 -56.77 -32.14 -5.51
C PRO T 326 -57.94 -32.73 -4.72
N ARG T 327 -58.39 -33.92 -5.09
CA ARG T 327 -59.52 -34.54 -4.41
C ARG T 327 -59.23 -34.79 -2.93
N GLY T 328 -58.02 -35.26 -2.61
CA GLY T 328 -57.68 -35.55 -1.22
C GLY T 328 -56.49 -36.48 -1.14
N LEU T 329 -56.35 -37.20 -0.03
CA LEU T 329 -55.26 -38.15 0.08
C LEU T 329 -55.65 -39.50 -0.52
N VAL T 330 -54.71 -40.09 -1.26
CA VAL T 330 -54.81 -41.48 -1.72
C VAL T 330 -53.47 -42.15 -1.49
N VAL T 331 -53.52 -43.44 -1.18
CA VAL T 331 -52.30 -44.20 -0.85
C VAL T 331 -52.14 -45.44 -1.71
N PRO T 332 -51.78 -45.32 -2.99
CA PRO T 332 -51.56 -46.52 -3.80
C PRO T 332 -50.23 -47.18 -3.47
N VAL T 333 -50.05 -48.38 -4.00
CA VAL T 333 -48.93 -49.24 -3.66
C VAL T 333 -48.07 -49.46 -4.90
N ILE T 334 -46.76 -49.32 -4.74
CA ILE T 334 -45.78 -49.71 -5.74
C ILE T 334 -45.33 -51.12 -5.43
N ARG T 335 -45.48 -52.02 -6.39
CA ARG T 335 -45.26 -53.44 -6.16
C ARG T 335 -43.85 -53.84 -6.59
N ASN T 336 -43.18 -54.62 -5.73
CA ASN T 336 -41.90 -55.30 -6.01
C ASN T 336 -40.80 -54.29 -6.35
N VAL T 337 -40.43 -53.51 -5.33
CA VAL T 337 -39.49 -52.40 -5.52
C VAL T 337 -38.05 -52.87 -5.58
N GLU T 338 -37.78 -54.15 -5.29
CA GLU T 338 -36.42 -54.66 -5.16
C GLU T 338 -35.64 -54.65 -6.47
N THR T 339 -36.32 -54.82 -7.61
CA THR T 339 -35.65 -54.98 -8.89
C THR T 339 -35.62 -53.72 -9.73
N MET T 340 -36.22 -52.62 -9.27
CA MET T 340 -36.40 -51.45 -10.10
C MET T 340 -35.19 -50.53 -10.04
N ASN T 341 -35.21 -49.51 -10.89
CA ASN T 341 -34.28 -48.40 -10.85
C ASN T 341 -35.08 -47.12 -10.79
N TYR T 342 -34.41 -45.97 -10.98
CA TYR T 342 -35.14 -44.70 -10.96
C TYR T 342 -36.08 -44.56 -12.14
N ALA T 343 -35.78 -45.22 -13.26
CA ALA T 343 -36.64 -45.10 -14.44
C ALA T 343 -37.92 -45.89 -14.27
N ASP T 344 -37.86 -47.02 -13.56
CA ASP T 344 -39.05 -47.85 -13.39
C ASP T 344 -40.01 -47.25 -12.37
N ILE T 345 -39.46 -46.66 -11.31
CA ILE T 345 -40.25 -46.04 -10.25
C ILE T 345 -40.97 -44.81 -10.80
N GLU T 346 -40.30 -44.05 -11.67
CA GLU T 346 -40.90 -42.84 -12.22
C GLU T 346 -42.04 -43.16 -13.18
N ARG T 347 -41.97 -44.29 -13.88
CA ARG T 347 -43.10 -44.69 -14.71
C ARG T 347 -44.30 -45.06 -13.84
N THR T 348 -44.04 -45.76 -12.73
CA THR T 348 -45.12 -46.28 -11.90
C THR T 348 -45.87 -45.15 -11.20
N ILE T 349 -45.15 -44.13 -10.75
CA ILE T 349 -45.80 -43.03 -10.03
C ILE T 349 -46.58 -42.15 -11.00
N SER T 350 -46.05 -41.94 -12.21
CA SER T 350 -46.62 -40.96 -13.12
C SER T 350 -47.95 -41.43 -13.70
N GLU T 351 -48.01 -42.68 -14.18
CA GLU T 351 -49.24 -43.15 -14.81
C GLU T 351 -50.30 -43.49 -13.78
N LEU T 352 -49.89 -43.92 -12.60
CA LEU T 352 -50.85 -44.16 -11.52
C LEU T 352 -51.29 -42.87 -10.86
N GLY T 353 -50.47 -41.82 -10.97
CA GLY T 353 -50.91 -40.52 -10.52
C GLY T 353 -52.02 -39.97 -11.40
N GLU T 354 -52.02 -40.34 -12.69
CA GLU T 354 -53.08 -39.90 -13.59
C GLU T 354 -54.37 -40.69 -13.37
N LYS T 355 -54.25 -41.92 -12.86
CA LYS T 355 -55.43 -42.74 -12.63
C LYS T 355 -56.27 -42.19 -11.47
N ALA T 356 -55.62 -41.90 -10.34
CA ALA T 356 -56.34 -41.41 -9.18
C ALA T 356 -56.78 -39.96 -9.36
N ARG T 357 -56.19 -39.25 -10.32
CA ARG T 357 -56.58 -37.87 -10.55
C ARG T 357 -57.95 -37.78 -11.20
N LYS T 358 -58.22 -38.64 -12.17
CA LYS T 358 -59.52 -38.69 -12.85
C LYS T 358 -60.44 -39.75 -12.26
N ASN T 359 -60.08 -40.31 -11.11
CA ASN T 359 -60.89 -41.24 -10.31
C ASN T 359 -61.23 -42.52 -11.08
N GLU T 360 -60.19 -43.27 -11.46
CA GLU T 360 -60.33 -44.63 -11.96
C GLU T 360 -59.49 -45.59 -11.13
N LEU T 361 -59.16 -45.18 -9.91
CA LEU T 361 -58.18 -45.89 -9.11
C LEU T 361 -58.88 -47.01 -8.34
N ALA T 362 -58.46 -48.24 -8.58
CA ALA T 362 -59.17 -49.39 -8.05
C ALA T 362 -58.91 -49.58 -6.57
N ILE T 363 -59.68 -50.47 -5.95
CA ILE T 363 -59.51 -50.75 -4.53
C ILE T 363 -58.44 -51.83 -4.32
N GLU T 364 -58.31 -52.74 -5.29
CA GLU T 364 -57.48 -53.93 -5.11
C GLU T 364 -56.00 -53.61 -5.06
N ASP T 365 -55.60 -52.46 -5.61
CA ASP T 365 -54.23 -52.01 -5.55
C ASP T 365 -54.02 -50.85 -4.56
N MET T 366 -54.70 -50.89 -3.42
CA MET T 366 -54.48 -49.92 -2.35
C MET T 366 -54.12 -50.58 -1.04
N ASP T 367 -54.01 -51.91 -1.01
CA ASP T 367 -53.78 -52.63 0.23
C ASP T 367 -52.62 -53.60 0.06
N GLY T 368 -52.06 -54.01 1.19
CA GLY T 368 -50.94 -54.93 1.20
C GLY T 368 -49.58 -54.27 1.26
N GLY T 369 -49.52 -52.96 1.47
CA GLY T 369 -48.23 -52.31 1.58
C GLY T 369 -47.50 -52.70 2.84
N THR T 370 -46.18 -52.58 2.80
CA THR T 370 -45.33 -52.98 3.92
C THR T 370 -44.57 -51.80 4.53
N PHE T 371 -44.58 -50.65 3.85
CA PHE T 371 -43.86 -49.47 4.29
C PHE T 371 -44.48 -48.28 3.56
N THR T 372 -44.36 -47.10 4.13
CA THR T 372 -45.11 -45.95 3.63
C THR T 372 -44.25 -44.69 3.65
N ILE T 373 -44.17 -44.02 2.52
CA ILE T 373 -43.59 -42.69 2.42
C ILE T 373 -44.73 -41.69 2.48
N SER T 374 -44.52 -40.59 3.22
CA SER T 374 -45.55 -39.56 3.38
C SER T 374 -44.94 -38.21 3.03
N ASN T 375 -45.24 -37.72 1.84
CA ASN T 375 -44.79 -36.40 1.43
C ASN T 375 -45.80 -35.38 1.95
N GLY T 376 -45.50 -34.84 3.12
CA GLY T 376 -46.21 -33.67 3.61
C GLY T 376 -45.34 -32.44 3.46
N GLY T 377 -44.35 -32.54 2.59
CA GLY T 377 -43.37 -31.48 2.44
C GLY T 377 -43.59 -30.59 1.23
N VAL T 378 -44.71 -30.79 0.54
CA VAL T 378 -45.04 -29.95 -0.61
C VAL T 378 -45.84 -28.74 -0.13
N PHE T 379 -46.04 -28.63 1.17
CA PHE T 379 -46.72 -27.48 1.76
C PHE T 379 -45.83 -26.64 2.65
N GLY T 380 -44.72 -27.17 3.13
CA GLY T 380 -43.77 -26.36 3.85
C GLY T 380 -43.75 -26.55 5.36
N SER T 381 -44.01 -27.77 5.83
CA SER T 381 -43.84 -28.05 7.24
C SER T 381 -42.36 -28.27 7.54
N LEU T 382 -41.95 -27.85 8.74
CA LEU T 382 -40.55 -28.03 9.11
C LEU T 382 -40.27 -29.48 9.47
N PHE T 383 -40.94 -29.98 10.51
CA PHE T 383 -40.95 -31.39 10.85
C PHE T 383 -42.20 -31.70 11.64
N GLY T 384 -42.51 -32.98 11.79
CA GLY T 384 -43.74 -33.37 12.46
C GLY T 384 -43.81 -34.87 12.62
N THR T 385 -44.88 -35.32 13.25
CA THR T 385 -45.06 -36.73 13.58
C THR T 385 -46.12 -37.35 12.69
N PRO T 386 -45.80 -38.38 11.91
CA PRO T 386 -46.83 -39.05 11.11
C PRO T 386 -47.55 -40.14 11.89
N ILE T 387 -48.48 -40.81 11.20
CA ILE T 387 -49.35 -41.83 11.80
C ILE T 387 -49.21 -43.12 10.99
N ILE T 388 -49.13 -44.27 11.69
CA ILE T 388 -48.86 -45.53 11.02
C ILE T 388 -50.12 -46.06 10.33
N ASN T 389 -49.97 -46.38 9.04
CA ASN T 389 -50.96 -47.16 8.31
C ASN T 389 -51.06 -48.55 8.96
N PRO T 390 -52.23 -48.89 9.51
CA PRO T 390 -52.31 -49.95 10.56
C PRO T 390 -51.93 -51.37 10.14
N PRO T 391 -51.97 -51.79 8.88
CA PRO T 391 -51.34 -53.10 8.59
C PRO T 391 -49.82 -53.09 8.44
N GLN T 392 -49.13 -52.04 8.87
CA GLN T 392 -47.69 -51.92 8.70
C GLN T 392 -47.04 -51.69 10.05
N SER T 393 -45.71 -51.54 10.05
CA SER T 393 -45.00 -51.40 11.32
C SER T 393 -44.20 -50.10 11.38
N ALA T 394 -43.97 -49.45 10.24
CA ALA T 394 -43.19 -48.21 10.22
C ALA T 394 -43.71 -47.29 9.13
N ILE T 395 -43.33 -46.02 9.22
CA ILE T 395 -43.66 -45.02 8.21
C ILE T 395 -42.59 -43.93 8.21
N LEU T 396 -42.19 -43.49 7.02
CA LEU T 396 -41.21 -42.43 6.84
C LEU T 396 -41.94 -41.15 6.44
N GLY T 397 -41.59 -40.05 7.09
CA GLY T 397 -42.17 -38.77 6.75
C GLY T 397 -41.15 -37.76 6.29
N MET T 398 -41.17 -37.42 5.02
CA MET T 398 -40.28 -36.40 4.47
C MET T 398 -40.95 -35.03 4.56
N HIS T 399 -40.12 -33.98 4.52
CA HIS T 399 -40.60 -32.63 4.80
C HIS T 399 -40.01 -31.63 3.82
N ALA T 400 -40.13 -30.35 4.14
CA ALA T 400 -39.74 -29.28 3.23
C ALA T 400 -38.23 -29.08 3.22
N ILE T 401 -37.73 -28.56 2.11
CA ILE T 401 -36.31 -28.30 1.92
C ILE T 401 -36.06 -26.81 2.13
N VAL T 402 -35.22 -26.48 3.10
CA VAL T 402 -34.86 -25.11 3.39
C VAL T 402 -33.35 -24.97 3.37
N ASP T 403 -32.89 -23.74 3.12
CA ASP T 403 -31.47 -23.43 3.17
C ASP T 403 -31.12 -22.95 4.56
N ARG T 404 -30.25 -23.67 5.24
CA ARG T 404 -29.86 -23.36 6.60
C ARG T 404 -28.34 -23.38 6.68
N PRO T 405 -27.75 -22.59 7.57
CA PRO T 405 -26.30 -22.63 7.73
C PRO T 405 -25.84 -23.92 8.37
N VAL T 406 -24.75 -24.46 7.81
CA VAL T 406 -24.26 -25.80 8.10
C VAL T 406 -22.77 -25.72 8.41
N ALA T 407 -22.34 -26.36 9.50
CA ALA T 407 -20.91 -26.43 9.81
C ALA T 407 -20.31 -27.63 9.11
N VAL T 408 -19.64 -27.39 7.99
CA VAL T 408 -18.99 -28.46 7.23
C VAL T 408 -17.50 -28.13 7.09
N GLY T 409 -16.66 -29.07 7.51
CA GLY T 409 -15.22 -28.90 7.47
C GLY T 409 -14.68 -27.81 8.35
N GLY T 410 -15.40 -27.43 9.40
CA GLY T 410 -14.99 -26.34 10.25
C GLY T 410 -15.35 -24.97 9.72
N LYS T 411 -16.14 -24.88 8.66
CA LYS T 411 -16.59 -23.62 8.11
C LYS T 411 -18.11 -23.63 7.99
N VAL T 412 -18.69 -22.44 7.88
CA VAL T 412 -20.13 -22.26 7.94
C VAL T 412 -20.61 -22.00 6.52
N GLU T 413 -21.13 -23.04 5.87
CA GLU T 413 -21.72 -22.93 4.54
C GLU T 413 -23.24 -22.92 4.65
N ILE T 414 -23.89 -22.74 3.51
CA ILE T 414 -25.35 -22.78 3.41
C ILE T 414 -25.72 -23.89 2.45
N ARG T 415 -26.46 -24.88 2.93
CA ARG T 415 -26.80 -26.06 2.14
C ARG T 415 -28.24 -26.45 2.36
N PRO T 416 -28.94 -26.89 1.31
CA PRO T 416 -30.36 -27.27 1.45
C PRO T 416 -30.54 -28.59 2.18
N MET T 417 -31.20 -28.54 3.33
CA MET T 417 -31.33 -29.73 4.16
C MET T 417 -32.78 -29.99 4.52
N MET T 418 -33.09 -31.26 4.75
CA MET T 418 -34.44 -31.75 5.04
C MET T 418 -34.45 -32.49 6.37
N TYR T 419 -35.47 -32.24 7.19
CA TYR T 419 -35.72 -33.08 8.35
C TYR T 419 -36.59 -34.25 7.95
N VAL T 420 -36.27 -35.43 8.47
CA VAL T 420 -37.08 -36.62 8.23
C VAL T 420 -37.48 -37.22 9.56
N ALA T 421 -38.54 -38.02 9.54
CA ALA T 421 -39.10 -38.63 10.73
C ALA T 421 -39.44 -40.08 10.44
N LEU T 422 -39.39 -40.91 11.48
CA LEU T 422 -39.70 -42.32 11.37
C LEU T 422 -40.53 -42.74 12.57
N THR T 423 -41.79 -43.07 12.34
CA THR T 423 -42.67 -43.53 13.40
C THR T 423 -42.73 -45.05 13.37
N TYR T 424 -42.36 -45.69 14.48
CA TYR T 424 -42.15 -47.13 14.50
C TYR T 424 -42.92 -47.74 15.66
N ASP T 425 -43.16 -49.04 15.53
CA ASP T 425 -43.84 -49.83 16.56
C ASP T 425 -42.79 -50.33 17.55
N HIS T 426 -42.94 -49.95 18.82
CA HIS T 426 -41.92 -50.31 19.80
C HIS T 426 -42.17 -51.70 20.37
N ARG T 427 -43.32 -52.30 20.08
CA ARG T 427 -43.54 -53.70 20.45
C ARG T 427 -42.62 -54.63 19.68
N LEU T 428 -42.32 -54.29 18.44
CA LEU T 428 -41.57 -55.15 17.53
C LEU T 428 -40.17 -54.64 17.25
N ILE T 429 -40.03 -53.38 16.92
CA ILE T 429 -38.76 -52.80 16.52
C ILE T 429 -38.07 -52.23 17.76
N ASP T 430 -36.78 -52.53 17.90
CA ASP T 430 -36.01 -52.07 19.04
C ASP T 430 -35.73 -50.57 18.91
N GLY T 431 -35.30 -49.93 19.99
CA GLY T 431 -35.02 -48.52 19.95
C GLY T 431 -33.75 -48.19 19.19
N ARG T 432 -32.80 -49.13 19.18
CA ARG T 432 -31.57 -48.93 18.42
C ARG T 432 -31.70 -49.38 16.98
N GLU T 433 -32.71 -50.19 16.65
CA GLU T 433 -32.86 -50.63 15.28
C GLU T 433 -33.55 -49.57 14.43
N ALA T 434 -34.36 -48.73 15.06
CA ALA T 434 -35.00 -47.63 14.34
C ALA T 434 -34.01 -46.53 14.03
N VAL T 435 -33.01 -46.34 14.89
CA VAL T 435 -32.01 -45.32 14.63
C VAL T 435 -31.08 -45.74 13.50
N THR T 436 -30.70 -47.03 13.50
CA THR T 436 -29.83 -47.55 12.46
C THR T 436 -30.54 -47.61 11.11
N PHE T 437 -31.86 -47.79 11.13
CA PHE T 437 -32.64 -47.82 9.90
C PHE T 437 -32.67 -46.45 9.23
N LEU T 438 -32.97 -45.41 10.00
CA LEU T 438 -33.06 -44.06 9.45
C LEU T 438 -31.69 -43.51 9.11
N ARG T 439 -30.64 -44.01 9.76
CA ARG T 439 -29.29 -43.59 9.42
C ARG T 439 -28.85 -44.21 8.11
N LYS T 440 -29.47 -45.33 7.73
CA LYS T 440 -29.12 -45.99 6.47
C LYS T 440 -29.81 -45.35 5.28
N ILE T 441 -31.02 -44.83 5.50
CA ILE T 441 -31.70 -44.06 4.46
C ILE T 441 -30.95 -42.78 4.16
N LYS T 442 -30.35 -42.17 5.20
CA LYS T 442 -29.59 -40.94 5.02
C LYS T 442 -28.34 -41.17 4.17
N ALA T 443 -27.69 -42.32 4.32
CA ALA T 443 -26.45 -42.57 3.58
C ALA T 443 -26.71 -42.80 2.11
N ALA T 444 -27.90 -43.26 1.76
CA ALA T 444 -28.26 -43.52 0.37
C ALA T 444 -28.95 -42.34 -0.30
N VAL T 445 -29.08 -41.22 0.40
CA VAL T 445 -29.54 -39.98 -0.21
C VAL T 445 -28.45 -38.91 -0.17
N GLU T 446 -27.60 -38.90 0.86
CA GLU T 446 -26.44 -38.03 0.84
C GLU T 446 -25.39 -38.48 -0.17
N ASP T 447 -25.41 -39.75 -0.56
CA ASP T 447 -24.49 -40.30 -1.54
C ASP T 447 -25.19 -41.48 -2.20
N PRO T 448 -25.83 -41.28 -3.36
CA PRO T 448 -26.61 -42.36 -3.97
C PRO T 448 -25.79 -43.42 -4.68
N ARG T 449 -24.45 -43.39 -4.59
CA ARG T 449 -23.63 -44.44 -5.17
C ARG T 449 -23.45 -45.62 -4.25
N VAL T 450 -24.00 -45.56 -3.03
CA VAL T 450 -23.94 -46.69 -2.11
C VAL T 450 -24.87 -47.80 -2.57
N LEU T 451 -25.89 -47.45 -3.37
CA LEU T 451 -26.80 -48.45 -3.92
C LEU T 451 -26.12 -49.40 -4.89
N LEU T 452 -25.00 -49.00 -5.47
CA LEU T 452 -24.18 -49.88 -6.29
C LEU T 452 -23.18 -50.68 -5.47
N LEU T 453 -22.75 -50.13 -4.33
CA LEU T 453 -21.83 -50.79 -3.42
C LEU T 453 -22.65 -51.56 -2.38
N ASP T 454 -22.08 -51.97 -1.25
CA ASP T 454 -22.75 -52.47 -0.04
C ASP T 454 -24.15 -51.96 0.28
N LEU U 221 43.28 -58.23 -21.53
CA LEU U 221 44.61 -58.36 -22.12
C LEU U 221 45.58 -57.49 -21.33
N ARG U 222 46.70 -58.09 -20.90
CA ARG U 222 47.68 -57.45 -20.04
C ARG U 222 48.98 -57.29 -20.83
N ALA U 223 49.17 -56.11 -21.42
CA ALA U 223 50.35 -55.82 -22.20
C ALA U 223 51.10 -54.65 -21.56
N GLU U 224 52.42 -54.78 -21.46
CA GLU U 224 53.28 -53.70 -21.02
C GLU U 224 54.58 -53.77 -21.82
N HIS U 225 55.13 -52.60 -22.14
CA HIS U 225 56.32 -52.55 -22.97
C HIS U 225 57.28 -51.50 -22.44
N ARG U 226 58.56 -51.85 -22.43
CA ARG U 226 59.59 -50.99 -21.85
C ARG U 226 60.16 -50.09 -22.93
N GLU U 227 59.83 -48.79 -22.87
CA GLU U 227 60.51 -47.80 -23.67
C GLU U 227 61.51 -47.05 -22.79
N LYS U 228 62.68 -46.79 -23.34
CA LYS U 228 63.77 -46.23 -22.56
C LYS U 228 63.68 -44.71 -22.50
N MET U 229 64.41 -44.13 -21.55
CA MET U 229 64.54 -42.68 -21.41
C MET U 229 65.96 -42.28 -21.74
N ASN U 230 66.10 -41.18 -22.49
CA ASN U 230 67.40 -40.78 -22.98
C ASN U 230 68.25 -40.14 -21.88
N ARG U 231 69.49 -39.80 -22.26
CA ARG U 231 70.48 -39.34 -21.29
C ARG U 231 70.20 -37.90 -20.85
N MET U 232 69.40 -37.18 -21.62
CA MET U 232 68.99 -35.84 -21.22
C MET U 232 67.97 -35.93 -20.09
N ARG U 233 67.04 -36.87 -20.19
CA ARG U 233 66.03 -37.04 -19.14
C ARG U 233 66.67 -37.65 -17.89
N GLN U 234 67.80 -38.34 -18.05
CA GLN U 234 68.59 -38.83 -16.93
C GLN U 234 69.04 -37.69 -16.02
N ARG U 235 69.52 -36.60 -16.61
CA ARG U 235 70.10 -35.52 -15.81
C ARG U 235 69.00 -34.64 -15.21
N ILE U 236 67.87 -34.51 -15.89
CA ILE U 236 66.75 -33.69 -15.39
C ILE U 236 66.19 -34.32 -14.12
N ALA U 237 66.00 -35.63 -14.13
CA ALA U 237 65.57 -36.33 -12.93
C ALA U 237 66.67 -36.38 -11.89
N GLN U 238 67.93 -36.23 -12.29
CA GLN U 238 69.02 -36.20 -11.33
C GLN U 238 69.10 -34.86 -10.62
N ARG U 239 68.96 -33.76 -11.37
CA ARG U 239 68.98 -32.43 -10.75
C ARG U 239 67.77 -32.20 -9.86
N LEU U 240 66.66 -32.89 -10.17
CA LEU U 240 65.43 -32.67 -9.42
C LEU U 240 65.52 -33.24 -8.02
N LYS U 241 66.14 -34.41 -7.88
CA LYS U 241 66.31 -35.02 -6.57
C LYS U 241 67.42 -34.35 -5.77
N GLU U 242 68.36 -33.68 -6.43
CA GLU U 242 69.38 -32.93 -5.70
C GLU U 242 68.80 -31.66 -5.10
N ALA U 243 67.72 -31.13 -5.68
CA ALA U 243 67.10 -29.94 -5.13
C ALA U 243 66.33 -30.25 -3.84
N GLN U 244 65.87 -31.49 -3.68
CA GLN U 244 65.18 -31.84 -2.45
C GLN U 244 66.16 -32.27 -1.36
N ASN U 245 67.25 -32.92 -1.73
CA ASN U 245 68.21 -33.41 -0.76
C ASN U 245 69.17 -32.32 -0.27
N THR U 246 69.14 -31.14 -0.85
CA THR U 246 70.02 -30.05 -0.43
C THR U 246 69.31 -29.13 0.58
N CYS U 247 68.17 -28.59 0.21
CA CYS U 247 67.51 -27.55 0.97
C CYS U 247 66.21 -28.04 1.58
N ALA U 248 65.89 -27.52 2.76
CA ALA U 248 64.69 -27.92 3.50
C ALA U 248 63.53 -27.03 3.07
N MET U 249 62.71 -27.54 2.16
CA MET U 249 61.66 -26.75 1.55
C MET U 249 60.39 -26.80 2.39
N LEU U 250 59.77 -25.63 2.58
CA LEU U 250 58.46 -25.50 3.18
C LEU U 250 57.62 -24.64 2.24
N THR U 251 56.33 -24.51 2.54
CA THR U 251 55.42 -23.79 1.66
C THR U 251 54.44 -22.98 2.49
N THR U 252 54.15 -21.76 2.05
CA THR U 252 53.17 -20.91 2.72
C THR U 252 52.26 -20.31 1.67
N PHE U 253 51.00 -20.05 2.04
CA PHE U 253 49.96 -19.64 1.11
C PHE U 253 49.34 -18.32 1.56
N ASN U 254 48.64 -17.67 0.64
CA ASN U 254 47.93 -16.43 0.91
C ASN U 254 46.88 -16.28 -0.19
N GLU U 255 46.29 -15.09 -0.32
CA GLU U 255 45.19 -14.91 -1.25
C GLU U 255 45.10 -13.46 -1.69
N ILE U 256 45.08 -13.24 -2.99
CA ILE U 256 45.15 -11.91 -3.59
C ILE U 256 43.83 -11.60 -4.26
N ASP U 257 43.32 -10.39 -4.05
CA ASP U 257 42.11 -9.89 -4.72
C ASP U 257 42.52 -9.15 -5.98
N MET U 258 42.07 -9.65 -7.13
CA MET U 258 42.54 -9.18 -8.44
C MET U 258 41.60 -8.16 -9.07
N SER U 259 40.98 -7.28 -8.28
CA SER U 259 40.00 -6.36 -8.84
C SER U 259 40.66 -5.12 -9.41
N ASN U 260 41.70 -4.61 -8.76
CA ASN U 260 42.34 -3.39 -9.23
C ASN U 260 43.23 -3.63 -10.44
N ILE U 261 43.56 -4.89 -10.72
CA ILE U 261 44.37 -5.18 -11.89
C ILE U 261 43.48 -5.30 -13.12
N GLN U 262 42.27 -5.84 -12.96
CA GLN U 262 41.43 -6.09 -14.12
C GLN U 262 40.83 -4.81 -14.67
N ASP U 263 40.48 -3.84 -13.81
CA ASP U 263 39.95 -2.59 -14.35
C ASP U 263 41.07 -1.69 -14.85
N MET U 264 42.30 -1.92 -14.39
CA MET U 264 43.44 -1.30 -15.06
C MET U 264 43.59 -1.85 -16.46
N ARG U 265 43.36 -3.15 -16.63
CA ARG U 265 43.38 -3.74 -17.96
C ARG U 265 42.09 -3.49 -18.72
N ALA U 266 41.04 -3.02 -18.07
CA ALA U 266 39.79 -2.81 -18.78
C ALA U 266 39.76 -1.50 -19.54
N ARG U 267 40.39 -0.44 -19.01
CA ARG U 267 40.31 0.88 -19.61
C ARG U 267 41.60 1.28 -20.31
N HIS U 268 42.74 0.72 -19.92
CA HIS U 268 43.98 1.13 -20.55
C HIS U 268 44.51 0.13 -21.57
N LYS U 269 43.76 -0.92 -21.91
CA LYS U 269 44.30 -1.90 -22.86
C LYS U 269 44.27 -1.38 -24.29
N GLU U 270 43.46 -0.36 -24.57
CA GLU U 270 43.36 0.13 -25.94
C GLU U 270 44.42 1.17 -26.24
N ALA U 271 44.68 2.06 -25.30
CA ALA U 271 45.77 3.03 -25.46
C ALA U 271 47.14 2.39 -25.31
N PHE U 272 47.21 1.19 -24.70
CA PHE U 272 48.48 0.49 -24.60
C PHE U 272 48.85 -0.16 -25.92
N LEU U 273 47.85 -0.68 -26.62
CA LEU U 273 48.10 -1.38 -27.89
C LEU U 273 48.42 -0.39 -29.00
N LYS U 274 47.77 0.78 -28.99
CA LYS U 274 48.02 1.78 -30.00
C LYS U 274 49.41 2.39 -29.84
N LYS U 275 49.88 2.54 -28.61
CA LYS U 275 51.11 3.28 -28.38
C LYS U 275 52.33 2.38 -28.30
N HIS U 276 52.17 1.11 -27.93
CA HIS U 276 53.30 0.21 -27.77
C HIS U 276 53.27 -1.01 -28.68
N ASN U 277 52.12 -1.35 -29.27
CA ASN U 277 51.87 -2.58 -30.02
C ASN U 277 52.22 -3.81 -29.18
N LEU U 278 51.59 -3.89 -28.00
CA LEU U 278 51.77 -5.02 -27.10
C LEU U 278 50.43 -5.32 -26.43
N LYS U 279 50.35 -6.48 -25.79
CA LYS U 279 49.17 -6.86 -25.05
C LYS U 279 49.42 -6.66 -23.56
N LEU U 280 48.38 -6.21 -22.86
CA LEU U 280 48.48 -5.93 -21.43
C LEU U 280 47.95 -7.13 -20.65
N GLY U 281 48.85 -7.82 -19.95
CA GLY U 281 48.53 -9.04 -19.25
C GLY U 281 48.70 -8.95 -17.74
N PHE U 282 48.44 -10.08 -17.09
CA PHE U 282 48.58 -10.18 -15.64
C PHE U 282 50.03 -10.34 -15.23
N MET U 283 50.85 -10.95 -16.09
CA MET U 283 52.21 -11.37 -15.74
C MET U 283 53.12 -10.22 -15.36
N SER U 284 53.01 -9.08 -16.04
CA SER U 284 53.88 -7.95 -15.74
C SER U 284 53.57 -7.29 -14.40
N ALA U 285 52.39 -7.52 -13.83
CA ALA U 285 52.09 -6.99 -12.51
C ALA U 285 52.74 -7.81 -11.41
N PHE U 286 52.97 -9.10 -11.67
CA PHE U 286 53.60 -9.97 -10.68
C PHE U 286 55.12 -9.88 -10.73
N VAL U 287 55.68 -9.57 -11.89
CA VAL U 287 57.13 -9.45 -12.00
C VAL U 287 57.61 -8.15 -11.38
N LYS U 288 56.87 -7.06 -11.58
CA LYS U 288 57.26 -5.78 -11.00
C LYS U 288 57.02 -5.75 -9.50
N ALA U 289 55.99 -6.42 -9.00
CA ALA U 289 55.78 -6.50 -7.57
C ALA U 289 56.76 -7.44 -6.89
N SER U 290 57.36 -8.36 -7.64
CA SER U 290 58.34 -9.26 -7.06
C SER U 290 59.70 -8.58 -6.90
N ALA U 291 60.05 -7.70 -7.82
CA ALA U 291 61.30 -6.95 -7.69
C ALA U 291 61.19 -5.90 -6.59
N PHE U 292 59.96 -5.48 -6.27
CA PHE U 292 59.76 -4.54 -5.18
C PHE U 292 59.99 -5.22 -3.83
N ALA U 293 59.52 -6.46 -3.68
CA ALA U 293 59.63 -7.13 -2.40
C ALA U 293 61.04 -7.65 -2.15
N LEU U 294 61.77 -7.97 -3.22
CA LEU U 294 63.11 -8.53 -3.06
C LEU U 294 64.13 -7.47 -2.68
N GLN U 295 63.93 -6.23 -3.12
CA GLN U 295 64.89 -5.18 -2.79
C GLN U 295 64.65 -4.63 -1.40
N GLU U 296 63.56 -5.05 -0.75
CA GLU U 296 63.33 -4.63 0.63
C GLU U 296 63.90 -5.65 1.62
N GLN U 297 63.73 -6.93 1.34
CA GLN U 297 64.32 -7.99 2.13
C GLN U 297 65.38 -8.70 1.30
N PRO U 298 66.67 -8.36 1.44
CA PRO U 298 67.70 -9.01 0.64
C PRO U 298 68.04 -10.44 1.03
N VAL U 299 67.47 -10.96 2.11
CA VAL U 299 67.84 -12.30 2.56
C VAL U 299 67.17 -13.36 1.67
N VAL U 300 66.07 -13.00 1.02
CA VAL U 300 65.43 -13.92 0.07
C VAL U 300 66.23 -13.96 -1.22
N ASN U 301 67.00 -12.90 -1.47
CA ASN U 301 67.82 -12.84 -2.68
C ASN U 301 69.10 -13.68 -2.52
N ALA U 302 69.46 -14.01 -1.27
CA ALA U 302 70.68 -14.72 -0.96
C ALA U 302 70.66 -16.18 -1.41
N VAL U 303 71.85 -16.81 -1.47
CA VAL U 303 72.02 -18.22 -1.79
C VAL U 303 73.11 -18.79 -0.89
N ILE U 304 72.84 -19.96 -0.30
CA ILE U 304 73.84 -20.70 0.47
C ILE U 304 74.60 -21.60 -0.50
N ASP U 305 75.90 -21.38 -0.65
CA ASP U 305 76.80 -22.30 -1.35
C ASP U 305 77.46 -23.20 -0.32
N ASP U 306 77.21 -24.50 -0.44
CA ASP U 306 77.79 -25.48 0.48
C ASP U 306 79.20 -25.91 0.11
N THR U 307 79.83 -25.26 -0.86
CA THR U 307 81.22 -25.54 -1.16
C THR U 307 82.13 -25.01 -0.06
N THR U 308 82.06 -23.71 0.21
CA THR U 308 82.79 -23.13 1.32
C THR U 308 81.90 -22.79 2.51
N LYS U 309 80.66 -23.31 2.52
CA LYS U 309 79.65 -23.01 3.53
C LYS U 309 79.40 -21.50 3.66
N GLU U 310 79.08 -20.87 2.54
CA GLU U 310 79.06 -19.42 2.43
C GLU U 310 77.64 -18.94 2.15
N VAL U 311 77.38 -17.67 2.46
CA VAL U 311 76.09 -17.04 2.21
C VAL U 311 76.32 -15.94 1.19
N VAL U 312 75.86 -16.15 -0.04
CA VAL U 312 76.18 -15.25 -1.16
C VAL U 312 75.04 -14.27 -1.32
N TYR U 313 75.23 -13.03 -0.89
CA TYR U 313 74.28 -11.99 -1.18
C TYR U 313 74.43 -11.55 -2.63
N ARG U 314 73.39 -10.91 -3.16
CA ARG U 314 73.44 -10.32 -4.49
C ARG U 314 72.81 -8.93 -4.41
N ASP U 315 73.21 -8.07 -5.34
CA ASP U 315 72.67 -6.73 -5.43
C ASP U 315 71.88 -6.50 -6.71
N TYR U 316 71.78 -7.50 -7.58
CA TYR U 316 70.98 -7.44 -8.78
C TYR U 316 69.81 -8.41 -8.67
N ILE U 317 68.76 -8.13 -9.44
CA ILE U 317 67.54 -8.92 -9.39
C ILE U 317 67.26 -9.44 -10.80
N ASP U 318 67.30 -10.76 -10.96
CA ASP U 318 67.02 -11.41 -12.24
C ASP U 318 65.92 -12.44 -12.03
N ILE U 319 64.71 -12.12 -12.45
CA ILE U 319 63.55 -12.97 -12.22
C ILE U 319 63.38 -13.90 -13.41
N SER U 320 63.39 -15.20 -13.16
CA SER U 320 63.15 -16.19 -14.19
C SER U 320 61.65 -16.42 -14.35
N VAL U 321 61.20 -16.50 -15.58
CA VAL U 321 59.78 -16.62 -15.89
C VAL U 321 59.56 -17.91 -16.67
N ALA U 322 58.85 -18.85 -16.08
CA ALA U 322 58.51 -20.11 -16.74
C ALA U 322 57.34 -19.86 -17.68
N VAL U 323 57.59 -19.91 -18.99
CA VAL U 323 56.54 -19.69 -19.98
C VAL U 323 56.37 -21.00 -20.78
N ALA U 324 55.30 -21.73 -20.46
CA ALA U 324 55.03 -23.04 -21.05
C ALA U 324 54.52 -22.83 -22.46
N THR U 325 55.35 -23.18 -23.44
CA THR U 325 54.98 -23.08 -24.85
C THR U 325 54.44 -24.44 -25.29
N PRO U 326 54.07 -24.60 -26.59
CA PRO U 326 53.65 -25.92 -27.02
C PRO U 326 54.71 -27.00 -26.86
N ARG U 327 55.97 -26.68 -27.11
CA ARG U 327 57.04 -27.66 -27.02
C ARG U 327 57.19 -28.20 -25.59
N GLY U 328 57.08 -27.34 -24.60
CA GLY U 328 57.23 -27.78 -23.21
C GLY U 328 57.55 -26.62 -22.30
N LEU U 329 58.17 -26.88 -21.16
CA LEU U 329 58.55 -25.80 -20.26
C LEU U 329 59.92 -25.23 -20.65
N VAL U 330 60.01 -23.90 -20.63
CA VAL U 330 61.29 -23.20 -20.73
C VAL U 330 61.32 -22.11 -19.67
N VAL U 331 62.51 -21.84 -19.14
CA VAL U 331 62.65 -20.87 -18.06
C VAL U 331 63.68 -19.78 -18.39
N PRO U 332 63.37 -18.82 -19.27
CA PRO U 332 64.33 -17.75 -19.53
C PRO U 332 64.34 -16.73 -18.41
N VAL U 333 65.33 -15.84 -18.47
CA VAL U 333 65.62 -14.90 -17.39
C VAL U 333 65.41 -13.48 -17.90
N ILE U 334 64.71 -12.68 -17.11
CA ILE U 334 64.60 -11.24 -17.33
C ILE U 334 65.67 -10.56 -16.49
N ARG U 335 66.53 -9.78 -17.15
CA ARG U 335 67.70 -9.22 -16.52
C ARG U 335 67.43 -7.80 -16.03
N ASN U 336 67.87 -7.52 -14.80
CA ASN U 336 67.90 -6.18 -14.19
C ASN U 336 66.50 -5.56 -14.12
N VAL U 337 65.67 -6.17 -13.27
CA VAL U 337 64.26 -5.80 -13.19
C VAL U 337 64.04 -4.54 -12.36
N GLU U 338 65.09 -4.03 -11.69
CA GLU U 338 64.94 -2.93 -10.75
C GLU U 338 64.56 -1.60 -11.41
N THR U 339 64.97 -1.38 -12.65
CA THR U 339 64.79 -0.09 -13.30
C THR U 339 63.61 -0.06 -14.27
N MET U 340 62.92 -1.16 -14.46
CA MET U 340 61.91 -1.26 -15.51
C MET U 340 60.55 -0.76 -15.02
N ASN U 341 59.63 -0.66 -15.98
CA ASN U 341 58.21 -0.43 -15.70
C ASN U 341 57.42 -1.53 -16.38
N TYR U 342 56.09 -1.36 -16.45
CA TYR U 342 55.27 -2.38 -17.10
C TYR U 342 55.52 -2.43 -18.61
N ALA U 343 55.94 -1.32 -19.20
CA ALA U 343 56.18 -1.31 -20.64
C ALA U 343 57.47 -2.04 -21.01
N ASP U 344 58.47 -1.99 -20.13
CA ASP U 344 59.74 -2.63 -20.43
C ASP U 344 59.65 -4.13 -20.24
N ILE U 345 58.91 -4.58 -19.23
CA ILE U 345 58.73 -5.99 -18.93
C ILE U 345 57.94 -6.66 -20.04
N GLU U 346 56.94 -5.95 -20.57
CA GLU U 346 56.10 -6.53 -21.61
C GLU U 346 56.85 -6.68 -22.93
N ARG U 347 57.81 -5.81 -23.20
CA ARG U 347 58.65 -6.01 -24.37
C ARG U 347 59.53 -7.23 -24.22
N THR U 348 60.08 -7.42 -23.02
CA THR U 348 61.04 -8.48 -22.79
C THR U 348 60.38 -9.86 -22.87
N ILE U 349 59.16 -9.98 -22.37
CA ILE U 349 58.48 -11.27 -22.38
C ILE U 349 58.00 -11.61 -23.79
N SER U 350 57.54 -10.61 -24.54
CA SER U 350 56.89 -10.86 -25.81
C SER U 350 57.88 -11.32 -26.89
N GLU U 351 59.01 -10.62 -27.02
CA GLU U 351 59.95 -10.97 -28.08
C GLU U 351 60.74 -12.21 -27.71
N LEU U 352 61.00 -12.43 -26.43
CA LEU U 352 61.67 -13.66 -26.01
C LEU U 352 60.72 -14.84 -25.99
N GLY U 353 59.41 -14.58 -25.90
CA GLY U 353 58.45 -15.64 -26.08
C GLY U 353 58.43 -16.15 -27.51
N GLU U 354 58.71 -15.27 -28.46
CA GLU U 354 58.75 -15.68 -29.87
C GLU U 354 60.04 -16.45 -30.18
N LYS U 355 61.11 -16.19 -29.41
CA LYS U 355 62.37 -16.88 -29.67
C LYS U 355 62.28 -18.36 -29.29
N ALA U 356 61.77 -18.64 -28.09
CA ALA U 356 61.68 -20.03 -27.64
C ALA U 356 60.56 -20.78 -28.35
N ARG U 357 59.63 -20.06 -28.99
CA ARG U 357 58.55 -20.73 -29.71
C ARG U 357 59.07 -21.38 -30.99
N LYS U 358 59.93 -20.70 -31.72
CA LYS U 358 60.51 -21.24 -32.95
C LYS U 358 61.89 -21.84 -32.71
N ASN U 359 62.27 -22.03 -31.44
CA ASN U 359 63.50 -22.74 -31.01
C ASN U 359 64.76 -22.05 -31.52
N GLU U 360 64.97 -20.81 -31.11
CA GLU U 360 66.24 -20.12 -31.28
C GLU U 360 66.75 -19.62 -29.93
N LEU U 361 66.28 -20.24 -28.85
CA LEU U 361 66.51 -19.72 -27.51
C LEU U 361 67.83 -20.26 -27.00
N ALA U 362 68.76 -19.35 -26.69
CA ALA U 362 70.13 -19.75 -26.37
C ALA U 362 70.22 -20.34 -24.97
N ILE U 363 71.38 -20.92 -24.67
CA ILE U 363 71.60 -21.52 -23.35
C ILE U 363 72.09 -20.46 -22.37
N GLU U 364 72.83 -19.47 -22.88
CA GLU U 364 73.55 -18.52 -22.03
C GLU U 364 72.60 -17.59 -21.27
N ASP U 365 71.38 -17.42 -21.78
CA ASP U 365 70.37 -16.62 -21.10
C ASP U 365 69.27 -17.48 -20.45
N MET U 366 69.64 -18.62 -19.87
CA MET U 366 68.71 -19.44 -19.11
C MET U 366 69.17 -19.68 -17.70
N ASP U 367 70.32 -19.13 -17.31
CA ASP U 367 70.90 -19.40 -16.01
C ASP U 367 71.26 -18.10 -15.31
N GLY U 368 71.42 -18.19 -14.00
CA GLY U 368 71.75 -17.05 -13.17
C GLY U 368 70.57 -16.34 -12.56
N GLY U 369 69.37 -16.90 -12.65
CA GLY U 369 68.22 -16.27 -12.05
C GLY U 369 68.29 -16.33 -10.53
N THR U 370 67.61 -15.39 -9.88
CA THR U 370 67.62 -15.26 -8.44
C THR U 370 66.24 -15.51 -7.82
N PHE U 371 65.20 -15.56 -8.64
CA PHE U 371 63.83 -15.72 -8.17
C PHE U 371 63.02 -16.20 -9.38
N THR U 372 61.91 -16.89 -9.10
CA THR U 372 61.20 -17.56 -10.19
C THR U 372 59.70 -17.42 -10.02
N ILE U 373 59.03 -16.96 -11.05
CA ILE U 373 57.56 -16.98 -11.12
C ILE U 373 57.17 -18.23 -11.91
N SER U 374 56.12 -18.91 -11.45
CA SER U 374 55.65 -20.13 -12.11
C SER U 374 54.16 -20.00 -12.38
N ASN U 375 53.82 -19.71 -13.63
CA ASN U 375 52.42 -19.64 -14.04
C ASN U 375 51.96 -21.05 -14.37
N GLY U 376 51.38 -21.71 -13.39
CA GLY U 376 50.66 -22.95 -13.63
C GLY U 376 49.17 -22.69 -13.58
N GLY U 377 48.79 -21.43 -13.74
CA GLY U 377 47.41 -21.02 -13.60
C GLY U 377 46.68 -20.83 -14.90
N VAL U 378 47.32 -21.15 -16.01
CA VAL U 378 46.68 -21.06 -17.32
C VAL U 378 45.96 -22.36 -17.64
N PHE U 379 45.98 -23.30 -16.71
CA PHE U 379 45.27 -24.56 -16.85
C PHE U 379 44.15 -24.74 -15.85
N GLY U 380 44.15 -24.01 -14.74
CA GLY U 380 43.03 -24.05 -13.83
C GLY U 380 43.24 -24.83 -12.55
N SER U 381 44.46 -24.84 -12.04
CA SER U 381 44.67 -25.42 -10.72
C SER U 381 44.23 -24.45 -9.64
N LEU U 382 43.70 -24.98 -8.54
CA LEU U 382 43.27 -24.12 -7.45
C LEU U 382 44.45 -23.59 -6.68
N PHE U 383 45.24 -24.48 -6.07
CA PHE U 383 46.51 -24.15 -5.47
C PHE U 383 47.36 -25.41 -5.41
N GLY U 384 48.65 -25.24 -5.16
CA GLY U 384 49.56 -26.37 -5.18
C GLY U 384 50.94 -25.95 -4.74
N THR U 385 51.85 -26.94 -4.68
CA THR U 385 53.20 -26.72 -4.18
C THR U 385 54.19 -26.74 -5.32
N PRO U 386 54.95 -25.68 -5.56
CA PRO U 386 55.98 -25.71 -6.60
C PRO U 386 57.30 -26.27 -6.08
N ILE U 387 58.28 -26.31 -6.98
CA ILE U 387 59.60 -26.89 -6.71
C ILE U 387 60.68 -25.85 -7.00
N ILE U 388 61.69 -25.77 -6.13
CA ILE U 388 62.69 -24.72 -6.24
C ILE U 388 63.70 -25.03 -7.35
N ASN U 389 63.88 -24.07 -8.25
CA ASN U 389 64.99 -24.06 -9.17
C ASN U 389 66.31 -24.00 -8.39
N PRO U 390 67.14 -25.04 -8.48
CA PRO U 390 68.17 -25.30 -7.43
C PRO U 390 69.25 -24.26 -7.23
N PRO U 391 69.61 -23.39 -8.18
CA PRO U 391 70.50 -22.28 -7.78
C PRO U 391 69.82 -21.10 -7.11
N GLN U 392 68.59 -21.23 -6.62
CA GLN U 392 67.84 -20.14 -6.03
C GLN U 392 67.39 -20.53 -4.63
N SER U 393 66.67 -19.62 -3.97
CA SER U 393 66.27 -19.89 -2.60
C SER U 393 64.76 -19.83 -2.42
N ALA U 394 64.04 -19.24 -3.38
CA ALA U 394 62.59 -19.14 -3.27
C ALA U 394 61.96 -19.22 -4.65
N ILE U 395 60.65 -19.47 -4.67
CA ILE U 395 59.86 -19.51 -5.91
C ILE U 395 58.42 -19.14 -5.59
N LEU U 396 57.81 -18.32 -6.45
CA LEU U 396 56.43 -17.90 -6.32
C LEU U 396 55.59 -18.68 -7.32
N GLY U 397 54.46 -19.22 -6.87
CA GLY U 397 53.55 -19.92 -7.76
C GLY U 397 52.19 -19.29 -7.82
N MET U 398 51.85 -18.69 -8.95
CA MET U 398 50.54 -18.12 -9.16
C MET U 398 49.59 -19.16 -9.76
N HIS U 399 48.29 -18.93 -9.60
CA HIS U 399 47.30 -19.94 -9.94
C HIS U 399 46.11 -19.33 -10.65
N ALA U 400 45.01 -20.07 -10.75
CA ALA U 400 43.85 -19.68 -11.54
C ALA U 400 43.03 -18.64 -10.80
N ILE U 401 42.30 -17.83 -11.56
CA ILE U 401 41.44 -16.79 -11.02
C ILE U 401 40.00 -17.29 -11.06
N VAL U 402 39.36 -17.36 -9.90
CA VAL U 402 37.98 -17.79 -9.78
C VAL U 402 37.19 -16.71 -9.04
N ASP U 403 35.88 -16.70 -9.29
CA ASP U 403 34.98 -15.82 -8.57
C ASP U 403 34.44 -16.55 -7.36
N ARG U 404 34.73 -16.04 -6.17
CA ARG U 404 34.32 -16.65 -4.93
C ARG U 404 33.67 -15.59 -4.05
N PRO U 405 32.72 -15.98 -3.20
CA PRO U 405 32.12 -15.00 -2.29
C PRO U 405 33.09 -14.54 -1.23
N VAL U 406 33.10 -13.22 -0.99
CA VAL U 406 34.09 -12.54 -0.17
C VAL U 406 33.37 -11.68 0.85
N ALA U 407 33.78 -11.74 2.11
CA ALA U 407 33.23 -10.87 3.14
C ALA U 407 34.02 -9.57 3.16
N VAL U 408 33.49 -8.52 2.55
CA VAL U 408 34.13 -7.22 2.52
C VAL U 408 33.18 -6.18 3.12
N GLY U 409 33.67 -5.46 4.12
CA GLY U 409 32.88 -4.45 4.81
C GLY U 409 31.69 -4.98 5.58
N GLY U 410 31.70 -6.25 5.95
CA GLY U 410 30.56 -6.85 6.61
C GLY U 410 29.47 -7.33 5.68
N LYS U 411 29.71 -7.32 4.36
CA LYS U 411 28.76 -7.79 3.38
C LYS U 411 29.44 -8.82 2.49
N VAL U 412 28.62 -9.63 1.82
CA VAL U 412 29.10 -10.77 1.05
C VAL U 412 29.02 -10.40 -0.42
N GLU U 413 30.17 -10.01 -0.98
CA GLU U 413 30.29 -9.72 -2.40
C GLU U 413 30.95 -10.89 -3.12
N ILE U 414 31.05 -10.77 -4.44
CA ILE U 414 31.71 -11.76 -5.28
C ILE U 414 32.85 -11.05 -6.00
N ARG U 415 34.08 -11.50 -5.77
CA ARG U 415 35.25 -10.85 -6.32
C ARG U 415 36.24 -11.89 -6.82
N PRO U 416 36.93 -11.61 -7.95
CA PRO U 416 37.89 -12.57 -8.50
C PRO U 416 39.16 -12.64 -7.68
N MET U 417 39.45 -13.80 -7.11
CA MET U 417 40.60 -13.94 -6.23
C MET U 417 41.49 -15.10 -6.64
N MET U 418 42.77 -14.98 -6.32
CA MET U 418 43.80 -15.94 -6.68
C MET U 418 44.52 -16.44 -5.43
N TYR U 419 44.77 -17.74 -5.36
CA TYR U 419 45.67 -18.29 -4.34
C TYR U 419 47.09 -18.25 -4.87
N VAL U 420 48.03 -17.87 -4.00
CA VAL U 420 49.44 -17.87 -4.35
C VAL U 420 50.20 -18.71 -3.33
N ALA U 421 51.37 -19.17 -3.73
CA ALA U 421 52.20 -20.03 -2.91
C ALA U 421 53.64 -19.57 -2.98
N LEU U 422 54.40 -19.83 -1.92
CA LEU U 422 55.80 -19.46 -1.85
C LEU U 422 56.57 -20.61 -1.21
N THR U 423 57.42 -21.26 -1.99
CA THR U 423 58.25 -22.34 -1.48
C THR U 423 59.64 -21.80 -1.18
N TYR U 424 60.07 -21.93 0.06
CA TYR U 424 61.28 -21.26 0.51
C TYR U 424 62.21 -22.24 1.21
N ASP U 425 63.47 -21.86 1.28
CA ASP U 425 64.52 -22.65 1.93
C ASP U 425 64.53 -22.28 3.41
N HIS U 426 64.29 -23.26 4.28
CA HIS U 426 64.19 -22.95 5.70
C HIS U 426 65.57 -22.95 6.36
N ARG U 427 66.61 -23.39 5.65
CA ARG U 427 67.96 -23.25 6.17
C ARG U 427 68.38 -21.78 6.25
N LEU U 428 67.91 -20.97 5.31
CA LEU U 428 68.32 -19.59 5.16
C LEU U 428 67.25 -18.60 5.56
N ILE U 429 66.04 -18.77 5.07
CA ILE U 429 64.95 -17.83 5.29
C ILE U 429 64.18 -18.26 6.52
N ASP U 430 63.87 -17.29 7.39
CA ASP U 430 63.16 -17.56 8.63
C ASP U 430 61.69 -17.85 8.32
N GLY U 431 60.96 -18.40 9.28
CA GLY U 431 59.57 -18.70 9.07
C GLY U 431 58.69 -17.47 9.05
N ARG U 432 59.12 -16.42 9.75
CA ARG U 432 58.38 -15.16 9.74
C ARG U 432 58.79 -14.26 8.59
N GLU U 433 59.95 -14.49 7.99
CA GLU U 433 60.37 -13.64 6.88
C GLU U 433 59.69 -14.06 5.59
N ALA U 434 59.31 -15.33 5.47
CA ALA U 434 58.60 -15.77 4.29
C ALA U 434 57.16 -15.29 4.30
N VAL U 435 56.57 -15.14 5.49
CA VAL U 435 55.20 -14.64 5.58
C VAL U 435 55.16 -13.16 5.25
N THR U 436 56.14 -12.40 5.73
CA THR U 436 56.20 -10.97 5.48
C THR U 436 56.51 -10.69 4.01
N PHE U 437 57.26 -11.59 3.37
CA PHE U 437 57.59 -11.44 1.96
C PHE U 437 56.35 -11.58 1.08
N LEU U 438 55.57 -12.64 1.31
CA LEU U 438 54.39 -12.89 0.50
C LEU U 438 53.28 -11.91 0.82
N ARG U 439 53.29 -11.33 2.03
CA ARG U 439 52.31 -10.31 2.37
C ARG U 439 52.64 -9.00 1.66
N LYS U 440 53.90 -8.80 1.28
CA LYS U 440 54.30 -7.58 0.61
C LYS U 440 54.01 -7.63 -0.88
N ILE U 441 54.06 -8.84 -1.46
CA ILE U 441 53.65 -9.02 -2.85
C ILE U 441 52.15 -8.79 -2.99
N LYS U 442 51.38 -9.18 -1.97
CA LYS U 442 49.93 -8.97 -2.00
C LYS U 442 49.56 -7.50 -1.98
N ALA U 443 50.32 -6.67 -1.25
CA ALA U 443 49.98 -5.27 -1.13
C ALA U 443 50.26 -4.51 -2.42
N ALA U 444 51.18 -5.00 -3.23
CA ALA U 444 51.53 -4.36 -4.49
C ALA U 444 50.76 -4.91 -5.68
N VAL U 445 49.83 -5.83 -5.44
CA VAL U 445 48.89 -6.27 -6.47
C VAL U 445 47.45 -5.92 -6.10
N GLU U 446 47.10 -5.89 -4.81
CA GLU U 446 45.81 -5.36 -4.42
C GLU U 446 45.74 -3.85 -4.58
N ASP U 447 46.87 -3.16 -4.61
CA ASP U 447 46.93 -1.73 -4.81
C ASP U 447 48.27 -1.41 -5.45
N PRO U 448 48.35 -1.28 -6.77
CA PRO U 448 49.64 -1.09 -7.42
C PRO U 448 50.21 0.32 -7.33
N ARG U 449 49.59 1.21 -6.55
CA ARG U 449 50.15 2.54 -6.35
C ARG U 449 51.17 2.58 -5.22
N VAL U 450 51.40 1.46 -4.54
CA VAL U 450 52.40 1.39 -3.49
C VAL U 450 53.80 1.40 -4.10
N LEU U 451 53.91 0.99 -5.37
CA LEU U 451 55.19 1.02 -6.09
C LEU U 451 55.72 2.42 -6.29
N LEU U 452 54.84 3.43 -6.27
CA LEU U 452 55.25 4.82 -6.30
C LEU U 452 55.55 5.38 -4.91
N LEU U 453 54.91 4.83 -3.88
CA LEU U 453 55.12 5.21 -2.49
C LEU U 453 56.21 4.31 -1.90
N ASP U 454 56.35 4.22 -0.58
CA ASP U 454 57.14 3.23 0.17
C ASP U 454 57.30 1.83 -0.44
N LEU V 221 40.19 64.01 5.66
CA LEU V 221 41.60 64.33 5.73
C LEU V 221 42.33 63.57 4.61
N ARG V 222 43.11 64.29 3.83
CA ARG V 222 43.79 63.76 2.64
C ARG V 222 45.29 63.79 2.89
N ALA V 223 45.84 62.67 3.34
CA ALA V 223 47.26 62.54 3.63
C ALA V 223 47.86 61.47 2.73
N GLU V 224 49.02 61.78 2.16
CA GLU V 224 49.79 60.80 1.40
C GLU V 224 51.27 61.06 1.67
N HIS V 225 52.04 59.98 1.74
CA HIS V 225 53.46 60.10 2.07
C HIS V 225 54.28 59.18 1.19
N ARG V 226 55.41 59.69 0.72
CA ARG V 226 56.26 58.97 -0.22
C ARG V 226 57.30 58.15 0.55
N GLU V 227 57.14 56.85 0.59
CA GLU V 227 58.19 55.96 1.05
C GLU V 227 58.88 55.33 -0.14
N LYS V 228 60.21 55.23 -0.08
CA LYS V 228 60.99 54.79 -1.22
C LYS V 228 61.08 53.28 -1.28
N MET V 229 61.48 52.78 -2.44
CA MET V 229 61.73 51.36 -2.65
C MET V 229 63.23 51.15 -2.88
N ASN V 230 63.77 50.10 -2.27
CA ASN V 230 65.20 49.88 -2.30
C ASN V 230 65.67 49.34 -3.65
N ARG V 231 66.98 49.18 -3.76
CA ARG V 231 67.60 48.82 -5.04
C ARG V 231 67.36 47.35 -5.38
N MET V 232 67.00 46.55 -4.38
CA MET V 232 66.65 45.15 -4.65
C MET V 232 65.29 45.08 -5.32
N ARG V 233 64.34 45.89 -4.85
CA ARG V 233 63.01 45.91 -5.47
C ARG V 233 63.05 46.57 -6.84
N GLN V 234 64.08 47.41 -7.09
CA GLN V 234 64.32 47.96 -8.42
C GLN V 234 64.55 46.87 -9.45
N ARG V 235 65.36 45.86 -9.10
CA ARG V 235 65.72 44.85 -10.09
C ARG V 235 64.61 43.83 -10.28
N ILE V 236 63.83 43.55 -9.22
CA ILE V 236 62.73 42.59 -9.30
C ILE V 236 61.66 43.10 -10.26
N ALA V 237 61.32 44.39 -10.14
CA ALA V 237 60.39 45.00 -11.08
C ALA V 237 61.02 45.16 -12.45
N GLN V 238 62.35 45.18 -12.54
CA GLN V 238 63.00 45.28 -13.84
C GLN V 238 62.98 43.94 -14.56
N ARG V 239 63.27 42.85 -13.84
CA ARG V 239 63.25 41.52 -14.46
C ARG V 239 61.83 41.12 -14.85
N LEU V 240 60.84 41.65 -14.14
CA LEU V 240 59.46 41.27 -14.38
C LEU V 240 58.94 41.81 -15.71
N LYS V 241 59.31 43.04 -16.03
CA LYS V 241 58.91 43.64 -17.29
C LYS V 241 59.72 43.09 -18.47
N GLU V 242 60.93 42.58 -18.23
CA GLU V 242 61.68 41.94 -19.29
C GLU V 242 61.09 40.60 -19.68
N ALA V 243 60.39 39.94 -18.75
CA ALA V 243 59.76 38.66 -19.06
C ALA V 243 58.56 38.84 -19.97
N GLN V 244 57.91 40.01 -19.92
CA GLN V 244 56.77 40.24 -20.81
C GLN V 244 57.21 40.76 -22.16
N ASN V 245 58.27 41.56 -22.20
CA ASN V 245 58.73 42.14 -23.45
C ASN V 245 59.57 41.19 -24.28
N THR V 246 59.92 40.02 -23.75
CA THR V 246 60.70 39.04 -24.50
C THR V 246 59.82 38.03 -25.21
N CYS V 247 58.97 37.34 -24.45
CA CYS V 247 58.21 36.20 -24.95
C CYS V 247 56.72 36.51 -25.02
N ALA V 248 56.06 35.93 -26.02
CA ALA V 248 54.63 36.15 -26.25
C ALA V 248 53.85 35.12 -25.44
N MET V 249 53.36 35.55 -24.28
CA MET V 249 52.72 34.63 -23.35
C MET V 249 51.24 34.50 -23.66
N LEU V 250 50.75 33.26 -23.65
CA LEU V 250 49.34 32.94 -23.73
C LEU V 250 49.01 32.01 -22.56
N THR V 251 47.74 31.70 -22.37
CA THR V 251 47.32 30.89 -21.24
C THR V 251 46.22 29.93 -21.67
N THR V 252 46.27 28.70 -21.18
CA THR V 252 45.23 27.72 -21.47
C THR V 252 44.84 27.02 -20.17
N PHE V 253 43.59 26.60 -20.06
CA PHE V 253 43.04 26.07 -18.83
C PHE V 253 42.47 24.67 -19.06
N ASN V 254 42.24 23.96 -17.96
CA ASN V 254 41.65 22.62 -17.97
C ASN V 254 41.11 22.37 -16.57
N GLU V 255 40.78 21.13 -16.26
CA GLU V 255 40.12 20.82 -15.00
C GLU V 255 40.39 19.38 -14.60
N ILE V 256 40.88 19.20 -13.38
CA ILE V 256 41.33 17.90 -12.89
C ILE V 256 40.40 17.44 -11.78
N ASP V 257 40.01 16.17 -11.82
CA ASP V 257 39.22 15.53 -10.78
C ASP V 257 40.15 14.88 -9.77
N MET V 258 40.10 15.34 -8.52
CA MET V 258 41.06 14.97 -7.49
C MET V 258 40.56 13.86 -6.59
N SER V 259 39.82 12.88 -7.12
CA SER V 259 39.24 11.86 -6.25
C SER V 259 40.22 10.72 -6.00
N ASN V 260 41.01 10.34 -7.00
CA ASN V 260 41.93 9.22 -6.82
C ASN V 260 43.16 9.61 -6.03
N ILE V 261 43.40 10.91 -5.86
CA ILE V 261 44.54 11.34 -5.06
C ILE V 261 44.16 11.37 -3.58
N GLN V 262 42.91 11.74 -3.28
CA GLN V 262 42.53 11.90 -1.88
C GLN V 262 42.35 10.56 -1.18
N ASP V 263 41.84 9.54 -1.88
CA ASP V 263 41.72 8.24 -1.22
C ASP V 263 43.04 7.51 -1.18
N MET V 264 43.98 7.89 -2.05
CA MET V 264 45.35 7.45 -1.88
C MET V 264 45.94 8.03 -0.61
N ARG V 265 45.62 9.29 -0.33
CA ARG V 265 46.05 9.92 0.91
C ARG V 265 45.18 9.53 2.08
N ALA V 266 44.02 8.90 1.85
CA ALA V 266 43.17 8.54 2.97
C ALA V 266 43.59 7.26 3.65
N ARG V 267 44.11 6.29 2.90
CA ARG V 267 44.43 4.98 3.46
C ARG V 267 45.92 4.77 3.62
N HIS V 268 46.76 5.46 2.86
CA HIS V 268 48.19 5.23 2.98
C HIS V 268 48.91 6.31 3.76
N LYS V 269 48.23 7.26 4.38
CA LYS V 269 48.94 8.33 5.08
C LYS V 269 49.50 7.85 6.41
N GLU V 270 49.00 6.74 6.94
CA GLU V 270 49.47 6.27 8.24
C GLU V 270 50.69 5.39 8.10
N ALA V 271 50.71 4.51 7.11
CA ALA V 271 51.88 3.70 6.83
C ALA V 271 53.01 4.52 6.20
N PHE V 272 52.69 5.69 5.65
CA PHE V 272 53.73 6.54 5.10
C PHE V 272 54.47 7.28 6.21
N LEU V 273 53.75 7.68 7.25
CA LEU V 273 54.35 8.43 8.35
C LEU V 273 55.18 7.51 9.24
N LYS V 274 54.73 6.28 9.43
CA LYS V 274 55.47 5.34 10.26
C LYS V 274 56.76 4.91 9.59
N LYS V 275 56.76 4.80 8.26
CA LYS V 275 57.91 4.22 7.57
C LYS V 275 58.89 5.27 7.07
N HIS V 276 58.44 6.49 6.82
CA HIS V 276 59.31 7.54 6.28
C HIS V 276 59.45 8.77 7.17
N ASN V 277 58.56 8.96 8.15
CA ASN V 277 58.45 10.17 8.98
C ASN V 277 58.30 11.41 8.09
N LEU V 278 57.28 11.39 7.23
CA LEU V 278 56.97 12.50 6.35
C LEU V 278 55.46 12.60 6.24
N LYS V 279 55.00 13.74 5.70
CA LYS V 279 53.59 13.94 5.45
C LYS V 279 53.29 13.73 3.97
N LEU V 280 52.13 13.13 3.70
CA LEU V 280 51.73 12.84 2.32
C LEU V 280 50.81 13.93 1.81
N GLY V 281 51.29 14.72 0.85
CA GLY V 281 50.57 15.87 0.36
C GLY V 281 50.19 15.77 -1.11
N PHE V 282 49.57 16.85 -1.59
CA PHE V 282 49.15 16.92 -2.99
C PHE V 282 50.31 17.26 -3.91
N MET V 283 51.30 17.99 -3.39
CA MET V 283 52.37 18.57 -4.19
C MET V 283 53.23 17.54 -4.92
N SER V 284 53.52 16.41 -4.27
CA SER V 284 54.36 15.40 -4.91
C SER V 284 53.67 14.67 -6.06
N ALA V 285 52.34 14.74 -6.14
CA ALA V 285 51.65 14.14 -7.27
C ALA V 285 51.72 15.02 -8.52
N PHE V 286 51.87 16.33 -8.33
CA PHE V 286 51.98 17.25 -9.46
C PHE V 286 53.39 17.36 -9.97
N VAL V 287 54.39 17.15 -9.11
CA VAL V 287 55.77 17.23 -9.53
C VAL V 287 56.15 15.98 -10.33
N LYS V 288 55.70 14.81 -9.89
CA LYS V 288 56.00 13.58 -10.61
C LYS V 288 55.23 13.47 -11.92
N ALA V 289 54.01 14.00 -11.98
CA ALA V 289 53.28 14.02 -13.24
C ALA V 289 53.82 15.06 -14.20
N SER V 290 54.53 16.07 -13.70
CA SER V 290 55.11 17.08 -14.58
C SER V 290 56.37 16.58 -15.25
N ALA V 291 57.16 15.77 -14.54
CA ALA V 291 58.36 15.18 -15.14
C ALA V 291 57.99 14.11 -16.15
N PHE V 292 56.80 13.51 -16.00
CA PHE V 292 56.33 12.54 -16.97
C PHE V 292 55.95 13.20 -18.29
N ALA V 293 55.31 14.37 -18.23
CA ALA V 293 54.86 15.02 -19.44
C ALA V 293 55.99 15.71 -20.17
N LEU V 294 57.01 16.15 -19.44
CA LEU V 294 58.12 16.88 -20.07
C LEU V 294 59.05 15.95 -20.82
N GLN V 295 59.19 14.70 -20.37
CA GLN V 295 60.09 13.79 -21.06
C GLN V 295 59.43 13.17 -22.28
N GLU V 296 58.13 13.42 -22.48
CA GLU V 296 57.46 12.96 -23.68
C GLU V 296 57.50 14.01 -24.78
N GLN V 297 57.27 15.27 -24.43
CA GLN V 297 57.40 16.38 -25.36
C GLN V 297 58.59 17.24 -24.96
N PRO V 298 59.76 17.06 -25.57
CA PRO V 298 60.92 17.86 -25.18
C PRO V 298 60.90 19.31 -25.64
N VAL V 299 59.92 19.74 -26.42
CA VAL V 299 59.91 21.10 -26.93
C VAL V 299 59.48 22.08 -25.84
N VAL V 300 58.75 21.59 -24.83
CA VAL V 300 58.40 22.45 -23.70
C VAL V 300 59.61 22.63 -22.79
N ASN V 301 60.55 21.68 -22.86
CA ASN V 301 61.75 21.75 -22.05
C ASN V 301 62.75 22.74 -22.64
N ALA V 302 62.60 23.09 -23.92
CA ALA V 302 63.51 23.96 -24.64
C ALA V 302 63.47 25.41 -24.19
N VAL V 303 64.50 26.19 -24.56
CA VAL V 303 64.59 27.62 -24.28
C VAL V 303 65.19 28.30 -25.50
N ILE V 304 64.57 29.41 -25.92
CA ILE V 304 65.13 30.26 -26.98
C ILE V 304 66.05 31.27 -26.33
N ASP V 305 67.33 31.22 -26.68
CA ASP V 305 68.29 32.26 -26.33
C ASP V 305 68.41 33.22 -27.52
N ASP V 306 68.07 34.48 -27.28
CA ASP V 306 68.12 35.50 -28.32
C ASP V 306 69.50 36.13 -28.47
N THR V 307 70.53 35.58 -27.82
CA THR V 307 71.89 36.05 -28.05
C THR V 307 72.38 35.62 -29.42
N THR V 308 72.38 34.32 -29.69
CA THR V 308 72.73 33.80 -30.99
C THR V 308 71.52 33.33 -31.79
N LYS V 309 70.31 33.68 -31.33
CA LYS V 309 69.04 33.23 -31.91
C LYS V 309 68.96 31.71 -31.97
N GLU V 310 69.16 31.06 -30.83
CA GLU V 310 69.37 29.62 -30.75
C GLU V 310 68.22 28.96 -29.99
N VAL V 311 68.03 27.66 -30.21
CA VAL V 311 67.02 26.88 -29.51
C VAL V 311 67.76 25.84 -28.69
N VAL V 312 67.75 26.01 -27.37
CA VAL V 312 68.58 25.21 -26.47
C VAL V 312 67.71 24.09 -25.92
N TYR V 313 67.90 22.87 -26.43
CA TYR V 313 67.25 21.71 -25.83
C TYR V 313 67.98 21.33 -24.55
N ARG V 314 67.30 20.59 -23.69
CA ARG V 314 67.92 20.03 -22.50
C ARG V 314 67.50 18.58 -22.37
N ASP V 315 68.31 17.81 -21.67
CA ASP V 315 68.03 16.40 -21.42
C ASP V 315 67.79 16.10 -19.95
N TYR V 316 67.90 17.10 -19.09
CA TYR V 316 67.61 16.96 -17.67
C TYR V 316 66.36 17.77 -17.32
N ILE V 317 65.71 17.37 -16.23
CA ILE V 317 64.47 18.00 -15.80
C ILE V 317 64.67 18.51 -14.38
N ASP V 318 64.58 19.82 -14.20
CA ASP V 318 64.71 20.47 -12.90
C ASP V 318 63.48 21.34 -12.67
N ILE V 319 62.56 20.87 -11.85
CA ILE V 319 61.31 21.56 -11.60
C ILE V 319 61.47 22.48 -10.41
N SER V 320 61.21 23.77 -10.61
CA SER V 320 61.25 24.75 -9.54
C SER V 320 59.90 24.78 -8.84
N VAL V 321 59.93 24.83 -7.51
CA VAL V 321 58.71 24.77 -6.71
C VAL V 321 58.64 26.04 -5.87
N ALA V 322 57.63 26.86 -6.13
CA ALA V 322 57.40 28.08 -5.36
C ALA V 322 56.70 27.70 -4.07
N VAL V 323 57.40 27.82 -2.95
CA VAL V 323 56.83 27.50 -1.63
C VAL V 323 56.80 28.79 -0.81
N ALA V 324 55.61 29.36 -0.69
CA ALA V 324 55.40 30.64 0.00
C ALA V 324 55.47 30.40 1.50
N THR V 325 56.56 30.87 2.11
CA THR V 325 56.75 30.76 3.55
C THR V 325 56.23 32.05 4.20
N PRO V 326 56.36 32.18 5.53
CA PRO V 326 55.95 33.46 6.13
C PRO V 326 56.73 34.67 5.62
N ARG V 327 58.02 34.51 5.39
CA ARG V 327 58.85 35.63 4.93
C ARG V 327 58.38 36.16 3.57
N GLY V 328 58.04 35.26 2.64
CA GLY V 328 57.61 35.68 1.32
C GLY V 328 57.72 34.55 0.32
N LEU V 329 57.83 34.87 -0.96
CA LEU V 329 58.00 33.81 -1.95
C LEU V 329 59.47 33.44 -2.11
N VAL V 330 59.72 32.14 -2.20
CA VAL V 330 61.03 31.61 -2.59
C VAL V 330 60.80 30.50 -3.62
N VAL V 331 61.74 30.38 -4.55
CA VAL V 331 61.60 29.40 -5.64
C VAL V 331 62.80 28.47 -5.73
N PRO V 332 62.97 27.51 -4.83
CA PRO V 332 64.09 26.58 -4.96
C PRO V 332 63.83 25.54 -6.04
N VAL V 333 64.87 24.79 -6.37
CA VAL V 333 64.87 23.87 -7.49
C VAL V 333 65.04 22.44 -6.99
N ILE V 334 64.21 21.54 -7.50
CA ILE V 334 64.37 20.11 -7.29
C ILE V 334 65.15 19.55 -8.47
N ARG V 335 66.28 18.91 -8.19
CA ARG V 335 67.21 18.48 -9.23
C ARG V 335 66.96 17.04 -9.62
N ASN V 336 66.95 16.78 -10.93
CA ASN V 336 66.92 15.44 -11.54
C ASN V 336 65.69 14.64 -11.12
N VAL V 337 64.53 15.12 -11.57
CA VAL V 337 63.25 14.57 -11.14
C VAL V 337 62.92 13.27 -11.87
N GLU V 338 63.69 12.89 -12.89
CA GLU V 338 63.36 11.75 -13.74
C GLU V 338 63.42 10.41 -13.02
N THR V 339 64.29 10.27 -12.02
CA THR V 339 64.52 8.98 -11.38
C THR V 339 63.80 8.82 -10.06
N MET V 340 63.08 9.84 -9.59
CA MET V 340 62.53 9.82 -8.25
C MET V 340 61.17 9.13 -8.21
N ASN V 341 60.68 8.94 -6.99
CA ASN V 341 59.32 8.51 -6.72
C ASN V 341 58.69 9.53 -5.77
N TYR V 342 57.51 9.19 -5.23
CA TYR V 342 56.86 10.10 -4.29
C TYR V 342 57.64 10.22 -2.99
N ALA V 343 58.39 9.18 -2.61
CA ALA V 343 59.14 9.24 -1.36
C ALA V 343 60.37 10.14 -1.48
N ASP V 344 60.97 10.20 -2.66
CA ASP V 344 62.17 11.01 -2.83
C ASP V 344 61.82 12.49 -2.94
N ILE V 345 60.72 12.81 -3.60
CA ILE V 345 60.24 14.17 -3.77
C ILE V 345 59.83 14.76 -2.43
N GLU V 346 59.20 13.94 -1.59
CA GLU V 346 58.74 14.43 -0.30
C GLU V 346 59.89 14.71 0.66
N ARG V 347 61.00 13.97 0.53
CA ARG V 347 62.17 14.31 1.33
C ARG V 347 62.77 15.63 0.88
N THR V 348 62.81 15.87 -0.43
CA THR V 348 63.47 17.05 -0.96
C THR V 348 62.72 18.32 -0.61
N ILE V 349 61.38 18.26 -0.63
CA ILE V 349 60.60 19.46 -0.34
C ILE V 349 60.63 19.77 1.16
N SER V 350 60.62 18.73 1.99
CA SER V 350 60.45 18.93 3.43
C SER V 350 61.70 19.53 4.07
N GLU V 351 62.87 18.99 3.76
CA GLU V 351 64.08 19.49 4.41
C GLU V 351 64.52 20.82 3.81
N LEU V 352 64.26 21.03 2.54
CA LEU V 352 64.56 22.33 1.92
C LEU V 352 63.52 23.38 2.30
N GLY V 353 62.32 22.94 2.67
CA GLY V 353 61.37 23.87 3.23
C GLY V 353 61.80 24.41 4.57
N GLU V 354 62.53 23.60 5.34
CA GLU V 354 63.04 24.04 6.63
C GLU V 354 64.23 24.97 6.48
N LYS V 355 64.96 24.85 5.37
CA LYS V 355 66.12 25.71 5.15
C LYS V 355 65.72 27.14 4.87
N ALA V 356 64.77 27.33 3.96
CA ALA V 356 64.33 28.67 3.61
C ALA V 356 63.48 29.30 4.69
N ARG V 357 62.95 28.49 5.61
CA ARG V 357 62.13 29.02 6.69
C ARG V 357 62.99 29.77 7.72
N LYS V 358 64.14 29.21 8.06
CA LYS V 358 65.05 29.86 8.99
C LYS V 358 66.17 30.63 8.28
N ASN V 359 66.02 30.84 6.97
CA ASN V 359 66.89 31.69 6.13
C ASN V 359 68.34 31.19 6.13
N GLU V 360 68.54 29.97 5.65
CA GLU V 360 69.86 29.45 5.31
C GLU V 360 69.90 28.99 3.87
N LEU V 361 68.99 29.52 3.04
CA LEU V 361 68.78 29.01 1.71
C LEU V 361 69.75 29.70 0.75
N ALA V 362 70.60 28.91 0.10
CA ALA V 362 71.68 29.47 -0.69
C ALA V 362 71.18 30.04 -2.01
N ILE V 363 72.06 30.76 -2.70
CA ILE V 363 71.70 31.35 -3.99
C ILE V 363 71.94 30.35 -5.10
N GLU V 364 72.94 29.46 -4.93
CA GLU V 364 73.40 28.60 -6.02
C GLU V 364 72.37 27.54 -6.40
N ASP V 365 71.46 27.22 -5.48
CA ASP V 365 70.37 26.28 -5.76
C ASP V 365 69.03 26.97 -5.94
N MET V 366 69.00 28.13 -6.58
CA MET V 366 67.76 28.81 -6.92
C MET V 366 67.63 29.08 -8.41
N ASP V 367 68.61 28.67 -9.20
CA ASP V 367 68.64 28.99 -10.62
C ASP V 367 68.87 27.71 -11.43
N GLY V 368 68.53 27.80 -12.71
CA GLY V 368 68.68 26.69 -13.62
C GLY V 368 67.47 25.82 -13.78
N GLY V 369 66.32 26.22 -13.24
CA GLY V 369 65.11 25.43 -13.39
C GLY V 369 64.61 25.47 -14.83
N THR V 370 63.87 24.42 -15.20
CA THR V 370 63.36 24.27 -16.55
C THR V 370 61.84 24.32 -16.62
N PHE V 371 61.17 24.25 -15.47
CA PHE V 371 59.72 24.22 -15.39
C PHE V 371 59.35 24.61 -13.97
N THR V 372 58.15 25.15 -13.79
CA THR V 372 57.80 25.75 -12.50
C THR V 372 56.38 25.42 -12.11
N ILE V 373 56.19 24.89 -10.92
CA ILE V 373 54.88 24.73 -10.32
C ILE V 373 54.64 25.93 -9.42
N SER V 374 53.42 26.46 -9.42
CA SER V 374 53.06 27.62 -8.62
C SER V 374 51.81 27.30 -7.81
N ASN V 375 51.99 27.01 -6.54
CA ASN V 375 50.86 26.75 -5.65
C ASN V 375 50.37 28.10 -5.13
N GLY V 376 49.40 28.66 -5.82
CA GLY V 376 48.67 29.80 -5.30
C GLY V 376 47.31 29.35 -4.80
N GLY V 377 47.18 28.05 -4.54
CA GLY V 377 45.91 27.47 -4.18
C GLY V 377 45.73 27.21 -2.71
N VAL V 378 46.69 27.64 -1.89
CA VAL V 378 46.60 27.50 -0.45
C VAL V 378 45.88 28.70 0.14
N PHE V 379 45.44 29.61 -0.71
CA PHE V 379 44.67 30.77 -0.28
C PHE V 379 43.25 30.79 -0.80
N GLY V 380 42.94 30.04 -1.84
CA GLY V 380 41.56 29.91 -2.27
C GLY V 380 41.19 30.68 -3.52
N SER V 381 42.12 30.83 -4.46
CA SER V 381 41.76 31.40 -5.74
C SER V 381 41.08 30.35 -6.61
N LEU V 382 40.13 30.79 -7.42
CA LEU V 382 39.43 29.85 -8.29
C LEU V 382 40.31 29.46 -9.46
N PHE V 383 40.68 30.43 -10.30
CA PHE V 383 41.69 30.26 -11.33
C PHE V 383 42.28 31.61 -11.66
N GLY V 384 43.40 31.62 -12.37
CA GLY V 384 44.09 32.85 -12.67
C GLY V 384 45.26 32.60 -13.59
N THR V 385 45.95 33.70 -13.95
CA THR V 385 47.03 33.64 -14.92
C THR V 385 48.37 33.82 -14.22
N PRO V 386 49.28 32.87 -14.31
CA PRO V 386 50.62 33.05 -13.72
C PRO V 386 51.58 33.78 -14.66
N ILE V 387 52.81 33.97 -14.20
CA ILE V 387 53.85 34.71 -14.91
C ILE V 387 55.07 33.83 -15.07
N ILE V 388 55.69 33.86 -16.25
CA ILE V 388 56.80 32.95 -16.54
C ILE V 388 58.08 33.41 -15.87
N ASN V 389 58.70 32.50 -15.13
CA ASN V 389 60.08 32.66 -14.67
C ASN V 389 61.00 32.76 -15.89
N PRO V 390 61.67 33.90 -16.10
CA PRO V 390 62.19 34.27 -17.43
C PRO V 390 63.26 33.37 -18.05
N PRO V 391 64.05 32.57 -17.32
CA PRO V 391 64.86 31.58 -18.04
C PRO V 391 64.15 30.30 -18.45
N GLN V 392 62.82 30.27 -18.44
CA GLN V 392 62.06 29.07 -18.75
C GLN V 392 61.07 29.36 -19.87
N SER V 393 60.29 28.36 -20.25
CA SER V 393 59.38 28.54 -21.37
C SER V 393 57.93 28.28 -20.98
N ALA V 394 57.69 27.62 -19.84
CA ALA V 394 56.33 27.33 -19.41
C ALA V 394 56.24 27.36 -17.90
N ILE V 395 55.01 27.45 -17.39
CA ILE V 395 54.73 27.41 -15.95
C ILE V 395 53.34 26.84 -15.72
N LEU V 396 53.21 25.97 -14.72
CA LEU V 396 51.94 25.38 -14.33
C LEU V 396 51.43 26.06 -13.07
N GLY V 397 50.16 26.43 -13.08
CA GLY V 397 49.56 27.03 -11.90
C GLY V 397 48.40 26.23 -11.35
N MET V 398 48.59 25.62 -10.20
CA MET V 398 47.53 24.89 -9.52
C MET V 398 46.75 25.81 -8.60
N HIS V 399 45.53 25.42 -8.28
CA HIS V 399 44.60 26.30 -7.57
C HIS V 399 43.84 25.55 -6.48
N ALA V 400 42.78 26.14 -5.97
CA ALA V 400 42.05 25.62 -4.82
C ALA V 400 41.15 24.47 -5.24
N ILE V 401 40.87 23.59 -4.28
CA ILE V 401 40.01 22.43 -4.49
C ILE V 401 38.65 22.73 -3.91
N VAL V 402 37.61 22.70 -4.76
CA VAL V 402 36.25 22.94 -4.34
C VAL V 402 35.38 21.76 -4.77
N ASP V 403 34.27 21.58 -4.06
CA ASP V 403 33.29 20.57 -4.42
C ASP V 403 32.25 21.19 -5.33
N ARG V 404 32.15 20.70 -6.55
CA ARG V 404 31.23 21.23 -7.54
C ARG V 404 30.45 20.07 -8.14
N PRO V 405 29.21 20.31 -8.58
CA PRO V 405 28.46 19.24 -9.22
C PRO V 405 29.02 18.88 -10.59
N VAL V 406 29.11 17.57 -10.84
CA VAL V 406 29.81 17.00 -11.99
C VAL V 406 28.88 16.03 -12.70
N ALA V 407 28.79 16.11 -14.02
CA ALA V 407 28.01 15.16 -14.79
C ALA V 407 28.92 13.98 -15.14
N VAL V 408 28.77 12.87 -14.39
CA VAL V 408 29.55 11.66 -14.64
C VAL V 408 28.59 10.49 -14.87
N GLY V 409 28.77 9.82 -16.01
CA GLY V 409 27.92 8.71 -16.38
C GLY V 409 26.47 9.06 -16.63
N GLY V 410 26.18 10.31 -16.96
CA GLY V 410 24.81 10.73 -17.13
C GLY V 410 24.09 11.09 -15.85
N LYS V 411 24.79 11.14 -14.73
CA LYS V 411 24.21 11.52 -13.46
C LYS V 411 25.03 12.65 -12.84
N VAL V 412 24.42 13.35 -11.90
CA VAL V 412 24.99 14.57 -11.33
C VAL V 412 25.52 14.22 -9.95
N GLU V 413 26.82 14.00 -9.85
CA GLU V 413 27.50 13.77 -8.59
C GLU V 413 28.22 15.03 -8.14
N ILE V 414 28.80 14.95 -6.95
CA ILE V 414 29.61 16.04 -6.38
C ILE V 414 31.00 15.51 -6.15
N ARG V 415 31.99 16.10 -6.80
CA ARG V 415 33.36 15.63 -6.74
C ARG V 415 34.32 16.79 -6.62
N PRO V 416 35.39 16.64 -5.83
CA PRO V 416 36.36 17.74 -5.64
C PRO V 416 37.24 17.94 -6.87
N MET V 417 37.14 19.11 -7.48
CA MET V 417 37.84 19.37 -8.72
C MET V 417 38.67 20.66 -8.63
N MET V 418 39.74 20.70 -9.40
CA MET V 418 40.70 21.80 -9.41
C MET V 418 40.84 22.35 -10.82
N TYR V 419 40.87 23.68 -10.95
CA TYR V 419 41.25 24.30 -12.21
C TYR V 419 42.76 24.47 -12.25
N VAL V 420 43.35 24.19 -13.41
CA VAL V 420 44.78 24.40 -13.60
C VAL V 420 44.99 25.29 -14.80
N ALA V 421 46.17 25.91 -14.86
CA ALA V 421 46.51 26.85 -15.91
C ALA V 421 47.93 26.59 -16.38
N LEU V 422 48.20 26.91 -17.64
CA LEU V 422 49.52 26.73 -18.23
C LEU V 422 49.84 27.95 -19.07
N THR V 423 50.82 28.73 -18.64
CA THR V 423 51.26 29.89 -19.40
C THR V 423 52.51 29.53 -20.19
N TYR V 424 52.43 29.69 -21.51
CA TYR V 424 53.46 29.16 -22.39
C TYR V 424 53.93 30.25 -23.35
N ASP V 425 55.12 30.04 -23.90
CA ASP V 425 55.73 30.95 -24.87
C ASP V 425 55.25 30.53 -26.25
N HIS V 426 54.59 31.46 -26.95
CA HIS V 426 54.02 31.10 -28.24
C HIS V 426 55.04 31.26 -29.37
N ARG V 427 56.20 31.85 -29.07
CA ARG V 427 57.28 31.87 -30.05
C ARG V 427 57.82 30.47 -30.32
N LEU V 428 57.83 29.64 -29.30
CA LEU V 428 58.45 28.31 -29.35
C LEU V 428 57.45 27.18 -29.34
N ILE V 429 56.49 27.22 -28.44
CA ILE V 429 55.53 26.14 -28.26
C ILE V 429 54.31 26.43 -29.12
N ASP V 430 53.84 25.41 -29.83
CA ASP V 430 52.68 25.56 -30.72
C ASP V 430 51.42 25.66 -29.89
N GLY V 431 50.32 26.09 -30.50
CA GLY V 431 49.07 26.21 -29.78
C GLY V 431 48.43 24.87 -29.47
N ARG V 432 48.70 23.87 -30.31
CA ARG V 432 48.19 22.52 -30.06
C ARG V 432 49.10 21.71 -29.17
N GLU V 433 50.37 22.11 -29.03
CA GLU V 433 51.27 21.35 -28.18
C GLU V 433 51.08 21.71 -26.71
N ALA V 434 50.59 22.92 -26.43
CA ALA V 434 50.31 23.30 -25.06
C ALA V 434 49.05 22.63 -24.55
N VAL V 435 48.10 22.37 -25.45
CA VAL V 435 46.86 21.70 -25.04
C VAL V 435 47.13 20.23 -24.76
N THR V 436 47.96 19.60 -25.59
CA THR V 436 48.30 18.19 -25.40
C THR V 436 49.15 17.99 -24.16
N PHE V 437 49.97 18.99 -23.82
CA PHE V 437 50.80 18.92 -22.63
C PHE V 437 49.97 18.93 -21.35
N LEU V 438 49.03 19.86 -21.26
CA LEU V 438 48.21 19.98 -20.06
C LEU V 438 47.19 18.85 -19.98
N ARG V 439 46.84 18.26 -21.11
CA ARG V 439 45.95 17.10 -21.10
C ARG V 439 46.68 15.87 -20.60
N LYS V 440 48.00 15.85 -20.72
CA LYS V 440 48.77 14.70 -20.27
C LYS V 440 49.04 14.75 -18.77
N ILE V 441 49.16 15.97 -18.22
CA ILE V 441 49.26 16.13 -16.77
C ILE V 441 47.96 15.70 -16.10
N LYS V 442 46.83 15.96 -16.75
CA LYS V 442 45.53 15.58 -16.20
C LYS V 442 45.37 14.06 -16.13
N ALA V 443 45.91 13.34 -17.10
CA ALA V 443 45.74 11.88 -17.11
C ALA V 443 46.57 11.20 -16.04
N ALA V 444 47.66 11.83 -15.62
CA ALA V 444 48.52 11.26 -14.60
C ALA V 444 48.17 11.74 -13.20
N VAL V 445 47.11 12.53 -13.04
CA VAL V 445 46.57 12.87 -11.73
C VAL V 445 45.16 12.32 -11.55
N GLU V 446 44.37 12.22 -12.61
CA GLU V 446 43.10 11.51 -12.53
C GLU V 446 43.28 10.00 -12.39
N ASP V 447 44.43 9.49 -12.79
CA ASP V 447 44.74 8.06 -12.67
C ASP V 447 46.25 7.94 -12.58
N PRO V 448 46.82 7.85 -11.38
CA PRO V 448 48.29 7.85 -11.24
C PRO V 448 48.95 6.53 -11.58
N ARG V 449 48.22 5.55 -12.10
CA ARG V 449 48.83 4.29 -12.53
C ARG V 449 49.36 4.37 -13.95
N VAL V 450 49.17 5.49 -14.64
CA VAL V 450 49.70 5.66 -15.99
C VAL V 450 51.22 5.84 -15.93
N LEU V 451 51.73 6.29 -14.78
CA LEU V 451 53.18 6.46 -14.59
C LEU V 451 53.91 5.13 -14.63
N LEU V 452 53.24 4.02 -14.36
CA LEU V 452 53.80 2.69 -14.52
C LEU V 452 53.64 2.16 -15.93
N LEU V 453 52.60 2.60 -16.63
CA LEU V 453 52.34 2.20 -18.01
C LEU V 453 53.00 3.23 -18.94
N ASP V 454 52.64 3.30 -20.22
CA ASP V 454 52.96 4.37 -21.18
C ASP V 454 53.16 5.79 -20.64
N LEU W 221 -44.03 57.14 23.09
CA LEU W 221 -44.83 58.16 22.42
C LEU W 221 -45.68 57.49 21.34
N ARG W 222 -46.99 57.76 21.37
CA ARG W 222 -47.96 57.13 20.49
C ARG W 222 -48.54 58.17 19.56
N ALA W 223 -47.97 58.27 18.35
CA ALA W 223 -48.41 59.22 17.35
C ALA W 223 -48.90 58.48 16.12
N GLU W 224 -50.04 58.91 15.59
CA GLU W 224 -50.56 58.41 14.32
C GLU W 224 -51.20 59.56 13.57
N HIS W 225 -51.06 59.55 12.25
CA HIS W 225 -51.56 60.66 11.45
C HIS W 225 -52.21 60.12 10.19
N ARG W 226 -53.35 60.70 9.84
CA ARG W 226 -54.15 60.24 8.71
C ARG W 226 -53.73 60.97 7.44
N GLU W 227 -53.04 60.28 6.54
CA GLU W 227 -52.82 60.80 5.19
C GLU W 227 -53.78 60.10 4.25
N LYS W 228 -54.34 60.87 3.32
CA LYS W 228 -55.40 60.37 2.45
C LYS W 228 -54.81 59.67 1.24
N MET W 229 -55.65 58.89 0.57
CA MET W 229 -55.29 58.24 -0.69
C MET W 229 -56.11 58.86 -1.82
N ASN W 230 -55.47 59.08 -2.96
CA ASN W 230 -56.10 59.80 -4.05
C ASN W 230 -57.10 58.92 -4.80
N ARG W 231 -57.75 59.53 -5.78
CA ARG W 231 -58.87 58.88 -6.48
C ARG W 231 -58.35 57.83 -7.46
N MET W 232 -57.07 57.90 -7.81
CA MET W 232 -56.47 56.87 -8.65
C MET W 232 -56.28 55.59 -7.85
N ARG W 233 -55.81 55.72 -6.61
CA ARG W 233 -55.62 54.56 -5.75
C ARG W 233 -56.96 53.98 -5.31
N GLN W 234 -58.02 54.81 -5.34
CA GLN W 234 -59.37 54.32 -5.11
C GLN W 234 -59.79 53.25 -6.12
N ARG W 235 -59.47 53.48 -7.40
CA ARG W 235 -59.95 52.57 -8.44
C ARG W 235 -59.08 51.32 -8.51
N ILE W 236 -57.78 51.44 -8.18
CA ILE W 236 -56.88 50.29 -8.21
C ILE W 236 -57.28 49.27 -7.15
N ALA W 237 -57.59 49.76 -5.95
CA ALA W 237 -58.12 48.88 -4.91
C ALA W 237 -59.52 48.40 -5.23
N GLN W 238 -60.26 49.13 -6.07
CA GLN W 238 -61.59 48.69 -6.45
C GLN W 238 -61.53 47.57 -7.48
N ARG W 239 -60.65 47.71 -8.48
CA ARG W 239 -60.50 46.66 -9.49
C ARG W 239 -59.92 45.39 -8.90
N LEU W 240 -59.14 45.53 -7.83
CA LEU W 240 -58.46 44.39 -7.24
C LEU W 240 -59.43 43.46 -6.53
N LYS W 241 -60.42 44.04 -5.85
CA LYS W 241 -61.42 43.24 -5.16
C LYS W 241 -62.46 42.67 -6.12
N GLU W 242 -62.64 43.31 -7.29
CA GLU W 242 -63.53 42.75 -8.30
C GLU W 242 -62.93 41.52 -8.95
N ALA W 243 -61.60 41.42 -8.97
CA ALA W 243 -60.95 40.24 -9.54
C ALA W 243 -61.11 39.02 -8.66
N GLN W 244 -61.27 39.22 -7.34
CA GLN W 244 -61.47 38.08 -6.46
C GLN W 244 -62.94 37.68 -6.39
N ASN W 245 -63.84 38.64 -6.47
CA ASN W 245 -65.27 38.35 -6.34
C ASN W 245 -65.88 37.85 -7.64
N THR W 246 -65.14 37.85 -8.74
CA THR W 246 -65.65 37.35 -10.02
C THR W 246 -65.29 35.89 -10.23
N CYS W 247 -63.99 35.58 -10.18
CA CYS W 247 -63.49 34.28 -10.59
C CYS W 247 -62.95 33.50 -9.39
N ALA W 248 -63.10 32.19 -9.44
CA ALA W 248 -62.67 31.30 -8.36
C ALA W 248 -61.22 30.90 -8.61
N MET W 249 -60.30 31.58 -7.94
CA MET W 249 -58.89 31.39 -8.20
C MET W 249 -58.32 30.26 -7.36
N LEU W 250 -57.51 29.42 -7.99
CA LEU W 250 -56.74 28.38 -7.33
C LEU W 250 -55.30 28.53 -7.80
N THR W 251 -54.39 27.78 -7.20
CA THR W 251 -52.96 27.90 -7.52
C THR W 251 -52.32 26.52 -7.54
N THR W 252 -51.44 26.31 -8.52
CA THR W 252 -50.70 25.04 -8.61
C THR W 252 -49.24 25.36 -8.86
N PHE W 253 -48.34 24.50 -8.37
CA PHE W 253 -46.91 24.75 -8.37
C PHE W 253 -46.19 23.61 -9.08
N ASN W 254 -44.93 23.88 -9.46
CA ASN W 254 -44.06 22.89 -10.09
C ASN W 254 -42.63 23.40 -9.90
N GLU W 255 -41.68 22.82 -10.63
CA GLU W 255 -40.28 23.13 -10.40
C GLU W 255 -39.48 22.88 -11.66
N ILE W 256 -38.73 23.89 -12.09
CA ILE W 256 -38.01 23.88 -13.36
C ILE W 256 -36.51 23.86 -13.09
N ASP W 257 -35.79 23.01 -13.81
CA ASP W 257 -34.33 22.93 -13.74
C ASP W 257 -33.75 23.85 -14.82
N MET W 258 -32.99 24.86 -14.41
CA MET W 258 -32.54 25.93 -15.29
C MET W 258 -31.12 25.71 -15.79
N SER W 259 -30.72 24.47 -16.06
CA SER W 259 -29.34 24.23 -16.45
C SER W 259 -29.13 24.44 -17.95
N ASN W 260 -30.10 24.05 -18.78
CA ASN W 260 -29.91 24.18 -20.22
C ASN W 260 -30.11 25.61 -20.69
N ILE W 261 -30.68 26.47 -19.85
CA ILE W 261 -30.83 27.87 -20.25
C ILE W 261 -29.56 28.64 -19.93
N GLN W 262 -28.88 28.29 -18.83
CA GLN W 262 -27.72 29.08 -18.43
C GLN W 262 -26.51 28.80 -19.31
N ASP W 263 -26.32 27.57 -19.78
CA ASP W 263 -25.19 27.32 -20.67
C ASP W 263 -25.50 27.77 -22.10
N MET W 264 -26.78 27.92 -22.43
CA MET W 264 -27.13 28.63 -23.65
C MET W 264 -26.74 30.09 -23.54
N ARG W 265 -26.93 30.68 -22.37
CA ARG W 265 -26.49 32.05 -22.14
C ARG W 265 -25.00 32.13 -21.84
N ALA W 266 -24.33 31.02 -21.58
CA ALA W 266 -22.92 31.10 -21.27
C ALA W 266 -22.05 31.18 -22.51
N ARG W 267 -22.44 30.54 -23.61
CA ARG W 267 -21.59 30.48 -24.80
C ARG W 267 -22.12 31.36 -25.92
N HIS W 268 -23.41 31.66 -25.95
CA HIS W 268 -23.93 32.47 -27.04
C HIS W 268 -24.18 33.91 -26.66
N LYS W 269 -23.80 34.37 -25.48
CA LYS W 269 -24.10 35.75 -25.11
C LYS W 269 -23.18 36.74 -25.80
N GLU W 270 -22.03 36.28 -26.30
CA GLU W 270 -21.08 37.19 -26.93
C GLU W 270 -21.40 37.40 -28.40
N ALA W 271 -21.76 36.34 -29.10
CA ALA W 271 -22.20 36.47 -30.49
C ALA W 271 -23.59 37.08 -30.61
N PHE W 272 -24.36 37.08 -29.53
CA PHE W 272 -25.67 37.72 -29.55
C PHE W 272 -25.53 39.23 -29.45
N LEU W 273 -24.57 39.69 -28.64
CA LEU W 273 -24.38 41.13 -28.43
C LEU W 273 -23.72 41.77 -29.63
N LYS W 274 -22.81 41.05 -30.29
CA LYS W 274 -22.13 41.60 -31.46
C LYS W 274 -23.10 41.70 -32.65
N LYS W 275 -24.03 40.77 -32.77
CA LYS W 275 -24.85 40.70 -33.96
C LYS W 275 -26.19 41.44 -33.81
N HIS W 276 -26.69 41.58 -32.59
CA HIS W 276 -27.98 42.22 -32.36
C HIS W 276 -27.93 43.46 -31.49
N ASN W 277 -26.85 43.69 -30.75
CA ASN W 277 -26.72 44.74 -29.72
C ASN W 277 -27.85 44.65 -28.71
N LEU W 278 -27.99 43.48 -28.10
CA LEU W 278 -28.97 43.23 -27.06
C LEU W 278 -28.36 42.33 -26.01
N LYS W 279 -29.03 42.23 -24.87
CA LYS W 279 -28.61 41.34 -23.80
C LYS W 279 -29.47 40.08 -23.81
N LEU W 280 -28.85 38.94 -23.53
CA LEU W 280 -29.54 37.65 -23.54
C LEU W 280 -29.95 37.30 -22.11
N GLY W 281 -31.26 37.31 -21.85
CA GLY W 281 -31.78 37.11 -20.52
C GLY W 281 -32.65 35.85 -20.39
N PHE W 282 -33.18 35.68 -19.18
CA PHE W 282 -34.04 34.55 -18.89
C PHE W 282 -35.46 34.77 -19.40
N MET W 283 -35.89 36.03 -19.47
CA MET W 283 -37.27 36.40 -19.73
C MET W 283 -37.78 35.93 -21.10
N SER W 284 -36.94 35.99 -22.12
CA SER W 284 -37.38 35.59 -23.46
C SER W 284 -37.58 34.08 -23.60
N ALA W 285 -37.02 33.29 -22.70
CA ALA W 285 -37.24 31.85 -22.73
C ALA W 285 -38.60 31.48 -22.15
N PHE W 286 -39.12 32.31 -21.23
CA PHE W 286 -40.41 32.04 -20.64
C PHE W 286 -41.56 32.59 -21.47
N VAL W 287 -41.31 33.63 -22.25
CA VAL W 287 -42.35 34.19 -23.10
C VAL W 287 -42.58 33.31 -24.32
N LYS W 288 -41.50 32.79 -24.91
CA LYS W 288 -41.64 31.91 -26.06
C LYS W 288 -42.20 30.54 -25.68
N ALA W 289 -41.88 30.04 -24.50
CA ALA W 289 -42.46 28.79 -24.04
C ALA W 289 -43.91 28.94 -23.62
N SER W 290 -44.33 30.17 -23.29
CA SER W 290 -45.73 30.39 -22.91
C SER W 290 -46.62 30.45 -24.13
N ALA W 291 -46.13 31.00 -25.24
CA ALA W 291 -46.91 31.01 -26.48
C ALA W 291 -47.00 29.63 -27.08
N PHE W 292 -46.05 28.76 -26.77
CA PHE W 292 -46.10 27.39 -27.24
C PHE W 292 -47.19 26.60 -26.52
N ALA W 293 -47.34 26.82 -25.22
CA ALA W 293 -48.32 26.05 -24.45
C ALA W 293 -49.73 26.55 -24.68
N LEU W 294 -49.89 27.84 -24.99
CA LEU W 294 -51.23 28.41 -25.16
C LEU W 294 -51.84 28.02 -26.49
N GLN W 295 -51.02 27.81 -27.51
CA GLN W 295 -51.57 27.45 -28.82
C GLN W 295 -51.87 25.96 -28.89
N GLU W 296 -51.49 25.19 -27.87
CA GLU W 296 -51.86 23.79 -27.84
C GLU W 296 -53.17 23.57 -27.08
N GLN W 297 -53.35 24.26 -25.95
CA GLN W 297 -54.60 24.24 -25.22
C GLN W 297 -55.26 25.60 -25.31
N PRO W 298 -56.23 25.79 -26.22
CA PRO W 298 -56.87 27.10 -26.35
C PRO W 298 -57.85 27.46 -25.24
N VAL W 299 -58.13 26.57 -24.30
CA VAL W 299 -59.12 26.87 -23.27
C VAL W 299 -58.52 27.80 -22.22
N VAL W 300 -57.19 27.83 -22.10
CA VAL W 300 -56.54 28.77 -21.19
C VAL W 300 -56.55 30.16 -21.80
N ASN W 301 -56.64 30.21 -23.13
CA ASN W 301 -56.66 31.49 -23.83
C ASN W 301 -58.04 32.14 -23.74
N ALA W 302 -59.07 31.37 -23.40
CA ALA W 302 -60.45 31.83 -23.36
C ALA W 302 -60.73 32.78 -22.20
N VAL W 303 -61.86 33.50 -22.28
CA VAL W 303 -62.33 34.41 -21.24
C VAL W 303 -63.85 34.26 -21.14
N ILE W 304 -64.35 34.15 -19.90
CA ILE W 304 -65.79 34.16 -19.64
C ILE W 304 -66.22 35.61 -19.44
N ASP W 305 -67.08 36.10 -20.33
CA ASP W 305 -67.77 37.37 -20.13
C ASP W 305 -69.13 37.11 -19.51
N ASP W 306 -69.35 37.66 -18.31
CA ASP W 306 -70.61 37.48 -17.60
C ASP W 306 -71.68 38.47 -18.01
N THR W 307 -71.46 39.25 -19.08
CA THR W 307 -72.51 40.11 -19.60
C THR W 307 -73.59 39.28 -20.28
N THR W 308 -73.21 38.50 -21.29
CA THR W 308 -74.13 37.58 -21.94
C THR W 308 -73.91 36.14 -21.54
N LYS W 309 -73.13 35.89 -20.49
CA LYS W 309 -72.72 34.56 -20.02
C LYS W 309 -72.06 33.75 -21.14
N GLU W 310 -71.02 34.32 -21.73
CA GLU W 310 -70.43 33.83 -22.96
C GLU W 310 -69.00 33.36 -22.70
N VAL W 311 -68.50 32.50 -23.58
CA VAL W 311 -67.13 32.00 -23.51
C VAL W 311 -66.42 32.49 -24.76
N VAL W 312 -65.50 33.45 -24.58
CA VAL W 312 -64.89 34.14 -25.71
C VAL W 312 -63.54 33.49 -25.99
N TYR W 313 -63.48 32.68 -27.05
CA TYR W 313 -62.20 32.17 -27.51
C TYR W 313 -61.43 33.26 -28.23
N ARG W 314 -60.12 33.08 -28.35
CA ARG W 314 -59.29 33.97 -29.13
C ARG W 314 -58.34 33.13 -29.97
N ASP W 315 -57.88 33.71 -31.07
CA ASP W 315 -56.93 33.05 -31.95
C ASP W 315 -55.59 33.76 -32.00
N TYR W 316 -55.43 34.85 -31.27
CA TYR W 316 -54.16 35.56 -31.15
C TYR W 316 -53.65 35.44 -29.73
N ILE W 317 -52.34 35.61 -29.57
CA ILE W 317 -51.68 35.46 -28.28
C ILE W 317 -50.93 36.76 -27.99
N ASP W 318 -51.35 37.44 -26.92
CA ASP W 318 -50.72 38.69 -26.48
C ASP W 318 -50.33 38.53 -25.02
N ILE W 319 -49.06 38.33 -24.76
CA ILE W 319 -48.55 38.08 -23.41
C ILE W 319 -48.16 39.40 -22.78
N SER W 320 -48.75 39.71 -21.64
CA SER W 320 -48.40 40.91 -20.88
C SER W 320 -47.22 40.60 -19.97
N VAL W 321 -46.27 41.52 -19.92
CA VAL W 321 -45.03 41.32 -19.16
C VAL W 321 -44.93 42.43 -18.12
N ALA W 322 -45.00 42.05 -16.85
CA ALA W 322 -44.85 43.00 -15.74
C ALA W 322 -43.37 43.28 -15.55
N VAL W 323 -42.93 44.50 -15.89
CA VAL W 323 -41.54 44.87 -15.73
C VAL W 323 -41.46 46.01 -14.71
N ALA W 324 -41.04 45.67 -13.49
CA ALA W 324 -41.00 46.60 -12.37
C ALA W 324 -39.81 47.53 -12.54
N THR W 325 -40.10 48.79 -12.87
CA THR W 325 -39.06 49.80 -13.04
C THR W 325 -38.89 50.54 -11.71
N PRO W 326 -38.02 51.56 -11.65
CA PRO W 326 -37.93 52.31 -10.39
C PRO W 326 -39.24 52.99 -9.99
N ARG W 327 -39.98 53.52 -10.95
CA ARG W 327 -41.23 54.22 -10.65
C ARG W 327 -42.25 53.29 -9.98
N GLY W 328 -42.37 52.06 -10.46
CA GLY W 328 -43.34 51.13 -9.90
C GLY W 328 -43.63 49.99 -10.87
N LEU W 329 -44.79 49.36 -10.73
CA LEU W 329 -45.15 48.30 -11.67
C LEU W 329 -45.83 48.88 -12.90
N VAL W 330 -45.45 48.36 -14.07
CA VAL W 330 -46.14 48.60 -15.32
C VAL W 330 -46.30 47.27 -16.05
N VAL W 331 -47.41 47.14 -16.78
CA VAL W 331 -47.72 45.89 -17.46
C VAL W 331 -47.98 46.09 -18.95
N PRO W 332 -46.96 46.33 -19.77
CA PRO W 332 -47.20 46.46 -21.20
C PRO W 332 -47.42 45.10 -21.86
N VAL W 333 -47.84 45.15 -23.11
CA VAL W 333 -48.28 43.96 -23.84
C VAL W 333 -47.36 43.73 -25.02
N ILE W 334 -46.92 42.49 -25.19
CA ILE W 334 -46.20 42.05 -26.39
C ILE W 334 -47.23 41.46 -27.35
N ARG W 335 -47.29 42.00 -28.55
CA ARG W 335 -48.34 41.65 -29.50
C ARG W 335 -47.86 40.57 -30.46
N ASN W 336 -48.73 39.57 -30.69
CA ASN W 336 -48.58 38.52 -31.70
C ASN W 336 -47.29 37.72 -31.51
N VAL W 337 -47.27 36.96 -30.41
CA VAL W 337 -46.07 36.24 -30.00
C VAL W 337 -45.87 34.95 -30.79
N GLU W 338 -46.85 34.55 -31.61
CA GLU W 338 -46.81 33.25 -32.29
C GLU W 338 -45.71 33.14 -33.34
N THR W 339 -45.33 34.25 -33.97
CA THR W 339 -44.40 34.20 -35.09
C THR W 339 -42.98 34.59 -34.71
N MET W 340 -42.72 34.96 -33.46
CA MET W 340 -41.44 35.52 -33.09
C MET W 340 -40.44 34.44 -32.73
N ASN W 341 -39.20 34.86 -32.52
CA ASN W 341 -38.14 34.05 -31.96
C ASN W 341 -37.56 34.78 -30.77
N TYR W 342 -36.42 34.30 -30.26
CA TYR W 342 -35.80 34.98 -29.11
C TYR W 342 -35.27 36.34 -29.49
N ALA W 343 -34.91 36.55 -30.75
CA ALA W 343 -34.37 37.84 -31.16
C ALA W 343 -35.45 38.90 -31.26
N ASP W 344 -36.67 38.49 -31.64
CA ASP W 344 -37.75 39.45 -31.79
C ASP W 344 -38.31 39.88 -30.45
N ILE W 345 -38.40 38.94 -29.51
CA ILE W 345 -38.91 39.20 -28.17
C ILE W 345 -37.96 40.12 -27.42
N GLU W 346 -36.65 39.93 -27.62
CA GLU W 346 -35.67 40.75 -26.91
C GLU W 346 -35.65 42.18 -27.41
N ARG W 347 -35.98 42.40 -28.69
CA ARG W 347 -36.11 43.77 -29.17
C ARG W 347 -37.32 44.44 -28.55
N THR W 348 -38.43 43.70 -28.43
CA THR W 348 -39.68 44.28 -27.98
C THR W 348 -39.60 44.68 -26.51
N ILE W 349 -38.94 43.86 -25.70
CA ILE W 349 -38.85 44.17 -24.26
C ILE W 349 -37.89 45.32 -24.00
N SER W 350 -36.80 45.38 -24.78
CA SER W 350 -35.73 46.34 -24.47
C SER W 350 -36.14 47.76 -24.80
N GLU W 351 -36.71 47.99 -25.98
CA GLU W 351 -37.05 49.36 -26.36
C GLU W 351 -38.30 49.85 -25.65
N LEU W 352 -39.22 48.94 -25.34
CA LEU W 352 -40.40 49.31 -24.57
C LEU W 352 -40.07 49.44 -23.09
N GLY W 353 -39.01 48.80 -22.64
CA GLY W 353 -38.53 49.04 -21.29
C GLY W 353 -37.97 50.44 -21.13
N GLU W 354 -37.41 51.00 -22.20
CA GLU W 354 -36.89 52.35 -22.15
C GLU W 354 -38.01 53.38 -22.21
N LYS W 355 -39.14 53.02 -22.81
CA LYS W 355 -40.26 53.96 -22.92
C LYS W 355 -40.90 54.21 -21.56
N ALA W 356 -41.20 53.13 -20.83
CA ALA W 356 -41.85 53.27 -19.52
C ALA W 356 -40.89 53.79 -18.47
N ARG W 357 -39.59 53.72 -18.73
CA ARG W 357 -38.61 54.20 -17.77
C ARG W 357 -38.59 55.73 -17.72
N LYS W 358 -38.66 56.38 -18.87
CA LYS W 358 -38.71 57.83 -18.95
C LYS W 358 -40.12 58.37 -19.10
N ASN W 359 -41.13 57.51 -18.88
CA ASN W 359 -42.56 57.85 -18.82
C ASN W 359 -43.06 58.46 -20.12
N GLU W 360 -42.98 57.69 -21.21
CA GLU W 360 -43.66 58.00 -22.45
C GLU W 360 -44.56 56.84 -22.87
N LEU W 361 -44.95 56.02 -21.90
CA LEU W 361 -45.62 54.75 -22.19
C LEU W 361 -47.11 55.02 -22.31
N ALA W 362 -47.67 54.71 -23.48
CA ALA W 362 -49.05 55.07 -23.78
C ALA W 362 -50.04 54.17 -23.04
N ILE W 363 -51.31 54.57 -23.08
CA ILE W 363 -52.36 53.78 -22.44
C ILE W 363 -52.86 52.71 -23.39
N GLU W 364 -52.83 52.98 -24.70
CA GLU W 364 -53.49 52.13 -25.69
C GLU W 364 -52.79 50.78 -25.85
N ASP W 365 -51.52 50.71 -25.48
CA ASP W 365 -50.77 49.46 -25.50
C ASP W 365 -50.55 48.88 -24.11
N MET W 366 -51.53 48.98 -23.22
CA MET W 366 -51.46 48.34 -21.91
C MET W 366 -52.64 47.40 -21.66
N ASP W 367 -53.53 47.26 -22.64
CA ASP W 367 -54.75 46.48 -22.45
C ASP W 367 -54.90 45.49 -23.59
N GLY W 368 -55.72 44.47 -23.34
CA GLY W 368 -56.00 43.44 -24.30
C GLY W 368 -55.12 42.21 -24.19
N GLY W 369 -54.32 42.09 -23.13
CA GLY W 369 -53.50 40.92 -22.96
C GLY W 369 -54.34 39.70 -22.66
N THR W 370 -53.78 38.53 -22.97
CA THR W 370 -54.48 37.26 -22.80
C THR W 370 -53.79 36.35 -21.79
N PHE W 371 -52.57 36.69 -21.38
CA PHE W 371 -51.78 35.88 -20.46
C PHE W 371 -50.71 36.80 -19.89
N THR W 372 -50.22 36.47 -18.70
CA THR W 372 -49.35 37.40 -17.98
C THR W 372 -48.22 36.67 -17.30
N ILE W 373 -47.00 37.11 -17.55
CA ILE W 373 -45.83 36.67 -16.82
C ILE W 373 -45.56 37.69 -15.72
N SER W 374 -45.20 37.23 -14.53
CA SER W 374 -44.94 38.10 -13.38
C SER W 374 -43.57 37.75 -12.80
N ASN W 375 -42.57 38.57 -13.12
CA ASN W 375 -41.24 38.38 -12.55
C ASN W 375 -41.21 39.08 -11.20
N GLY W 376 -41.49 38.32 -10.15
CA GLY W 376 -41.24 38.77 -8.80
C GLY W 376 -40.00 38.10 -8.25
N GLY W 377 -39.17 37.58 -9.15
CA GLY W 377 -38.01 36.81 -8.77
C GLY W 377 -36.71 37.57 -8.82
N VAL W 378 -36.78 38.87 -9.09
CA VAL W 378 -35.57 39.70 -9.10
C VAL W 378 -35.31 40.24 -7.70
N PHE W 379 -36.14 39.85 -6.74
CA PHE W 379 -35.95 40.22 -5.36
C PHE W 379 -35.64 39.07 -4.44
N GLY W 380 -35.93 37.83 -4.83
CA GLY W 380 -35.52 36.69 -4.06
C GLY W 380 -36.60 36.00 -3.26
N SER W 381 -37.83 35.99 -3.77
CA SER W 381 -38.86 35.20 -3.14
C SER W 381 -38.71 33.74 -3.53
N LEU W 382 -39.05 32.85 -2.60
CA LEU W 382 -38.92 31.43 -2.88
C LEU W 382 -40.07 30.97 -3.79
N PHE W 383 -41.30 31.09 -3.31
CA PHE W 383 -42.50 30.91 -4.12
C PHE W 383 -43.64 31.67 -3.46
N GLY W 384 -44.72 31.84 -4.21
CA GLY W 384 -45.84 32.64 -3.71
C GLY W 384 -47.00 32.58 -4.68
N THR W 385 -48.09 33.26 -4.30
CA THR W 385 -49.33 33.23 -5.07
C THR W 385 -49.55 34.55 -5.77
N PRO W 386 -49.65 34.59 -7.09
CA PRO W 386 -49.95 35.84 -7.79
C PRO W 386 -51.44 36.10 -7.88
N ILE W 387 -51.78 37.22 -8.52
CA ILE W 387 -53.16 37.70 -8.64
C ILE W 387 -53.50 37.90 -10.12
N ILE W 388 -54.71 37.48 -10.53
CA ILE W 388 -55.07 37.51 -11.94
C ILE W 388 -55.41 38.92 -12.39
N ASN W 389 -54.75 39.35 -13.48
CA ASN W 389 -55.17 40.53 -14.22
C ASN W 389 -56.58 40.30 -14.79
N PRO W 390 -57.56 41.09 -14.34
CA PRO W 390 -58.99 40.67 -14.43
C PRO W 390 -59.58 40.47 -15.83
N PRO W 391 -59.08 41.05 -16.92
CA PRO W 391 -59.57 40.57 -18.23
C PRO W 391 -58.96 39.28 -18.74
N GLN W 392 -58.28 38.50 -17.91
CA GLN W 392 -57.60 37.29 -18.36
C GLN W 392 -58.08 36.11 -17.53
N SER W 393 -57.52 34.93 -17.79
CA SER W 393 -58.00 33.74 -17.11
C SER W 393 -56.87 33.03 -16.36
N ALA W 394 -55.61 33.35 -16.67
CA ALA W 394 -54.49 32.70 -16.00
C ALA W 394 -53.33 33.68 -15.88
N ILE W 395 -52.38 33.33 -15.01
CA ILE W 395 -51.15 34.11 -14.83
C ILE W 395 -50.04 33.18 -14.36
N LEU W 396 -48.84 33.36 -14.91
CA LEU W 396 -47.66 32.59 -14.54
C LEU W 396 -46.77 33.45 -13.65
N GLY W 397 -46.31 32.89 -12.54
CA GLY W 397 -45.40 33.60 -11.67
C GLY W 397 -44.06 32.92 -11.51
N MET W 398 -43.01 33.52 -12.07
CA MET W 398 -41.67 33.00 -11.93
C MET W 398 -41.00 33.59 -10.70
N HIS W 399 -39.97 32.90 -10.20
CA HIS W 399 -39.38 33.25 -8.91
C HIS W 399 -37.85 33.17 -8.97
N ALA W 400 -37.21 33.18 -7.81
CA ALA W 400 -35.76 33.26 -7.72
C ALA W 400 -35.12 31.93 -8.03
N ILE W 401 -33.87 31.99 -8.49
CA ILE W 401 -33.09 30.81 -8.82
C ILE W 401 -32.11 30.54 -7.69
N VAL W 402 -32.22 29.36 -7.09
CA VAL W 402 -31.34 28.95 -6.01
C VAL W 402 -30.71 27.61 -6.37
N ASP W 403 -29.55 27.35 -5.77
CA ASP W 403 -28.88 26.07 -5.92
C ASP W 403 -29.32 25.15 -4.78
N ARG W 404 -29.96 24.05 -5.13
CA ARG W 404 -30.49 23.10 -4.17
C ARG W 404 -30.03 21.71 -4.56
N PRO W 405 -29.85 20.80 -3.60
CA PRO W 405 -29.48 19.43 -3.95
C PRO W 405 -30.63 18.69 -4.61
N VAL W 406 -30.28 17.95 -5.68
CA VAL W 406 -31.23 17.34 -6.59
C VAL W 406 -30.87 15.88 -6.76
N ALA W 407 -31.85 14.99 -6.67
CA ALA W 407 -31.61 13.57 -6.93
C ALA W 407 -31.80 13.31 -8.42
N VAL W 408 -30.69 13.20 -9.14
CA VAL W 408 -30.71 12.93 -10.57
C VAL W 408 -29.90 11.67 -10.86
N GLY W 409 -30.53 10.70 -11.51
CA GLY W 409 -29.89 9.43 -11.82
C GLY W 409 -29.53 8.59 -10.63
N GLY W 410 -30.18 8.78 -9.49
CA GLY W 410 -29.82 8.08 -8.29
C GLY W 410 -28.67 8.67 -7.52
N LYS W 411 -28.19 9.86 -7.91
CA LYS W 411 -27.12 10.54 -7.21
C LYS W 411 -27.58 11.95 -6.86
N VAL W 412 -26.88 12.55 -5.90
CA VAL W 412 -27.28 13.83 -5.32
C VAL W 412 -26.35 14.89 -5.90
N GLU W 413 -26.83 15.61 -6.91
CA GLU W 413 -26.11 16.74 -7.49
C GLU W 413 -26.68 18.05 -6.98
N ILE W 414 -26.06 19.15 -7.38
CA ILE W 414 -26.52 20.49 -7.05
C ILE W 414 -26.80 21.21 -8.35
N ARG W 415 -28.04 21.63 -8.55
CA ARG W 415 -28.45 22.26 -9.80
C ARG W 415 -29.36 23.44 -9.52
N PRO W 416 -29.24 24.52 -10.31
CA PRO W 416 -30.06 25.72 -10.09
C PRO W 416 -31.50 25.51 -10.54
N MET W 417 -32.43 25.60 -9.59
CA MET W 417 -33.82 25.31 -9.88
C MET W 417 -34.73 26.45 -9.42
N MET W 418 -35.86 26.58 -10.10
CA MET W 418 -36.83 27.64 -9.89
C MET W 418 -38.20 27.04 -9.59
N TYR W 419 -38.89 27.59 -8.60
CA TYR W 419 -40.30 27.28 -8.40
C TYR W 419 -41.15 28.20 -9.26
N VAL W 420 -42.19 27.65 -9.87
CA VAL W 420 -43.13 28.45 -10.65
C VAL W 420 -44.54 28.20 -10.13
N ALA W 421 -45.43 29.14 -10.41
CA ALA W 421 -46.80 29.09 -9.94
C ALA W 421 -47.73 29.47 -11.08
N LEU W 422 -48.95 28.95 -11.04
CA LEU W 422 -49.96 29.24 -12.03
C LEU W 422 -51.29 29.44 -11.34
N THR W 423 -51.81 30.66 -11.37
CA THR W 423 -53.11 30.96 -10.78
C THR W 423 -54.16 30.98 -11.88
N TYR W 424 -55.17 30.14 -11.74
CA TYR W 424 -56.11 29.91 -12.83
C TYR W 424 -57.54 30.06 -12.32
N ASP W 425 -58.44 30.29 -13.28
CA ASP W 425 -59.87 30.42 -13.01
C ASP W 425 -60.48 29.03 -13.05
N HIS W 426 -61.08 28.61 -11.93
CA HIS W 426 -61.62 27.25 -11.86
C HIS W 426 -63.02 27.18 -12.43
N ARG W 427 -63.64 28.33 -12.73
CA ARG W 427 -64.93 28.31 -13.43
C ARG W 427 -64.77 27.79 -14.86
N LEU W 428 -63.64 28.09 -15.48
CA LEU W 428 -63.40 27.80 -16.88
C LEU W 428 -62.39 26.68 -17.10
N ILE W 429 -61.26 26.74 -16.44
CA ILE W 429 -60.17 25.80 -16.64
C ILE W 429 -60.34 24.65 -15.65
N ASP W 430 -60.19 23.43 -16.14
CA ASP W 430 -60.34 22.23 -15.31
C ASP W 430 -59.14 22.10 -14.39
N GLY W 431 -59.24 21.25 -13.37
CA GLY W 431 -58.15 21.05 -12.45
C GLY W 431 -57.00 20.26 -13.06
N ARG W 432 -57.31 19.40 -14.02
CA ARG W 432 -56.28 18.64 -14.70
C ARG W 432 -55.71 19.37 -15.89
N GLU W 433 -56.40 20.39 -16.40
CA GLU W 433 -55.88 21.13 -17.54
C GLU W 433 -54.84 22.15 -17.11
N ALA W 434 -54.94 22.62 -15.86
CA ALA W 434 -53.94 23.55 -15.36
C ALA W 434 -52.64 22.84 -15.04
N VAL W 435 -52.72 21.57 -14.64
CA VAL W 435 -51.51 20.80 -14.35
C VAL W 435 -50.78 20.47 -15.63
N THR W 436 -51.53 20.09 -16.68
CA THR W 436 -50.93 19.75 -17.97
C THR W 436 -50.34 20.98 -18.64
N PHE W 437 -50.93 22.16 -18.39
CA PHE W 437 -50.43 23.40 -18.95
C PHE W 437 -49.06 23.76 -18.38
N LEU W 438 -48.94 23.72 -17.05
CA LEU W 438 -47.69 24.09 -16.40
C LEU W 438 -46.63 23.02 -16.61
N ARG W 439 -47.03 21.78 -16.86
CA ARG W 439 -46.07 20.73 -17.17
C ARG W 439 -45.51 20.91 -18.57
N LYS W 440 -46.25 21.59 -19.44
CA LYS W 440 -45.78 21.80 -20.81
C LYS W 440 -44.83 22.99 -20.90
N ILE W 441 -45.00 23.98 -20.03
CA ILE W 441 -44.04 25.08 -19.93
C ILE W 441 -42.71 24.57 -19.41
N LYS W 442 -42.75 23.60 -18.49
CA LYS W 442 -41.53 23.03 -17.94
C LYS W 442 -40.72 22.28 -18.99
N ALA W 443 -41.38 21.61 -19.92
CA ALA W 443 -40.67 20.81 -20.91
C ALA W 443 -39.98 21.69 -21.94
N ALA W 444 -40.48 22.90 -22.15
CA ALA W 444 -39.89 23.82 -23.11
C ALA W 444 -38.89 24.77 -22.48
N VAL W 445 -38.60 24.62 -21.19
CA VAL W 445 -37.51 25.33 -20.55
C VAL W 445 -36.43 24.38 -20.06
N GLU W 446 -36.79 23.16 -19.65
CA GLU W 446 -35.77 22.15 -19.37
C GLU W 446 -35.09 21.65 -20.63
N ASP W 447 -35.73 21.79 -21.78
CA ASP W 447 -35.16 21.40 -23.06
C ASP W 447 -35.80 22.27 -24.13
N PRO W 448 -35.14 23.36 -24.54
CA PRO W 448 -35.76 24.30 -25.48
C PRO W 448 -35.76 23.85 -26.93
N ARG W 449 -35.34 22.62 -27.23
CA ARG W 449 -35.41 22.10 -28.58
C ARG W 449 -36.77 21.50 -28.91
N VAL W 450 -37.68 21.46 -27.94
CA VAL W 450 -39.04 20.95 -28.19
C VAL W 450 -39.83 21.96 -29.02
N LEU W 451 -39.42 23.24 -28.99
CA LEU W 451 -40.06 24.28 -29.78
C LEU W 451 -39.87 24.06 -31.28
N LEU W 452 -38.83 23.33 -31.68
CA LEU W 452 -38.64 22.92 -33.07
C LEU W 452 -39.39 21.64 -33.40
N LEU W 453 -39.59 20.78 -32.43
CA LEU W 453 -40.32 19.53 -32.59
C LEU W 453 -41.79 19.77 -32.26
N ASP W 454 -42.60 18.75 -32.00
CA ASP W 454 -43.95 18.80 -31.41
C ASP W 454 -44.28 19.93 -30.44
N LEU X 221 9.93 30.98 68.36
CA LEU X 221 10.80 32.03 68.91
C LEU X 221 10.72 33.25 67.99
N ARG X 222 10.46 34.40 68.58
CA ARG X 222 10.24 35.65 67.84
C ARG X 222 11.38 36.61 68.17
N ALA X 223 12.40 36.64 67.33
CA ALA X 223 13.54 37.50 67.50
C ALA X 223 13.64 38.47 66.34
N GLU X 224 13.90 39.74 66.63
CA GLU X 224 14.18 40.75 65.63
C GLU X 224 15.25 41.69 66.17
N HIS X 225 16.12 42.15 65.29
CA HIS X 225 17.23 42.99 65.72
C HIS X 225 17.44 44.11 64.72
N ARG X 226 17.69 45.31 65.26
CA ARG X 226 17.80 46.51 64.44
C ARG X 226 19.26 46.72 64.05
N GLU X 227 19.59 46.48 62.78
CA GLU X 227 20.88 46.89 62.24
C GLU X 227 20.68 48.16 61.42
N LYS X 228 21.61 49.09 61.55
CA LYS X 228 21.46 50.40 60.94
C LYS X 228 21.95 50.40 59.49
N MET X 229 21.55 51.43 58.76
CA MET X 229 22.01 51.65 57.40
C MET X 229 22.88 52.90 57.37
N ASN X 230 23.98 52.83 56.62
CA ASN X 230 24.97 53.90 56.63
C ASN X 230 24.49 55.10 55.82
N ARG X 231 25.32 56.15 55.83
CA ARG X 231 24.94 57.42 55.23
C ARG X 231 25.01 57.38 53.71
N MET X 232 25.71 56.39 53.17
CA MET X 232 25.73 56.19 51.73
C MET X 232 24.41 55.62 51.25
N ARG X 233 23.87 54.66 52.00
CA ARG X 233 22.57 54.07 51.64
C ARG X 233 21.44 55.06 51.89
N GLN X 234 21.67 56.04 52.77
CA GLN X 234 20.73 57.13 52.96
C GLN X 234 20.50 57.92 51.67
N ARG X 235 21.58 58.22 50.93
CA ARG X 235 21.45 59.07 49.77
C ARG X 235 20.91 58.29 48.56
N ILE X 236 21.24 56.99 48.49
CA ILE X 236 20.77 56.15 47.39
C ILE X 236 19.25 56.02 47.44
N ALA X 237 18.71 55.78 48.63
CA ALA X 237 17.27 55.75 48.80
C ALA X 237 16.66 57.14 48.66
N GLN X 238 17.45 58.19 48.87
CA GLN X 238 16.94 59.54 48.70
C GLN X 238 16.84 59.92 47.22
N ARG X 239 17.86 59.58 46.43
CA ARG X 239 17.83 59.86 45.00
C ARG X 239 16.78 59.04 44.29
N LEU X 240 16.46 57.86 44.85
CA LEU X 240 15.52 56.95 44.19
C LEU X 240 14.10 57.50 44.25
N LYS X 241 13.73 58.08 45.39
CA LYS X 241 12.40 58.65 45.53
C LYS X 241 12.27 59.99 44.81
N GLU X 242 13.38 60.69 44.59
CA GLU X 242 13.33 61.92 43.80
C GLU X 242 13.10 61.63 42.33
N ALA X 243 13.49 60.45 41.87
CA ALA X 243 13.27 60.09 40.47
C ALA X 243 11.80 59.80 40.19
N GLN X 244 11.06 59.36 41.21
CA GLN X 244 9.63 59.11 41.01
C GLN X 244 8.82 60.38 41.18
N ASN X 245 9.22 61.26 42.10
CA ASN X 245 8.46 62.47 42.37
C ASN X 245 8.72 63.58 41.37
N THR X 246 9.68 63.40 40.46
CA THR X 246 9.98 64.41 39.45
C THR X 246 9.23 64.15 38.15
N CYS X 247 9.41 62.96 37.58
CA CYS X 247 8.94 62.64 36.24
C CYS X 247 7.82 61.60 36.28
N ALA X 248 6.89 61.72 35.35
CA ALA X 248 5.74 60.83 35.26
C ALA X 248 6.11 59.63 34.40
N MET X 249 6.47 58.53 35.06
CA MET X 249 6.98 57.37 34.35
C MET X 249 5.86 56.45 33.90
N LEU X 250 5.95 55.99 32.66
CA LEU X 250 5.07 54.97 32.12
C LEU X 250 5.96 53.89 31.51
N THR X 251 5.37 52.78 31.07
CA THR X 251 6.14 51.67 30.56
C THR X 251 5.42 51.06 29.36
N THR X 252 6.18 50.68 28.34
CA THR X 252 5.61 50.03 27.16
C THR X 252 6.48 48.83 26.81
N PHE X 253 5.89 47.79 26.25
CA PHE X 253 6.55 46.52 26.01
C PHE X 253 6.47 46.14 24.53
N ASN X 254 7.30 45.20 24.12
CA ASN X 254 7.32 44.67 22.76
C ASN X 254 8.03 43.32 22.84
N GLU X 255 8.42 42.77 21.69
CA GLU X 255 8.97 41.43 21.65
C GLU X 255 9.87 41.25 20.44
N ILE X 256 11.09 40.80 20.69
CA ILE X 256 12.13 40.73 19.67
C ILE X 256 12.45 39.27 19.40
N ASP X 257 12.57 38.91 18.12
CA ASP X 257 12.97 37.58 17.68
C ASP X 257 14.48 37.56 17.49
N MET X 258 15.17 36.74 18.26
CA MET X 258 16.63 36.75 18.36
C MET X 258 17.28 35.69 17.48
N SER X 259 16.74 35.42 16.30
CA SER X 259 17.28 34.34 15.48
C SER X 259 18.46 34.82 14.62
N ASN X 260 18.38 36.04 14.10
CA ASN X 260 19.45 36.53 13.23
C ASN X 260 20.68 36.96 14.02
N ILE X 261 20.54 37.13 15.33
CA ILE X 261 21.71 37.47 16.14
C ILE X 261 22.48 36.22 16.52
N GLN X 262 21.77 35.12 16.76
CA GLN X 262 22.45 33.92 17.25
C GLN X 262 23.24 33.22 16.15
N ASP X 263 22.74 33.22 14.91
CA ASP X 263 23.52 32.59 13.85
C ASP X 263 24.64 33.51 13.37
N MET X 264 24.52 34.82 13.63
CA MET X 264 25.67 35.70 13.47
C MET X 264 26.74 35.34 14.48
N ARG X 265 26.33 35.01 15.71
CA ARG X 265 27.28 34.55 16.70
C ARG X 265 27.66 33.10 16.52
N ALA X 266 26.95 32.35 15.69
CA ALA X 266 27.29 30.94 15.53
C ALA X 266 28.43 30.71 14.56
N ARG X 267 28.55 31.52 13.53
CA ARG X 267 29.55 31.29 12.49
C ARG X 267 30.70 32.29 12.57
N HIS X 268 30.49 33.47 13.14
CA HIS X 268 31.56 34.44 13.18
C HIS X 268 32.24 34.56 14.53
N LYS X 269 31.93 33.68 15.50
CA LYS X 269 32.55 33.84 16.81
C LYS X 269 33.99 33.35 16.82
N GLU X 270 34.37 32.54 15.84
CA GLU X 270 35.73 32.00 15.83
C GLU X 270 36.71 32.93 15.15
N ALA X 271 36.29 33.54 14.04
CA ALA X 271 37.11 34.54 13.39
C ALA X 271 37.15 35.86 14.15
N PHE X 272 36.19 36.08 15.05
CA PHE X 272 36.22 37.28 15.87
C PHE X 272 37.24 37.16 16.99
N LEU X 273 37.37 35.96 17.56
CA LEU X 273 38.29 35.73 18.66
C LEU X 273 39.74 35.70 18.18
N LYS X 274 39.96 35.14 16.99
CA LYS X 274 41.31 35.08 16.45
C LYS X 274 41.81 36.47 16.05
N LYS X 275 40.93 37.33 15.57
CA LYS X 275 41.37 38.60 15.01
C LYS X 275 41.33 39.73 16.02
N HIS X 276 40.47 39.65 17.04
CA HIS X 276 40.34 40.73 18.01
C HIS X 276 40.66 40.34 19.45
N ASN X 277 40.71 39.04 19.76
CA ASN X 277 40.83 38.51 21.13
C ASN X 277 39.74 39.07 22.04
N LEU X 278 38.49 38.88 21.61
CA LEU X 278 37.33 39.30 22.37
C LEU X 278 36.24 38.25 22.20
N LYS X 279 35.21 38.36 23.05
CA LYS X 279 34.06 37.47 22.96
C LYS X 279 32.91 38.21 22.30
N LEU X 280 32.15 37.49 21.47
CA LEU X 280 31.03 38.08 20.74
C LEU X 280 29.74 37.80 21.50
N GLY X 281 29.13 38.85 22.06
CA GLY X 281 27.96 38.73 22.89
C GLY X 281 26.73 39.41 22.32
N PHE X 282 25.65 39.34 23.11
CA PHE X 282 24.39 39.95 22.72
C PHE X 282 24.39 41.46 22.97
N MET X 283 25.16 41.91 23.96
CA MET X 283 25.11 43.28 24.45
C MET X 283 25.48 44.33 23.41
N SER X 284 26.47 44.04 22.56
CA SER X 284 26.88 45.01 21.55
C SER X 284 25.87 45.19 20.44
N ALA X 285 24.93 44.27 20.27
CA ALA X 285 23.88 44.45 19.28
C ALA X 285 22.80 45.40 19.78
N PHE X 286 22.61 45.47 21.08
CA PHE X 286 21.61 46.36 21.66
C PHE X 286 22.14 47.77 21.84
N VAL X 287 23.44 47.92 22.04
CA VAL X 287 24.02 49.25 22.20
C VAL X 287 24.10 49.97 20.86
N LYS X 288 24.47 49.26 19.81
CA LYS X 288 24.55 49.87 18.49
C LYS X 288 23.17 50.15 17.90
N ALA X 289 22.18 49.32 18.19
CA ALA X 289 20.82 49.60 17.75
C ALA X 289 20.18 50.71 18.55
N SER X 290 20.67 50.99 19.76
CA SER X 290 20.12 52.07 20.55
C SER X 290 20.63 53.43 20.09
N ALA X 291 21.88 53.49 19.64
CA ALA X 291 22.41 54.74 19.10
C ALA X 291 21.81 55.05 17.75
N PHE X 292 21.33 54.02 17.04
CA PHE X 292 20.66 54.24 15.77
C PHE X 292 19.29 54.88 15.97
N ALA X 293 18.56 54.44 17.00
CA ALA X 293 17.21 54.95 17.20
C ALA X 293 17.23 56.34 17.83
N LEU X 294 18.26 56.65 18.61
CA LEU X 294 18.31 57.94 19.30
C LEU X 294 18.67 59.07 18.34
N GLN X 295 19.46 58.78 17.31
CA GLN X 295 19.85 59.84 16.39
C GLN X 295 18.76 60.10 15.36
N GLU X 296 17.71 59.29 15.35
CA GLU X 296 16.59 59.56 14.46
C GLU X 296 15.52 60.38 15.16
N GLN X 297 15.22 60.06 16.41
CA GLN X 297 14.30 60.86 17.23
C GLN X 297 15.09 61.54 18.33
N PRO X 298 15.48 62.81 18.18
CA PRO X 298 16.24 63.48 19.23
C PRO X 298 15.47 63.87 20.47
N VAL X 299 14.15 63.69 20.49
CA VAL X 299 13.36 64.12 21.65
C VAL X 299 13.55 63.15 22.81
N VAL X 300 13.92 61.90 22.52
CA VAL X 300 14.23 60.96 23.59
C VAL X 300 15.58 61.27 24.20
N ASN X 301 16.43 61.95 23.43
CA ASN X 301 17.75 62.32 23.92
C ASN X 301 17.68 63.53 24.84
N ALA X 302 16.58 64.27 24.79
CA ALA X 302 16.40 65.51 25.55
C ALA X 302 16.23 65.28 27.04
N VAL X 303 16.40 66.35 27.84
CA VAL X 303 16.21 66.34 29.29
C VAL X 303 15.53 67.64 29.68
N ILE X 304 14.48 67.54 30.51
CA ILE X 304 13.84 68.71 31.11
C ILE X 304 14.58 69.06 32.40
N ASP X 305 15.18 70.24 32.45
CA ASP X 305 15.72 70.80 33.68
C ASP X 305 14.68 71.74 34.29
N ASP X 306 14.22 71.43 35.49
CA ASP X 306 13.21 72.22 36.18
C ASP X 306 13.80 73.40 36.94
N THR X 307 15.08 73.69 36.76
CA THR X 307 15.66 74.89 37.35
C THR X 307 15.16 76.15 36.64
N THR X 308 15.38 76.23 35.33
CA THR X 308 14.86 77.31 34.53
C THR X 308 13.67 76.90 33.68
N LYS X 309 13.10 75.71 33.94
CA LYS X 309 12.01 75.10 33.16
C LYS X 309 12.40 74.98 31.68
N GLU X 310 13.52 74.33 31.41
CA GLU X 310 14.15 74.33 30.12
C GLU X 310 14.15 72.92 29.53
N VAL X 311 14.28 72.83 28.21
CA VAL X 311 14.35 71.56 27.50
C VAL X 311 15.74 71.49 26.87
N VAL X 312 16.60 70.63 27.39
CA VAL X 312 18.00 70.59 27.00
C VAL X 312 18.18 69.49 25.96
N TYR X 313 18.33 69.88 24.70
CA TYR X 313 18.69 68.93 23.68
C TYR X 313 20.17 68.60 23.79
N ARG X 314 20.56 67.47 23.21
CA ARG X 314 21.95 67.09 23.12
C ARG X 314 22.23 66.59 21.72
N ASP X 315 23.49 66.69 21.30
CA ASP X 315 23.92 66.20 19.99
C ASP X 315 24.88 65.04 20.09
N TYR X 316 25.24 64.61 21.29
CA TYR X 316 26.08 63.45 21.51
C TYR X 316 25.27 62.35 22.18
N ILE X 317 25.73 61.11 22.01
CA ILE X 317 25.03 59.94 22.53
C ILE X 317 25.99 59.19 23.44
N ASP X 318 25.65 59.10 24.72
CA ASP X 318 26.44 58.39 25.72
C ASP X 318 25.53 57.39 26.42
N ILE X 319 25.66 56.12 26.06
CA ILE X 319 24.80 55.06 26.60
C ILE X 319 25.45 54.47 27.83
N SER X 320 24.74 54.51 28.95
CA SER X 320 25.21 53.89 30.18
C SER X 320 24.81 52.42 30.20
N VAL X 321 25.73 51.56 30.62
CA VAL X 321 25.53 50.13 30.60
C VAL X 321 25.67 49.61 32.03
N ALA X 322 24.58 49.10 32.57
CA ALA X 322 24.58 48.51 33.91
C ALA X 322 25.16 47.10 33.82
N VAL X 323 26.36 46.90 34.34
CA VAL X 323 27.00 45.58 34.32
C VAL X 323 27.15 45.10 35.76
N ALA X 324 26.28 44.17 36.16
CA ALA X 324 26.22 43.66 37.53
C ALA X 324 27.39 42.70 37.74
N THR X 325 28.37 43.14 38.52
CA THR X 325 29.53 42.32 38.84
C THR X 325 29.25 41.60 40.18
N PRO X 326 30.22 40.83 40.70
CA PRO X 326 29.97 40.22 42.01
C PRO X 326 29.74 41.23 43.13
N ARG X 327 30.47 42.33 43.12
CA ARG X 327 30.34 43.33 44.17
C ARG X 327 28.93 43.93 44.21
N GLY X 328 28.33 44.21 43.06
CA GLY X 328 27.01 44.80 43.01
C GLY X 328 26.73 45.45 41.68
N LEU X 329 25.81 46.42 41.64
CA LEU X 329 25.56 47.12 40.39
C LEU X 329 26.52 48.29 40.22
N VAL X 330 27.02 48.46 39.00
CA VAL X 330 27.76 49.65 38.59
C VAL X 330 27.25 50.07 37.22
N VAL X 331 27.24 51.38 36.99
CA VAL X 331 26.70 51.93 35.74
C VAL X 331 27.70 52.82 35.02
N PRO X 332 28.74 52.28 34.38
CA PRO X 332 29.66 53.13 33.63
C PRO X 332 29.06 53.58 32.31
N VAL X 333 29.74 54.52 31.67
CA VAL X 333 29.24 55.19 30.48
C VAL X 333 30.15 54.88 29.30
N ILE X 334 29.55 54.52 28.18
CA ILE X 334 30.24 54.40 26.90
C ILE X 334 30.09 55.73 26.16
N ARG X 335 31.22 56.33 25.81
CA ARG X 335 31.22 57.68 25.26
C ARG X 335 31.25 57.66 23.74
N ASN X 336 30.40 58.49 23.12
CA ASN X 336 30.38 58.78 21.68
C ASN X 336 30.13 57.52 20.86
N VAL X 337 28.91 56.99 21.00
CA VAL X 337 28.56 55.71 20.39
C VAL X 337 28.24 55.83 18.91
N GLU X 338 28.16 57.06 18.39
CA GLU X 338 27.70 57.30 17.02
C GLU X 338 28.66 56.77 15.96
N THR X 339 29.95 56.74 16.24
CA THR X 339 30.95 56.41 15.24
C THR X 339 31.46 54.97 15.34
N MET X 340 31.00 54.21 16.32
CA MET X 340 31.59 52.92 16.60
C MET X 340 30.96 51.81 15.75
N ASN X 341 31.54 50.63 15.83
CA ASN X 341 30.98 49.40 15.29
C ASN X 341 30.92 48.37 16.42
N TYR X 342 30.65 47.12 16.06
CA TYR X 342 30.59 46.08 17.09
C TYR X 342 31.97 45.81 17.69
N ALA X 343 33.04 46.05 16.93
CA ALA X 343 34.37 45.79 17.45
C ALA X 343 34.81 46.84 18.46
N ASP X 344 34.35 48.08 18.28
CA ASP X 344 34.76 49.15 19.19
C ASP X 344 33.99 49.06 20.51
N ILE X 345 32.72 48.70 20.45
CA ILE X 345 31.86 48.57 21.63
C ILE X 345 32.36 47.42 22.49
N GLU X 346 32.80 46.33 21.85
CA GLU X 346 33.24 45.16 22.60
C GLU X 346 34.56 45.41 23.31
N ARG X 347 35.42 46.27 22.76
CA ARG X 347 36.62 46.64 23.48
C ARG X 347 36.28 47.47 24.70
N THR X 348 35.32 48.38 24.56
CA THR X 348 35.02 49.33 25.63
C THR X 348 34.38 48.62 26.81
N ILE X 349 33.52 47.64 26.56
CA ILE X 349 32.84 46.95 27.65
C ILE X 349 33.81 46.00 28.36
N SER X 350 34.71 45.36 27.61
CA SER X 350 35.54 44.30 28.18
C SER X 350 36.60 44.86 29.13
N GLU X 351 37.32 45.91 28.71
CA GLU X 351 38.39 46.42 29.55
C GLU X 351 37.84 47.24 30.71
N LEU X 352 36.72 47.90 30.51
CA LEU X 352 36.09 48.62 31.61
C LEU X 352 35.35 47.68 32.55
N GLY X 353 34.96 46.50 32.06
CA GLY X 353 34.44 45.48 32.95
C GLY X 353 35.49 44.96 33.90
N GLU X 354 36.75 44.94 33.47
CA GLU X 354 37.83 44.49 34.32
C GLU X 354 38.21 45.55 35.34
N LYS X 355 37.96 46.83 35.04
CA LYS X 355 38.29 47.90 35.96
C LYS X 355 37.38 47.89 37.18
N ALA X 356 36.07 47.79 36.95
CA ALA X 356 35.13 47.80 38.06
C ALA X 356 35.14 46.49 38.83
N ARG X 357 35.69 45.43 38.23
CA ARG X 357 35.75 44.15 38.91
C ARG X 357 36.78 44.16 40.04
N LYS X 358 37.94 44.76 39.79
CA LYS X 358 38.98 44.88 40.81
C LYS X 358 38.96 46.22 41.51
N ASN X 359 37.89 47.00 41.32
CA ASN X 359 37.61 48.27 42.02
C ASN X 359 38.69 49.31 41.78
N GLU X 360 38.87 49.69 40.51
CA GLU X 360 39.64 50.86 40.14
C GLU X 360 38.80 51.82 39.30
N LEU X 361 37.49 51.72 39.43
CA LEU X 361 36.57 52.41 38.53
C LEU X 361 36.32 53.80 39.08
N ALA X 362 36.67 54.81 38.28
CA ALA X 362 36.63 56.19 38.76
C ALA X 362 35.22 56.72 38.85
N ILE X 363 35.08 57.89 39.47
CA ILE X 363 33.77 58.53 39.61
C ILE X 363 33.46 59.36 38.38
N GLU X 364 34.50 59.92 37.75
CA GLU X 364 34.31 60.93 36.70
C GLU X 364 33.72 60.34 35.43
N ASP X 365 33.86 59.02 35.24
CA ASP X 365 33.26 58.33 34.11
C ASP X 365 32.05 57.49 34.50
N MET X 366 31.22 57.98 35.42
CA MET X 366 29.97 57.33 35.77
C MET X 366 28.76 58.23 35.59
N ASP X 367 28.98 59.46 35.13
CA ASP X 367 27.91 60.44 35.03
C ASP X 367 27.89 61.07 33.65
N GLY X 368 26.74 61.66 33.31
CA GLY X 368 26.56 62.30 32.03
C GLY X 368 25.94 61.42 30.97
N GLY X 369 25.44 60.24 31.33
CA GLY X 369 24.80 59.38 30.35
C GLY X 369 23.47 59.95 29.90
N THR X 370 23.06 59.56 28.70
CA THR X 370 21.84 60.07 28.10
C THR X 370 20.80 58.98 27.88
N PHE X 371 21.19 57.72 28.03
CA PHE X 371 20.30 56.58 27.80
C PHE X 371 20.94 55.40 28.52
N THR X 372 20.12 54.41 28.89
CA THR X 372 20.60 53.36 29.77
C THR X 372 20.04 52.01 29.33
N ILE X 373 20.93 51.04 29.15
CA ILE X 373 20.55 49.65 28.96
C ILE X 373 20.65 48.96 30.30
N SER X 374 19.69 48.10 30.62
CA SER X 374 19.66 47.38 31.89
C SER X 374 19.51 45.89 31.62
N ASN X 375 20.61 45.16 31.72
CA ASN X 375 20.57 43.70 31.56
C ASN X 375 20.20 43.11 32.91
N GLY X 376 18.91 42.87 33.10
CA GLY X 376 18.45 42.05 34.20
C GLY X 376 18.07 40.69 33.70
N GLY X 377 18.56 40.32 32.54
CA GLY X 377 18.17 39.09 31.88
C GLY X 377 19.17 37.97 32.02
N VAL X 378 20.22 38.19 32.81
CA VAL X 378 21.21 37.15 33.05
C VAL X 378 20.79 36.31 34.25
N PHE X 379 19.62 36.61 34.82
CA PHE X 379 19.07 35.83 35.91
C PHE X 379 17.78 35.12 35.56
N GLY X 380 17.08 35.52 34.51
CA GLY X 380 15.94 34.76 34.05
C GLY X 380 14.58 35.36 34.37
N SER X 381 14.48 36.68 34.40
CA SER X 381 13.18 37.30 34.53
C SER X 381 12.46 37.30 33.18
N LEU X 382 11.15 37.15 33.22
CA LEU X 382 10.38 37.14 31.98
C LEU X 382 10.26 38.54 31.42
N PHE X 383 9.62 39.44 32.16
CA PHE X 383 9.60 40.87 31.86
C PHE X 383 9.33 41.62 33.15
N GLY X 384 9.56 42.93 33.12
CA GLY X 384 9.42 43.74 34.32
C GLY X 384 9.60 45.20 34.00
N THR X 385 9.45 46.02 35.05
CA THR X 385 9.49 47.47 34.90
C THR X 385 10.79 48.02 35.47
N PRO X 386 11.62 48.70 34.68
CA PRO X 386 12.83 49.32 35.23
C PRO X 386 12.57 50.71 35.80
N ILE X 387 13.63 51.33 36.30
CA ILE X 387 13.57 52.64 36.97
C ILE X 387 14.54 53.60 36.28
N ILE X 388 14.09 54.84 36.07
CA ILE X 388 14.89 55.80 35.29
C ILE X 388 16.05 56.35 36.12
N ASN X 389 17.25 56.26 35.56
CA ASN X 389 18.40 56.99 36.06
C ASN X 389 18.13 58.49 35.95
N PRO X 390 18.06 59.20 37.08
CA PRO X 390 17.34 60.51 37.13
C PRO X 390 17.89 61.65 36.28
N PRO X 391 19.16 61.70 35.85
CA PRO X 391 19.49 62.71 34.84
C PRO X 391 19.14 62.35 33.40
N GLN X 392 18.30 61.35 33.16
CA GLN X 392 17.97 60.90 31.82
C GLN X 392 16.46 60.93 31.63
N SER X 393 16.00 60.52 30.45
CA SER X 393 14.57 60.59 30.17
C SER X 393 13.99 59.22 29.80
N ALA X 394 14.84 58.25 29.47
CA ALA X 394 14.34 56.94 29.10
C ALA X 394 15.33 55.86 29.54
N ILE X 395 14.87 54.62 29.57
CA ILE X 395 15.70 53.46 29.89
C ILE X 395 15.14 52.22 29.21
N LEU X 396 16.02 51.41 28.64
CA LEU X 396 15.65 50.16 27.98
C LEU X 396 15.99 48.99 28.90
N GLY X 397 15.04 48.07 29.07
CA GLY X 397 15.29 46.89 29.88
C GLY X 397 15.17 45.61 29.09
N MET X 398 16.29 44.94 28.87
CA MET X 398 16.30 43.65 28.19
C MET X 398 16.15 42.52 29.21
N HIS X 399 15.71 41.37 28.73
CA HIS X 399 15.33 40.26 29.61
C HIS X 399 15.84 38.93 29.10
N ALA X 400 15.32 37.84 29.64
CA ALA X 400 15.81 36.50 29.35
C ALA X 400 15.30 36.02 28.00
N ILE X 401 16.05 35.11 27.39
CA ILE X 401 15.72 34.52 26.11
C ILE X 401 15.15 33.14 26.35
N VAL X 402 13.90 32.92 25.91
CA VAL X 402 13.22 31.65 26.05
C VAL X 402 12.75 31.20 24.68
N ASP X 403 12.58 29.90 24.53
CA ASP X 403 12.00 29.31 23.32
C ASP X 403 10.50 29.18 23.50
N ARG X 404 9.74 29.88 22.66
CA ARG X 404 8.29 29.89 22.75
C ARG X 404 7.73 29.62 21.36
N PRO X 405 6.55 28.99 21.27
CA PRO X 405 5.95 28.78 19.95
C PRO X 405 5.47 30.08 19.33
N VAL X 406 5.76 30.21 18.03
CA VAL X 406 5.60 31.46 17.28
C VAL X 406 4.81 31.17 16.02
N ALA X 407 3.80 31.97 15.71
CA ALA X 407 3.06 31.83 14.46
C ALA X 407 3.77 32.65 13.39
N VAL X 408 4.53 31.97 12.54
CA VAL X 408 5.24 32.63 11.44
C VAL X 408 4.84 31.98 10.12
N GLY X 409 4.36 32.81 9.19
CA GLY X 409 3.90 32.34 7.90
C GLY X 409 2.68 31.46 7.93
N GLY X 410 1.87 31.54 8.98
CA GLY X 410 0.74 30.67 9.12
C GLY X 410 1.05 29.30 9.70
N LYS X 411 2.28 29.09 10.19
CA LYS X 411 2.67 27.85 10.81
C LYS X 411 3.27 28.13 12.17
N VAL X 412 3.31 27.10 13.02
CA VAL X 412 3.70 27.25 14.41
C VAL X 412 5.11 26.70 14.55
N GLU X 413 6.09 27.60 14.57
CA GLU X 413 7.48 27.25 14.80
C GLU X 413 7.87 27.57 16.24
N ILE X 414 9.10 27.23 16.59
CA ILE X 414 9.66 27.53 17.90
C ILE X 414 10.90 28.38 17.69
N ARG X 415 10.90 29.60 18.22
CA ARG X 415 11.98 30.54 18.00
C ARG X 415 12.32 31.27 19.28
N PRO X 416 13.61 31.53 19.53
CA PRO X 416 14.03 32.21 20.77
C PRO X 416 13.67 33.69 20.75
N MET X 417 12.81 34.11 21.69
CA MET X 417 12.33 35.48 21.70
C MET X 417 12.52 36.11 23.06
N MET X 418 12.66 37.44 23.06
CA MET X 418 12.93 38.25 24.23
C MET X 418 11.86 39.32 24.38
N TYR X 419 11.38 39.53 25.61
CA TYR X 419 10.56 40.68 25.91
C TYR X 419 11.46 41.86 26.28
N VAL X 420 11.12 43.04 25.80
CA VAL X 420 11.85 44.25 26.15
C VAL X 420 10.86 45.27 26.70
N ALA X 421 11.39 46.23 27.46
CA ALA X 421 10.59 47.25 28.10
C ALA X 421 11.26 48.59 27.95
N LEU X 422 10.46 49.65 27.94
CA LEU X 422 10.96 51.02 27.80
C LEU X 422 10.20 51.90 28.77
N THR X 423 10.88 52.41 29.78
CA THR X 423 10.29 53.33 30.74
C THR X 423 10.64 54.75 30.37
N TYR X 424 9.63 55.58 30.14
CA TYR X 424 9.84 56.89 29.56
C TYR X 424 9.14 57.95 30.39
N ASP X 425 9.60 59.19 30.22
CA ASP X 425 9.03 60.36 30.89
C ASP X 425 7.88 60.88 30.05
N HIS X 426 6.68 60.91 30.62
CA HIS X 426 5.52 61.31 29.84
C HIS X 426 5.35 62.82 29.83
N ARG X 427 6.12 63.55 30.65
CA ARG X 427 6.13 65.01 30.57
C ARG X 427 6.74 65.48 29.26
N LEU X 428 7.72 64.76 28.74
CA LEU X 428 8.49 65.16 27.58
C LEU X 428 8.20 64.32 26.35
N ILE X 429 8.19 63.01 26.48
CA ILE X 429 8.04 62.09 25.36
C ILE X 429 6.56 61.77 25.21
N ASP X 430 6.07 61.82 23.97
CA ASP X 430 4.67 61.55 23.69
C ASP X 430 4.40 60.06 23.82
N GLY X 431 3.12 59.67 23.88
CA GLY X 431 2.78 58.27 24.00
C GLY X 431 3.00 57.50 22.72
N ARG X 432 2.90 58.17 21.58
CA ARG X 432 3.16 57.53 20.30
C ARG X 432 4.64 57.57 19.91
N GLU X 433 5.43 58.44 20.54
CA GLU X 433 6.84 58.50 20.19
C GLU X 433 7.62 57.42 20.91
N ALA X 434 7.12 56.97 22.06
CA ALA X 434 7.78 55.88 22.76
C ALA X 434 7.53 54.54 22.07
N VAL X 435 6.37 54.40 21.43
CA VAL X 435 6.06 53.16 20.71
C VAL X 435 6.90 53.07 19.45
N THR X 436 7.05 54.19 18.74
CA THR X 436 7.82 54.21 17.51
C THR X 436 9.31 54.03 17.80
N PHE X 437 9.76 54.48 18.97
CA PHE X 437 11.16 54.32 19.37
C PHE X 437 11.50 52.85 19.60
N LEU X 438 10.67 52.15 20.37
CA LEU X 438 10.93 50.76 20.69
C LEU X 438 10.69 49.86 19.49
N ARG X 439 9.86 50.30 18.55
CA ARG X 439 9.65 49.55 17.33
C ARG X 439 10.85 49.67 16.41
N LYS X 440 11.63 50.73 16.56
CA LYS X 440 12.80 50.94 15.72
C LYS X 440 14.00 50.14 16.23
N ILE X 441 14.08 49.95 17.55
CA ILE X 441 15.11 49.08 18.13
C ILE X 441 14.87 47.64 17.71
N LYS X 442 13.60 47.24 17.60
CA LYS X 442 13.27 45.88 17.18
C LYS X 442 13.69 45.60 15.75
N ALA X 443 13.59 46.59 14.86
CA ALA X 443 13.91 46.37 13.46
C ALA X 443 15.42 46.23 13.25
N ALA X 444 16.22 46.81 14.14
CA ALA X 444 17.66 46.74 14.03
C ALA X 444 18.26 45.59 14.81
N VAL X 445 17.43 44.75 15.43
CA VAL X 445 17.90 43.52 16.04
C VAL X 445 17.28 42.30 15.35
N GLU X 446 16.06 42.40 14.83
CA GLU X 446 15.53 41.34 13.99
C GLU X 446 16.20 41.28 12.63
N ASP X 447 16.82 42.36 12.19
CA ASP X 447 17.56 42.41 10.94
C ASP X 447 18.64 43.47 11.08
N PRO X 448 19.87 43.10 11.42
CA PRO X 448 20.91 44.10 11.69
C PRO X 448 21.52 44.73 10.45
N ARG X 449 20.99 44.45 9.25
CA ARG X 449 21.47 45.09 8.04
C ARG X 449 20.81 46.44 7.79
N VAL X 450 19.85 46.83 8.63
CA VAL X 450 19.21 48.14 8.50
C VAL X 450 20.17 49.24 8.93
N LEU X 451 21.16 48.90 9.75
CA LEU X 451 22.17 49.86 10.18
C LEU X 451 23.04 50.35 9.03
N LEU X 452 23.14 49.57 7.95
CA LEU X 452 23.81 50.00 6.74
C LEU X 452 22.88 50.78 5.81
N LEU X 453 21.59 50.51 5.86
CA LEU X 453 20.58 51.19 5.06
C LEU X 453 20.04 52.37 5.88
N ASP X 454 18.89 52.95 5.54
CA ASP X 454 18.09 53.89 6.33
C ASP X 454 18.15 53.79 7.86
#